data_7PQD
#
_entry.id   7PQD
#
_cell.length_a   1.00
_cell.length_b   1.00
_cell.length_c   1.00
_cell.angle_alpha   90.00
_cell.angle_beta   90.00
_cell.angle_gamma   90.00
#
_symmetry.space_group_name_H-M   'P 1'
#
loop_
_entity.id
_entity.type
_entity.pdbx_description
1 polymer LH1-alpha
2 polymer LH1-beta
3 polymer RC-H
4 polymer RC-L
5 polymer 'Reaction center protein M chain'
6 polymer PufZ
7 polymer PufY
8 polymer PufX
9 non-polymer 'BACTERIOCHLOROPHYLL A'
10 non-polymer 3,4-DIHYDROSPHEROIDENE
11 non-polymer 1,2-Distearoyl-sn-glycerophosphoethanolamine
12 non-polymer '(2R,5R,11R,14R)-5,8,11-trihydroxy-5,11-dioxido-17-oxo-2,14-bis(tetradecanoyloxy)-4,6,10,12,16-pentaoxa-5,11-diphosphatriacont-1-yl tetradecanoate'
13 non-polymer UBIQUINONE-1
14 non-polymer UBIQUINONE-10
15 non-polymer 'BACTERIOPHEOPHYTIN A'
16 non-polymer 1,2-DI-O-ACYL-3-O-[6-DEOXY-6-SULFO-ALPHA-D-GLUCOPYRANOSYL]-SN-GLYCEROL
17 non-polymer DODECYL-BETA-D-MALTOSIDE
18 non-polymer 'FE (III) ION'
19 water water
#
loop_
_entity_poly.entity_id
_entity_poly.type
_entity_poly.pdbx_seq_one_letter_code
_entity_poly.pdbx_strand_id
1 'polypeptide(L)' (FME)SKFYKIWMIFDPRRVFVAQGVFLFLLAVMIHLILLSTPSYNWLEISAAKYNRVAVAE AA,AB,AC,AD,AE,AF,AG,AH,AI,AJ,AK,AL,AM,AN,aa,ab,ac,ad,ae,af,ag,ah,ai,aj,ak,al,am,an
2 'polypeptide(L)' MADKSDLGYTGLTDEQAQELHSVYMSGLWLFSAVAIVAHLAVYIWRPWF BA,BB,BC,BD,BE,BF,BG,BH,BI,BJ,BK,BL,BM,BN,ba,bb,bc,bd,be,bf,bg,bh,bi,bj,bk,bl,bm,bn
3 'polypeptide(L)'
;MVGVTAFGNFDLASLAIYSFWIFLAGLIYYLQTENMREGYPLENEDGTPAANQGPFPLPKPKTFILPHGRGTLTVPGPES
EDRPIALARTAVSEGFPHAPTGDPMKDGVGPASWVARRDLPELDGHGHNKIKPMKAAAGFHVSAGKNPIGLPVRGCDLEI
AGKVVDIWVDIPEQMARFLEVELKDGSTRLLPMQMVKVQSNRVHVNALSSDLFAGIPTIKSPTEVTLLEEDKICGYVAGG
LMYAAP
;
H,h
4 'polypeptide(L)'
;ALLSFERKYRVPGGTLVGGNLFDFWVGPFYVGFFGVATFFFAALGIILIAWSAVLQGTWNPQLISVYPPALEYGLGGAPL
AKGGLWQIITICATGAFVSWALREVEICRKLGIGYHIPFAFAFAILAYLTLVLFRPVMMGAWGYAFPYGIWTHLDWVSNT
GYTYGNFHYNPAHMIAISFFFTNALALALHGALVLSAANPEKGKEMRTPDHEDTFFRDLVGYSIGTLGIHRLGLLLSLSA
VFFSALCMIITGTIWFDQWVDWWQWWVKLPWWANIPGGING
;
L,l
5 'polypeptide(L)'
;AEYQNIFSQVQVRGPADLGMTEDVNLANRSGVGPFSTLLGWFGNAQLGPIYLGSLGVLSLFSGLMWFFTIGIWFWYQAGW
NPAVFLRDLFFFSLEPPAPEYGLSFAAPLKEGGLWLIASFFMFVAVWSWWGRTYLRAQALGMGKHTAWAFLSAIWLWMVL
GFIRPILMGSWSEAVPYGIFSHLDWTNNFSLVHGNLFYNPFHGLSIAFLYGSALLFAMHGATILAVSRFGGERELEQIAD
RGTAAERAALFWRWTMGFNATMEGIHRWAIWMAVLVTLTGGIGILLSGTVVDNWYVWGQNHGMAPLN
;
M,m
6 'polypeptide(L)' MAYMFGIIVFLAMLAVCWFGFMAAERQAGRL UA,UB,ua,ub
7 'polypeptide(L)' EVSEFAFRLMMAAVIFVGVGIMFAFAGGHWFVGLVVGGLVAAFFAATPN UU,uu
8 'polypeptide(L)' PKTNLRLWVAFQMMKGAGWAGGVFFGTLLLIGFFRVVGRMLPIQENQAPAPNITG X,x
#
loop_
_chem_comp.id
_chem_comp.type
_chem_comp.name
_chem_comp.formula
3PE non-polymer 1,2-Distearoyl-sn-glycerophosphoethanolamine 'C41 H82 N O8 P'
BCL non-polymer 'BACTERIOCHLOROPHYLL A' 'C55 H74 Mg N4 O6'
BPH non-polymer 'BACTERIOPHEOPHYTIN A' 'C55 H76 N4 O6'
CD4 non-polymer '(2R,5R,11R,14R)-5,8,11-trihydroxy-5,11-dioxido-17-oxo-2,14-bis(tetradecanoyloxy)-4,6,10,12,16-pentaoxa-5,11-diphosphatriacont-1-yl tetradecanoate' 'C65 H126 O17 P2'
FE non-polymer 'FE (III) ION' 'Fe 3'
LMT D-saccharide DODECYL-BETA-D-MALTOSIDE 'C24 H46 O11'
SP2 non-polymer 3,4-DIHYDROSPHEROIDENE 'C41 H62 O'
SQD non-polymer 1,2-DI-O-ACYL-3-O-[6-DEOXY-6-SULFO-ALPHA-D-GLUCOPYRANOSYL]-SN-GLYCEROL 'C41 H78 O12 S'
U10 non-polymer UBIQUINONE-10 'C59 H90 O4'
UQ1 non-polymer UBIQUINONE-1 'C14 H18 O4'
#
# COMPACT_ATOMS: atom_id res chain seq x y z
N FME A 1 15.24 28.12 -12.07
CN FME A 1 16.59 27.95 -11.89
O1 FME A 1 17.37 27.61 -12.81
CA FME A 1 14.53 27.93 -13.31
CB FME A 1 13.04 28.28 -13.15
CG FME A 1 12.10 27.45 -13.99
SD FME A 1 12.21 27.96 -15.68
CE FME A 1 11.19 29.39 -15.67
C FME A 1 15.12 28.76 -14.44
O FME A 1 15.96 28.32 -15.23
N SER A 2 14.64 29.99 -14.52
CA SER A 2 14.79 30.84 -15.71
C SER A 2 14.35 30.18 -17.02
N LYS A 3 15.05 29.11 -17.44
CA LYS A 3 14.84 28.54 -18.76
C LYS A 3 14.73 27.01 -18.78
N PHE A 4 14.55 26.36 -17.63
CA PHE A 4 14.43 24.91 -17.61
C PHE A 4 13.28 24.39 -18.47
N TYR A 5 12.25 25.20 -18.69
CA TYR A 5 11.17 24.84 -19.60
C TYR A 5 11.64 24.52 -21.03
N LYS A 6 12.82 24.96 -21.43
CA LYS A 6 13.34 24.65 -22.76
C LYS A 6 13.64 23.17 -22.98
N ILE A 7 13.63 22.35 -21.93
CA ILE A 7 13.76 20.90 -22.08
C ILE A 7 12.65 20.30 -22.95
N TRP A 8 11.46 20.90 -22.93
CA TRP A 8 10.36 20.46 -23.80
C TRP A 8 10.54 20.86 -25.26
N MET A 9 11.55 21.65 -25.58
CA MET A 9 11.95 21.89 -26.95
C MET A 9 13.07 20.96 -27.41
N ILE A 10 13.73 20.26 -26.49
CA ILE A 10 14.68 19.21 -26.81
C ILE A 10 13.99 17.84 -26.91
N PHE A 11 13.22 17.46 -25.89
CA PHE A 11 12.63 16.13 -25.80
C PHE A 11 11.11 16.22 -25.84
N ASP A 12 10.50 15.36 -26.65
CA ASP A 12 9.07 15.39 -26.95
C ASP A 12 8.25 15.01 -25.72
N PRO A 13 7.52 15.95 -25.12
CA PRO A 13 6.87 15.67 -23.82
C PRO A 13 5.98 14.44 -23.77
N ARG A 14 5.22 14.18 -24.84
CA ARG A 14 4.40 12.97 -24.91
C ARG A 14 5.21 11.72 -24.55
N ARG A 15 6.39 11.59 -25.17
CA ARG A 15 7.21 10.40 -24.95
C ARG A 15 7.86 10.41 -23.58
N VAL A 16 8.31 11.59 -23.13
CA VAL A 16 8.95 11.72 -21.83
C VAL A 16 8.02 11.35 -20.68
N PHE A 17 6.76 11.78 -20.74
CA PHE A 17 5.84 11.50 -19.64
C PHE A 17 5.52 10.01 -19.54
N VAL A 18 5.34 9.33 -20.67
CA VAL A 18 5.18 7.87 -20.64
C VAL A 18 6.42 7.19 -20.06
N ALA A 19 7.61 7.63 -20.48
CA ALA A 19 8.85 7.06 -19.94
C ALA A 19 9.06 7.41 -18.48
N GLN A 20 8.59 8.57 -18.04
CA GLN A 20 8.72 8.96 -16.64
C GLN A 20 7.74 8.20 -15.74
N GLY A 21 6.56 7.86 -16.27
CA GLY A 21 5.66 6.96 -15.56
C GLY A 21 6.26 5.60 -15.27
N VAL A 22 6.97 5.04 -16.26
CA VAL A 22 7.66 3.77 -16.05
C VAL A 22 8.75 3.90 -14.99
N PHE A 23 9.59 4.94 -15.10
CA PHE A 23 10.64 5.17 -14.11
C PHE A 23 10.08 5.27 -12.69
N LEU A 24 9.11 6.15 -12.47
CA LEU A 24 8.64 6.40 -11.11
C LEU A 24 7.99 5.18 -10.48
N PHE A 25 7.25 4.39 -11.27
CA PHE A 25 6.69 3.15 -10.75
C PHE A 25 7.77 2.15 -10.35
N LEU A 26 8.77 1.95 -11.22
CA LEU A 26 9.84 1.01 -10.91
C LEU A 26 10.70 1.48 -9.73
N LEU A 27 10.96 2.78 -9.63
CA LEU A 27 11.63 3.31 -8.45
C LEU A 27 10.84 3.03 -7.18
N ALA A 28 9.53 3.24 -7.20
CA ALA A 28 8.70 2.94 -6.04
C ALA A 28 8.75 1.46 -5.68
N VAL A 29 8.58 0.58 -6.66
CA VAL A 29 8.69 -0.86 -6.43
C VAL A 29 10.06 -1.22 -5.86
N MET A 30 11.13 -0.66 -6.42
CA MET A 30 12.48 -0.93 -5.93
C MET A 30 12.61 -0.62 -4.44
N ILE A 31 12.15 0.57 -4.01
CA ILE A 31 12.31 0.96 -2.61
C ILE A 31 11.45 0.11 -1.68
N HIS A 32 10.22 -0.22 -2.09
CA HIS A 32 9.42 -1.16 -1.29
C HIS A 32 10.12 -2.51 -1.14
N LEU A 33 10.73 -3.03 -2.22
CA LEU A 33 11.45 -4.30 -2.14
C LEU A 33 12.71 -4.23 -1.28
N ILE A 34 13.47 -3.13 -1.36
CA ILE A 34 14.59 -2.91 -0.44
C ILE A 34 14.14 -3.03 1.02
N LEU A 35 13.03 -2.38 1.35
CA LEU A 35 12.49 -2.48 2.71
C LEU A 35 11.99 -3.88 3.05
N LEU A 36 11.22 -4.50 2.13
CA LEU A 36 10.78 -5.89 2.35
C LEU A 36 11.95 -6.86 2.51
N SER A 37 13.11 -6.56 1.94
CA SER A 37 14.27 -7.42 2.13
C SER A 37 14.94 -7.23 3.48
N THR A 38 14.54 -6.23 4.26
CA THR A 38 15.17 -5.87 5.52
C THR A 38 14.30 -6.33 6.68
N PRO A 39 14.86 -7.06 7.65
CA PRO A 39 14.00 -7.71 8.67
C PRO A 39 13.16 -6.75 9.48
N SER A 40 13.72 -5.60 9.88
CA SER A 40 13.00 -4.62 10.69
C SER A 40 11.94 -3.83 9.93
N TYR A 41 11.79 -4.06 8.62
CA TYR A 41 10.76 -3.37 7.83
C TYR A 41 9.95 -4.31 6.94
N ASN A 42 10.08 -5.62 7.11
CA ASN A 42 9.33 -6.57 6.28
C ASN A 42 7.91 -6.66 6.86
N TRP A 43 7.03 -5.78 6.37
CA TRP A 43 5.65 -5.75 6.82
C TRP A 43 4.84 -6.96 6.36
N LEU A 44 5.26 -7.65 5.30
CA LEU A 44 4.53 -8.82 4.83
C LEU A 44 4.84 -10.09 5.61
N GLU A 45 5.91 -10.11 6.41
CA GLU A 45 6.11 -11.17 7.40
C GLU A 45 5.32 -10.79 8.66
N ILE A 46 4.12 -11.35 8.80
CA ILE A 46 3.23 -10.99 9.88
C ILE A 46 3.40 -11.93 11.07
N FME B 1 38.11 27.90 -19.77
CN FME B 1 38.61 27.80 -21.05
O1 FME B 1 37.98 27.31 -22.00
CA FME B 1 36.82 27.44 -19.36
CB FME B 1 36.58 27.63 -17.85
CG FME B 1 37.66 26.99 -17.02
SD FME B 1 37.44 27.54 -15.35
CE FME B 1 35.87 26.88 -14.94
C FME B 1 35.65 28.14 -20.05
O FME B 1 34.50 27.67 -20.10
N SER B 2 35.94 29.31 -20.60
CA SER B 2 34.92 30.13 -21.26
C SER B 2 34.50 29.59 -22.62
N LYS B 3 35.20 28.56 -23.10
CA LYS B 3 34.84 27.89 -24.35
C LYS B 3 34.28 26.49 -24.17
N PHE B 4 34.08 26.03 -22.93
CA PHE B 4 33.49 24.72 -22.68
C PHE B 4 32.09 24.58 -23.24
N TYR B 5 31.38 25.69 -23.47
CA TYR B 5 30.10 25.65 -24.18
C TYR B 5 30.19 25.03 -25.58
N LYS B 6 31.37 25.06 -26.21
CA LYS B 6 31.55 24.41 -27.50
C LYS B 6 31.41 22.90 -27.48
N ILE B 7 31.29 22.28 -26.30
CA ILE B 7 30.94 20.86 -26.22
C ILE B 7 29.62 20.58 -26.93
N TRP B 8 28.68 21.51 -26.90
CA TRP B 8 27.41 21.36 -27.59
C TRP B 8 27.51 21.58 -29.10
N MET B 9 28.67 21.99 -29.58
CA MET B 9 28.97 21.98 -31.00
C MET B 9 29.65 20.68 -31.43
N ILE B 10 30.20 19.93 -30.48
CA ILE B 10 30.71 18.58 -30.71
C ILE B 10 29.60 17.53 -30.57
N PHE B 11 28.80 17.60 -29.51
CA PHE B 11 27.83 16.56 -29.16
C PHE B 11 26.41 17.10 -29.09
N ASP B 12 25.49 16.37 -29.71
CA ASP B 12 24.08 16.76 -29.72
C ASP B 12 23.46 16.56 -28.35
N PRO B 13 22.74 17.56 -27.82
CA PRO B 13 22.19 17.44 -26.45
C PRO B 13 21.20 16.30 -26.27
N ARG B 14 20.51 15.85 -27.32
CA ARG B 14 19.53 14.78 -27.15
C ARG B 14 20.17 13.48 -26.70
N ARG B 15 21.34 13.15 -27.26
CA ARG B 15 22.08 11.98 -26.80
C ARG B 15 22.79 12.23 -25.48
N VAL B 16 23.41 13.40 -25.31
CA VAL B 16 24.18 13.69 -24.11
C VAL B 16 23.31 13.63 -22.86
N PHE B 17 22.12 14.24 -22.91
CA PHE B 17 21.25 14.25 -21.74
C PHE B 17 20.72 12.87 -21.38
N VAL B 18 20.47 12.02 -22.38
CA VAL B 18 20.12 10.62 -22.10
C VAL B 18 21.27 9.89 -21.44
N ALA B 19 22.48 9.99 -22.00
CA ALA B 19 23.66 9.38 -21.41
C ALA B 19 23.88 9.85 -19.98
N GLN B 20 23.87 11.17 -19.76
CA GLN B 20 24.06 11.70 -18.41
C GLN B 20 22.96 11.24 -17.45
N GLY B 21 21.71 11.19 -17.92
CA GLY B 21 20.62 10.75 -17.06
C GLY B 21 20.81 9.34 -16.54
N VAL B 22 21.19 8.40 -17.42
CA VAL B 22 21.50 7.05 -16.99
C VAL B 22 22.74 7.02 -16.10
N PHE B 23 23.77 7.77 -16.46
CA PHE B 23 24.99 7.81 -15.65
C PHE B 23 24.72 8.24 -14.21
N LEU B 24 24.02 9.36 -14.03
CA LEU B 24 23.80 9.88 -12.67
C LEU B 24 22.91 8.96 -11.85
N PHE B 25 21.87 8.38 -12.45
CA PHE B 25 21.09 7.39 -11.72
C PHE B 25 21.89 6.15 -11.37
N LEU B 26 22.68 5.65 -12.32
CA LEU B 26 23.52 4.47 -12.07
C LEU B 26 24.51 4.72 -10.93
N LEU B 27 25.22 5.85 -10.98
CA LEU B 27 26.18 6.19 -9.94
C LEU B 27 25.52 6.31 -8.57
N ALA B 28 24.36 6.97 -8.51
CA ALA B 28 23.67 7.13 -7.24
C ALA B 28 23.22 5.79 -6.65
N VAL B 29 22.59 4.95 -7.48
CA VAL B 29 22.15 3.62 -7.02
C VAL B 29 23.30 2.76 -6.51
N MET B 30 24.46 2.80 -7.17
CA MET B 30 25.59 2.01 -6.67
C MET B 30 26.12 2.53 -5.34
N ILE B 31 26.15 3.85 -5.12
CA ILE B 31 26.63 4.36 -3.84
C ILE B 31 25.67 4.03 -2.71
N HIS B 32 24.36 4.13 -2.93
CA HIS B 32 23.40 3.66 -1.93
C HIS B 32 23.55 2.17 -1.64
N LEU B 33 23.68 1.34 -2.67
CA LEU B 33 23.85 -0.10 -2.43
C LEU B 33 25.20 -0.44 -1.78
N ILE B 34 26.25 0.32 -2.06
CA ILE B 34 27.52 0.12 -1.36
C ILE B 34 27.39 0.44 0.12
N LEU B 35 26.74 1.55 0.45
CA LEU B 35 26.53 1.90 1.85
C LEU B 35 25.62 0.89 2.57
N LEU B 36 24.52 0.49 1.93
CA LEU B 36 23.68 -0.56 2.51
C LEU B 36 24.43 -1.88 2.67
N SER B 37 25.44 -2.13 1.84
CA SER B 37 26.28 -3.30 2.02
C SER B 37 27.20 -3.19 3.23
N THR B 38 27.36 -2.00 3.80
CA THR B 38 28.37 -1.74 4.81
C THR B 38 27.70 -1.65 6.18
N PRO B 39 28.08 -2.49 7.15
CA PRO B 39 27.44 -2.43 8.47
C PRO B 39 27.55 -1.09 9.17
N SER B 40 28.64 -0.36 8.97
CA SER B 40 28.78 0.95 9.58
C SER B 40 27.80 1.99 9.05
N TYR B 41 27.30 1.80 7.83
CA TYR B 41 26.50 2.83 7.19
C TYR B 41 25.13 2.37 6.71
N ASN B 42 24.77 1.11 6.89
CA ASN B 42 23.42 0.63 6.57
C ASN B 42 22.45 1.32 7.53
N TRP B 43 21.78 2.37 7.04
CA TRP B 43 20.90 3.17 7.88
C TRP B 43 19.72 2.37 8.42
N LEU B 44 19.20 1.42 7.62
CA LEU B 44 18.07 0.61 8.10
C LEU B 44 18.45 -0.32 9.24
N GLU B 45 19.71 -0.76 9.30
CA GLU B 45 20.16 -1.53 10.44
C GLU B 45 20.65 -0.68 11.60
N ILE B 46 21.21 0.50 11.33
CA ILE B 46 21.55 1.44 12.39
C ILE B 46 20.31 1.81 13.20
N SER B 47 19.19 2.06 12.52
CA SER B 47 17.95 2.36 13.22
C SER B 47 17.36 1.15 13.93
N ALA B 48 17.54 -0.05 13.38
CA ALA B 48 17.06 -1.25 14.07
C ALA B 48 17.82 -1.48 15.38
N ALA B 49 19.15 -1.33 15.36
CA ALA B 49 19.93 -1.45 16.58
C ALA B 49 19.62 -0.31 17.55
N LYS B 50 19.40 0.90 17.03
CA LYS B 50 19.03 2.03 17.89
C LYS B 50 17.73 1.77 18.63
N TYR B 51 16.72 1.29 17.93
CA TYR B 51 15.37 1.19 18.47
C TYR B 51 15.03 -0.21 18.96
N ASN B 52 16.03 -1.06 19.15
CA ASN B 52 15.85 -2.41 19.70
C ASN B 52 14.83 -3.23 18.90
N ARG B 53 14.87 -3.08 17.58
CA ARG B 53 14.07 -3.91 16.69
C ARG B 53 14.82 -5.24 16.46
N VAL B 54 14.33 -6.05 15.52
CA VAL B 54 15.07 -7.23 15.09
C VAL B 54 16.37 -6.80 14.43
N ALA B 55 17.50 -7.24 14.97
CA ALA B 55 18.81 -6.89 14.46
C ALA B 55 19.64 -8.13 14.17
N FME C 1 56.32 19.32 -29.33
CN FME C 1 56.18 18.82 -30.60
O1 FME C 1 55.13 18.32 -31.02
CA FME C 1 55.28 19.32 -28.34
CB FME C 1 55.80 19.64 -26.93
CG FME C 1 54.91 19.07 -25.85
SD FME C 1 55.61 19.48 -24.29
CE FME C 1 57.08 18.51 -24.28
C FME C 1 54.16 20.31 -28.65
O FME C 1 53.02 20.21 -28.22
N SER C 2 54.52 21.30 -29.45
CA SER C 2 53.55 22.28 -29.94
C SER C 2 52.59 21.75 -31.00
N LYS C 3 53.00 20.72 -31.73
CA LYS C 3 52.16 20.11 -32.75
C LYS C 3 51.32 18.95 -32.25
N PHE C 4 51.21 18.76 -30.93
CA PHE C 4 50.29 17.77 -30.38
C PHE C 4 48.84 18.04 -30.79
N TYR C 5 48.48 19.30 -31.09
CA TYR C 5 47.15 19.59 -31.62
C TYR C 5 46.82 18.84 -32.91
N LYS C 6 47.82 18.34 -33.63
CA LYS C 6 47.49 17.57 -34.84
C LYS C 6 46.91 16.18 -34.54
N ILE C 7 46.80 15.78 -33.27
CA ILE C 7 46.04 14.59 -32.90
C ILE C 7 44.65 14.64 -33.51
N TRP C 8 44.03 15.81 -33.53
CA TRP C 8 42.67 15.97 -34.03
C TRP C 8 42.59 15.95 -35.55
N MET C 9 43.72 15.94 -36.25
CA MET C 9 43.72 15.63 -37.68
C MET C 9 43.53 14.13 -37.91
N ILE C 10 44.01 13.32 -36.98
CA ILE C 10 43.95 11.86 -37.09
C ILE C 10 42.65 11.32 -36.51
N PHE C 11 42.31 11.71 -35.28
CA PHE C 11 41.21 11.13 -34.53
C PHE C 11 40.07 12.12 -34.36
N ASP C 12 38.87 11.68 -34.71
CA ASP C 12 37.65 12.49 -34.61
C ASP C 12 37.32 12.78 -33.16
N PRO C 13 37.21 14.05 -32.75
CA PRO C 13 37.01 14.37 -31.31
C PRO C 13 35.80 13.70 -30.70
N ARG C 14 34.75 13.43 -31.47
CA ARG C 14 33.57 12.75 -30.93
C ARG C 14 33.93 11.36 -30.42
N ARG C 15 34.79 10.64 -31.14
CA ARG C 15 35.24 9.33 -30.69
C ARG C 15 36.16 9.45 -29.49
N VAL C 16 37.12 10.36 -29.56
CA VAL C 16 38.10 10.54 -28.47
C VAL C 16 37.40 10.89 -27.17
N PHE C 17 36.48 11.87 -27.21
CA PHE C 17 35.86 12.34 -25.98
C PHE C 17 34.98 11.28 -25.33
N VAL C 18 34.21 10.52 -26.12
CA VAL C 18 33.46 9.40 -25.57
C VAL C 18 34.40 8.33 -25.00
N ALA C 19 35.43 7.95 -25.76
CA ALA C 19 36.38 6.96 -25.28
C ALA C 19 37.06 7.41 -23.99
N GLN C 20 37.48 8.67 -23.96
CA GLN C 20 38.11 9.25 -22.78
C GLN C 20 37.17 9.24 -21.58
N GLY C 21 35.93 9.64 -21.77
CA GLY C 21 34.95 9.60 -20.69
C GLY C 21 34.78 8.23 -20.09
N VAL C 22 34.61 7.20 -20.93
CA VAL C 22 34.49 5.83 -20.42
C VAL C 22 35.75 5.44 -19.66
N PHE C 23 36.92 5.64 -20.27
CA PHE C 23 38.18 5.23 -19.68
C PHE C 23 38.42 5.84 -18.31
N LEU C 24 38.30 7.17 -18.20
CA LEU C 24 38.54 7.84 -16.93
C LEU C 24 37.56 7.43 -15.84
N PHE C 25 36.30 7.17 -16.19
CA PHE C 25 35.34 6.65 -15.22
C PHE C 25 35.76 5.28 -14.69
N LEU C 26 36.03 4.34 -15.60
CA LEU C 26 36.38 2.99 -15.18
C LEU C 26 37.70 2.91 -14.44
N LEU C 27 38.65 3.78 -14.76
CA LEU C 27 39.89 3.85 -13.98
C LEU C 27 39.63 4.36 -12.57
N ALA C 28 38.89 5.46 -12.43
CA ALA C 28 38.52 5.96 -11.11
C ALA C 28 37.75 4.94 -10.28
N VAL C 29 36.78 4.26 -10.89
CA VAL C 29 36.05 3.19 -10.20
C VAL C 29 36.99 2.06 -9.78
N MET C 30 37.91 1.66 -10.66
CA MET C 30 38.91 0.66 -10.32
C MET C 30 39.72 1.04 -9.07
N ILE C 31 40.23 2.26 -9.01
CA ILE C 31 41.05 2.66 -7.87
C ILE C 31 40.24 2.79 -6.58
N HIS C 32 39.03 3.38 -6.64
CA HIS C 32 38.19 3.42 -5.44
C HIS C 32 37.85 2.02 -4.93
N LEU C 33 37.56 1.08 -5.83
CA LEU C 33 37.29 -0.30 -5.40
C LEU C 33 38.53 -0.98 -4.83
N ILE C 34 39.70 -0.76 -5.41
CA ILE C 34 40.94 -1.32 -4.85
C ILE C 34 41.17 -0.83 -3.43
N LEU C 35 40.89 0.44 -3.16
CA LEU C 35 41.10 0.97 -1.81
C LEU C 35 40.06 0.45 -0.83
N LEU C 36 38.79 0.37 -1.25
CA LEU C 36 37.77 -0.27 -0.41
C LEU C 36 38.07 -1.73 -0.12
N SER C 37 38.85 -2.39 -0.98
CA SER C 37 39.30 -3.75 -0.69
C SER C 37 40.50 -3.78 0.25
N THR C 38 41.11 -2.62 0.51
CA THR C 38 42.34 -2.54 1.29
C THR C 38 42.02 -2.06 2.68
N PRO C 39 42.15 -2.90 3.72
CA PRO C 39 41.66 -2.51 5.05
C PRO C 39 42.31 -1.25 5.60
N SER C 40 43.60 -1.04 5.33
CA SER C 40 44.29 0.16 5.77
C SER C 40 43.80 1.43 5.09
N TYR C 41 43.00 1.32 4.03
CA TYR C 41 42.52 2.49 3.30
C TYR C 41 41.02 2.56 3.11
N ASN C 42 40.26 1.53 3.48
CA ASN C 42 38.80 1.56 3.36
C ASN C 42 38.28 2.61 4.33
N TRP C 43 37.96 3.80 3.81
CA TRP C 43 37.56 4.93 4.64
C TRP C 43 36.30 4.63 5.44
N LEU C 44 35.40 3.80 4.94
CA LEU C 44 34.20 3.44 5.70
C LEU C 44 34.53 2.60 6.92
N GLU C 45 35.43 1.62 6.77
CA GLU C 45 35.86 0.81 7.91
C GLU C 45 36.82 1.55 8.84
N ILE C 46 37.62 2.47 8.31
CA ILE C 46 38.47 3.31 9.16
C ILE C 46 37.63 4.15 10.11
N SER C 47 36.64 4.86 9.57
CA SER C 47 35.78 5.69 10.43
C SER C 47 34.90 4.85 11.35
N ALA C 48 34.53 3.64 10.93
CA ALA C 48 33.83 2.73 11.84
C ALA C 48 34.66 2.43 13.08
N ALA C 49 35.96 2.16 12.89
CA ALA C 49 36.85 1.93 14.03
C ALA C 49 37.08 3.21 14.83
N LYS C 50 37.29 4.34 14.14
CA LYS C 50 37.55 5.60 14.83
C LYS C 50 36.44 5.98 15.80
N TYR C 51 35.19 5.69 15.44
CA TYR C 51 34.05 6.08 16.27
C TYR C 51 33.39 4.91 16.98
N ASN C 52 34.05 3.74 17.03
CA ASN C 52 33.54 2.55 17.73
C ASN C 52 32.12 2.20 17.29
N ARG C 53 31.88 2.22 15.98
CA ARG C 53 30.53 2.14 15.45
C ARG C 53 29.96 0.72 15.43
N VAL C 54 30.75 -0.30 15.75
CA VAL C 54 30.20 -1.63 16.01
C VAL C 54 30.80 -2.20 17.29
N ALA C 55 29.98 -2.98 18.00
CA ALA C 55 30.40 -3.83 19.12
C ALA C 55 31.38 -3.17 20.07
N FME D 1 68.83 4.57 -38.96
CN FME D 1 68.43 4.00 -40.15
O1 FME D 1 67.30 4.17 -40.63
CA FME D 1 68.01 5.40 -38.13
CB FME D 1 68.69 5.71 -36.78
CG FME D 1 69.20 4.44 -36.14
SD FME D 1 69.92 4.85 -34.58
CE FME D 1 70.88 3.44 -34.24
C FME D 1 67.65 6.75 -38.76
O FME D 1 66.81 7.52 -38.29
N SER D 2 68.32 7.03 -39.87
CA SER D 2 68.00 8.17 -40.72
C SER D 2 66.63 8.07 -41.40
N LYS D 3 66.05 6.86 -41.43
CA LYS D 3 64.88 6.59 -42.25
C LYS D 3 63.76 5.86 -41.53
N PHE D 4 63.82 5.73 -40.19
CA PHE D 4 62.74 5.11 -39.44
C PHE D 4 61.39 5.80 -39.66
N TYR D 5 61.39 7.10 -39.94
CA TYR D 5 60.17 7.83 -40.25
C TYR D 5 59.37 7.26 -41.43
N LYS D 6 60.00 6.47 -42.30
CA LYS D 6 59.27 5.80 -43.38
C LYS D 6 58.30 4.72 -42.90
N ILE D 7 58.29 4.40 -41.60
CA ILE D 7 57.29 3.48 -41.06
C ILE D 7 55.87 3.95 -41.34
N TRP D 8 55.65 5.26 -41.50
CA TRP D 8 54.33 5.78 -41.83
C TRP D 8 54.00 5.72 -43.31
N MET D 9 54.95 5.36 -44.17
CA MET D 9 54.60 4.89 -45.51
C MET D 9 54.12 3.44 -45.50
N ILE D 10 54.47 2.68 -44.46
CA ILE D 10 54.06 1.29 -44.31
C ILE D 10 52.73 1.17 -43.57
N PHE D 11 52.64 1.75 -42.36
CA PHE D 11 51.51 1.56 -41.47
C PHE D 11 50.70 2.83 -41.27
N ASP D 12 49.38 2.68 -41.29
CA ASP D 12 48.44 3.79 -41.09
C ASP D 12 48.53 4.29 -39.66
N PRO D 13 48.88 5.56 -39.43
CA PRO D 13 49.00 6.07 -38.05
C PRO D 13 47.74 5.92 -37.21
N ARG D 14 46.56 5.86 -37.84
CA ARG D 14 45.31 5.67 -37.11
C ARG D 14 45.34 4.41 -36.26
N ARG D 15 45.61 3.27 -36.89
CA ARG D 15 45.66 2.01 -36.16
C ARG D 15 46.89 1.90 -35.26
N VAL D 16 48.02 2.46 -35.68
CA VAL D 16 49.24 2.37 -34.88
C VAL D 16 49.09 3.08 -33.54
N PHE D 17 48.56 4.32 -33.55
CA PHE D 17 48.41 5.05 -32.30
C PHE D 17 47.36 4.42 -31.39
N VAL D 18 46.28 3.89 -31.96
CA VAL D 18 45.31 3.12 -31.17
C VAL D 18 45.97 1.88 -30.55
N ALA D 19 46.60 1.05 -31.39
CA ALA D 19 47.22 -0.17 -30.90
C ALA D 19 48.33 0.11 -29.88
N GLN D 20 49.08 1.20 -30.09
CA GLN D 20 50.14 1.57 -29.16
C GLN D 20 49.57 2.09 -27.83
N GLY D 21 48.49 2.87 -27.87
CA GLY D 21 47.83 3.29 -26.65
C GLY D 21 47.29 2.13 -25.83
N VAL D 22 46.64 1.18 -26.50
CA VAL D 22 46.11 0.01 -25.78
C VAL D 22 47.25 -0.83 -25.21
N PHE D 23 48.31 -1.03 -25.99
CA PHE D 23 49.48 -1.78 -25.53
C PHE D 23 50.11 -1.15 -24.29
N LEU D 24 50.44 0.14 -24.36
CA LEU D 24 51.08 0.81 -23.24
C LEU D 24 50.23 0.80 -21.98
N PHE D 25 48.92 0.98 -22.10
CA PHE D 25 48.05 0.90 -20.93
C PHE D 25 48.05 -0.49 -20.31
N LEU D 26 47.85 -1.53 -21.13
CA LEU D 26 47.80 -2.89 -20.60
C LEU D 26 49.15 -3.33 -20.02
N LEU D 27 50.25 -2.85 -20.58
CA LEU D 27 51.56 -3.15 -20.02
C LEU D 27 51.76 -2.51 -18.65
N ALA D 28 51.41 -1.23 -18.52
CA ALA D 28 51.48 -0.55 -17.23
C ALA D 28 50.58 -1.19 -16.18
N VAL D 29 49.34 -1.51 -16.55
CA VAL D 29 48.43 -2.19 -15.63
C VAL D 29 48.99 -3.54 -15.20
N MET D 30 49.57 -4.30 -16.14
CA MET D 30 50.18 -5.58 -15.78
C MET D 30 51.30 -5.42 -14.76
N ILE D 31 52.18 -4.42 -14.93
CA ILE D 31 53.26 -4.22 -13.95
C ILE D 31 52.71 -3.76 -12.60
N HIS D 32 51.80 -2.79 -12.56
CA HIS D 32 51.24 -2.36 -11.28
C HIS D 32 50.50 -3.49 -10.57
N LEU D 33 49.79 -4.35 -11.31
CA LEU D 33 49.18 -5.54 -10.71
C LEU D 33 50.20 -6.54 -10.20
N ILE D 34 51.28 -6.79 -10.94
CA ILE D 34 52.36 -7.65 -10.45
C ILE D 34 52.94 -7.13 -9.15
N LEU D 35 53.14 -5.82 -9.04
CA LEU D 35 53.68 -5.25 -7.80
C LEU D 35 52.69 -5.37 -6.65
N LEU D 36 51.43 -5.00 -6.89
CA LEU D 36 50.39 -5.22 -5.88
C LEU D 36 50.28 -6.68 -5.48
N SER D 37 50.61 -7.61 -6.38
CA SER D 37 50.60 -9.03 -6.05
C SER D 37 51.84 -9.47 -5.29
N THR D 38 52.82 -8.59 -5.11
CA THR D 38 54.09 -8.94 -4.50
C THR D 38 54.17 -8.31 -3.12
N PRO D 39 54.30 -9.12 -2.05
CA PRO D 39 54.27 -8.55 -0.70
C PRO D 39 55.34 -7.51 -0.43
N SER D 40 56.55 -7.72 -0.94
CA SER D 40 57.65 -6.76 -0.74
C SER D 40 57.44 -5.45 -1.47
N TYR D 41 56.42 -5.33 -2.31
CA TYR D 41 56.25 -4.15 -3.16
C TYR D 41 54.83 -3.61 -3.22
N ASN D 42 53.88 -4.22 -2.51
CA ASN D 42 52.53 -3.65 -2.41
C ASN D 42 52.61 -2.42 -1.53
N TRP D 43 52.68 -1.24 -2.18
CA TRP D 43 52.87 0.02 -1.46
C TRP D 43 51.75 0.31 -0.46
N LEU D 44 50.57 -0.28 -0.65
CA LEU D 44 49.49 -0.07 0.31
C LEU D 44 49.67 -0.89 1.58
N GLU D 45 50.28 -2.08 1.47
CA GLU D 45 50.60 -2.87 2.66
C GLU D 45 51.88 -2.39 3.34
N ILE D 46 52.86 -1.96 2.55
CA ILE D 46 54.07 -1.35 3.11
C ILE D 46 53.73 -0.20 4.05
N SER D 47 52.96 0.77 3.56
CA SER D 47 52.59 1.91 4.39
C SER D 47 51.64 1.53 5.51
N ALA D 48 50.85 0.46 5.33
CA ALA D 48 50.05 -0.05 6.43
C ALA D 48 50.93 -0.55 7.58
N ALA D 49 52.00 -1.28 7.25
CA ALA D 49 52.93 -1.75 8.28
C ALA D 49 53.73 -0.60 8.89
N LYS D 50 54.26 0.30 8.05
CA LYS D 50 55.11 1.37 8.56
C LYS D 50 54.37 2.27 9.54
N TYR D 51 53.15 2.66 9.21
CA TYR D 51 52.34 3.48 10.11
C TYR D 51 51.44 2.67 11.04
N ASN D 52 51.67 1.35 11.15
CA ASN D 52 50.96 0.50 12.10
C ASN D 52 49.44 0.65 12.00
N ARG D 53 48.94 0.75 10.78
CA ARG D 53 47.53 1.00 10.52
C ARG D 53 46.66 -0.23 10.70
N VAL D 54 47.25 -1.41 10.92
CA VAL D 54 46.48 -2.62 11.15
C VAL D 54 46.91 -3.28 12.45
N ALA D 55 47.97 -2.77 13.07
CA ALA D 55 48.58 -3.43 14.22
C ALA D 55 47.88 -3.04 15.51
N FME E 1 74.17 -14.54 -48.97
CN FME E 1 73.46 -14.92 -50.10
O1 FME E 1 72.27 -14.62 -50.28
CA FME E 1 73.62 -13.77 -47.88
CB FME E 1 74.64 -13.60 -46.74
CG FME E 1 74.93 -14.92 -46.07
SD FME E 1 76.32 -14.69 -45.00
CE FME E 1 75.63 -13.76 -43.69
C FME E 1 73.17 -12.37 -48.28
O FME E 1 72.29 -11.75 -47.70
N SER E 2 73.81 -11.86 -49.34
CA SER E 2 73.65 -10.48 -49.77
C SER E 2 72.23 -10.21 -50.26
N LYS E 3 71.65 -11.21 -50.92
CA LYS E 3 70.31 -11.13 -51.49
C LYS E 3 69.18 -11.44 -50.51
N PHE E 4 69.48 -11.54 -49.21
CA PHE E 4 68.42 -11.69 -48.21
C PHE E 4 67.36 -10.60 -48.34
N TYR E 5 67.73 -9.40 -48.78
CA TYR E 5 66.77 -8.32 -49.02
C TYR E 5 65.65 -8.68 -49.98
N LYS E 6 65.85 -9.64 -50.88
CA LYS E 6 64.77 -10.06 -51.77
C LYS E 6 63.62 -10.74 -51.03
N ILE E 7 63.76 -11.03 -49.73
CA ILE E 7 62.62 -11.48 -48.92
C ILE E 7 61.44 -10.52 -48.99
N TRP E 8 61.69 -9.22 -49.11
CA TRP E 8 60.60 -8.25 -49.19
C TRP E 8 59.89 -8.27 -50.55
N MET E 9 60.40 -9.03 -51.51
CA MET E 9 59.72 -9.28 -52.76
C MET E 9 58.89 -10.55 -52.72
N ILE E 10 59.15 -11.40 -51.72
CA ILE E 10 58.36 -12.60 -51.45
C ILE E 10 57.23 -12.31 -50.46
N PHE E 11 57.50 -11.52 -49.42
CA PHE E 11 56.55 -11.28 -48.33
C PHE E 11 56.22 -9.81 -48.14
N ASP E 12 54.95 -9.54 -47.83
CA ASP E 12 54.44 -8.19 -47.62
C ASP E 12 55.01 -7.63 -46.32
N PRO E 13 55.74 -6.51 -46.36
CA PRO E 13 56.35 -5.99 -45.13
C PRO E 13 55.36 -5.70 -44.00
N ARG E 14 54.13 -5.26 -44.31
CA ARG E 14 53.16 -5.00 -43.25
C ARG E 14 52.84 -6.27 -42.46
N ARG E 15 52.50 -7.35 -43.17
CA ARG E 15 52.17 -8.61 -42.50
C ARG E 15 53.36 -9.19 -41.76
N VAL E 16 54.57 -9.06 -42.32
CA VAL E 16 55.78 -9.51 -41.63
C VAL E 16 56.05 -8.65 -40.39
N PHE E 17 55.98 -7.33 -40.53
CA PHE E 17 56.29 -6.46 -39.39
C PHE E 17 55.33 -6.65 -38.23
N VAL E 18 54.03 -6.79 -38.53
CA VAL E 18 53.05 -7.14 -37.49
C VAL E 18 53.39 -8.48 -36.84
N ALA E 19 53.54 -9.52 -37.66
CA ALA E 19 53.75 -10.87 -37.13
C ALA E 19 55.05 -10.97 -36.34
N GLN E 20 56.09 -10.28 -36.79
CA GLN E 20 57.36 -10.23 -36.06
C GLN E 20 57.22 -9.45 -34.75
N GLY E 21 56.43 -8.38 -34.75
CA GLY E 21 56.19 -7.64 -33.52
C GLY E 21 55.41 -8.43 -32.47
N VAL E 22 54.35 -9.12 -32.90
CA VAL E 22 53.61 -10.01 -32.03
C VAL E 22 54.51 -11.10 -31.46
N PHE E 23 55.34 -11.69 -32.31
CA PHE E 23 56.23 -12.78 -31.90
C PHE E 23 57.19 -12.35 -30.79
N LEU E 24 57.89 -11.24 -30.98
CA LEU E 24 58.89 -10.81 -29.99
C LEU E 24 58.27 -10.42 -28.65
N PHE E 25 57.08 -9.80 -28.66
CA PHE E 25 56.44 -9.47 -27.40
C PHE E 25 56.06 -10.71 -26.60
N LEU E 26 55.41 -11.69 -27.24
CA LEU E 26 55.01 -12.90 -26.53
C LEU E 26 56.23 -13.71 -26.08
N LEU E 27 57.30 -13.70 -26.86
CA LEU E 27 58.54 -14.36 -26.45
C LEU E 27 59.15 -13.69 -25.21
N ALA E 28 59.33 -12.38 -25.27
CA ALA E 28 59.89 -11.64 -24.13
C ALA E 28 59.04 -11.77 -22.87
N VAL E 29 57.72 -11.66 -22.99
CA VAL E 29 56.83 -11.85 -21.85
C VAL E 29 56.94 -13.26 -21.27
N MET E 30 57.09 -14.27 -22.11
CA MET E 30 57.32 -15.62 -21.59
C MET E 30 58.63 -15.72 -20.79
N ILE E 31 59.73 -15.18 -21.33
CA ILE E 31 61.01 -15.34 -20.64
C ILE E 31 61.03 -14.60 -19.30
N HIS E 32 60.46 -13.39 -19.22
CA HIS E 32 60.33 -12.74 -17.93
C HIS E 32 59.45 -13.53 -16.96
N LEU E 33 58.34 -14.10 -17.44
CA LEU E 33 57.50 -14.94 -16.59
C LEU E 33 58.20 -16.22 -16.15
N ILE E 34 59.08 -16.79 -16.97
CA ILE E 34 59.86 -17.95 -16.55
C ILE E 34 60.80 -17.58 -15.40
N LEU E 35 61.44 -16.41 -15.50
CA LEU E 35 62.37 -15.99 -14.45
C LEU E 35 61.65 -15.60 -13.17
N LEU E 36 60.49 -14.94 -13.29
CA LEU E 36 59.65 -14.69 -12.12
C LEU E 36 59.13 -15.98 -11.51
N SER E 37 58.94 -17.03 -12.32
CA SER E 37 58.60 -18.33 -11.77
C SER E 37 59.79 -19.03 -11.12
N THR E 38 61.01 -18.55 -11.38
CA THR E 38 62.21 -19.20 -10.88
C THR E 38 62.68 -18.49 -9.62
N PRO E 39 62.61 -19.13 -8.45
CA PRO E 39 62.92 -18.42 -7.20
C PRO E 39 64.32 -17.85 -7.14
N SER E 40 65.30 -18.53 -7.74
CA SER E 40 66.67 -18.04 -7.81
C SER E 40 66.85 -16.87 -8.78
N TYR E 41 65.81 -16.51 -9.53
CA TYR E 41 65.91 -15.41 -10.50
C TYR E 41 64.80 -14.39 -10.40
N ASN E 42 63.76 -14.61 -9.59
CA ASN E 42 62.73 -13.61 -9.35
C ASN E 42 63.37 -12.42 -8.64
N TRP E 43 63.73 -11.39 -9.42
CA TRP E 43 64.43 -10.23 -8.88
C TRP E 43 63.66 -9.54 -7.76
N LEU E 44 62.33 -9.55 -7.82
CA LEU E 44 61.54 -8.91 -6.77
C LEU E 44 61.62 -9.66 -5.45
N GLU E 45 61.87 -10.97 -5.48
CA GLU E 45 62.04 -11.75 -4.26
C GLU E 45 63.50 -11.90 -3.84
N ILE E 46 64.44 -11.85 -4.79
CA ILE E 46 65.86 -11.77 -4.43
C ILE E 46 66.14 -10.53 -3.60
N SER E 47 65.71 -9.35 -4.08
CA SER E 47 65.96 -8.12 -3.35
C SER E 47 65.13 -7.99 -2.09
N ALA E 48 64.02 -8.73 -1.98
CA ALA E 48 63.31 -8.79 -0.71
C ALA E 48 64.16 -9.40 0.39
N ALA E 49 64.88 -10.48 0.08
CA ALA E 49 65.79 -11.09 1.05
C ALA E 49 66.98 -10.20 1.34
N LYS E 50 67.61 -9.66 0.29
CA LYS E 50 68.79 -8.83 0.44
C LYS E 50 68.57 -7.67 1.40
N TYR E 51 67.41 -7.03 1.33
CA TYR E 51 67.08 -5.90 2.19
C TYR E 51 66.15 -6.26 3.34
N ASN E 52 65.97 -7.56 3.62
CA ASN E 52 65.23 -8.05 4.79
C ASN E 52 63.81 -7.50 4.87
N ARG E 53 63.19 -7.29 3.71
CA ARG E 53 61.96 -6.50 3.63
C ARG E 53 60.75 -7.22 4.23
N VAL E 54 60.81 -8.54 4.41
CA VAL E 54 59.67 -9.33 4.84
C VAL E 54 59.98 -9.95 6.20
N ALA E 55 59.15 -9.61 7.20
CA ALA E 55 59.24 -10.19 8.54
C ALA E 55 60.64 -10.02 9.15
N FME F 1 72.44 -33.38 -55.62
CN FME F 1 71.29 -33.36 -56.39
O1 FME F 1 70.51 -32.40 -56.47
CA FME F 1 72.91 -32.31 -54.79
CB FME F 1 74.38 -32.49 -54.37
CG FME F 1 74.59 -33.74 -53.57
SD FME F 1 73.79 -33.52 -51.99
CE FME F 1 74.65 -34.69 -51.01
C FME F 1 72.82 -30.92 -55.44
O FME F 1 72.26 -29.96 -54.92
N SER F 2 73.40 -30.84 -56.63
CA SER F 2 73.52 -29.59 -57.35
C SER F 2 72.33 -29.32 -58.29
N LYS F 3 71.25 -30.09 -58.12
CA LYS F 3 70.07 -29.93 -58.98
C LYS F 3 68.77 -29.96 -58.19
N PHE F 4 68.81 -29.86 -56.86
CA PHE F 4 67.60 -29.77 -56.04
C PHE F 4 66.82 -28.48 -56.25
N TYR F 5 67.46 -27.43 -56.77
CA TYR F 5 66.85 -26.10 -56.86
C TYR F 5 65.50 -26.05 -57.57
N LYS F 6 65.20 -27.00 -58.46
CA LYS F 6 63.91 -27.01 -59.13
C LYS F 6 62.73 -27.26 -58.19
N ILE F 7 62.98 -27.60 -56.94
CA ILE F 7 61.92 -27.73 -55.94
C ILE F 7 61.07 -26.47 -55.83
N TRP F 8 61.67 -25.29 -56.02
CA TRP F 8 60.93 -24.03 -55.99
C TRP F 8 60.06 -23.79 -57.21
N MET F 9 60.10 -24.71 -58.18
CA MET F 9 59.15 -24.71 -59.28
C MET F 9 57.94 -25.59 -58.98
N ILE F 10 58.07 -26.51 -58.05
CA ILE F 10 56.98 -27.36 -57.59
C ILE F 10 56.17 -26.69 -56.49
N PHE F 11 56.84 -26.14 -55.48
CA PHE F 11 56.20 -25.58 -54.30
C PHE F 11 56.36 -24.06 -54.24
N ASP F 12 55.26 -23.37 -53.97
CA ASP F 12 55.23 -21.92 -53.77
C ASP F 12 56.11 -21.54 -52.58
N PRO F 13 57.19 -20.77 -52.79
CA PRO F 13 58.10 -20.45 -51.67
C PRO F 13 57.42 -19.77 -50.49
N ARG F 14 56.36 -18.99 -50.71
CA ARG F 14 55.69 -18.32 -49.61
C ARG F 14 55.11 -19.32 -48.62
N ARG F 15 54.42 -20.35 -49.12
CA ARG F 15 53.86 -21.37 -48.25
C ARG F 15 54.95 -22.20 -47.59
N VAL F 16 56.02 -22.51 -48.33
CA VAL F 16 57.13 -23.29 -47.79
C VAL F 16 57.85 -22.53 -46.67
N PHE F 17 58.07 -21.23 -46.86
CA PHE F 17 58.77 -20.46 -45.83
C PHE F 17 57.93 -20.26 -44.57
N VAL F 18 56.63 -19.97 -44.72
CA VAL F 18 55.74 -19.94 -43.57
C VAL F 18 55.70 -21.29 -42.86
N ALA F 19 55.53 -22.37 -43.62
CA ALA F 19 55.43 -23.69 -43.01
C ALA F 19 56.73 -24.11 -42.32
N GLN F 20 57.86 -23.87 -42.98
CA GLN F 20 59.16 -24.18 -42.38
C GLN F 20 59.42 -23.35 -41.13
N GLY F 21 59.15 -22.04 -41.19
CA GLY F 21 59.42 -21.18 -40.05
C GLY F 21 58.60 -21.53 -38.82
N VAL F 22 57.30 -21.78 -39.01
CA VAL F 22 56.46 -22.25 -37.91
C VAL F 22 57.00 -23.56 -37.35
N PHE F 23 57.28 -24.52 -38.23
CA PHE F 23 57.79 -25.82 -37.83
C PHE F 23 59.07 -25.72 -37.00
N LEU F 24 60.06 -24.98 -37.50
CA LEU F 24 61.33 -24.87 -36.79
C LEU F 24 61.20 -24.18 -35.43
N PHE F 25 60.33 -23.16 -35.33
CA PHE F 25 60.09 -22.53 -34.04
C PHE F 25 59.46 -23.48 -33.04
N LEU F 26 58.40 -24.18 -33.44
CA LEU F 26 57.72 -25.09 -32.53
C LEU F 26 58.63 -26.23 -32.09
N LEU F 27 59.47 -26.72 -33.00
CA LEU F 27 60.45 -27.76 -32.66
C LEU F 27 61.46 -27.25 -31.64
N ALA F 28 62.02 -26.07 -31.87
CA ALA F 28 62.97 -25.47 -30.93
C ALA F 28 62.36 -25.27 -29.54
N VAL F 29 61.15 -24.72 -29.49
CA VAL F 29 60.47 -24.53 -28.20
C VAL F 29 60.21 -25.86 -27.52
N MET F 30 59.75 -26.86 -28.27
CA MET F 30 59.53 -28.19 -27.71
C MET F 30 60.81 -28.78 -27.10
N ILE F 31 61.94 -28.66 -27.79
CA ILE F 31 63.20 -29.17 -27.26
C ILE F 31 63.64 -28.43 -26.00
N HIS F 32 63.60 -27.09 -26.02
CA HIS F 32 63.97 -26.35 -24.81
C HIS F 32 63.07 -26.68 -23.62
N LEU F 33 61.76 -26.84 -23.84
CA LEU F 33 60.87 -27.20 -22.74
C LEU F 33 61.11 -28.62 -22.21
N ILE F 34 61.45 -29.56 -23.09
CA ILE F 34 61.91 -30.87 -22.63
C ILE F 34 63.14 -30.74 -21.72
N LEU F 35 64.10 -29.89 -22.11
CA LEU F 35 65.29 -29.71 -21.29
C LEU F 35 64.98 -29.03 -19.97
N LEU F 36 64.16 -27.97 -19.99
CA LEU F 36 63.78 -27.31 -18.74
C LEU F 36 63.05 -28.26 -17.79
N SER F 37 62.27 -29.19 -18.32
CA SER F 37 61.56 -30.15 -17.48
C SER F 37 62.39 -31.36 -17.11
N THR F 38 63.61 -31.48 -17.64
CA THR F 38 64.54 -32.53 -17.24
C THR F 38 65.48 -32.00 -16.19
N PRO F 39 65.45 -32.53 -14.96
CA PRO F 39 66.20 -31.89 -13.86
C PRO F 39 67.70 -31.84 -14.09
N SER F 40 68.27 -32.80 -14.82
CA SER F 40 69.70 -32.81 -15.12
C SER F 40 70.11 -31.82 -16.19
N TYR F 41 69.17 -31.11 -16.82
CA TYR F 41 69.48 -30.17 -17.87
C TYR F 41 68.79 -28.81 -17.74
N ASN F 42 67.92 -28.64 -16.75
CA ASN F 42 67.44 -27.30 -16.42
C ASN F 42 68.61 -26.45 -15.98
N TRP F 43 69.05 -25.54 -16.86
CA TRP F 43 70.18 -24.67 -16.56
C TRP F 43 69.88 -23.72 -15.39
N LEU F 44 68.62 -23.34 -15.20
CA LEU F 44 68.27 -22.45 -14.09
C LEU F 44 68.45 -23.14 -12.74
N GLU F 45 68.22 -24.45 -12.68
CA GLU F 45 68.44 -25.21 -11.45
C GLU F 45 69.87 -25.70 -11.29
N ILE F 46 70.56 -25.99 -12.39
CA ILE F 46 71.99 -26.28 -12.32
C ILE F 46 72.76 -25.09 -11.74
N SER F 47 72.50 -23.89 -12.24
CA SER F 47 73.21 -22.72 -11.76
C SER F 47 72.85 -22.39 -10.31
N ALA F 48 71.58 -22.57 -9.92
CA ALA F 48 71.19 -22.31 -8.54
C ALA F 48 71.86 -23.27 -7.56
N ALA F 49 72.13 -24.51 -7.98
CA ALA F 49 72.92 -25.41 -7.16
C ALA F 49 74.39 -24.97 -7.09
N LYS F 50 75.00 -24.73 -8.26
CA LYS F 50 76.41 -24.37 -8.33
C LYS F 50 76.74 -23.16 -7.47
N TYR F 51 75.94 -22.10 -7.59
CA TYR F 51 76.16 -20.86 -6.85
C TYR F 51 75.39 -20.80 -5.52
N ASN F 52 74.84 -21.92 -5.06
CA ASN F 52 74.18 -22.01 -3.75
C ASN F 52 73.11 -20.93 -3.54
N ARG F 53 72.27 -20.73 -4.57
CA ARG F 53 71.36 -19.59 -4.58
C ARG F 53 70.05 -19.85 -3.86
N VAL F 54 69.67 -21.11 -3.65
CA VAL F 54 68.30 -21.43 -3.25
C VAL F 54 68.07 -21.07 -1.78
N ALA F 55 68.95 -21.51 -0.90
CA ALA F 55 68.80 -21.25 0.54
C ALA F 55 69.06 -19.79 0.86
N FME G 1 63.19 -52.17 -61.42
CN FME G 1 62.19 -52.45 -62.32
O1 FME G 1 61.36 -51.61 -62.71
CA FME G 1 63.41 -50.88 -60.80
CB FME G 1 64.69 -50.83 -59.95
CG FME G 1 64.79 -51.97 -58.97
SD FME G 1 66.08 -51.55 -57.84
CE FME G 1 66.20 -52.97 -56.82
C FME G 1 63.54 -49.71 -61.78
O FME G 1 63.19 -48.57 -61.50
N SER G 2 64.06 -50.01 -62.96
CA SER G 2 64.37 -48.99 -63.95
C SER G 2 63.17 -48.26 -64.57
N LYS G 3 61.97 -48.82 -64.43
CA LYS G 3 60.76 -48.15 -64.88
C LYS G 3 59.91 -47.55 -63.76
N PHE G 4 60.38 -47.60 -62.51
CA PHE G 4 59.64 -46.99 -61.41
C PHE G 4 59.43 -45.49 -61.59
N TYR G 5 60.26 -44.82 -62.41
CA TYR G 5 60.06 -43.39 -62.68
C TYR G 5 58.68 -43.06 -63.24
N LYS G 6 58.02 -44.02 -63.91
CA LYS G 6 56.69 -43.79 -64.46
C LYS G 6 55.62 -43.60 -63.39
N ILE G 7 55.95 -43.74 -62.10
CA ILE G 7 55.05 -43.33 -61.03
C ILE G 7 54.65 -41.86 -61.15
N TRP G 8 55.52 -41.02 -61.70
CA TRP G 8 55.21 -39.61 -61.90
C TRP G 8 54.29 -39.35 -63.08
N MET G 9 54.00 -40.38 -63.88
CA MET G 9 52.87 -40.33 -64.81
C MET G 9 51.56 -40.68 -64.12
N ILE G 10 51.63 -41.43 -63.02
CA ILE G 10 50.44 -41.79 -62.24
C ILE G 10 50.07 -40.67 -61.26
N PHE G 11 51.02 -40.17 -60.49
CA PHE G 11 50.72 -39.25 -59.39
C PHE G 11 51.49 -37.95 -59.48
N ASP G 12 50.81 -36.86 -59.12
CA ASP G 12 51.31 -35.50 -59.00
C ASP G 12 52.37 -35.41 -57.90
N PRO G 13 53.63 -35.16 -58.24
CA PRO G 13 54.68 -35.09 -57.21
C PRO G 13 54.43 -34.02 -56.17
N ARG G 14 53.75 -32.93 -56.55
CA ARG G 14 53.41 -31.87 -55.62
C ARG G 14 52.58 -32.37 -54.44
N ARG G 15 51.65 -33.29 -54.71
CA ARG G 15 50.89 -33.91 -53.62
C ARG G 15 51.72 -34.97 -52.91
N VAL G 16 52.36 -35.85 -53.68
CA VAL G 16 53.11 -36.98 -53.13
C VAL G 16 54.21 -36.51 -52.18
N PHE G 17 54.98 -35.49 -52.57
CA PHE G 17 56.07 -35.02 -51.72
C PHE G 17 55.55 -34.45 -50.40
N VAL G 18 54.43 -33.74 -50.41
CA VAL G 18 53.83 -33.26 -49.16
C VAL G 18 53.43 -34.43 -48.27
N ALA G 19 52.68 -35.39 -48.82
CA ALA G 19 52.26 -36.55 -48.04
C ALA G 19 53.45 -37.32 -47.48
N GLN G 20 54.47 -37.53 -48.31
CA GLN G 20 55.67 -38.24 -47.88
C GLN G 20 56.44 -37.45 -46.82
N GLY G 21 56.52 -36.13 -46.99
CA GLY G 21 57.14 -35.30 -45.97
C GLY G 21 56.39 -35.26 -44.66
N VAL G 22 55.05 -35.17 -44.73
CA VAL G 22 54.24 -35.25 -43.52
C VAL G 22 54.41 -36.61 -42.83
N PHE G 23 54.31 -37.69 -43.60
CA PHE G 23 54.41 -39.03 -43.04
C PHE G 23 55.75 -39.26 -42.34
N LEU G 24 56.85 -38.95 -43.02
CA LEU G 24 58.17 -39.19 -42.43
C LEU G 24 58.40 -38.34 -41.19
N PHE G 25 57.88 -37.12 -41.14
CA PHE G 25 57.96 -36.32 -39.92
C PHE G 25 57.20 -36.96 -38.77
N LEU G 26 55.95 -37.36 -39.01
CA LEU G 26 55.16 -37.98 -37.96
C LEU G 26 55.79 -39.27 -37.47
N LEU G 27 56.29 -40.09 -38.40
CA LEU G 27 56.99 -41.33 -38.05
C LEU G 27 58.21 -41.08 -37.19
N ALA G 28 59.07 -40.13 -37.60
CA ALA G 28 60.29 -39.84 -36.84
C ALA G 28 59.99 -39.32 -35.44
N VAL G 29 59.06 -38.37 -35.31
CA VAL G 29 58.72 -37.83 -34.00
C VAL G 29 58.15 -38.92 -33.10
N MET G 30 57.24 -39.73 -33.64
CA MET G 30 56.62 -40.81 -32.88
C MET G 30 57.65 -41.81 -32.35
N ILE G 31 58.65 -42.19 -33.15
CA ILE G 31 59.70 -43.08 -32.66
C ILE G 31 60.52 -42.43 -31.55
N HIS G 32 60.97 -41.18 -31.75
CA HIS G 32 61.73 -40.50 -30.69
C HIS G 32 60.93 -40.39 -29.40
N LEU G 33 59.62 -40.13 -29.48
CA LEU G 33 58.78 -40.08 -28.28
C LEU G 33 58.66 -41.44 -27.59
N ILE G 34 58.54 -42.53 -28.36
CA ILE G 34 58.56 -43.87 -27.78
C ILE G 34 59.87 -44.13 -27.05
N LEU G 35 61.00 -43.78 -27.67
CA LEU G 35 62.30 -43.99 -27.01
C LEU G 35 62.46 -43.13 -25.77
N LEU G 36 62.03 -41.87 -25.81
CA LEU G 36 62.09 -41.02 -24.63
C LEU G 36 61.25 -41.60 -23.49
N SER G 37 60.09 -42.18 -23.81
CA SER G 37 59.27 -42.79 -22.77
C SER G 37 59.90 -44.06 -22.22
N THR G 38 60.63 -44.79 -23.05
CA THR G 38 61.23 -46.06 -22.65
C THR G 38 62.37 -45.83 -21.66
N PRO G 39 62.28 -46.34 -20.43
CA PRO G 39 63.32 -46.05 -19.42
C PRO G 39 64.72 -46.46 -19.83
N SER G 40 64.85 -47.59 -20.53
CA SER G 40 66.16 -48.10 -20.94
C SER G 40 66.78 -47.34 -22.10
N TYR G 41 66.05 -46.41 -22.72
CA TYR G 41 66.56 -45.70 -23.89
C TYR G 41 66.48 -44.18 -23.78
N ASN G 42 65.90 -43.64 -22.72
CA ASN G 42 65.87 -42.19 -22.52
C ASN G 42 67.30 -41.66 -22.37
N TRP G 43 67.85 -41.14 -23.47
CA TRP G 43 69.26 -40.76 -23.51
C TRP G 43 69.61 -39.66 -22.52
N LEU G 44 68.68 -38.76 -22.22
CA LEU G 44 68.92 -37.75 -21.18
C LEU G 44 69.07 -38.39 -19.80
N GLU G 45 68.15 -39.28 -19.44
CA GLU G 45 68.23 -39.94 -18.14
C GLU G 45 69.36 -40.96 -18.07
N ILE G 46 69.73 -41.56 -19.20
CA ILE G 46 70.90 -42.44 -19.22
C ILE G 46 72.17 -41.65 -18.90
N SER G 47 72.31 -40.46 -19.50
CA SER G 47 73.48 -39.63 -19.24
C SER G 47 73.51 -39.11 -17.80
N ALA G 48 72.35 -38.76 -17.26
CA ALA G 48 72.29 -38.32 -15.87
C ALA G 48 72.76 -39.40 -14.90
N ALA G 49 72.47 -40.66 -15.21
CA ALA G 49 73.00 -41.76 -14.39
C ALA G 49 74.50 -41.90 -14.58
N LYS G 50 74.97 -41.86 -15.83
CA LYS G 50 76.37 -42.08 -16.14
C LYS G 50 77.28 -41.06 -15.46
N TYR G 51 76.93 -39.77 -15.53
CA TYR G 51 77.72 -38.71 -14.93
C TYR G 51 77.30 -38.38 -13.50
N ASN G 52 76.44 -39.18 -12.89
CA ASN G 52 76.02 -39.03 -11.49
C ASN G 52 75.28 -37.72 -11.21
N ARG G 53 74.81 -37.05 -12.26
CA ARG G 53 74.13 -35.76 -12.12
C ARG G 53 72.92 -35.84 -11.21
N VAL G 54 72.31 -37.03 -11.06
CA VAL G 54 71.20 -37.22 -10.14
C VAL G 54 71.60 -36.99 -8.69
N ALA G 55 72.88 -37.08 -8.36
CA ALA G 55 73.32 -36.90 -6.99
C ALA G 55 74.53 -35.97 -6.91
N FME H 1 46.38 -67.28 -64.89
CN FME H 1 45.40 -66.65 -65.62
O1 FME H 1 45.31 -65.40 -65.70
CA FME H 1 47.40 -66.61 -64.13
CB FME H 1 48.37 -67.61 -63.46
CG FME H 1 49.31 -66.92 -62.50
SD FME H 1 50.00 -68.18 -61.46
CE FME H 1 50.77 -69.24 -62.63
C FME H 1 48.25 -65.65 -64.98
O FME H 1 48.71 -64.59 -64.55
N SER H 2 48.46 -66.07 -66.22
CA SER H 2 49.16 -65.23 -67.20
C SER H 2 48.36 -64.00 -67.63
N LYS H 3 47.05 -63.99 -67.35
CA LYS H 3 46.21 -62.82 -67.59
C LYS H 3 45.84 -62.06 -66.32
N PHE H 4 46.57 -62.28 -65.21
CA PHE H 4 46.37 -61.46 -64.03
C PHE H 4 46.55 -59.97 -64.31
N TYR H 5 47.38 -59.63 -65.30
CA TYR H 5 47.50 -58.25 -65.79
C TYR H 5 46.18 -57.66 -66.30
N LYS H 6 45.21 -58.48 -66.70
CA LYS H 6 44.00 -57.94 -67.32
C LYS H 6 43.22 -57.03 -66.37
N ILE H 7 43.50 -57.11 -65.07
CA ILE H 7 42.90 -56.24 -64.05
C ILE H 7 43.10 -54.74 -64.31
N TRP H 8 44.20 -54.35 -64.96
CA TRP H 8 44.47 -52.92 -65.13
C TRP H 8 43.61 -52.24 -66.17
N MET H 9 42.93 -52.99 -67.04
CA MET H 9 41.88 -52.39 -67.86
C MET H 9 40.57 -52.26 -67.09
N ILE H 10 40.47 -52.91 -65.93
CA ILE H 10 39.29 -52.85 -65.09
C ILE H 10 39.43 -51.80 -63.98
N PHE H 11 40.57 -51.78 -63.29
CA PHE H 11 40.80 -50.89 -62.16
C PHE H 11 41.88 -49.84 -62.46
N ASP H 12 41.58 -48.61 -62.06
CA ASP H 12 42.48 -47.47 -62.27
C ASP H 12 43.70 -47.56 -61.37
N PRO H 13 44.93 -47.47 -61.92
CA PRO H 13 46.13 -47.57 -61.07
C PRO H 13 46.21 -46.51 -59.98
N ARG H 14 45.68 -45.31 -60.20
CA ARG H 14 45.70 -44.28 -59.15
C ARG H 14 44.89 -44.73 -57.94
N ARG H 15 43.72 -45.30 -58.17
CA ARG H 15 42.90 -45.83 -57.08
C ARG H 15 43.58 -47.02 -56.41
N VAL H 16 44.10 -47.95 -57.21
CA VAL H 16 44.69 -49.18 -56.68
C VAL H 16 45.97 -48.90 -55.89
N PHE H 17 46.85 -48.04 -56.41
CA PHE H 17 48.11 -47.79 -55.70
C PHE H 17 47.88 -47.07 -54.36
N VAL H 18 46.97 -46.11 -54.32
CA VAL H 18 46.63 -45.45 -53.05
C VAL H 18 45.97 -46.44 -52.10
N ALA H 19 44.96 -47.16 -52.57
CA ALA H 19 44.26 -48.13 -51.70
C ALA H 19 45.21 -49.17 -51.13
N GLN H 20 46.12 -49.69 -51.95
CA GLN H 20 47.09 -50.67 -51.47
C GLN H 20 48.15 -50.03 -50.57
N GLY H 21 48.58 -48.81 -50.90
CA GLY H 21 49.53 -48.12 -50.03
C GLY H 21 48.99 -47.87 -48.64
N VAL H 22 47.73 -47.46 -48.53
CA VAL H 22 47.10 -47.29 -47.22
C VAL H 22 46.97 -48.63 -46.51
N PHE H 23 46.53 -49.66 -47.23
CA PHE H 23 46.34 -50.98 -46.64
C PHE H 23 47.62 -51.53 -46.03
N LEU H 24 48.70 -51.58 -46.82
CA LEU H 24 49.94 -52.20 -46.34
C LEU H 24 50.53 -51.46 -45.15
N PHE H 25 50.49 -50.13 -45.15
CA PHE H 25 50.97 -49.36 -44.01
C PHE H 25 50.22 -49.72 -42.73
N LEU H 26 48.90 -49.75 -42.78
CA LEU H 26 48.11 -50.04 -41.59
C LEU H 26 48.27 -51.48 -41.13
N LEU H 27 48.41 -52.42 -42.06
CA LEU H 27 48.71 -53.81 -41.69
C LEU H 27 50.05 -53.93 -40.98
N ALA H 28 51.08 -53.27 -41.51
CA ALA H 28 52.40 -53.28 -40.88
C ALA H 28 52.36 -52.67 -39.47
N VAL H 29 51.75 -51.49 -39.33
CA VAL H 29 51.63 -50.86 -38.02
C VAL H 29 50.81 -51.72 -37.06
N MET H 30 49.72 -52.31 -37.56
CA MET H 30 48.95 -53.24 -36.74
C MET H 30 49.79 -54.39 -36.19
N ILE H 31 50.65 -54.99 -37.02
CA ILE H 31 51.48 -56.09 -36.53
C ILE H 31 52.56 -55.62 -35.55
N HIS H 32 53.25 -54.51 -35.85
CA HIS H 32 54.20 -53.98 -34.88
C HIS H 32 53.52 -53.60 -33.57
N LEU H 33 52.31 -53.03 -33.63
CA LEU H 33 51.51 -52.79 -32.42
C LEU H 33 51.23 -54.07 -31.65
N ILE H 34 50.79 -55.12 -32.34
CA ILE H 34 50.50 -56.40 -31.69
C ILE H 34 51.74 -56.96 -31.00
N LEU H 35 52.91 -56.86 -31.64
CA LEU H 35 54.12 -57.41 -31.03
C LEU H 35 54.63 -56.56 -29.88
N LEU H 36 54.61 -55.23 -30.03
CA LEU H 36 55.01 -54.36 -28.93
C LEU H 36 54.09 -54.52 -27.72
N SER H 37 52.81 -54.84 -27.94
CA SER H 37 51.89 -55.12 -26.85
C SER H 37 52.11 -56.49 -26.22
N THR H 38 52.99 -57.32 -26.80
CA THR H 38 53.23 -58.67 -26.30
C THR H 38 54.57 -58.71 -25.58
N PRO H 39 54.58 -59.01 -24.28
CA PRO H 39 55.85 -58.98 -23.54
C PRO H 39 56.91 -59.94 -24.05
N SER H 40 56.51 -61.09 -24.61
CA SER H 40 57.48 -62.02 -25.17
C SER H 40 58.18 -61.52 -26.42
N TYR H 41 57.72 -60.42 -27.03
CA TYR H 41 58.32 -59.92 -28.26
C TYR H 41 58.65 -58.44 -28.27
N ASN H 42 58.45 -57.72 -27.17
CA ASN H 42 58.80 -56.30 -27.13
C ASN H 42 60.32 -56.16 -27.14
N TRP H 43 60.87 -55.85 -28.32
CA TRP H 43 62.31 -55.92 -28.53
C TRP H 43 63.08 -54.91 -27.68
N LEU H 44 62.49 -53.74 -27.41
CA LEU H 44 63.08 -52.79 -26.49
C LEU H 44 63.13 -53.33 -25.07
N GLU H 45 62.08 -54.01 -24.64
CA GLU H 45 62.02 -54.56 -23.28
C GLU H 45 62.88 -55.81 -23.14
N ILE H 46 62.95 -56.64 -24.18
CA ILE H 46 63.87 -57.77 -24.20
C ILE H 46 65.32 -57.30 -24.02
N SER H 47 65.73 -56.27 -24.77
CA SER H 47 67.06 -55.71 -24.62
C SER H 47 67.33 -55.21 -23.21
N ALA H 48 66.32 -54.69 -22.52
CA ALA H 48 66.52 -54.17 -21.16
C ALA H 48 66.98 -55.27 -20.20
N ALA H 49 66.44 -56.49 -20.37
CA ALA H 49 66.90 -57.62 -19.57
C ALA H 49 68.24 -58.17 -20.07
N LYS H 50 68.35 -58.39 -21.39
CA LYS H 50 69.55 -59.00 -21.97
C LYS H 50 70.81 -58.24 -21.59
N TYR H 51 70.74 -56.91 -21.55
CA TYR H 51 71.86 -56.06 -21.14
C TYR H 51 71.73 -55.53 -19.73
N ASN H 52 70.70 -55.95 -18.97
CA ASN H 52 70.52 -55.58 -17.57
C ASN H 52 70.43 -54.06 -17.36
N ARG H 53 70.00 -53.34 -18.39
CA ARG H 53 69.80 -51.91 -18.29
C ARG H 53 68.64 -51.56 -17.35
N VAL H 54 67.73 -52.53 -17.12
CA VAL H 54 66.67 -52.39 -16.14
C VAL H 54 67.24 -52.13 -14.74
N ALA H 55 66.43 -51.48 -13.90
CA ALA H 55 66.83 -51.00 -12.58
C ALA H 55 68.10 -50.14 -12.65
N FME I 1 27.44 -75.96 -63.72
CN FME I 1 26.21 -75.52 -64.13
O1 FME I 1 25.92 -74.32 -64.27
CA FME I 1 28.54 -75.11 -63.39
CB FME I 1 29.70 -75.86 -62.70
CG FME I 1 30.37 -76.81 -63.66
SD FME I 1 31.80 -77.48 -62.86
CE FME I 1 32.82 -76.06 -62.68
C FME I 1 29.15 -74.39 -64.59
O FME I 1 29.87 -73.39 -64.49
N SER I 2 28.82 -74.90 -65.77
CA SER I 2 29.43 -74.46 -67.02
C SER I 2 29.03 -73.03 -67.38
N LYS I 3 27.94 -72.56 -66.76
CA LYS I 3 27.38 -71.24 -67.03
C LYS I 3 27.43 -70.29 -65.83
N PHE I 4 28.18 -70.63 -64.78
CA PHE I 4 28.48 -69.66 -63.73
C PHE I 4 29.16 -68.40 -64.28
N TYR I 5 29.85 -68.49 -65.42
CA TYR I 5 30.46 -67.30 -66.02
C TYR I 5 29.45 -66.21 -66.35
N LYS I 6 28.17 -66.54 -66.48
CA LYS I 6 27.14 -65.54 -66.73
C LYS I 6 26.88 -64.61 -65.54
N ILE I 7 27.47 -64.89 -64.37
CA ILE I 7 27.56 -63.91 -63.30
C ILE I 7 28.12 -62.58 -63.78
N TRP I 8 29.10 -62.62 -64.68
CA TRP I 8 29.73 -61.40 -65.16
C TRP I 8 28.88 -60.67 -66.19
N MET I 9 27.85 -61.32 -66.71
CA MET I 9 26.87 -60.68 -67.58
C MET I 9 25.81 -59.91 -66.81
N ILE I 10 25.68 -60.15 -65.50
CA ILE I 10 24.67 -59.51 -64.68
C ILE I 10 25.28 -58.59 -63.62
N PHE I 11 26.44 -58.93 -63.06
CA PHE I 11 27.13 -58.07 -62.10
C PHE I 11 28.36 -57.39 -62.70
N ASP I 12 28.49 -56.10 -62.42
CA ASP I 12 29.68 -55.33 -62.78
C ASP I 12 30.93 -55.94 -62.14
N PRO I 13 31.99 -56.18 -62.91
CA PRO I 13 33.15 -56.91 -62.36
C PRO I 13 33.90 -56.15 -61.27
N ARG I 14 33.94 -54.83 -61.30
CA ARG I 14 34.63 -54.08 -60.25
C ARG I 14 33.92 -54.24 -58.92
N ARG I 15 32.59 -54.09 -58.92
CA ARG I 15 31.80 -54.21 -57.70
C ARG I 15 31.94 -55.60 -57.07
N VAL I 16 32.02 -56.63 -57.90
CA VAL I 16 32.22 -58.00 -57.40
C VAL I 16 33.61 -58.17 -56.78
N PHE I 17 34.67 -57.77 -57.50
CA PHE I 17 36.03 -57.92 -56.98
C PHE I 17 36.25 -57.09 -55.71
N VAL I 18 35.70 -55.87 -55.65
CA VAL I 18 35.78 -55.10 -54.41
C VAL I 18 35.01 -55.77 -53.28
N ALA I 19 33.74 -56.10 -53.52
CA ALA I 19 32.91 -56.71 -52.47
C ALA I 19 33.52 -57.99 -51.93
N GLN I 20 34.15 -58.78 -52.79
CA GLN I 20 34.76 -60.03 -52.37
C GLN I 20 36.11 -59.81 -51.69
N GLY I 21 36.90 -58.85 -52.18
CA GLY I 21 38.09 -58.44 -51.44
C GLY I 21 37.80 -57.94 -50.05
N VAL I 22 36.82 -57.03 -49.93
CA VAL I 22 36.41 -56.51 -48.62
C VAL I 22 36.00 -57.66 -47.69
N PHE I 23 35.17 -58.56 -48.19
CA PHE I 23 34.71 -59.70 -47.40
C PHE I 23 35.88 -60.54 -46.88
N LEU I 24 36.77 -60.97 -47.76
CA LEU I 24 37.86 -61.86 -47.38
C LEU I 24 38.81 -61.22 -46.38
N PHE I 25 39.08 -59.92 -46.51
CA PHE I 25 39.88 -59.21 -45.51
C PHE I 25 39.25 -59.27 -44.13
N LEU I 26 38.00 -58.84 -44.01
CA LEU I 26 37.34 -58.78 -42.71
C LEU I 26 37.20 -60.16 -42.08
N LEU I 27 36.88 -61.18 -42.88
CA LEU I 27 36.80 -62.54 -42.39
C LEU I 27 38.14 -63.04 -41.88
N ALA I 28 39.20 -62.87 -42.66
CA ALA I 28 40.54 -63.34 -42.27
C ALA I 28 41.02 -62.70 -40.97
N VAL I 29 40.84 -61.38 -40.83
CA VAL I 29 41.22 -60.72 -39.57
C VAL I 29 40.39 -61.24 -38.41
N MET I 30 39.09 -61.41 -38.62
CA MET I 30 38.22 -61.92 -37.56
C MET I 30 38.68 -63.29 -37.03
N ILE I 31 39.04 -64.20 -37.93
CA ILE I 31 39.49 -65.52 -37.48
C ILE I 31 40.83 -65.45 -36.76
N HIS I 32 41.79 -64.68 -37.27
CA HIS I 32 43.04 -64.51 -36.54
C HIS I 32 42.82 -63.89 -35.16
N LEU I 33 41.89 -62.94 -35.04
CA LEU I 33 41.57 -62.37 -33.74
C LEU I 33 40.87 -63.36 -32.82
N ILE I 34 39.99 -64.20 -33.37
CA ILE I 34 39.38 -65.28 -32.59
C ILE I 34 40.45 -66.24 -32.06
N LEU I 35 41.48 -66.54 -32.85
CA LEU I 35 42.52 -67.45 -32.39
C LEU I 35 43.48 -66.81 -31.39
N LEU I 36 43.84 -65.54 -31.61
CA LEU I 36 44.59 -64.81 -30.58
C LEU I 36 43.82 -64.72 -29.28
N SER I 37 42.50 -64.55 -29.36
CA SER I 37 41.63 -64.55 -28.18
C SER I 37 41.39 -65.94 -27.61
N THR I 38 41.98 -66.99 -28.19
CA THR I 38 41.79 -68.34 -27.68
C THR I 38 43.07 -68.82 -27.01
N PRO I 39 43.06 -69.07 -25.70
CA PRO I 39 44.30 -69.36 -24.98
C PRO I 39 45.08 -70.55 -25.53
N SER I 40 44.39 -71.52 -26.12
CA SER I 40 45.04 -72.73 -26.63
C SER I 40 45.61 -72.55 -28.04
N TYR I 41 45.34 -71.44 -28.71
CA TYR I 41 45.78 -71.24 -30.08
C TYR I 41 46.54 -69.94 -30.32
N ASN I 42 46.63 -69.05 -29.35
CA ASN I 42 47.49 -67.88 -29.47
C ASN I 42 48.94 -68.32 -29.64
N TRP I 43 49.43 -68.23 -30.88
CA TRP I 43 50.78 -68.74 -31.19
C TRP I 43 51.87 -67.97 -30.45
N LEU I 44 51.66 -66.68 -30.18
CA LEU I 44 52.68 -65.92 -29.45
C LEU I 44 52.78 -66.36 -27.99
N GLU I 45 51.64 -66.58 -27.33
CA GLU I 45 51.67 -67.06 -25.95
C GLU I 45 52.06 -68.53 -25.85
N ILE I 46 51.76 -69.33 -26.87
CA ILE I 46 52.25 -70.71 -26.93
C ILE I 46 53.77 -70.75 -26.94
N SER I 47 54.38 -70.10 -27.93
CA SER I 47 55.84 -70.08 -28.02
C SER I 47 56.50 -69.43 -26.81
N ALA I 48 55.82 -68.46 -26.18
CA ALA I 48 56.37 -67.87 -24.97
C ALA I 48 56.51 -68.90 -23.85
N ALA I 49 55.51 -69.77 -23.70
CA ALA I 49 55.62 -70.86 -22.73
C ALA I 49 56.65 -71.90 -23.17
N LYS I 50 56.61 -72.29 -24.45
CA LYS I 50 57.50 -73.33 -24.96
C LYS I 50 58.97 -73.00 -24.72
N TYR I 51 59.34 -71.72 -24.74
CA TYR I 51 60.72 -71.28 -24.59
C TYR I 51 60.97 -70.47 -23.33
N ASN I 52 60.04 -70.51 -22.36
CA ASN I 52 60.20 -69.86 -21.06
C ASN I 52 60.46 -68.36 -21.18
N ARG I 53 59.84 -67.73 -22.17
CA ARG I 53 59.80 -66.28 -22.26
C ARG I 53 58.72 -65.74 -21.33
N VAL I 54 58.80 -64.44 -21.03
CA VAL I 54 57.75 -63.81 -20.24
C VAL I 54 56.43 -63.84 -20.99
N ALA I 55 55.39 -64.32 -20.32
CA ALA I 55 54.15 -64.69 -20.99
C ALA I 55 52.93 -64.30 -20.15
N FME J 1 5.66 -75.69 -59.52
CN FME J 1 4.89 -74.66 -60.02
O1 FME J 1 5.33 -73.53 -60.30
CA FME J 1 7.06 -75.60 -59.25
CB FME J 1 7.59 -76.93 -58.65
CG FME J 1 9.07 -77.19 -58.79
SD FME J 1 9.41 -78.03 -60.31
CE FME J 1 9.65 -79.68 -59.77
C FME J 1 7.89 -75.23 -60.47
O FME J 1 8.88 -74.50 -60.44
N SER J 2 7.45 -75.78 -61.62
CA SER J 2 8.19 -75.64 -62.87
C SER J 2 8.27 -74.19 -63.32
N LYS J 3 7.35 -73.36 -62.85
CA LYS J 3 7.32 -71.94 -63.16
C LYS J 3 8.04 -71.06 -62.13
N PHE J 4 8.71 -71.63 -61.12
CA PHE J 4 9.39 -70.83 -60.11
C PHE J 4 10.33 -69.79 -60.71
N TYR J 5 10.98 -70.10 -61.83
CA TYR J 5 11.89 -69.17 -62.51
C TYR J 5 11.26 -67.83 -62.87
N LYS J 6 9.93 -67.76 -63.01
CA LYS J 6 9.26 -66.48 -63.26
C LYS J 6 9.39 -65.49 -62.10
N ILE J 7 9.94 -65.91 -60.95
CA ILE J 7 10.39 -64.96 -59.92
C ILE J 7 11.35 -63.90 -60.47
N TRP J 8 12.18 -64.26 -61.46
CA TRP J 8 13.12 -63.30 -62.03
C TRP J 8 12.46 -62.30 -62.97
N MET J 9 11.17 -62.47 -63.27
CA MET J 9 10.39 -61.42 -63.89
C MET J 9 9.87 -60.42 -62.87
N ILE J 10 9.84 -60.80 -61.60
CA ILE J 10 9.32 -59.96 -60.53
C ILE J 10 10.42 -59.20 -59.80
N PHE J 11 11.58 -59.82 -59.57
CA PHE J 11 12.66 -59.22 -58.81
C PHE J 11 13.94 -59.12 -59.63
N ASP J 12 14.59 -57.96 -59.55
CA ASP J 12 15.89 -57.70 -60.16
C ASP J 12 16.91 -58.62 -59.48
N PRO J 13 17.48 -59.58 -60.22
CA PRO J 13 18.32 -60.59 -59.57
C PRO J 13 19.61 -60.05 -58.97
N ARG J 14 20.07 -58.86 -59.39
CA ARG J 14 21.21 -58.23 -58.71
C ARG J 14 20.88 -57.94 -57.25
N ARG J 15 19.70 -57.36 -57.01
CA ARG J 15 19.28 -57.05 -55.65
C ARG J 15 19.02 -58.31 -54.83
N VAL J 16 18.44 -59.34 -55.44
CA VAL J 16 18.21 -60.60 -54.73
C VAL J 16 19.52 -61.28 -54.37
N PHE J 17 20.48 -61.32 -55.32
CA PHE J 17 21.75 -61.99 -55.04
C PHE J 17 22.56 -61.26 -53.96
N VAL J 18 22.58 -59.92 -53.99
CA VAL J 18 23.19 -59.16 -52.90
C VAL J 18 22.50 -59.44 -51.57
N ALA J 19 21.16 -59.33 -51.54
CA ALA J 19 20.42 -59.55 -50.31
C ALA J 19 20.60 -60.97 -49.78
N GLN J 20 20.59 -61.96 -50.67
CA GLN J 20 20.76 -63.34 -50.26
C GLN J 20 22.15 -63.61 -49.67
N GLY J 21 23.18 -63.06 -50.31
CA GLY J 21 24.54 -63.26 -49.81
C GLY J 21 24.75 -62.79 -48.39
N VAL J 22 24.30 -61.57 -48.07
CA VAL J 22 24.48 -61.07 -46.71
C VAL J 22 23.56 -61.78 -45.73
N PHE J 23 22.39 -62.22 -46.17
CA PHE J 23 21.53 -63.04 -45.32
C PHE J 23 22.22 -64.35 -44.91
N LEU J 24 22.74 -65.08 -45.90
CA LEU J 24 23.41 -66.35 -45.61
C LEU J 24 24.62 -66.17 -44.70
N PHE J 25 25.46 -65.18 -44.98
CA PHE J 25 26.66 -64.98 -44.16
C PHE J 25 26.34 -64.60 -42.72
N LEU J 26 25.40 -63.66 -42.52
CA LEU J 26 25.01 -63.31 -41.16
C LEU J 26 24.41 -64.50 -40.42
N LEU J 27 23.59 -65.30 -41.10
CA LEU J 27 23.00 -66.48 -40.47
C LEU J 27 24.07 -67.47 -40.05
N ALA J 28 25.00 -67.79 -40.95
CA ALA J 28 26.09 -68.71 -40.65
C ALA J 28 27.00 -68.20 -39.53
N VAL J 29 27.37 -66.92 -39.57
CA VAL J 29 28.16 -66.33 -38.49
C VAL J 29 27.44 -66.41 -37.15
N MET J 30 26.14 -66.16 -37.13
CA MET J 30 25.38 -66.29 -35.89
C MET J 30 25.39 -67.72 -35.36
N ILE J 31 25.19 -68.72 -36.22
CA ILE J 31 25.21 -70.10 -35.77
C ILE J 31 26.58 -70.52 -35.22
N HIS J 32 27.68 -70.17 -35.91
CA HIS J 32 29.00 -70.48 -35.37
C HIS J 32 29.26 -69.81 -34.01
N LEU J 33 28.89 -68.53 -33.87
CA LEU J 33 29.03 -67.86 -32.57
C LEU J 33 28.13 -68.44 -31.49
N ILE J 34 26.93 -68.90 -31.84
CA ILE J 34 26.10 -69.64 -30.88
C ILE J 34 26.81 -70.90 -30.39
N LEU J 35 27.43 -71.64 -31.31
CA LEU J 35 28.12 -72.88 -30.93
C LEU J 35 29.41 -72.61 -30.15
N LEU J 36 30.16 -71.56 -30.51
CA LEU J 36 31.30 -71.19 -29.67
C LEU J 36 30.87 -70.75 -28.27
N SER J 37 29.72 -70.09 -28.15
CA SER J 37 29.24 -69.74 -26.83
C SER J 37 28.78 -70.97 -26.06
N THR J 38 28.37 -72.02 -26.77
CA THR J 38 27.89 -73.27 -26.19
C THR J 38 29.05 -74.14 -25.73
N PRO J 39 29.25 -74.29 -24.42
CA PRO J 39 30.47 -74.98 -23.94
C PRO J 39 30.61 -76.41 -24.46
N SER J 40 29.50 -77.12 -24.60
CA SER J 40 29.51 -78.49 -25.13
C SER J 40 29.82 -78.57 -26.62
N TYR J 41 29.88 -77.44 -27.33
CA TYR J 41 30.11 -77.45 -28.76
C TYR J 41 31.22 -76.51 -29.22
N ASN J 42 31.86 -75.77 -28.31
CA ASN J 42 33.01 -74.94 -28.67
C ASN J 42 34.17 -75.85 -29.04
N TRP J 43 34.37 -76.04 -30.35
CA TRP J 43 35.40 -76.95 -30.85
C TRP J 43 36.80 -76.51 -30.44
N LEU J 44 37.03 -75.21 -30.29
CA LEU J 44 38.34 -74.72 -29.86
C LEU J 44 38.65 -75.12 -28.42
N GLU J 45 37.63 -75.17 -27.56
CA GLU J 45 37.83 -75.65 -26.20
C GLU J 45 37.84 -77.17 -26.11
N ILE J 46 37.03 -77.84 -26.93
CA ILE J 46 36.98 -79.30 -26.91
C ILE J 46 38.35 -79.90 -27.21
N SER J 47 39.02 -79.40 -28.25
CA SER J 47 40.37 -79.84 -28.56
C SER J 47 41.37 -79.46 -27.47
N ALA J 48 41.20 -78.29 -26.86
CA ALA J 48 42.09 -77.88 -25.78
C ALA J 48 42.07 -78.88 -24.61
N ALA J 49 40.89 -79.37 -24.25
CA ALA J 49 40.81 -80.37 -23.18
C ALA J 49 41.29 -81.73 -23.66
N LYS J 50 40.96 -82.11 -24.89
CA LYS J 50 41.40 -83.39 -25.45
C LYS J 50 42.91 -83.53 -25.47
N TYR J 51 43.63 -82.44 -25.72
CA TYR J 51 45.09 -82.46 -25.84
C TYR J 51 45.82 -81.78 -24.69
N ASN J 52 45.11 -81.39 -23.62
CA ASN J 52 45.72 -80.76 -22.44
C ASN J 52 46.53 -79.51 -22.79
N ARG J 53 45.96 -78.65 -23.62
CA ARG J 53 46.64 -77.45 -24.08
C ARG J 53 46.55 -76.29 -23.09
N VAL J 54 45.68 -76.39 -22.08
CA VAL J 54 45.70 -75.50 -20.93
C VAL J 54 46.12 -76.30 -19.71
N ALA J 55 46.97 -75.72 -18.88
CA ALA J 55 47.58 -76.39 -17.75
C ALA J 55 48.29 -77.67 -18.18
N FME K 1 -12.62 -70.09 -52.67
CN FME K 1 -12.65 -68.80 -53.13
O1 FME K 1 -11.68 -68.23 -53.63
CA FME K 1 -11.48 -70.97 -52.68
CB FME K 1 -11.89 -72.38 -52.19
CG FME K 1 -10.83 -73.46 -52.18
SD FME K 1 -10.74 -74.25 -53.76
CE FME K 1 -10.03 -75.80 -53.35
C FME K 1 -10.80 -71.07 -54.05
O FME K 1 -9.59 -71.29 -54.19
N SER K 2 -11.59 -70.88 -55.09
CA SER K 2 -11.11 -70.81 -56.47
C SER K 2 -10.68 -69.39 -56.88
N LYS K 3 -11.43 -68.40 -56.41
CA LYS K 3 -11.25 -67.00 -56.82
C LYS K 3 -10.14 -66.26 -56.07
N PHE K 4 -9.55 -66.87 -55.04
CA PHE K 4 -8.49 -66.25 -54.24
C PHE K 4 -7.42 -65.55 -55.09
N TYR K 5 -7.10 -66.08 -56.26
CA TYR K 5 -6.05 -65.51 -57.12
C TYR K 5 -6.23 -64.02 -57.42
N LYS K 6 -7.46 -63.51 -57.41
CA LYS K 6 -7.71 -62.10 -57.66
C LYS K 6 -7.07 -61.16 -56.63
N ILE K 7 -6.61 -61.69 -55.49
CA ILE K 7 -5.79 -60.90 -54.56
C ILE K 7 -4.55 -60.31 -55.24
N TRP K 8 -3.97 -61.00 -56.23
CA TRP K 8 -2.83 -60.46 -56.94
C TRP K 8 -3.19 -59.32 -57.89
N MET K 9 -4.47 -59.10 -58.14
CA MET K 9 -4.93 -57.91 -58.84
C MET K 9 -5.00 -56.71 -57.90
N ILE K 10 -4.91 -56.94 -56.59
CA ILE K 10 -4.99 -55.90 -55.57
C ILE K 10 -3.61 -55.49 -55.04
N PHE K 11 -2.74 -56.45 -54.73
CA PHE K 11 -1.42 -56.17 -54.19
C PHE K 11 -0.28 -56.56 -55.14
N ASP K 12 0.69 -55.66 -55.25
CA ASP K 12 1.91 -55.85 -56.04
C ASP K 12 2.70 -57.03 -55.48
N PRO K 13 2.90 -58.11 -56.25
CA PRO K 13 3.62 -59.27 -55.71
C PRO K 13 4.99 -58.96 -55.11
N ARG K 14 5.72 -57.98 -55.65
CA ARG K 14 7.02 -57.61 -55.07
C ARG K 14 6.88 -57.26 -53.59
N ARG K 15 5.92 -56.39 -53.26
CA ARG K 15 5.74 -55.98 -51.87
C ARG K 15 5.31 -57.16 -51.00
N VAL K 16 4.31 -57.92 -51.45
CA VAL K 16 3.80 -59.05 -50.69
C VAL K 16 4.87 -60.10 -50.48
N PHE K 17 5.63 -60.41 -51.53
CA PHE K 17 6.67 -61.44 -51.44
C PHE K 17 7.77 -61.05 -50.44
N VAL K 18 8.25 -59.82 -50.50
CA VAL K 18 9.21 -59.33 -49.51
C VAL K 18 8.60 -59.33 -48.11
N ALA K 19 7.36 -58.85 -47.97
CA ALA K 19 6.74 -58.74 -46.65
C ALA K 19 6.55 -60.11 -46.00
N GLN K 20 6.05 -61.10 -46.74
CA GLN K 20 5.91 -62.44 -46.18
C GLN K 20 7.28 -63.10 -45.94
N GLY K 21 8.26 -62.81 -46.79
CA GLY K 21 9.60 -63.31 -46.54
C GLY K 21 10.20 -62.83 -45.23
N VAL K 22 10.13 -61.52 -44.98
CA VAL K 22 10.60 -60.99 -43.70
C VAL K 22 9.77 -61.51 -42.54
N PHE K 23 8.45 -61.59 -42.70
CA PHE K 23 7.59 -62.11 -41.64
C PHE K 23 7.98 -63.52 -41.23
N LEU K 24 8.08 -64.43 -42.20
CA LEU K 24 8.41 -65.81 -41.90
C LEU K 24 9.77 -65.96 -41.23
N PHE K 25 10.78 -65.22 -41.69
CA PHE K 25 12.08 -65.27 -41.04
C PHE K 25 12.03 -64.77 -39.60
N LEU K 26 11.48 -63.57 -39.38
CA LEU K 26 11.42 -63.02 -38.02
C LEU K 26 10.56 -63.86 -37.09
N LEU K 27 9.51 -64.50 -37.61
CA LEU K 27 8.72 -65.41 -36.78
C LEU K 27 9.50 -66.67 -36.45
N ALA K 28 10.13 -67.29 -37.45
CA ALA K 28 10.91 -68.51 -37.23
C ALA K 28 12.04 -68.29 -36.22
N VAL K 29 12.82 -67.22 -36.40
CA VAL K 29 13.89 -66.89 -35.46
C VAL K 29 13.35 -66.70 -34.05
N MET K 30 12.27 -65.94 -33.92
CA MET K 30 11.63 -65.76 -32.61
C MET K 30 11.29 -67.09 -31.94
N ILE K 31 10.71 -68.03 -32.69
CA ILE K 31 10.35 -69.33 -32.09
C ILE K 31 11.59 -70.11 -31.68
N HIS K 32 12.60 -70.22 -32.55
CA HIS K 32 13.83 -70.92 -32.17
C HIS K 32 14.49 -70.30 -30.94
N LEU K 33 14.43 -68.97 -30.81
CA LEU K 33 14.98 -68.31 -29.63
C LEU K 33 14.16 -68.57 -28.36
N ILE K 34 12.84 -68.63 -28.49
CA ILE K 34 12.00 -69.10 -27.39
C ILE K 34 12.35 -70.51 -26.96
N LEU K 35 12.70 -71.37 -27.92
CA LEU K 35 13.06 -72.74 -27.58
C LEU K 35 14.46 -72.84 -26.97
N LEU K 36 15.45 -72.16 -27.56
CA LEU K 36 16.78 -72.13 -26.96
C LEU K 36 16.78 -71.56 -25.55
N SER K 37 15.88 -70.62 -25.25
CA SER K 37 15.80 -70.10 -23.89
C SER K 37 15.00 -71.00 -22.96
N THR K 38 14.16 -71.88 -23.50
CA THR K 38 13.41 -72.85 -22.72
C THR K 38 14.29 -74.05 -22.35
N PRO K 39 14.59 -74.26 -21.07
CA PRO K 39 15.52 -75.32 -20.71
C PRO K 39 15.05 -76.71 -21.10
N SER K 40 13.73 -76.95 -21.02
CA SER K 40 13.17 -78.25 -21.41
C SER K 40 13.21 -78.49 -22.91
N TYR K 41 13.57 -77.49 -23.71
CA TYR K 41 13.58 -77.64 -25.16
C TYR K 41 14.86 -77.14 -25.84
N ASN K 42 15.85 -76.66 -25.09
CA ASN K 42 17.14 -76.29 -25.67
C ASN K 42 17.87 -77.57 -26.05
N TRP K 43 17.86 -77.89 -27.36
CA TRP K 43 18.46 -79.12 -27.85
C TRP K 43 19.96 -79.21 -27.60
N LEU K 44 20.66 -78.07 -27.59
CA LEU K 44 22.09 -78.08 -27.28
C LEU K 44 22.37 -78.50 -25.84
N GLU K 45 21.59 -77.99 -24.88
CA GLU K 45 21.76 -78.42 -23.49
C GLU K 45 21.16 -79.80 -23.22
N ILE K 46 20.16 -80.22 -24.00
CA ILE K 46 19.65 -81.59 -23.87
C ILE K 46 20.72 -82.60 -24.25
N SER K 47 21.24 -82.51 -25.47
CA SER K 47 22.23 -83.47 -25.94
C SER K 47 23.51 -83.44 -25.12
N ALA K 48 23.82 -82.30 -24.47
CA ALA K 48 24.97 -82.25 -23.58
C ALA K 48 24.80 -83.19 -22.39
N ALA K 49 23.59 -83.26 -21.84
CA ALA K 49 23.32 -84.21 -20.75
C ALA K 49 23.25 -85.64 -21.27
N LYS K 50 22.51 -85.85 -22.36
CA LYS K 50 22.32 -87.19 -22.91
C LYS K 50 23.63 -87.89 -23.23
N TYR K 51 24.66 -87.15 -23.62
CA TYR K 51 25.98 -87.71 -23.90
C TYR K 51 27.02 -87.36 -22.84
N ASN K 52 26.60 -86.87 -21.68
CA ASN K 52 27.50 -86.57 -20.55
C ASN K 52 28.66 -85.65 -20.94
N ARG K 53 28.38 -84.72 -21.85
CA ARG K 53 29.37 -83.73 -22.27
C ARG K 53 29.56 -82.61 -21.25
N VAL K 54 28.74 -82.57 -20.20
CA VAL K 54 28.80 -81.50 -19.21
C VAL K 54 30.09 -81.50 -18.40
N ALA K 55 30.83 -82.61 -18.38
CA ALA K 55 32.09 -82.66 -17.64
C ALA K 55 33.24 -82.08 -18.45
N FME L 1 -28.17 -57.57 -43.89
CN FME L 1 -28.15 -56.22 -44.20
O1 FME L 1 -27.21 -55.66 -44.80
CA FME L 1 -27.15 -58.52 -44.22
CB FME L 1 -27.59 -59.97 -43.93
CG FME L 1 -28.46 -60.06 -42.71
SD FME L 1 -29.37 -61.59 -42.81
CE FME L 1 -28.15 -62.73 -43.31
C FME L 1 -26.70 -58.48 -45.67
O FME L 1 -25.54 -58.66 -46.05
N SER L 2 -27.69 -58.23 -46.53
CA SER L 2 -27.51 -58.27 -47.98
C SER L 2 -26.62 -57.15 -48.52
N LYS L 3 -26.54 -56.02 -47.81
CA LYS L 3 -25.86 -54.83 -48.29
C LYS L 3 -24.51 -54.56 -47.65
N PHE L 4 -24.07 -55.37 -46.67
CA PHE L 4 -22.79 -55.12 -46.01
C PHE L 4 -21.62 -55.07 -46.98
N TYR L 5 -21.73 -55.73 -48.14
CA TYR L 5 -20.71 -55.65 -49.19
C TYR L 5 -20.41 -54.23 -49.67
N LYS L 6 -21.33 -53.29 -49.51
CA LYS L 6 -21.08 -51.90 -49.88
C LYS L 6 -19.97 -51.24 -49.07
N ILE L 7 -19.48 -51.89 -48.01
CA ILE L 7 -18.27 -51.46 -47.32
C ILE L 7 -17.08 -51.35 -48.27
N TRP L 8 -17.00 -52.20 -49.29
CA TRP L 8 -15.93 -52.10 -50.28
C TRP L 8 -16.07 -50.93 -51.25
N MET L 9 -17.23 -50.26 -51.27
CA MET L 9 -17.40 -49.01 -52.01
C MET L 9 -16.96 -47.82 -51.18
N ILE L 10 -16.71 -48.03 -49.89
CA ILE L 10 -16.28 -46.99 -48.96
C ILE L 10 -14.80 -47.11 -48.63
N PHE L 11 -14.34 -48.31 -48.30
CA PHE L 11 -12.94 -48.57 -47.95
C PHE L 11 -12.24 -49.36 -49.04
N ASP L 12 -11.10 -48.86 -49.50
CA ASP L 12 -10.31 -49.49 -50.56
C ASP L 12 -9.64 -50.75 -50.03
N PRO L 13 -9.94 -51.93 -50.59
CA PRO L 13 -9.52 -53.20 -49.97
C PRO L 13 -8.03 -53.31 -49.66
N ARG L 14 -7.15 -52.62 -50.41
CA ARG L 14 -5.73 -52.60 -50.07
C ARG L 14 -5.50 -52.15 -48.64
N ARG L 15 -6.03 -50.97 -48.27
CA ARG L 15 -5.85 -50.46 -46.92
C ARG L 15 -6.53 -51.37 -45.89
N VAL L 16 -7.68 -51.93 -46.23
CA VAL L 16 -8.42 -52.79 -45.30
C VAL L 16 -7.64 -54.06 -44.99
N PHE L 17 -7.14 -54.73 -46.03
CA PHE L 17 -6.44 -56.00 -45.85
C PHE L 17 -5.11 -55.85 -45.10
N VAL L 18 -4.39 -54.75 -45.33
CA VAL L 18 -3.20 -54.47 -44.52
C VAL L 18 -3.59 -54.24 -43.06
N ALA L 19 -4.56 -53.37 -42.81
CA ALA L 19 -4.96 -53.06 -41.44
C ALA L 19 -5.49 -54.30 -40.72
N GLN L 20 -6.25 -55.12 -41.43
CA GLN L 20 -6.78 -56.36 -40.89
C GLN L 20 -5.67 -57.37 -40.61
N GLY L 21 -4.67 -57.47 -41.50
CA GLY L 21 -3.53 -58.34 -41.26
C GLY L 21 -2.76 -57.99 -40.01
N VAL L 22 -2.45 -56.71 -39.82
CA VAL L 22 -1.81 -56.26 -38.58
C VAL L 22 -2.70 -56.56 -37.38
N PHE L 23 -3.97 -56.19 -37.45
CA PHE L 23 -4.90 -56.38 -36.33
C PHE L 23 -4.96 -57.83 -35.88
N LEU L 24 -5.24 -58.74 -36.80
CA LEU L 24 -5.42 -60.15 -36.45
C LEU L 24 -4.13 -60.78 -35.93
N PHE L 25 -2.98 -60.46 -36.53
CA PHE L 25 -1.72 -61.00 -36.03
C PHE L 25 -1.42 -60.53 -34.62
N LEU L 26 -1.54 -59.22 -34.36
CA LEU L 26 -1.24 -58.70 -33.03
C LEU L 26 -2.23 -59.22 -31.98
N LEU L 27 -3.47 -59.48 -32.38
CA LEU L 27 -4.45 -60.08 -31.48
C LEU L 27 -4.07 -61.51 -31.11
N ALA L 28 -3.71 -62.32 -32.10
CA ALA L 28 -3.18 -63.66 -31.82
C ALA L 28 -1.96 -63.61 -30.92
N VAL L 29 -1.03 -62.68 -31.18
CA VAL L 29 0.14 -62.54 -30.33
C VAL L 29 -0.24 -62.19 -28.89
N MET L 30 -1.20 -61.28 -28.71
CA MET L 30 -1.73 -61.02 -27.36
C MET L 30 -2.16 -62.29 -26.65
N ILE L 31 -3.01 -63.10 -27.30
CA ILE L 31 -3.61 -64.24 -26.64
C ILE L 31 -2.56 -65.30 -26.29
N HIS L 32 -1.69 -65.65 -27.25
CA HIS L 32 -0.65 -66.63 -26.93
C HIS L 32 0.28 -66.16 -25.81
N LEU L 33 0.62 -64.87 -25.78
CA LEU L 33 1.46 -64.35 -24.70
C LEU L 33 0.73 -64.35 -23.35
N ILE L 34 -0.57 -64.07 -23.35
CA ILE L 34 -1.36 -64.22 -22.12
C ILE L 34 -1.38 -65.66 -21.63
N LEU L 35 -1.48 -66.61 -22.57
CA LEU L 35 -1.47 -68.03 -22.18
C LEU L 35 -0.09 -68.49 -21.71
N LEU L 36 0.98 -68.11 -22.42
CA LEU L 36 2.33 -68.40 -21.93
C LEU L 36 2.59 -67.77 -20.57
N SER L 37 1.94 -66.65 -20.27
CA SER L 37 2.07 -66.03 -18.95
C SER L 37 1.27 -66.76 -17.88
N THR L 38 0.42 -67.71 -18.26
CA THR L 38 -0.56 -68.30 -17.36
C THR L 38 -0.11 -69.70 -16.96
N PRO L 39 0.16 -69.95 -15.68
CA PRO L 39 0.70 -71.26 -15.28
C PRO L 39 -0.15 -72.45 -15.72
N SER L 40 -1.47 -72.33 -15.68
CA SER L 40 -2.35 -73.41 -16.11
C SER L 40 -2.37 -73.63 -17.62
N TYR L 41 -1.79 -72.72 -18.41
CA TYR L 41 -1.84 -72.86 -19.86
C TYR L 41 -0.51 -72.78 -20.59
N ASN L 42 0.58 -72.42 -19.92
CA ASN L 42 1.88 -72.40 -20.58
C ASN L 42 2.23 -73.81 -21.03
N TRP L 43 1.98 -74.10 -22.31
CA TRP L 43 2.05 -75.47 -22.81
C TRP L 43 3.45 -76.06 -22.70
N LEU L 44 4.49 -75.23 -22.84
CA LEU L 44 5.85 -75.72 -22.70
C LEU L 44 6.14 -76.11 -21.25
N GLU L 45 5.66 -75.31 -20.30
CA GLU L 45 5.85 -75.61 -18.89
C GLU L 45 4.98 -76.77 -18.43
N ILE L 46 3.80 -76.93 -19.02
CA ILE L 46 2.96 -78.08 -18.73
C ILE L 46 3.60 -79.37 -19.23
N SER L 47 4.04 -79.38 -20.49
CA SER L 47 4.73 -80.54 -21.05
C SER L 47 5.96 -80.92 -20.23
N ALA L 48 6.70 -79.92 -19.73
CA ALA L 48 7.86 -80.21 -18.90
C ALA L 48 7.48 -81.02 -17.67
N ALA L 49 6.44 -80.59 -16.95
CA ALA L 49 5.95 -81.36 -15.81
C ALA L 49 5.45 -82.75 -16.21
N LYS L 50 4.64 -82.82 -17.26
CA LYS L 50 4.02 -84.08 -17.65
C LYS L 50 5.06 -85.14 -18.02
N TYR L 51 6.19 -84.74 -18.60
CA TYR L 51 7.26 -85.65 -18.94
C TYR L 51 8.49 -85.56 -18.04
N ASN L 52 8.35 -84.91 -16.87
CA ASN L 52 9.39 -84.82 -15.85
C ASN L 52 10.68 -84.14 -16.34
N ARG L 53 10.61 -83.34 -17.40
CA ARG L 53 11.80 -82.91 -18.11
C ARG L 53 12.67 -81.92 -17.35
N VAL L 54 12.20 -81.37 -16.23
CA VAL L 54 12.94 -80.37 -15.47
C VAL L 54 13.52 -81.02 -14.22
N ALA L 55 14.82 -80.79 -13.98
CA ALA L 55 15.56 -81.38 -12.86
C ALA L 55 15.42 -82.89 -12.82
N FME M 1 -36.15 -38.99 -34.65
CN FME M 1 -35.60 -37.85 -35.20
O1 FME M 1 -34.51 -37.83 -35.80
CA FME M 1 -35.54 -40.29 -34.69
CB FME M 1 -36.30 -41.33 -33.83
CG FME M 1 -35.45 -42.52 -33.53
SD FME M 1 -36.34 -43.52 -32.37
CE FME M 1 -35.45 -45.04 -32.44
C FME M 1 -35.44 -40.89 -36.10
O FME M 1 -34.55 -41.68 -36.45
N SER M 2 -36.39 -40.48 -36.93
CA SER M 2 -36.36 -40.81 -38.36
C SER M 2 -35.18 -40.15 -39.07
N LYS M 3 -34.93 -38.88 -38.74
CA LYS M 3 -33.90 -38.09 -39.41
C LYS M 3 -32.48 -38.39 -38.93
N PHE M 4 -32.27 -39.41 -38.10
CA PHE M 4 -30.91 -39.77 -37.69
C PHE M 4 -30.02 -40.11 -38.89
N TYR M 5 -30.62 -40.53 -40.00
CA TYR M 5 -29.91 -40.72 -41.26
C TYR M 5 -29.17 -39.47 -41.74
N LYS M 6 -29.58 -38.28 -41.29
CA LYS M 6 -28.91 -37.04 -41.69
C LYS M 6 -27.45 -36.99 -41.28
N ILE M 7 -27.05 -37.75 -40.25
CA ILE M 7 -25.67 -37.76 -39.79
C ILE M 7 -24.70 -38.00 -40.95
N TRP M 8 -25.08 -38.88 -41.88
CA TRP M 8 -24.22 -39.23 -43.00
C TRP M 8 -24.07 -38.12 -44.03
N MET M 9 -24.94 -37.11 -43.98
CA MET M 9 -24.75 -35.92 -44.81
C MET M 9 -23.69 -34.99 -44.23
N ILE M 10 -23.40 -35.10 -42.95
CA ILE M 10 -22.51 -34.18 -42.25
C ILE M 10 -21.15 -34.82 -41.99
N PHE M 11 -21.13 -36.05 -41.51
CA PHE M 11 -19.90 -36.78 -41.23
C PHE M 11 -19.63 -37.79 -42.34
N ASP M 12 -18.42 -37.76 -42.87
CA ASP M 12 -18.01 -38.71 -43.90
C ASP M 12 -18.06 -40.13 -43.36
N PRO M 13 -18.72 -41.06 -44.06
CA PRO M 13 -18.90 -42.42 -43.49
C PRO M 13 -17.59 -43.14 -43.23
N ARG M 14 -16.56 -42.93 -44.06
CA ARG M 14 -15.26 -43.54 -43.81
C ARG M 14 -14.72 -43.13 -42.45
N ARG M 15 -14.73 -41.83 -42.18
CA ARG M 15 -14.09 -41.25 -41.01
C ARG M 15 -14.91 -41.48 -39.75
N VAL M 16 -16.19 -41.83 -39.89
CA VAL M 16 -16.98 -42.35 -38.78
C VAL M 16 -16.72 -43.83 -38.54
N PHE M 17 -16.70 -44.64 -39.61
CA PHE M 17 -16.55 -46.08 -39.44
C PHE M 17 -15.20 -46.44 -38.82
N VAL M 18 -14.13 -45.75 -39.22
CA VAL M 18 -12.84 -45.89 -38.56
C VAL M 18 -12.96 -45.56 -37.07
N ALA M 19 -13.61 -44.45 -36.74
CA ALA M 19 -13.75 -44.04 -35.35
C ALA M 19 -14.55 -45.07 -34.54
N GLN M 20 -15.60 -45.64 -35.14
CA GLN M 20 -16.37 -46.67 -34.45
C GLN M 20 -15.56 -47.95 -34.25
N GLY M 21 -14.82 -48.38 -35.28
CA GLY M 21 -14.05 -49.61 -35.16
C GLY M 21 -13.01 -49.55 -34.06
N VAL M 22 -12.23 -48.48 -34.03
CA VAL M 22 -11.26 -48.27 -32.94
C VAL M 22 -11.96 -48.22 -31.59
N PHE M 23 -13.06 -47.47 -31.51
CA PHE M 23 -13.78 -47.32 -30.24
C PHE M 23 -14.28 -48.65 -29.70
N LEU M 24 -14.93 -49.47 -30.53
CA LEU M 24 -15.47 -50.74 -30.07
C LEU M 24 -14.37 -51.72 -29.63
N PHE M 25 -13.27 -51.80 -30.37
CA PHE M 25 -12.13 -52.61 -29.94
C PHE M 25 -11.63 -52.18 -28.57
N LEU M 26 -11.39 -50.88 -28.39
CA LEU M 26 -10.89 -50.37 -27.11
C LEU M 26 -11.84 -50.68 -25.95
N LEU M 27 -13.14 -50.47 -26.16
CA LEU M 27 -14.11 -50.74 -25.12
C LEU M 27 -14.15 -52.22 -24.74
N ALA M 28 -14.21 -53.10 -25.74
CA ALA M 28 -14.20 -54.53 -25.48
C ALA M 28 -12.94 -54.98 -24.74
N VAL M 29 -11.76 -54.59 -25.24
CA VAL M 29 -10.50 -54.98 -24.59
C VAL M 29 -10.41 -54.43 -23.17
N MET M 30 -10.81 -53.18 -22.97
CA MET M 30 -10.82 -52.63 -21.62
C MET M 30 -11.67 -53.46 -20.66
N ILE M 31 -12.85 -53.89 -21.09
CA ILE M 31 -13.70 -54.71 -20.22
C ILE M 31 -13.07 -56.08 -19.95
N HIS M 32 -12.61 -56.78 -21.00
CA HIS M 32 -11.94 -58.06 -20.78
C HIS M 32 -10.73 -57.92 -19.84
N LEU M 33 -9.93 -56.86 -20.01
CA LEU M 33 -8.79 -56.62 -19.11
C LEU M 33 -9.22 -56.35 -17.68
N ILE M 34 -10.32 -55.61 -17.49
CA ILE M 34 -10.87 -55.41 -16.15
C ILE M 34 -11.35 -56.73 -15.55
N LEU M 35 -11.98 -57.58 -16.35
CA LEU M 35 -12.48 -58.85 -15.84
C LEU M 35 -11.33 -59.76 -15.41
N LEU M 36 -10.30 -59.88 -16.25
CA LEU M 36 -9.10 -60.61 -15.86
C LEU M 36 -8.44 -60.01 -14.62
N SER M 37 -8.55 -58.69 -14.45
CA SER M 37 -7.97 -58.04 -13.27
C SER M 37 -8.70 -58.39 -11.98
N THR M 38 -9.94 -58.89 -12.06
CA THR M 38 -10.63 -59.35 -10.86
C THR M 38 -10.59 -60.86 -10.77
N PRO M 39 -10.16 -61.43 -9.64
CA PRO M 39 -10.22 -62.90 -9.49
C PRO M 39 -11.64 -63.44 -9.58
N SER M 40 -12.62 -62.64 -9.17
CA SER M 40 -14.03 -62.99 -9.30
C SER M 40 -14.43 -63.39 -10.72
N TYR M 41 -13.75 -62.86 -11.74
CA TYR M 41 -14.09 -63.21 -13.12
C TYR M 41 -12.90 -63.58 -14.01
N ASN M 42 -11.72 -63.81 -13.44
CA ASN M 42 -10.59 -64.25 -14.25
C ASN M 42 -10.84 -65.70 -14.65
N TRP M 43 -11.38 -65.90 -15.86
CA TRP M 43 -11.80 -67.23 -16.30
C TRP M 43 -10.66 -68.24 -16.37
N LEU M 44 -9.41 -67.78 -16.49
CA LEU M 44 -8.28 -68.70 -16.44
C LEU M 44 -8.05 -69.25 -15.04
N GLU M 45 -8.14 -68.41 -14.01
CA GLU M 45 -7.85 -68.86 -12.65
C GLU M 45 -9.04 -69.54 -11.98
N ILE M 46 -10.26 -69.15 -12.34
CA ILE M 46 -11.43 -69.96 -12.02
C ILE M 46 -11.25 -71.39 -12.53
N SER M 47 -10.84 -71.52 -13.79
CA SER M 47 -10.62 -72.85 -14.38
C SER M 47 -9.46 -73.59 -13.72
N ALA M 48 -8.38 -72.87 -13.37
CA ALA M 48 -7.23 -73.53 -12.76
C ALA M 48 -7.60 -74.25 -11.48
N ALA M 49 -8.40 -73.61 -10.62
CA ALA M 49 -8.85 -74.27 -9.40
C ALA M 49 -9.83 -75.39 -9.72
N LYS M 50 -10.86 -75.09 -10.52
CA LYS M 50 -11.90 -76.06 -10.87
C LYS M 50 -11.32 -77.38 -11.36
N TYR M 51 -10.32 -77.33 -12.22
CA TYR M 51 -9.69 -78.52 -12.77
C TYR M 51 -8.40 -78.92 -12.04
N ASN M 52 -8.05 -78.24 -10.96
CA ASN M 52 -6.88 -78.57 -10.13
C ASN M 52 -5.59 -78.64 -10.96
N ARG M 53 -5.35 -77.59 -11.75
CA ARG M 53 -4.31 -77.62 -12.76
C ARG M 53 -2.96 -77.14 -12.24
N VAL M 54 -2.89 -76.60 -11.03
CA VAL M 54 -1.65 -76.09 -10.47
C VAL M 54 -1.31 -76.80 -9.15
N ALA M 55 -1.81 -78.00 -8.96
CA ALA M 55 -1.59 -78.76 -7.74
C ALA M 55 -1.69 -80.26 -8.01
N PHE N 4 -31.81 -22.57 -29.14
CA PHE N 4 -30.42 -22.12 -29.18
C PHE N 4 -29.79 -22.48 -30.52
N TYR N 5 -30.65 -22.81 -31.48
CA TYR N 5 -30.23 -23.47 -32.72
C TYR N 5 -29.19 -22.67 -33.52
N LYS N 6 -29.02 -21.38 -33.22
CA LYS N 6 -27.90 -20.62 -33.77
C LYS N 6 -26.54 -21.33 -33.63
N ILE N 7 -26.35 -22.11 -32.56
CA ILE N 7 -25.03 -22.66 -32.26
C ILE N 7 -24.50 -23.58 -33.34
N TRP N 8 -25.38 -24.18 -34.15
CA TRP N 8 -24.91 -25.01 -35.26
C TRP N 8 -24.44 -24.18 -36.44
N MET N 9 -24.79 -22.89 -36.48
CA MET N 9 -24.19 -21.96 -37.42
C MET N 9 -22.88 -21.42 -36.87
N ILE N 10 -22.85 -21.19 -35.57
CA ILE N 10 -21.70 -20.56 -34.92
C ILE N 10 -20.49 -21.50 -34.93
N PHE N 11 -20.71 -22.78 -34.68
CA PHE N 11 -19.65 -23.78 -34.78
C PHE N 11 -20.10 -24.92 -35.68
N ASP N 12 -19.19 -25.38 -36.54
CA ASP N 12 -19.42 -26.50 -37.43
C ASP N 12 -19.81 -27.72 -36.61
N PRO N 13 -20.98 -28.32 -36.86
CA PRO N 13 -21.43 -29.46 -36.03
C PRO N 13 -20.49 -30.66 -36.06
N ARG N 14 -19.66 -30.80 -37.10
CA ARG N 14 -18.60 -31.81 -37.07
C ARG N 14 -17.72 -31.64 -35.84
N ARG N 15 -17.20 -30.43 -35.62
CA ARG N 15 -16.40 -30.19 -34.41
C ARG N 15 -17.22 -30.39 -33.15
N VAL N 16 -18.46 -29.91 -33.13
CA VAL N 16 -19.28 -29.97 -31.93
C VAL N 16 -19.56 -31.41 -31.50
N PHE N 17 -19.84 -32.29 -32.46
CA PHE N 17 -20.10 -33.68 -32.12
C PHE N 17 -18.83 -34.43 -31.75
N VAL N 18 -17.71 -34.12 -32.41
CA VAL N 18 -16.42 -34.66 -32.00
C VAL N 18 -16.12 -34.32 -30.55
N ALA N 19 -16.38 -33.07 -30.15
CA ALA N 19 -16.25 -32.68 -28.76
C ALA N 19 -17.22 -33.44 -27.86
N GLN N 20 -18.51 -33.35 -28.15
CA GLN N 20 -19.52 -33.93 -27.27
C GLN N 20 -19.31 -35.43 -27.10
N GLY N 21 -19.18 -36.15 -28.21
CA GLY N 21 -19.13 -37.60 -28.14
C GLY N 21 -17.99 -38.13 -27.29
N VAL N 22 -16.78 -37.59 -27.51
CA VAL N 22 -15.62 -38.02 -26.72
C VAL N 22 -15.74 -37.58 -25.27
N PHE N 23 -16.09 -36.32 -25.03
CA PHE N 23 -16.15 -35.82 -23.65
C PHE N 23 -17.19 -36.56 -22.83
N LEU N 24 -18.39 -36.72 -23.38
CA LEU N 24 -19.46 -37.42 -22.64
C LEU N 24 -19.09 -38.86 -22.33
N PHE N 25 -18.39 -39.53 -23.25
CA PHE N 25 -17.89 -40.87 -22.99
C PHE N 25 -16.85 -40.87 -21.87
N LEU N 26 -15.87 -39.97 -21.94
CA LEU N 26 -14.84 -39.91 -20.93
C LEU N 26 -15.37 -39.49 -19.56
N LEU N 27 -16.43 -38.69 -19.52
CA LEU N 27 -17.11 -38.42 -18.25
C LEU N 27 -17.79 -39.68 -17.70
N ALA N 28 -18.54 -40.38 -18.54
CA ALA N 28 -19.22 -41.60 -18.11
C ALA N 28 -18.23 -42.68 -17.66
N VAL N 29 -17.16 -42.86 -18.44
CA VAL N 29 -16.07 -43.76 -18.04
C VAL N 29 -15.50 -43.37 -16.69
N MET N 30 -15.10 -42.11 -16.54
CA MET N 30 -14.54 -41.63 -15.28
C MET N 30 -15.46 -41.95 -14.10
N ILE N 31 -16.77 -41.75 -14.27
CA ILE N 31 -17.71 -42.08 -13.18
C ILE N 31 -17.70 -43.57 -12.85
N HIS N 32 -17.77 -44.43 -13.87
CA HIS N 32 -17.69 -45.88 -13.58
C HIS N 32 -16.37 -46.25 -12.91
N LEU N 33 -15.25 -45.75 -13.43
CA LEU N 33 -13.93 -46.11 -12.89
C LEU N 33 -13.68 -45.60 -11.46
N ILE N 34 -14.24 -44.46 -11.06
CA ILE N 34 -14.12 -44.07 -9.66
C ILE N 34 -14.98 -44.98 -8.77
N LEU N 35 -16.21 -45.26 -9.19
CA LEU N 35 -17.06 -46.16 -8.43
C LEU N 35 -16.41 -47.52 -8.21
N LEU N 36 -15.76 -48.05 -9.25
CA LEU N 36 -15.02 -49.31 -9.12
C LEU N 36 -13.90 -49.22 -8.08
N SER N 37 -13.33 -48.03 -7.87
CA SER N 37 -12.31 -47.88 -6.84
C SER N 37 -12.88 -47.82 -5.43
N THR N 38 -14.20 -47.74 -5.27
CA THR N 38 -14.79 -47.76 -3.94
C THR N 38 -14.96 -49.19 -3.42
N PRO N 39 -14.94 -49.38 -2.10
CA PRO N 39 -15.43 -50.66 -1.55
C PRO N 39 -16.93 -50.85 -1.66
N SER N 40 -17.70 -49.76 -1.60
CA SER N 40 -19.13 -49.84 -1.33
C SER N 40 -20.00 -50.01 -2.57
N TYR N 41 -19.47 -49.75 -3.76
CA TYR N 41 -20.27 -49.84 -4.99
C TYR N 41 -19.62 -50.60 -6.13
N ASN N 42 -18.43 -51.17 -5.95
CA ASN N 42 -17.84 -52.03 -6.97
C ASN N 42 -18.69 -53.29 -7.10
N TRP N 43 -19.45 -53.38 -8.20
CA TRP N 43 -20.43 -54.44 -8.36
C TRP N 43 -19.77 -55.81 -8.54
N LEU N 44 -18.67 -55.88 -9.29
CA LEU N 44 -17.95 -57.14 -9.44
C LEU N 44 -17.51 -57.70 -8.09
N GLU N 45 -16.93 -56.84 -7.25
CA GLU N 45 -16.38 -57.28 -5.97
C GLU N 45 -17.42 -57.35 -4.85
N ILE N 46 -18.58 -56.71 -5.03
CA ILE N 46 -19.71 -56.99 -4.15
C ILE N 46 -20.32 -58.35 -4.47
N SER N 47 -20.47 -58.66 -5.76
CA SER N 47 -21.06 -59.94 -6.15
C SER N 47 -20.21 -61.12 -5.69
N ALA N 48 -18.89 -60.96 -5.69
CA ALA N 48 -18.00 -61.95 -5.07
C ALA N 48 -18.36 -62.24 -3.62
N ALA N 49 -18.88 -61.24 -2.89
CA ALA N 49 -19.28 -61.47 -1.50
C ALA N 49 -20.62 -62.18 -1.41
N LYS N 50 -21.63 -61.68 -2.13
CA LYS N 50 -22.96 -62.29 -2.13
C LYS N 50 -22.90 -63.79 -2.41
N TYR N 51 -22.24 -64.17 -3.51
CA TYR N 51 -22.20 -65.56 -3.95
C TYR N 51 -20.98 -66.32 -3.43
N ASN N 52 -20.23 -65.74 -2.49
CA ASN N 52 -19.07 -66.40 -1.87
C ASN N 52 -18.09 -66.94 -2.91
N ARG N 53 -17.76 -66.09 -3.88
CA ARG N 53 -16.95 -66.54 -5.00
C ARG N 53 -15.47 -66.57 -4.68
N VAL N 54 -15.00 -65.68 -3.80
CA VAL N 54 -13.59 -65.58 -3.48
C VAL N 54 -13.38 -65.70 -1.97
N LEU O 7 18.20 23.56 -32.96
CA LEU O 7 17.37 23.48 -31.76
C LEU O 7 15.90 23.55 -32.14
N GLY O 8 15.02 23.49 -31.13
CA GLY O 8 13.60 23.34 -31.38
C GLY O 8 13.30 22.02 -32.03
N TYR O 9 13.89 20.96 -31.50
CA TYR O 9 13.77 19.63 -32.09
C TYR O 9 12.36 19.09 -32.02
N THR O 10 11.62 19.40 -30.95
CA THR O 10 10.26 18.89 -30.77
C THR O 10 9.22 19.63 -31.61
N GLY O 11 9.52 20.83 -32.06
CA GLY O 11 8.52 21.64 -32.75
C GLY O 11 7.49 22.31 -31.86
N LEU O 12 7.64 22.24 -30.54
CA LEU O 12 6.93 23.15 -29.66
C LEU O 12 7.42 24.58 -29.87
N THR O 13 6.51 25.54 -29.76
CA THR O 13 6.92 26.93 -29.62
C THR O 13 7.39 27.20 -28.20
N ASP O 14 8.10 28.32 -28.03
CA ASP O 14 8.58 28.72 -26.71
C ASP O 14 7.45 28.95 -25.73
N GLU O 15 6.33 29.50 -26.20
CA GLU O 15 5.18 29.73 -25.31
C GLU O 15 4.49 28.42 -24.94
N GLN O 16 4.36 27.50 -25.88
CA GLN O 16 3.84 26.17 -25.56
C GLN O 16 4.71 25.48 -24.52
N ALA O 17 6.03 25.59 -24.64
CA ALA O 17 6.92 24.99 -23.66
C ALA O 17 6.81 25.65 -22.29
N GLN O 18 6.68 26.97 -22.24
CA GLN O 18 6.49 27.64 -20.95
C GLN O 18 5.18 27.23 -20.27
N GLU O 19 4.12 27.08 -21.06
CA GLU O 19 2.84 26.64 -20.51
C GLU O 19 2.92 25.21 -19.96
N LEU O 20 3.41 24.27 -20.78
CA LEU O 20 3.49 22.87 -20.37
C LEU O 20 4.39 22.67 -19.15
N HIS O 21 5.52 23.36 -19.10
CA HIS O 21 6.43 23.20 -17.96
C HIS O 21 5.76 23.56 -16.64
N SER O 22 4.85 24.53 -16.65
CA SER O 22 4.14 24.87 -15.41
C SER O 22 3.13 23.80 -15.03
N VAL O 23 2.44 23.22 -16.00
CA VAL O 23 1.56 22.09 -15.74
C VAL O 23 2.35 20.93 -15.13
N TYR O 24 3.46 20.57 -15.77
CA TYR O 24 4.36 19.55 -15.22
C TYR O 24 4.86 19.90 -13.82
N MET O 25 5.42 21.10 -13.65
CA MET O 25 5.99 21.47 -12.35
C MET O 25 4.94 21.52 -11.24
N SER O 26 3.70 21.94 -11.56
CA SER O 26 2.65 21.91 -10.54
C SER O 26 2.39 20.51 -10.03
N GLY O 27 2.35 19.53 -10.94
CA GLY O 27 2.21 18.14 -10.52
C GLY O 27 3.42 17.59 -9.78
N LEU O 28 4.62 18.02 -10.17
CA LEU O 28 5.83 17.62 -9.44
C LEU O 28 5.76 18.01 -7.97
N TRP O 29 5.42 19.27 -7.68
CA TRP O 29 5.33 19.70 -6.30
C TRP O 29 4.18 19.04 -5.55
N LEU O 30 3.08 18.74 -6.24
CA LEU O 30 1.98 18.00 -5.62
C LEU O 30 2.37 16.56 -5.30
N PHE O 31 2.94 15.85 -6.28
CA PHE O 31 3.39 14.47 -6.04
C PHE O 31 4.41 14.39 -4.90
N SER O 32 5.38 15.30 -4.88
CA SER O 32 6.38 15.31 -3.81
C SER O 32 5.81 15.76 -2.48
N ALA O 33 4.80 16.64 -2.48
CA ALA O 33 4.11 16.97 -1.23
C ALA O 33 3.37 15.77 -0.65
N VAL O 34 2.69 15.00 -1.50
CA VAL O 34 2.04 13.77 -1.04
C VAL O 34 3.07 12.78 -0.50
N ALA O 35 4.21 12.66 -1.19
CA ALA O 35 5.29 11.80 -0.71
C ALA O 35 5.83 12.24 0.65
N ILE O 36 6.01 13.54 0.86
CA ILE O 36 6.46 14.03 2.16
C ILE O 36 5.48 13.65 3.26
N VAL O 37 4.17 13.77 2.98
CA VAL O 37 3.17 13.38 3.97
C VAL O 37 3.29 11.90 4.30
N ALA O 38 3.48 11.06 3.28
CA ALA O 38 3.70 9.62 3.51
C ALA O 38 4.99 9.35 4.27
N HIS O 39 6.07 10.06 3.96
CA HIS O 39 7.31 9.93 4.74
C HIS O 39 7.13 10.40 6.18
N LEU O 40 6.41 11.50 6.39
CA LEU O 40 6.17 12.00 7.74
C LEU O 40 5.34 11.02 8.57
N ALA O 41 4.32 10.42 7.94
CA ALA O 41 3.56 9.35 8.59
C ALA O 41 4.45 8.17 8.98
N VAL O 42 5.26 7.67 8.04
CA VAL O 42 6.16 6.56 8.34
C VAL O 42 7.19 6.94 9.40
N TYR O 43 7.68 8.18 9.37
CA TYR O 43 8.68 8.59 10.35
C TYR O 43 8.10 8.71 11.75
N ILE O 44 6.81 9.04 11.88
CA ILE O 44 6.16 9.02 13.19
C ILE O 44 5.97 7.59 13.68
N TRP O 45 5.48 6.71 12.80
CA TRP O 45 5.24 5.32 13.18
C TRP O 45 6.54 4.53 13.42
N ARG O 46 7.53 4.69 12.54
CA ARG O 46 8.71 3.80 12.55
C ARG O 46 9.93 4.55 12.00
N PRO O 47 10.45 5.51 12.75
CA PRO O 47 11.56 6.34 12.24
C PRO O 47 12.80 5.54 11.88
N TRP O 48 13.51 6.03 10.86
CA TRP O 48 14.70 5.39 10.32
C TRP O 48 15.99 6.16 10.61
N PHE O 49 15.93 7.13 11.51
CA PHE O 49 17.10 7.92 11.93
C PHE O 49 17.11 8.05 13.45
N LEU P 7 33.46 25.47 -37.14
CA LEU P 7 33.27 24.04 -36.91
C LEU P 7 32.02 23.76 -36.10
N GLY P 8 31.20 22.83 -36.57
CA GLY P 8 30.10 22.32 -35.79
C GLY P 8 29.58 21.00 -36.33
N TYR P 9 29.63 19.97 -35.48
CA TYR P 9 29.04 18.67 -35.79
C TYR P 9 27.55 18.58 -35.47
N THR P 10 27.02 19.48 -34.65
CA THR P 10 25.66 19.36 -34.17
C THR P 10 24.66 20.25 -34.89
N GLY P 11 25.14 21.29 -35.59
CA GLY P 11 24.28 22.27 -36.20
C GLY P 11 23.88 23.44 -35.32
N LEU P 12 24.24 23.40 -34.04
CA LEU P 12 24.02 24.55 -33.17
C LEU P 12 24.92 25.71 -33.57
N THR P 13 24.34 26.90 -33.70
CA THR P 13 25.15 28.10 -33.82
C THR P 13 25.81 28.41 -32.48
N ASP P 14 26.85 29.25 -32.54
CA ASP P 14 27.63 29.56 -31.35
C ASP P 14 26.76 30.15 -30.24
N GLU P 15 25.90 31.11 -30.58
CA GLU P 15 25.01 31.71 -29.59
C GLU P 15 24.00 30.70 -29.05
N GLN P 16 23.53 29.78 -29.89
CA GLN P 16 22.69 28.68 -29.38
C GLN P 16 23.45 27.78 -28.43
N ALA P 17 24.73 27.51 -28.70
CA ALA P 17 25.52 26.66 -27.81
C ALA P 17 25.78 27.35 -26.47
N GLN P 18 26.10 28.65 -26.49
CA GLN P 18 26.21 29.40 -25.25
C GLN P 18 24.91 29.42 -24.47
N GLU P 19 23.78 29.60 -25.16
CA GLU P 19 22.48 29.55 -24.53
C GLU P 19 22.25 28.22 -23.82
N LEU P 20 22.39 27.11 -24.55
CA LEU P 20 22.18 25.79 -23.97
C LEU P 20 23.15 25.51 -22.82
N HIS P 21 24.41 25.89 -22.97
CA HIS P 21 25.39 25.65 -21.90
C HIS P 21 25.07 26.41 -20.63
N SER P 22 24.65 27.66 -20.74
CA SER P 22 24.37 28.44 -19.54
C SER P 22 23.17 27.91 -18.76
N VAL P 23 22.18 27.36 -19.46
CA VAL P 23 21.07 26.69 -18.77
C VAL P 23 21.53 25.35 -18.21
N TYR P 24 22.33 24.60 -18.97
CA TYR P 24 22.91 23.35 -18.47
C TYR P 24 23.72 23.56 -17.20
N MET P 25 24.58 24.58 -17.18
CA MET P 25 25.37 24.83 -15.97
C MET P 25 24.52 25.26 -14.79
N SER P 26 23.39 25.92 -15.03
CA SER P 26 22.47 26.23 -13.94
C SER P 26 21.95 24.96 -13.27
N GLY P 27 21.60 23.95 -14.08
CA GLY P 27 21.19 22.67 -13.53
C GLY P 27 22.30 21.96 -12.78
N LEU P 28 23.51 21.97 -13.33
CA LEU P 28 24.65 21.34 -12.66
C LEU P 28 24.91 21.97 -11.28
N TRP P 29 24.97 23.30 -11.21
CA TRP P 29 25.21 23.94 -9.91
C TRP P 29 24.05 23.72 -8.95
N LEU P 30 22.81 23.75 -9.46
CA LEU P 30 21.66 23.48 -8.62
C LEU P 30 21.70 22.07 -8.06
N PHE P 31 21.83 21.07 -8.94
CA PHE P 31 21.95 19.67 -8.52
C PHE P 31 23.12 19.46 -7.55
N SER P 32 24.27 20.09 -7.81
CA SER P 32 25.41 19.93 -6.91
C SER P 32 25.22 20.67 -5.59
N ALA P 33 24.46 21.77 -5.59
CA ALA P 33 24.11 22.41 -4.33
C ALA P 33 23.21 21.53 -3.47
N VAL P 34 22.17 20.95 -4.07
CA VAL P 34 21.31 20.02 -3.34
C VAL P 34 22.13 18.87 -2.77
N ALA P 35 23.10 18.38 -3.54
CA ALA P 35 23.94 17.26 -3.09
C ALA P 35 24.84 17.64 -1.93
N ILE P 36 25.40 18.85 -1.93
CA ILE P 36 26.24 19.28 -0.81
C ILE P 36 25.45 19.34 0.48
N VAL P 37 24.19 19.79 0.41
CA VAL P 37 23.36 19.82 1.61
C VAL P 37 23.06 18.40 2.10
N ALA P 38 22.86 17.45 1.19
CA ALA P 38 22.73 16.05 1.58
C ALA P 38 24.01 15.51 2.21
N HIS P 39 25.18 15.82 1.65
CA HIS P 39 26.44 15.41 2.26
C HIS P 39 26.64 16.07 3.62
N LEU P 40 26.32 17.36 3.73
CA LEU P 40 26.41 18.06 5.00
C LEU P 40 25.53 17.43 6.08
N ALA P 41 24.27 17.13 5.75
CA ALA P 41 23.37 16.48 6.71
C ALA P 41 23.90 15.11 7.14
N VAL P 42 24.36 14.31 6.18
CA VAL P 42 24.91 12.99 6.49
C VAL P 42 26.21 13.10 7.28
N TYR P 43 27.07 14.08 6.98
CA TYR P 43 28.29 14.24 7.77
C TYR P 43 27.98 14.69 9.19
N ILE P 44 27.01 15.60 9.36
CA ILE P 44 26.56 16.00 10.69
C ILE P 44 26.05 14.80 11.47
N TRP P 45 25.32 13.92 10.78
CA TRP P 45 24.74 12.73 11.41
C TRP P 45 25.76 11.62 11.65
N ARG P 46 26.69 11.41 10.73
CA ARG P 46 27.58 10.25 10.82
C ARG P 46 28.82 10.46 9.96
N PRO P 47 29.80 11.21 10.45
CA PRO P 47 30.95 11.60 9.61
C PRO P 47 31.80 10.42 9.19
N TRP P 48 32.29 10.47 7.95
CA TRP P 48 33.12 9.40 7.39
C TRP P 48 34.62 9.70 7.45
N PHE P 49 35.01 10.88 7.92
CA PHE P 49 36.41 11.16 8.24
C PHE P 49 36.54 11.45 9.74
N GLY Q 8 45.01 15.09 -43.47
CA GLY Q 8 44.30 14.59 -42.31
C GLY Q 8 43.04 13.83 -42.67
N TYR Q 9 42.59 12.96 -41.77
CA TYR Q 9 41.43 12.12 -42.03
C TYR Q 9 40.13 12.73 -41.52
N THR Q 10 40.17 13.50 -40.43
CA THR Q 10 38.96 14.06 -39.85
C THR Q 10 38.34 15.16 -40.70
N GLY Q 11 39.11 15.77 -41.60
CA GLY Q 11 38.67 16.96 -42.29
C GLY Q 11 38.72 18.23 -41.48
N LEU Q 12 39.23 18.19 -40.25
CA LEU Q 12 39.52 19.42 -39.53
C LEU Q 12 40.59 20.22 -40.24
N THR Q 13 40.32 21.50 -40.46
CA THR Q 13 41.38 22.41 -40.84
C THR Q 13 42.39 22.54 -39.70
N ASP Q 14 43.59 23.01 -40.05
CA ASP Q 14 44.62 23.18 -39.04
C ASP Q 14 44.18 24.11 -37.92
N GLU Q 15 43.48 25.19 -38.27
CA GLU Q 15 43.03 26.13 -37.25
C GLU Q 15 41.89 25.57 -36.42
N GLN Q 16 41.02 24.74 -37.00
CA GLN Q 16 39.99 24.06 -36.23
C GLN Q 16 40.61 23.09 -35.23
N ALA Q 17 41.64 22.34 -35.65
CA ALA Q 17 42.33 21.45 -34.73
C ALA Q 17 43.06 22.20 -33.64
N GLN Q 18 43.76 23.29 -33.99
CA GLN Q 18 44.49 24.05 -32.98
C GLN Q 18 43.55 24.77 -32.02
N GLU Q 19 42.37 25.19 -32.49
CA GLU Q 19 41.35 25.75 -31.60
C GLU Q 19 40.84 24.70 -30.63
N LEU Q 20 40.43 23.54 -31.16
CA LEU Q 20 39.87 22.47 -30.34
C LEU Q 20 40.88 21.94 -29.32
N HIS Q 21 42.16 21.88 -29.68
CA HIS Q 21 43.18 21.47 -28.72
C HIS Q 21 43.31 22.45 -27.55
N SER Q 22 43.18 23.74 -27.81
CA SER Q 22 43.37 24.73 -26.76
C SER Q 22 42.30 24.60 -25.68
N VAL Q 23 41.06 24.36 -26.08
CA VAL Q 23 39.98 24.13 -25.12
C VAL Q 23 40.13 22.77 -24.43
N TYR Q 24 40.56 21.76 -25.17
CA TYR Q 24 40.85 20.45 -24.57
C TYR Q 24 41.94 20.53 -23.51
N MET Q 25 43.04 21.23 -23.80
CA MET Q 25 44.07 21.44 -22.79
C MET Q 25 43.52 22.13 -21.54
N SER Q 26 42.55 23.03 -21.70
CA SER Q 26 41.96 23.71 -20.55
C SER Q 26 41.21 22.75 -19.64
N GLY Q 27 40.44 21.82 -20.23
CA GLY Q 27 39.79 20.78 -19.46
C GLY Q 27 40.76 19.80 -18.82
N LEU Q 28 41.84 19.46 -19.52
CA LEU Q 28 42.88 18.59 -18.96
C LEU Q 28 43.55 19.21 -17.74
N TRP Q 29 43.96 20.48 -17.84
CA TRP Q 29 44.60 21.13 -16.69
C TRP Q 29 43.63 21.35 -15.54
N LEU Q 30 42.38 21.70 -15.85
CA LEU Q 30 41.36 21.81 -14.81
C LEU Q 30 41.14 20.48 -14.09
N PHE Q 31 40.90 19.41 -14.85
CA PHE Q 31 40.63 18.11 -14.27
C PHE Q 31 41.79 17.62 -13.41
N SER Q 32 43.02 17.77 -13.90
CA SER Q 32 44.19 17.34 -13.13
C SER Q 32 44.44 18.23 -11.91
N ALA Q 33 44.16 19.53 -12.02
CA ALA Q 33 44.31 20.41 -10.86
C ALA Q 33 43.40 19.98 -9.71
N VAL Q 34 42.15 19.66 -10.00
CA VAL Q 34 41.25 19.10 -8.99
C VAL Q 34 41.81 17.82 -8.40
N ALA Q 35 42.32 16.93 -9.26
CA ALA Q 35 42.89 15.67 -8.81
C ALA Q 35 44.10 15.87 -7.90
N ILE Q 36 44.91 16.89 -8.17
CA ILE Q 36 46.10 17.11 -7.33
C ILE Q 36 45.70 17.57 -5.94
N VAL Q 37 44.68 18.42 -5.83
CA VAL Q 37 44.14 18.78 -4.54
C VAL Q 37 43.62 17.55 -3.80
N ALA Q 38 42.90 16.67 -4.50
CA ALA Q 38 42.39 15.44 -3.91
C ALA Q 38 43.51 14.54 -3.40
N HIS Q 39 44.56 14.34 -4.21
CA HIS Q 39 45.71 13.56 -3.75
C HIS Q 39 46.41 14.21 -2.55
N LEU Q 40 46.64 15.52 -2.62
CA LEU Q 40 47.32 16.21 -1.52
C LEU Q 40 46.54 16.10 -0.22
N ALA Q 41 45.22 16.30 -0.27
CA ALA Q 41 44.37 16.12 0.90
C ALA Q 41 44.50 14.71 1.50
N VAL Q 42 44.44 13.68 0.65
CA VAL Q 42 44.55 12.31 1.15
C VAL Q 42 45.98 11.97 1.59
N TYR Q 43 46.99 12.61 1.01
CA TYR Q 43 48.34 12.45 1.53
C TYR Q 43 48.52 13.13 2.88
N ILE Q 44 47.90 14.28 3.08
CA ILE Q 44 47.86 14.89 4.41
C ILE Q 44 47.10 13.99 5.39
N TRP Q 45 45.92 13.55 4.98
CA TRP Q 45 45.09 12.69 5.84
C TRP Q 45 45.73 11.33 6.11
N ARG Q 46 46.40 10.72 5.12
CA ARG Q 46 46.87 9.35 5.31
C ARG Q 46 47.95 8.95 4.31
N PRO Q 47 49.19 9.38 4.54
CA PRO Q 47 50.28 9.16 3.56
C PRO Q 47 50.43 7.71 3.12
N TRP Q 48 50.58 7.49 1.81
CA TRP Q 48 50.79 6.15 1.28
C TRP Q 48 52.26 5.79 1.09
N PHE Q 49 53.18 6.68 1.44
CA PHE Q 49 54.62 6.38 1.33
C PHE Q 49 55.28 6.41 2.71
N LEU R 7 54.91 7.30 -53.10
CA LEU R 7 55.20 5.91 -52.75
C LEU R 7 54.51 5.54 -51.43
N GLY R 8 54.54 4.25 -51.10
CA GLY R 8 54.02 3.76 -49.85
C GLY R 8 52.56 3.33 -49.90
N TYR R 9 52.15 2.64 -48.83
CA TYR R 9 50.83 2.03 -48.71
C TYR R 9 49.77 2.95 -48.13
N THR R 10 50.16 3.97 -47.37
CA THR R 10 49.23 4.82 -46.65
C THR R 10 48.82 6.08 -47.41
N GLY R 11 49.42 6.35 -48.56
CA GLY R 11 49.20 7.59 -49.27
C GLY R 11 49.77 8.81 -48.59
N LEU R 12 50.36 8.68 -47.41
CA LEU R 12 51.14 9.77 -46.83
C LEU R 12 52.37 10.02 -47.68
N THR R 13 52.61 11.27 -48.04
CA THR R 13 53.85 11.61 -48.72
C THR R 13 55.02 11.60 -47.74
N ASP R 14 56.23 11.69 -48.30
CA ASP R 14 57.43 11.63 -47.48
C ASP R 14 57.51 12.80 -46.50
N GLU R 15 57.10 13.99 -46.91
CA GLU R 15 57.11 15.12 -45.98
C GLU R 15 56.05 14.96 -44.90
N GLN R 16 54.88 14.44 -45.27
CA GLN R 16 53.86 14.14 -44.27
C GLN R 16 54.34 13.09 -43.27
N ALA R 17 55.06 12.08 -43.76
CA ALA R 17 55.60 11.05 -42.88
C ALA R 17 56.69 11.60 -41.96
N GLN R 18 57.54 12.49 -42.48
CA GLN R 18 58.54 13.14 -41.61
C GLN R 18 57.87 14.01 -40.55
N GLU R 19 56.83 14.75 -40.94
CA GLU R 19 56.09 15.57 -39.99
C GLU R 19 55.47 14.73 -38.88
N LEU R 20 54.70 13.71 -39.26
CA LEU R 20 54.04 12.85 -38.28
C LEU R 20 55.04 12.10 -37.39
N HIS R 21 56.20 11.73 -37.92
CA HIS R 21 57.22 11.11 -37.08
C HIS R 21 57.80 12.08 -36.04
N SER R 22 57.99 13.34 -36.43
CA SER R 22 58.59 14.30 -35.50
C SER R 22 57.70 14.56 -34.28
N VAL R 23 56.38 14.53 -34.46
CA VAL R 23 55.48 14.69 -33.33
C VAL R 23 55.38 13.40 -32.51
N TYR R 24 55.32 12.24 -33.18
CA TYR R 24 55.38 10.96 -32.48
C TYR R 24 56.64 10.83 -31.61
N MET R 25 57.80 11.29 -32.11
CA MET R 25 59.01 11.20 -31.31
C MET R 25 59.04 12.22 -30.17
N SER R 26 58.47 13.41 -30.39
CA SER R 26 58.28 14.34 -29.28
C SER R 26 57.45 13.72 -28.17
N GLY R 27 56.39 13.00 -28.52
CA GLY R 27 55.64 12.24 -27.54
C GLY R 27 56.44 11.15 -26.83
N LEU R 28 57.11 10.29 -27.61
CA LEU R 28 57.92 9.23 -27.02
C LEU R 28 58.98 9.77 -26.06
N TRP R 29 59.75 10.77 -26.48
CA TRP R 29 60.78 11.31 -25.59
C TRP R 29 60.19 11.96 -24.34
N LEU R 30 59.05 12.63 -24.49
CA LEU R 30 58.37 13.18 -23.31
C LEU R 30 57.92 12.08 -22.36
N PHE R 31 57.19 11.09 -22.87
CA PHE R 31 56.71 9.98 -22.05
C PHE R 31 57.86 9.23 -21.38
N SER R 32 58.91 8.93 -22.15
CA SER R 32 60.09 8.25 -21.60
C SER R 32 60.75 9.03 -20.47
N ALA R 33 60.87 10.35 -20.62
CA ALA R 33 61.46 11.17 -19.56
C ALA R 33 60.68 11.08 -18.26
N VAL R 34 59.34 11.12 -18.33
CA VAL R 34 58.52 10.97 -17.13
C VAL R 34 58.68 9.58 -16.53
N ALA R 35 58.67 8.54 -17.38
CA ALA R 35 58.93 7.18 -16.93
C ALA R 35 60.32 7.02 -16.31
N ILE R 36 61.34 7.69 -16.86
CA ILE R 36 62.68 7.62 -16.27
C ILE R 36 62.69 8.20 -14.86
N VAL R 37 62.11 9.39 -14.69
CA VAL R 37 62.07 10.02 -13.37
C VAL R 37 61.32 9.13 -12.37
N ALA R 38 60.21 8.53 -12.81
CA ALA R 38 59.47 7.60 -11.95
C ALA R 38 60.31 6.39 -11.54
N HIS R 39 61.11 5.85 -12.46
CA HIS R 39 62.02 4.76 -12.10
C HIS R 39 63.09 5.18 -11.09
N LEU R 40 63.72 6.34 -11.30
CA LEU R 40 64.67 6.86 -10.31
C LEU R 40 64.04 6.98 -8.92
N ALA R 41 62.85 7.56 -8.85
CA ALA R 41 62.20 7.78 -7.55
C ALA R 41 61.94 6.47 -6.82
N VAL R 42 61.42 5.47 -7.51
CA VAL R 42 61.21 4.15 -6.91
C VAL R 42 62.54 3.46 -6.58
N TYR R 43 63.56 3.63 -7.41
CA TYR R 43 64.86 3.05 -7.11
C TYR R 43 65.51 3.70 -5.88
N ILE R 44 65.34 5.02 -5.72
CA ILE R 44 65.81 5.69 -4.52
C ILE R 44 64.98 5.30 -3.31
N TRP R 45 63.66 5.16 -3.49
CA TRP R 45 62.78 4.72 -2.41
C TRP R 45 63.03 3.27 -2.02
N ARG R 46 63.23 2.38 -3.00
CA ARG R 46 63.20 0.95 -2.71
C ARG R 46 63.90 0.16 -3.82
N PRO R 47 65.23 0.08 -3.78
CA PRO R 47 65.98 -0.61 -4.84
C PRO R 47 65.51 -2.04 -5.07
N TRP R 48 65.33 -2.40 -6.33
CA TRP R 48 65.05 -3.80 -6.69
C TRP R 48 66.31 -4.57 -7.05
N PHE R 49 67.47 -3.93 -7.09
CA PHE R 49 68.75 -4.62 -7.26
C PHE R 49 69.61 -4.47 -6.00
N LEU S 7 58.61 -8.82 -60.27
CA LEU S 7 58.88 -8.26 -58.95
C LEU S 7 58.28 -9.13 -57.86
N GLY S 8 58.32 -10.45 -58.10
CA GLY S 8 57.84 -11.43 -57.13
C GLY S 8 56.35 -11.33 -56.87
N TYR S 9 56.01 -11.41 -55.58
CA TYR S 9 54.63 -11.56 -55.13
C TYR S 9 54.13 -10.36 -54.33
N THR S 10 54.91 -9.29 -54.26
CA THR S 10 54.51 -8.05 -53.60
C THR S 10 54.69 -6.82 -54.47
N GLY S 11 55.50 -6.87 -55.51
CA GLY S 11 55.63 -5.79 -56.46
C GLY S 11 56.35 -4.56 -55.95
N LEU S 12 57.08 -4.69 -54.84
CA LEU S 12 58.12 -3.72 -54.53
C LEU S 12 59.18 -3.77 -55.63
N THR S 13 59.64 -2.61 -56.08
CA THR S 13 60.84 -2.60 -56.90
C THR S 13 62.05 -3.03 -56.07
N ASP S 14 63.09 -3.48 -56.78
CA ASP S 14 64.30 -3.96 -56.11
C ASP S 14 64.97 -2.87 -55.28
N GLU S 15 64.80 -1.59 -55.66
CA GLU S 15 65.33 -0.51 -54.84
C GLU S 15 64.50 -0.24 -53.59
N GLN S 16 63.19 -0.50 -53.65
CA GLN S 16 62.38 -0.42 -52.44
C GLN S 16 62.73 -1.54 -51.46
N ALA S 17 62.96 -2.75 -51.97
CA ALA S 17 63.42 -3.84 -51.14
C ALA S 17 64.78 -3.56 -50.50
N GLN S 18 65.72 -3.04 -51.28
CA GLN S 18 67.04 -2.73 -50.73
C GLN S 18 67.00 -1.66 -49.65
N GLU S 19 66.20 -0.61 -49.83
CA GLU S 19 66.07 0.39 -48.77
C GLU S 19 65.28 -0.12 -47.58
N LEU S 20 64.15 -0.80 -47.81
CA LEU S 20 63.35 -1.31 -46.70
C LEU S 20 64.15 -2.33 -45.89
N HIS S 21 64.90 -3.21 -46.56
CA HIS S 21 65.83 -4.09 -45.85
C HIS S 21 66.87 -3.30 -45.06
N SER S 22 67.44 -2.26 -45.68
CA SER S 22 68.49 -1.49 -45.00
C SER S 22 67.98 -0.86 -43.70
N VAL S 23 66.77 -0.31 -43.72
CA VAL S 23 66.22 0.30 -42.51
C VAL S 23 65.80 -0.77 -41.52
N TYR S 24 65.16 -1.84 -41.99
CA TYR S 24 64.85 -2.99 -41.13
C TYR S 24 66.09 -3.54 -40.43
N MET S 25 67.15 -3.82 -41.18
CA MET S 25 68.37 -4.37 -40.59
C MET S 25 69.02 -3.42 -39.60
N SER S 26 68.96 -2.11 -39.85
CA SER S 26 69.43 -1.15 -38.86
C SER S 26 68.60 -1.22 -37.58
N GLY S 27 67.29 -1.44 -37.70
CA GLY S 27 66.47 -1.68 -36.53
C GLY S 27 66.82 -2.98 -35.82
N LEU S 28 67.01 -4.05 -36.58
CA LEU S 28 67.40 -5.34 -36.02
C LEU S 28 68.72 -5.26 -35.26
N TRP S 29 69.75 -4.63 -35.85
CA TRP S 29 71.00 -4.45 -35.13
C TRP S 29 70.83 -3.60 -33.88
N LEU S 30 70.08 -2.50 -33.97
CA LEU S 30 69.91 -1.62 -32.82
C LEU S 30 69.20 -2.34 -31.67
N PHE S 31 68.11 -3.05 -31.97
CA PHE S 31 67.40 -3.81 -30.95
C PHE S 31 68.27 -4.89 -30.34
N SER S 32 68.94 -5.69 -31.17
CA SER S 32 69.79 -6.77 -30.67
C SER S 32 71.03 -6.26 -29.94
N ALA S 33 71.49 -5.04 -30.25
CA ALA S 33 72.60 -4.46 -29.49
C ALA S 33 72.19 -4.16 -28.05
N VAL S 34 71.00 -3.58 -27.84
CA VAL S 34 70.49 -3.37 -26.49
C VAL S 34 70.31 -4.71 -25.76
N ALA S 35 69.79 -5.72 -26.47
CA ALA S 35 69.64 -7.05 -25.88
C ALA S 35 70.97 -7.65 -25.43
N ILE S 36 72.02 -7.51 -26.24
CA ILE S 36 73.34 -8.03 -25.85
C ILE S 36 73.83 -7.36 -24.57
N VAL S 37 73.65 -6.05 -24.45
CA VAL S 37 74.05 -5.35 -23.22
C VAL S 37 73.22 -5.81 -22.03
N ALA S 38 71.92 -6.00 -22.21
CA ALA S 38 71.07 -6.50 -21.13
C ALA S 38 71.47 -7.90 -20.66
N HIS S 39 71.85 -8.77 -21.59
CA HIS S 39 72.37 -10.09 -21.22
C HIS S 39 73.71 -10.00 -20.50
N LEU S 40 74.65 -9.22 -21.06
CA LEU S 40 75.96 -9.08 -20.43
C LEU S 40 75.84 -8.48 -19.02
N ALA S 41 74.94 -7.53 -18.84
CA ALA S 41 74.69 -6.97 -17.51
C ALA S 41 74.16 -8.02 -16.53
N VAL S 42 73.15 -8.79 -16.96
CA VAL S 42 72.58 -9.83 -16.11
C VAL S 42 73.54 -11.00 -15.89
N TYR S 43 74.43 -11.28 -16.85
CA TYR S 43 75.43 -12.31 -16.61
C TYR S 43 76.47 -11.89 -15.58
N ILE S 44 76.97 -10.66 -15.68
CA ILE S 44 77.85 -10.12 -14.64
C ILE S 44 77.14 -10.12 -13.29
N TRP S 45 75.86 -9.73 -13.29
CA TRP S 45 75.08 -9.72 -12.05
C TRP S 45 74.87 -11.12 -11.48
N ARG S 46 74.50 -12.09 -12.33
CA ARG S 46 74.03 -13.37 -11.83
C ARG S 46 74.17 -14.47 -12.88
N PRO S 47 75.36 -15.06 -13.04
CA PRO S 47 75.60 -16.01 -14.13
C PRO S 47 74.66 -17.21 -14.09
N TRP S 48 74.18 -17.61 -15.26
CA TRP S 48 73.35 -18.81 -15.41
C TRP S 48 74.15 -20.02 -15.89
N PHE S 49 75.45 -19.88 -16.10
CA PHE S 49 76.33 -21.00 -16.45
C PHE S 49 77.42 -21.18 -15.40
N LEU T 7 57.51 -22.76 -66.13
CA LEU T 7 57.65 -24.19 -65.91
C LEU T 7 57.34 -24.57 -64.47
N GLY T 8 57.26 -25.87 -64.21
CA GLY T 8 56.69 -26.38 -62.99
C GLY T 8 55.25 -25.93 -62.82
N TYR T 9 54.81 -25.87 -61.57
CA TYR T 9 53.44 -25.47 -61.26
C TYR T 9 53.33 -24.05 -60.75
N THR T 10 54.39 -23.51 -60.14
CA THR T 10 54.33 -22.23 -59.45
C THR T 10 54.46 -21.03 -60.39
N GLY T 11 54.85 -21.25 -61.64
CA GLY T 11 55.16 -20.16 -62.55
C GLY T 11 56.44 -19.42 -62.25
N LEU T 12 57.29 -19.96 -61.38
CA LEU T 12 58.63 -19.44 -61.18
C LEU T 12 59.54 -19.93 -62.29
N THR T 13 60.35 -19.02 -62.86
CA THR T 13 61.27 -19.44 -63.90
C THR T 13 62.40 -20.30 -63.34
N ASP T 14 63.01 -21.08 -64.24
CA ASP T 14 64.20 -21.86 -63.90
C ASP T 14 65.31 -21.00 -63.31
N GLU T 15 65.57 -19.84 -63.91
CA GLU T 15 66.60 -18.95 -63.38
C GLU T 15 66.19 -18.30 -62.06
N GLN T 16 64.89 -18.02 -61.87
CA GLN T 16 64.44 -17.48 -60.59
C GLN T 16 64.53 -18.52 -59.49
N ALA T 17 64.12 -19.76 -59.76
CA ALA T 17 64.30 -20.85 -58.80
C ALA T 17 65.76 -21.03 -58.41
N GLN T 18 66.66 -21.02 -59.41
CA GLN T 18 68.08 -21.19 -59.12
C GLN T 18 68.65 -20.03 -58.31
N GLU T 19 68.20 -18.79 -58.57
CA GLU T 19 68.59 -17.67 -57.71
C GLU T 19 68.08 -17.86 -56.29
N LEU T 20 66.76 -17.99 -56.14
CA LEU T 20 66.13 -18.15 -54.83
C LEU T 20 66.76 -19.28 -54.02
N HIS T 21 67.10 -20.39 -54.68
CA HIS T 21 67.72 -21.51 -53.99
C HIS T 21 69.04 -21.13 -53.33
N SER T 22 69.88 -20.35 -54.02
CA SER T 22 71.12 -19.88 -53.42
C SER T 22 70.88 -18.98 -52.21
N VAL T 23 69.81 -18.19 -52.23
CA VAL T 23 69.51 -17.31 -51.09
C VAL T 23 69.02 -18.13 -49.90
N TYR T 24 68.11 -19.08 -50.15
CA TYR T 24 67.67 -20.02 -49.13
C TYR T 24 68.83 -20.86 -48.59
N MET T 25 69.59 -21.50 -49.46
CA MET T 25 70.62 -22.44 -49.01
C MET T 25 71.71 -21.76 -48.19
N SER T 26 72.11 -20.54 -48.56
CA SER T 26 73.09 -19.83 -47.75
C SER T 26 72.53 -19.44 -46.39
N GLY T 27 71.24 -19.15 -46.32
CA GLY T 27 70.58 -18.98 -45.02
C GLY T 27 70.51 -20.27 -44.22
N LEU T 28 70.18 -21.39 -44.87
CA LEU T 28 70.23 -22.69 -44.22
C LEU T 28 71.63 -23.02 -43.68
N TRP T 29 72.68 -22.82 -44.49
CA TRP T 29 74.02 -23.09 -44.00
C TRP T 29 74.42 -22.14 -42.87
N LEU T 30 73.99 -20.88 -42.96
CA LEU T 30 74.27 -19.91 -41.90
C LEU T 30 73.62 -20.34 -40.58
N PHE T 31 72.33 -20.65 -40.63
CA PHE T 31 71.57 -21.07 -39.45
C PHE T 31 72.14 -22.36 -38.85
N SER T 32 72.34 -23.37 -39.68
CA SER T 32 72.89 -24.65 -39.21
C SER T 32 74.33 -24.53 -38.70
N ALA T 33 75.12 -23.60 -39.25
CA ALA T 33 76.45 -23.34 -38.68
C ALA T 33 76.37 -22.84 -37.25
N VAL T 34 75.47 -21.89 -36.97
CA VAL T 34 75.30 -21.40 -35.60
C VAL T 34 74.80 -22.52 -34.69
N ALA T 35 73.91 -23.37 -35.20
CA ALA T 35 73.43 -24.51 -34.43
C ALA T 35 74.55 -25.48 -34.07
N ILE T 36 75.49 -25.71 -34.99
CA ILE T 36 76.61 -26.61 -34.72
C ILE T 36 77.49 -26.07 -33.60
N VAL T 37 77.79 -24.78 -33.63
CA VAL T 37 78.53 -24.17 -32.52
C VAL T 37 77.75 -24.29 -31.22
N ALA T 38 76.44 -24.06 -31.27
CA ALA T 38 75.61 -24.19 -30.06
C ALA T 38 75.65 -25.59 -29.48
N HIS T 39 75.52 -26.62 -30.32
CA HIS T 39 75.65 -28.00 -29.84
C HIS T 39 77.04 -28.29 -29.29
N LEU T 40 78.08 -27.80 -29.97
CA LEU T 40 79.45 -28.06 -29.53
C LEU T 40 79.71 -27.50 -28.13
N ALA T 41 79.32 -26.25 -27.90
CA ALA T 41 79.46 -25.65 -26.57
C ALA T 41 78.66 -26.41 -25.51
N VAL T 42 77.41 -26.77 -25.81
CA VAL T 42 76.58 -27.51 -24.86
C VAL T 42 77.14 -28.90 -24.59
N TYR T 43 77.68 -29.57 -25.61
CA TYR T 43 78.30 -30.87 -25.38
C TYR T 43 79.53 -30.74 -24.49
N ILE T 44 80.42 -29.80 -24.81
CA ILE T 44 81.59 -29.55 -23.98
C ILE T 44 81.19 -29.20 -22.55
N TRP T 45 80.10 -28.45 -22.41
CA TRP T 45 79.55 -28.12 -21.10
C TRP T 45 78.95 -29.34 -20.38
N ARG T 46 78.19 -30.19 -21.09
CA ARG T 46 77.43 -31.22 -20.39
C ARG T 46 77.02 -32.36 -21.32
N PRO T 47 77.92 -33.30 -21.61
CA PRO T 47 77.65 -34.30 -22.66
C PRO T 47 76.39 -35.11 -22.40
N TRP T 48 75.63 -35.36 -23.46
CA TRP T 48 74.45 -36.21 -23.38
C TRP T 48 74.71 -37.68 -23.73
N PHE T 49 75.97 -38.06 -23.93
CA PHE T 49 76.35 -39.45 -24.17
C PHE T 49 77.45 -39.89 -23.20
N LEU U 7 52.00 -40.49 -72.62
CA LEU U 7 50.66 -40.65 -72.05
C LEU U 7 50.72 -40.80 -70.54
N GLY U 8 49.71 -40.25 -69.86
CA GLY U 8 49.62 -40.40 -68.43
C GLY U 8 48.46 -39.59 -67.88
N TYR U 9 48.40 -39.52 -66.55
CA TYR U 9 47.42 -38.71 -65.85
C TYR U 9 47.93 -37.34 -65.46
N THR U 10 49.23 -37.21 -65.21
CA THR U 10 49.82 -35.97 -64.73
C THR U 10 50.17 -34.99 -65.85
N GLY U 11 50.23 -35.46 -67.10
CA GLY U 11 50.68 -34.66 -68.21
C GLY U 11 52.18 -34.64 -68.43
N LEU U 12 52.97 -35.12 -67.46
CA LEU U 12 54.42 -35.17 -67.61
C LEU U 12 54.81 -36.10 -68.76
N THR U 13 55.79 -35.64 -69.55
CA THR U 13 56.43 -36.50 -70.53
C THR U 13 57.42 -37.45 -69.86
N ASP U 14 57.72 -38.55 -70.57
CA ASP U 14 58.67 -39.54 -70.09
C ASP U 14 60.03 -38.92 -69.78
N GLU U 15 60.47 -38.00 -70.64
CA GLU U 15 61.71 -37.27 -70.38
C GLU U 15 61.64 -36.48 -69.08
N GLN U 16 60.55 -35.73 -68.89
CA GLN U 16 60.38 -34.91 -67.69
C GLN U 16 60.17 -35.76 -66.43
N ALA U 17 59.48 -36.89 -66.57
CA ALA U 17 59.32 -37.81 -65.43
C ALA U 17 60.65 -38.43 -65.01
N GLN U 18 61.49 -38.82 -65.96
CA GLN U 18 62.80 -39.39 -65.61
C GLN U 18 63.66 -38.38 -64.88
N GLU U 19 63.66 -37.12 -65.34
CA GLU U 19 64.42 -36.06 -64.69
C GLU U 19 64.03 -35.92 -63.21
N LEU U 20 62.76 -35.68 -62.95
CA LEU U 20 62.27 -35.56 -61.57
C LEU U 20 62.52 -36.82 -60.75
N HIS U 21 62.39 -38.00 -61.34
CA HIS U 21 62.67 -39.23 -60.60
C HIS U 21 64.14 -39.32 -60.18
N SER U 22 65.05 -38.95 -61.07
CA SER U 22 66.48 -39.05 -60.77
C SER U 22 66.86 -38.22 -59.54
N VAL U 23 66.34 -37.00 -59.45
CA VAL U 23 66.65 -36.15 -58.30
C VAL U 23 65.90 -36.60 -57.05
N TYR U 24 64.65 -37.04 -57.19
CA TYR U 24 63.95 -37.70 -56.08
C TYR U 24 64.76 -38.88 -55.52
N MET U 25 65.29 -39.72 -56.40
CA MET U 25 66.14 -40.82 -55.94
C MET U 25 67.39 -40.32 -55.22
N SER U 26 67.99 -39.22 -55.67
CA SER U 26 69.17 -38.68 -55.01
C SER U 26 68.84 -38.20 -53.60
N GLY U 27 67.69 -37.56 -53.42
CA GLY U 27 67.24 -37.19 -52.08
C GLY U 27 66.98 -38.38 -51.18
N LEU U 28 66.32 -39.41 -51.73
CA LEU U 28 66.09 -40.65 -50.99
C LEU U 28 67.40 -41.29 -50.53
N TRP U 29 68.36 -41.44 -51.44
CA TRP U 29 69.64 -42.03 -51.04
C TRP U 29 70.38 -41.18 -50.01
N LEU U 30 70.35 -39.85 -50.17
CA LEU U 30 71.00 -38.98 -49.20
C LEU U 30 70.36 -39.12 -47.82
N PHE U 31 69.03 -39.14 -47.77
CA PHE U 31 68.32 -39.28 -46.52
C PHE U 31 68.59 -40.64 -45.87
N SER U 32 68.52 -41.71 -46.66
CA SER U 32 68.74 -43.05 -46.13
C SER U 32 70.20 -43.29 -45.73
N ALA U 33 71.15 -42.68 -46.43
CA ALA U 33 72.55 -42.78 -46.02
C ALA U 33 72.78 -42.17 -44.64
N VAL U 34 72.27 -40.96 -44.42
CA VAL U 34 72.36 -40.31 -43.12
C VAL U 34 71.66 -41.14 -42.05
N ALA U 35 70.53 -41.76 -42.40
CA ALA U 35 69.83 -42.63 -41.47
C ALA U 35 70.66 -43.85 -41.09
N ILE U 36 71.21 -44.56 -42.09
CA ILE U 36 71.96 -45.79 -41.84
C ILE U 36 73.13 -45.53 -40.91
N VAL U 37 73.79 -44.39 -41.06
CA VAL U 37 74.88 -44.04 -40.14
C VAL U 37 74.34 -43.82 -38.73
N ALA U 38 73.23 -43.08 -38.60
CA ALA U 38 72.63 -42.87 -37.29
C ALA U 38 72.19 -44.16 -36.62
N HIS U 39 71.60 -45.09 -37.38
CA HIS U 39 71.28 -46.41 -36.83
C HIS U 39 72.52 -47.15 -36.37
N LEU U 40 73.58 -47.16 -37.18
CA LEU U 40 74.81 -47.84 -36.80
C LEU U 40 75.44 -47.23 -35.56
N ALA U 41 75.53 -45.90 -35.51
CA ALA U 41 76.09 -45.22 -34.35
C ALA U 41 75.31 -45.52 -33.07
N VAL U 42 73.98 -45.49 -33.14
CA VAL U 42 73.15 -45.82 -31.98
C VAL U 42 73.23 -47.29 -31.61
N TYR U 43 73.27 -48.19 -32.59
CA TYR U 43 73.42 -49.60 -32.29
C TYR U 43 74.75 -49.88 -31.59
N ILE U 44 75.84 -49.31 -32.09
CA ILE U 44 77.15 -49.51 -31.46
C ILE U 44 77.17 -48.92 -30.05
N TRP U 45 76.46 -47.82 -29.83
CA TRP U 45 76.30 -47.28 -28.48
C TRP U 45 75.42 -48.15 -27.60
N ARG U 46 74.30 -48.65 -28.14
CA ARG U 46 73.32 -49.31 -27.29
C ARG U 46 72.48 -50.28 -28.11
N PRO U 47 72.94 -51.52 -28.29
CA PRO U 47 72.22 -52.47 -29.17
C PRO U 47 70.81 -52.76 -28.69
N TRP U 48 69.88 -52.84 -29.64
CA TRP U 48 68.51 -53.26 -29.38
C TRP U 48 68.25 -54.73 -29.73
N PHE U 49 69.31 -55.53 -29.87
CA PHE U 49 69.16 -56.98 -30.03
C PHE U 49 70.15 -57.72 -29.14
N LEU V 7 38.97 -52.15 -75.40
CA LEU V 7 37.95 -52.84 -74.60
C LEU V 7 38.29 -52.74 -73.11
N GLY V 8 37.52 -51.98 -72.36
CA GLY V 8 37.73 -51.89 -70.93
C GLY V 8 37.18 -50.62 -70.34
N TYR V 9 37.24 -50.55 -69.01
CA TYR V 9 36.68 -49.47 -68.22
C TYR V 9 37.64 -48.30 -68.05
N THR V 10 38.92 -48.58 -67.81
CA THR V 10 39.89 -47.54 -67.46
C THR V 10 40.36 -46.73 -68.65
N GLY V 11 40.25 -47.26 -69.86
CA GLY V 11 40.88 -46.64 -71.01
C GLY V 11 42.38 -46.81 -71.09
N LEU V 12 42.97 -47.68 -70.28
CA LEU V 12 44.26 -48.25 -70.62
C LEU V 12 44.13 -49.14 -71.86
N THR V 13 45.18 -49.17 -72.66
CA THR V 13 45.30 -50.20 -73.69
C THR V 13 45.78 -51.51 -73.09
N ASP V 14 45.63 -52.59 -73.87
CA ASP V 14 46.12 -53.89 -73.44
C ASP V 14 47.63 -53.92 -73.27
N GLU V 15 48.35 -53.11 -74.06
CA GLU V 15 49.81 -53.07 -73.93
C GLU V 15 50.25 -52.20 -72.77
N GLN V 16 49.52 -51.10 -72.50
CA GLN V 16 49.82 -50.29 -71.32
C GLN V 16 49.58 -51.07 -70.04
N ALA V 17 48.53 -51.90 -70.01
CA ALA V 17 48.30 -52.81 -68.89
C ALA V 17 49.48 -53.75 -68.67
N GLN V 18 50.01 -54.34 -69.75
CA GLN V 18 51.13 -55.27 -69.60
C GLN V 18 52.39 -54.58 -69.10
N GLU V 19 52.68 -53.37 -69.62
CA GLU V 19 53.83 -52.63 -69.12
C GLU V 19 53.69 -52.34 -67.62
N LEU V 20 52.58 -51.73 -67.23
CA LEU V 20 52.36 -51.37 -65.83
C LEU V 20 52.38 -52.60 -64.93
N HIS V 21 51.74 -53.69 -65.36
CA HIS V 21 51.76 -54.93 -64.57
C HIS V 21 53.17 -55.48 -64.40
N SER V 22 53.99 -55.45 -65.45
CA SER V 22 55.36 -55.94 -65.31
C SER V 22 56.15 -55.12 -64.30
N VAL V 23 55.89 -53.81 -64.22
CA VAL V 23 56.56 -52.98 -63.22
C VAL V 23 55.99 -53.25 -61.83
N TYR V 24 54.66 -53.28 -61.71
CA TYR V 24 54.00 -53.57 -60.45
C TYR V 24 54.49 -54.87 -59.82
N MET V 25 54.47 -55.96 -60.59
CA MET V 25 54.95 -57.24 -60.09
C MET V 25 56.40 -57.18 -59.61
N SER V 26 57.25 -56.42 -60.32
CA SER V 26 58.64 -56.29 -59.89
C SER V 26 58.76 -55.53 -58.58
N GLY V 27 57.92 -54.50 -58.38
CA GLY V 27 57.88 -53.83 -57.09
C GLY V 27 57.41 -54.73 -55.95
N LEU V 28 56.38 -55.53 -56.22
CA LEU V 28 55.93 -56.55 -55.26
C LEU V 28 57.04 -57.55 -54.92
N TRP V 29 57.73 -58.07 -55.94
CA TRP V 29 58.79 -59.05 -55.67
C TRP V 29 59.94 -58.44 -54.88
N LEU V 30 60.31 -57.19 -55.16
CA LEU V 30 61.34 -56.54 -54.36
C LEU V 30 60.88 -56.34 -52.91
N PHE V 31 59.63 -55.95 -52.72
CA PHE V 31 59.09 -55.79 -51.36
C PHE V 31 59.06 -57.11 -50.62
N SER V 32 58.46 -58.14 -51.22
CA SER V 32 58.35 -59.44 -50.56
C SER V 32 59.69 -60.13 -50.36
N ALA V 33 60.66 -59.88 -51.23
CA ALA V 33 62.01 -60.42 -51.01
C ALA V 33 62.60 -59.91 -49.69
N VAL V 34 62.48 -58.60 -49.43
CA VAL V 34 62.89 -58.06 -48.14
C VAL V 34 62.04 -58.64 -47.01
N ALA V 35 60.74 -58.81 -47.24
CA ALA V 35 59.85 -59.38 -46.24
C ALA V 35 60.28 -60.78 -45.80
N ILE V 36 60.67 -61.63 -46.75
CA ILE V 36 61.16 -62.97 -46.40
C ILE V 36 62.42 -62.88 -45.54
N VAL V 37 63.36 -62.03 -45.94
CA VAL V 37 64.62 -61.89 -45.21
C VAL V 37 64.35 -61.42 -43.78
N ALA V 38 63.41 -60.49 -43.60
CA ALA V 38 63.02 -60.04 -42.27
C ALA V 38 62.37 -61.15 -41.44
N HIS V 39 61.43 -61.90 -42.04
CA HIS V 39 60.81 -63.00 -41.32
C HIS V 39 61.82 -64.08 -40.93
N LEU V 40 62.69 -64.48 -41.86
CA LEU V 40 63.70 -65.48 -41.56
C LEU V 40 64.66 -65.00 -40.48
N ALA V 41 65.05 -63.72 -40.52
CA ALA V 41 65.92 -63.16 -39.48
C ALA V 41 65.26 -63.19 -38.11
N VAL V 42 64.01 -62.76 -38.01
CA VAL V 42 63.28 -62.81 -36.74
C VAL V 42 63.05 -64.26 -36.29
N TYR V 43 62.82 -65.18 -37.22
CA TYR V 43 62.68 -66.58 -36.83
C TYR V 43 63.99 -67.13 -36.26
N ILE V 44 65.11 -66.84 -36.93
CA ILE V 44 66.42 -67.25 -36.42
C ILE V 44 66.71 -66.61 -35.07
N TRP V 45 66.36 -65.32 -34.93
CA TRP V 45 66.53 -64.63 -33.65
C TRP V 45 65.61 -65.18 -32.56
N ARG V 46 64.34 -65.44 -32.89
CA ARG V 46 63.37 -65.73 -31.85
C ARG V 46 62.15 -66.44 -32.44
N PRO V 47 62.18 -67.77 -32.55
CA PRO V 47 61.09 -68.49 -33.23
C PRO V 47 59.74 -68.30 -32.54
N TRP V 48 58.69 -68.17 -33.36
CA TRP V 48 57.34 -68.01 -32.84
C TRP V 48 56.52 -69.29 -32.87
N PHE V 49 57.01 -70.36 -33.50
CA PHE V 49 56.33 -71.65 -33.46
C PHE V 49 56.95 -72.56 -32.41
N LEU W 7 24.56 -57.80 -74.14
CA LEU W 7 23.73 -59.00 -74.17
C LEU W 7 23.18 -59.29 -72.78
N GLY W 8 23.90 -58.86 -71.75
CA GLY W 8 23.40 -58.80 -70.40
C GLY W 8 23.34 -57.38 -69.87
N TYR W 9 22.96 -57.28 -68.58
CA TYR W 9 22.90 -55.97 -67.93
C TYR W 9 24.23 -55.25 -67.96
N THR W 10 25.34 -55.97 -67.90
CA THR W 10 26.64 -55.34 -67.70
C THR W 10 27.24 -54.76 -68.96
N GLY W 11 26.75 -55.15 -70.14
CA GLY W 11 27.37 -54.76 -71.39
C GLY W 11 28.57 -55.59 -71.78
N LEU W 12 29.09 -56.44 -70.90
CA LEU W 12 30.03 -57.48 -71.31
C LEU W 12 29.35 -58.43 -72.27
N THR W 13 30.12 -58.90 -73.26
CA THR W 13 29.64 -59.95 -74.14
C THR W 13 29.73 -61.32 -73.47
N ASP W 14 29.10 -62.31 -74.13
CA ASP W 14 29.25 -63.70 -73.72
C ASP W 14 30.70 -64.18 -73.77
N GLU W 15 31.54 -63.56 -74.62
CA GLU W 15 32.95 -63.93 -74.65
C GLU W 15 33.76 -63.22 -73.57
N GLN W 16 33.55 -61.91 -73.41
CA GLN W 16 34.19 -61.18 -72.32
C GLN W 16 33.87 -61.80 -70.96
N ALA W 17 32.62 -62.26 -70.78
CA ALA W 17 32.25 -62.92 -69.53
C ALA W 17 32.97 -64.25 -69.34
N GLN W 18 33.28 -64.96 -70.41
CA GLN W 18 34.09 -66.17 -70.29
C GLN W 18 35.57 -65.85 -70.09
N GLU W 19 36.08 -64.81 -70.75
CA GLU W 19 37.45 -64.37 -70.53
C GLU W 19 37.71 -64.07 -69.06
N LEU W 20 36.88 -63.20 -68.47
CA LEU W 20 37.06 -62.81 -67.08
C LEU W 20 36.83 -63.97 -66.11
N HIS W 21 35.83 -64.81 -66.38
CA HIS W 21 35.62 -65.97 -65.51
C HIS W 21 36.82 -66.91 -65.49
N SER W 22 37.48 -67.11 -66.63
CA SER W 22 38.65 -67.98 -66.67
C SER W 22 39.77 -67.48 -65.76
N VAL W 23 39.99 -66.17 -65.72
CA VAL W 23 41.03 -65.63 -64.82
C VAL W 23 40.54 -65.57 -63.37
N TYR W 24 39.26 -65.33 -63.14
CA TYR W 24 38.71 -65.39 -61.78
C TYR W 24 38.93 -66.77 -61.16
N MET W 25 38.57 -67.82 -61.88
CA MET W 25 38.79 -69.18 -61.38
C MET W 25 40.27 -69.49 -61.22
N SER W 26 41.11 -68.98 -62.12
CA SER W 26 42.55 -69.12 -61.96
C SER W 26 43.02 -68.52 -60.64
N GLY W 27 42.43 -67.40 -60.22
CA GLY W 27 42.76 -66.75 -58.97
C GLY W 27 42.18 -67.43 -57.75
N LEU W 28 40.91 -67.83 -57.85
CA LEU W 28 40.25 -68.58 -56.79
C LEU W 28 41.00 -69.87 -56.46
N TRP W 29 41.30 -70.69 -57.46
CA TRP W 29 41.98 -71.95 -57.19
C TRP W 29 43.35 -71.76 -56.57
N LEU W 30 44.06 -70.71 -56.95
CA LEU W 30 45.37 -70.45 -56.34
C LEU W 30 45.21 -70.03 -54.88
N PHE W 31 44.31 -69.10 -54.60
CA PHE W 31 44.06 -68.65 -53.23
C PHE W 31 43.64 -69.80 -52.33
N SER W 32 42.68 -70.61 -52.80
CA SER W 32 42.21 -71.75 -52.01
C SER W 32 43.27 -72.84 -51.87
N ALA W 33 44.10 -73.04 -52.89
CA ALA W 33 45.21 -73.99 -52.77
C ALA W 33 46.20 -73.59 -51.69
N VAL W 34 46.55 -72.31 -51.63
CA VAL W 34 47.43 -71.82 -50.57
C VAL W 34 46.75 -71.94 -49.20
N ALA W 35 45.47 -71.58 -49.12
CA ALA W 35 44.71 -71.75 -47.89
C ALA W 35 44.65 -73.21 -47.44
N ILE W 36 44.44 -74.14 -48.38
CA ILE W 36 44.42 -75.56 -48.06
C ILE W 36 45.77 -76.00 -47.46
N VAL W 37 46.86 -75.56 -48.08
CA VAL W 37 48.19 -75.86 -47.55
C VAL W 37 48.37 -75.25 -46.16
N ALA W 38 47.90 -74.02 -45.96
CA ALA W 38 47.98 -73.38 -44.64
C ALA W 38 47.20 -74.15 -43.58
N HIS W 39 45.98 -74.59 -43.90
CA HIS W 39 45.21 -75.41 -42.96
C HIS W 39 45.91 -76.73 -42.64
N LEU W 40 46.47 -77.39 -43.65
CA LEU W 40 47.11 -78.69 -43.41
C LEU W 40 48.35 -78.54 -42.55
N ALA W 41 49.14 -77.50 -42.79
CA ALA W 41 50.29 -77.19 -41.93
C ALA W 41 49.88 -76.95 -40.48
N VAL W 42 48.85 -76.13 -40.26
CA VAL W 42 48.35 -75.87 -38.90
C VAL W 42 47.74 -77.11 -38.28
N TYR W 43 47.06 -77.94 -39.06
CA TYR W 43 46.52 -79.18 -38.50
C TYR W 43 47.64 -80.11 -38.04
N ILE W 44 48.69 -80.26 -38.86
CA ILE W 44 49.85 -81.06 -38.46
C ILE W 44 50.52 -80.46 -37.23
N TRP W 45 50.63 -79.13 -37.18
CA TRP W 45 51.17 -78.45 -36.00
C TRP W 45 50.29 -78.63 -34.76
N ARG W 46 48.97 -78.53 -34.90
CA ARG W 46 48.11 -78.43 -33.71
C ARG W 46 46.66 -78.75 -34.05
N PRO W 47 46.31 -80.03 -34.13
CA PRO W 47 44.95 -80.42 -34.56
C PRO W 47 43.84 -79.80 -33.72
N TRP W 48 42.81 -79.28 -34.40
CA TRP W 48 41.64 -78.74 -33.73
C TRP W 48 40.50 -79.75 -33.61
N PHE W 49 40.68 -80.98 -34.09
CA PHE W 49 39.66 -82.01 -33.96
C PHE W 49 40.15 -83.18 -33.11
N LEU X 7 10.01 -58.38 -69.37
CA LEU X 7 8.61 -58.72 -69.09
C LEU X 7 8.37 -58.79 -67.58
N GLY X 8 7.11 -59.05 -67.21
CA GLY X 8 6.70 -58.94 -65.82
C GLY X 8 6.86 -57.55 -65.26
N TYR X 9 7.80 -57.36 -64.34
CA TYR X 9 8.18 -56.05 -63.84
C TYR X 9 9.64 -55.71 -64.05
N THR X 10 10.52 -56.69 -64.25
CA THR X 10 11.95 -56.41 -64.39
C THR X 10 12.31 -55.98 -65.80
N GLY X 11 11.95 -56.79 -66.79
CA GLY X 11 12.50 -56.67 -68.14
C GLY X 11 13.23 -57.91 -68.61
N LEU X 12 13.40 -58.93 -67.77
CA LEU X 12 13.85 -60.23 -68.25
C LEU X 12 12.75 -60.88 -69.06
N THR X 13 13.14 -61.62 -70.10
CA THR X 13 12.20 -62.47 -70.83
C THR X 13 12.05 -63.84 -70.18
N ASP X 14 11.09 -64.61 -70.70
CA ASP X 14 10.94 -66.01 -70.32
C ASP X 14 12.20 -66.81 -70.58
N GLU X 15 12.81 -66.61 -71.76
CA GLU X 15 14.03 -67.33 -72.12
C GLU X 15 15.19 -66.96 -71.21
N GLN X 16 15.37 -65.67 -70.95
CA GLN X 16 16.44 -65.21 -70.07
C GLN X 16 16.24 -65.73 -68.64
N ALA X 17 15.03 -65.56 -68.10
CA ALA X 17 14.76 -65.96 -66.72
C ALA X 17 14.91 -67.46 -66.51
N GLN X 18 14.42 -68.26 -67.46
CA GLN X 18 14.48 -69.72 -67.31
C GLN X 18 15.90 -70.26 -67.34
N GLU X 19 16.83 -69.56 -67.99
CA GLU X 19 18.23 -70.00 -67.96
C GLU X 19 18.95 -69.53 -66.69
N LEU X 20 18.75 -68.27 -66.32
CA LEU X 20 19.30 -67.72 -65.09
C LEU X 20 18.93 -68.58 -63.88
N HIS X 21 17.66 -68.95 -63.79
CA HIS X 21 17.17 -69.81 -62.72
C HIS X 21 17.91 -71.15 -62.66
N SER X 22 18.26 -71.72 -63.81
CA SER X 22 19.00 -72.98 -63.80
C SER X 22 20.39 -72.81 -63.23
N VAL X 23 21.05 -71.68 -63.51
CA VAL X 23 22.35 -71.41 -62.89
C VAL X 23 22.20 -71.13 -61.39
N TYR X 24 21.17 -70.38 -61.01
CA TYR X 24 20.86 -70.17 -59.60
C TYR X 24 20.66 -71.50 -58.86
N MET X 25 19.82 -72.38 -59.42
CA MET X 25 19.60 -73.68 -58.79
C MET X 25 20.83 -74.56 -58.81
N SER X 26 21.70 -74.44 -59.80
CA SER X 26 22.98 -75.13 -59.76
C SER X 26 23.84 -74.66 -58.60
N GLY X 27 23.78 -73.37 -58.28
CA GLY X 27 24.40 -72.87 -57.07
C GLY X 27 23.75 -73.37 -55.80
N LEU X 28 22.41 -73.34 -55.75
CA LEU X 28 21.67 -73.84 -54.60
C LEU X 28 22.05 -75.28 -54.25
N TRP X 29 21.95 -76.20 -55.20
CA TRP X 29 22.17 -77.61 -54.87
C TRP X 29 23.63 -77.88 -54.51
N LEU X 30 24.57 -77.26 -55.22
CA LEU X 30 25.98 -77.39 -54.88
C LEU X 30 26.26 -76.92 -53.45
N PHE X 31 25.77 -75.72 -53.12
CA PHE X 31 25.90 -75.20 -51.76
C PHE X 31 25.22 -76.12 -50.74
N SER X 32 23.98 -76.53 -51.03
CA SER X 32 23.25 -77.44 -50.15
C SER X 32 23.94 -78.79 -49.99
N ALA X 33 24.49 -79.35 -51.06
CA ALA X 33 25.20 -80.62 -50.97
C ALA X 33 26.39 -80.55 -50.02
N VAL X 34 27.19 -79.49 -50.12
CA VAL X 34 28.29 -79.29 -49.18
C VAL X 34 27.77 -79.12 -47.75
N ALA X 35 26.65 -78.41 -47.60
CA ALA X 35 26.05 -78.25 -46.27
C ALA X 35 25.58 -79.57 -45.69
N ILE X 36 25.06 -80.48 -46.53
CA ILE X 36 24.72 -81.82 -46.07
C ILE X 36 25.96 -82.55 -45.57
N VAL X 37 27.03 -82.53 -46.37
CA VAL X 37 28.29 -83.18 -45.98
C VAL X 37 28.81 -82.60 -44.68
N ALA X 38 28.80 -81.28 -44.54
CA ALA X 38 29.19 -80.63 -43.28
C ALA X 38 28.34 -81.07 -42.10
N HIS X 39 27.01 -81.08 -42.25
CA HIS X 39 26.14 -81.54 -41.18
C HIS X 39 26.40 -82.99 -40.81
N LEU X 40 26.49 -83.88 -41.80
CA LEU X 40 26.70 -85.29 -41.50
C LEU X 40 28.05 -85.53 -40.83
N ALA X 41 29.10 -84.84 -41.28
CA ALA X 41 30.41 -84.96 -40.64
C ALA X 41 30.37 -84.50 -39.19
N VAL X 42 29.75 -83.36 -38.92
CA VAL X 42 29.56 -82.88 -37.55
C VAL X 42 28.68 -83.83 -36.74
N TYR X 43 27.65 -84.40 -37.36
CA TYR X 43 26.79 -85.33 -36.63
C TYR X 43 27.53 -86.60 -36.25
N ILE X 44 28.26 -87.20 -37.20
CA ILE X 44 29.07 -88.37 -36.90
C ILE X 44 30.09 -88.06 -35.80
N TRP X 45 30.64 -86.85 -35.82
CA TRP X 45 31.58 -86.42 -34.79
C TRP X 45 30.89 -86.13 -33.45
N ARG X 46 29.71 -85.51 -33.47
CA ARG X 46 29.12 -85.05 -32.22
C ARG X 46 27.61 -84.84 -32.35
N PRO X 47 26.81 -85.90 -32.23
CA PRO X 47 25.36 -85.78 -32.44
C PRO X 47 24.71 -84.77 -31.51
N TRP X 48 23.81 -83.96 -32.07
CA TRP X 48 23.07 -82.96 -31.31
C TRP X 48 21.66 -83.40 -30.92
N PHE X 49 21.27 -84.63 -31.27
CA PHE X 49 20.05 -85.24 -30.74
C PHE X 49 20.39 -86.45 -29.89
N GLY Y 8 -8.01 -53.78 -61.80
CA GLY Y 8 -7.35 -53.94 -60.52
C GLY Y 8 -6.07 -53.12 -60.40
N TYR Y 9 -5.80 -52.64 -59.19
CA TYR Y 9 -4.78 -51.62 -58.98
C TYR Y 9 -3.34 -52.16 -58.99
N THR Y 10 -3.13 -53.41 -59.39
CA THR Y 10 -1.79 -53.87 -59.76
C THR Y 10 -1.55 -53.83 -61.26
N GLY Y 11 -2.55 -53.47 -62.06
CA GLY Y 11 -2.43 -53.46 -63.49
C GLY Y 11 -2.43 -54.82 -64.16
N LEU Y 12 -2.25 -55.90 -63.40
CA LEU Y 12 -2.23 -57.24 -63.96
C LEU Y 12 -3.58 -57.57 -64.62
N THR Y 13 -3.51 -58.20 -65.79
CA THR Y 13 -4.66 -58.91 -66.31
C THR Y 13 -5.02 -60.07 -65.39
N ASP Y 14 -6.27 -60.55 -65.53
CA ASP Y 14 -6.71 -61.72 -64.79
C ASP Y 14 -5.85 -62.95 -65.12
N GLU Y 15 -5.58 -63.16 -66.41
CA GLU Y 15 -4.70 -64.25 -66.83
C GLU Y 15 -3.38 -64.26 -66.07
N GLN Y 16 -2.77 -63.09 -65.91
CA GLN Y 16 -1.52 -62.98 -65.17
C GLN Y 16 -1.70 -63.33 -63.69
N ALA Y 17 -2.78 -62.85 -63.08
CA ALA Y 17 -3.05 -63.16 -61.67
C ALA Y 17 -3.30 -64.65 -61.45
N GLN Y 18 -3.99 -65.32 -62.37
CA GLN Y 18 -4.14 -66.77 -62.27
C GLN Y 18 -2.80 -67.48 -62.36
N GLU Y 19 -1.98 -67.09 -63.35
CA GLU Y 19 -0.65 -67.66 -63.49
C GLU Y 19 0.18 -67.47 -62.22
N LEU Y 20 0.26 -66.22 -61.75
CA LEU Y 20 0.99 -65.86 -60.53
C LEU Y 20 0.57 -66.68 -59.31
N HIS Y 21 -0.74 -66.81 -59.09
CA HIS Y 21 -1.26 -67.57 -57.95
C HIS Y 21 -0.88 -69.05 -57.99
N SER Y 22 -0.82 -69.64 -59.18
CA SER Y 22 -0.46 -71.07 -59.25
C SER Y 22 0.96 -71.31 -58.76
N VAL Y 23 1.89 -70.41 -59.09
CA VAL Y 23 3.26 -70.55 -58.63
C VAL Y 23 3.35 -70.30 -57.12
N TYR Y 24 2.72 -69.21 -56.66
CA TYR Y 24 2.72 -68.88 -55.23
C TYR Y 24 2.20 -70.02 -54.36
N MET Y 25 1.03 -70.57 -54.70
CA MET Y 25 0.47 -71.64 -53.88
C MET Y 25 1.29 -72.92 -53.94
N SER Y 26 1.90 -73.22 -55.09
CA SER Y 26 2.79 -74.39 -55.15
C SER Y 26 4.01 -74.22 -54.25
N GLY Y 27 4.53 -72.99 -54.16
CA GLY Y 27 5.54 -72.68 -53.16
C GLY Y 27 5.04 -72.88 -51.73
N LEU Y 28 3.85 -72.38 -51.45
CA LEU Y 28 3.26 -72.54 -50.12
C LEU Y 28 2.99 -74.00 -49.76
N TRP Y 29 2.51 -74.80 -50.71
CA TRP Y 29 2.35 -76.22 -50.44
C TRP Y 29 3.67 -76.90 -50.12
N LEU Y 30 4.73 -76.55 -50.85
CA LEU Y 30 6.05 -77.11 -50.55
C LEU Y 30 6.55 -76.68 -49.17
N PHE Y 31 6.42 -75.38 -48.87
CA PHE Y 31 6.82 -74.88 -47.55
C PHE Y 31 6.01 -75.54 -46.43
N SER Y 32 4.69 -75.64 -46.61
CA SER Y 32 3.84 -76.31 -45.62
C SER Y 32 4.21 -77.78 -45.44
N ALA Y 33 4.55 -78.47 -46.52
CA ALA Y 33 4.92 -79.89 -46.42
C ALA Y 33 6.16 -80.08 -45.55
N VAL Y 34 7.19 -79.26 -45.75
CA VAL Y 34 8.40 -79.37 -44.93
C VAL Y 34 8.10 -79.05 -43.47
N ALA Y 35 7.28 -78.03 -43.22
CA ALA Y 35 6.87 -77.69 -41.87
C ALA Y 35 6.12 -78.82 -41.19
N ILE Y 36 5.18 -79.45 -41.90
CA ILE Y 36 4.41 -80.55 -41.33
C ILE Y 36 5.32 -81.71 -40.94
N VAL Y 37 6.28 -82.06 -41.79
CA VAL Y 37 7.25 -83.11 -41.44
C VAL Y 37 8.09 -82.67 -40.25
N ALA Y 38 8.54 -81.42 -40.23
CA ALA Y 38 9.35 -80.92 -39.13
C ALA Y 38 8.64 -81.00 -37.79
N HIS Y 39 7.35 -80.63 -37.74
CA HIS Y 39 6.58 -80.77 -36.52
C HIS Y 39 6.39 -82.23 -36.12
N LEU Y 40 6.17 -83.13 -37.09
CA LEU Y 40 6.09 -84.55 -36.76
C LEU Y 40 7.39 -85.05 -36.15
N ALA Y 41 8.52 -84.75 -36.79
CA ALA Y 41 9.83 -85.19 -36.29
C ALA Y 41 10.10 -84.67 -34.88
N VAL Y 42 9.80 -83.39 -34.63
CA VAL Y 42 9.97 -82.82 -33.28
C VAL Y 42 8.97 -83.41 -32.28
N TYR Y 43 7.73 -83.67 -32.72
CA TYR Y 43 6.78 -84.29 -31.79
C TYR Y 43 7.14 -85.73 -31.46
N ILE Y 44 7.65 -86.48 -32.43
CA ILE Y 44 8.21 -87.81 -32.15
C ILE Y 44 9.40 -87.69 -31.21
N TRP Y 45 10.32 -86.77 -31.51
CA TRP Y 45 11.49 -86.56 -30.66
C TRP Y 45 11.13 -86.10 -29.25
N ARG Y 46 10.14 -85.21 -29.12
CA ARG Y 46 9.88 -84.60 -27.82
C ARG Y 46 8.49 -83.94 -27.79
N PRO Y 47 7.44 -84.70 -27.49
CA PRO Y 47 6.09 -84.15 -27.53
C PRO Y 47 5.89 -82.95 -26.62
N TRP Y 48 5.13 -81.97 -27.10
CA TRP Y 48 4.70 -80.83 -26.29
C TRP Y 48 3.28 -80.97 -25.76
N PHE Y 49 2.64 -82.11 -25.98
CA PHE Y 49 1.31 -82.42 -25.45
C PHE Y 49 1.27 -83.86 -24.96
N GLY Z 8 -19.23 -43.26 -55.39
CA GLY Z 8 -18.57 -44.36 -54.73
C GLY Z 8 -17.09 -44.13 -54.52
N TYR Z 9 -16.71 -44.00 -53.24
CA TYR Z 9 -15.38 -43.50 -52.88
C TYR Z 9 -14.26 -44.33 -53.51
N THR Z 10 -14.43 -45.65 -53.56
CA THR Z 10 -13.38 -46.53 -54.08
C THR Z 10 -13.46 -46.76 -55.58
N GLY Z 11 -14.52 -46.29 -56.23
CA GLY Z 11 -14.74 -46.57 -57.63
C GLY Z 11 -15.19 -47.99 -57.96
N LEU Z 12 -15.29 -48.87 -56.97
CA LEU Z 12 -15.77 -50.22 -57.23
C LEU Z 12 -17.22 -50.18 -57.70
N THR Z 13 -17.47 -50.72 -58.89
CA THR Z 13 -18.83 -50.91 -59.35
C THR Z 13 -19.58 -51.88 -58.43
N ASP Z 14 -20.90 -51.81 -58.48
CA ASP Z 14 -21.74 -52.70 -57.68
C ASP Z 14 -21.41 -54.17 -57.94
N GLU Z 15 -21.14 -54.52 -59.19
CA GLU Z 15 -20.77 -55.89 -59.52
C GLU Z 15 -19.37 -56.22 -59.00
N GLN Z 16 -18.44 -55.28 -59.06
CA GLN Z 16 -17.12 -55.48 -58.47
C GLN Z 16 -17.19 -55.67 -56.96
N ALA Z 17 -18.05 -54.89 -56.29
CA ALA Z 17 -18.20 -55.05 -54.84
C ALA Z 17 -18.93 -56.34 -54.47
N GLN Z 18 -19.93 -56.73 -55.27
CA GLN Z 18 -20.61 -58.00 -55.03
C GLN Z 18 -19.72 -59.20 -55.33
N GLU Z 19 -18.80 -59.08 -56.29
CA GLU Z 19 -17.80 -60.11 -56.52
C GLU Z 19 -16.78 -60.16 -55.37
N LEU Z 20 -16.09 -59.04 -55.14
CA LEU Z 20 -14.97 -59.01 -54.19
C LEU Z 20 -15.39 -59.44 -52.79
N HIS Z 21 -16.58 -59.02 -52.34
CA HIS Z 21 -17.11 -59.48 -51.07
C HIS Z 21 -17.27 -60.99 -50.99
N SER Z 22 -17.66 -61.64 -52.09
CA SER Z 22 -17.87 -63.08 -52.05
C SER Z 22 -16.56 -63.84 -51.82
N VAL Z 23 -15.45 -63.33 -52.35
CA VAL Z 23 -14.17 -63.99 -52.12
C VAL Z 23 -13.64 -63.69 -50.72
N TYR Z 24 -13.81 -62.44 -50.26
CA TYR Z 24 -13.46 -62.09 -48.89
C TYR Z 24 -14.20 -62.95 -47.86
N MET Z 25 -15.51 -63.09 -48.01
CA MET Z 25 -16.29 -63.96 -47.13
C MET Z 25 -15.80 -65.41 -47.18
N SER Z 26 -15.51 -65.92 -48.37
CA SER Z 26 -14.98 -67.29 -48.50
C SER Z 26 -13.73 -67.48 -47.66
N GLY Z 27 -12.81 -66.52 -47.71
CA GLY Z 27 -11.63 -66.59 -46.84
C GLY Z 27 -11.94 -66.48 -45.37
N LEU Z 28 -12.84 -65.56 -45.00
CA LEU Z 28 -13.26 -65.44 -43.60
C LEU Z 28 -13.85 -66.74 -43.05
N TRP Z 29 -14.75 -67.38 -43.80
CA TRP Z 29 -15.33 -68.63 -43.33
C TRP Z 29 -14.27 -69.73 -43.20
N LEU Z 30 -13.35 -69.80 -44.16
CA LEU Z 30 -12.25 -70.77 -44.09
C LEU Z 30 -11.40 -70.54 -42.85
N PHE Z 31 -10.94 -69.30 -42.66
CA PHE Z 31 -10.12 -68.93 -41.51
C PHE Z 31 -10.84 -69.20 -40.18
N SER Z 32 -12.07 -68.69 -40.05
CA SER Z 32 -12.83 -68.88 -38.81
C SER Z 32 -13.17 -70.35 -38.55
N ALA Z 33 -13.39 -71.14 -39.61
CA ALA Z 33 -13.56 -72.59 -39.43
C ALA Z 33 -12.33 -73.23 -38.81
N VAL Z 34 -11.15 -72.96 -39.39
CA VAL Z 34 -9.91 -73.52 -38.85
C VAL Z 34 -9.69 -73.10 -37.40
N ALA Z 35 -10.06 -71.87 -37.07
CA ALA Z 35 -9.99 -71.41 -35.68
C ALA Z 35 -10.89 -72.24 -34.76
N ILE Z 36 -12.09 -72.60 -35.22
CA ILE Z 36 -12.98 -73.40 -34.40
C ILE Z 36 -12.41 -74.79 -34.16
N VAL Z 37 -11.84 -75.40 -35.19
CA VAL Z 37 -11.18 -76.70 -35.02
C VAL Z 37 -10.08 -76.59 -33.97
N ALA Z 38 -9.28 -75.52 -34.03
CA ALA Z 38 -8.25 -75.28 -33.04
C ALA Z 38 -8.82 -75.12 -31.62
N HIS Z 39 -9.90 -74.35 -31.49
CA HIS Z 39 -10.54 -74.22 -30.18
C HIS Z 39 -11.10 -75.54 -29.65
N LEU Z 40 -11.73 -76.35 -30.51
CA LEU Z 40 -12.22 -77.64 -30.07
C LEU Z 40 -11.09 -78.54 -29.56
N ALA Z 41 -9.99 -78.61 -30.31
CA ALA Z 41 -8.86 -79.44 -29.89
C ALA Z 41 -8.30 -78.98 -28.54
N VAL Z 42 -8.10 -77.68 -28.38
CA VAL Z 42 -7.55 -77.16 -27.13
C VAL Z 42 -8.55 -77.25 -25.99
N TYR Z 43 -9.85 -77.20 -26.28
CA TYR Z 43 -10.84 -77.52 -25.25
C TYR Z 43 -10.78 -78.98 -24.85
N ILE Z 44 -10.66 -79.88 -25.82
CA ILE Z 44 -10.48 -81.30 -25.53
C ILE Z 44 -9.20 -81.53 -24.71
N TRP Z 45 -8.14 -80.78 -25.02
CA TRP Z 45 -6.93 -80.83 -24.19
C TRP Z 45 -7.14 -80.25 -22.80
N ARG Z 46 -7.85 -79.11 -22.68
CA ARG Z 46 -7.80 -78.39 -21.40
C ARG Z 46 -8.94 -77.37 -21.28
N PRO Z 47 -10.16 -77.82 -20.96
CA PRO Z 47 -11.33 -76.93 -20.92
C PRO Z 47 -11.13 -75.71 -20.02
N TRP Z 48 -11.37 -74.52 -20.57
CA TRP Z 48 -11.36 -73.34 -19.72
C TRP Z 48 -12.70 -73.13 -18.99
N PHE Z 49 -13.82 -73.38 -19.63
CA PHE Z 49 -15.11 -73.19 -18.94
C PHE Z 49 -15.40 -74.32 -17.96
N GLY AA 8 -24.80 -30.95 -48.42
CA GLY AA 8 -24.15 -31.25 -47.16
C GLY AA 8 -22.67 -31.55 -47.32
N TYR AA 9 -21.95 -31.52 -46.19
CA TYR AA 9 -20.50 -31.69 -46.20
C TYR AA 9 -20.05 -32.93 -46.97
N THR AA 10 -20.87 -33.98 -47.02
CA THR AA 10 -20.48 -35.21 -47.70
C THR AA 10 -21.03 -35.32 -49.11
N GLY AA 11 -21.97 -34.46 -49.50
CA GLY AA 11 -22.59 -34.58 -50.81
C GLY AA 11 -23.53 -35.77 -50.99
N LEU AA 12 -23.82 -36.52 -49.94
CA LEU AA 12 -24.73 -37.66 -50.05
C LEU AA 12 -26.15 -37.21 -50.36
N THR AA 13 -26.77 -37.88 -51.34
CA THR AA 13 -28.21 -37.77 -51.56
C THR AA 13 -28.99 -38.28 -50.35
N ASP AA 14 -30.27 -37.91 -50.31
CA ASP AA 14 -31.19 -38.50 -49.34
C ASP AA 14 -31.30 -40.01 -49.50
N GLU AA 15 -31.22 -40.51 -50.73
CA GLU AA 15 -31.16 -41.95 -50.95
C GLU AA 15 -29.95 -42.57 -50.27
N GLN AA 16 -28.76 -42.04 -50.56
CA GLN AA 16 -27.53 -42.63 -50.04
C GLN AA 16 -27.45 -42.53 -48.52
N ALA AA 17 -27.88 -41.39 -47.95
CA ALA AA 17 -27.87 -41.24 -46.50
C ALA AA 17 -28.86 -42.18 -45.81
N GLN AA 18 -30.06 -42.37 -46.37
CA GLN AA 18 -30.99 -43.33 -45.79
C GLN AA 18 -30.57 -44.78 -46.05
N GLU AA 19 -30.02 -45.05 -47.23
CA GLU AA 19 -29.55 -46.41 -47.52
C GLU AA 19 -28.41 -46.81 -46.59
N LEU AA 20 -27.34 -46.00 -46.57
CA LEU AA 20 -26.20 -46.27 -45.70
C LEU AA 20 -26.62 -46.41 -44.24
N HIS AA 21 -27.55 -45.58 -43.77
CA HIS AA 21 -28.05 -45.70 -42.41
C HIS AA 21 -28.76 -47.02 -42.16
N SER AA 22 -29.57 -47.47 -43.12
CA SER AA 22 -30.27 -48.75 -42.94
C SER AA 22 -29.32 -49.93 -42.86
N VAL AA 23 -28.21 -49.88 -43.60
CA VAL AA 23 -27.20 -50.94 -43.50
C VAL AA 23 -26.49 -50.87 -42.15
N TYR AA 24 -26.07 -49.67 -41.76
CA TYR AA 24 -25.43 -49.46 -40.46
C TYR AA 24 -26.31 -49.95 -39.31
N MET AA 25 -27.60 -49.60 -39.35
CA MET AA 25 -28.51 -50.04 -38.29
C MET AA 25 -28.64 -51.56 -38.23
N SER AA 26 -28.61 -52.24 -39.37
CA SER AA 26 -28.57 -53.70 -39.36
C SER AA 26 -27.27 -54.23 -38.75
N GLY AA 27 -26.17 -53.51 -38.96
CA GLY AA 27 -24.93 -53.82 -38.24
C GLY AA 27 -25.04 -53.66 -36.74
N LEU AA 28 -25.56 -52.51 -36.30
CA LEU AA 28 -25.77 -52.26 -34.88
C LEU AA 28 -26.69 -53.30 -34.24
N TRP AA 29 -27.81 -53.62 -34.88
CA TRP AA 29 -28.73 -54.62 -34.33
C TRP AA 29 -28.06 -55.99 -34.25
N LEU AA 30 -27.37 -56.41 -35.31
CA LEU AA 30 -26.75 -57.73 -35.31
C LEU AA 30 -25.65 -57.82 -34.25
N PHE AA 31 -24.80 -56.79 -34.17
CA PHE AA 31 -23.73 -56.75 -33.17
C PHE AA 31 -24.31 -56.74 -31.76
N SER AA 32 -25.28 -55.87 -31.50
CA SER AA 32 -25.90 -55.79 -30.18
C SER AA 32 -26.70 -57.04 -29.83
N ALA AA 33 -27.33 -57.70 -30.82
CA ALA AA 33 -28.04 -58.94 -30.53
C ALA AA 33 -27.11 -60.05 -30.07
N VAL AA 34 -25.95 -60.19 -30.73
CA VAL AA 34 -25.00 -61.21 -30.30
C VAL AA 34 -24.37 -60.84 -28.95
N ALA AA 35 -24.13 -59.55 -28.73
CA ALA AA 35 -23.66 -59.09 -27.43
C ALA AA 35 -24.66 -59.41 -26.32
N ILE AA 36 -25.95 -59.17 -26.57
CA ILE AA 36 -26.99 -59.52 -25.60
C ILE AA 36 -26.94 -61.01 -25.27
N VAL AA 37 -26.82 -61.85 -26.30
CA VAL AA 37 -26.70 -63.29 -26.09
C VAL AA 37 -25.44 -63.62 -25.30
N ALA AA 38 -24.32 -62.99 -25.63
CA ALA AA 38 -23.08 -63.22 -24.90
C ALA AA 38 -23.19 -62.85 -23.43
N HIS AA 39 -23.89 -61.77 -23.11
CA HIS AA 39 -24.15 -61.43 -21.72
C HIS AA 39 -25.01 -62.50 -21.03
N LEU AA 40 -26.10 -62.92 -21.68
CA LEU AA 40 -26.95 -63.98 -21.12
C LEU AA 40 -26.17 -65.26 -20.89
N ALA AA 41 -25.32 -65.66 -21.85
CA ALA AA 41 -24.52 -66.86 -21.69
C ALA AA 41 -23.64 -66.80 -20.44
N VAL AA 42 -23.03 -65.64 -20.17
CA VAL AA 42 -22.25 -65.47 -18.95
C VAL AA 42 -23.14 -65.30 -17.72
N TYR AA 43 -24.32 -64.68 -17.86
CA TYR AA 43 -25.19 -64.49 -16.72
C TYR AA 43 -25.72 -65.82 -16.19
N ILE AA 44 -25.98 -66.77 -17.10
CA ILE AA 44 -26.31 -68.13 -16.69
C ILE AA 44 -25.21 -68.74 -15.83
N TRP AA 45 -23.95 -68.45 -16.18
CA TRP AA 45 -22.80 -69.00 -15.48
C TRP AA 45 -22.45 -68.24 -14.19
N ARG AA 46 -22.58 -66.91 -14.19
CA ARG AA 46 -22.04 -66.15 -13.06
C ARG AA 46 -22.64 -64.74 -12.97
N PRO AA 47 -23.87 -64.61 -12.46
CA PRO AA 47 -24.49 -63.27 -12.35
C PRO AA 47 -23.66 -62.30 -11.53
N TRP AA 48 -23.53 -61.08 -12.05
CA TRP AA 48 -22.69 -60.06 -11.43
C TRP AA 48 -23.44 -59.16 -10.45
N PHE AA 49 -24.71 -59.44 -10.17
CA PHE AA 49 -25.44 -58.73 -9.12
C PHE AA 49 -25.56 -59.58 -7.86
N THR BA 13 -27.56 -23.79 -43.01
CA THR BA 13 -28.44 -22.64 -43.17
C THR BA 13 -29.33 -22.46 -41.96
N ASP BA 14 -30.03 -21.32 -41.91
CA ASP BA 14 -30.92 -21.03 -40.79
C ASP BA 14 -32.01 -22.08 -40.66
N GLU BA 15 -32.57 -22.53 -41.80
CA GLU BA 15 -33.55 -23.61 -41.76
C GLU BA 15 -32.90 -24.96 -41.45
N GLN BA 16 -31.70 -25.20 -41.98
CA GLN BA 16 -30.98 -26.42 -41.66
C GLN BA 16 -30.57 -26.49 -40.19
N ALA BA 17 -30.30 -25.33 -39.58
CA ALA BA 17 -29.99 -25.32 -38.15
C ALA BA 17 -31.24 -25.57 -37.30
N GLN BA 18 -32.41 -25.15 -37.77
CA GLN BA 18 -33.65 -25.56 -37.13
C GLN BA 18 -33.83 -27.06 -37.18
N GLU BA 19 -33.65 -27.65 -38.37
CA GLU BA 19 -33.81 -29.09 -38.54
C GLU BA 19 -32.83 -29.88 -37.67
N LEU BA 20 -31.54 -29.54 -37.75
CA LEU BA 20 -30.53 -30.27 -36.98
C LEU BA 20 -30.76 -30.13 -35.47
N HIS BA 21 -31.11 -28.92 -35.02
CA HIS BA 21 -31.34 -28.71 -33.59
C HIS BA 21 -32.49 -29.56 -33.08
N SER BA 22 -33.55 -29.70 -33.88
CA SER BA 22 -34.64 -30.61 -33.53
C SER BA 22 -34.14 -32.06 -33.44
N VAL BA 23 -33.38 -32.51 -34.44
CA VAL BA 23 -32.89 -33.88 -34.44
C VAL BA 23 -31.96 -34.13 -33.25
N TYR BA 24 -30.96 -33.26 -33.09
CA TYR BA 24 -30.04 -33.37 -31.95
C TYR BA 24 -30.78 -33.31 -30.62
N MET BA 25 -31.77 -32.43 -30.49
CA MET BA 25 -32.56 -32.37 -29.26
C MET BA 25 -33.35 -33.65 -29.02
N SER BA 26 -33.96 -34.19 -30.08
CA SER BA 26 -34.72 -35.43 -29.92
C SER BA 26 -33.83 -36.59 -29.46
N GLY BA 27 -32.63 -36.70 -30.04
CA GLY BA 27 -31.67 -37.67 -29.53
C GLY BA 27 -31.20 -37.34 -28.12
N LEU BA 28 -30.85 -36.07 -27.87
CA LEU BA 28 -30.41 -35.64 -26.55
C LEU BA 28 -31.46 -35.94 -25.49
N TRP BA 29 -32.74 -35.83 -25.83
CA TRP BA 29 -33.82 -36.28 -24.95
C TRP BA 29 -33.82 -37.81 -24.81
N LEU BA 30 -33.71 -38.52 -25.92
CA LEU BA 30 -33.72 -39.98 -25.89
C LEU BA 30 -32.59 -40.56 -25.04
N PHE BA 31 -31.41 -39.95 -25.06
CA PHE BA 31 -30.34 -40.36 -24.15
C PHE BA 31 -30.69 -40.08 -22.70
N SER BA 32 -31.24 -38.90 -22.41
CA SER BA 32 -31.63 -38.56 -21.05
C SER BA 32 -32.59 -39.58 -20.45
N ALA BA 33 -33.60 -40.00 -21.22
CA ALA BA 33 -34.56 -41.01 -20.74
C ALA BA 33 -33.89 -42.26 -20.21
N VAL BA 34 -32.84 -42.75 -20.90
CA VAL BA 34 -32.20 -43.99 -20.48
C VAL BA 34 -31.48 -43.81 -19.14
N ALA BA 35 -30.83 -42.66 -18.94
CA ALA BA 35 -30.24 -42.37 -17.62
C ALA BA 35 -31.31 -42.20 -16.55
N ILE BA 36 -32.46 -41.63 -16.91
CA ILE BA 36 -33.54 -41.47 -15.94
C ILE BA 36 -34.09 -42.82 -15.50
N VAL BA 37 -34.08 -43.81 -16.39
CA VAL BA 37 -34.26 -45.20 -15.98
C VAL BA 37 -33.10 -45.68 -15.11
N ALA BA 38 -31.87 -45.54 -15.61
CA ALA BA 38 -30.74 -46.24 -15.02
C ALA BA 38 -30.42 -45.81 -13.58
N HIS BA 39 -30.56 -44.52 -13.25
CA HIS BA 39 -30.36 -44.13 -11.85
C HIS BA 39 -31.45 -44.69 -10.94
N LEU BA 40 -32.72 -44.60 -11.34
CA LEU BA 40 -33.79 -45.29 -10.62
C LEU BA 40 -33.47 -46.78 -10.41
N ALA BA 41 -33.06 -47.47 -11.48
CA ALA BA 41 -32.77 -48.90 -11.37
C ALA BA 41 -31.63 -49.18 -10.38
N VAL BA 42 -30.61 -48.33 -10.35
CA VAL BA 42 -29.50 -48.53 -9.43
C VAL BA 42 -29.83 -48.03 -8.03
N TYR BA 43 -30.74 -47.05 -7.93
CA TYR BA 43 -31.33 -46.71 -6.64
C TYR BA 43 -32.14 -47.87 -6.07
N ILE BA 44 -32.93 -48.55 -6.92
CA ILE BA 44 -33.60 -49.78 -6.51
C ILE BA 44 -32.58 -50.84 -6.10
N TRP BA 45 -31.54 -51.03 -6.91
CA TRP BA 45 -30.59 -52.11 -6.67
C TRP BA 45 -29.78 -51.90 -5.38
N ARG BA 46 -29.39 -50.66 -5.09
CA ARG BA 46 -28.61 -50.39 -3.89
C ARG BA 46 -28.64 -48.89 -3.56
N PRO BA 47 -29.61 -48.45 -2.76
CA PRO BA 47 -29.86 -47.01 -2.61
C PRO BA 47 -28.64 -46.26 -2.09
N TRP BA 48 -28.43 -45.04 -2.61
CA TRP BA 48 -27.26 -44.24 -2.27
C TRP BA 48 -27.58 -42.94 -1.56
N PHE BA 49 -28.84 -42.63 -1.31
CA PHE BA 49 -29.20 -41.58 -0.35
C PHE BA 49 -29.64 -42.19 0.98
N MET CA 1 54.64 -38.38 -17.12
CA MET CA 1 54.47 -36.95 -17.36
C MET CA 1 53.64 -36.27 -16.28
N VAL CA 2 52.95 -37.06 -15.45
CA VAL CA 2 52.14 -36.48 -14.39
C VAL CA 2 53.03 -35.72 -13.43
N GLY CA 3 52.69 -34.45 -13.19
CA GLY CA 3 53.40 -33.60 -12.26
C GLY CA 3 54.65 -32.94 -12.79
N VAL CA 4 55.04 -33.22 -14.03
CA VAL CA 4 56.29 -32.71 -14.60
C VAL CA 4 56.08 -31.29 -15.11
N THR CA 5 56.79 -30.33 -14.53
CA THR CA 5 56.70 -28.94 -14.94
C THR CA 5 58.04 -28.46 -15.49
N ALA CA 6 58.00 -27.65 -16.55
CA ALA CA 6 59.21 -26.97 -17.02
C ALA CA 6 59.64 -25.88 -16.05
N PHE CA 7 58.68 -25.16 -15.50
CA PHE CA 7 58.93 -24.10 -14.52
C PHE CA 7 57.63 -23.84 -13.79
N GLY CA 8 57.73 -23.28 -12.60
CA GLY CA 8 56.54 -22.92 -11.84
C GLY CA 8 55.53 -24.05 -11.78
N ASN CA 9 54.26 -23.70 -11.99
CA ASN CA 9 53.19 -24.68 -12.19
C ASN CA 9 53.01 -25.08 -13.65
N PHE CA 10 53.91 -24.68 -14.54
CA PHE CA 10 53.76 -24.83 -15.98
C PHE CA 10 54.08 -26.26 -16.39
N ASP CA 11 53.06 -27.11 -16.39
CA ASP CA 11 53.18 -28.46 -16.90
C ASP CA 11 52.71 -28.52 -18.35
N LEU CA 12 52.59 -29.73 -18.90
CA LEU CA 12 52.23 -29.90 -20.30
C LEU CA 12 50.78 -29.50 -20.58
N ALA CA 13 49.92 -29.53 -19.55
CA ALA CA 13 48.56 -29.02 -19.70
C ALA CA 13 48.51 -27.49 -19.68
N SER CA 14 49.45 -26.84 -19.00
CA SER CA 14 49.61 -25.40 -19.13
C SER CA 14 50.08 -25.01 -20.53
N LEU CA 15 51.06 -25.72 -21.07
CA LEU CA 15 51.50 -25.46 -22.44
C LEU CA 15 50.35 -25.56 -23.42
N ALA CA 16 49.48 -26.56 -23.25
CA ALA CA 16 48.33 -26.72 -24.14
C ALA CA 16 47.38 -25.53 -24.06
N ILE CA 17 46.96 -25.15 -22.85
CA ILE CA 17 45.95 -24.11 -22.69
C ILE CA 17 46.46 -22.75 -23.18
N TYR CA 18 47.73 -22.43 -22.92
CA TYR CA 18 48.30 -21.19 -23.44
C TYR CA 18 48.45 -21.21 -24.96
N SER CA 19 48.87 -22.33 -25.53
CA SER CA 19 48.88 -22.47 -26.98
C SER CA 19 47.50 -22.26 -27.60
N PHE CA 20 46.45 -22.77 -26.94
CA PHE CA 20 45.09 -22.56 -27.46
C PHE CA 20 44.68 -21.09 -27.45
N TRP CA 21 45.00 -20.34 -26.40
CA TRP CA 21 44.66 -18.91 -26.40
C TRP CA 21 45.33 -18.16 -27.54
N ILE CA 22 46.55 -18.55 -27.93
CA ILE CA 22 47.17 -17.96 -29.10
C ILE CA 22 46.44 -18.36 -30.37
N PHE CA 23 46.13 -19.64 -30.51
CA PHE CA 23 45.34 -20.11 -31.66
C PHE CA 23 43.98 -19.44 -31.74
N LEU CA 24 43.29 -19.30 -30.60
CA LEU CA 24 41.97 -18.68 -30.61
C LEU CA 24 42.03 -17.21 -31.03
N ALA CA 25 43.01 -16.46 -30.52
CA ALA CA 25 43.18 -15.07 -30.94
C ALA CA 25 43.49 -14.97 -32.43
N GLY CA 26 44.31 -15.88 -32.95
CA GLY CA 26 44.55 -15.93 -34.38
C GLY CA 26 43.32 -16.28 -35.19
N LEU CA 27 42.56 -17.28 -34.73
CA LEU CA 27 41.34 -17.69 -35.44
C LEU CA 27 40.28 -16.59 -35.45
N ILE CA 28 40.10 -15.90 -34.32
CA ILE CA 28 39.11 -14.82 -34.26
C ILE CA 28 39.49 -13.68 -35.20
N TYR CA 29 40.78 -13.37 -35.29
CA TYR CA 29 41.23 -12.38 -36.27
C TYR CA 29 40.97 -12.83 -37.70
N TYR CA 30 41.25 -14.10 -38.00
CA TYR CA 30 40.91 -14.64 -39.31
C TYR CA 30 39.42 -14.59 -39.61
N LEU CA 31 38.59 -14.98 -38.64
CA LEU CA 31 37.14 -15.00 -38.87
C LEU CA 31 36.57 -13.61 -39.10
N GLN CA 32 36.98 -12.62 -38.32
CA GLN CA 32 36.42 -11.28 -38.46
C GLN CA 32 36.81 -10.63 -39.79
N THR CA 33 38.08 -10.75 -40.18
CA THR CA 33 38.52 -10.18 -41.46
C THR CA 33 37.84 -10.84 -42.66
N GLU CA 34 37.59 -12.15 -42.58
CA GLU CA 34 36.78 -12.80 -43.61
C GLU CA 34 35.39 -12.18 -43.72
N ASN CA 35 34.82 -11.76 -42.60
CA ASN CA 35 33.49 -11.18 -42.58
C ASN CA 35 33.45 -9.71 -42.97
N MET CA 36 34.58 -9.14 -43.41
CA MET CA 36 34.62 -7.77 -43.89
C MET CA 36 34.65 -7.69 -45.42
N ARG CA 37 34.33 -8.79 -46.10
CA ARG CA 37 34.31 -8.82 -47.57
C ARG CA 37 33.07 -8.18 -48.17
N GLU CA 38 32.01 -7.93 -47.39
CA GLU CA 38 30.88 -7.14 -47.83
C GLU CA 38 30.71 -5.94 -46.90
N GLY CA 39 30.32 -4.80 -47.48
CA GLY CA 39 29.90 -3.65 -46.71
C GLY CA 39 31.00 -2.73 -46.23
N TYR CA 40 32.25 -3.02 -46.56
CA TYR CA 40 33.40 -2.20 -46.18
C TYR CA 40 34.09 -1.65 -47.42
N PRO CA 41 34.78 -0.49 -47.32
CA PRO CA 41 35.04 0.37 -46.15
C PRO CA 41 33.82 1.03 -45.53
N LEU CA 42 33.92 1.45 -44.27
CA LEU CA 42 32.82 2.13 -43.61
C LEU CA 42 32.71 3.57 -44.10
N GLU CA 43 31.48 4.08 -44.12
CA GLU CA 43 31.19 5.37 -44.71
C GLU CA 43 30.58 6.32 -43.68
N ASN CA 44 30.77 7.61 -43.92
CA ASN CA 44 29.94 8.62 -43.27
C ASN CA 44 28.54 8.60 -43.88
N GLU CA 45 27.59 9.21 -43.17
CA GLU CA 45 26.22 9.27 -43.68
C GLU CA 45 26.11 10.04 -44.99
N ASP CA 46 27.06 10.91 -45.30
CA ASP CA 46 27.07 11.55 -46.61
C ASP CA 46 27.62 10.64 -47.71
N GLY CA 47 28.30 9.56 -47.35
CA GLY CA 47 28.90 8.65 -48.29
C GLY CA 47 30.41 8.73 -48.41
N THR CA 48 31.05 9.66 -47.72
CA THR CA 48 32.50 9.74 -47.73
C THR CA 48 33.10 8.68 -46.81
N PRO CA 49 34.35 8.28 -47.05
CA PRO CA 49 34.99 7.28 -46.18
C PRO CA 49 35.13 7.80 -44.75
N ALA CA 50 34.63 7.01 -43.81
CA ALA CA 50 34.73 7.35 -42.39
C ALA CA 50 36.19 7.34 -41.94
N ALA CA 51 36.55 8.33 -41.12
CA ALA CA 51 37.90 8.40 -40.58
C ALA CA 51 38.25 7.20 -39.71
N ASN CA 52 37.25 6.63 -39.03
CA ASN CA 52 37.44 5.42 -38.23
C ASN CA 52 37.00 4.20 -39.05
N GLN CA 53 37.96 3.35 -39.40
CA GLN CA 53 37.71 2.11 -40.11
C GLN CA 53 37.75 0.88 -39.21
N GLY CA 54 37.91 1.06 -37.91
CA GLY CA 54 37.98 -0.04 -36.98
C GLY CA 54 39.33 -0.71 -36.91
N PRO CA 55 39.48 -1.66 -35.97
CA PRO CA 55 40.81 -2.24 -35.70
C PRO CA 55 41.28 -3.27 -36.72
N PHE CA 56 40.35 -3.98 -37.36
CA PHE CA 56 40.77 -4.99 -38.32
C PHE CA 56 40.95 -4.38 -39.71
N PRO CA 57 42.00 -4.78 -40.43
CA PRO CA 57 42.14 -4.40 -41.84
C PRO CA 57 41.25 -5.23 -42.76
N LEU CA 58 41.00 -4.67 -43.93
CA LEU CA 58 40.38 -5.42 -45.01
C LEU CA 58 41.23 -6.64 -45.39
N PRO CA 59 40.60 -7.77 -45.69
CA PRO CA 59 41.36 -8.91 -46.24
C PRO CA 59 41.80 -8.63 -47.68
N LYS CA 60 42.78 -9.41 -48.12
CA LYS CA 60 43.14 -9.40 -49.53
C LYS CA 60 41.96 -9.90 -50.37
N PRO CA 61 41.77 -9.35 -51.56
CA PRO CA 61 40.66 -9.78 -52.42
C PRO CA 61 40.70 -11.27 -52.73
N LYS CA 62 39.52 -11.89 -52.68
CA LYS CA 62 39.28 -13.19 -53.30
C LYS CA 62 38.35 -13.00 -54.49
N THR CA 63 38.46 -13.91 -55.47
CA THR CA 63 37.58 -13.90 -56.63
C THR CA 63 36.76 -15.18 -56.68
N PHE CA 64 35.43 -15.02 -56.70
CA PHE CA 64 34.51 -16.11 -57.01
C PHE CA 64 34.30 -16.18 -58.51
N ILE CA 65 34.29 -17.39 -59.06
CA ILE CA 65 34.01 -17.61 -60.47
C ILE CA 65 32.58 -18.13 -60.57
N LEU CA 66 31.72 -17.38 -61.26
CA LEU CA 66 30.30 -17.69 -61.28
C LEU CA 66 29.97 -18.69 -62.39
N PRO CA 67 29.05 -19.61 -62.15
CA PRO CA 67 28.67 -20.57 -63.19
C PRO CA 67 27.83 -19.93 -64.29
N HIS CA 68 27.68 -20.69 -65.37
CA HIS CA 68 26.85 -20.32 -66.52
C HIS CA 68 27.34 -19.03 -67.19
N GLY CA 69 28.66 -18.83 -67.21
CA GLY CA 69 29.27 -17.71 -67.90
C GLY CA 69 29.05 -16.34 -67.31
N ARG CA 70 28.44 -16.25 -66.13
CA ARG CA 70 28.05 -14.95 -65.56
C ARG CA 70 29.22 -14.18 -64.97
N GLY CA 71 30.46 -14.56 -65.27
CA GLY CA 71 31.62 -13.77 -64.93
C GLY CA 71 32.23 -14.10 -63.59
N THR CA 72 32.94 -13.12 -63.03
CA THR CA 72 33.61 -13.28 -61.75
C THR CA 72 33.29 -12.13 -60.81
N LEU CA 73 33.18 -12.44 -59.52
CA LEU CA 73 32.99 -11.46 -58.46
C LEU CA 73 34.26 -11.40 -57.61
N THR CA 74 34.79 -10.20 -57.42
CA THR CA 74 35.90 -9.96 -56.50
C THR CA 74 35.39 -9.24 -55.27
N VAL CA 75 35.76 -9.76 -54.10
CA VAL CA 75 35.33 -9.18 -52.82
C VAL CA 75 36.51 -9.15 -51.84
N PRO CA 76 36.70 -8.06 -51.08
CA PRO CA 76 36.03 -6.76 -51.19
C PRO CA 76 36.29 -6.05 -52.53
N GLY CA 77 35.50 -5.04 -52.86
CA GLY CA 77 35.66 -4.31 -54.08
C GLY CA 77 34.88 -3.01 -54.09
N PRO CA 78 34.92 -2.29 -55.21
CA PRO CA 78 34.10 -1.08 -55.34
C PRO CA 78 32.61 -1.42 -55.25
N GLU CA 79 31.91 -0.68 -54.39
CA GLU CA 79 30.65 -1.16 -53.83
C GLU CA 79 29.71 0.04 -53.62
N SER CA 80 29.43 0.76 -54.70
CA SER CA 80 28.44 1.82 -54.71
C SER CA 80 27.02 1.29 -54.52
N GLU CA 81 26.13 2.19 -54.08
CA GLU CA 81 24.71 1.89 -54.02
C GLU CA 81 24.13 1.59 -55.40
N ASP CA 82 24.64 2.26 -56.44
CA ASP CA 82 24.17 2.11 -57.81
C ASP CA 82 22.68 2.39 -57.99
N ARG CA 83 22.04 3.14 -57.08
CA ARG CA 83 20.67 3.57 -57.29
C ARG CA 83 20.41 4.82 -56.45
N PRO CA 84 19.36 5.59 -56.79
CA PRO CA 84 18.93 6.68 -55.92
C PRO CA 84 18.31 6.19 -54.61
N ILE CA 85 18.56 6.95 -53.53
CA ILE CA 85 17.94 6.71 -52.23
C ILE CA 85 17.22 7.99 -51.80
N ALA CA 86 15.89 7.92 -51.75
CA ALA CA 86 15.04 9.07 -51.45
C ALA CA 86 14.94 9.42 -49.96
N LEU CA 87 16.06 9.50 -49.25
CA LEU CA 87 16.06 9.83 -47.83
C LEU CA 87 16.68 11.20 -47.60
N ALA CA 88 16.20 11.88 -46.54
CA ALA CA 88 16.81 13.12 -46.07
C ALA CA 88 17.13 13.02 -44.58
N ARG CA 89 18.24 13.64 -44.19
CA ARG CA 89 18.62 13.74 -42.79
C ARG CA 89 17.51 14.36 -41.95
N THR CA 90 17.34 13.86 -40.73
CA THR CA 90 16.52 14.52 -39.73
C THR CA 90 17.35 15.26 -38.68
N ALA CA 91 18.67 15.16 -38.74
CA ALA CA 91 19.55 15.90 -37.85
C ALA CA 91 20.86 16.18 -38.56
N VAL CA 92 21.56 17.22 -38.12
CA VAL CA 92 22.90 17.47 -38.62
C VAL CA 92 23.91 16.50 -38.02
N SER CA 93 23.73 16.11 -36.76
CA SER CA 93 24.57 15.09 -36.16
C SER CA 93 24.42 13.74 -36.86
N GLU CA 94 25.47 12.93 -36.78
CA GLU CA 94 25.38 11.54 -37.19
C GLU CA 94 24.62 10.73 -36.14
N GLY CA 95 24.09 9.58 -36.59
CA GLY CA 95 23.43 8.64 -35.71
C GLY CA 95 21.94 8.79 -35.56
N PHE CA 96 21.32 9.74 -36.24
CA PHE CA 96 19.87 9.87 -36.21
C PHE CA 96 19.24 9.25 -37.46
N PRO CA 97 17.93 8.97 -37.43
CA PRO CA 97 17.27 8.44 -38.63
C PRO CA 97 17.19 9.44 -39.76
N HIS CA 98 17.03 8.91 -40.96
CA HIS CA 98 16.80 9.68 -42.19
C HIS CA 98 15.36 9.46 -42.63
N ALA CA 99 14.60 10.54 -42.77
CA ALA CA 99 13.18 10.36 -43.07
C ALA CA 99 12.95 10.26 -44.57
N PRO CA 100 12.01 9.42 -44.99
CA PRO CA 100 11.61 9.38 -46.41
C PRO CA 100 11.11 10.72 -46.90
N THR CA 101 11.65 11.15 -48.05
CA THR CA 101 11.27 12.42 -48.64
C THR CA 101 9.96 12.35 -49.40
N GLY CA 102 9.58 11.16 -49.87
CA GLY CA 102 8.31 10.95 -50.54
C GLY CA 102 7.58 9.72 -50.03
N ASP CA 103 7.11 8.88 -50.95
CA ASP CA 103 6.37 7.67 -50.58
C ASP CA 103 7.36 6.52 -50.43
N PRO CA 104 7.63 6.05 -49.21
CA PRO CA 104 8.74 5.11 -49.01
C PRO CA 104 8.49 3.74 -49.63
N MET CA 105 7.22 3.32 -49.72
CA MET CA 105 6.88 2.07 -50.40
C MET CA 105 7.36 2.07 -51.85
N LYS CA 106 7.11 3.16 -52.57
CA LYS CA 106 7.46 3.24 -53.98
C LYS CA 106 8.90 3.69 -54.20
N ASP CA 107 9.44 4.52 -53.31
CA ASP CA 107 10.85 4.90 -53.41
C ASP CA 107 11.78 3.78 -52.95
N GLY CA 108 11.27 2.81 -52.20
CA GLY CA 108 12.03 1.63 -51.86
C GLY CA 108 13.11 1.86 -50.82
N VAL CA 109 12.70 2.34 -49.65
CA VAL CA 109 13.61 2.71 -48.57
C VAL CA 109 13.05 2.14 -47.28
N GLY CA 110 13.90 2.11 -46.25
CA GLY CA 110 13.53 1.48 -45.00
C GLY CA 110 13.25 0.00 -45.18
N PRO CA 111 12.22 -0.51 -44.48
CA PRO CA 111 11.85 -1.92 -44.68
C PRO CA 111 11.33 -2.23 -46.08
N ALA CA 112 11.02 -1.22 -46.89
CA ALA CA 112 10.68 -1.40 -48.30
C ALA CA 112 11.90 -1.43 -49.21
N SER CA 113 13.11 -1.38 -48.65
CA SER CA 113 14.32 -1.33 -49.45
C SER CA 113 14.47 -2.56 -50.35
N TRP CA 114 15.20 -2.37 -51.45
CA TRP CA 114 15.56 -3.43 -52.37
C TRP CA 114 16.95 -3.14 -52.92
N VAL CA 115 17.61 -4.17 -53.43
CA VAL CA 115 18.98 -4.06 -53.91
C VAL CA 115 19.01 -4.26 -55.42
N ALA CA 116 19.93 -3.54 -56.07
CA ALA CA 116 20.19 -3.69 -57.50
C ALA CA 116 20.85 -5.02 -57.83
N ARG CA 117 20.16 -6.13 -57.54
CA ARG CA 117 20.61 -7.44 -57.94
C ARG CA 117 20.65 -7.57 -59.46
N ARG CA 118 21.27 -8.65 -59.93
CA ARG CA 118 21.38 -8.92 -61.35
C ARG CA 118 19.99 -9.05 -61.97
N ASP CA 119 19.78 -8.37 -63.10
CA ASP CA 119 18.49 -8.46 -63.79
C ASP CA 119 18.43 -9.67 -64.70
N LEU CA 120 18.68 -10.85 -64.14
CA LEU CA 120 18.55 -12.12 -64.82
C LEU CA 120 17.92 -13.11 -63.86
N PRO CA 121 17.32 -14.19 -64.36
CA PRO CA 121 16.83 -15.23 -63.45
C PRO CA 121 17.98 -15.93 -62.74
N GLU CA 122 17.68 -16.40 -61.52
CA GLU CA 122 18.54 -17.41 -60.90
C GLU CA 122 18.40 -18.74 -61.65
N LEU CA 123 19.51 -19.43 -61.83
CA LEU CA 123 19.57 -20.65 -62.62
C LEU CA 123 19.81 -21.86 -61.72
N ASP CA 124 19.34 -23.02 -62.18
CA ASP CA 124 19.65 -24.28 -61.53
C ASP CA 124 21.00 -24.82 -62.02
N GLY CA 125 21.35 -26.02 -61.56
CA GLY CA 125 22.64 -26.59 -61.92
C GLY CA 125 22.80 -26.91 -63.39
N HIS CA 126 21.70 -27.23 -64.08
CA HIS CA 126 21.75 -27.43 -65.53
C HIS CA 126 21.76 -26.11 -66.30
N GLY CA 127 21.30 -25.03 -65.69
CA GLY CA 127 21.18 -23.75 -66.36
C GLY CA 127 19.81 -23.44 -66.89
N HIS CA 128 18.76 -24.04 -66.33
CA HIS CA 128 17.39 -23.67 -66.57
C HIS CA 128 16.95 -22.59 -65.59
N ASN CA 129 15.86 -21.90 -65.93
CA ASN CA 129 15.22 -21.00 -64.97
C ASN CA 129 14.83 -21.78 -63.72
N LYS CA 130 15.45 -21.42 -62.60
CA LYS CA 130 15.22 -22.13 -61.35
C LYS CA 130 13.76 -22.05 -60.91
N ILE CA 131 13.16 -20.86 -60.98
CA ILE CA 131 11.78 -20.64 -60.57
C ILE CA 131 10.92 -20.45 -61.81
N LYS CA 132 9.80 -21.17 -61.87
CA LYS CA 132 8.89 -21.16 -63.00
C LYS CA 132 7.46 -21.18 -62.49
N PRO CA 133 6.51 -20.63 -63.24
CA PRO CA 133 5.10 -20.94 -63.00
C PRO CA 133 4.87 -22.44 -63.16
N MET CA 134 4.04 -23.00 -62.28
CA MET CA 134 3.88 -24.45 -62.24
C MET CA 134 3.26 -24.99 -63.53
N LYS CA 135 2.38 -24.23 -64.17
CA LYS CA 135 1.86 -24.62 -65.48
C LYS CA 135 2.97 -24.83 -66.50
N ALA CA 136 4.10 -24.15 -66.34
CA ALA CA 136 5.23 -24.27 -67.25
C ALA CA 136 6.20 -25.40 -66.88
N ALA CA 137 5.85 -26.25 -65.92
CA ALA CA 137 6.68 -27.41 -65.57
C ALA CA 137 5.77 -28.62 -65.36
N ALA CA 138 5.64 -29.45 -66.40
CA ALA CA 138 4.44 -30.25 -66.58
C ALA CA 138 4.29 -31.35 -65.52
N GLY CA 139 5.40 -31.87 -64.99
CA GLY CA 139 5.32 -32.91 -63.98
C GLY CA 139 4.82 -32.44 -62.64
N PHE CA 140 4.93 -31.14 -62.35
CA PHE CA 140 4.58 -30.63 -61.03
C PHE CA 140 3.08 -30.61 -60.78
N HIS CA 141 2.72 -30.86 -59.53
CA HIS CA 141 1.35 -30.74 -59.04
C HIS CA 141 1.42 -30.56 -57.53
N VAL CA 142 0.37 -29.97 -56.97
CA VAL CA 142 0.25 -29.86 -55.52
C VAL CA 142 0.00 -31.26 -54.95
N SER CA 143 0.98 -31.79 -54.22
CA SER CA 143 0.92 -33.15 -53.73
C SER CA 143 0.36 -33.28 -52.32
N ALA CA 144 0.34 -32.19 -51.55
CA ALA CA 144 -0.35 -32.18 -50.26
C ALA CA 144 -0.54 -30.74 -49.81
N GLY CA 145 -1.40 -30.57 -48.81
CA GLY CA 145 -1.78 -29.25 -48.34
C GLY CA 145 -2.88 -28.63 -49.17
N LYS CA 146 -3.55 -27.64 -48.57
CA LYS CA 146 -4.61 -26.91 -49.23
C LYS CA 146 -4.08 -26.26 -50.50
N ASN CA 147 -4.56 -26.71 -51.65
CA ASN CA 147 -4.22 -26.06 -52.93
C ASN CA 147 -4.81 -24.65 -52.95
N PRO CA 148 -3.99 -23.60 -53.04
CA PRO CA 148 -4.53 -22.24 -53.01
C PRO CA 148 -5.14 -21.77 -54.32
N ILE CA 149 -4.81 -22.40 -55.45
CA ILE CA 149 -5.23 -21.90 -56.75
C ILE CA 149 -6.76 -21.87 -56.82
N GLY CA 150 -7.30 -20.70 -57.15
CA GLY CA 150 -8.72 -20.45 -57.10
C GLY CA 150 -9.25 -19.80 -55.83
N LEU CA 151 -8.41 -19.60 -54.82
CA LEU CA 151 -8.87 -18.91 -53.62
C LEU CA 151 -8.84 -17.39 -53.79
N PRO CA 152 -9.78 -16.68 -53.16
CA PRO CA 152 -9.68 -15.22 -53.06
C PRO CA 152 -8.58 -14.79 -52.11
N VAL CA 153 -7.93 -13.67 -52.45
CA VAL CA 153 -6.82 -13.13 -51.67
C VAL CA 153 -7.33 -11.91 -50.91
N ARG CA 154 -7.25 -11.97 -49.59
CA ARG CA 154 -7.76 -10.92 -48.70
C ARG CA 154 -6.60 -10.10 -48.13
N GLY CA 155 -6.79 -8.78 -48.07
CA GLY CA 155 -5.84 -7.91 -47.42
C GLY CA 155 -6.08 -7.79 -45.92
N CYS CA 156 -5.15 -7.10 -45.25
CA CYS CA 156 -5.31 -6.81 -43.84
C CYS CA 156 -6.45 -5.85 -43.55
N ASP CA 157 -6.90 -5.10 -44.55
CA ASP CA 157 -8.15 -4.34 -44.44
C ASP CA 157 -9.38 -5.24 -44.49
N LEU CA 158 -9.19 -6.54 -44.70
CA LEU CA 158 -10.24 -7.56 -44.78
C LEU CA 158 -11.06 -7.49 -46.07
N GLU CA 159 -10.55 -6.85 -47.11
CA GLU CA 159 -11.23 -6.83 -48.40
C GLU CA 159 -10.46 -7.66 -49.42
N ILE CA 160 -11.19 -8.24 -50.36
CA ILE CA 160 -10.61 -9.13 -51.38
C ILE CA 160 -9.84 -8.32 -52.42
N ALA CA 161 -8.57 -8.67 -52.60
CA ALA CA 161 -7.70 -8.02 -53.58
C ALA CA 161 -7.70 -8.69 -54.94
N GLY CA 162 -8.03 -9.98 -55.00
CA GLY CA 162 -7.83 -10.76 -56.20
C GLY CA 162 -7.99 -12.23 -55.91
N LYS CA 163 -7.59 -13.06 -56.87
CA LYS CA 163 -7.61 -14.50 -56.70
C LYS CA 163 -6.29 -15.12 -57.15
N VAL CA 164 -5.97 -16.27 -56.56
CA VAL CA 164 -4.77 -17.02 -56.88
C VAL CA 164 -4.98 -17.79 -58.18
N VAL CA 165 -4.10 -17.56 -59.15
CA VAL CA 165 -4.22 -18.20 -60.46
C VAL CA 165 -3.10 -19.18 -60.75
N ASP CA 166 -1.96 -19.08 -60.08
CA ASP CA 166 -0.91 -20.08 -60.24
C ASP CA 166 0.01 -20.06 -59.02
N ILE CA 167 0.81 -21.11 -58.92
CA ILE CA 167 1.93 -21.20 -58.00
C ILE CA 167 3.21 -21.17 -58.82
N TRP CA 168 4.18 -20.36 -58.39
CA TRP CA 168 5.51 -20.39 -58.98
C TRP CA 168 6.42 -21.23 -58.10
N VAL CA 169 7.00 -22.27 -58.69
CA VAL CA 169 7.72 -23.30 -57.96
C VAL CA 169 9.21 -23.13 -58.18
N ASP CA 170 9.98 -23.38 -57.12
CA ASP CA 170 11.40 -23.67 -57.25
C ASP CA 170 11.57 -25.10 -57.75
N ILE CA 171 12.15 -25.26 -58.94
CA ILE CA 171 12.23 -26.57 -59.58
C ILE CA 171 13.20 -27.49 -58.85
N PRO CA 172 14.51 -27.18 -58.74
CA PRO CA 172 15.39 -28.11 -58.03
C PRO CA 172 15.01 -28.35 -56.58
N GLU CA 173 14.59 -27.30 -55.87
CA GLU CA 173 14.22 -27.44 -54.47
C GLU CA 173 12.82 -28.00 -54.29
N GLN CA 174 12.04 -28.08 -55.37
CA GLN CA 174 10.65 -28.57 -55.36
C GLN CA 174 9.82 -27.97 -54.23
N MET CA 175 9.71 -26.64 -54.23
CA MET CA 175 8.91 -25.96 -53.21
C MET CA 175 8.20 -24.77 -53.83
N ALA CA 176 7.03 -24.45 -53.27
CA ALA CA 176 6.24 -23.29 -53.67
C ALA CA 176 6.90 -22.00 -53.22
N ARG CA 177 7.19 -21.11 -54.17
CA ARG CA 177 7.99 -19.92 -53.91
C ARG CA 177 7.21 -18.61 -54.05
N PHE CA 178 6.25 -18.53 -54.97
CA PHE CA 178 5.33 -17.41 -55.04
C PHE CA 178 3.92 -17.88 -55.36
N LEU CA 179 2.93 -17.11 -54.93
CA LEU CA 179 1.58 -17.16 -55.46
C LEU CA 179 1.38 -16.02 -56.47
N GLU CA 180 0.87 -16.36 -57.65
CA GLU CA 180 0.42 -15.36 -58.61
C GLU CA 180 -1.02 -14.95 -58.32
N VAL CA 181 -1.25 -13.66 -58.14
CA VAL CA 181 -2.57 -13.11 -57.82
C VAL CA 181 -3.06 -12.29 -59.00
N GLU CA 182 -4.26 -12.61 -59.48
CA GLU CA 182 -4.92 -11.84 -60.54
C GLU CA 182 -5.80 -10.76 -59.93
N LEU CA 183 -5.47 -9.51 -60.18
CA LEU CA 183 -6.14 -8.37 -59.57
C LEU CA 183 -7.46 -8.07 -60.29
N LYS CA 184 -8.20 -7.08 -59.76
CA LYS CA 184 -9.48 -6.66 -60.31
C LYS CA 184 -9.37 -5.89 -61.62
N ASP CA 185 -8.17 -5.71 -62.17
CA ASP CA 185 -7.99 -5.30 -63.56
C ASP CA 185 -7.43 -6.40 -64.44
N GLY CA 186 -7.35 -7.63 -63.92
CA GLY CA 186 -6.83 -8.77 -64.63
C GLY CA 186 -5.34 -8.82 -64.84
N SER CA 187 -4.60 -7.77 -64.49
CA SER CA 187 -3.15 -7.88 -64.40
C SER CA 187 -2.78 -8.66 -63.15
N THR CA 188 -1.72 -9.46 -63.24
CA THR CA 188 -1.29 -10.28 -62.12
C THR CA 188 -0.12 -9.66 -61.36
N ARG CA 189 0.11 -10.18 -60.16
CA ARG CA 189 1.28 -9.88 -59.35
C ARG CA 189 1.78 -11.16 -58.70
N LEU CA 190 3.08 -11.19 -58.38
CA LEU CA 190 3.63 -12.24 -57.52
C LEU CA 190 3.61 -11.80 -56.06
N LEU CA 191 3.13 -12.69 -55.18
CA LEU CA 191 3.27 -12.56 -53.74
C LEU CA 191 4.30 -13.55 -53.21
N PRO CA 192 5.21 -13.13 -52.33
CA PRO CA 192 6.11 -14.10 -51.68
C PRO CA 192 5.34 -15.09 -50.83
N MET CA 193 5.67 -16.38 -51.00
CA MET CA 193 4.94 -17.44 -50.31
C MET CA 193 5.04 -17.33 -48.79
N GLN CA 194 6.14 -16.78 -48.28
CA GLN CA 194 6.32 -16.63 -46.84
C GLN CA 194 5.52 -15.48 -46.24
N MET CA 195 4.88 -14.65 -47.06
CA MET CA 195 4.13 -13.50 -46.57
C MET CA 195 2.63 -13.75 -46.50
N VAL CA 196 2.16 -14.94 -46.87
CA VAL CA 196 0.74 -15.22 -47.01
C VAL CA 196 0.36 -16.39 -46.09
N LYS CA 197 -0.89 -16.39 -45.64
CA LYS CA 197 -1.46 -17.48 -44.86
C LYS CA 197 -2.56 -18.15 -45.70
N VAL CA 198 -2.34 -19.41 -46.06
CA VAL CA 198 -3.31 -20.17 -46.84
C VAL CA 198 -4.35 -20.76 -45.91
N GLN CA 199 -5.34 -19.94 -45.55
CA GLN CA 199 -6.44 -20.40 -44.70
C GLN CA 199 -7.39 -21.30 -45.50
N SER CA 200 -8.38 -21.85 -44.79
CA SER CA 200 -9.24 -22.88 -45.36
C SER CA 200 -10.04 -22.36 -46.56
N ASN CA 201 -10.53 -21.12 -46.48
CA ASN CA 201 -11.33 -20.55 -47.56
C ASN CA 201 -10.71 -19.33 -48.22
N ARG CA 202 -9.50 -18.93 -47.83
CA ARG CA 202 -8.91 -17.72 -48.37
C ARG CA 202 -7.40 -17.79 -48.24
N VAL CA 203 -6.72 -16.90 -48.97
CA VAL CA 203 -5.34 -16.53 -48.71
C VAL CA 203 -5.33 -15.15 -48.08
N HIS CA 204 -4.77 -15.05 -46.86
CA HIS CA 204 -4.68 -13.79 -46.14
C HIS CA 204 -3.29 -13.21 -46.24
N VAL CA 205 -3.19 -11.94 -46.65
CA VAL CA 205 -1.90 -11.27 -46.81
C VAL CA 205 -1.80 -10.13 -45.80
N ASN CA 206 -1.31 -10.46 -44.60
CA ASN CA 206 -1.36 -9.55 -43.46
C ASN CA 206 -0.52 -8.29 -43.67
N ALA CA 207 0.38 -8.27 -44.66
CA ALA CA 207 1.22 -7.10 -44.91
C ALA CA 207 0.52 -6.00 -45.70
N LEU CA 208 -0.47 -6.35 -46.51
CA LEU CA 208 -1.04 -5.42 -47.49
C LEU CA 208 -2.52 -5.20 -47.22
N SER CA 209 -2.94 -3.92 -47.28
CA SER CA 209 -4.34 -3.62 -47.52
C SER CA 209 -4.68 -3.83 -48.98
N SER CA 210 -5.96 -4.14 -49.24
CA SER CA 210 -6.38 -4.60 -50.57
C SER CA 210 -6.10 -3.59 -51.67
N ASP CA 211 -6.01 -2.31 -51.34
CA ASP CA 211 -5.65 -1.31 -52.36
C ASP CA 211 -4.17 -1.35 -52.73
N LEU CA 212 -3.29 -1.75 -51.81
CA LEU CA 212 -1.86 -1.73 -52.06
C LEU CA 212 -1.37 -2.80 -53.03
N PHE CA 213 -2.23 -3.76 -53.40
CA PHE CA 213 -1.78 -4.83 -54.28
C PHE CA 213 -1.45 -4.35 -55.68
N ALA CA 214 -2.07 -3.26 -56.14
CA ALA CA 214 -1.73 -2.70 -57.45
C ALA CA 214 -0.32 -2.11 -57.48
N GLY CA 215 0.18 -1.64 -56.33
CA GLY CA 215 1.53 -1.10 -56.25
C GLY CA 215 2.64 -2.12 -56.28
N ILE CA 216 2.33 -3.42 -56.16
CA ILE CA 216 3.36 -4.46 -56.20
C ILE CA 216 4.11 -4.39 -57.54
N PRO CA 217 5.43 -4.25 -57.51
CA PRO CA 217 6.20 -4.17 -58.77
C PRO CA 217 5.96 -5.38 -59.66
N THR CA 218 5.60 -5.11 -60.91
CA THR CA 218 5.22 -6.17 -61.84
C THR CA 218 6.44 -6.71 -62.58
N ILE CA 219 6.40 -8.00 -62.89
CA ILE CA 219 7.46 -8.65 -63.64
C ILE CA 219 7.31 -8.34 -65.13
N LYS CA 220 8.45 -8.25 -65.82
CA LYS CA 220 8.44 -7.87 -67.23
C LYS CA 220 8.13 -9.04 -68.15
N SER CA 221 8.56 -10.26 -67.81
CA SER CA 221 8.18 -11.45 -68.56
C SER CA 221 7.17 -12.27 -67.77
N PRO CA 222 6.08 -12.71 -68.39
CA PRO CA 222 5.10 -13.54 -67.67
C PRO CA 222 5.56 -14.96 -67.37
N THR CA 223 6.77 -15.36 -67.75
CA THR CA 223 7.21 -16.74 -67.61
C THR CA 223 8.48 -16.88 -66.77
N GLU CA 224 9.09 -15.78 -66.35
CA GLU CA 224 10.27 -15.83 -65.52
C GLU CA 224 10.33 -14.59 -64.65
N VAL CA 225 11.07 -14.67 -63.55
CA VAL CA 225 11.29 -13.54 -62.66
C VAL CA 225 12.79 -13.40 -62.41
N THR CA 226 13.30 -12.19 -62.59
CA THR CA 226 14.71 -11.93 -62.35
C THR CA 226 14.98 -11.66 -60.88
N LEU CA 227 16.25 -11.81 -60.49
CA LEU CA 227 16.65 -11.55 -59.11
C LEU CA 227 16.41 -10.11 -58.70
N LEU CA 228 16.56 -9.17 -59.63
CA LEU CA 228 16.16 -7.78 -59.37
C LEU CA 228 14.67 -7.66 -59.11
N GLU CA 229 13.85 -8.30 -59.94
CA GLU CA 229 12.39 -8.27 -59.74
C GLU CA 229 11.98 -8.92 -58.43
N GLU CA 230 12.60 -10.05 -58.07
CA GLU CA 230 12.32 -10.68 -56.78
C GLU CA 230 12.55 -9.73 -55.61
N ASP CA 231 13.69 -9.04 -55.62
CA ASP CA 231 14.02 -8.14 -54.52
C ASP CA 231 13.04 -6.97 -54.42
N LYS CA 232 12.65 -6.39 -55.56
CA LYS CA 232 11.65 -5.33 -55.58
C LYS CA 232 10.31 -5.80 -55.03
N ILE CA 233 9.85 -6.97 -55.45
CA ILE CA 233 8.59 -7.51 -54.96
C ILE CA 233 8.68 -7.81 -53.47
N CYS CA 234 9.68 -8.59 -53.05
CA CYS CA 234 9.78 -8.99 -51.66
C CYS CA 234 10.00 -7.80 -50.73
N GLY CA 235 10.82 -6.84 -51.16
CA GLY CA 235 10.98 -5.62 -50.39
C GLY CA 235 9.70 -4.83 -50.23
N TYR CA 236 8.99 -4.60 -51.34
CA TYR CA 236 7.74 -3.84 -51.32
C TYR CA 236 6.72 -4.45 -50.35
N VAL CA 237 6.52 -5.76 -50.41
CA VAL CA 237 5.53 -6.40 -49.54
C VAL CA 237 5.92 -6.28 -48.07
N ALA CA 238 7.19 -6.54 -47.75
CA ALA CA 238 7.63 -6.43 -46.36
C ALA CA 238 7.59 -4.99 -45.86
N GLY CA 239 7.78 -4.01 -46.74
CA GLY CA 239 7.63 -2.63 -46.36
C GLY CA 239 6.23 -2.27 -45.88
N GLY CA 240 5.22 -2.99 -46.37
CA GLY CA 240 3.86 -2.75 -45.94
C GLY CA 240 3.62 -2.93 -44.45
N LEU CA 241 4.38 -3.81 -43.80
CA LEU CA 241 4.20 -4.02 -42.37
C LEU CA 241 4.41 -2.74 -41.57
N MET CA 242 5.38 -1.91 -41.98
CA MET CA 242 5.54 -0.60 -41.35
C MET CA 242 4.60 0.44 -41.95
N TYR CA 243 4.42 0.45 -43.27
CA TYR CA 243 3.90 1.60 -43.98
C TYR CA 243 2.45 1.48 -44.44
N ALA CA 244 1.85 0.30 -44.37
CA ALA CA 244 0.41 0.19 -44.62
C ALA CA 244 -0.37 0.74 -43.43
N ALA CA 245 -0.95 1.93 -43.62
CA ALA CA 245 -1.75 2.57 -42.59
C ALA CA 245 -3.19 2.06 -42.64
N PRO CA 246 -3.90 2.08 -41.50
CA PRO CA 246 -5.35 1.88 -41.47
C PRO CA 246 -6.14 3.13 -41.89
N ALA DA 1 29.79 5.24 -37.94
CA ALA DA 1 30.09 4.91 -39.32
C ALA DA 1 29.15 3.83 -39.84
N LEU DA 2 28.91 3.82 -41.15
CA LEU DA 2 27.91 2.98 -41.77
C LEU DA 2 28.58 1.92 -42.63
N LEU DA 3 27.96 0.74 -42.71
CA LEU DA 3 28.21 -0.10 -43.86
C LEU DA 3 27.82 0.64 -45.13
N SER DA 4 28.47 0.29 -46.24
CA SER DA 4 28.24 1.01 -47.49
C SER DA 4 26.80 0.91 -47.99
N PHE DA 5 26.06 -0.12 -47.59
CA PHE DA 5 24.66 -0.29 -47.95
C PHE DA 5 23.69 0.14 -46.86
N GLU DA 6 24.17 0.57 -45.69
CA GLU DA 6 23.33 0.66 -44.51
C GLU DA 6 22.36 1.84 -44.56
N ARG DA 7 22.75 2.96 -45.18
CA ARG DA 7 22.01 4.22 -45.04
C ARG DA 7 20.53 4.11 -45.38
N LYS DA 8 20.19 3.45 -46.48
CA LYS DA 8 18.79 3.31 -46.89
C LYS DA 8 17.89 2.63 -45.86
N TYR DA 9 18.46 1.94 -44.86
CA TYR DA 9 17.64 1.29 -43.84
C TYR DA 9 17.45 2.09 -42.55
N ARG DA 10 18.26 3.12 -42.29
CA ARG DA 10 18.18 3.88 -41.04
C ARG DA 10 17.00 4.88 -41.03
N VAL DA 11 15.79 4.36 -41.23
CA VAL DA 11 14.59 5.18 -41.21
C VAL DA 11 14.04 5.31 -39.78
N PRO DA 12 13.18 6.30 -39.51
CA PRO DA 12 12.47 6.34 -38.23
C PRO DA 12 11.45 5.22 -38.09
N GLY DA 13 11.07 4.96 -36.83
CA GLY DA 13 9.92 4.13 -36.53
C GLY DA 13 10.24 2.68 -36.27
N GLY DA 14 9.18 1.93 -35.93
CA GLY DA 14 9.30 0.58 -35.42
C GLY DA 14 9.47 0.46 -33.92
N THR DA 15 9.78 1.56 -33.23
CA THR DA 15 9.90 1.53 -31.78
C THR DA 15 8.59 1.13 -31.11
N LEU DA 16 8.70 0.29 -30.08
CA LEU DA 16 7.55 -0.16 -29.30
C LEU DA 16 7.19 0.84 -28.20
N VAL DA 17 8.19 1.46 -27.58
CA VAL DA 17 7.99 2.45 -26.54
C VAL DA 17 8.93 3.61 -26.81
N GLY DA 18 8.47 4.84 -26.53
CA GLY DA 18 9.32 6.00 -26.55
C GLY DA 18 9.32 6.78 -27.85
N GLY DA 19 8.67 6.27 -28.88
CA GLY DA 19 8.59 6.99 -30.15
C GLY DA 19 9.96 7.31 -30.73
N ASN DA 20 10.22 8.61 -30.90
CA ASN DA 20 11.52 9.10 -31.34
C ASN DA 20 12.42 9.60 -30.21
N LEU DA 21 12.00 9.45 -28.95
CA LEU DA 21 12.80 9.94 -27.84
C LEU DA 21 14.15 9.23 -27.76
N PHE DA 22 14.19 7.95 -28.08
CA PHE DA 22 15.42 7.15 -28.09
C PHE DA 22 15.71 6.52 -29.45
N ASP DA 23 14.94 6.87 -30.49
CA ASP DA 23 15.13 6.32 -31.83
C ASP DA 23 16.36 6.95 -32.50
N PHE DA 24 17.53 6.54 -32.02
CA PHE DA 24 18.80 6.96 -32.59
C PHE DA 24 19.81 5.84 -32.41
N TRP DA 25 20.97 6.00 -33.05
CA TRP DA 25 22.08 5.06 -32.94
C TRP DA 25 23.25 5.69 -32.19
N VAL DA 26 24.09 4.82 -31.65
CA VAL DA 26 25.33 5.18 -30.97
C VAL DA 26 26.41 4.31 -31.59
N GLY DA 27 27.15 4.84 -32.55
CA GLY DA 27 28.02 4.04 -33.37
C GLY DA 27 27.24 3.06 -34.22
N PRO DA 28 27.57 1.77 -34.12
CA PRO DA 28 26.75 0.75 -34.76
C PRO DA 28 25.49 0.41 -33.98
N PHE DA 29 25.51 0.62 -32.67
CA PHE DA 29 24.47 0.09 -31.79
C PHE DA 29 23.20 0.93 -31.90
N TYR DA 30 22.08 0.27 -32.17
CA TYR DA 30 20.78 0.92 -31.99
C TYR DA 30 20.48 1.06 -30.50
N VAL DA 31 19.92 2.21 -30.13
CA VAL DA 31 19.55 2.44 -28.74
C VAL DA 31 18.10 2.06 -28.51
N GLY DA 32 17.18 3.00 -28.69
CA GLY DA 32 15.79 2.80 -28.31
C GLY DA 32 15.55 2.75 -26.81
N PHE DA 33 14.28 2.69 -26.44
CA PHE DA 33 13.89 2.66 -25.03
C PHE DA 33 14.55 1.51 -24.28
N PHE DA 34 14.47 0.30 -24.82
CA PHE DA 34 15.03 -0.87 -24.17
C PHE DA 34 16.55 -0.96 -24.24
N GLY DA 35 17.19 -0.21 -25.13
CA GLY DA 35 18.64 -0.09 -25.08
C GLY DA 35 19.12 0.71 -23.89
N VAL DA 36 18.41 1.77 -23.53
CA VAL DA 36 18.65 2.49 -22.30
C VAL DA 36 18.44 1.57 -21.09
N ALA DA 37 17.30 0.89 -21.04
CA ALA DA 37 17.04 -0.09 -19.99
C ALA DA 37 18.12 -1.17 -19.94
N THR DA 38 18.49 -1.74 -21.09
CA THR DA 38 19.52 -2.77 -21.14
C THR DA 38 20.82 -2.30 -20.51
N PHE DA 39 21.35 -1.16 -20.97
CA PHE DA 39 22.65 -0.70 -20.48
C PHE DA 39 22.64 -0.43 -18.98
N PHE DA 40 21.55 0.15 -18.47
CA PHE DA 40 21.47 0.39 -17.03
C PHE DA 40 21.59 -0.90 -16.23
N PHE DA 41 20.77 -1.91 -16.55
CA PHE DA 41 20.82 -3.17 -15.83
C PHE DA 41 22.15 -3.89 -16.02
N ALA DA 42 22.66 -3.91 -17.24
CA ALA DA 42 23.96 -4.52 -17.51
C ALA DA 42 25.07 -3.86 -16.69
N ALA DA 43 25.14 -2.53 -16.72
CA ALA DA 43 26.17 -1.83 -15.95
C ALA DA 43 26.00 -2.01 -14.45
N LEU DA 44 24.77 -1.94 -13.95
CA LEU DA 44 24.54 -2.14 -12.51
C LEU DA 44 24.90 -3.56 -12.08
N GLY DA 45 24.45 -4.56 -12.83
CA GLY DA 45 24.79 -5.94 -12.49
C GLY DA 45 26.28 -6.22 -12.52
N ILE DA 46 26.99 -5.68 -13.52
CA ILE DA 46 28.44 -5.83 -13.58
C ILE DA 46 29.12 -5.13 -12.40
N ILE DA 47 28.68 -3.92 -12.07
CA ILE DA 47 29.33 -3.15 -11.01
C ILE DA 47 29.09 -3.78 -9.63
N LEU DA 48 27.88 -4.30 -9.40
CA LEU DA 48 27.62 -5.04 -8.17
C LEU DA 48 28.42 -6.34 -8.07
N ILE DA 49 28.79 -6.92 -9.21
CA ILE DA 49 29.70 -8.07 -9.17
C ILE DA 49 31.09 -7.66 -8.71
N ALA DA 50 31.62 -6.56 -9.26
CA ALA DA 50 32.92 -6.05 -8.84
C ALA DA 50 32.92 -5.65 -7.37
N TRP DA 51 31.82 -5.07 -6.88
CA TRP DA 51 31.71 -4.75 -5.46
C TRP DA 51 31.65 -6.01 -4.59
N SER DA 52 30.95 -7.04 -5.05
CA SER DA 52 30.96 -8.32 -4.36
C SER DA 52 32.37 -8.92 -4.29
N ALA DA 53 33.18 -8.71 -5.32
CA ALA DA 53 34.59 -9.11 -5.27
C ALA DA 53 35.34 -8.38 -4.16
N VAL DA 54 35.04 -7.10 -3.93
CA VAL DA 54 35.64 -6.37 -2.82
C VAL DA 54 35.24 -6.98 -1.49
N LEU DA 55 33.94 -7.26 -1.30
CA LEU DA 55 33.48 -7.89 -0.08
C LEU DA 55 34.08 -9.28 0.11
N GLN DA 56 34.20 -10.04 -0.99
CA GLN DA 56 34.78 -11.38 -0.90
C GLN DA 56 36.27 -11.34 -0.62
N GLY DA 57 36.95 -10.28 -1.06
CA GLY DA 57 38.38 -10.14 -0.81
C GLY DA 57 39.25 -10.92 -1.77
N THR DA 58 38.89 -10.95 -3.05
CA THR DA 58 39.76 -11.46 -4.09
C THR DA 58 39.62 -10.58 -5.32
N TRP DA 59 40.69 -10.48 -6.08
CA TRP DA 59 40.66 -9.83 -7.40
C TRP DA 59 40.96 -10.80 -8.53
N ASN DA 60 41.22 -12.06 -8.24
CA ASN DA 60 41.34 -13.06 -9.29
C ASN DA 60 39.96 -13.27 -9.89
N PRO DA 61 39.75 -12.96 -11.17
CA PRO DA 61 38.40 -13.05 -11.75
C PRO DA 61 37.83 -14.47 -11.74
N GLN DA 62 38.68 -15.49 -11.70
CA GLN DA 62 38.22 -16.87 -11.66
C GLN DA 62 37.78 -17.32 -10.27
N LEU DA 63 38.18 -16.61 -9.22
CA LEU DA 63 37.70 -16.91 -7.87
C LEU DA 63 36.52 -16.07 -7.42
N ILE DA 64 36.25 -14.94 -8.09
CA ILE DA 64 35.10 -14.11 -7.74
C ILE DA 64 33.82 -14.94 -7.82
N SER DA 65 33.02 -14.90 -6.76
CA SER DA 65 31.80 -15.72 -6.70
C SER DA 65 30.75 -15.06 -5.82
N VAL DA 66 29.59 -14.79 -6.40
CA VAL DA 66 28.46 -14.19 -5.71
C VAL DA 66 27.47 -15.30 -5.38
N TYR DA 67 27.40 -15.73 -4.07
CA TYR DA 67 26.52 -16.82 -3.65
C TYR DA 67 25.11 -16.30 -3.34
N PRO DA 68 24.09 -17.11 -3.64
CA PRO DA 68 22.73 -16.81 -3.19
C PRO DA 68 22.59 -16.90 -1.68
N PRO DA 69 21.50 -16.37 -1.13
CA PRO DA 69 21.16 -16.62 0.28
C PRO DA 69 21.22 -18.10 0.67
N ALA DA 70 21.70 -18.35 1.88
CA ALA DA 70 21.61 -19.68 2.48
C ALA DA 70 20.15 -20.13 2.59
N LEU DA 71 19.96 -21.44 2.74
CA LEU DA 71 18.62 -22.02 2.82
C LEU DA 71 17.82 -21.51 4.00
N GLU DA 72 18.50 -21.08 5.08
CA GLU DA 72 17.80 -20.49 6.22
C GLU DA 72 17.03 -19.22 5.87
N TYR DA 73 17.40 -18.52 4.81
CA TYR DA 73 16.68 -17.31 4.40
C TYR DA 73 15.43 -17.59 3.60
N GLY DA 74 15.15 -18.85 3.27
CA GLY DA 74 13.98 -19.20 2.50
C GLY DA 74 13.91 -18.45 1.17
N LEU DA 75 12.70 -17.97 0.84
CA LEU DA 75 12.50 -17.04 -0.26
C LEU DA 75 12.45 -15.58 0.18
N GLY DA 76 12.80 -15.28 1.43
CA GLY DA 76 12.89 -13.89 1.87
C GLY DA 76 14.20 -13.22 1.50
N GLY DA 77 14.27 -11.92 1.76
CA GLY DA 77 15.50 -11.19 1.56
C GLY DA 77 16.61 -11.65 2.48
N ALA DA 78 17.85 -11.50 2.00
CA ALA DA 78 19.04 -11.74 2.81
C ALA DA 78 19.86 -10.46 2.96
N PRO DA 79 20.83 -10.41 3.87
CA PRO DA 79 21.77 -9.29 3.88
C PRO DA 79 22.54 -9.22 2.57
N LEU DA 80 22.91 -7.99 2.19
CA LEU DA 80 23.60 -7.77 0.92
C LEU DA 80 24.90 -8.57 0.84
N ALA DA 81 25.70 -8.55 1.91
CA ALA DA 81 26.94 -9.31 1.90
C ALA DA 81 26.72 -10.82 1.90
N LYS DA 82 25.51 -11.28 2.20
CA LYS DA 82 25.27 -12.68 2.54
C LYS DA 82 24.11 -13.23 1.71
N GLY DA 83 24.01 -12.78 0.46
CA GLY DA 83 23.00 -13.28 -0.45
C GLY DA 83 22.16 -12.18 -1.10
N GLY DA 84 22.15 -10.99 -0.49
CA GLY DA 84 21.32 -9.92 -1.01
C GLY DA 84 21.86 -9.29 -2.28
N LEU DA 85 23.18 -9.29 -2.45
CA LEU DA 85 23.77 -8.85 -3.72
C LEU DA 85 23.40 -9.79 -4.86
N TRP DA 86 23.49 -11.10 -4.62
CA TRP DA 86 23.05 -12.07 -5.62
C TRP DA 86 21.62 -11.81 -6.07
N GLN DA 87 20.73 -11.48 -5.13
CA GLN DA 87 19.34 -11.23 -5.48
C GLN DA 87 19.17 -10.01 -6.36
N ILE DA 88 19.91 -8.93 -6.08
CA ILE DA 88 19.82 -7.74 -6.92
C ILE DA 88 20.43 -8.00 -8.30
N ILE DA 89 21.57 -8.69 -8.35
CA ILE DA 89 22.20 -9.02 -9.63
C ILE DA 89 21.32 -9.94 -10.46
N THR DA 90 20.55 -10.81 -9.81
CA THR DA 90 19.58 -11.64 -10.51
C THR DA 90 18.45 -10.80 -11.11
N ILE DA 91 17.98 -9.79 -10.38
CA ILE DA 91 17.04 -8.82 -10.94
C ILE DA 91 17.64 -8.09 -12.13
N CYS DA 92 18.91 -7.65 -12.00
CA CYS DA 92 19.56 -6.95 -13.09
C CYS DA 92 19.78 -7.84 -14.30
N ALA DA 93 20.19 -9.09 -14.08
CA ALA DA 93 20.32 -10.04 -15.19
C ALA DA 93 18.99 -10.23 -15.92
N THR DA 94 17.91 -10.43 -15.17
CA THR DA 94 16.60 -10.59 -15.77
C THR DA 94 16.17 -9.33 -16.52
N GLY DA 95 16.35 -8.17 -15.90
CA GLY DA 95 16.07 -6.91 -16.57
C GLY DA 95 16.88 -6.70 -17.84
N ALA DA 96 18.18 -7.03 -17.79
CA ALA DA 96 19.03 -6.90 -18.97
C ALA DA 96 18.63 -7.88 -20.08
N PHE DA 97 18.43 -9.15 -19.75
CA PHE DA 97 18.09 -10.14 -20.77
C PHE DA 97 16.74 -9.85 -21.42
N VAL DA 98 15.74 -9.48 -20.63
CA VAL DA 98 14.42 -9.18 -21.17
C VAL DA 98 14.44 -7.91 -22.02
N SER DA 99 15.09 -6.85 -21.52
CA SER DA 99 15.26 -5.63 -22.31
C SER DA 99 15.99 -5.89 -23.61
N TRP DA 100 16.99 -6.79 -23.59
CA TRP DA 100 17.72 -7.12 -24.82
C TRP DA 100 16.83 -7.82 -25.84
N ALA DA 101 15.98 -8.75 -25.40
CA ALA DA 101 15.01 -9.35 -26.30
C ALA DA 101 14.05 -8.32 -26.89
N LEU DA 102 13.53 -7.42 -26.05
CA LEU DA 102 12.59 -6.40 -26.51
C LEU DA 102 13.26 -5.39 -27.46
N ARG DA 103 14.53 -5.07 -27.21
CA ARG DA 103 15.30 -4.26 -28.17
C ARG DA 103 15.47 -4.97 -29.50
N GLU DA 104 15.62 -6.29 -29.49
CA GLU DA 104 15.65 -7.05 -30.74
C GLU DA 104 14.33 -7.02 -31.48
N VAL DA 105 13.21 -7.05 -30.76
CA VAL DA 105 11.90 -6.91 -31.40
C VAL DA 105 11.77 -5.57 -32.13
N GLU DA 106 12.28 -4.50 -31.53
CA GLU DA 106 12.25 -3.19 -32.19
C GLU DA 106 13.10 -3.16 -33.45
N ILE DA 107 14.31 -3.75 -33.40
CA ILE DA 107 15.15 -3.82 -34.58
C ILE DA 107 14.52 -4.68 -35.68
N CYS DA 108 13.82 -5.76 -35.30
CA CYS DA 108 13.08 -6.53 -36.29
C CYS DA 108 12.02 -5.68 -36.99
N ARG DA 109 11.29 -4.88 -36.23
CA ARG DA 109 10.25 -4.03 -36.81
C ARG DA 109 10.83 -2.99 -37.77
N LYS DA 110 11.90 -2.32 -37.36
CA LYS DA 110 12.56 -1.34 -38.24
C LYS DA 110 13.11 -1.95 -39.53
N LEU DA 111 13.58 -3.20 -39.49
CA LEU DA 111 14.05 -3.86 -40.70
C LEU DA 111 12.99 -4.69 -41.40
N GLY DA 112 11.82 -4.87 -40.79
CA GLY DA 112 10.75 -5.61 -41.47
C GLY DA 112 10.97 -7.10 -41.58
N ILE DA 113 11.81 -7.66 -40.73
CA ILE DA 113 12.11 -9.08 -40.75
C ILE DA 113 11.22 -9.80 -39.74
N GLY DA 114 11.16 -11.12 -39.82
CA GLY DA 114 10.43 -11.90 -38.84
C GLY DA 114 11.03 -11.80 -37.45
N TYR DA 115 10.23 -12.22 -36.47
CA TYR DA 115 10.56 -12.13 -35.06
C TYR DA 115 11.25 -13.39 -34.52
N HIS DA 116 11.78 -14.24 -35.40
CA HIS DA 116 12.33 -15.53 -34.97
C HIS DA 116 13.49 -15.37 -33.99
N ILE DA 117 14.34 -14.36 -34.17
CA ILE DA 117 15.51 -14.19 -33.32
C ILE DA 117 15.15 -13.84 -31.87
N PRO DA 118 14.34 -12.81 -31.60
CA PRO DA 118 13.96 -12.56 -30.19
C PRO DA 118 13.14 -13.69 -29.58
N PHE DA 119 12.35 -14.40 -30.39
CA PHE DA 119 11.60 -15.55 -29.90
C PHE DA 119 12.52 -16.69 -29.50
N ALA DA 120 13.53 -16.99 -30.33
CA ALA DA 120 14.52 -18.00 -29.96
C ALA DA 120 15.30 -17.61 -28.71
N PHE DA 121 15.66 -16.33 -28.58
CA PHE DA 121 16.38 -15.89 -27.38
C PHE DA 121 15.53 -16.02 -26.12
N ALA DA 122 14.22 -15.84 -26.24
CA ALA DA 122 13.33 -16.03 -25.09
C ALA DA 122 13.39 -17.44 -24.49
N PHE DA 123 13.78 -18.45 -25.28
CA PHE DA 123 13.99 -19.78 -24.72
C PHE DA 123 15.17 -19.82 -23.76
N ALA DA 124 16.28 -19.16 -24.12
CA ALA DA 124 17.42 -19.07 -23.21
C ALA DA 124 17.06 -18.37 -21.91
N ILE DA 125 16.27 -17.29 -22.01
CA ILE DA 125 15.81 -16.58 -20.81
C ILE DA 125 14.98 -17.49 -19.90
N LEU DA 126 14.08 -18.29 -20.49
CA LEU DA 126 13.28 -19.22 -19.68
C LEU DA 126 14.12 -20.33 -19.05
N ALA DA 127 15.18 -20.77 -19.70
CA ALA DA 127 16.08 -21.73 -19.05
C ALA DA 127 16.84 -21.09 -17.88
N TYR DA 128 17.31 -19.86 -18.06
CA TYR DA 128 17.89 -19.10 -16.95
C TYR DA 128 16.90 -18.94 -15.80
N LEU DA 129 15.69 -18.47 -16.09
CA LEU DA 129 14.70 -18.24 -15.04
C LEU DA 129 14.24 -19.54 -14.39
N THR DA 130 14.26 -20.66 -15.12
CA THR DA 130 14.05 -21.96 -14.49
C THR DA 130 15.06 -22.22 -13.38
N LEU DA 131 16.34 -21.96 -13.64
CA LEU DA 131 17.38 -22.30 -12.69
C LEU DA 131 17.51 -21.30 -11.54
N VAL DA 132 17.25 -20.02 -11.77
CA VAL DA 132 17.39 -19.02 -10.71
C VAL DA 132 16.07 -18.65 -10.05
N LEU DA 133 14.93 -18.91 -10.69
CA LEU DA 133 13.67 -18.38 -10.16
C LEU DA 133 12.62 -19.46 -9.97
N PHE DA 134 12.18 -20.10 -11.05
CA PHE DA 134 11.01 -20.98 -10.94
C PHE DA 134 11.29 -22.19 -10.07
N ARG DA 135 12.42 -22.86 -10.27
CA ARG DA 135 12.73 -24.04 -9.48
C ARG DA 135 13.09 -23.70 -8.03
N PRO DA 136 13.92 -22.69 -7.76
CA PRO DA 136 14.10 -22.26 -6.36
C PRO DA 136 12.80 -21.86 -5.66
N VAL DA 137 11.88 -21.19 -6.35
CA VAL DA 137 10.60 -20.85 -5.77
C VAL DA 137 9.76 -22.09 -5.50
N MET DA 138 9.80 -23.07 -6.40
CA MET DA 138 9.13 -24.34 -6.14
C MET DA 138 9.75 -25.05 -4.94
N MET DA 139 11.07 -25.09 -4.88
CA MET DA 139 11.75 -25.78 -3.78
C MET DA 139 11.80 -24.96 -2.50
N GLY DA 140 11.45 -23.68 -2.55
CA GLY DA 140 11.25 -22.88 -1.36
C GLY DA 140 12.47 -22.14 -0.82
N ALA DA 141 13.54 -22.01 -1.59
CA ALA DA 141 14.71 -21.30 -1.09
C ALA DA 141 15.57 -20.80 -2.26
N TRP DA 142 16.00 -19.54 -2.18
CA TRP DA 142 16.95 -18.98 -3.14
C TRP DA 142 18.29 -19.73 -3.17
N GLY DA 143 18.63 -20.43 -2.09
CA GLY DA 143 19.89 -21.17 -2.04
C GLY DA 143 19.99 -22.36 -2.97
N TYR DA 144 18.87 -22.83 -3.51
CA TYR DA 144 18.92 -23.82 -4.58
C TYR DA 144 19.28 -23.23 -5.94
N ALA DA 145 19.37 -21.91 -6.07
CA ALA DA 145 19.90 -21.34 -7.30
C ALA DA 145 21.42 -21.46 -7.34
N PHE DA 146 22.01 -21.26 -8.56
CA PHE DA 146 23.45 -21.36 -8.72
C PHE DA 146 24.15 -20.03 -8.44
N PRO DA 147 25.39 -20.09 -7.97
CA PRO DA 147 26.16 -18.87 -7.71
C PRO DA 147 26.77 -18.30 -8.98
N TYR DA 148 26.85 -16.98 -9.02
CA TYR DA 148 27.51 -16.28 -10.12
C TYR DA 148 29.01 -16.30 -9.86
N GLY DA 149 29.67 -17.29 -10.46
CA GLY DA 149 31.10 -17.42 -10.43
C GLY DA 149 31.57 -18.42 -11.47
N ILE DA 150 32.68 -18.10 -12.15
CA ILE DA 150 33.11 -18.86 -13.32
C ILE DA 150 33.25 -20.35 -13.02
N TRP DA 151 33.93 -20.68 -11.93
CA TRP DA 151 34.08 -22.07 -11.55
C TRP DA 151 33.09 -22.52 -10.47
N THR DA 152 32.69 -21.62 -9.59
CA THR DA 152 31.77 -22.00 -8.52
C THR DA 152 30.39 -22.39 -9.04
N HIS DA 153 29.96 -21.88 -10.21
CA HIS DA 153 28.70 -22.37 -10.74
C HIS DA 153 28.82 -23.80 -11.26
N LEU DA 154 30.04 -24.26 -11.56
CA LEU DA 154 30.25 -25.66 -11.88
C LEU DA 154 30.20 -26.56 -10.64
N ASP DA 155 30.60 -26.04 -9.47
CA ASP DA 155 30.36 -26.75 -8.23
C ASP DA 155 28.87 -26.95 -7.97
N TRP DA 156 28.05 -25.95 -8.28
CA TRP DA 156 26.61 -26.10 -8.15
C TRP DA 156 26.08 -27.18 -9.09
N VAL DA 157 26.56 -27.22 -10.34
CA VAL DA 157 26.15 -28.27 -11.27
C VAL DA 157 26.55 -29.64 -10.74
N SER DA 158 27.79 -29.77 -10.25
CA SER DA 158 28.25 -31.03 -9.69
C SER DA 158 27.43 -31.44 -8.47
N ASN DA 159 27.32 -30.56 -7.49
CA ASN DA 159 26.62 -30.89 -6.25
C ASN DA 159 25.14 -31.15 -6.46
N THR DA 160 24.50 -30.37 -7.34
CA THR DA 160 23.11 -30.65 -7.69
C THR DA 160 22.96 -32.00 -8.38
N GLY DA 161 23.82 -32.28 -9.36
CA GLY DA 161 23.75 -33.55 -10.05
C GLY DA 161 23.92 -34.76 -9.15
N TYR DA 162 25.01 -34.80 -8.38
CA TYR DA 162 25.30 -35.93 -7.51
C TYR DA 162 24.35 -36.06 -6.33
N THR DA 163 23.50 -35.07 -6.07
CA THR DA 163 22.42 -35.27 -5.11
C THR DA 163 21.46 -36.38 -5.54
N TYR DA 164 21.38 -36.65 -6.84
CA TYR DA 164 20.48 -37.64 -7.40
C TYR DA 164 21.24 -38.78 -8.06
N GLY DA 165 22.44 -39.07 -7.56
CA GLY DA 165 23.31 -40.07 -8.15
C GLY DA 165 24.00 -39.57 -9.41
N ASN DA 166 24.23 -40.50 -10.34
CA ASN DA 166 24.63 -40.10 -11.69
C ASN DA 166 23.44 -39.42 -12.37
N PHE DA 167 23.64 -38.16 -12.77
CA PHE DA 167 22.57 -37.39 -13.40
C PHE DA 167 22.34 -37.77 -14.85
N HIS DA 168 23.21 -38.60 -15.45
CA HIS DA 168 22.97 -39.13 -16.78
C HIS DA 168 21.66 -39.90 -16.89
N TYR DA 169 21.15 -40.42 -15.78
CA TYR DA 169 19.93 -41.23 -15.81
C TYR DA 169 18.64 -40.43 -15.82
N ASN DA 170 18.70 -39.11 -15.68
CA ASN DA 170 17.51 -38.30 -15.83
C ASN DA 170 17.05 -38.43 -17.29
N PRO DA 171 15.85 -38.95 -17.55
CA PRO DA 171 15.47 -39.25 -18.95
C PRO DA 171 15.29 -38.03 -19.82
N ALA DA 172 14.85 -36.90 -19.25
CA ALA DA 172 14.77 -35.65 -20.01
C ALA DA 172 16.15 -35.05 -20.24
N HIS DA 173 17.07 -35.25 -19.30
CA HIS DA 173 18.46 -34.85 -19.50
C HIS DA 173 19.09 -35.62 -20.66
N MET DA 174 18.77 -36.91 -20.80
CA MET DA 174 19.23 -37.68 -21.96
C MET DA 174 18.71 -37.12 -23.29
N ILE DA 175 17.44 -36.72 -23.33
CA ILE DA 175 16.86 -36.15 -24.54
C ILE DA 175 17.49 -34.81 -24.88
N ALA DA 176 17.68 -33.95 -23.87
CA ALA DA 176 18.37 -32.68 -24.08
C ALA DA 176 19.77 -32.88 -24.65
N ILE DA 177 20.55 -33.81 -24.08
CA ILE DA 177 21.88 -34.10 -24.61
C ILE DA 177 21.82 -34.54 -26.06
N SER DA 178 20.82 -35.37 -26.41
CA SER DA 178 20.71 -35.85 -27.78
C SER DA 178 20.47 -34.71 -28.76
N PHE DA 179 19.66 -33.73 -28.38
CA PHE DA 179 19.51 -32.53 -29.22
C PHE DA 179 20.78 -31.69 -29.25
N PHE DA 180 21.45 -31.52 -28.11
CA PHE DA 180 22.70 -30.75 -28.09
C PHE DA 180 23.77 -31.38 -28.99
N PHE DA 181 23.94 -32.70 -28.94
CA PHE DA 181 24.94 -33.32 -29.81
C PHE DA 181 24.51 -33.29 -31.27
N THR DA 182 23.23 -33.51 -31.55
CA THR DA 182 22.73 -33.48 -32.91
C THR DA 182 22.78 -32.08 -33.52
N ASN DA 183 22.49 -31.06 -32.71
CA ASN DA 183 22.65 -29.69 -33.18
C ASN DA 183 24.09 -29.38 -33.59
N ALA DA 184 25.07 -29.81 -32.78
CA ALA DA 184 26.47 -29.54 -33.10
C ALA DA 184 26.92 -30.31 -34.33
N LEU DA 185 26.41 -31.53 -34.52
CA LEU DA 185 26.62 -32.25 -35.77
C LEU DA 185 26.07 -31.48 -36.97
N ALA DA 186 24.82 -31.05 -36.90
CA ALA DA 186 24.20 -30.33 -38.00
C ALA DA 186 24.88 -28.99 -38.30
N LEU DA 187 25.38 -28.29 -37.28
CA LEU DA 187 26.09 -27.04 -37.53
C LEU DA 187 27.42 -27.27 -38.23
N ALA DA 188 28.15 -28.33 -37.85
CA ALA DA 188 29.35 -28.70 -38.57
C ALA DA 188 29.06 -29.01 -40.04
N LEU DA 189 28.04 -29.83 -40.29
CA LEU DA 189 27.69 -30.21 -41.66
C LEU DA 189 27.21 -29.02 -42.48
N HIS DA 190 26.33 -28.19 -41.91
CA HIS DA 190 25.78 -27.06 -42.66
C HIS DA 190 26.85 -26.03 -43.01
N GLY DA 191 27.67 -25.65 -42.03
CA GLY DA 191 28.80 -24.79 -42.32
C GLY DA 191 29.71 -25.34 -43.41
N ALA DA 192 30.06 -26.63 -43.30
CA ALA DA 192 30.96 -27.25 -44.27
C ALA DA 192 30.36 -27.32 -45.66
N LEU DA 193 29.07 -27.67 -45.76
CA LEU DA 193 28.45 -27.85 -47.07
C LEU DA 193 28.34 -26.53 -47.83
N VAL DA 194 27.89 -25.47 -47.16
CA VAL DA 194 27.84 -24.15 -47.79
C VAL DA 194 29.23 -23.68 -48.21
N LEU DA 195 30.23 -23.85 -47.33
CA LEU DA 195 31.58 -23.44 -47.68
C LEU DA 195 32.16 -24.28 -48.81
N SER DA 196 31.85 -25.57 -48.85
CA SER DA 196 32.38 -26.41 -49.91
C SER DA 196 31.81 -26.07 -51.28
N ALA DA 197 30.62 -25.47 -51.34
CA ALA DA 197 30.06 -25.01 -52.60
C ALA DA 197 30.61 -23.65 -53.00
N ALA DA 198 30.66 -22.70 -52.06
CA ALA DA 198 31.20 -21.39 -52.36
C ALA DA 198 32.71 -21.42 -52.59
N ASN DA 199 33.41 -22.39 -52.02
CA ASN DA 199 34.86 -22.50 -52.14
C ASN DA 199 35.23 -23.86 -52.72
N PRO DA 200 34.97 -24.06 -54.02
CA PRO DA 200 35.29 -25.35 -54.65
C PRO DA 200 36.78 -25.59 -54.83
N GLU DA 201 37.11 -26.65 -55.56
CA GLU DA 201 38.49 -26.87 -55.97
C GLU DA 201 39.00 -25.70 -56.82
N LYS DA 202 40.29 -25.43 -56.70
CA LYS DA 202 40.90 -24.26 -57.33
C LYS DA 202 40.66 -24.24 -58.84
N GLY DA 203 40.10 -23.14 -59.32
CA GLY DA 203 39.77 -22.95 -60.72
C GLY DA 203 38.35 -23.31 -61.12
N LYS DA 204 37.65 -24.10 -60.32
CA LYS DA 204 36.28 -24.46 -60.63
C LYS DA 204 35.32 -23.31 -60.31
N GLU DA 205 34.19 -23.30 -61.02
CA GLU DA 205 33.11 -22.37 -60.71
C GLU DA 205 32.47 -22.70 -59.37
N MET DA 206 31.89 -21.68 -58.74
CA MET DA 206 31.01 -21.88 -57.60
C MET DA 206 29.97 -22.96 -57.90
N ARG DA 207 29.76 -23.84 -56.93
CA ARG DA 207 28.76 -24.89 -57.06
C ARG DA 207 27.38 -24.31 -56.74
N THR DA 208 26.35 -24.99 -57.21
CA THR DA 208 24.97 -24.60 -57.00
C THR DA 208 24.37 -25.37 -55.83
N PRO DA 209 23.22 -24.92 -55.31
CA PRO DA 209 22.48 -25.77 -54.35
C PRO DA 209 22.07 -27.12 -54.90
N ASP DA 210 22.09 -27.31 -56.22
CA ASP DA 210 21.91 -28.64 -56.80
C ASP DA 210 23.07 -29.56 -56.43
N HIS DA 211 24.30 -29.05 -56.46
CA HIS DA 211 25.44 -29.84 -55.98
C HIS DA 211 25.33 -30.13 -54.49
N GLU DA 212 24.82 -29.18 -53.71
CA GLU DA 212 24.63 -29.41 -52.28
C GLU DA 212 23.63 -30.53 -52.03
N ASP DA 213 22.48 -30.49 -52.69
CA ASP DA 213 21.53 -31.59 -52.64
C ASP DA 213 22.17 -32.90 -53.09
N THR DA 214 22.98 -32.85 -54.15
CA THR DA 214 23.56 -34.06 -54.71
C THR DA 214 24.58 -34.70 -53.78
N PHE DA 215 25.47 -33.89 -53.20
CA PHE DA 215 26.47 -34.42 -52.27
C PHE DA 215 25.85 -35.19 -51.11
N PHE DA 216 24.84 -34.62 -50.45
CA PHE DA 216 24.26 -35.30 -49.30
C PHE DA 216 23.43 -36.51 -49.70
N ARG DA 217 22.73 -36.46 -50.84
CA ARG DA 217 22.05 -37.65 -51.31
C ARG DA 217 23.04 -38.76 -51.66
N ASP DA 218 24.12 -38.41 -52.36
CA ASP DA 218 25.19 -39.38 -52.58
C ASP DA 218 25.76 -39.91 -51.27
N LEU DA 219 25.91 -39.05 -50.27
CA LEU DA 219 26.53 -39.47 -49.02
C LEU DA 219 25.60 -40.32 -48.16
N VAL DA 220 24.33 -39.91 -48.01
CA VAL DA 220 23.45 -40.55 -47.04
C VAL DA 220 22.07 -40.86 -47.61
N GLY DA 221 21.82 -40.60 -48.89
CA GLY DA 221 20.54 -40.91 -49.48
C GLY DA 221 19.40 -39.98 -49.10
N TYR DA 222 19.70 -38.83 -48.52
CA TYR DA 222 18.66 -37.84 -48.23
C TYR DA 222 19.31 -36.46 -48.15
N SER DA 223 18.48 -35.44 -48.35
CA SER DA 223 18.93 -34.06 -48.32
C SER DA 223 17.76 -33.21 -47.85
N ILE DA 224 17.92 -32.52 -46.72
CA ILE DA 224 16.80 -31.80 -46.12
C ILE DA 224 16.50 -30.50 -46.87
N GLY DA 225 17.44 -29.98 -47.63
CA GLY DA 225 17.24 -28.77 -48.41
C GLY DA 225 17.64 -27.50 -47.68
N THR DA 226 17.78 -26.43 -48.47
CA THR DA 226 18.22 -25.13 -47.95
C THR DA 226 17.30 -24.61 -46.85
N LEU DA 227 15.98 -24.72 -47.05
CA LEU DA 227 15.05 -24.24 -46.03
C LEU DA 227 14.94 -25.21 -44.86
N GLY DA 228 14.93 -26.51 -45.14
CA GLY DA 228 14.83 -27.49 -44.07
C GLY DA 228 15.96 -27.44 -43.07
N ILE DA 229 17.19 -27.20 -43.53
CA ILE DA 229 18.33 -27.20 -42.62
C ILE DA 229 18.27 -26.04 -41.62
N HIS DA 230 17.76 -24.89 -42.03
CA HIS DA 230 17.65 -23.76 -41.10
C HIS DA 230 16.48 -23.91 -40.14
N ARG DA 231 15.39 -24.54 -40.58
CA ARG DA 231 14.35 -24.98 -39.65
C ARG DA 231 14.91 -25.97 -38.63
N LEU DA 232 15.68 -26.94 -39.11
CA LEU DA 232 16.22 -27.98 -38.23
C LEU DA 232 17.17 -27.41 -37.19
N GLY DA 233 18.13 -26.59 -37.63
CA GLY DA 233 19.06 -25.99 -36.68
C GLY DA 233 18.40 -25.15 -35.62
N LEU DA 234 17.34 -24.43 -35.98
CA LEU DA 234 16.57 -23.69 -35.00
C LEU DA 234 15.86 -24.63 -34.02
N LEU DA 235 15.09 -25.59 -34.53
CA LEU DA 235 14.31 -26.47 -33.66
C LEU DA 235 15.17 -27.41 -32.83
N LEU DA 236 16.32 -27.86 -33.35
CA LEU DA 236 17.23 -28.65 -32.53
C LEU DA 236 17.78 -27.85 -31.36
N SER DA 237 18.16 -26.60 -31.61
CA SER DA 237 18.64 -25.73 -30.53
C SER DA 237 17.54 -25.46 -29.49
N LEU DA 238 16.33 -25.15 -29.95
CA LEU DA 238 15.25 -24.84 -29.02
C LEU DA 238 14.77 -26.09 -28.26
N SER DA 239 14.70 -27.24 -28.94
CA SER DA 239 14.35 -28.48 -28.25
C SER DA 239 15.36 -28.84 -27.17
N ALA DA 240 16.65 -28.69 -27.46
CA ALA DA 240 17.68 -28.93 -26.46
C ALA DA 240 17.45 -28.13 -25.18
N VAL DA 241 17.10 -26.85 -25.32
CA VAL DA 241 16.90 -25.99 -24.16
C VAL DA 241 15.55 -26.25 -23.49
N PHE DA 242 14.52 -26.59 -24.25
CA PHE DA 242 13.25 -26.99 -23.64
C PHE DA 242 13.39 -28.22 -22.76
N PHE DA 243 14.00 -29.28 -23.28
CA PHE DA 243 14.18 -30.50 -22.49
C PHE DA 243 15.21 -30.32 -21.37
N SER DA 244 16.14 -29.37 -21.52
CA SER DA 244 17.03 -29.02 -20.40
C SER DA 244 16.25 -28.41 -19.25
N ALA DA 245 15.42 -27.40 -19.54
CA ALA DA 245 14.57 -26.81 -18.51
C ALA DA 245 13.63 -27.83 -17.89
N LEU DA 246 13.02 -28.68 -18.71
CA LEU DA 246 12.13 -29.73 -18.19
C LEU DA 246 12.86 -30.68 -17.24
N CYS DA 247 14.08 -31.10 -17.60
CA CYS DA 247 14.81 -32.05 -16.77
C CYS DA 247 15.10 -31.49 -15.37
N MET DA 248 15.24 -30.18 -15.26
CA MET DA 248 15.53 -29.57 -13.96
C MET DA 248 14.29 -29.22 -13.16
N ILE DA 249 13.22 -28.77 -13.83
CA ILE DA 249 12.00 -28.42 -13.10
C ILE DA 249 11.38 -29.63 -12.42
N ILE DA 250 11.62 -30.83 -12.95
CA ILE DA 250 11.16 -32.05 -12.29
C ILE DA 250 12.12 -32.54 -11.22
N THR DA 251 13.39 -32.14 -11.28
CA THR DA 251 14.41 -32.66 -10.39
C THR DA 251 14.35 -31.93 -9.05
N GLY DA 252 14.01 -32.67 -8.00
CA GLY DA 252 13.85 -32.11 -6.67
C GLY DA 252 12.48 -31.53 -6.37
N THR DA 253 11.50 -31.76 -7.24
CA THR DA 253 10.13 -31.29 -7.08
C THR DA 253 9.12 -32.41 -7.22
N ILE DA 254 9.28 -33.27 -8.22
CA ILE DA 254 8.50 -34.50 -8.32
C ILE DA 254 9.35 -35.75 -8.25
N TRP DA 255 10.65 -35.66 -8.55
CA TRP DA 255 11.59 -36.75 -8.36
C TRP DA 255 12.62 -36.37 -7.32
N PHE DA 256 12.86 -37.26 -6.36
CA PHE DA 256 13.73 -36.98 -5.23
C PHE DA 256 14.87 -37.98 -5.06
N ASP DA 257 14.73 -39.19 -5.60
CA ASP DA 257 15.66 -40.28 -5.34
C ASP DA 257 16.79 -40.30 -6.37
N GLN DA 258 17.57 -41.38 -6.38
CA GLN DA 258 18.56 -41.59 -7.42
C GLN DA 258 17.86 -41.83 -8.77
N TRP DA 259 18.23 -41.02 -9.77
CA TRP DA 259 17.60 -41.12 -11.08
C TRP DA 259 17.77 -42.50 -11.71
N VAL DA 260 18.86 -43.20 -11.41
CA VAL DA 260 19.05 -44.56 -11.90
C VAL DA 260 17.93 -45.48 -11.45
N ASP DA 261 17.33 -45.23 -10.28
CA ASP DA 261 16.26 -46.09 -9.80
C ASP DA 261 14.96 -45.89 -10.57
N TRP DA 262 14.83 -44.82 -11.34
CA TRP DA 262 13.64 -44.60 -12.14
C TRP DA 262 13.46 -45.70 -13.20
N TRP DA 263 14.55 -46.11 -13.83
CA TRP DA 263 14.54 -47.05 -14.94
C TRP DA 263 14.09 -48.45 -14.55
N GLN DA 264 13.97 -48.74 -13.25
CA GLN DA 264 13.41 -50.02 -12.82
C GLN DA 264 11.94 -50.21 -13.19
N TRP DA 265 11.19 -49.13 -13.46
CA TRP DA 265 9.79 -49.31 -13.87
C TRP DA 265 9.69 -50.18 -15.11
N TRP DA 266 10.66 -50.07 -16.02
CA TRP DA 266 10.68 -50.91 -17.21
C TRP DA 266 11.09 -52.33 -16.87
N VAL DA 267 12.15 -52.49 -16.09
CA VAL DA 267 12.63 -53.80 -15.67
C VAL DA 267 11.54 -54.57 -14.94
N LYS DA 268 10.76 -53.90 -14.11
CA LYS DA 268 9.77 -54.56 -13.26
C LYS DA 268 8.37 -54.59 -13.86
N LEU DA 269 8.22 -54.30 -15.16
CA LEU DA 269 6.96 -54.61 -15.83
C LEU DA 269 6.63 -56.08 -15.66
N PRO DA 270 5.40 -56.42 -15.27
CA PRO DA 270 5.14 -57.76 -14.70
C PRO DA 270 5.19 -58.90 -15.71
N TRP DA 271 5.07 -58.63 -17.02
CA TRP DA 271 5.21 -59.70 -18.00
C TRP DA 271 6.64 -60.23 -18.14
N TRP DA 272 7.66 -59.51 -17.65
CA TRP DA 272 9.01 -60.02 -17.76
C TRP DA 272 9.88 -59.80 -16.52
N ALA DA 273 9.35 -59.15 -15.48
CA ALA DA 273 10.14 -58.85 -14.28
C ALA DA 273 10.83 -60.08 -13.70
N ASN DA 274 10.15 -61.23 -13.70
CA ASN DA 274 10.66 -62.42 -13.02
C ASN DA 274 11.39 -63.40 -13.93
N ILE DA 275 11.44 -63.16 -15.24
CA ILE DA 275 12.04 -64.11 -16.17
C ILE DA 275 13.54 -64.22 -15.88
N PRO DA 276 14.06 -65.41 -15.59
CA PRO DA 276 15.46 -65.54 -15.19
C PRO DA 276 16.42 -65.19 -16.32
N GLY DA 277 17.64 -64.81 -15.92
CA GLY DA 277 18.70 -64.48 -16.85
C GLY DA 277 18.73 -63.02 -17.24
N GLY DA 278 19.71 -62.70 -18.10
CA GLY DA 278 20.02 -61.32 -18.40
C GLY DA 278 20.88 -60.64 -17.35
N ILE DA 279 20.77 -59.31 -17.31
CA ILE DA 279 21.48 -58.53 -16.31
C ILE DA 279 20.64 -58.37 -15.04
N ASN DA 280 19.33 -58.20 -15.19
CA ASN DA 280 18.44 -57.97 -14.06
C ASN DA 280 17.78 -59.24 -13.54
N GLY DA 281 18.05 -60.39 -14.16
CA GLY DA 281 17.55 -61.65 -13.66
C GLY DA 281 18.64 -62.53 -13.05
N ALA EA 1 -2.48 -14.92 -35.89
CA ALA EA 1 -1.03 -14.83 -35.97
C ALA EA 1 -0.53 -15.16 -37.38
N GLU EA 2 0.57 -14.53 -37.77
CA GLU EA 2 1.08 -14.64 -39.13
C GLU EA 2 1.74 -16.00 -39.37
N TYR EA 3 2.20 -16.20 -40.60
CA TYR EA 3 2.98 -17.36 -40.98
C TYR EA 3 4.45 -17.21 -40.58
N GLN EA 4 5.00 -18.24 -39.94
CA GLN EA 4 6.37 -18.21 -39.45
C GLN EA 4 7.35 -19.01 -40.30
N ASN EA 5 6.89 -19.65 -41.38
CA ASN EA 5 7.73 -20.46 -42.26
C ASN EA 5 8.43 -21.62 -41.55
N ILE EA 6 7.83 -22.16 -40.50
CA ILE EA 6 8.43 -23.30 -39.82
C ILE EA 6 7.97 -24.63 -40.43
N PHE EA 7 6.71 -24.72 -40.84
CA PHE EA 7 6.23 -25.81 -41.67
C PHE EA 7 5.65 -25.26 -42.96
N SER EA 8 5.83 -25.99 -44.05
CA SER EA 8 5.29 -25.57 -45.33
C SER EA 8 3.76 -25.63 -45.34
N GLN EA 9 3.16 -24.72 -46.10
CA GLN EA 9 1.72 -24.66 -46.26
C GLN EA 9 1.24 -25.55 -47.41
N VAL EA 10 1.98 -25.53 -48.52
CA VAL EA 10 1.64 -26.30 -49.71
C VAL EA 10 2.87 -27.11 -50.10
N GLN EA 11 2.66 -28.38 -50.41
CA GLN EA 11 3.69 -29.19 -51.04
C GLN EA 11 3.42 -29.32 -52.53
N VAL EA 12 4.48 -29.18 -53.34
CA VAL EA 12 4.44 -29.51 -54.75
C VAL EA 12 5.42 -30.66 -54.97
N ARG EA 13 5.04 -31.59 -55.84
CA ARG EA 13 5.92 -32.69 -56.22
C ARG EA 13 6.06 -32.70 -57.74
N GLY EA 14 7.29 -32.51 -58.21
CA GLY EA 14 7.62 -32.67 -59.61
C GLY EA 14 8.00 -34.10 -59.93
N PRO EA 15 8.76 -34.28 -61.02
CA PRO EA 15 9.46 -35.55 -61.24
C PRO EA 15 10.50 -35.80 -60.15
N ALA EA 16 10.99 -37.04 -60.12
CA ALA EA 16 12.16 -37.36 -59.32
C ALA EA 16 13.37 -36.56 -59.82
N ASP EA 17 14.24 -36.17 -58.90
CA ASP EA 17 15.41 -35.35 -59.19
C ASP EA 17 16.67 -36.18 -58.99
N LEU EA 18 17.41 -36.41 -60.07
CA LEU EA 18 18.55 -37.32 -60.06
C LEU EA 18 19.85 -36.67 -59.61
N GLY EA 19 19.91 -35.35 -59.61
CA GLY EA 19 21.07 -34.63 -59.11
C GLY EA 19 22.22 -34.52 -60.11
N MET EA 20 23.19 -33.69 -59.71
CA MET EA 20 24.32 -33.33 -60.56
C MET EA 20 25.18 -34.55 -60.89
N THR EA 21 25.81 -34.50 -62.06
CA THR EA 21 26.71 -35.57 -62.52
C THR EA 21 28.18 -35.27 -62.24
N GLU EA 22 28.69 -34.13 -62.75
CA GLU EA 22 30.11 -33.80 -62.64
C GLU EA 22 30.99 -34.99 -63.02
N ASP EA 23 31.86 -35.43 -62.09
CA ASP EA 23 32.65 -36.63 -62.29
C ASP EA 23 32.16 -37.82 -61.48
N VAL EA 24 30.90 -37.79 -61.01
CA VAL EA 24 30.34 -38.96 -60.33
C VAL EA 24 30.23 -40.13 -61.29
N ASN EA 25 30.75 -41.28 -60.85
CA ASN EA 25 30.66 -42.52 -61.61
C ASN EA 25 29.22 -43.06 -61.54
N LEU EA 26 28.39 -42.66 -62.51
CA LEU EA 26 26.94 -42.79 -62.37
C LEU EA 26 26.45 -44.23 -62.29
N ALA EA 27 27.27 -45.21 -62.68
CA ALA EA 27 26.90 -46.61 -62.47
C ALA EA 27 26.77 -46.95 -60.99
N ASN EA 28 27.52 -46.27 -60.12
CA ASN EA 28 27.50 -46.51 -58.69
C ASN EA 28 26.36 -45.82 -57.96
N ARG EA 29 25.52 -45.03 -58.64
CA ARG EA 29 24.40 -44.35 -58.01
C ARG EA 29 23.11 -45.13 -58.22
N SER EA 30 22.38 -45.35 -57.12
CA SER EA 30 21.14 -46.12 -57.14
C SER EA 30 20.03 -45.36 -57.87
N GLY EA 31 18.88 -46.01 -58.00
CA GLY EA 31 17.65 -45.32 -58.30
C GLY EA 31 17.19 -44.41 -57.16
N VAL EA 32 16.26 -43.51 -57.50
CA VAL EA 32 15.67 -42.64 -56.51
C VAL EA 32 14.68 -43.41 -55.64
N GLY EA 33 14.67 -43.10 -54.34
CA GLY EA 33 13.74 -43.69 -53.41
C GLY EA 33 12.37 -43.07 -53.50
N PRO EA 34 11.47 -43.53 -52.63
CA PRO EA 34 10.12 -42.97 -52.59
C PRO EA 34 10.11 -41.57 -51.99
N PHE EA 35 9.05 -40.83 -52.31
CA PHE EA 35 8.78 -39.57 -51.65
C PHE EA 35 8.07 -39.80 -50.32
N SER EA 36 8.43 -38.99 -49.32
CA SER EA 36 7.75 -38.96 -48.03
C SER EA 36 7.00 -37.65 -47.87
N THR EA 37 5.67 -37.74 -47.79
CA THR EA 37 4.86 -36.55 -47.54
C THR EA 37 5.10 -35.99 -46.13
N LEU EA 38 5.43 -36.86 -45.17
CA LEU EA 38 5.73 -36.40 -43.82
C LEU EA 38 6.98 -35.52 -43.79
N LEU EA 39 8.08 -35.98 -44.41
CA LEU EA 39 9.28 -35.16 -44.47
C LEU EA 39 9.06 -33.88 -45.27
N GLY EA 40 8.17 -33.91 -46.26
CA GLY EA 40 7.89 -32.73 -47.07
C GLY EA 40 7.33 -31.55 -46.31
N TRP EA 41 6.73 -31.77 -45.14
CA TRP EA 41 6.24 -30.64 -44.35
C TRP EA 41 7.39 -29.82 -43.77
N PHE EA 42 8.52 -30.46 -43.49
CA PHE EA 42 9.64 -29.81 -42.81
C PHE EA 42 10.81 -29.55 -43.75
N GLY EA 43 11.09 -30.45 -44.67
CA GLY EA 43 12.16 -30.28 -45.64
C GLY EA 43 11.80 -30.88 -46.96
N ASN EA 44 12.78 -31.45 -47.66
CA ASN EA 44 12.52 -32.15 -48.90
C ASN EA 44 11.77 -33.45 -48.65
N ALA EA 45 10.92 -33.83 -49.60
CA ALA EA 45 10.19 -35.10 -49.55
C ALA EA 45 10.96 -36.27 -50.16
N GLN EA 46 11.82 -36.02 -51.13
CA GLN EA 46 12.48 -37.10 -51.86
C GLN EA 46 13.51 -37.82 -50.98
N LEU EA 47 13.37 -39.14 -50.88
CA LEU EA 47 14.46 -40.03 -50.48
C LEU EA 47 15.25 -40.49 -51.70
N GLY EA 48 16.53 -40.79 -51.47
CA GLY EA 48 17.43 -41.25 -52.51
C GLY EA 48 17.66 -40.23 -53.60
N PRO EA 49 18.44 -40.62 -54.63
CA PRO EA 49 19.26 -41.83 -54.71
C PRO EA 49 20.47 -41.78 -53.80
N ILE EA 50 21.21 -42.88 -53.65
CA ILE EA 50 22.43 -42.92 -52.86
C ILE EA 50 23.57 -43.49 -53.69
N TYR EA 51 24.78 -42.99 -53.46
CA TYR EA 51 25.97 -43.48 -54.11
C TYR EA 51 26.65 -44.51 -53.21
N LEU EA 52 26.99 -45.67 -53.79
CA LEU EA 52 27.70 -46.72 -53.06
C LEU EA 52 29.19 -46.74 -53.36
N GLY EA 53 29.61 -47.54 -54.33
CA GLY EA 53 31.01 -47.69 -54.63
C GLY EA 53 31.83 -48.36 -53.53
N SER EA 54 33.15 -48.25 -53.69
CA SER EA 54 34.06 -49.16 -53.00
C SER EA 54 34.18 -48.84 -51.51
N LEU EA 55 34.46 -47.58 -51.17
CA LEU EA 55 34.50 -47.20 -49.76
C LEU EA 55 33.13 -47.26 -49.11
N GLY EA 56 32.06 -47.11 -49.88
CA GLY EA 56 30.73 -47.35 -49.39
C GLY EA 56 30.50 -48.78 -48.90
N VAL EA 57 30.77 -49.74 -49.78
CA VAL EA 57 30.61 -51.16 -49.44
C VAL EA 57 31.49 -51.54 -48.25
N LEU EA 58 32.77 -51.16 -48.30
CA LEU EA 58 33.67 -51.41 -47.18
C LEU EA 58 33.10 -50.86 -45.87
N SER EA 59 32.63 -49.61 -45.89
CA SER EA 59 32.14 -48.97 -44.68
C SER EA 59 30.84 -49.61 -44.20
N LEU EA 60 29.89 -49.85 -45.10
CA LEU EA 60 28.62 -50.44 -44.73
C LEU EA 60 28.77 -51.88 -44.25
N PHE EA 61 29.67 -52.66 -44.85
CA PHE EA 61 29.86 -54.04 -44.40
C PHE EA 61 30.56 -54.09 -43.05
N SER EA 62 31.63 -53.31 -42.87
CA SER EA 62 32.30 -53.27 -41.57
C SER EA 62 31.39 -52.69 -40.49
N GLY EA 63 30.57 -51.70 -40.85
CA GLY EA 63 29.64 -51.15 -39.89
C GLY EA 63 28.53 -52.11 -39.51
N LEU EA 64 28.05 -52.88 -40.48
CA LEU EA 64 27.13 -53.98 -40.18
C LEU EA 64 27.77 -55.02 -39.26
N MET EA 65 29.01 -55.42 -39.54
CA MET EA 65 29.68 -56.39 -38.69
C MET EA 65 29.95 -55.86 -37.29
N TRP EA 66 30.24 -54.57 -37.14
CA TRP EA 66 30.34 -53.98 -35.81
C TRP EA 66 29.03 -54.11 -35.05
N PHE EA 67 27.95 -53.68 -35.69
CA PHE EA 67 26.62 -53.70 -35.09
C PHE EA 67 26.17 -55.13 -34.78
N PHE EA 68 26.40 -56.06 -35.71
CA PHE EA 68 26.04 -57.46 -35.53
C PHE EA 68 26.85 -58.13 -34.41
N THR EA 69 28.15 -57.82 -34.31
CA THR EA 69 28.96 -58.37 -33.21
C THR EA 69 28.45 -57.93 -31.84
N ILE EA 70 28.06 -56.67 -31.69
CA ILE EA 70 27.47 -56.21 -30.43
C ILE EA 70 26.13 -56.88 -30.19
N GLY EA 71 25.28 -56.93 -31.22
CA GLY EA 71 23.97 -57.53 -31.09
C GLY EA 71 23.99 -58.98 -30.62
N ILE EA 72 24.87 -59.79 -31.21
CA ILE EA 72 25.00 -61.19 -30.78
C ILE EA 72 25.47 -61.28 -29.33
N TRP EA 73 26.40 -60.43 -28.92
CA TRP EA 73 26.79 -60.42 -27.50
C TRP EA 73 25.61 -60.06 -26.61
N PHE EA 74 24.73 -59.17 -27.07
CA PHE EA 74 23.56 -58.82 -26.27
C PHE EA 74 22.55 -59.96 -26.23
N TRP EA 75 22.35 -60.65 -27.36
CA TRP EA 75 21.52 -61.85 -27.39
C TRP EA 75 22.09 -62.96 -26.50
N TYR EA 76 23.42 -63.12 -26.47
CA TYR EA 76 24.03 -64.06 -25.53
C TYR EA 76 23.83 -63.63 -24.09
N GLN EA 77 24.08 -62.36 -23.77
CA GLN EA 77 23.85 -61.89 -22.41
C GLN EA 77 22.40 -62.02 -21.99
N ALA EA 78 21.46 -61.87 -22.94
CA ALA EA 78 20.05 -62.18 -22.68
C ALA EA 78 19.78 -63.66 -22.51
N GLY EA 79 20.75 -64.54 -22.75
CA GLY EA 79 20.50 -65.96 -22.76
C GLY EA 79 19.59 -66.42 -23.86
N TRP EA 80 19.63 -65.75 -25.02
CA TRP EA 80 18.80 -66.00 -26.19
C TRP EA 80 17.30 -65.76 -25.96
N ASN EA 81 16.92 -65.29 -24.77
CA ASN EA 81 15.50 -65.13 -24.46
C ASN EA 81 15.00 -63.82 -25.05
N PRO EA 82 14.04 -63.85 -25.98
CA PRO EA 82 13.58 -62.60 -26.60
C PRO EA 82 12.92 -61.62 -25.64
N ALA EA 83 12.37 -62.09 -24.53
CA ALA EA 83 11.79 -61.18 -23.54
C ALA EA 83 12.87 -60.48 -22.72
N VAL EA 84 13.85 -61.24 -22.23
CA VAL EA 84 14.97 -60.66 -21.48
C VAL EA 84 15.76 -59.69 -22.34
N PHE EA 85 15.90 -59.98 -23.63
CA PHE EA 85 16.59 -59.08 -24.54
C PHE EA 85 15.97 -57.69 -24.56
N LEU EA 86 14.64 -57.62 -24.52
CA LEU EA 86 13.97 -56.32 -24.54
C LEU EA 86 13.88 -55.69 -23.16
N ARG EA 87 13.83 -56.50 -22.09
CA ARG EA 87 13.88 -55.96 -20.74
C ARG EA 87 15.21 -55.27 -20.47
N ASP EA 88 16.32 -55.95 -20.77
CA ASP EA 88 17.65 -55.52 -20.35
C ASP EA 88 18.43 -54.82 -21.46
N LEU EA 89 17.77 -54.46 -22.56
CA LEU EA 89 18.46 -53.91 -23.74
C LEU EA 89 19.44 -52.79 -23.40
N PHE EA 90 19.04 -51.87 -22.51
CA PHE EA 90 19.94 -50.79 -22.13
C PHE EA 90 20.97 -51.20 -21.09
N PHE EA 91 20.86 -52.39 -20.51
CA PHE EA 91 21.78 -52.86 -19.48
C PHE EA 91 22.88 -53.77 -20.01
N PHE EA 92 22.69 -54.39 -21.17
CA PHE EA 92 23.76 -55.14 -21.81
C PHE EA 92 24.96 -54.27 -22.11
N SER EA 93 26.15 -54.88 -22.14
CA SER EA 93 27.39 -54.16 -22.35
C SER EA 93 28.48 -55.10 -22.81
N LEU EA 94 29.11 -54.78 -23.94
CA LEU EA 94 30.33 -55.44 -24.38
C LEU EA 94 31.53 -54.67 -23.82
N GLU EA 95 32.11 -55.17 -22.73
CA GLU EA 95 33.19 -54.50 -22.00
C GLU EA 95 34.56 -54.78 -22.62
N PRO EA 96 35.46 -53.81 -22.58
CA PRO EA 96 36.84 -54.03 -23.03
C PRO EA 96 37.57 -55.04 -22.16
N PRO EA 97 38.74 -55.51 -22.60
CA PRO EA 97 39.59 -56.36 -21.75
C PRO EA 97 39.79 -55.81 -20.34
N ALA EA 98 39.98 -56.72 -19.39
CA ALA EA 98 40.33 -56.37 -18.02
C ALA EA 98 41.74 -55.78 -17.96
N PRO EA 99 42.04 -55.02 -16.90
CA PRO EA 99 43.34 -54.32 -16.83
C PRO EA 99 44.56 -55.23 -16.86
N GLU EA 100 44.48 -56.43 -16.27
CA GLU EA 100 45.65 -57.31 -16.23
C GLU EA 100 46.13 -57.71 -17.63
N TYR EA 101 45.25 -57.69 -18.62
CA TYR EA 101 45.67 -58.01 -19.99
C TYR EA 101 46.39 -56.86 -20.69
N GLY EA 102 46.40 -55.67 -20.12
CA GLY EA 102 47.12 -54.55 -20.73
C GLY EA 102 46.63 -54.26 -22.13
N LEU EA 103 47.57 -54.13 -23.06
CA LEU EA 103 47.23 -53.99 -24.48
C LEU EA 103 47.30 -55.31 -25.24
N SER EA 104 47.65 -56.41 -24.58
CA SER EA 104 47.78 -57.68 -25.28
C SER EA 104 46.44 -58.13 -25.85
N PHE EA 105 46.48 -58.76 -27.01
CA PHE EA 105 45.32 -59.33 -27.69
C PHE EA 105 44.93 -60.71 -27.17
N ALA EA 106 45.44 -61.11 -26.00
CA ALA EA 106 45.29 -62.45 -25.46
C ALA EA 106 44.05 -62.63 -24.59
N ALA EA 107 43.29 -61.57 -24.33
CA ALA EA 107 42.07 -61.70 -23.53
C ALA EA 107 41.07 -62.67 -24.16
N PRO EA 108 40.45 -63.54 -23.36
CA PRO EA 108 39.40 -64.42 -23.86
C PRO EA 108 38.24 -63.68 -24.51
N LEU EA 109 37.56 -64.37 -25.43
CA LEU EA 109 36.42 -63.81 -26.15
C LEU EA 109 35.34 -63.26 -25.24
N LYS EA 110 35.07 -63.93 -24.11
CA LYS EA 110 34.12 -63.40 -23.14
C LYS EA 110 34.71 -62.36 -22.21
N GLU EA 111 36.05 -62.29 -22.08
CA GLU EA 111 36.68 -61.33 -21.20
C GLU EA 111 37.29 -60.15 -21.96
N GLY EA 112 36.87 -59.92 -23.20
CA GLY EA 112 37.36 -58.77 -23.94
C GLY EA 112 37.81 -59.02 -25.36
N GLY EA 113 37.85 -60.30 -25.77
CA GLY EA 113 38.19 -60.59 -27.15
C GLY EA 113 37.16 -60.10 -28.16
N LEU EA 114 35.87 -60.29 -27.86
CA LEU EA 114 34.81 -59.76 -28.71
C LEU EA 114 34.79 -58.23 -28.75
N TRP EA 115 35.25 -57.56 -27.69
CA TRP EA 115 35.36 -56.11 -27.76
C TRP EA 115 36.43 -55.64 -28.73
N LEU EA 116 37.56 -56.35 -28.80
CA LEU EA 116 38.58 -56.03 -29.79
C LEU EA 116 38.08 -56.30 -31.21
N ILE EA 117 37.38 -57.42 -31.42
CA ILE EA 117 36.81 -57.73 -32.72
C ILE EA 117 35.78 -56.68 -33.13
N ALA EA 118 34.86 -56.35 -32.22
CA ALA EA 118 33.91 -55.27 -32.46
C ALA EA 118 34.62 -53.94 -32.76
N SER EA 119 35.65 -53.61 -31.99
CA SER EA 119 36.34 -52.34 -32.17
C SER EA 119 37.10 -52.27 -33.49
N PHE EA 120 37.64 -53.40 -33.96
CA PHE EA 120 38.26 -53.43 -35.27
C PHE EA 120 37.28 -53.11 -36.40
N PHE EA 121 36.08 -53.71 -36.36
CA PHE EA 121 35.08 -53.37 -37.37
C PHE EA 121 34.62 -51.92 -37.28
N MET EA 122 34.57 -51.36 -36.07
CA MET EA 122 34.25 -49.94 -35.93
C MET EA 122 35.34 -49.06 -36.55
N PHE EA 123 36.60 -49.36 -36.26
CA PHE EA 123 37.73 -48.64 -36.84
C PHE EA 123 37.66 -48.57 -38.36
N VAL EA 124 37.47 -49.72 -39.02
CA VAL EA 124 37.41 -49.74 -40.48
C VAL EA 124 36.17 -49.01 -41.00
N ALA EA 125 35.03 -49.20 -40.34
CA ALA EA 125 33.80 -48.54 -40.77
C ALA EA 125 33.91 -47.02 -40.74
N VAL EA 126 34.42 -46.47 -39.63
CA VAL EA 126 34.48 -45.01 -39.48
C VAL EA 126 35.50 -44.39 -40.41
N TRP EA 127 36.70 -44.97 -40.48
CA TRP EA 127 37.74 -44.41 -41.35
C TRP EA 127 37.40 -44.54 -42.83
N SER EA 128 36.75 -45.64 -43.24
CA SER EA 128 36.32 -45.72 -44.63
C SER EA 128 35.16 -44.78 -44.94
N TRP EA 129 34.30 -44.50 -43.95
CA TRP EA 129 33.32 -43.43 -44.12
C TRP EA 129 33.97 -42.06 -44.26
N TRP EA 130 35.10 -41.83 -43.60
CA TRP EA 130 35.81 -40.56 -43.80
C TRP EA 130 36.30 -40.39 -45.23
N GLY EA 131 36.95 -41.43 -45.77
CA GLY EA 131 37.41 -41.35 -47.15
C GLY EA 131 36.27 -41.22 -48.13
N ARG EA 132 35.16 -41.91 -47.86
CA ARG EA 132 33.94 -41.72 -48.64
C ARG EA 132 33.45 -40.28 -48.59
N THR EA 133 33.53 -39.63 -47.43
CA THR EA 133 33.11 -38.24 -47.33
C THR EA 133 34.04 -37.30 -48.09
N TYR EA 134 35.33 -37.64 -48.15
CA TYR EA 134 36.26 -36.89 -48.98
C TYR EA 134 36.00 -37.10 -50.47
N LEU EA 135 35.86 -38.35 -50.90
CA LEU EA 135 35.73 -38.65 -52.33
C LEU EA 135 34.40 -38.22 -52.93
N ARG EA 136 33.30 -38.27 -52.17
CA ARG EA 136 32.05 -37.75 -52.70
C ARG EA 136 32.13 -36.25 -53.00
N ALA EA 137 32.90 -35.51 -52.20
CA ALA EA 137 33.12 -34.09 -52.49
C ALA EA 137 34.00 -33.91 -53.72
N GLN EA 138 35.06 -34.71 -53.82
CA GLN EA 138 35.96 -34.65 -54.97
C GLN EA 138 35.23 -34.93 -56.28
N ALA EA 139 34.34 -35.93 -56.31
CA ALA EA 139 33.63 -36.25 -57.54
C ALA EA 139 32.74 -35.11 -58.01
N LEU EA 140 32.30 -34.24 -57.10
CA LEU EA 140 31.48 -33.08 -57.46
C LEU EA 140 32.29 -31.80 -57.59
N GLY EA 141 33.61 -31.87 -57.45
CA GLY EA 141 34.44 -30.67 -57.51
C GLY EA 141 34.27 -29.73 -56.35
N MET EA 142 33.74 -30.20 -55.22
CA MET EA 142 33.48 -29.38 -54.06
C MET EA 142 34.71 -29.30 -53.17
N GLY EA 143 34.71 -28.31 -52.28
CA GLY EA 143 35.71 -28.26 -51.23
C GLY EA 143 35.58 -29.40 -50.25
N LYS EA 144 36.70 -29.71 -49.59
CA LYS EA 144 36.78 -30.84 -48.67
C LYS EA 144 36.42 -30.45 -47.22
N HIS EA 145 35.71 -29.34 -47.04
CA HIS EA 145 35.37 -28.87 -45.70
C HIS EA 145 34.63 -29.92 -44.88
N THR EA 146 33.75 -30.70 -45.51
CA THR EA 146 32.99 -31.71 -44.77
C THR EA 146 33.88 -32.85 -44.28
N ALA EA 147 34.85 -33.28 -45.10
CA ALA EA 147 35.78 -34.32 -44.66
C ALA EA 147 36.73 -33.82 -43.56
N TRP EA 148 37.19 -32.57 -43.67
CA TRP EA 148 38.03 -32.01 -42.61
C TRP EA 148 37.25 -31.69 -41.34
N ALA EA 149 35.97 -31.37 -41.46
CA ALA EA 149 35.12 -31.23 -40.27
C ALA EA 149 34.89 -32.57 -39.58
N PHE EA 150 34.65 -33.63 -40.37
CA PHE EA 150 34.46 -34.96 -39.80
C PHE EA 150 35.72 -35.48 -39.11
N LEU EA 151 36.89 -35.09 -39.62
CA LEU EA 151 38.15 -35.48 -38.97
C LEU EA 151 38.26 -34.96 -37.55
N SER EA 152 37.63 -33.82 -37.23
CA SER EA 152 37.66 -33.32 -35.86
C SER EA 152 36.86 -34.20 -34.90
N ALA EA 153 35.76 -34.79 -35.37
CA ALA EA 153 35.00 -35.71 -34.52
C ALA EA 153 35.73 -37.04 -34.36
N ILE EA 154 36.34 -37.53 -35.44
CA ILE EA 154 37.17 -38.73 -35.40
C ILE EA 154 38.31 -38.59 -34.39
N TRP EA 155 38.87 -37.38 -34.28
CA TRP EA 155 39.93 -37.13 -33.30
C TRP EA 155 39.50 -37.44 -31.87
N LEU EA 156 38.35 -36.94 -31.43
CA LEU EA 156 37.85 -37.30 -30.11
C LEU EA 156 37.58 -38.78 -29.99
N TRP EA 157 36.92 -39.37 -30.99
CA TRP EA 157 36.59 -40.79 -30.98
C TRP EA 157 37.83 -41.67 -30.95
N MET EA 158 38.85 -41.32 -31.74
CA MET EA 158 40.15 -42.01 -31.69
C MET EA 158 40.83 -41.88 -30.32
N VAL EA 159 40.76 -40.69 -29.71
CA VAL EA 159 41.34 -40.51 -28.37
C VAL EA 159 40.64 -41.41 -27.35
N LEU EA 160 39.31 -41.46 -27.40
CA LEU EA 160 38.55 -42.23 -26.42
C LEU EA 160 38.83 -43.72 -26.52
N GLY EA 161 38.85 -44.26 -27.74
CA GLY EA 161 38.92 -45.69 -27.93
C GLY EA 161 40.27 -46.28 -28.30
N PHE EA 162 41.21 -45.46 -28.75
CA PHE EA 162 42.46 -45.97 -29.31
C PHE EA 162 43.69 -45.31 -28.69
N ILE EA 163 43.87 -44.01 -28.89
CA ILE EA 163 45.14 -43.37 -28.55
C ILE EA 163 45.36 -43.35 -27.04
N ARG EA 164 44.38 -42.86 -26.27
CA ARG EA 164 44.56 -42.81 -24.82
C ARG EA 164 44.68 -44.20 -24.18
N PRO EA 165 43.91 -45.22 -24.58
CA PRO EA 165 44.21 -46.58 -24.11
C PRO EA 165 45.64 -47.03 -24.37
N ILE EA 166 46.19 -46.73 -25.55
CA ILE EA 166 47.59 -47.07 -25.83
C ILE EA 166 48.53 -46.30 -24.92
N LEU EA 167 48.31 -44.99 -24.78
CA LEU EA 167 49.19 -44.19 -23.92
C LEU EA 167 49.03 -44.53 -22.45
N MET EA 168 47.84 -44.97 -22.03
CA MET EA 168 47.67 -45.43 -20.66
C MET EA 168 48.14 -46.87 -20.47
N GLY EA 169 48.24 -47.65 -21.54
CA GLY EA 169 48.80 -48.99 -21.47
C GLY EA 169 47.81 -50.11 -21.24
N SER EA 170 46.51 -49.89 -21.40
CA SER EA 170 45.57 -50.99 -21.34
C SER EA 170 44.30 -50.64 -22.11
N TRP EA 171 43.71 -51.65 -22.73
CA TRP EA 171 42.40 -51.52 -23.36
C TRP EA 171 41.27 -51.33 -22.36
N SER EA 172 41.49 -51.66 -21.09
CA SER EA 172 40.51 -51.40 -20.04
C SER EA 172 40.16 -49.93 -19.90
N GLU EA 173 40.98 -49.03 -20.44
CA GLU EA 173 40.67 -47.60 -20.43
C GLU EA 173 39.62 -47.21 -21.46
N ALA EA 174 39.37 -48.05 -22.47
CA ALA EA 174 38.43 -47.72 -23.54
C ALA EA 174 36.98 -47.83 -23.10
N VAL EA 175 36.10 -47.29 -23.94
CA VAL EA 175 34.65 -47.20 -23.68
C VAL EA 175 33.98 -48.53 -23.99
N PRO EA 176 33.12 -49.04 -23.11
CA PRO EA 176 32.30 -50.22 -23.44
C PRO EA 176 31.17 -49.88 -24.41
N TYR EA 177 30.82 -50.84 -25.26
CA TYR EA 177 29.66 -50.73 -26.15
C TYR EA 177 28.38 -51.11 -25.40
N GLY EA 178 27.61 -50.11 -25.01
CA GLY EA 178 26.37 -50.30 -24.29
C GLY EA 178 25.74 -48.98 -23.87
N ILE EA 179 24.41 -48.94 -23.80
CA ILE EA 179 23.69 -47.67 -23.60
C ILE EA 179 24.04 -47.06 -22.25
N PHE EA 180 23.72 -47.76 -21.17
CA PHE EA 180 24.02 -47.24 -19.83
C PHE EA 180 25.49 -47.39 -19.48
N SER EA 181 26.17 -48.40 -20.02
CA SER EA 181 27.57 -48.60 -19.67
C SER EA 181 28.51 -47.51 -20.19
N HIS EA 182 28.25 -46.94 -21.38
CA HIS EA 182 29.10 -45.80 -21.75
C HIS EA 182 28.77 -44.57 -20.91
N LEU EA 183 27.56 -44.50 -20.37
CA LEU EA 183 27.25 -43.44 -19.40
C LEU EA 183 27.94 -43.68 -18.07
N ASP EA 184 27.93 -44.92 -17.58
CA ASP EA 184 28.69 -45.26 -16.38
C ASP EA 184 30.18 -45.01 -16.57
N TRP EA 185 30.70 -45.33 -17.75
CA TRP EA 185 32.10 -45.02 -18.05
C TRP EA 185 32.37 -43.53 -17.98
N THR EA 186 31.47 -42.72 -18.56
CA THR EA 186 31.65 -41.27 -18.58
C THR EA 186 31.65 -40.70 -17.17
N ASN EA 187 30.73 -41.16 -16.32
CA ASN EA 187 30.71 -40.73 -14.92
C ASN EA 187 31.95 -41.19 -14.17
N ASN EA 188 32.33 -42.47 -14.33
CA ASN EA 188 33.49 -43.00 -13.62
C ASN EA 188 34.78 -42.31 -14.04
N PHE EA 189 34.92 -42.00 -15.33
CA PHE EA 189 36.09 -41.26 -15.81
C PHE EA 189 36.28 -39.95 -15.05
N SER EA 190 35.20 -39.20 -14.84
CA SER EA 190 35.30 -37.92 -14.15
C SER EA 190 35.68 -38.09 -12.68
N LEU EA 191 35.15 -39.12 -12.03
CA LEU EA 191 35.47 -39.39 -10.62
C LEU EA 191 36.92 -39.82 -10.44
N VAL EA 192 37.41 -40.71 -11.30
CA VAL EA 192 38.80 -41.18 -11.22
C VAL EA 192 39.78 -40.04 -11.43
N HIS EA 193 39.47 -39.11 -12.33
CA HIS EA 193 40.37 -37.99 -12.63
C HIS EA 193 40.06 -36.74 -11.82
N GLY EA 194 39.29 -36.85 -10.74
CA GLY EA 194 39.12 -35.75 -9.82
C GLY EA 194 38.30 -34.57 -10.30
N ASN EA 195 37.06 -34.83 -10.74
CA ASN EA 195 36.14 -33.83 -11.26
C ASN EA 195 36.63 -33.22 -12.57
N LEU EA 196 36.06 -33.68 -13.69
CA LEU EA 196 36.43 -33.20 -15.02
C LEU EA 196 35.99 -31.77 -15.30
N PHE EA 197 35.08 -31.19 -14.50
CA PHE EA 197 34.76 -29.77 -14.66
C PHE EA 197 35.99 -28.88 -14.57
N TYR EA 198 36.99 -29.27 -13.78
CA TYR EA 198 38.19 -28.46 -13.62
C TYR EA 198 39.26 -28.75 -14.65
N ASN EA 199 38.96 -29.60 -15.62
CA ASN EA 199 39.76 -29.69 -16.83
C ASN EA 199 39.46 -28.48 -17.70
N PRO EA 200 40.46 -27.65 -18.04
CA PRO EA 200 40.15 -26.44 -18.83
C PRO EA 200 39.71 -26.73 -20.26
N PHE EA 201 40.16 -27.83 -20.85
CA PHE EA 201 39.71 -28.20 -22.19
C PHE EA 201 38.33 -28.85 -22.21
N HIS EA 202 37.87 -29.43 -21.10
CA HIS EA 202 36.46 -29.78 -20.99
C HIS EA 202 35.61 -28.52 -20.84
N GLY EA 203 36.12 -27.53 -20.12
CA GLY EA 203 35.47 -26.22 -20.08
C GLY EA 203 35.35 -25.57 -21.45
N LEU EA 204 36.45 -25.55 -22.21
CA LEU EA 204 36.42 -25.03 -23.58
C LEU EA 204 35.45 -25.82 -24.45
N SER EA 205 35.55 -27.15 -24.43
CA SER EA 205 34.68 -27.99 -25.24
C SER EA 205 33.20 -27.71 -24.96
N ILE EA 206 32.84 -27.44 -23.71
CA ILE EA 206 31.47 -27.06 -23.38
C ILE EA 206 31.13 -25.68 -23.90
N ALA EA 207 32.07 -24.73 -23.80
CA ALA EA 207 31.86 -23.40 -24.37
C ALA EA 207 31.51 -23.47 -25.85
N PHE EA 208 32.24 -24.28 -26.62
CA PHE EA 208 31.93 -24.44 -28.03
C PHE EA 208 30.68 -25.28 -28.27
N LEU EA 209 30.34 -26.19 -27.35
CA LEU EA 209 29.09 -26.93 -27.50
C LEU EA 209 27.88 -26.06 -27.20
N TYR EA 210 27.97 -25.21 -26.18
CA TYR EA 210 26.91 -24.23 -25.96
C TYR EA 210 26.88 -23.20 -27.09
N GLY EA 211 28.04 -22.71 -27.48
CA GLY EA 211 28.14 -21.81 -28.61
C GLY EA 211 27.56 -22.34 -29.90
N SER EA 212 27.64 -23.66 -30.12
CA SER EA 212 27.00 -24.25 -31.30
C SER EA 212 25.48 -24.20 -31.23
N ALA EA 213 24.90 -24.37 -30.04
CA ALA EA 213 23.46 -24.18 -29.91
C ALA EA 213 23.08 -22.72 -29.98
N LEU EA 214 23.87 -21.85 -29.35
CA LEU EA 214 23.72 -20.41 -29.51
C LEU EA 214 23.76 -19.99 -30.97
N LEU EA 215 24.82 -20.38 -31.69
CA LEU EA 215 25.04 -19.90 -33.05
C LEU EA 215 24.04 -20.48 -34.06
N PHE EA 216 23.69 -21.75 -33.94
CA PHE EA 216 22.68 -22.29 -34.86
C PHE EA 216 21.29 -21.76 -34.57
N ALA EA 217 20.97 -21.47 -33.31
CA ALA EA 217 19.72 -20.77 -33.01
C ALA EA 217 19.72 -19.39 -33.64
N MET EA 218 20.79 -18.63 -33.46
CA MET EA 218 20.92 -17.32 -34.10
C MET EA 218 20.83 -17.41 -35.62
N HIS EA 219 21.58 -18.34 -36.23
CA HIS EA 219 21.61 -18.43 -37.69
C HIS EA 219 20.30 -18.96 -38.26
N GLY EA 220 19.76 -20.03 -37.66
CA GLY EA 220 18.47 -20.54 -38.11
C GLY EA 220 17.34 -19.53 -37.99
N ALA EA 221 17.27 -18.83 -36.86
CA ALA EA 221 16.28 -17.78 -36.70
C ALA EA 221 16.50 -16.61 -37.66
N THR EA 222 17.76 -16.23 -37.89
CA THR EA 222 18.06 -15.16 -38.84
C THR EA 222 17.59 -15.49 -40.24
N ILE EA 223 17.91 -16.69 -40.74
CA ILE EA 223 17.57 -17.04 -42.12
C ILE EA 223 16.07 -17.20 -42.30
N LEU EA 224 15.38 -17.75 -41.30
CA LEU EA 224 13.92 -17.78 -41.36
C LEU EA 224 13.32 -16.38 -41.29
N ALA EA 225 13.90 -15.50 -40.47
CA ALA EA 225 13.42 -14.12 -40.40
C ALA EA 225 13.56 -13.38 -41.72
N VAL EA 226 14.63 -13.64 -42.48
CA VAL EA 226 14.79 -13.04 -43.81
C VAL EA 226 14.36 -13.95 -44.94
N SER EA 227 13.79 -15.13 -44.65
CA SER EA 227 13.39 -16.03 -45.72
C SER EA 227 12.33 -15.42 -46.63
N ARG EA 228 11.52 -14.49 -46.11
CA ARG EA 228 10.60 -13.71 -46.93
C ARG EA 228 11.29 -12.90 -48.01
N PHE EA 229 12.62 -12.83 -48.01
CA PHE EA 229 13.39 -12.17 -49.06
C PHE EA 229 14.24 -13.17 -49.84
N GLY EA 230 13.98 -14.47 -49.69
CA GLY EA 230 14.79 -15.49 -50.32
C GLY EA 230 16.16 -15.66 -49.72
N GLY EA 231 16.30 -15.40 -48.41
CA GLY EA 231 17.59 -15.48 -47.75
C GLY EA 231 18.08 -16.89 -47.50
N GLU EA 232 17.18 -17.88 -47.55
CA GLU EA 232 17.62 -19.27 -47.45
C GLU EA 232 18.42 -19.72 -48.67
N ARG EA 233 18.32 -19.00 -49.79
CA ARG EA 233 19.11 -19.30 -50.99
C ARG EA 233 20.48 -18.63 -50.84
N GLU EA 234 21.28 -19.18 -49.93
CA GLU EA 234 22.46 -18.48 -49.43
C GLU EA 234 23.57 -18.35 -50.47
N LEU EA 235 23.69 -19.32 -51.39
CA LEU EA 235 24.73 -19.24 -52.41
C LEU EA 235 24.47 -18.10 -53.40
N GLU EA 236 23.22 -17.89 -53.79
CA GLU EA 236 22.90 -16.73 -54.62
C GLU EA 236 23.02 -15.42 -53.86
N GLN EA 237 22.84 -15.43 -52.54
CA GLN EA 237 23.12 -14.25 -51.75
C GLN EA 237 24.62 -14.01 -51.60
N ILE EA 238 25.43 -15.05 -51.69
CA ILE EA 238 26.88 -14.88 -51.73
C ILE EA 238 27.32 -14.33 -53.08
N ALA EA 239 26.78 -14.88 -54.16
CA ALA EA 239 27.16 -14.44 -55.50
C ALA EA 239 26.58 -13.07 -55.85
N ASP EA 240 25.37 -12.76 -55.35
CA ASP EA 240 24.64 -11.56 -55.77
C ASP EA 240 23.80 -11.07 -54.59
N ARG EA 241 24.47 -10.38 -53.68
CA ARG EA 241 23.90 -9.93 -52.40
C ARG EA 241 22.57 -9.21 -52.59
N GLY EA 242 21.50 -9.76 -52.01
CA GLY EA 242 20.20 -9.15 -52.02
C GLY EA 242 19.88 -8.43 -50.72
N THR EA 243 18.64 -7.94 -50.64
CA THR EA 243 18.18 -7.28 -49.42
C THR EA 243 18.12 -8.22 -48.23
N ALA EA 244 17.95 -9.53 -48.47
CA ALA EA 244 17.97 -10.50 -47.39
C ALA EA 244 19.28 -10.46 -46.62
N ALA EA 245 20.40 -10.50 -47.33
CA ALA EA 245 21.71 -10.51 -46.69
C ALA EA 245 22.01 -9.20 -45.98
N GLU EA 246 21.54 -8.07 -46.52
CA GLU EA 246 21.78 -6.79 -45.89
C GLU EA 246 20.96 -6.60 -44.62
N ARG EA 247 19.68 -6.98 -44.66
CA ARG EA 247 18.85 -6.93 -43.45
C ARG EA 247 19.37 -7.86 -42.36
N ALA EA 248 19.84 -9.04 -42.74
CA ALA EA 248 20.47 -9.94 -41.76
C ALA EA 248 21.70 -9.31 -41.13
N ALA EA 249 22.57 -8.71 -41.95
CA ALA EA 249 23.77 -8.06 -41.42
C ALA EA 249 23.46 -6.88 -40.52
N LEU EA 250 22.48 -6.05 -40.91
CA LEU EA 250 22.14 -4.89 -40.09
C LEU EA 250 21.39 -5.24 -38.81
N PHE EA 251 20.65 -6.34 -38.78
CA PHE EA 251 20.06 -6.76 -37.51
C PHE EA 251 21.13 -6.98 -36.45
N TRP EA 252 22.17 -7.74 -36.79
CA TRP EA 252 23.20 -8.09 -35.81
C TRP EA 252 24.13 -6.92 -35.54
N ARG EA 253 24.48 -6.15 -36.56
CA ARG EA 253 25.26 -4.93 -36.34
C ARG EA 253 24.54 -3.96 -35.41
N TRP EA 254 23.24 -3.74 -35.62
CA TRP EA 254 22.51 -2.84 -34.72
C TRP EA 254 22.29 -3.46 -33.35
N THR EA 255 22.16 -4.79 -33.28
CA THR EA 255 22.01 -5.45 -31.99
C THR EA 255 23.32 -5.44 -31.20
N MET EA 256 24.36 -6.08 -31.73
CA MET EA 256 25.57 -6.36 -30.97
C MET EA 256 26.82 -5.65 -31.48
N GLY EA 257 26.71 -4.80 -32.50
CA GLY EA 257 27.79 -3.94 -32.91
C GLY EA 257 28.73 -4.50 -33.94
N PHE EA 258 28.51 -5.74 -34.40
CA PHE EA 258 29.30 -6.33 -35.47
C PHE EA 258 28.46 -7.41 -36.11
N ASN EA 259 28.89 -7.87 -37.28
CA ASN EA 259 28.06 -8.78 -38.07
C ASN EA 259 28.94 -9.66 -38.94
N ALA EA 260 28.32 -10.72 -39.46
CA ALA EA 260 28.92 -11.62 -40.44
C ALA EA 260 28.45 -11.28 -41.86
N THR EA 261 28.94 -12.05 -42.82
CA THR EA 261 28.42 -12.10 -44.18
C THR EA 261 27.74 -13.45 -44.40
N MET EA 262 27.12 -13.61 -45.56
CA MET EA 262 26.48 -14.88 -45.89
C MET EA 262 27.49 -16.01 -46.05
N GLU EA 263 28.67 -15.73 -46.62
CA GLU EA 263 29.72 -16.75 -46.64
C GLU EA 263 30.40 -16.89 -45.29
N GLY EA 264 30.65 -15.78 -44.60
CA GLY EA 264 31.47 -15.80 -43.41
C GLY EA 264 30.79 -16.33 -42.15
N ILE EA 265 29.46 -16.29 -42.10
CA ILE EA 265 28.76 -16.91 -40.98
C ILE EA 265 28.93 -18.44 -40.98
N HIS EA 266 29.08 -19.04 -42.16
CA HIS EA 266 29.34 -20.48 -42.22
C HIS EA 266 30.76 -20.86 -41.84
N ARG EA 267 31.69 -19.89 -41.80
CA ARG EA 267 33.00 -20.16 -41.21
C ARG EA 267 32.94 -20.14 -39.69
N TRP EA 268 32.23 -19.16 -39.12
CA TRP EA 268 31.92 -19.20 -37.68
C TRP EA 268 31.24 -20.51 -37.31
N ALA EA 269 30.27 -20.93 -38.12
CA ALA EA 269 29.54 -22.18 -37.86
C ALA EA 269 30.44 -23.40 -37.84
N ILE EA 270 31.27 -23.58 -38.87
CA ILE EA 270 32.11 -24.76 -38.94
C ILE EA 270 33.13 -24.79 -37.80
N TRP EA 271 33.74 -23.66 -37.49
CA TRP EA 271 34.74 -23.63 -36.42
C TRP EA 271 34.14 -23.80 -35.03
N MET EA 272 32.99 -23.15 -34.78
CA MET EA 272 32.31 -23.35 -33.50
C MET EA 272 32.00 -24.83 -33.25
N ALA EA 273 31.58 -25.56 -34.27
CA ALA EA 273 31.31 -26.98 -34.12
C ALA EA 273 32.58 -27.83 -34.09
N VAL EA 274 33.55 -27.51 -34.95
CA VAL EA 274 34.81 -28.28 -34.99
C VAL EA 274 35.55 -28.19 -33.67
N LEU EA 275 35.54 -27.02 -33.03
CA LEU EA 275 36.30 -26.83 -31.79
C LEU EA 275 35.73 -27.60 -30.61
N VAL EA 276 34.48 -28.08 -30.70
CA VAL EA 276 33.91 -28.92 -29.65
C VAL EA 276 34.78 -30.15 -29.41
N THR EA 277 35.03 -30.91 -30.47
CA THR EA 277 35.73 -32.19 -30.37
C THR EA 277 37.24 -32.08 -30.50
N LEU EA 278 37.74 -30.99 -31.09
CA LEU EA 278 39.17 -30.73 -31.08
C LEU EA 278 39.68 -30.46 -29.67
N THR EA 279 39.11 -29.45 -28.99
CA THR EA 279 39.49 -29.19 -27.61
C THR EA 279 39.09 -30.33 -26.68
N GLY EA 280 37.94 -30.96 -26.95
CA GLY EA 280 37.55 -32.13 -26.20
C GLY EA 280 38.59 -33.25 -26.24
N GLY EA 281 39.00 -33.64 -27.45
CA GLY EA 281 40.01 -34.68 -27.57
C GLY EA 281 41.32 -34.38 -26.84
N ILE EA 282 41.75 -33.12 -26.85
CA ILE EA 282 42.93 -32.74 -26.08
C ILE EA 282 42.68 -32.90 -24.59
N GLY EA 283 41.52 -32.45 -24.11
CA GLY EA 283 41.21 -32.54 -22.69
C GLY EA 283 41.17 -33.96 -22.15
N ILE EA 284 40.70 -34.90 -22.97
CA ILE EA 284 40.74 -36.31 -22.57
C ILE EA 284 42.14 -36.88 -22.67
N LEU EA 285 42.88 -36.51 -23.73
CA LEU EA 285 44.25 -37.01 -23.88
C LEU EA 285 45.15 -36.59 -22.73
N LEU EA 286 44.89 -35.43 -22.12
CA LEU EA 286 45.63 -35.00 -20.94
C LEU EA 286 45.21 -35.68 -19.65
N SER EA 287 44.06 -36.35 -19.63
CA SER EA 287 43.50 -36.86 -18.39
C SER EA 287 44.09 -38.23 -18.05
N GLY EA 288 44.80 -38.29 -16.94
CA GLY EA 288 45.53 -39.48 -16.53
C GLY EA 288 46.96 -39.55 -17.03
N THR EA 289 47.19 -39.06 -18.26
CA THR EA 289 48.54 -39.03 -18.82
C THR EA 289 49.36 -37.88 -18.26
N VAL EA 290 48.74 -36.72 -18.04
CA VAL EA 290 49.44 -35.54 -17.55
C VAL EA 290 48.86 -35.06 -16.22
N VAL EA 291 47.54 -35.13 -16.06
CA VAL EA 291 46.88 -34.72 -14.82
C VAL EA 291 46.01 -35.88 -14.35
N ASP EA 292 46.21 -36.32 -13.12
CA ASP EA 292 45.38 -37.34 -12.51
C ASP EA 292 44.34 -36.79 -11.54
N ASN EA 293 44.41 -35.51 -11.18
CA ASN EA 293 43.41 -34.87 -10.33
C ASN EA 293 43.24 -33.43 -10.80
N TRP EA 294 42.18 -33.19 -11.59
CA TRP EA 294 41.96 -31.88 -12.19
C TRP EA 294 41.56 -30.82 -11.16
N TYR EA 295 40.85 -31.20 -10.10
CA TYR EA 295 40.51 -30.24 -9.06
C TYR EA 295 41.75 -29.69 -8.36
N VAL EA 296 42.72 -30.56 -8.04
CA VAL EA 296 43.97 -30.10 -7.43
C VAL EA 296 44.81 -29.31 -8.42
N TRP EA 297 44.82 -29.73 -9.69
CA TRP EA 297 45.44 -28.91 -10.73
C TRP EA 297 44.78 -27.54 -10.81
N GLY EA 298 43.44 -27.50 -10.67
CA GLY EA 298 42.75 -26.23 -10.62
C GLY EA 298 43.17 -25.35 -9.45
N GLN EA 299 43.39 -25.95 -8.28
CA GLN EA 299 43.87 -25.20 -7.13
C GLN EA 299 45.25 -24.60 -7.36
N ASN EA 300 46.17 -25.35 -7.99
CA ASN EA 300 47.49 -24.81 -8.27
C ASN EA 300 47.50 -23.77 -9.39
N HIS EA 301 46.46 -23.70 -10.21
CA HIS EA 301 46.40 -22.76 -11.32
C HIS EA 301 45.36 -21.66 -11.12
N GLY EA 302 45.01 -21.35 -9.88
CA GLY EA 302 44.27 -20.14 -9.57
C GLY EA 302 42.82 -20.12 -10.00
N MET EA 303 42.17 -21.28 -10.07
CA MET EA 303 40.79 -21.38 -10.49
C MET EA 303 39.90 -22.05 -9.46
N ALA EA 304 40.48 -22.73 -8.47
CA ALA EA 304 39.79 -23.17 -7.27
C ALA EA 304 40.51 -22.61 -6.05
N PRO EA 305 39.79 -22.38 -4.95
CA PRO EA 305 40.45 -21.93 -3.71
C PRO EA 305 41.34 -23.01 -3.12
N LEU EA 306 42.46 -22.58 -2.55
CA LEU EA 306 43.35 -23.48 -1.83
C LEU EA 306 42.69 -23.99 -0.55
N ASN EA 307 43.24 -25.10 -0.04
CA ASN EA 307 42.71 -25.74 1.15
C ASN EA 307 42.97 -24.90 2.40
N MET FA 1 38.40 16.66 15.25
CA MET FA 1 38.07 18.05 14.94
C MET FA 1 37.66 18.18 13.47
N ALA FA 2 37.82 17.10 12.71
CA ALA FA 2 37.30 17.05 11.35
C ALA FA 2 35.79 17.17 11.28
N TYR FA 3 35.09 17.08 12.42
CA TYR FA 3 33.68 17.43 12.45
C TYR FA 3 33.46 18.90 12.13
N MET FA 4 34.01 19.79 12.97
CA MET FA 4 33.86 21.23 12.75
C MET FA 4 34.42 21.65 11.40
N PHE FA 5 35.68 21.28 11.13
CA PHE FA 5 36.31 21.61 9.86
C PHE FA 5 35.54 21.02 8.68
N GLY FA 6 34.93 19.85 8.87
CA GLY FA 6 34.08 19.28 7.84
C GLY FA 6 32.88 20.17 7.52
N ILE FA 7 32.16 20.62 8.55
CA ILE FA 7 31.06 21.55 8.35
C ILE FA 7 31.50 22.75 7.52
N ILE FA 8 32.64 23.33 7.89
CA ILE FA 8 33.14 24.52 7.20
C ILE FA 8 33.40 24.24 5.72
N VAL FA 9 34.07 23.12 5.43
CA VAL FA 9 34.34 22.75 4.04
C VAL FA 9 33.06 22.63 3.23
N PHE FA 10 32.04 21.95 3.76
CA PHE FA 10 30.77 21.83 3.04
C PHE FA 10 30.12 23.21 2.82
N LEU FA 11 30.19 24.09 3.81
CA LEU FA 11 29.68 25.44 3.63
C LEU FA 11 30.52 26.24 2.64
N ALA FA 12 31.81 25.96 2.55
CA ALA FA 12 32.65 26.58 1.53
C ALA FA 12 32.29 26.08 0.13
N MET FA 13 32.05 24.77 -0.01
CA MET FA 13 31.66 24.21 -1.30
C MET FA 13 30.40 24.87 -1.84
N LEU FA 14 29.41 25.07 -0.98
CA LEU FA 14 28.14 25.66 -1.38
C LEU FA 14 28.30 27.09 -1.89
N ALA FA 15 29.27 27.84 -1.34
CA ALA FA 15 29.54 29.18 -1.84
C ALA FA 15 30.08 29.19 -3.27
N VAL FA 16 30.80 28.14 -3.67
CA VAL FA 16 31.22 28.02 -5.06
C VAL FA 16 30.03 27.67 -5.96
N CYS FA 17 29.12 26.84 -5.49
CA CYS FA 17 27.88 26.58 -6.23
C CYS FA 17 27.02 27.83 -6.36
N TRP FA 18 26.98 28.66 -5.32
CA TRP FA 18 26.30 29.95 -5.44
C TRP FA 18 26.96 30.84 -6.49
N PHE FA 19 28.28 30.99 -6.42
CA PHE FA 19 29.00 31.75 -7.46
C PHE FA 19 28.68 31.22 -8.85
N GLY FA 20 28.89 29.92 -9.07
CA GLY FA 20 28.68 29.35 -10.40
C GLY FA 20 27.26 29.50 -10.91
N PHE FA 21 26.27 29.29 -10.03
CA PHE FA 21 24.88 29.40 -10.43
C PHE FA 21 24.53 30.84 -10.85
N MET FA 22 24.86 31.80 -10.00
CA MET FA 22 24.65 33.20 -10.37
C MET FA 22 25.43 33.58 -11.62
N ALA FA 23 26.65 33.05 -11.77
CA ALA FA 23 27.41 33.27 -13.00
C ALA FA 23 26.68 32.69 -14.21
N ALA FA 24 26.11 31.50 -14.08
CA ALA FA 24 25.33 30.92 -15.17
C ALA FA 24 24.11 31.79 -15.51
N GLU FA 25 23.42 32.29 -14.48
CA GLU FA 25 22.28 33.16 -14.72
C GLU FA 25 22.71 34.52 -15.27
N ARG FA 26 23.91 34.97 -14.89
CA ARG FA 26 24.50 36.17 -15.47
C ARG FA 26 24.93 35.96 -16.93
N GLN FA 27 25.26 34.73 -17.32
CA GLN FA 27 25.40 34.42 -18.75
C GLN FA 27 24.05 34.30 -19.44
N ALA FA 28 23.09 33.61 -18.83
CA ALA FA 28 21.92 33.09 -19.54
C ALA FA 28 20.97 34.16 -20.06
N GLY FA 29 21.10 35.41 -19.63
CA GLY FA 29 20.32 36.49 -20.21
C GLY FA 29 20.77 36.97 -21.57
N ARG FA 30 21.30 36.06 -22.40
CA ARG FA 30 21.90 36.40 -23.69
C ARG FA 30 23.00 37.45 -23.55
N LEU FA 31 23.84 37.28 -22.53
CA LEU FA 31 25.00 38.14 -22.32
C LEU FA 31 25.92 38.12 -23.54
N MET GA 1 12.03 16.10 21.36
CA MET GA 1 13.25 16.88 21.57
C MET GA 1 14.02 16.97 20.25
N ALA GA 2 15.29 16.56 20.25
CA ALA GA 2 16.07 16.54 19.03
C ALA GA 2 15.62 15.47 18.04
N TYR GA 3 14.69 14.59 18.42
CA TYR GA 3 13.94 13.80 17.45
C TYR GA 3 12.92 14.65 16.71
N MET GA 4 12.11 15.42 17.43
CA MET GA 4 11.05 16.22 16.82
C MET GA 4 11.59 17.31 15.90
N PHE GA 5 12.88 17.67 16.04
CA PHE GA 5 13.54 18.45 14.99
C PHE GA 5 13.30 17.88 13.61
N GLY GA 6 13.26 16.55 13.49
CA GLY GA 6 12.98 15.93 12.21
C GLY GA 6 11.56 16.16 11.72
N ILE GA 7 10.59 16.15 12.64
CA ILE GA 7 9.21 16.49 12.29
C ILE GA 7 9.13 17.89 11.69
N ILE GA 8 9.92 18.83 12.23
CA ILE GA 8 9.98 20.18 11.68
C ILE GA 8 10.66 20.20 10.31
N VAL GA 9 11.70 19.38 10.11
CA VAL GA 9 12.33 19.28 8.79
C VAL GA 9 11.31 18.90 7.71
N PHE GA 10 10.44 17.92 7.99
CA PHE GA 10 9.41 17.57 7.03
C PHE GA 10 8.45 18.72 6.78
N LEU GA 11 8.15 19.53 7.79
CA LEU GA 11 7.27 20.67 7.58
C LEU GA 11 7.96 21.77 6.77
N ALA GA 12 9.27 21.95 6.98
CA ALA GA 12 10.04 22.84 6.09
C ALA GA 12 10.00 22.35 4.65
N MET GA 13 10.17 21.04 4.44
CA MET GA 13 10.05 20.47 3.10
C MET GA 13 8.66 20.71 2.51
N LEU GA 14 7.62 20.62 3.33
CA LEU GA 14 6.26 20.81 2.83
C LEU GA 14 5.94 22.27 2.56
N ALA GA 15 6.64 23.20 3.22
CA ALA GA 15 6.52 24.61 2.86
C ALA GA 15 7.21 24.92 1.54
N VAL GA 16 8.35 24.29 1.25
CA VAL GA 16 8.97 24.42 -0.06
C VAL GA 16 8.04 23.95 -1.17
N CYS GA 17 7.34 22.83 -0.94
CA CYS GA 17 6.36 22.36 -1.92
C CYS GA 17 5.24 23.37 -2.15
N TRP GA 18 4.76 24.01 -1.08
CA TRP GA 18 3.73 25.04 -1.25
C TRP GA 18 4.25 26.22 -2.05
N PHE GA 19 5.44 26.72 -1.69
CA PHE GA 19 6.03 27.84 -2.42
C PHE GA 19 6.29 27.49 -3.88
N GLY GA 20 6.79 26.29 -4.14
CA GLY GA 20 6.96 25.83 -5.51
C GLY GA 20 5.66 25.67 -6.28
N PHE GA 21 4.63 25.11 -5.63
CA PHE GA 21 3.35 24.89 -6.31
C PHE GA 21 2.68 26.19 -6.70
N MET GA 22 2.64 27.16 -5.78
CA MET GA 22 2.05 28.45 -6.11
C MET GA 22 2.87 29.19 -7.16
N ALA GA 23 4.20 29.14 -7.05
CA ALA GA 23 5.05 29.73 -8.08
C ALA GA 23 4.78 29.12 -9.45
N ALA GA 24 4.57 27.80 -9.51
CA ALA GA 24 4.25 27.16 -10.78
C ALA GA 24 2.92 27.64 -11.35
N GLU GA 25 1.98 28.02 -10.49
CA GLU GA 25 0.75 28.67 -10.93
C GLU GA 25 0.93 30.16 -11.25
N ARG GA 26 2.07 30.76 -10.86
CA ARG GA 26 2.37 32.14 -11.19
C ARG GA 26 3.19 32.27 -12.48
N GLN GA 27 4.37 31.65 -12.51
CA GLN GA 27 5.31 31.82 -13.62
C GLN GA 27 4.77 31.38 -14.97
N ALA GA 28 3.64 30.66 -15.03
CA ALA GA 28 2.79 30.71 -16.22
C ALA GA 28 1.31 30.68 -15.81
N GLY GA 29 0.87 31.76 -15.17
CA GLY GA 29 -0.52 32.16 -15.22
C GLY GA 29 -0.81 32.85 -16.54
N ARG GA 30 -0.29 32.29 -17.64
CA ARG GA 30 -0.13 33.00 -18.91
C ARG GA 30 0.62 34.32 -18.71
N LEU GA 31 1.42 34.39 -17.64
CA LEU GA 31 1.86 35.64 -17.05
C LEU GA 31 3.31 35.95 -17.42
N GLU HA 1 -8.77 -17.58 -35.67
CA GLU HA 1 -9.73 -18.67 -35.76
C GLU HA 1 -9.02 -20.02 -35.69
N VAL HA 2 -9.55 -20.93 -34.89
CA VAL HA 2 -8.93 -22.23 -34.68
C VAL HA 2 -8.99 -23.06 -35.96
N SER HA 3 -7.81 -23.46 -36.44
CA SER HA 3 -7.71 -24.30 -37.63
C SER HA 3 -8.22 -25.72 -37.35
N GLU HA 4 -8.49 -26.45 -38.43
CA GLU HA 4 -8.88 -27.86 -38.31
C GLU HA 4 -7.78 -28.68 -37.65
N PHE HA 5 -6.53 -28.44 -38.05
CA PHE HA 5 -5.39 -29.10 -37.40
C PHE HA 5 -5.23 -28.67 -35.95
N ALA HA 6 -5.44 -27.38 -35.66
CA ALA HA 6 -5.40 -26.91 -34.28
C ALA HA 6 -6.47 -27.60 -33.43
N PHE HA 7 -7.73 -27.56 -33.88
CA PHE HA 7 -8.80 -28.27 -33.19
C PHE HA 7 -8.47 -29.76 -33.02
N ARG HA 8 -7.89 -30.38 -34.06
CA ARG HA 8 -7.47 -31.77 -33.94
C ARG HA 8 -6.47 -31.96 -32.80
N LEU HA 9 -5.41 -31.16 -32.79
CA LEU HA 9 -4.40 -31.27 -31.73
C LEU HA 9 -5.00 -30.99 -30.35
N MET HA 10 -5.82 -29.93 -30.26
CA MET HA 10 -6.51 -29.63 -29.00
C MET HA 10 -7.31 -30.82 -28.50
N MET HA 11 -8.03 -31.49 -29.40
CA MET HA 11 -8.86 -32.63 -29.01
C MET HA 11 -8.06 -33.91 -28.82
N ALA HA 12 -6.98 -34.08 -29.59
CA ALA HA 12 -6.13 -35.26 -29.42
C ALA HA 12 -5.52 -35.31 -28.03
N ALA HA 13 -5.06 -34.17 -27.52
CA ALA HA 13 -4.53 -34.10 -26.16
C ALA HA 13 -5.55 -34.49 -25.10
N VAL HA 14 -6.84 -34.42 -25.40
CA VAL HA 14 -7.85 -34.94 -24.47
C VAL HA 14 -7.90 -36.46 -24.52
N ILE HA 15 -8.03 -37.03 -25.72
CA ILE HA 15 -8.10 -38.48 -25.89
C ILE HA 15 -6.89 -39.16 -25.23
N PHE HA 16 -5.70 -38.58 -25.43
CA PHE HA 16 -4.49 -39.04 -24.76
C PHE HA 16 -4.69 -39.25 -23.26
N VAL HA 17 -5.16 -38.21 -22.56
CA VAL HA 17 -5.42 -38.32 -21.12
C VAL HA 17 -6.50 -39.36 -20.85
N GLY HA 18 -7.60 -39.32 -21.60
CA GLY HA 18 -8.72 -40.20 -21.34
C GLY HA 18 -8.47 -41.68 -21.57
N VAL HA 19 -8.04 -42.03 -22.78
CA VAL HA 19 -7.64 -43.41 -23.07
C VAL HA 19 -6.51 -43.86 -22.14
N GLY HA 20 -5.61 -42.95 -21.80
CA GLY HA 20 -4.55 -43.29 -20.87
C GLY HA 20 -5.04 -43.73 -19.51
N ILE HA 21 -5.94 -42.95 -18.91
CA ILE HA 21 -6.52 -43.32 -17.62
C ILE HA 21 -7.33 -44.62 -17.73
N MET HA 22 -8.09 -44.76 -18.82
CA MET HA 22 -8.84 -45.99 -19.07
C MET HA 22 -7.96 -47.22 -19.02
N PHE HA 23 -6.86 -47.23 -19.78
CA PHE HA 23 -6.03 -48.41 -19.90
C PHE HA 23 -5.01 -48.55 -18.78
N ALA HA 24 -4.56 -47.45 -18.18
CA ALA HA 24 -3.78 -47.56 -16.96
C ALA HA 24 -4.57 -48.25 -15.86
N PHE HA 25 -5.85 -47.92 -15.74
CA PHE HA 25 -6.72 -48.62 -14.80
C PHE HA 25 -6.93 -50.07 -15.23
N ALA HA 26 -7.26 -50.29 -16.50
CA ALA HA 26 -7.60 -51.63 -16.97
C ALA HA 26 -6.36 -52.53 -17.04
N GLY HA 27 -5.27 -52.02 -17.61
CA GLY HA 27 -4.06 -52.81 -17.70
C GLY HA 27 -3.24 -52.90 -16.42
N GLY HA 28 -3.60 -52.12 -15.41
CA GLY HA 28 -2.97 -52.21 -14.11
C GLY HA 28 -1.62 -51.55 -14.01
N HIS HA 29 -1.18 -50.84 -15.04
CA HIS HA 29 0.09 -50.14 -15.00
C HIS HA 29 -0.01 -48.90 -15.87
N TRP HA 30 0.53 -47.79 -15.38
CA TRP HA 30 0.46 -46.52 -16.10
C TRP HA 30 1.11 -46.58 -17.48
N PHE HA 31 2.05 -47.51 -17.70
CA PHE HA 31 2.67 -47.64 -19.01
C PHE HA 31 1.70 -48.15 -20.07
N VAL HA 32 0.73 -48.99 -19.69
CA VAL HA 32 -0.28 -49.42 -20.64
C VAL HA 32 -1.16 -48.24 -21.08
N GLY HA 33 -1.53 -47.38 -20.13
CA GLY HA 33 -2.18 -46.13 -20.49
C GLY HA 33 -1.35 -45.30 -21.46
N LEU HA 34 -0.08 -45.07 -21.13
CA LEU HA 34 0.78 -44.22 -21.93
C LEU HA 34 0.97 -44.78 -23.34
N VAL HA 35 1.04 -46.11 -23.48
CA VAL HA 35 1.20 -46.71 -24.80
C VAL HA 35 -0.10 -46.63 -25.60
N VAL HA 36 -1.21 -47.09 -25.01
CA VAL HA 36 -2.48 -47.10 -25.73
C VAL HA 36 -2.99 -45.67 -25.94
N GLY HA 37 -2.96 -44.85 -24.90
CA GLY HA 37 -3.30 -43.45 -25.06
C GLY HA 37 -2.42 -42.72 -26.07
N GLY HA 38 -1.15 -43.10 -26.15
CA GLY HA 38 -0.29 -42.53 -27.17
C GLY HA 38 -0.67 -42.94 -28.59
N LEU HA 39 -0.85 -44.24 -28.81
CA LEU HA 39 -1.18 -44.74 -30.14
C LEU HA 39 -2.54 -44.23 -30.62
N VAL HA 40 -3.57 -44.35 -29.79
CA VAL HA 40 -4.91 -43.92 -30.20
C VAL HA 40 -4.96 -42.41 -30.46
N ALA HA 41 -4.39 -41.61 -29.55
CA ALA HA 41 -4.43 -40.16 -29.72
C ALA HA 41 -3.58 -39.70 -30.90
N ALA HA 42 -2.40 -40.28 -31.09
CA ALA HA 42 -1.57 -39.90 -32.24
C ALA HA 42 -2.23 -40.26 -33.56
N PHE HA 43 -2.92 -41.40 -33.60
CA PHE HA 43 -3.72 -41.75 -34.76
C PHE HA 43 -4.82 -40.73 -35.03
N PHE HA 44 -5.54 -40.32 -33.98
CA PHE HA 44 -6.52 -39.25 -34.11
C PHE HA 44 -5.90 -37.94 -34.56
N ALA HA 45 -4.79 -37.55 -33.94
CA ALA HA 45 -4.14 -36.28 -34.28
C ALA HA 45 -3.68 -36.24 -35.74
N ALA HA 46 -3.21 -37.35 -36.27
CA ALA HA 46 -2.58 -37.37 -37.58
C ALA HA 46 -3.55 -37.19 -38.75
N THR HA 47 -4.86 -37.20 -38.50
CA THR HA 47 -5.86 -37.41 -39.57
C THR HA 47 -6.91 -36.30 -39.63
N PRO HA 48 -6.50 -35.03 -39.61
CA PRO HA 48 -7.50 -33.94 -39.57
C PRO HA 48 -8.29 -33.86 -40.86
N ASN HA 49 -9.45 -33.21 -40.76
CA ASN HA 49 -10.31 -32.94 -41.92
C ASN HA 49 -9.66 -32.00 -42.93
N PRO IA 1 -8.55 24.54 -22.54
CA PRO IA 1 -8.39 24.83 -21.10
C PRO IA 1 -7.19 24.12 -20.47
N LYS IA 2 -6.58 24.79 -19.50
CA LYS IA 2 -5.39 24.25 -18.83
C LYS IA 2 -5.65 22.91 -18.15
N THR IA 3 -6.88 22.68 -17.68
CA THR IA 3 -7.20 21.42 -17.01
C THR IA 3 -7.07 20.23 -17.96
N ASN IA 4 -7.51 20.37 -19.21
CA ASN IA 4 -7.31 19.32 -20.19
C ASN IA 4 -5.83 19.00 -20.40
N LEU IA 5 -4.95 19.99 -20.24
CA LEU IA 5 -3.51 19.74 -20.32
C LEU IA 5 -2.98 19.04 -19.06
N ARG IA 6 -3.49 19.41 -17.88
CA ARG IA 6 -3.17 18.68 -16.66
C ARG IA 6 -3.52 17.19 -16.78
N LEU IA 7 -4.72 16.89 -17.27
CA LEU IA 7 -5.17 15.50 -17.39
C LEU IA 7 -4.42 14.73 -18.47
N TRP IA 8 -4.02 15.41 -19.55
CA TRP IA 8 -3.23 14.74 -20.59
C TRP IA 8 -1.86 14.30 -20.08
N VAL IA 9 -1.20 15.12 -19.26
CA VAL IA 9 0.09 14.70 -18.68
C VAL IA 9 -0.09 13.53 -17.71
N ALA IA 10 -1.12 13.60 -16.86
CA ALA IA 10 -1.49 12.48 -16.00
C ALA IA 10 -1.76 11.19 -16.79
N PHE IA 11 -2.51 11.30 -17.88
CA PHE IA 11 -2.81 10.15 -18.74
C PHE IA 11 -1.54 9.54 -19.35
N GLN IA 12 -0.63 10.37 -19.86
CA GLN IA 12 0.63 9.83 -20.38
C GLN IA 12 1.44 9.09 -19.31
N MET IA 13 1.53 9.64 -18.10
CA MET IA 13 2.23 8.96 -17.02
C MET IA 13 1.53 7.68 -16.57
N MET IA 14 0.20 7.69 -16.49
CA MET IA 14 -0.54 6.48 -16.15
C MET IA 14 -0.46 5.41 -17.23
N LYS IA 15 -0.30 5.78 -18.50
CA LYS IA 15 0.06 4.80 -19.50
C LYS IA 15 1.36 4.09 -19.15
N GLY IA 16 2.40 4.85 -18.84
CA GLY IA 16 3.69 4.28 -18.47
C GLY IA 16 3.65 3.42 -17.22
N ALA IA 17 3.17 4.00 -16.12
CA ALA IA 17 3.10 3.28 -14.85
C ALA IA 17 2.13 2.11 -14.89
N GLY IA 18 1.06 2.22 -15.67
CA GLY IA 18 0.15 1.09 -15.84
C GLY IA 18 0.78 -0.12 -16.50
N TRP IA 19 1.54 0.11 -17.58
CA TRP IA 19 2.28 -0.99 -18.21
C TRP IA 19 3.36 -1.56 -17.27
N ALA IA 20 4.12 -0.70 -16.62
CA ALA IA 20 5.12 -1.19 -15.66
C ALA IA 20 4.48 -1.97 -14.52
N GLY IA 21 3.32 -1.52 -14.03
CA GLY IA 21 2.59 -2.28 -13.03
C GLY IA 21 2.03 -3.60 -13.55
N GLY IA 22 1.60 -3.63 -14.80
CA GLY IA 22 1.15 -4.88 -15.40
C GLY IA 22 2.22 -5.94 -15.50
N VAL IA 23 3.44 -5.54 -15.83
CA VAL IA 23 4.56 -6.49 -15.85
C VAL IA 23 4.97 -6.90 -14.43
N PHE IA 24 5.07 -5.95 -13.50
CA PHE IA 24 5.43 -6.30 -12.13
C PHE IA 24 4.44 -7.30 -11.51
N PHE IA 25 3.16 -6.94 -11.47
CA PHE IA 25 2.18 -7.85 -10.87
C PHE IA 25 1.97 -9.12 -11.70
N GLY IA 26 2.15 -9.05 -13.02
CA GLY IA 26 2.08 -10.27 -13.81
C GLY IA 26 3.21 -11.23 -13.51
N THR IA 27 4.40 -10.70 -13.23
CA THR IA 27 5.52 -11.52 -12.80
C THR IA 27 5.25 -12.15 -11.45
N LEU IA 28 4.77 -11.34 -10.50
CA LEU IA 28 4.44 -11.78 -9.15
C LEU IA 28 3.40 -12.90 -9.14
N LEU IA 29 2.43 -12.87 -10.06
CA LEU IA 29 1.50 -13.99 -10.19
C LEU IA 29 2.14 -15.23 -10.82
N LEU IA 30 3.09 -15.08 -11.73
CA LEU IA 30 3.84 -16.24 -12.22
C LEU IA 30 4.67 -16.88 -11.11
N ILE IA 31 5.37 -16.07 -10.31
CA ILE IA 31 6.02 -16.57 -9.11
C ILE IA 31 5.02 -17.24 -8.17
N GLY IA 32 3.85 -16.62 -8.00
CA GLY IA 32 2.80 -17.22 -7.19
C GLY IA 32 2.34 -18.59 -7.66
N PHE IA 33 2.19 -18.78 -8.97
CA PHE IA 33 1.87 -20.09 -9.52
C PHE IA 33 2.91 -21.16 -9.15
N PHE IA 34 4.20 -20.84 -9.29
CA PHE IA 34 5.22 -21.79 -8.89
C PHE IA 34 5.24 -22.04 -7.38
N ARG IA 35 4.92 -21.03 -6.57
CA ARG IA 35 4.79 -21.24 -5.13
C ARG IA 35 3.60 -22.14 -4.79
N VAL IA 36 2.47 -21.95 -5.46
CA VAL IA 36 1.31 -22.82 -5.26
C VAL IA 36 1.62 -24.27 -5.63
N VAL IA 37 2.28 -24.48 -6.76
CA VAL IA 37 2.65 -25.85 -7.12
C VAL IA 37 3.68 -26.43 -6.16
N GLY IA 38 4.59 -25.61 -5.65
CA GLY IA 38 5.50 -26.07 -4.61
C GLY IA 38 4.80 -26.54 -3.35
N ARG IA 39 3.70 -25.87 -2.98
CA ARG IA 39 2.92 -26.28 -1.82
C ARG IA 39 2.20 -27.61 -2.03
N MET IA 40 1.76 -27.89 -3.26
CA MET IA 40 1.06 -29.14 -3.54
C MET IA 40 2.00 -30.35 -3.53
N LEU IA 41 3.29 -30.15 -3.81
CA LEU IA 41 4.18 -31.28 -3.97
C LEU IA 41 4.86 -31.68 -2.66
N PRO IA 42 5.32 -32.95 -2.56
CA PRO IA 42 5.85 -33.47 -1.30
C PRO IA 42 7.21 -32.94 -0.88
N ILE IA 43 7.50 -31.68 -1.18
CA ILE IA 43 8.88 -31.19 -1.17
C ILE IA 43 9.40 -31.05 0.26
N GLN IA 44 8.54 -30.64 1.20
CA GLN IA 44 9.00 -30.43 2.57
C GLN IA 44 9.39 -31.74 3.25
N GLU IA 45 8.76 -32.85 2.88
CA GLU IA 45 9.25 -34.16 3.29
C GLU IA 45 10.65 -34.40 2.75
N ASN IA 46 10.78 -34.43 1.42
CA ASN IA 46 11.96 -34.84 0.70
C ASN IA 46 12.93 -33.70 0.42
N GLN IA 47 13.06 -32.74 1.33
CA GLN IA 47 13.78 -31.50 1.03
C GLN IA 47 15.27 -31.76 0.80
N ALA IA 48 15.76 -31.27 -0.34
CA ALA IA 48 17.12 -31.56 -0.80
C ALA IA 48 18.18 -30.84 0.03
N PRO IA 49 19.37 -31.43 0.14
CA PRO IA 49 20.52 -30.72 0.71
C PRO IA 49 20.95 -29.51 -0.10
N ALA IA 50 21.51 -28.53 0.60
CA ALA IA 50 21.99 -27.29 -0.02
C ALA IA 50 23.17 -27.56 -0.97
N PRO IA 51 23.12 -27.06 -2.19
CA PRO IA 51 24.18 -27.32 -3.17
C PRO IA 51 25.39 -26.40 -3.11
N ASN IA 52 25.37 -25.36 -2.27
CA ASN IA 52 26.43 -24.36 -2.22
C ASN IA 52 27.10 -24.39 -0.85
N ILE IA 53 28.41 -24.17 -0.82
CA ILE IA 53 29.14 -24.23 0.44
C ILE IA 53 28.79 -23.09 1.38
N THR IA 54 28.25 -21.99 0.87
CA THR IA 54 27.73 -20.95 1.74
C THR IA 54 26.47 -21.42 2.48
N GLY IA 55 25.87 -22.52 2.05
CA GLY IA 55 24.74 -23.11 2.74
C GLY IA 55 23.41 -22.81 2.09
N FME JA 1 -27.69 -5.27 -18.68
CN FME JA 1 -28.65 -5.98 -18.02
O1 FME JA 1 -29.56 -5.46 -17.36
CA FME JA 1 -27.63 -3.83 -18.72
CB FME JA 1 -26.40 -3.35 -19.53
CG FME JA 1 -25.90 -1.96 -19.23
SD FME JA 1 -27.00 -0.73 -19.87
CE FME JA 1 -26.64 -0.83 -21.59
C FME JA 1 -28.91 -3.22 -19.30
O FME JA 1 -29.66 -2.51 -18.64
N SER JA 2 -29.12 -3.51 -20.57
CA SER JA 2 -30.24 -2.95 -21.34
C SER JA 2 -30.38 -1.43 -21.25
N LYS JA 3 -31.01 -0.95 -20.18
CA LYS JA 3 -31.29 0.48 -20.02
C LYS JA 3 -30.67 1.12 -18.78
N PHE JA 4 -29.74 0.43 -18.09
CA PHE JA 4 -29.13 1.01 -16.90
C PHE JA 4 -28.44 2.36 -17.17
N TYR JA 5 -28.03 2.62 -18.42
CA TYR JA 5 -27.51 3.93 -18.79
C TYR JA 5 -28.46 5.09 -18.50
N LYS JA 6 -29.76 4.84 -18.36
CA LYS JA 6 -30.71 5.90 -18.04
C LYS JA 6 -30.51 6.52 -16.66
N ILE JA 7 -29.69 5.92 -15.79
CA ILE JA 7 -29.35 6.52 -14.51
C ILE JA 7 -28.67 7.88 -14.67
N TRP JA 8 -27.95 8.09 -15.77
CA TRP JA 8 -27.32 9.38 -16.06
C TRP JA 8 -28.32 10.44 -16.55
N MET JA 9 -29.57 10.07 -16.75
CA MET JA 9 -30.64 11.03 -16.96
C MET JA 9 -31.42 11.34 -15.69
N ILE JA 10 -31.22 10.54 -14.64
CA ILE JA 10 -31.75 10.85 -13.31
C ILE JA 10 -30.75 11.67 -12.49
N PHE JA 11 -29.51 11.22 -12.39
CA PHE JA 11 -28.51 11.82 -11.51
C PHE JA 11 -27.36 12.39 -12.34
N ASP JA 12 -26.98 13.62 -12.03
CA ASP JA 12 -25.98 14.38 -12.77
C ASP JA 12 -24.61 13.73 -12.67
N PRO JA 13 -24.07 13.16 -13.75
CA PRO JA 13 -22.83 12.37 -13.66
C PRO JA 13 -21.65 13.09 -13.03
N ARG JA 14 -21.47 14.38 -13.32
CA ARG JA 14 -20.41 15.16 -12.69
C ARG JA 14 -20.43 15.00 -11.18
N ARG JA 15 -21.61 15.15 -10.57
CA ARG JA 15 -21.71 15.10 -9.13
C ARG JA 15 -21.57 13.67 -8.61
N VAL JA 16 -22.13 12.71 -9.34
CA VAL JA 16 -22.05 11.30 -8.95
C VAL JA 16 -20.61 10.80 -8.91
N PHE JA 17 -19.81 11.15 -9.92
CA PHE JA 17 -18.44 10.65 -9.96
C PHE JA 17 -17.59 11.21 -8.81
N VAL JA 18 -17.76 12.48 -8.47
CA VAL JA 18 -17.08 13.03 -7.30
C VAL JA 18 -17.52 12.32 -6.02
N ALA JA 19 -18.83 12.09 -5.88
CA ALA JA 19 -19.34 11.38 -4.71
C ALA JA 19 -18.92 9.91 -4.69
N GLN JA 20 -18.76 9.29 -5.86
CA GLN JA 20 -18.31 7.91 -5.91
C GLN JA 20 -16.83 7.78 -5.61
N GLY JA 21 -16.03 8.78 -5.98
CA GLY JA 21 -14.64 8.81 -5.55
C GLY JA 21 -14.48 8.84 -4.04
N VAL JA 22 -15.29 9.62 -3.35
CA VAL JA 22 -15.28 9.64 -1.89
C VAL JA 22 -15.67 8.29 -1.33
N PHE JA 23 -16.76 7.71 -1.84
CA PHE JA 23 -17.21 6.40 -1.37
C PHE JA 23 -16.11 5.34 -1.49
N LEU JA 24 -15.56 5.17 -2.69
CA LEU JA 24 -14.61 4.09 -2.93
C LEU JA 24 -13.33 4.24 -2.10
N PHE JA 25 -12.87 5.47 -1.90
CA PHE JA 25 -11.72 5.67 -1.02
C PHE JA 25 -12.01 5.28 0.42
N LEU JA 26 -13.14 5.75 0.96
CA LEU JA 26 -13.49 5.42 2.34
C LEU JA 26 -13.76 3.94 2.53
N LEU JA 27 -14.39 3.30 1.55
CA LEU JA 27 -14.56 1.85 1.58
C LEU JA 27 -13.21 1.14 1.64
N ALA JA 28 -12.26 1.55 0.80
CA ALA JA 28 -10.92 0.96 0.82
C ALA JA 28 -10.24 1.15 2.18
N VAL JA 29 -10.27 2.37 2.71
CA VAL JA 29 -9.70 2.64 4.04
C VAL JA 29 -10.38 1.79 5.11
N MET JA 30 -11.71 1.68 5.05
CA MET JA 30 -12.44 0.86 6.01
C MET JA 30 -11.93 -0.59 6.03
N ILE JA 31 -11.80 -1.20 4.86
CA ILE JA 31 -11.37 -2.60 4.80
C ILE JA 31 -9.93 -2.78 5.25
N HIS JA 32 -9.03 -1.87 4.89
CA HIS JA 32 -7.67 -1.92 5.41
C HIS JA 32 -7.65 -1.83 6.94
N LEU JA 33 -8.47 -0.94 7.52
CA LEU JA 33 -8.55 -0.82 8.97
C LEU JA 33 -9.16 -2.04 9.65
N ILE JA 34 -10.19 -2.65 9.06
CA ILE JA 34 -10.71 -3.93 9.56
C ILE JA 34 -9.59 -4.97 9.66
N LEU JA 35 -8.78 -5.08 8.62
CA LEU JA 35 -7.65 -6.02 8.63
C LEU JA 35 -6.58 -5.62 9.65
N LEU JA 36 -6.19 -4.33 9.68
CA LEU JA 36 -5.24 -3.86 10.68
C LEU JA 36 -5.72 -4.08 12.11
N SER JA 37 -7.03 -4.12 12.34
CA SER JA 37 -7.54 -4.41 13.67
C SER JA 37 -7.48 -5.89 14.04
N THR JA 38 -7.16 -6.76 13.10
CA THR JA 38 -7.16 -8.21 13.29
C THR JA 38 -5.74 -8.72 13.44
N PRO JA 39 -5.44 -9.50 14.48
CA PRO JA 39 -4.03 -9.83 14.77
C PRO JA 39 -3.32 -10.55 13.64
N SER JA 40 -3.98 -11.51 12.99
CA SER JA 40 -3.38 -12.30 11.92
C SER JA 40 -3.21 -11.53 10.61
N TYR JA 41 -3.63 -10.27 10.54
CA TYR JA 41 -3.46 -9.47 9.33
C TYR JA 41 -2.90 -8.07 9.60
N ASN JA 42 -2.45 -7.79 10.82
CA ASN JA 42 -1.90 -6.46 11.14
C ASN JA 42 -0.47 -6.41 10.61
N TRP JA 43 -0.34 -5.99 9.36
CA TRP JA 43 0.97 -5.88 8.72
C TRP JA 43 1.82 -4.75 9.30
N LEU JA 44 1.23 -3.75 9.94
CA LEU JA 44 2.00 -2.66 10.52
C LEU JA 44 2.61 -3.00 11.88
N GLU JA 45 2.15 -4.06 12.54
CA GLU JA 45 2.87 -4.61 13.69
C GLU JA 45 3.96 -5.53 13.17
N ILE JA 46 5.19 -5.03 13.09
CA ILE JA 46 6.30 -5.76 12.50
C ILE JA 46 7.08 -6.50 13.56
N FME KA 1 -50.05 -6.92 -8.27
CN FME KA 1 -51.03 -5.96 -8.14
O1 FME KA 1 -50.81 -4.74 -8.17
CA FME KA 1 -48.65 -6.63 -8.46
CB FME KA 1 -47.80 -7.92 -8.50
CG FME KA 1 -48.01 -8.80 -7.30
SD FME KA 1 -47.22 -10.34 -7.65
CE FME KA 1 -45.53 -9.88 -7.78
C FME KA 1 -48.32 -5.86 -9.74
O FME KA 1 -47.27 -5.24 -9.89
N SER KA 2 -49.25 -5.91 -10.69
CA SER KA 2 -49.08 -5.26 -11.98
C SER KA 2 -49.21 -3.75 -11.92
N LYS KA 3 -49.61 -3.22 -10.77
CA LYS KA 3 -49.71 -1.77 -10.56
C LYS KA 3 -48.65 -1.22 -9.60
N PHE KA 4 -47.72 -2.05 -9.12
CA PHE KA 4 -46.66 -1.57 -8.24
C PHE KA 4 -45.76 -0.53 -8.90
N TYR KA 5 -45.72 -0.47 -10.23
CA TYR KA 5 -45.05 0.61 -10.93
C TYR KA 5 -45.58 2.00 -10.57
N LYS KA 6 -46.82 2.11 -10.10
CA LYS KA 6 -47.37 3.39 -9.66
C LYS KA 6 -46.68 3.96 -8.42
N ILE KA 7 -45.79 3.21 -7.78
CA ILE KA 7 -44.96 3.77 -6.71
C ILE KA 7 -44.15 4.98 -7.20
N TRP KA 8 -43.73 4.95 -8.47
CA TRP KA 8 -43.00 6.07 -9.06
C TRP KA 8 -43.91 7.25 -9.42
N MET KA 9 -45.22 7.09 -9.29
CA MET KA 9 -46.14 8.21 -9.34
C MET KA 9 -46.41 8.79 -7.96
N ILE KA 10 -46.11 8.04 -6.91
CA ILE KA 10 -46.13 8.53 -5.52
C ILE KA 10 -44.81 9.18 -5.14
N PHE KA 11 -43.68 8.54 -5.44
CA PHE KA 11 -42.36 8.96 -4.96
C PHE KA 11 -41.40 9.23 -6.10
N ASP KA 12 -40.70 10.36 -6.02
CA ASP KA 12 -39.73 10.74 -7.05
C ASP KA 12 -38.49 9.87 -6.98
N PRO KA 13 -38.03 9.31 -8.11
CA PRO KA 13 -36.90 8.37 -8.08
C PRO KA 13 -35.59 8.97 -7.57
N ARG KA 14 -35.38 10.28 -7.68
CA ARG KA 14 -34.13 10.87 -7.19
C ARG KA 14 -33.97 10.70 -5.69
N ARG KA 15 -35.04 10.93 -4.93
CA ARG KA 15 -34.97 10.70 -3.49
C ARG KA 15 -34.98 9.21 -3.15
N VAL KA 16 -35.83 8.43 -3.82
CA VAL KA 16 -35.95 7.00 -3.53
C VAL KA 16 -34.61 6.29 -3.70
N PHE KA 17 -33.93 6.53 -4.82
CA PHE KA 17 -32.68 5.82 -5.07
C PHE KA 17 -31.57 6.22 -4.11
N VAL KA 18 -31.52 7.48 -3.69
CA VAL KA 18 -30.61 7.88 -2.62
C VAL KA 18 -30.92 7.14 -1.32
N ALA KA 19 -32.18 7.18 -0.88
CA ALA KA 19 -32.58 6.47 0.33
C ALA KA 19 -32.23 4.99 0.27
N GLN KA 20 -32.59 4.32 -0.83
CA GLN KA 20 -32.31 2.89 -0.95
C GLN KA 20 -30.82 2.60 -1.00
N GLY KA 21 -30.03 3.45 -1.65
CA GLY KA 21 -28.59 3.26 -1.67
C GLY KA 21 -27.96 3.26 -0.28
N VAL KA 22 -28.35 4.21 0.55
CA VAL KA 22 -27.91 4.22 1.94
C VAL KA 22 -28.43 3.01 2.70
N PHE KA 23 -29.71 2.67 2.51
CA PHE KA 23 -30.29 1.52 3.19
C PHE KA 23 -29.52 0.24 2.89
N LEU KA 24 -29.30 -0.06 1.61
CA LEU KA 24 -28.65 -1.33 1.26
C LEU KA 24 -27.20 -1.39 1.74
N PHE KA 25 -26.46 -0.29 1.65
CA PHE KA 25 -25.12 -0.28 2.22
C PHE KA 25 -25.14 -0.44 3.73
N LEU KA 26 -26.05 0.27 4.41
CA LEU KA 26 -26.15 0.16 5.86
C LEU KA 26 -26.47 -1.26 6.31
N LEU KA 27 -27.47 -1.88 5.67
CA LEU KA 27 -27.84 -3.25 5.99
C LEU KA 27 -26.69 -4.23 5.76
N ALA KA 28 -25.98 -4.09 4.64
CA ALA KA 28 -24.85 -4.97 4.36
C ALA KA 28 -23.75 -4.84 5.40
N VAL KA 29 -23.35 -3.60 5.71
CA VAL KA 29 -22.30 -3.36 6.69
C VAL KA 29 -22.67 -3.92 8.07
N MET KA 30 -23.92 -3.79 8.49
CA MET KA 30 -24.30 -4.36 9.78
C MET KA 30 -24.24 -5.88 9.79
N ILE KA 31 -24.61 -6.55 8.70
CA ILE KA 31 -24.56 -8.01 8.69
C ILE KA 31 -23.11 -8.51 8.70
N HIS KA 32 -22.22 -7.88 7.94
CA HIS KA 32 -20.80 -8.23 8.02
C HIS KA 32 -20.22 -7.99 9.42
N LEU KA 33 -20.55 -6.85 10.05
CA LEU KA 33 -20.07 -6.61 11.42
C LEU KA 33 -20.69 -7.53 12.46
N ILE KA 34 -21.95 -7.95 12.27
CA ILE KA 34 -22.54 -8.95 13.14
C ILE KA 34 -21.80 -10.28 13.04
N LEU KA 35 -21.52 -10.72 11.81
CA LEU KA 35 -20.80 -11.98 11.62
C LEU KA 35 -19.36 -11.90 12.14
N LEU KA 36 -18.65 -10.80 11.86
CA LEU KA 36 -17.32 -10.62 12.44
C LEU KA 36 -17.35 -10.56 13.96
N SER KA 37 -18.47 -10.12 14.55
CA SER KA 37 -18.61 -10.18 15.99
C SER KA 37 -18.79 -11.59 16.53
N THR KA 38 -19.08 -12.57 15.67
CA THR KA 38 -19.47 -13.90 16.09
C THR KA 38 -18.31 -14.86 15.88
N PRO KA 39 -17.83 -15.53 16.93
CA PRO KA 39 -16.70 -16.45 16.78
C PRO KA 39 -16.92 -17.57 15.78
N SER KA 40 -18.17 -18.05 15.65
CA SER KA 40 -18.45 -19.11 14.69
C SER KA 40 -18.32 -18.66 13.24
N TYR KA 41 -18.45 -17.36 12.96
CA TYR KA 41 -18.49 -16.88 11.60
C TYR KA 41 -17.48 -15.80 11.25
N ASN KA 42 -16.64 -15.38 12.20
CA ASN KA 42 -15.56 -14.44 11.89
C ASN KA 42 -14.57 -15.16 10.97
N TRP KA 43 -14.67 -14.87 9.67
CA TRP KA 43 -13.85 -15.55 8.67
C TRP KA 43 -12.36 -15.29 8.86
N LEU KA 44 -11.99 -14.09 9.31
CA LEU KA 44 -10.57 -13.79 9.51
C LEU KA 44 -9.98 -14.57 10.67
N GLU KA 45 -10.78 -14.94 11.67
CA GLU KA 45 -10.30 -15.81 12.74
C GLU KA 45 -10.42 -17.29 12.41
N ILE KA 46 -11.43 -17.68 11.64
CA ILE KA 46 -11.53 -19.06 11.15
C ILE KA 46 -10.29 -19.42 10.35
N SER KA 47 -9.82 -18.52 9.48
CA SER KA 47 -8.61 -18.78 8.72
C SER KA 47 -7.35 -18.74 9.58
N ALA KA 48 -7.33 -17.89 10.61
CA ALA KA 48 -6.18 -17.89 11.51
C ALA KA 48 -6.05 -19.21 12.28
N ALA KA 49 -7.17 -19.73 12.79
CA ALA KA 49 -7.13 -21.02 13.46
C ALA KA 49 -6.83 -22.15 12.48
N LYS KA 50 -7.36 -22.06 11.25
CA LYS KA 50 -7.07 -23.06 10.24
C LYS KA 50 -5.58 -23.13 9.92
N TYR KA 51 -4.94 -21.99 9.74
CA TYR KA 51 -3.57 -21.92 9.24
C TYR KA 51 -2.55 -21.73 10.35
N ASN KA 52 -2.94 -21.95 11.61
CA ASN KA 52 -2.03 -21.86 12.76
C ASN KA 52 -1.32 -20.52 12.84
N ARG KA 53 -2.05 -19.46 12.54
CA ARG KA 53 -1.55 -18.10 12.74
C ARG KA 53 -1.77 -17.70 14.20
N VAL KA 54 -1.54 -16.43 14.52
CA VAL KA 54 -1.91 -15.91 15.83
C VAL KA 54 -3.42 -15.96 15.99
N ALA KA 55 -3.88 -16.69 17.01
CA ALA KA 55 -5.31 -16.85 17.27
C ALA KA 55 -5.65 -16.46 18.70
N FME LA 1 -65.99 -2.32 6.58
CN FME LA 1 -66.33 -0.99 6.74
O1 FME LA 1 -65.52 -0.07 6.60
CA FME LA 1 -64.68 -2.77 6.22
CB FME LA 1 -64.52 -4.30 6.39
CG FME LA 1 -63.09 -4.68 6.63
SD FME LA 1 -63.04 -6.44 6.84
CE FME LA 1 -63.83 -6.66 8.38
C FME LA 1 -64.32 -2.44 4.78
O FME LA 1 -63.15 -2.35 4.38
N SER LA 2 -65.35 -2.24 3.98
CA SER LA 2 -65.19 -1.80 2.60
C SER LA 2 -64.77 -0.34 2.47
N LYS LA 3 -65.07 0.49 3.47
CA LYS LA 3 -64.69 1.89 3.48
C LYS LA 3 -63.32 2.15 4.10
N PHE LA 4 -62.54 1.11 4.39
CA PHE LA 4 -61.17 1.33 4.87
C PHE LA 4 -60.33 2.15 3.89
N TYR LA 5 -60.64 2.08 2.59
CA TYR LA 5 -59.95 2.91 1.61
C TYR LA 5 -60.05 4.41 1.87
N LYS LA 6 -60.99 4.88 2.67
CA LYS LA 6 -61.09 6.31 2.93
C LYS LA 6 -60.01 6.86 3.87
N ILE LA 7 -59.15 6.01 4.44
CA ILE LA 7 -57.97 6.53 5.15
C ILE LA 7 -57.10 7.38 4.23
N TRP LA 8 -57.15 7.16 2.93
CA TRP LA 8 -56.37 7.97 2.01
C TRP LA 8 -57.01 9.32 1.73
N MET LA 9 -58.23 9.56 2.23
CA MET LA 9 -58.79 10.90 2.28
C MET LA 9 -58.20 11.67 3.44
N ILE LA 10 -57.82 10.98 4.50
CA ILE LA 10 -57.30 11.60 5.72
C ILE LA 10 -55.79 11.76 5.67
N PHE LA 11 -55.06 10.68 5.37
CA PHE LA 11 -53.61 10.64 5.44
C PHE LA 11 -52.98 10.55 4.05
N ASP LA 12 -52.03 11.44 3.80
CA ASP LA 12 -51.32 11.52 2.52
C ASP LA 12 -50.45 10.27 2.33
N PRO LA 13 -50.62 9.51 1.24
CA PRO LA 13 -49.88 8.25 1.09
C PRO LA 13 -48.37 8.39 1.17
N ARG LA 14 -47.82 9.54 0.77
CA ARG LA 14 -46.38 9.75 0.86
C ARG LA 14 -45.90 9.69 2.30
N ARG LA 15 -46.68 10.24 3.23
CA ARG LA 15 -46.32 10.16 4.65
C ARG LA 15 -46.50 8.74 5.18
N VAL LA 16 -47.64 8.13 4.85
CA VAL LA 16 -47.94 6.78 5.34
C VAL LA 16 -46.88 5.78 4.88
N PHE LA 17 -46.53 5.80 3.60
CA PHE LA 17 -45.60 4.81 3.07
C PHE LA 17 -44.20 4.95 3.65
N VAL LA 18 -43.71 6.18 3.80
CA VAL LA 18 -42.43 6.39 4.49
C VAL LA 18 -42.51 5.93 5.94
N ALA LA 19 -43.57 6.34 6.65
CA ALA LA 19 -43.71 5.93 8.05
C ALA LA 19 -43.78 4.41 8.18
N GLN LA 20 -44.57 3.79 7.31
CA GLN LA 20 -44.71 2.33 7.30
C GLN LA 20 -43.37 1.64 7.03
N GLY LA 21 -42.62 2.13 6.04
CA GLY LA 21 -41.31 1.57 5.76
C GLY LA 21 -40.37 1.61 6.95
N VAL LA 22 -40.27 2.75 7.61
CA VAL LA 22 -39.43 2.86 8.81
C VAL LA 22 -39.91 1.88 9.88
N PHE LA 23 -41.21 1.90 10.18
CA PHE LA 23 -41.77 1.08 11.25
C PHE LA 23 -41.51 -0.41 11.04
N LEU LA 24 -41.86 -0.93 9.86
CA LEU LA 24 -41.67 -2.35 9.58
C LEU LA 24 -40.21 -2.79 9.63
N PHE LA 25 -39.29 -1.93 9.18
CA PHE LA 25 -37.87 -2.25 9.30
C PHE LA 25 -37.43 -2.35 10.76
N LEU LA 26 -37.75 -1.33 11.57
CA LEU LA 26 -37.32 -1.33 12.97
C LEU LA 26 -37.98 -2.43 13.79
N LEU LA 27 -39.21 -2.81 13.46
CA LEU LA 27 -39.84 -3.95 14.12
C LEU LA 27 -39.14 -5.26 13.77
N ALA LA 28 -38.90 -5.50 12.49
CA ALA LA 28 -38.14 -6.69 12.08
C ALA LA 28 -36.75 -6.74 12.69
N VAL LA 29 -36.03 -5.61 12.71
CA VAL LA 29 -34.74 -5.54 13.37
C VAL LA 29 -34.84 -5.86 14.85
N MET LA 30 -35.85 -5.29 15.53
CA MET LA 30 -36.09 -5.60 16.93
C MET LA 30 -36.26 -7.10 17.19
N ILE LA 31 -37.09 -7.78 16.39
CA ILE LA 31 -37.33 -9.20 16.61
C ILE LA 31 -36.10 -10.06 16.31
N HIS LA 32 -35.40 -9.78 15.21
CA HIS LA 32 -34.16 -10.52 14.93
C HIS LA 32 -33.12 -10.34 16.04
N LEU LA 33 -32.98 -9.12 16.58
CA LEU LA 33 -32.07 -8.90 17.70
C LEU LA 33 -32.52 -9.60 18.98
N ILE LA 34 -33.82 -9.61 19.27
CA ILE LA 34 -34.32 -10.34 20.43
C ILE LA 34 -33.97 -11.82 20.34
N LEU LA 35 -34.08 -12.41 19.15
CA LEU LA 35 -33.78 -13.83 19.00
C LEU LA 35 -32.28 -14.12 19.07
N LEU LA 36 -31.46 -13.25 18.47
CA LEU LA 36 -30.01 -13.39 18.64
C LEU LA 36 -29.57 -13.21 20.09
N SER LA 37 -30.37 -12.52 20.91
CA SER LA 37 -30.08 -12.45 22.34
C SER LA 37 -30.56 -13.69 23.08
N THR LA 38 -31.34 -14.55 22.44
CA THR LA 38 -31.97 -15.69 23.09
C THR LA 38 -31.20 -16.95 22.72
N PRO LA 39 -30.49 -17.58 23.66
CA PRO LA 39 -29.60 -18.69 23.28
C PRO LA 39 -30.31 -19.85 22.60
N SER LA 40 -31.53 -20.16 23.02
CA SER LA 40 -32.31 -21.22 22.38
C SER LA 40 -32.72 -20.91 20.95
N TYR LA 41 -32.56 -19.67 20.50
CA TYR LA 41 -32.96 -19.29 19.15
C TYR LA 41 -31.90 -18.60 18.33
N ASN LA 42 -30.74 -18.26 18.89
CA ASN LA 42 -29.65 -17.65 18.14
C ASN LA 42 -29.15 -18.66 17.12
N TRP LA 43 -29.59 -18.52 15.87
CA TRP LA 43 -29.27 -19.49 14.83
C TRP LA 43 -27.77 -19.62 14.58
N LEU LA 44 -27.01 -18.55 14.79
CA LEU LA 44 -25.56 -18.64 14.61
C LEU LA 44 -24.91 -19.51 15.68
N GLU LA 45 -25.34 -19.36 16.94
CA GLU LA 45 -24.82 -20.21 18.02
C GLU LA 45 -25.39 -21.62 17.99
N ILE LA 46 -26.63 -21.79 17.51
CA ILE LA 46 -27.19 -23.13 17.34
C ILE LA 46 -26.37 -23.94 16.34
N SER LA 47 -26.11 -23.37 15.17
CA SER LA 47 -25.31 -24.09 14.16
C SER LA 47 -23.86 -24.26 14.59
N ALA LA 48 -23.31 -23.33 15.38
CA ALA LA 48 -21.99 -23.53 15.96
C ALA LA 48 -21.94 -24.80 16.81
N ALA LA 49 -22.95 -25.00 17.65
CA ALA LA 49 -23.02 -26.22 18.45
C ALA LA 49 -23.28 -27.46 17.58
N LYS LA 50 -24.19 -27.34 16.62
CA LYS LA 50 -24.54 -28.48 15.77
C LYS LA 50 -23.32 -29.04 15.04
N TYR LA 51 -22.40 -28.18 14.62
CA TYR LA 51 -21.23 -28.61 13.85
C TYR LA 51 -19.92 -28.57 14.65
N ASN LA 52 -20.00 -28.43 15.97
CA ASN LA 52 -18.82 -28.42 16.85
C ASN LA 52 -17.78 -27.39 16.40
N ARG LA 53 -18.24 -26.20 16.06
CA ARG LA 53 -17.40 -25.22 15.40
C ARG LA 53 -16.44 -24.48 16.33
N VAL LA 54 -16.53 -24.69 17.64
CA VAL LA 54 -15.49 -24.23 18.55
C VAL LA 54 -15.12 -25.35 19.53
N ALA LA 55 -13.84 -25.37 19.90
CA ALA LA 55 -13.31 -26.18 21.01
C ALA LA 55 -13.88 -27.60 21.06
N FME MA 1 -75.23 6.66 23.93
CN FME MA 1 -75.28 8.03 24.05
O1 FME MA 1 -74.69 8.81 23.28
CA FME MA 1 -74.47 5.95 22.94
CB FME MA 1 -74.46 4.44 23.21
CG FME MA 1 -74.08 4.16 24.65
SD FME MA 1 -74.04 2.40 24.87
CE FME MA 1 -74.13 2.26 26.62
C FME MA 1 -74.99 6.15 21.51
O FME MA 1 -74.37 5.77 20.51
N SER MA 2 -76.16 6.76 21.43
CA SER MA 2 -76.74 7.20 20.18
C SER MA 2 -75.97 8.32 19.49
N LYS MA 3 -75.08 8.98 20.23
CA LYS MA 3 -74.46 10.22 19.78
C LYS MA 3 -72.93 10.27 19.96
N PHE MA 4 -72.29 9.14 20.29
CA PHE MA 4 -70.83 9.12 20.42
C PHE MA 4 -70.12 9.55 19.13
N TYR MA 5 -70.74 9.33 17.97
CA TYR MA 5 -70.18 9.78 16.70
C TYR MA 5 -69.93 11.28 16.63
N LYS MA 6 -70.57 12.09 17.49
CA LYS MA 6 -70.27 13.52 17.55
C LYS MA 6 -68.87 13.85 18.06
N ILE MA 7 -68.11 12.86 18.54
CA ILE MA 7 -66.71 13.08 18.91
C ILE MA 7 -65.90 13.69 17.77
N TRP MA 8 -66.28 13.42 16.52
CA TRP MA 8 -65.59 14.00 15.38
C TRP MA 8 -66.03 15.43 15.05
N MET MA 9 -67.08 15.95 15.68
CA MET MA 9 -67.27 17.39 15.72
C MET MA 9 -66.37 18.06 16.74
N ILE MA 10 -65.86 17.32 17.71
CA ILE MA 10 -64.94 17.85 18.73
C ILE MA 10 -63.48 17.73 18.30
N PHE MA 11 -63.04 16.53 17.94
CA PHE MA 11 -61.63 16.24 17.68
C PHE MA 11 -61.36 15.91 16.22
N ASP MA 12 -60.27 16.47 15.70
CA ASP MA 12 -59.84 16.25 14.32
C ASP MA 12 -59.39 14.81 14.14
N PRO MA 13 -60.02 14.03 13.25
CA PRO MA 13 -59.62 12.62 13.08
C PRO MA 13 -58.16 12.41 12.73
N ARG MA 14 -57.52 13.40 12.10
CA ARG MA 14 -56.10 13.29 11.75
C ARG MA 14 -55.25 13.00 12.98
N ARG MA 15 -55.34 13.85 14.00
CA ARG MA 15 -54.56 13.65 15.23
C ARG MA 15 -55.07 12.47 16.05
N VAL MA 16 -56.37 12.22 16.05
CA VAL MA 16 -56.91 11.12 16.86
C VAL MA 16 -56.39 9.77 16.37
N PHE MA 17 -56.42 9.53 15.06
CA PHE MA 17 -55.96 8.24 14.55
C PHE MA 17 -54.45 8.07 14.71
N VAL MA 18 -53.68 9.15 14.54
CA VAL MA 18 -52.25 9.10 14.84
C VAL MA 18 -52.02 8.78 16.31
N ALA MA 19 -52.64 9.55 17.22
CA ALA MA 19 -52.43 9.33 18.64
C ALA MA 19 -52.91 7.95 19.09
N GLN MA 20 -54.02 7.48 18.50
CA GLN MA 20 -54.53 6.16 18.84
C GLN MA 20 -53.62 5.04 18.32
N GLY MA 21 -53.08 5.20 17.11
CA GLY MA 21 -52.12 4.22 16.62
C GLY MA 21 -50.86 4.14 17.45
N VAL MA 22 -50.31 5.28 17.85
CA VAL MA 22 -49.12 5.29 18.71
C VAL MA 22 -49.43 4.67 20.07
N PHE MA 23 -50.58 5.03 20.65
CA PHE MA 23 -51.01 4.48 21.93
C PHE MA 23 -51.14 2.96 21.89
N LEU MA 24 -51.90 2.44 20.93
CA LEU MA 24 -52.12 0.99 20.84
C LEU MA 24 -50.81 0.23 20.62
N PHE MA 25 -49.91 0.75 19.80
CA PHE MA 25 -48.62 0.09 19.61
C PHE MA 25 -47.80 0.06 20.90
N LEU MA 26 -47.66 1.21 21.57
CA LEU MA 26 -46.87 1.25 22.79
C LEU MA 26 -47.49 0.42 23.91
N LEU MA 27 -48.82 0.33 23.96
CA LEU MA 27 -49.47 -0.52 24.95
C LEU MA 27 -49.19 -2.00 24.71
N ALA MA 28 -49.33 -2.45 23.46
CA ALA MA 28 -49.01 -3.82 23.10
C ALA MA 28 -47.55 -4.17 23.37
N VAL MA 29 -46.63 -3.30 22.96
CA VAL MA 29 -45.21 -3.52 23.24
C VAL MA 29 -44.95 -3.61 24.74
N MET MA 30 -45.58 -2.73 25.53
CA MET MA 30 -45.42 -2.80 26.98
C MET MA 30 -45.86 -4.16 27.55
N ILE MA 31 -46.99 -4.69 27.09
CA ILE MA 31 -47.44 -6.00 27.57
C ILE MA 31 -46.52 -7.13 27.13
N HIS MA 32 -46.12 -7.15 25.85
CA HIS MA 32 -45.21 -8.20 25.39
C HIS MA 32 -43.85 -8.13 26.12
N LEU MA 33 -43.35 -6.92 26.40
CA LEU MA 33 -42.15 -6.79 27.23
C LEU MA 33 -42.35 -7.27 28.67
N ILE MA 34 -43.49 -6.94 29.29
CA ILE MA 34 -43.77 -7.44 30.64
C ILE MA 34 -43.79 -8.96 30.66
N LEU MA 35 -44.37 -9.59 29.65
CA LEU MA 35 -44.41 -11.06 29.61
C LEU MA 35 -43.02 -11.64 29.39
N LEU MA 36 -42.27 -11.10 28.43
CA LEU MA 36 -40.87 -11.52 28.26
C LEU MA 36 -40.05 -11.31 29.52
N SER MA 37 -40.41 -10.32 30.34
CA SER MA 37 -39.72 -10.09 31.60
C SER MA 37 -40.17 -11.04 32.71
N THR MA 38 -41.18 -11.87 32.46
CA THR MA 38 -41.76 -12.73 33.47
C THR MA 38 -41.38 -14.18 33.18
N PRO MA 39 -40.66 -14.85 34.08
CA PRO MA 39 -40.18 -16.21 33.79
C PRO MA 39 -41.29 -17.20 33.45
N SER MA 40 -42.42 -17.13 34.14
CA SER MA 40 -43.53 -18.04 33.90
C SER MA 40 -44.21 -17.81 32.55
N TYR MA 41 -43.86 -16.75 31.83
CA TYR MA 41 -44.57 -16.38 30.62
C TYR MA 41 -43.67 -16.01 29.45
N ASN MA 42 -42.35 -16.05 29.60
CA ASN MA 42 -41.45 -15.84 28.48
C ASN MA 42 -41.53 -17.06 27.57
N TRP MA 43 -42.32 -16.96 26.51
CA TRP MA 43 -42.58 -18.09 25.62
C TRP MA 43 -41.32 -18.65 24.98
N LEU MA 44 -40.26 -17.85 24.87
CA LEU MA 44 -39.01 -18.35 24.31
C LEU MA 44 -38.23 -19.22 25.30
N GLU MA 45 -38.33 -18.92 26.60
CA GLU MA 45 -37.71 -19.78 27.60
C GLU MA 45 -38.56 -21.00 27.92
N ILE MA 46 -39.89 -20.84 27.92
CA ILE MA 46 -40.80 -21.98 28.07
C ILE MA 46 -40.49 -23.07 27.05
N SER MA 47 -40.47 -22.71 25.77
CA SER MA 47 -40.20 -23.70 24.73
C SER MA 47 -38.75 -24.17 24.76
N ALA MA 48 -37.83 -23.35 25.27
CA ALA MA 48 -36.46 -23.82 25.48
C ALA MA 48 -36.41 -24.95 26.51
N ALA MA 49 -37.15 -24.80 27.61
CA ALA MA 49 -37.22 -25.86 28.62
C ALA MA 49 -37.98 -27.08 28.12
N LYS MA 50 -39.13 -26.87 27.47
CA LYS MA 50 -39.96 -28.01 27.05
C LYS MA 50 -39.22 -28.91 26.06
N TYR MA 51 -38.55 -28.31 25.08
CA TYR MA 51 -37.76 -29.08 24.11
C TYR MA 51 -36.31 -29.27 24.50
N ASN MA 52 -35.95 -28.96 25.76
CA ASN MA 52 -34.61 -29.22 26.30
C ASN MA 52 -33.52 -28.64 25.41
N ARG MA 53 -33.76 -27.43 24.90
CA ARG MA 53 -32.85 -26.79 23.95
C ARG MA 53 -31.63 -26.19 24.62
N VAL MA 54 -31.56 -26.17 25.95
CA VAL MA 54 -30.39 -25.65 26.64
C VAL MA 54 -29.85 -26.70 27.61
N ALA MA 55 -30.58 -27.79 27.79
CA ALA MA 55 -30.26 -28.76 28.83
C ALA MA 55 -29.22 -29.77 28.34
N FME NA 1 -77.36 20.15 41.48
CN FME NA 1 -77.21 21.51 41.29
O1 FME NA 1 -76.46 22.00 40.42
CA FME NA 1 -76.69 19.14 40.72
CB FME NA 1 -76.98 17.72 41.24
CG FME NA 1 -76.40 17.51 42.61
SD FME NA 1 -77.06 16.00 43.26
CE FME NA 1 -76.23 14.79 42.30
C FME NA 1 -77.03 19.14 39.23
O FME NA 1 -76.27 18.74 38.35
N SER NA 2 -78.24 19.63 38.95
CA SER NA 2 -78.82 19.57 37.62
C SER NA 2 -78.04 20.40 36.61
N LYS NA 3 -77.54 21.54 37.08
CA LYS NA 3 -76.78 22.50 36.28
C LYS NA 3 -75.31 22.17 36.13
N PHE NA 4 -74.86 20.98 36.55
CA PHE NA 4 -73.49 20.55 36.28
C PHE NA 4 -73.12 20.66 34.81
N TYR NA 5 -74.09 20.52 33.90
CA TYR NA 5 -73.83 20.68 32.47
C TYR NA 5 -73.27 22.05 32.09
N LYS NA 6 -73.48 23.08 32.91
CA LYS NA 6 -72.90 24.39 32.62
C LYS NA 6 -71.38 24.42 32.75
N ILE NA 7 -70.76 23.35 33.24
CA ILE NA 7 -69.30 23.22 33.21
C ILE NA 7 -68.74 23.37 31.79
N TRP NA 8 -69.48 22.93 30.77
CA TRP NA 8 -69.02 23.05 29.40
C TRP NA 8 -69.12 24.48 28.86
N MET NA 9 -69.71 25.39 29.63
CA MET NA 9 -69.70 26.81 29.33
C MET NA 9 -68.55 27.52 30.02
N ILE NA 10 -67.97 26.88 31.03
CA ILE NA 10 -66.76 27.36 31.70
C ILE NA 10 -65.48 26.82 31.06
N PHE NA 11 -65.47 25.55 30.66
CA PHE NA 11 -64.28 24.88 30.15
C PHE NA 11 -64.48 24.31 28.75
N ASP NA 12 -63.42 24.41 27.95
CA ASP NA 12 -63.39 23.93 26.57
C ASP NA 12 -63.43 22.40 26.56
N PRO NA 13 -64.43 21.78 25.95
CA PRO NA 13 -64.50 20.30 25.98
C PRO NA 13 -63.27 19.59 25.42
N ARG NA 14 -62.61 20.15 24.41
CA ARG NA 14 -61.41 19.50 23.86
C ARG NA 14 -60.31 19.40 24.91
N ARG NA 15 -60.00 20.51 25.57
CA ARG NA 15 -58.95 20.52 26.58
C ARG NA 15 -59.31 19.64 27.78
N VAL NA 16 -60.58 19.63 28.17
CA VAL NA 16 -61.04 18.76 29.25
C VAL NA 16 -60.97 17.30 28.84
N PHE NA 17 -61.46 16.96 27.64
CA PHE NA 17 -61.48 15.57 27.22
C PHE NA 17 -60.07 15.00 27.08
N VAL NA 18 -59.14 15.76 26.52
CA VAL NA 18 -57.73 15.36 26.50
C VAL NA 18 -57.19 15.17 27.91
N ALA NA 19 -57.32 16.18 28.77
CA ALA NA 19 -56.74 16.12 30.10
C ALA NA 19 -57.36 15.01 30.94
N GLN NA 20 -58.65 14.77 30.78
CA GLN NA 20 -59.30 13.66 31.47
C GLN NA 20 -58.84 12.30 30.93
N GLY NA 21 -58.62 12.20 29.62
CA GLY NA 21 -58.09 10.97 29.05
C GLY NA 21 -56.67 10.65 29.51
N VAL NA 22 -55.79 11.65 29.52
CA VAL NA 22 -54.44 11.48 30.05
C VAL NA 22 -54.49 11.06 31.51
N PHE NA 23 -55.35 11.71 32.30
CA PHE NA 23 -55.45 11.41 33.73
C PHE NA 23 -55.82 9.95 34.00
N LEU NA 24 -56.87 9.45 33.35
CA LEU NA 24 -57.33 8.09 33.62
C LEU NA 24 -56.34 7.02 33.19
N PHE NA 25 -55.63 7.25 32.08
CA PHE NA 25 -54.62 6.28 31.66
C PHE NA 25 -53.48 6.18 32.67
N LEU NA 26 -52.91 7.31 33.08
CA LEU NA 26 -51.81 7.27 34.05
C LEU NA 26 -52.26 6.74 35.41
N LEU NA 27 -53.50 7.02 35.81
CA LEU NA 27 -54.03 6.45 37.04
C LEU NA 27 -54.16 4.93 36.96
N ALA NA 28 -54.81 4.43 35.92
CA ALA NA 28 -54.96 2.99 35.72
C ALA NA 28 -53.62 2.27 35.61
N VAL NA 29 -52.68 2.82 34.85
CA VAL NA 29 -51.34 2.23 34.76
C VAL NA 29 -50.64 2.20 36.11
N MET NA 30 -50.80 3.24 36.92
CA MET NA 30 -50.22 3.20 38.26
C MET NA 30 -50.83 2.08 39.13
N ILE NA 31 -52.16 1.92 39.11
CA ILE NA 31 -52.78 0.91 39.96
C ILE NA 31 -52.40 -0.51 39.53
N HIS NA 32 -52.36 -0.79 38.23
CA HIS NA 32 -51.88 -2.10 37.79
C HIS NA 32 -50.42 -2.33 38.18
N LEU NA 33 -49.57 -1.30 38.06
CA LEU NA 33 -48.17 -1.45 38.49
C LEU NA 33 -48.03 -1.63 40.00
N ILE NA 34 -48.92 -1.04 40.80
CA ILE NA 34 -48.90 -1.29 42.25
C ILE NA 34 -49.23 -2.75 42.55
N LEU NA 35 -50.22 -3.32 41.85
CA LEU NA 35 -50.60 -4.70 42.10
C LEU NA 35 -49.54 -5.67 41.59
N LEU NA 36 -48.93 -5.38 40.44
CA LEU NA 36 -47.79 -6.17 40.00
C LEU NA 36 -46.60 -6.04 40.95
N SER NA 37 -46.47 -4.90 41.63
CA SER NA 37 -45.46 -4.77 42.66
C SER NA 37 -45.82 -5.52 43.93
N THR NA 38 -47.09 -5.93 44.09
CA THR NA 38 -47.55 -6.56 45.31
C THR NA 38 -47.57 -8.07 45.12
N PRO NA 39 -46.71 -8.82 45.81
CA PRO NA 39 -46.60 -10.26 45.53
C PRO NA 39 -47.90 -11.02 45.73
N SER NA 40 -48.71 -10.62 46.72
CA SER NA 40 -50.01 -11.25 46.95
C SER NA 40 -51.05 -10.89 45.89
N TYR NA 41 -50.73 -10.00 44.96
CA TYR NA 41 -51.68 -9.59 43.92
C TYR NA 41 -51.12 -9.62 42.50
N ASN NA 42 -49.83 -9.87 42.32
CA ASN NA 42 -49.27 -10.05 40.98
C ASN NA 42 -49.86 -11.33 40.38
N TRP NA 43 -50.90 -11.16 39.56
CA TRP NA 43 -51.62 -12.29 38.97
C TRP NA 43 -50.72 -13.21 38.17
N LEU NA 44 -49.68 -12.68 37.53
CA LEU NA 44 -48.78 -13.52 36.75
C LEU NA 44 -47.92 -14.42 37.63
N GLU NA 45 -47.66 -14.01 38.87
CA GLU NA 45 -46.91 -14.83 39.80
C GLU NA 45 -47.81 -15.69 40.71
N ILE NA 46 -49.03 -15.23 40.99
CA ILE NA 46 -50.01 -16.08 41.66
C ILE NA 46 -50.28 -17.34 40.85
N SER NA 47 -50.61 -17.19 39.57
CA SER NA 47 -50.90 -18.35 38.73
C SER NA 47 -49.67 -19.18 38.41
N ALA NA 48 -48.47 -18.61 38.52
CA ALA NA 48 -47.26 -19.42 38.41
C ALA NA 48 -47.18 -20.46 39.52
N ALA NA 49 -47.50 -20.06 40.76
CA ALA NA 49 -47.51 -21.01 41.86
C ALA NA 49 -48.65 -22.02 41.73
N LYS NA 50 -49.85 -21.53 41.40
CA LYS NA 50 -51.03 -22.39 41.30
C LYS NA 50 -50.81 -23.56 40.33
N TYR NA 51 -50.15 -23.30 39.21
CA TYR NA 51 -49.89 -24.32 38.20
C TYR NA 51 -48.46 -24.84 38.23
N ASN NA 52 -47.71 -24.55 39.30
CA ASN NA 52 -46.37 -25.12 39.53
C ASN NA 52 -45.40 -24.85 38.38
N ARG NA 53 -45.56 -23.70 37.71
CA ARG NA 53 -44.91 -23.47 36.44
C ARG NA 53 -43.40 -23.29 36.55
N VAL NA 54 -42.88 -22.99 37.73
CA VAL NA 54 -41.46 -22.66 37.92
C VAL NA 54 -40.82 -23.73 38.81
N ALA NA 55 -39.80 -24.39 38.27
CA ALA NA 55 -39.01 -25.38 39.00
C ALA NA 55 -39.87 -26.46 39.64
N FME OA 1 -72.34 33.21 55.83
CN FME OA 1 -71.82 34.29 55.15
O1 FME OA 1 -71.59 34.30 53.92
CA FME OA 1 -72.70 31.95 55.27
CB FME OA 1 -73.60 31.11 56.20
CG FME OA 1 -72.92 30.79 57.50
SD FME OA 1 -71.60 29.66 57.16
CE FME OA 1 -71.36 28.92 58.73
C FME OA 1 -73.46 32.05 53.93
O FME OA 1 -73.11 31.46 52.91
N SER OA 2 -74.53 32.83 53.97
CA SER OA 2 -75.44 32.95 52.84
C SER OA 2 -75.06 34.10 51.90
N LYS OA 3 -73.84 34.63 52.06
CA LYS OA 3 -73.38 35.73 51.22
C LYS OA 3 -71.95 35.55 50.72
N PHE OA 4 -71.37 34.35 50.85
CA PHE OA 4 -70.05 34.05 50.31
C PHE OA 4 -70.00 34.06 48.78
N TYR OA 5 -71.14 33.91 48.11
CA TYR OA 5 -71.19 33.73 46.66
C TYR OA 5 -70.49 34.82 45.85
N LYS OA 6 -70.34 36.03 46.39
CA LYS OA 6 -69.64 37.09 45.67
C LYS OA 6 -68.16 36.80 45.44
N ILE OA 7 -67.61 35.74 46.06
CA ILE OA 7 -66.23 35.32 45.78
C ILE OA 7 -65.97 35.08 44.30
N TRP OA 8 -66.98 34.62 43.56
CA TRP OA 8 -66.83 34.40 42.11
C TRP OA 8 -66.84 35.69 41.31
N MET OA 9 -66.99 36.83 41.96
CA MET OA 9 -66.78 38.13 41.34
C MET OA 9 -65.37 38.63 41.55
N ILE OA 10 -64.67 38.10 42.54
CA ILE OA 10 -63.27 38.42 42.81
C ILE OA 10 -62.34 37.53 42.00
N PHE OA 11 -62.58 36.22 42.01
CA PHE OA 11 -61.70 35.23 41.38
C PHE OA 11 -62.36 34.59 40.17
N ASP OA 12 -61.60 34.50 39.07
CA ASP OA 12 -62.01 33.83 37.86
C ASP OA 12 -62.26 32.35 38.14
N PRO OA 13 -63.49 31.85 37.96
CA PRO OA 13 -63.79 30.45 38.29
C PRO OA 13 -62.92 29.44 37.56
N ARG OA 14 -62.48 29.74 36.34
CA ARG OA 14 -61.65 28.80 35.59
C ARG OA 14 -60.34 28.52 36.33
N ARG OA 15 -59.67 29.57 36.79
CA ARG OA 15 -58.42 29.39 37.52
C ARG OA 15 -58.66 28.73 38.87
N VAL OA 16 -59.76 29.08 39.55
CA VAL OA 16 -60.08 28.48 40.84
C VAL OA 16 -60.39 26.99 40.71
N PHE OA 17 -61.12 26.60 39.66
CA PHE OA 17 -61.46 25.19 39.50
C PHE OA 17 -60.25 24.35 39.11
N VAL OA 18 -59.41 24.85 38.20
CA VAL OA 18 -58.14 24.17 37.91
C VAL OA 18 -57.27 24.06 39.16
N ALA OA 19 -57.11 25.16 39.88
CA ALA OA 19 -56.25 25.14 41.07
C ALA OA 19 -56.79 24.22 42.16
N GLN OA 20 -58.09 24.29 42.42
CA GLN OA 20 -58.72 23.41 43.40
C GLN OA 20 -58.63 21.94 43.00
N GLY OA 21 -58.91 21.63 41.74
CA GLY OA 21 -58.89 20.24 41.30
C GLY OA 21 -57.51 19.61 41.38
N VAL OA 22 -56.48 20.34 40.94
CA VAL OA 22 -55.11 19.87 41.09
C VAL OA 22 -54.78 19.67 42.56
N PHE OA 23 -55.08 20.66 43.39
CA PHE OA 23 -54.81 20.58 44.83
C PHE OA 23 -55.45 19.37 45.48
N LEU OA 24 -56.75 19.17 45.26
CA LEU OA 24 -57.46 18.07 45.90
C LEU OA 24 -56.94 16.70 45.43
N PHE OA 25 -56.58 16.57 44.16
CA PHE OA 25 -55.99 15.32 43.69
C PHE OA 25 -54.65 15.02 44.34
N LEU OA 26 -53.75 16.01 44.37
CA LEU OA 26 -52.43 15.80 44.95
C LEU OA 26 -52.52 15.50 46.44
N LEU OA 27 -53.46 16.15 47.15
CA LEU OA 27 -53.68 15.87 48.56
C LEU OA 27 -54.16 14.45 48.78
N ALA OA 28 -55.15 14.01 48.01
CA ALA OA 28 -55.66 12.64 48.11
C ALA OA 28 -54.58 11.60 47.82
N VAL OA 29 -53.79 11.81 46.76
CA VAL OA 29 -52.70 10.90 46.44
C VAL OA 29 -51.66 10.86 47.57
N MET OA 30 -51.30 12.03 48.09
CA MET OA 30 -50.38 12.09 49.22
C MET OA 30 -50.89 11.30 50.43
N ILE OA 31 -52.17 11.45 50.77
CA ILE OA 31 -52.73 10.72 51.91
C ILE OA 31 -52.73 9.20 51.66
N HIS OA 32 -53.18 8.76 50.49
CA HIS OA 32 -53.15 7.32 50.21
C HIS OA 32 -51.73 6.75 50.26
N LEU OA 33 -50.74 7.48 49.73
CA LEU OA 33 -49.36 7.00 49.77
C LEU OA 33 -48.78 6.97 51.19
N ILE OA 34 -49.14 7.93 52.03
CA ILE OA 34 -48.81 7.83 53.45
C ILE OA 34 -49.38 6.56 54.08
N LEU OA 35 -50.64 6.22 53.75
CA LEU OA 35 -51.24 5.01 54.30
C LEU OA 35 -50.60 3.75 53.75
N LEU OA 36 -50.35 3.69 52.44
CA LEU OA 36 -49.67 2.53 51.87
C LEU OA 36 -48.29 2.31 52.47
N SER OA 37 -47.58 3.38 52.81
CA SER OA 37 -46.26 3.26 53.41
C SER OA 37 -46.29 3.08 54.92
N THR OA 38 -47.48 3.13 55.53
CA THR OA 38 -47.63 2.83 56.95
C THR OA 38 -48.06 1.37 57.12
N PRO OA 39 -47.24 0.52 57.74
CA PRO OA 39 -47.54 -0.93 57.72
C PRO OA 39 -48.85 -1.30 58.37
N SER OA 40 -49.31 -0.53 59.36
CA SER OA 40 -50.57 -0.79 60.04
C SER OA 40 -51.80 -0.38 59.22
N TYR OA 41 -51.62 0.26 58.06
CA TYR OA 41 -52.72 0.71 57.24
C TYR OA 41 -52.60 0.36 55.78
N ASN OA 42 -51.49 -0.23 55.34
CA ASN OA 42 -51.44 -0.81 54.01
C ASN OA 42 -52.47 -1.92 53.90
N TRP OA 43 -53.58 -1.65 53.21
CA TRP OA 43 -54.64 -2.64 53.06
C TRP OA 43 -54.18 -3.87 52.28
N LEU OA 44 -53.24 -3.71 51.35
CA LEU OA 44 -52.74 -4.86 50.59
C LEU OA 44 -51.96 -5.84 51.47
N GLU OA 45 -51.27 -5.33 52.49
CA GLU OA 45 -50.57 -6.20 53.43
C GLU OA 45 -51.45 -6.69 54.57
N ILE OA 46 -52.43 -5.89 55.00
CA ILE OA 46 -53.42 -6.37 55.96
C ILE OA 46 -54.17 -7.58 55.41
N SER OA 47 -54.66 -7.47 54.18
CA SER OA 47 -55.41 -8.58 53.58
C SER OA 47 -54.53 -9.80 53.34
N ALA OA 48 -53.27 -9.61 52.93
CA ALA OA 48 -52.39 -10.74 52.71
C ALA OA 48 -52.08 -11.48 54.02
N ALA OA 49 -52.05 -10.78 55.15
CA ALA OA 49 -51.95 -11.46 56.44
C ALA OA 49 -53.23 -12.20 56.77
N LYS OA 50 -54.37 -11.52 56.70
CA LYS OA 50 -55.66 -12.10 57.08
C LYS OA 50 -55.94 -13.39 56.32
N TYR OA 51 -55.76 -13.38 55.00
CA TYR OA 51 -56.02 -14.54 54.16
C TYR OA 51 -54.80 -15.41 53.92
N ASN OA 52 -53.71 -15.21 54.69
CA ASN OA 52 -52.52 -16.07 54.64
C ASN OA 52 -51.96 -16.23 53.22
N ARG OA 53 -51.87 -15.12 52.48
CA ARG OA 53 -51.58 -15.18 51.06
C ARG OA 53 -50.08 -15.22 50.74
N VAL OA 54 -49.22 -14.81 51.68
CA VAL OA 54 -47.82 -14.55 51.33
C VAL OA 54 -47.06 -15.84 51.13
N ALA OA 55 -47.17 -16.77 52.08
CA ALA OA 55 -46.45 -18.04 51.99
C ALA OA 55 -47.04 -18.94 50.91
N FME PA 1 -61.00 48.29 66.60
CN FME PA 1 -60.54 49.53 66.22
O1 FME PA 1 -60.38 49.87 65.04
CA FME PA 1 -61.33 47.23 65.69
CB FME PA 1 -61.95 46.01 66.41
CG FME PA 1 -61.12 45.53 67.57
SD FME PA 1 -61.76 43.94 68.01
CE FME PA 1 -60.83 43.53 69.44
C FME PA 1 -62.34 47.60 64.60
O FME PA 1 -62.34 47.08 63.48
N SER PA 2 -63.22 48.53 64.95
CA SER PA 2 -64.34 48.90 64.06
C SER PA 2 -63.95 49.61 62.76
N LYS PA 3 -62.73 50.13 62.67
CA LYS PA 3 -62.23 50.73 61.45
C LYS PA 3 -61.22 49.87 60.69
N PHE PA 4 -60.97 48.64 61.14
CA PHE PA 4 -60.08 47.74 60.41
C PHE PA 4 -60.54 47.44 58.99
N TYR PA 5 -61.84 47.60 58.70
CA TYR PA 5 -62.33 47.40 57.34
C TYR PA 5 -61.66 48.30 56.29
N LYS PA 6 -61.12 49.44 56.69
CA LYS PA 6 -60.41 50.33 55.77
C LYS PA 6 -59.11 49.73 55.23
N ILE PA 7 -58.70 48.55 55.70
CA ILE PA 7 -57.63 47.81 55.06
C ILE PA 7 -57.91 47.55 53.58
N TRP PA 8 -59.19 47.43 53.20
CA TRP PA 8 -59.54 47.19 51.81
C TRP PA 8 -59.48 48.44 50.94
N MET PA 9 -59.23 49.59 51.54
CA MET PA 9 -58.79 50.78 50.82
C MET PA 9 -57.30 50.79 50.59
N ILE PA 10 -56.55 50.08 51.44
CA ILE PA 10 -55.10 49.95 51.30
C ILE PA 10 -54.72 48.85 50.31
N PHE PA 11 -55.29 47.66 50.46
CA PHE PA 11 -54.85 46.50 49.69
C PHE PA 11 -55.98 45.83 48.93
N ASP PA 12 -55.65 45.38 47.72
CA ASP PA 12 -56.50 44.61 46.81
C ASP PA 12 -56.82 43.24 47.42
N PRO PA 13 -58.09 42.99 47.77
CA PRO PA 13 -58.44 41.69 48.38
C PRO PA 13 -58.13 40.50 47.50
N ARG PA 14 -58.16 40.70 46.18
CA ARG PA 14 -57.84 39.63 45.23
C ARG PA 14 -56.42 39.11 45.44
N ARG PA 15 -55.47 40.01 45.73
CA ARG PA 15 -54.11 39.57 46.05
C ARG PA 15 -54.04 39.02 47.47
N VAL PA 16 -54.60 39.77 48.43
CA VAL PA 16 -54.50 39.43 49.84
C VAL PA 16 -55.08 38.04 50.13
N PHE PA 17 -56.25 37.74 49.56
CA PHE PA 17 -56.87 36.44 49.81
C PHE PA 17 -56.03 35.28 49.29
N VAL PA 18 -55.40 35.44 48.12
CA VAL PA 18 -54.50 34.41 47.61
C VAL PA 18 -53.31 34.21 48.53
N ALA PA 19 -52.65 35.30 48.91
CA ALA PA 19 -51.50 35.21 49.82
C ALA PA 19 -51.89 34.58 51.15
N GLN PA 20 -53.04 34.98 51.70
CA GLN PA 20 -53.51 34.41 52.96
C GLN PA 20 -53.87 32.94 52.82
N GLY PA 21 -54.51 32.55 51.71
CA GLY PA 21 -54.80 31.14 51.48
C GLY PA 21 -53.57 30.29 51.25
N VAL PA 22 -52.59 30.81 50.51
CA VAL PA 22 -51.31 30.12 50.36
C VAL PA 22 -50.61 29.96 51.71
N PHE PA 23 -50.50 31.06 52.47
CA PHE PA 23 -49.83 31.02 53.77
C PHE PA 23 -50.46 30.01 54.72
N LEU PA 24 -51.79 30.08 54.89
CA LEU PA 24 -52.46 29.18 55.81
C LEU PA 24 -52.36 27.71 55.39
N PHE PA 25 -52.38 27.44 54.09
CA PHE PA 25 -52.13 26.08 53.64
C PHE PA 25 -50.73 25.59 53.98
N LEU PA 26 -49.71 26.39 53.67
CA LEU PA 26 -48.34 26.00 53.97
C LEU PA 26 -48.13 25.81 55.47
N LEU PA 27 -48.69 26.72 56.27
CA LEU PA 27 -48.60 26.62 57.72
C LEU PA 27 -49.26 25.34 58.25
N ALA PA 28 -50.48 25.03 57.80
CA ALA PA 28 -51.18 23.83 58.24
C ALA PA 28 -50.45 22.54 57.85
N VAL PA 29 -49.99 22.45 56.61
CA VAL PA 29 -49.26 21.26 56.16
C VAL PA 29 -47.96 21.10 56.96
N MET PA 30 -47.22 22.18 57.14
CA MET PA 30 -45.98 22.14 57.89
C MET PA 30 -46.17 21.65 59.34
N ILE PA 31 -47.21 22.12 60.03
CA ILE PA 31 -47.49 21.61 61.38
C ILE PA 31 -47.83 20.12 61.37
N HIS PA 32 -48.73 19.69 60.49
CA HIS PA 32 -49.07 18.26 60.42
C HIS PA 32 -47.86 17.39 60.12
N LEU PA 33 -46.95 17.86 59.25
CA LEU PA 33 -45.72 17.10 58.99
C LEU PA 33 -44.79 17.04 60.19
N ILE PA 34 -44.67 18.13 60.95
CA ILE PA 34 -43.90 18.10 62.20
C ILE PA 34 -44.49 17.08 63.18
N LEU PA 35 -45.82 17.08 63.34
CA LEU PA 35 -46.45 16.13 64.24
C LEU PA 35 -46.28 14.69 63.76
N LEU PA 36 -46.43 14.43 62.46
CA LEU PA 36 -46.19 13.08 61.94
C LEU PA 36 -44.77 12.63 62.22
N SER PA 37 -43.80 13.53 62.10
CA SER PA 37 -42.42 13.16 62.38
C SER PA 37 -42.18 12.91 63.85
N THR PA 38 -42.89 13.63 64.72
CA THR PA 38 -42.71 13.50 66.16
C THR PA 38 -43.21 12.15 66.67
N PRO PA 39 -42.35 11.31 67.24
CA PRO PA 39 -42.79 9.97 67.65
C PRO PA 39 -43.94 9.96 68.64
N SER PA 40 -43.99 10.91 69.57
CA SER PA 40 -45.03 10.96 70.58
C SER PA 40 -46.37 11.46 70.06
N TYR PA 41 -46.43 11.94 68.82
CA TYR PA 41 -47.66 12.50 68.27
C TYR PA 41 -48.10 11.89 66.95
N ASN PA 42 -47.32 11.00 66.35
CA ASN PA 42 -47.72 10.33 65.13
C ASN PA 42 -48.97 9.50 65.39
N TRP PA 43 -50.14 10.07 65.07
CA TRP PA 43 -51.42 9.45 65.44
C TRP PA 43 -51.60 8.07 64.81
N LEU PA 44 -51.03 7.82 63.64
CA LEU PA 44 -51.12 6.48 63.05
C LEU PA 44 -50.32 5.46 63.84
N GLU PA 45 -49.08 5.79 64.21
CA GLU PA 45 -48.27 4.88 65.01
C GLU PA 45 -48.77 4.77 66.44
N ILE PA 46 -49.39 5.82 66.97
CA ILE PA 46 -50.02 5.73 68.28
C ILE PA 46 -51.16 4.71 68.27
N SER PA 47 -51.99 4.74 67.24
CA SER PA 47 -53.10 3.80 67.13
C SER PA 47 -52.61 2.37 66.91
N ALA PA 48 -51.55 2.20 66.12
CA ALA PA 48 -50.98 0.87 65.93
C ALA PA 48 -50.49 0.25 67.22
N ALA PA 49 -49.94 1.07 68.13
CA ALA PA 49 -49.57 0.58 69.45
C ALA PA 49 -50.79 0.24 70.28
N LYS PA 50 -51.79 1.13 70.28
CA LYS PA 50 -52.97 0.95 71.11
C LYS PA 50 -53.73 -0.33 70.78
N TYR PA 51 -53.96 -0.58 69.50
CA TYR PA 51 -54.67 -1.78 69.05
C TYR PA 51 -53.77 -2.99 68.78
N ASN PA 52 -52.49 -2.90 69.14
CA ASN PA 52 -51.53 -4.01 69.01
C ASN PA 52 -51.30 -4.44 67.57
N ARG PA 53 -51.68 -3.60 66.60
CA ARG PA 53 -51.55 -3.94 65.19
C ARG PA 53 -50.11 -4.25 64.79
N VAL PA 54 -49.13 -3.73 65.54
CA VAL PA 54 -47.72 -4.04 65.30
C VAL PA 54 -47.40 -5.52 65.51
N ALA PA 55 -48.24 -6.24 66.26
CA ALA PA 55 -47.97 -7.65 66.53
C ALA PA 55 -49.24 -8.48 66.34
N FME QA 1 -43.85 62.82 70.85
CN FME QA 1 -43.67 63.58 69.72
O1 FME QA 1 -44.07 63.24 68.60
CA FME QA 1 -44.53 61.55 70.89
CB FME QA 1 -44.60 60.98 72.31
CG FME QA 1 -45.14 59.57 72.33
SD FME QA 1 -44.72 58.88 73.90
CE FME QA 1 -45.51 59.97 75.01
C FME QA 1 -45.96 61.63 70.36
O FME QA 1 -46.50 60.72 69.72
N SER QA 2 -46.59 62.77 70.63
CA SER QA 2 -47.92 63.06 70.11
C SER QA 2 -47.95 63.28 68.60
N LYS QA 3 -46.78 63.50 68.00
CA LYS QA 3 -46.65 63.60 66.54
C LYS QA 3 -46.02 62.37 65.90
N PHE QA 4 -45.96 61.25 66.60
CA PHE QA 4 -45.52 60.01 65.95
C PHE QA 4 -46.37 59.65 64.74
N TYR QA 5 -47.62 60.12 64.68
CA TYR QA 5 -48.45 59.97 63.49
C TYR QA 5 -47.88 60.66 62.25
N LYS QA 6 -47.01 61.67 62.42
CA LYS QA 6 -46.56 62.45 61.28
C LYS QA 6 -45.82 61.60 60.25
N ILE QA 7 -45.36 60.41 60.65
CA ILE QA 7 -44.72 59.43 59.78
C ILE QA 7 -45.54 59.04 58.55
N TRP QA 8 -46.87 59.06 58.65
CA TRP QA 8 -47.69 58.59 57.54
C TRP QA 8 -47.78 59.56 56.36
N MET QA 9 -47.39 60.82 56.55
CA MET QA 9 -47.18 61.70 55.41
C MET QA 9 -45.82 61.47 54.77
N ILE QA 10 -44.93 60.75 55.45
CA ILE QA 10 -43.61 60.43 54.96
C ILE QA 10 -43.57 59.05 54.28
N PHE QA 11 -44.13 58.04 54.93
CA PHE QA 11 -44.09 56.66 54.44
C PHE QA 11 -45.47 56.15 54.02
N ASP QA 12 -45.50 55.48 52.88
CA ASP QA 12 -46.73 54.93 52.30
C ASP QA 12 -47.22 53.74 53.12
N PRO QA 13 -48.48 53.72 53.56
CA PRO QA 13 -48.99 52.59 54.35
C PRO QA 13 -48.90 51.24 53.64
N ARG QA 14 -49.03 51.20 52.32
CA ARG QA 14 -48.91 49.93 51.61
C ARG QA 14 -47.52 49.33 51.78
N ARG QA 15 -46.49 50.18 51.65
CA ARG QA 15 -45.12 49.73 51.87
C ARG QA 15 -44.89 49.32 53.32
N VAL QA 16 -45.36 50.15 54.27
CA VAL QA 16 -45.11 49.93 55.68
C VAL QA 16 -45.83 48.69 56.20
N PHE QA 17 -47.10 48.49 55.81
CA PHE QA 17 -47.83 47.32 56.32
C PHE QA 17 -47.25 46.02 55.78
N VAL QA 18 -46.89 45.96 54.50
CA VAL QA 18 -46.24 44.76 53.96
C VAL QA 18 -44.88 44.53 54.63
N ALA QA 19 -44.05 45.57 54.70
CA ALA QA 19 -42.73 45.42 55.32
C ALA QA 19 -42.81 44.96 56.76
N GLN QA 20 -43.74 45.51 57.54
CA GLN QA 20 -43.92 45.09 58.92
C GLN QA 20 -44.56 43.71 59.02
N GLY QA 21 -45.50 43.40 58.14
CA GLY QA 21 -46.08 42.05 58.12
C GLY QA 21 -45.08 40.96 57.85
N VAL QA 22 -44.16 41.19 56.91
CA VAL QA 22 -43.09 40.23 56.65
C VAL QA 22 -42.15 40.15 57.85
N PHE QA 23 -41.78 41.31 58.41
CA PHE QA 23 -40.85 41.34 59.54
C PHE QA 23 -41.37 40.53 60.73
N LEU QA 24 -42.58 40.84 61.18
CA LEU QA 24 -43.10 40.20 62.39
C LEU QA 24 -43.25 38.69 62.24
N PHE QA 25 -43.72 38.23 61.07
CA PHE QA 25 -43.83 36.80 60.82
C PHE QA 25 -42.48 36.10 60.93
N LEU QA 26 -41.44 36.65 60.29
CA LEU QA 26 -40.13 36.01 60.34
C LEU QA 26 -39.50 36.07 61.73
N LEU QA 27 -39.71 37.15 62.47
CA LEU QA 27 -39.25 37.22 63.85
C LEU QA 27 -39.92 36.15 64.73
N ALA QA 28 -41.24 36.02 64.61
CA ALA QA 28 -41.97 35.00 65.36
C ALA QA 28 -41.50 33.58 65.02
N VAL QA 29 -41.37 33.27 63.73
CA VAL QA 29 -40.88 31.95 63.31
C VAL QA 29 -39.45 31.73 63.79
N MET QA 30 -38.60 32.76 63.70
CA MET QA 30 -37.25 32.67 64.23
C MET QA 30 -37.23 32.29 65.71
N ILE QA 31 -38.10 32.91 66.52
CA ILE QA 31 -38.11 32.58 67.95
C ILE QA 31 -38.66 31.17 68.21
N HIS QA 32 -39.77 30.79 67.55
CA HIS QA 32 -40.24 29.41 67.71
C HIS QA 32 -39.19 28.39 67.25
N LEU QA 33 -38.48 28.69 66.16
CA LEU QA 33 -37.35 27.85 65.74
C LEU QA 33 -36.27 27.75 66.82
N ILE QA 34 -35.88 28.89 67.40
CA ILE QA 34 -34.86 28.89 68.45
C ILE QA 34 -35.29 28.04 69.65
N LEU QA 35 -36.57 28.13 70.04
CA LEU QA 35 -37.03 27.36 71.20
C LEU QA 35 -37.18 25.88 70.88
N LEU QA 36 -37.73 25.55 69.70
CA LEU QA 36 -37.81 24.14 69.32
C LEU QA 36 -36.44 23.50 69.18
N SER QA 37 -35.42 24.28 68.81
CA SER QA 37 -34.06 23.77 68.75
C SER QA 37 -33.43 23.64 70.14
N THR QA 38 -34.09 24.10 71.19
CA THR QA 38 -33.55 24.08 72.54
C THR QA 38 -34.24 22.98 73.34
N PRO QA 39 -33.50 21.96 73.80
CA PRO QA 39 -34.16 20.85 74.51
C PRO QA 39 -34.90 21.25 75.77
N SER QA 40 -34.44 22.29 76.47
CA SER QA 40 -35.13 22.74 77.67
C SER QA 40 -36.49 23.39 77.40
N TYR QA 41 -36.82 23.69 76.14
CA TYR QA 41 -38.08 24.35 75.81
C TYR QA 41 -38.89 23.70 74.70
N ASN QA 42 -38.45 22.56 74.15
CA ASN QA 42 -39.23 21.90 73.10
C ASN QA 42 -40.49 21.31 73.73
N TRP QA 43 -41.62 22.01 73.56
CA TRP QA 43 -42.84 21.68 74.29
C TRP QA 43 -43.40 20.32 73.92
N LEU QA 44 -43.23 19.89 72.67
CA LEU QA 44 -43.60 18.53 72.28
C LEU QA 44 -42.74 17.49 72.98
N GLU QA 45 -41.44 17.74 73.11
CA GLU QA 45 -40.53 16.80 73.75
C GLU QA 45 -40.69 16.80 75.28
N ILE QA 46 -40.95 17.97 75.87
CA ILE QA 46 -41.28 18.05 77.28
C ILE QA 46 -42.51 17.20 77.61
N SER QA 47 -43.57 17.33 76.82
CA SER QA 47 -44.76 16.51 77.01
C SER QA 47 -44.47 15.02 76.92
N ALA QA 48 -43.52 14.61 76.08
CA ALA QA 48 -43.21 13.20 75.95
C ALA QA 48 -42.70 12.60 77.24
N ALA QA 49 -41.91 13.36 78.01
CA ALA QA 49 -41.47 12.91 79.32
C ALA QA 49 -42.56 13.06 80.38
N LYS QA 50 -43.22 14.23 80.43
CA LYS QA 50 -44.22 14.50 81.45
C LYS QA 50 -45.32 13.43 81.47
N TYR QA 51 -45.73 12.96 80.30
CA TYR QA 51 -46.72 11.90 80.18
C TYR QA 51 -46.13 10.53 79.87
N ASN QA 52 -44.80 10.41 79.85
CA ASN QA 52 -44.09 9.14 79.64
C ASN QA 52 -44.48 8.46 78.33
N ARG QA 53 -44.90 9.24 77.34
CA ARG QA 53 -45.21 8.72 76.02
C ARG QA 53 -43.97 8.22 75.30
N VAL QA 54 -42.80 8.69 75.73
CA VAL QA 54 -41.52 8.18 75.22
C VAL QA 54 -41.37 6.68 75.49
N ALA QA 55 -40.57 6.03 74.67
CA ALA QA 55 -40.42 4.57 74.65
C ALA QA 55 -41.76 3.85 74.51
N FME RA 1 -25.10 71.84 69.22
CN FME RA 1 -24.49 72.50 68.17
O1 FME RA 1 -24.77 72.29 66.99
CA FME RA 1 -26.12 70.85 69.08
CB FME RA 1 -26.43 70.11 70.39
CG FME RA 1 -27.08 71.03 71.40
SD FME RA 1 -27.58 70.05 72.79
CE FME RA 1 -28.81 69.02 72.09
C FME RA 1 -27.46 71.40 68.57
O FME RA 1 -28.35 70.70 68.09
N SER RA 2 -27.58 72.72 68.68
CA SER RA 2 -28.84 73.41 68.41
C SER RA 2 -29.22 73.37 66.93
N LYS RA 3 -28.23 73.06 66.08
CA LYS RA 3 -28.40 73.03 64.64
C LYS RA 3 -28.21 71.65 64.03
N PHE RA 4 -28.16 70.58 64.85
CA PHE RA 4 -28.24 69.23 64.30
C PHE RA 4 -29.50 69.00 63.48
N TYR RA 5 -30.58 69.76 63.73
CA TYR RA 5 -31.78 69.63 62.92
C TYR RA 5 -31.56 69.89 61.43
N LYS RA 6 -30.48 70.58 61.07
CA LYS RA 6 -30.15 70.82 59.67
C LYS RA 6 -29.71 69.56 58.92
N ILE RA 7 -29.50 68.44 59.63
CA ILE RA 7 -29.39 67.13 58.99
C ILE RA 7 -30.57 66.87 58.04
N TRP RA 8 -31.77 67.30 58.42
CA TRP RA 8 -32.95 67.05 57.61
C TRP RA 8 -33.04 67.98 56.41
N MET RA 9 -32.24 69.04 56.39
CA MET RA 9 -32.12 69.91 55.23
C MET RA 9 -31.18 69.37 54.17
N ILE RA 10 -30.36 68.38 54.51
CA ILE RA 10 -29.39 67.80 53.59
C ILE RA 10 -29.69 66.35 53.25
N PHE RA 11 -30.22 65.56 54.19
CA PHE RA 11 -30.61 64.17 53.94
C PHE RA 11 -32.12 64.00 53.87
N ASP RA 12 -32.57 63.25 52.86
CA ASP RA 12 -33.97 62.85 52.72
C ASP RA 12 -34.41 62.06 53.95
N PRO RA 13 -35.55 62.42 54.57
CA PRO RA 13 -35.93 61.77 55.83
C PRO RA 13 -36.26 60.30 55.72
N ARG RA 14 -36.80 59.84 54.58
CA ARG RA 14 -37.10 58.42 54.44
C ARG RA 14 -35.82 57.59 54.43
N ARG RA 15 -34.83 58.03 53.66
CA ARG RA 15 -33.57 57.31 53.55
C ARG RA 15 -32.87 57.21 54.90
N VAL RA 16 -32.95 58.26 55.72
CA VAL RA 16 -32.36 58.24 57.05
C VAL RA 16 -33.08 57.27 57.98
N PHE RA 17 -34.42 57.36 58.05
CA PHE RA 17 -35.17 56.45 58.93
C PHE RA 17 -35.06 54.99 58.50
N VAL RA 18 -35.04 54.71 57.20
CA VAL RA 18 -34.78 53.35 56.75
C VAL RA 18 -33.37 52.89 57.11
N ALA RA 19 -32.36 53.68 56.75
CA ALA RA 19 -30.98 53.29 57.01
C ALA RA 19 -30.73 53.07 58.49
N GLN RA 20 -31.35 53.86 59.35
CA GLN RA 20 -31.16 53.72 60.79
C GLN RA 20 -31.99 52.57 61.37
N GLY RA 21 -33.20 52.36 60.86
CA GLY RA 21 -33.94 51.14 61.19
C GLY RA 21 -33.20 49.88 60.83
N VAL RA 22 -32.71 49.80 59.60
CA VAL RA 22 -31.93 48.64 59.15
C VAL RA 22 -30.74 48.40 60.06
N PHE RA 23 -29.99 49.46 60.37
CA PHE RA 23 -28.83 49.36 61.24
C PHE RA 23 -29.18 48.78 62.61
N LEU RA 24 -30.18 49.37 63.28
CA LEU RA 24 -30.51 48.96 64.64
C LEU RA 24 -31.02 47.52 64.70
N PHE RA 25 -31.77 47.07 63.69
CA PHE RA 25 -32.17 45.67 63.62
C PHE RA 25 -30.97 44.73 63.57
N LEU RA 26 -30.09 44.93 62.60
CA LEU RA 26 -28.95 44.03 62.43
C LEU RA 26 -28.02 44.03 63.64
N LEU RA 27 -27.79 45.21 64.23
CA LEU RA 27 -26.99 45.30 65.45
C LEU RA 27 -27.62 44.55 66.62
N ALA RA 28 -28.92 44.77 66.86
CA ALA RA 28 -29.60 44.11 67.97
C ALA RA 28 -29.59 42.58 67.85
N VAL RA 29 -29.85 42.05 66.65
CA VAL RA 29 -29.78 40.60 66.46
C VAL RA 29 -28.36 40.10 66.68
N MET RA 30 -27.37 40.82 66.16
CA MET RA 30 -25.98 40.41 66.33
C MET RA 30 -25.59 40.27 67.79
N ILE RA 31 -25.98 41.24 68.63
CA ILE RA 31 -25.62 41.17 70.06
C ILE RA 31 -26.36 40.02 70.76
N HIS RA 32 -27.66 39.84 70.47
CA HIS RA 32 -28.35 38.69 71.05
C HIS RA 32 -27.73 37.36 70.62
N LEU RA 33 -27.28 37.26 69.36
CA LEU RA 33 -26.60 36.06 68.91
C LEU RA 33 -25.23 35.89 69.56
N ILE RA 34 -24.49 36.98 69.76
CA ILE RA 34 -23.24 36.91 70.52
C ILE RA 34 -23.48 36.40 71.94
N LEU RA 35 -24.57 36.81 72.58
CA LEU RA 35 -24.83 36.36 73.95
C LEU RA 35 -25.35 34.93 74.01
N LEU RA 36 -26.20 34.52 73.06
CA LEU RA 36 -26.56 33.11 72.95
C LEU RA 36 -25.34 32.23 72.70
N SER RA 37 -24.40 32.73 71.89
CA SER RA 37 -23.13 32.03 71.65
C SER RA 37 -22.15 32.12 72.81
N THR RA 38 -22.51 32.78 73.91
CA THR RA 38 -21.62 32.89 75.06
C THR RA 38 -22.14 32.03 76.19
N PRO RA 39 -21.39 31.00 76.59
CA PRO RA 39 -21.92 30.02 77.56
C PRO RA 39 -22.37 30.64 78.87
N SER RA 40 -21.76 31.74 79.30
CA SER RA 40 -22.08 32.37 80.56
C SER RA 40 -23.29 33.31 80.49
N TYR RA 41 -23.80 33.60 79.29
CA TYR RA 41 -24.89 34.54 79.14
C TYR RA 41 -26.09 34.01 78.36
N ASN RA 42 -26.01 32.81 77.79
CA ASN RA 42 -27.18 32.18 77.18
C ASN RA 42 -28.25 31.96 78.24
N TRP RA 43 -29.28 32.81 78.23
CA TRP RA 43 -30.32 32.77 79.26
C TRP RA 43 -31.10 31.46 79.25
N LEU RA 44 -31.27 30.83 78.08
CA LEU RA 44 -32.00 29.57 78.03
C LEU RA 44 -31.20 28.45 78.68
N GLU RA 45 -29.90 28.37 78.42
CA GLU RA 45 -29.07 27.34 79.04
C GLU RA 45 -28.80 27.64 80.51
N ILE RA 46 -28.76 28.91 80.90
CA ILE RA 46 -28.66 29.27 82.32
C ILE RA 46 -29.87 28.75 83.09
N SER RA 47 -31.08 29.14 82.68
CA SER RA 47 -32.28 28.67 83.37
C SER RA 47 -32.44 27.16 83.31
N ALA RA 48 -31.97 26.52 82.25
CA ALA RA 48 -32.03 25.06 82.19
C ALA RA 48 -31.20 24.43 83.30
N ALA RA 49 -30.03 24.97 83.59
CA ALA RA 49 -29.24 24.49 84.72
C ALA RA 49 -29.88 24.86 86.04
N LYS RA 50 -30.34 26.11 86.19
CA LYS RA 50 -30.92 26.59 87.44
C LYS RA 50 -32.08 25.73 87.91
N TYR RA 51 -32.85 25.16 86.98
CA TYR RA 51 -34.03 24.37 87.31
C TYR RA 51 -33.90 22.90 86.91
N ASN RA 52 -32.69 22.43 86.64
CA ASN RA 52 -32.41 21.01 86.36
C ASN RA 52 -33.22 20.49 85.17
N ARG RA 53 -33.45 21.34 84.18
CA ARG RA 53 -33.99 20.92 82.90
C ARG RA 53 -32.87 20.32 82.05
N VAL RA 54 -33.26 19.57 81.01
CA VAL RA 54 -32.28 19.04 80.07
C VAL RA 54 -31.60 20.20 79.34
N ALA RA 55 -30.26 20.18 79.34
CA ALA RA 55 -29.47 21.33 78.95
C ALA RA 55 -28.25 20.91 78.15
N FME SA 1 -5.90 76.11 58.97
CN FME SA 1 -5.91 76.45 57.63
O1 FME SA 1 -6.81 76.13 56.83
CA FME SA 1 -6.91 75.33 59.62
CB FME SA 1 -6.55 75.09 61.11
CG FME SA 1 -7.70 74.76 62.03
SD FME SA 1 -8.40 76.24 62.69
CE FME SA 1 -7.72 76.29 64.30
C FME SA 1 -8.30 75.96 59.52
O FME SA 1 -9.33 75.31 59.38
N SER SA 2 -8.31 77.28 59.60
CA SER SA 2 -9.55 78.05 59.66
C SER SA 2 -10.37 77.89 58.38
N LYS SA 3 -9.71 77.54 57.29
CA LYS SA 3 -10.34 77.31 56.00
C LYS SA 3 -10.73 75.85 55.75
N PHE SA 4 -10.56 74.95 56.73
CA PHE SA 4 -10.93 73.54 56.55
C PHE SA 4 -12.35 73.35 56.02
N TYR SA 5 -13.28 74.21 56.41
CA TYR SA 5 -14.66 74.11 55.95
C TYR SA 5 -14.83 74.16 54.43
N LYS SA 6 -13.87 74.72 53.70
CA LYS SA 6 -13.93 74.72 52.24
C LYS SA 6 -13.84 73.32 51.63
N ILE SA 7 -13.56 72.28 52.42
CA ILE SA 7 -13.77 70.90 51.99
C ILE SA 7 -15.18 70.64 51.47
N TRP SA 8 -16.19 71.31 52.04
CA TRP SA 8 -17.56 71.11 51.59
C TRP SA 8 -17.87 71.82 50.27
N MET SA 9 -16.94 72.60 49.74
CA MET SA 9 -17.01 73.06 48.36
C MET SA 9 -16.50 72.00 47.39
N ILE SA 10 -15.75 71.03 47.90
CA ILE SA 10 -15.09 70.01 47.09
C ILE SA 10 -15.87 68.70 47.07
N PHE SA 11 -16.41 68.28 48.22
CA PHE SA 11 -17.13 67.02 48.34
C PHE SA 11 -18.58 67.24 48.75
N ASP SA 12 -19.49 66.53 48.07
CA ASP SA 12 -20.90 66.47 48.40
C ASP SA 12 -21.04 65.86 49.79
N PRO SA 13 -21.50 66.63 50.79
CA PRO SA 13 -21.47 66.12 52.17
C PRO SA 13 -22.40 64.93 52.42
N ARG SA 14 -23.40 64.71 51.57
CA ARG SA 14 -24.20 63.50 51.68
C ARG SA 14 -23.34 62.25 51.48
N ARG SA 15 -22.49 62.27 50.45
CA ARG SA 15 -21.61 61.14 50.18
C ARG SA 15 -20.53 60.98 51.25
N VAL SA 16 -20.00 62.08 51.77
CA VAL SA 16 -19.01 62.01 52.84
C VAL SA 16 -19.63 61.47 54.12
N PHE SA 17 -20.82 61.95 54.48
CA PHE SA 17 -21.46 61.47 55.72
C PHE SA 17 -21.84 59.99 55.64
N VAL SA 18 -22.36 59.53 54.50
CA VAL SA 18 -22.59 58.10 54.32
C VAL SA 18 -21.29 57.31 54.42
N ALA SA 19 -20.26 57.74 53.67
CA ALA SA 19 -18.99 57.03 53.68
C ALA SA 19 -18.35 57.01 55.07
N GLN SA 20 -18.42 58.13 55.78
CA GLN SA 20 -17.84 58.21 57.12
C GLN SA 20 -18.56 57.30 58.10
N GLY SA 21 -19.90 57.28 58.05
CA GLY SA 21 -20.65 56.42 58.96
C GLY SA 21 -20.29 54.95 58.87
N VAL SA 22 -20.23 54.41 57.66
CA VAL SA 22 -19.88 52.99 57.51
C VAL SA 22 -18.42 52.74 57.82
N PHE SA 23 -17.54 53.71 57.56
CA PHE SA 23 -16.15 53.58 57.97
C PHE SA 23 -16.02 53.44 59.48
N LEU SA 24 -16.64 54.36 60.23
CA LEU SA 24 -16.56 54.33 61.68
C LEU SA 24 -17.14 53.04 62.26
N PHE SA 25 -18.31 52.62 61.78
CA PHE SA 25 -18.93 51.41 62.32
C PHE SA 25 -18.11 50.15 62.04
N LEU SA 26 -17.62 49.98 60.80
CA LEU SA 26 -16.77 48.82 60.53
C LEU SA 26 -15.49 48.83 61.36
N LEU SA 27 -14.89 50.01 61.55
CA LEU SA 27 -13.69 50.10 62.38
C LEU SA 27 -13.96 49.70 63.82
N ALA SA 28 -15.03 50.25 64.40
CA ALA SA 28 -15.42 49.91 65.77
C ALA SA 28 -15.78 48.43 65.92
N VAL SA 29 -16.56 47.88 64.98
CA VAL SA 29 -16.86 46.45 65.01
C VAL SA 29 -15.61 45.59 64.97
N MET SA 30 -14.65 45.96 64.10
CA MET SA 30 -13.40 45.20 64.05
C MET SA 30 -12.62 45.26 65.36
N ILE SA 31 -12.51 46.45 65.96
CA ILE SA 31 -11.78 46.56 67.23
C ILE SA 31 -12.43 45.75 68.35
N HIS SA 32 -13.76 45.82 68.49
CA HIS SA 32 -14.42 44.99 69.51
C HIS SA 32 -14.21 43.50 69.27
N LEU SA 33 -14.32 43.04 68.02
CA LEU SA 33 -14.06 41.63 67.71
C LEU SA 33 -12.60 41.22 67.88
N ILE SA 34 -11.65 42.12 67.64
CA ILE SA 34 -10.26 41.86 68.02
C ILE SA 34 -10.14 41.62 69.52
N LEU SA 35 -10.81 42.44 70.33
CA LEU SA 35 -10.72 42.30 71.78
C LEU SA 35 -11.47 41.07 72.30
N LEU SA 36 -12.62 40.73 71.72
CA LEU SA 36 -13.25 39.46 72.08
C LEU SA 36 -12.40 38.26 71.69
N SER SA 37 -11.66 38.35 70.58
CA SER SA 37 -10.76 37.25 70.24
C SER SA 37 -9.57 37.20 71.19
N THR SA 38 -9.21 38.34 71.79
CA THR SA 38 -8.08 38.46 72.71
C THR SA 38 -8.46 37.95 74.10
N PRO SA 39 -7.93 36.81 74.53
CA PRO SA 39 -8.40 36.20 75.78
C PRO SA 39 -8.25 37.10 77.00
N SER SA 40 -7.18 37.89 77.05
CA SER SA 40 -6.94 38.82 78.15
C SER SA 40 -7.88 40.02 78.14
N TYR SA 41 -8.69 40.20 77.10
CA TYR SA 41 -9.58 41.35 77.01
C TYR SA 41 -11.02 41.01 76.68
N ASN SA 42 -11.35 39.74 76.49
CA ASN SA 42 -12.74 39.32 76.28
C ASN SA 42 -13.51 39.54 77.58
N TRP SA 43 -14.23 40.65 77.65
CA TRP SA 43 -14.96 41.03 78.86
C TRP SA 43 -16.04 40.01 79.23
N LEU SA 44 -16.63 39.34 78.24
CA LEU SA 44 -17.63 38.31 78.52
C LEU SA 44 -17.03 37.10 79.23
N GLU SA 45 -15.78 36.75 78.90
CA GLU SA 45 -15.09 35.68 79.61
C GLU SA 45 -14.51 36.15 80.94
N ILE SA 46 -14.01 37.39 81.00
CA ILE SA 46 -13.44 37.92 82.23
C ILE SA 46 -14.44 37.88 83.37
N SER SA 47 -15.67 38.35 83.11
CA SER SA 47 -16.72 38.28 84.12
C SER SA 47 -17.12 36.84 84.44
N ALA SA 48 -17.11 35.95 83.44
CA ALA SA 48 -17.45 34.56 83.68
C ALA SA 48 -16.50 33.92 84.70
N ALA SA 49 -15.20 34.20 84.60
CA ALA SA 49 -14.25 33.69 85.58
C ALA SA 49 -14.36 34.41 86.91
N LYS SA 50 -14.57 35.72 86.89
CA LYS SA 50 -14.71 36.49 88.11
C LYS SA 50 -15.88 36.03 88.97
N TYR SA 51 -16.97 35.57 88.35
CA TYR SA 51 -18.17 35.16 89.07
C TYR SA 51 -18.43 33.66 89.02
N ASN SA 52 -17.50 32.86 88.49
CA ASN SA 52 -17.64 31.39 88.43
C ASN SA 52 -18.90 30.95 87.71
N ARG SA 53 -19.18 31.57 86.56
CA ARG SA 53 -20.38 31.28 85.80
C ARG SA 53 -20.24 30.05 84.89
N VAL SA 54 -19.02 29.55 84.71
CA VAL SA 54 -18.80 28.23 84.11
C VAL SA 54 -18.24 27.32 85.20
N ALA SA 55 -18.73 26.07 85.23
CA ALA SA 55 -18.42 25.11 86.29
C ALA SA 55 -18.71 25.69 87.67
N FME TA 1 9.88 74.91 46.24
CN FME TA 1 9.20 74.85 45.04
O1 FME TA 1 7.98 74.72 44.95
CA FME TA 1 9.29 74.81 47.55
CB FME TA 1 10.37 75.05 48.63
CG FME TA 1 9.93 75.03 50.07
SD FME TA 1 9.38 76.64 50.56
CE FME TA 1 9.59 76.59 52.30
C FME TA 1 8.11 75.77 47.76
O FME TA 1 7.17 75.54 48.52
N SER TA 2 8.17 76.90 47.05
CA SER TA 2 7.08 77.87 47.03
C SER TA 2 6.03 77.57 45.95
N LYS TA 3 6.48 77.07 44.80
CA LYS TA 3 5.64 76.86 43.62
C LYS TA 3 4.85 75.56 43.65
N PHE TA 4 5.11 74.67 44.62
CA PHE TA 4 4.43 73.37 44.70
C PHE TA 4 2.92 73.45 44.51
N TYR TA 5 2.28 74.53 44.96
CA TYR TA 5 0.83 74.69 44.85
C TYR TA 5 0.28 74.47 43.44
N LYS TA 6 1.08 74.73 42.41
CA LYS TA 6 0.63 74.54 41.03
C LYS TA 6 0.29 73.08 40.70
N ILE TA 7 0.66 72.12 41.54
CA ILE TA 7 0.18 70.75 41.40
C ILE TA 7 -1.35 70.66 41.40
N TRP TA 8 -2.03 71.56 42.11
CA TRP TA 8 -3.50 71.55 42.11
C TRP TA 8 -4.08 72.10 40.81
N MET TA 9 -3.28 72.70 39.95
CA MET TA 9 -3.69 73.03 38.60
C MET TA 9 -3.61 71.82 37.67
N ILE TA 10 -2.96 70.76 38.11
CA ILE TA 10 -2.78 69.54 37.34
C ILE TA 10 -3.75 68.43 37.74
N PHE TA 11 -3.94 68.19 39.04
CA PHE TA 11 -4.83 67.14 39.53
C PHE TA 11 -6.05 67.68 40.26
N ASP TA 12 -7.21 67.10 39.94
CA ASP TA 12 -8.48 67.40 40.59
C ASP TA 12 -8.41 67.05 42.08
N PRO TA 13 -8.55 68.02 42.99
CA PRO TA 13 -8.43 67.72 44.42
C PRO TA 13 -9.34 66.60 44.91
N ARG TA 14 -10.54 66.44 44.35
CA ARG TA 14 -11.40 65.33 44.75
C ARG TA 14 -10.70 63.99 44.60
N ARG TA 15 -10.10 63.74 43.44
CA ARG TA 15 -9.43 62.46 43.20
C ARG TA 15 -8.23 62.29 44.13
N VAL TA 16 -7.39 63.33 44.22
CA VAL TA 16 -6.19 63.27 45.06
C VAL TA 16 -6.55 63.06 46.53
N PHE TA 17 -7.55 63.81 47.01
CA PHE TA 17 -7.94 63.72 48.41
C PHE TA 17 -8.45 62.31 48.77
N VAL TA 18 -9.33 61.75 47.94
CA VAL TA 18 -9.78 60.38 48.15
C VAL TA 18 -8.62 59.39 48.05
N ALA TA 19 -7.76 59.55 47.04
CA ALA TA 19 -6.66 58.61 46.84
C ALA TA 19 -5.68 58.59 48.02
N GLN TA 20 -5.30 59.77 48.52
CA GLN TA 20 -4.42 59.82 49.68
C GLN TA 20 -5.14 59.35 50.95
N GLY TA 21 -6.44 59.61 51.06
CA GLY TA 21 -7.21 59.09 52.18
C GLY TA 21 -7.22 57.57 52.26
N VAL TA 22 -7.51 56.91 51.13
CA VAL TA 22 -7.46 55.45 51.10
C VAL TA 22 -6.04 54.95 51.32
N PHE TA 23 -5.04 55.60 50.71
CA PHE TA 23 -3.66 55.19 50.89
C PHE TA 23 -3.25 55.19 52.36
N LEU TA 24 -3.47 56.32 53.05
CA LEU TA 24 -3.07 56.43 54.44
C LEU TA 24 -3.76 55.41 55.33
N PHE TA 25 -5.07 55.17 55.12
CA PHE TA 25 -5.75 54.15 55.91
C PHE TA 25 -5.18 52.76 55.67
N LEU TA 26 -5.09 52.34 54.40
CA LEU TA 26 -4.58 51.00 54.10
C LEU TA 26 -3.13 50.81 54.53
N LEU TA 27 -2.32 51.87 54.48
CA LEU TA 27 -0.95 51.78 55.01
C LEU TA 27 -0.95 51.66 56.52
N ALA TA 28 -1.71 52.50 57.22
CA ALA TA 28 -1.78 52.45 58.67
C ALA TA 28 -2.26 51.11 59.19
N VAL TA 29 -3.35 50.59 58.61
CA VAL TA 29 -3.87 49.27 59.00
C VAL TA 29 -2.82 48.19 58.77
N MET TA 30 -2.16 48.19 57.61
CA MET TA 30 -1.09 47.24 57.37
C MET TA 30 -0.01 47.26 58.45
N ILE TA 31 0.43 48.45 58.86
CA ILE TA 31 1.46 48.54 59.89
C ILE TA 31 0.97 48.01 61.24
N HIS TA 32 -0.22 48.43 61.69
CA HIS TA 32 -0.75 47.90 62.94
C HIS TA 32 -0.90 46.38 62.91
N LEU TA 33 -1.26 45.82 61.76
CA LEU TA 33 -1.36 44.36 61.63
C LEU TA 33 0.02 43.68 61.63
N ILE TA 34 1.02 44.30 61.02
CA ILE TA 34 2.40 43.84 61.16
C ILE TA 34 2.83 43.84 62.63
N LEU TA 35 2.40 44.84 63.40
CA LEU TA 35 2.78 44.90 64.80
C LEU TA 35 2.01 43.89 65.66
N LEU TA 36 0.68 43.80 65.46
CA LEU TA 36 -0.09 42.79 66.18
C LEU TA 36 0.40 41.37 65.90
N SER TA 37 0.92 41.10 64.70
CA SER TA 37 1.45 39.78 64.43
C SER TA 37 2.86 39.59 64.95
N THR TA 38 3.59 40.68 65.20
CA THR TA 38 4.92 40.63 65.79
C THR TA 38 4.85 40.42 67.30
N PRO TA 39 5.31 39.28 67.82
CA PRO TA 39 5.14 39.00 69.25
C PRO TA 39 5.84 40.02 70.15
N SER TA 40 7.01 40.52 69.74
CA SER TA 40 7.73 41.51 70.51
C SER TA 40 7.06 42.89 70.51
N TYR TA 41 6.00 43.08 69.71
CA TYR TA 41 5.34 44.38 69.63
C TYR TA 41 3.82 44.32 69.73
N ASN TA 42 3.23 43.13 69.90
CA ASN TA 42 1.78 43.03 70.13
C ASN TA 42 1.48 43.55 71.53
N TRP TA 43 0.98 44.78 71.61
CA TRP TA 43 0.72 45.42 72.89
C TRP TA 43 -0.32 44.69 73.73
N LEU TA 44 -1.30 44.03 73.10
CA LEU TA 44 -2.28 43.24 73.85
C LEU TA 44 -1.63 42.05 74.56
N GLU TA 45 -0.73 41.33 73.89
CA GLU TA 45 -0.03 40.23 74.55
C GLU TA 45 1.08 40.70 75.47
N ILE TA 46 1.64 41.89 75.24
CA ILE TA 46 2.61 42.45 76.18
C ILE TA 46 1.95 42.75 77.52
N SER TA 47 0.91 43.58 77.52
CA SER TA 47 0.24 43.97 78.76
C SER TA 47 -0.38 42.77 79.48
N ALA TA 48 -0.72 41.71 78.75
CA ALA TA 48 -1.22 40.50 79.40
C ALA TA 48 -0.15 39.86 80.29
N ALA TA 49 1.10 39.86 79.85
CA ALA TA 49 2.19 39.36 80.69
C ALA TA 49 2.52 40.35 81.81
N LYS TA 50 2.65 41.64 81.47
CA LYS TA 50 3.02 42.67 82.44
C LYS TA 50 2.08 42.70 83.64
N TYR TA 51 0.81 42.39 83.45
CA TYR TA 51 -0.18 42.36 84.53
C TYR TA 51 -0.61 40.94 84.91
N ASN TA 52 0.11 39.91 84.44
CA ASN TA 52 -0.15 38.52 84.80
C ASN TA 52 -1.59 38.09 84.51
N ARG TA 53 -2.17 38.64 83.44
CA ARG TA 53 -3.51 38.29 83.00
C ARG TA 53 -3.57 36.94 82.29
N VAL TA 54 -2.42 36.32 82.01
CA VAL TA 54 -2.39 35.06 81.27
C VAL TA 54 -3.01 33.90 82.02
N ALA TA 55 -3.18 34.02 83.34
CA ALA TA 55 -3.79 32.94 84.12
C ALA TA 55 -5.31 33.01 84.06
N FME UA 1 21.91 68.59 29.17
CN FME UA 1 21.25 68.36 27.98
O1 FME UA 1 20.01 68.33 27.87
CA FME UA 1 21.28 68.83 30.44
CB FME UA 1 22.30 69.25 31.52
CG FME UA 1 23.62 68.57 31.34
SD FME UA 1 24.84 69.53 32.19
CE FME UA 1 24.06 69.92 33.71
C FME UA 1 20.20 69.90 30.40
O FME UA 1 19.17 69.87 31.08
N SER UA 2 20.47 70.91 29.58
CA SER UA 2 19.64 72.10 29.47
C SER UA 2 18.25 71.84 28.88
N LYS UA 3 18.14 70.81 28.05
CA LYS UA 3 16.92 70.53 27.28
C LYS UA 3 16.06 69.40 27.83
N PHE UA 4 16.49 68.70 28.88
CA PHE UA 4 15.71 67.57 29.40
C PHE UA 4 14.27 67.97 29.77
N TYR UA 5 14.05 69.24 30.11
CA TYR UA 5 12.70 69.74 30.40
C TYR UA 5 11.71 69.54 29.25
N LYS UA 6 12.17 69.40 28.01
CA LYS UA 6 11.27 69.14 26.89
C LYS UA 6 10.54 67.79 26.99
N ILE UA 7 10.92 66.95 27.94
CA ILE UA 7 10.14 65.74 28.26
C ILE UA 7 8.69 66.07 28.60
N TRP UA 8 8.44 67.23 29.23
CA TRP UA 8 7.08 67.65 29.53
C TRP UA 8 6.29 68.11 28.31
N MET UA 9 6.96 68.34 27.18
CA MET UA 9 6.28 68.61 25.91
C MET UA 9 5.88 67.31 25.21
N ILE UA 10 6.39 66.19 25.70
CA ILE UA 10 6.14 64.87 25.14
C ILE UA 10 5.18 64.06 26.01
N PHE UA 11 5.40 64.03 27.32
CA PHE UA 11 4.56 63.30 28.26
C PHE UA 11 3.77 64.25 29.14
N ASP UA 12 2.45 64.04 29.20
CA ASP UA 12 1.54 64.89 29.96
C ASP UA 12 1.73 64.64 31.45
N PRO UA 13 2.12 65.65 32.23
CA PRO UA 13 2.56 65.41 33.63
C PRO UA 13 1.57 64.64 34.50
N ARG UA 14 0.27 64.73 34.22
CA ARG UA 14 -0.70 63.91 34.94
C ARG UA 14 -0.36 62.43 34.88
N ARG UA 15 -0.18 61.90 33.67
CA ARG UA 15 0.15 60.48 33.52
C ARG UA 15 1.51 60.16 34.13
N VAL UA 16 2.47 61.08 33.99
CA VAL UA 16 3.82 60.86 34.50
C VAL UA 16 3.83 60.76 36.02
N PHE UA 17 3.15 61.71 36.67
CA PHE UA 17 3.14 61.77 38.14
C PHE UA 17 2.42 60.58 38.77
N VAL UA 18 1.32 60.11 38.16
CA VAL UA 18 0.69 58.87 38.62
C VAL UA 18 1.63 57.68 38.46
N ALA UA 19 2.20 57.52 37.27
CA ALA UA 19 3.07 56.37 37.01
C ALA UA 19 4.29 56.39 37.92
N GLN UA 20 4.86 57.58 38.15
CA GLN UA 20 5.99 57.73 39.04
C GLN UA 20 5.62 57.45 40.50
N GLY UA 21 4.45 57.92 40.94
CA GLY UA 21 3.98 57.62 42.28
C GLY UA 21 3.85 56.12 42.55
N VAL UA 22 3.23 55.40 41.63
CA VAL UA 22 3.16 53.93 41.74
C VAL UA 22 4.56 53.32 41.74
N PHE UA 23 5.40 53.73 40.79
CA PHE UA 23 6.74 53.15 40.67
C PHE UA 23 7.55 53.31 41.96
N LEU UA 24 7.64 54.53 42.48
CA LEU UA 24 8.45 54.79 43.66
C LEU UA 24 7.91 54.08 44.90
N PHE UA 25 6.59 54.07 45.09
CA PHE UA 25 5.99 53.37 46.23
C PHE UA 25 6.30 51.87 46.18
N LEU UA 26 6.07 51.22 45.03
CA LEU UA 26 6.28 49.78 44.94
C LEU UA 26 7.76 49.43 45.06
N LEU UA 27 8.66 50.30 44.62
CA LEU UA 27 10.09 50.08 44.80
C LEU UA 27 10.49 50.13 46.26
N ALA UA 28 10.05 51.17 46.98
CA ALA UA 28 10.30 51.25 48.42
C ALA UA 28 9.73 50.04 49.17
N VAL UA 29 8.50 49.65 48.85
CA VAL UA 29 7.90 48.46 49.48
C VAL UA 29 8.74 47.21 49.19
N MET UA 30 9.20 47.04 47.96
CA MET UA 30 10.07 45.91 47.63
C MET UA 30 11.33 45.90 48.48
N ILE UA 31 11.98 47.06 48.63
CA ILE UA 31 13.23 47.12 49.40
C ILE UA 31 12.99 46.83 50.88
N HIS UA 32 11.97 47.46 51.50
CA HIS UA 32 11.69 47.17 52.89
C HIS UA 32 11.35 45.70 53.12
N LEU UA 33 10.61 45.07 52.19
CA LEU UA 33 10.31 43.65 52.32
C LEU UA 33 11.55 42.77 52.18
N ILE UA 34 12.49 43.15 51.30
CA ILE UA 34 13.76 42.44 51.23
C ILE UA 34 14.53 42.55 52.54
N LEU UA 35 14.50 43.72 53.18
CA LEU UA 35 15.20 43.90 54.45
C LEU UA 35 14.51 43.14 55.59
N LEU UA 36 13.18 43.23 55.68
CA LEU UA 36 12.46 42.41 56.66
C LEU UA 36 12.69 40.93 56.45
N SER UA 37 12.93 40.51 55.21
CA SER UA 37 13.25 39.11 54.94
C SER UA 37 14.67 38.74 55.34
N THR UA 38 15.51 39.72 55.69
CA THR UA 38 16.95 39.51 55.85
C THR UA 38 17.29 39.50 57.33
N PRO UA 39 17.80 38.39 57.87
CA PRO UA 39 18.06 38.32 59.31
C PRO UA 39 18.94 39.42 59.86
N SER UA 40 19.96 39.83 59.11
CA SER UA 40 20.84 40.91 59.55
C SER UA 40 20.20 42.29 59.50
N TYR UA 41 19.02 42.44 58.89
CA TYR UA 41 18.40 43.76 58.77
C TYR UA 41 16.96 43.86 59.24
N ASN UA 42 16.29 42.76 59.56
CA ASN UA 42 14.93 42.85 60.09
C ASN UA 42 14.95 43.61 61.41
N TRP UA 43 14.63 44.91 61.34
CA TRP UA 43 14.82 45.80 62.48
C TRP UA 43 13.99 45.40 63.68
N LEU UA 44 12.79 44.84 63.45
CA LEU UA 44 11.97 44.40 64.57
C LEU UA 44 12.58 43.19 65.26
N GLU UA 45 13.14 42.27 64.48
CA GLU UA 45 13.79 41.09 65.03
C GLU UA 45 15.12 41.43 65.68
N ILE UA 46 15.84 42.42 65.15
CA ILE UA 46 17.07 42.91 65.77
C ILE UA 46 16.78 43.54 67.12
N SER UA 47 15.83 44.47 67.15
CA SER UA 47 15.43 45.12 68.40
C SER UA 47 14.98 44.11 69.45
N ALA UA 48 14.29 43.05 69.03
CA ALA UA 48 13.89 42.00 69.97
C ALA UA 48 15.08 41.37 70.66
N ALA UA 49 16.10 41.00 69.89
CA ALA UA 49 17.33 40.45 70.48
C ALA UA 49 18.02 41.48 71.38
N LYS UA 50 18.19 42.71 70.88
CA LYS UA 50 18.93 43.72 71.64
C LYS UA 50 18.31 43.96 73.03
N TYR UA 51 16.99 43.99 73.12
CA TYR UA 51 16.30 44.21 74.38
C TYR UA 51 15.75 42.94 75.02
N ASN UA 52 16.19 41.76 74.57
CA ASN UA 52 15.84 40.46 75.15
C ASN UA 52 14.34 40.16 75.11
N ARG UA 53 13.58 40.82 74.24
CA ARG UA 53 12.12 40.85 74.34
C ARG UA 53 11.45 39.52 74.02
N VAL UA 54 12.17 38.54 73.49
CA VAL UA 54 11.58 37.25 73.11
C VAL UA 54 11.98 36.20 74.13
N ALA UA 55 10.98 35.44 74.60
CA ALA UA 55 11.16 34.42 75.63
C ALA UA 55 11.84 34.97 76.88
N FME VA 1 25.94 56.93 10.68
CN FME VA 1 24.82 56.79 9.89
O1 FME VA 1 23.66 56.89 10.30
CA FME VA 1 25.91 57.20 12.09
CB FME VA 1 27.31 57.10 12.73
CG FME VA 1 27.23 56.97 14.22
SD FME VA 1 28.87 56.65 14.82
CE FME VA 1 28.67 56.93 16.55
C FME VA 1 25.36 58.58 12.44
O FME VA 1 24.79 58.84 13.50
N SER VA 2 25.56 59.51 11.50
CA SER VA 2 24.96 60.83 11.59
C SER VA 2 23.44 60.78 11.48
N LYS VA 3 22.93 59.96 10.57
CA LYS VA 3 21.51 59.86 10.28
C LYS VA 3 20.73 59.04 11.32
N PHE VA 4 21.34 58.62 12.43
CA PHE VA 4 20.59 57.90 13.46
C PHE VA 4 19.43 58.73 14.00
N TYR VA 5 19.52 60.06 13.90
CA TYR VA 5 18.40 60.94 14.24
C TYR VA 5 17.13 60.63 13.45
N LYS VA 6 17.24 59.97 12.29
CA LYS VA 6 16.06 59.64 11.50
C LYS VA 6 15.08 58.73 12.22
N ILE VA 7 15.55 57.96 13.22
CA ILE VA 7 14.67 57.07 13.98
C ILE VA 7 13.43 57.80 14.49
N TRP VA 8 13.60 59.06 14.92
CA TRP VA 8 12.49 59.82 15.48
C TRP VA 8 11.48 60.25 14.44
N MET VA 9 11.81 60.17 13.15
CA MET VA 9 10.83 60.38 12.09
C MET VA 9 9.92 59.18 11.91
N ILE VA 10 10.37 58.00 12.34
CA ILE VA 10 9.68 56.75 12.08
C ILE VA 10 8.95 56.25 13.33
N PHE VA 11 9.63 56.28 14.47
CA PHE VA 11 9.05 55.85 15.74
C PHE VA 11 8.67 57.06 16.58
N ASP VA 12 7.43 57.06 17.06
CA ASP VA 12 6.95 58.14 17.92
C ASP VA 12 7.78 58.20 19.21
N PRO VA 13 8.30 59.36 19.58
CA PRO VA 13 9.21 59.43 20.74
C PRO VA 13 8.56 58.99 22.05
N ARG VA 14 7.27 59.25 22.24
CA ARG VA 14 6.58 58.78 23.44
C ARG VA 14 6.68 57.27 23.55
N ARG VA 15 6.33 56.58 22.47
CA ARG VA 15 6.20 55.13 22.46
C ARG VA 15 7.54 54.42 22.45
N VAL VA 16 8.62 55.14 22.11
CA VAL VA 16 9.98 54.66 22.32
C VAL VA 16 10.42 54.88 23.76
N PHE VA 17 10.19 56.09 24.30
CA PHE VA 17 10.67 56.40 25.64
C PHE VA 17 10.04 55.51 26.70
N VAL VA 18 8.75 55.21 26.56
CA VAL VA 18 8.09 54.22 27.42
C VAL VA 18 8.79 52.87 27.30
N ALA VA 19 9.07 52.42 26.07
CA ALA VA 19 9.71 51.13 25.87
C ALA VA 19 11.11 51.10 26.48
N GLN VA 20 11.86 52.20 26.37
CA GLN VA 20 13.18 52.27 26.98
C GLN VA 20 13.11 52.25 28.50
N GLY VA 21 12.18 53.02 29.08
CA GLY VA 21 12.07 53.07 30.53
C GLY VA 21 11.77 51.72 31.16
N VAL VA 22 10.77 51.02 30.62
CA VAL VA 22 10.46 49.66 31.08
C VAL VA 22 11.65 48.74 30.89
N PHE VA 23 12.28 48.79 29.71
CA PHE VA 23 13.41 47.92 29.41
C PHE VA 23 14.57 48.09 30.40
N LEU VA 24 14.98 49.33 30.65
CA LEU VA 24 16.12 49.57 31.54
C LEU VA 24 15.83 49.15 32.98
N PHE VA 25 14.64 49.44 33.49
CA PHE VA 25 14.26 48.96 34.82
C PHE VA 25 14.34 47.43 34.91
N LEU VA 26 13.76 46.73 33.94
CA LEU VA 26 13.80 45.26 33.94
C LEU VA 26 15.23 44.73 33.91
N LEU VA 27 16.09 45.31 33.07
CA LEU VA 27 17.48 44.85 32.98
C LEU VA 27 18.22 45.08 34.29
N ALA VA 28 18.10 46.28 34.86
CA ALA VA 28 18.73 46.56 36.15
C ALA VA 28 18.24 45.62 37.25
N VAL VA 29 16.92 45.48 37.39
CA VAL VA 29 16.36 44.61 38.42
C VAL VA 29 16.80 43.15 38.22
N MET VA 30 16.78 42.67 36.98
CA MET VA 30 17.25 41.31 36.71
C MET VA 30 18.69 41.10 37.18
N ILE VA 31 19.58 42.07 36.90
CA ILE VA 31 20.97 41.92 37.33
C ILE VA 31 21.09 41.94 38.86
N HIS VA 32 20.47 42.92 39.52
CA HIS VA 32 20.52 42.95 40.99
C HIS VA 32 19.96 41.67 41.61
N LEU VA 33 18.84 41.15 41.08
CA LEU VA 33 18.29 39.88 41.57
C LEU VA 33 19.24 38.71 41.35
N ILE VA 34 19.93 38.66 40.21
CA ILE VA 34 20.93 37.62 39.98
C ILE VA 34 22.12 37.76 40.92
N LEU VA 35 22.55 38.99 41.20
CA LEU VA 35 23.67 39.18 42.12
C LEU VA 35 23.31 38.73 43.53
N LEU VA 36 22.12 39.12 44.01
CA LEU VA 36 21.63 38.61 45.29
C LEU VA 36 21.48 37.09 45.27
N SER VA 37 21.18 36.51 44.12
CA SER VA 37 21.06 35.05 44.02
C SER VA 37 22.39 34.33 44.16
N THR VA 38 23.52 35.03 43.96
CA THR VA 38 24.81 34.41 44.19
C THR VA 38 25.39 34.86 45.53
N PRO VA 39 25.80 33.93 46.40
CA PRO VA 39 26.46 34.35 47.65
C PRO VA 39 27.74 35.14 47.40
N SER VA 40 28.42 34.86 46.31
CA SER VA 40 29.60 35.61 45.89
C SER VA 40 29.37 37.12 45.83
N TYR VA 41 28.15 37.56 45.56
CA TYR VA 41 27.86 39.00 45.47
C TYR VA 41 26.63 39.45 46.24
N ASN VA 42 26.05 38.61 47.09
CA ASN VA 42 24.91 39.06 47.91
C ASN VA 42 25.44 40.01 48.98
N TRP VA 43 25.37 41.32 48.69
CA TRP VA 43 25.96 42.32 49.58
C TRP VA 43 25.37 42.32 50.99
N LEU VA 44 24.18 41.77 51.17
CA LEU VA 44 23.64 41.64 52.53
C LEU VA 44 24.38 40.58 53.34
N GLU VA 45 24.64 39.41 52.74
CA GLU VA 45 25.23 38.30 53.48
C GLU VA 45 26.74 38.42 53.58
N ILE VA 46 27.40 39.04 52.59
CA ILE VA 46 28.78 39.49 52.77
C ILE VA 46 28.89 40.37 54.01
N SER VA 47 28.00 41.35 54.13
CA SER VA 47 28.02 42.25 55.28
C SER VA 47 27.70 41.53 56.59
N ALA VA 48 26.76 40.58 56.55
CA ALA VA 48 26.38 39.87 57.77
C ALA VA 48 27.57 39.15 58.40
N ALA VA 49 28.39 38.49 57.59
CA ALA VA 49 29.59 37.83 58.11
C ALA VA 49 30.63 38.87 58.54
N LYS VA 50 30.92 39.82 57.67
CA LYS VA 50 31.93 40.84 57.93
C LYS VA 50 31.73 41.53 59.28
N TYR VA 51 30.48 41.89 59.60
CA TYR VA 51 30.15 42.55 60.86
C TYR VA 51 29.63 41.60 61.94
N ASN VA 52 29.64 40.29 61.68
CA ASN VA 52 29.24 39.28 62.66
C ASN VA 52 27.83 39.53 63.22
N ARG VA 53 26.88 39.76 62.32
CA ARG VA 53 25.57 40.25 62.70
C ARG VA 53 24.57 39.14 63.04
N VAL VA 54 24.92 37.88 62.78
CA VAL VA 54 24.02 36.76 63.04
C VAL VA 54 24.65 35.76 64.01
N ALA VA 55 25.59 36.22 64.83
CA ALA VA 55 26.30 35.35 65.76
C ALA VA 55 26.78 36.16 66.97
N PHE WA 4 19.20 44.73 -0.49
CA PHE WA 4 17.92 44.10 -0.21
C PHE WA 4 16.89 45.16 0.21
N TYR WA 5 17.22 46.42 -0.07
CA TYR WA 5 16.52 47.57 0.52
C TYR WA 5 15.03 47.58 0.23
N LYS WA 6 14.56 46.81 -0.76
CA LYS WA 6 13.12 46.58 -0.95
C LYS WA 6 12.38 46.23 0.34
N ILE WA 7 13.03 45.51 1.27
CA ILE WA 7 12.33 44.97 2.43
C ILE WA 7 11.72 46.04 3.32
N TRP WA 8 12.24 47.26 3.30
CA TRP WA 8 11.63 48.34 4.07
C TRP WA 8 10.37 48.89 3.41
N MET WA 9 10.17 48.59 2.12
CA MET WA 9 8.90 48.86 1.48
C MET WA 9 7.92 47.71 1.73
N ILE WA 10 8.45 46.48 1.74
CA ILE WA 10 7.63 45.29 1.87
C ILE WA 10 7.01 45.19 3.26
N PHE WA 11 7.77 45.51 4.30
CA PHE WA 11 7.25 45.57 5.65
C PHE WA 11 7.59 46.92 6.29
N ASP WA 12 6.61 47.48 6.98
CA ASP WA 12 6.77 48.74 7.71
C ASP WA 12 7.93 48.61 8.69
N PRO WA 13 8.95 49.47 8.60
CA PRO WA 13 10.12 49.32 9.48
C PRO WA 13 9.81 49.43 10.96
N ARG WA 14 8.69 50.06 11.34
CA ARG WA 14 8.25 50.02 12.72
C ARG WA 14 8.07 48.58 13.20
N ARG WA 15 7.34 47.77 12.45
CA ARG WA 15 7.20 46.36 12.80
C ARG WA 15 8.54 45.63 12.77
N VAL WA 16 9.36 45.91 11.75
CA VAL WA 16 10.62 45.18 11.58
C VAL WA 16 11.57 45.45 12.74
N PHE WA 17 11.65 46.69 13.22
CA PHE WA 17 12.54 46.98 14.33
C PHE WA 17 11.99 46.47 15.67
N VAL WA 18 10.66 46.52 15.84
CA VAL WA 18 10.03 45.89 17.00
C VAL WA 18 10.37 44.40 17.07
N ALA WA 19 10.32 43.72 15.92
CA ALA WA 19 10.75 42.32 15.87
C ALA WA 19 12.24 42.18 16.17
N GLN WA 20 13.09 42.87 15.42
CA GLN WA 20 14.53 42.68 15.56
C GLN WA 20 15.01 43.00 16.97
N GLY WA 21 14.62 44.17 17.49
CA GLY WA 21 15.14 44.61 18.77
C GLY WA 21 14.85 43.65 19.91
N VAL WA 22 13.59 43.20 20.02
CA VAL WA 22 13.21 42.26 21.06
C VAL WA 22 13.86 40.89 20.84
N PHE WA 23 13.79 40.36 19.63
CA PHE WA 23 14.33 39.02 19.37
C PHE WA 23 15.82 38.96 19.62
N LEU WA 24 16.57 39.93 19.10
CA LEU WA 24 18.03 39.93 19.27
C LEU WA 24 18.41 40.05 20.74
N PHE WA 25 17.65 40.82 21.52
CA PHE WA 25 17.88 40.90 22.96
C PHE WA 25 17.60 39.56 23.64
N LEU WA 26 16.46 38.93 23.32
CA LEU WA 26 16.12 37.66 23.94
C LEU WA 26 17.06 36.53 23.52
N LEU WA 27 17.63 36.60 22.32
CA LEU WA 27 18.69 35.67 21.95
C LEU WA 27 19.95 35.88 22.77
N ALA WA 28 20.39 37.14 22.89
CA ALA WA 28 21.59 37.45 23.67
C ALA WA 28 21.42 37.07 25.14
N VAL WA 29 20.27 37.42 25.72
CA VAL WA 29 19.93 37.01 27.08
C VAL WA 29 19.97 35.49 27.23
N MET WA 30 19.27 34.78 26.35
CA MET WA 30 19.27 33.32 26.39
C MET WA 30 20.69 32.75 26.40
N ILE WA 31 21.58 33.30 25.57
CA ILE WA 31 22.97 32.83 25.53
C ILE WA 31 23.67 33.07 26.87
N HIS WA 32 23.54 34.28 27.44
CA HIS WA 32 24.14 34.51 28.76
C HIS WA 32 23.56 33.58 29.83
N LEU WA 33 22.22 33.46 29.88
CA LEU WA 33 21.57 32.62 30.89
C LEU WA 33 21.91 31.14 30.79
N ILE WA 34 22.14 30.58 29.60
CA ILE WA 34 22.59 29.20 29.53
C ILE WA 34 24.03 29.07 30.02
N LEU WA 35 24.91 29.97 29.59
CA LEU WA 35 26.29 29.94 30.06
C LEU WA 35 26.38 30.00 31.58
N LEU WA 36 25.54 30.85 32.19
CA LEU WA 36 25.48 30.93 33.66
C LEU WA 36 25.05 29.62 34.30
N SER WA 37 24.29 28.79 33.59
CA SER WA 37 23.92 27.48 34.11
C SER WA 37 25.04 26.45 34.00
N THR WA 38 26.13 26.76 33.31
CA THR WA 38 27.26 25.83 33.23
C THR WA 38 28.17 25.98 34.45
N PRO WA 39 28.88 24.91 34.82
CA PRO WA 39 29.99 25.05 35.77
C PRO WA 39 31.19 25.77 35.18
N SER WA 40 31.44 25.62 33.88
CA SER WA 40 32.73 25.93 33.28
C SER WA 40 32.87 27.38 32.82
N TYR WA 41 31.77 28.13 32.68
CA TYR WA 41 31.85 29.49 32.19
C TYR WA 41 31.04 30.52 32.99
N ASN WA 42 30.40 30.12 34.08
CA ASN WA 42 29.74 31.09 34.96
C ASN WA 42 30.82 31.96 35.60
N TRP WA 43 30.92 33.22 35.14
CA TRP WA 43 32.01 34.10 35.56
C TRP WA 43 31.92 34.48 37.03
N LEU WA 44 30.71 34.77 37.52
CA LEU WA 44 30.55 35.08 38.95
C LEU WA 44 31.03 33.94 39.83
N GLU WA 45 30.66 32.71 39.50
CA GLU WA 45 31.00 31.56 40.33
C GLU WA 45 32.40 31.02 40.05
N ILE WA 46 33.00 31.37 38.91
CA ILE WA 46 34.43 31.12 38.72
C ILE WA 46 35.26 32.11 39.55
N SER WA 47 34.85 33.39 39.55
CA SER WA 47 35.59 34.39 40.31
C SER WA 47 35.57 34.11 41.81
N ALA WA 48 34.47 33.56 42.31
CA ALA WA 48 34.44 33.05 43.69
C ALA WA 48 35.55 32.05 43.97
N ALA WA 49 35.95 31.26 42.97
CA ALA WA 49 37.02 30.29 43.17
C ALA WA 49 38.39 30.96 43.15
N LYS WA 50 38.64 31.77 42.13
CA LYS WA 50 39.93 32.46 41.99
C LYS WA 50 40.29 33.23 43.27
N TYR WA 51 39.37 34.06 43.75
CA TYR WA 51 39.64 34.92 44.90
C TYR WA 51 39.20 34.30 46.23
N ASN WA 52 38.85 33.02 46.24
CA ASN WA 52 38.48 32.28 47.46
C ASN WA 52 37.39 33.01 48.25
N ARG WA 53 36.34 33.42 47.54
CA ARG WA 53 35.32 34.26 48.16
C ARG WA 53 34.31 33.44 48.95
N VAL WA 54 34.06 32.20 48.55
CA VAL WA 54 33.04 31.37 49.20
C VAL WA 54 33.66 30.05 49.64
N LEU XA 7 -39.09 13.35 -16.18
CA LEU XA 7 -37.83 12.66 -16.36
C LEU XA 7 -36.87 13.50 -17.21
N GLY XA 8 -35.67 12.97 -17.44
CA GLY XA 8 -34.62 13.77 -18.06
C GLY XA 8 -34.19 14.91 -17.16
N TYR XA 9 -34.00 14.60 -15.88
CA TYR XA 9 -33.72 15.63 -14.89
C TYR XA 9 -32.34 16.26 -15.10
N THR XA 10 -31.37 15.49 -15.59
CA THR XA 10 -30.01 15.99 -15.76
C THR XA 10 -29.81 16.85 -17.01
N GLY XA 11 -30.72 16.76 -17.99
CA GLY XA 11 -30.52 17.43 -19.26
C GLY XA 11 -29.61 16.74 -20.24
N LEU XA 12 -29.08 15.55 -19.92
CA LEU XA 12 -28.46 14.71 -20.93
C LEU XA 12 -29.48 14.23 -21.94
N THR XA 13 -29.05 14.09 -23.20
CA THR XA 13 -29.82 13.31 -24.16
C THR XA 13 -29.59 11.82 -23.94
N ASP XA 14 -30.47 11.01 -24.53
CA ASP XA 14 -30.36 9.56 -24.45
C ASP XA 14 -29.06 9.05 -25.05
N GLU XA 15 -28.64 9.63 -26.18
CA GLU XA 15 -27.37 9.23 -26.80
C GLU XA 15 -26.16 9.63 -25.96
N GLN XA 16 -26.18 10.82 -25.37
CA GLN XA 16 -25.12 11.20 -24.44
C GLN XA 16 -25.04 10.23 -23.25
N ALA XA 17 -26.19 9.82 -22.73
CA ALA XA 17 -26.21 8.87 -21.61
C ALA XA 17 -25.70 7.49 -22.02
N GLN XA 18 -26.07 7.01 -23.22
CA GLN XA 18 -25.52 5.75 -23.71
C GLN XA 18 -24.00 5.80 -23.91
N GLU XA 19 -23.49 6.93 -24.39
CA GLU XA 19 -22.04 7.08 -24.55
C GLU XA 19 -21.32 7.10 -23.20
N LEU XA 20 -21.78 7.94 -22.28
CA LEU XA 20 -21.12 8.07 -20.99
C LEU XA 20 -21.15 6.78 -20.17
N HIS XA 21 -22.27 6.07 -20.19
CA HIS XA 21 -22.36 4.81 -19.45
C HIS XA 21 -21.32 3.79 -19.90
N SER XA 22 -20.96 3.79 -21.18
CA SER XA 22 -19.93 2.86 -21.64
C SER XA 22 -18.54 3.27 -21.16
N VAL XA 23 -18.26 4.57 -21.15
CA VAL XA 23 -17.01 5.07 -20.57
C VAL XA 23 -16.91 4.68 -19.10
N TYR XA 24 -17.97 4.95 -18.34
CA TYR XA 24 -18.05 4.52 -16.94
C TYR XA 24 -17.89 3.00 -16.79
N MET XA 25 -18.69 2.22 -17.52
CA MET XA 25 -18.63 0.76 -17.37
C MET XA 25 -17.28 0.18 -17.76
N SER XA 26 -16.62 0.75 -18.76
CA SER XA 26 -15.28 0.27 -19.11
C SER XA 26 -14.30 0.43 -17.94
N GLY XA 27 -14.35 1.57 -17.26
CA GLY XA 27 -13.52 1.75 -16.07
C GLY XA 27 -13.93 0.88 -14.90
N LEU XA 28 -15.22 0.61 -14.73
CA LEU XA 28 -15.68 -0.31 -13.70
C LEU XA 28 -15.06 -1.69 -13.85
N TRP XA 29 -15.09 -2.26 -15.05
CA TRP XA 29 -14.51 -3.58 -15.26
C TRP XA 29 -12.99 -3.56 -15.15
N LEU XA 30 -12.35 -2.46 -15.52
CA LEU XA 30 -10.91 -2.33 -15.34
C LEU XA 30 -10.53 -2.22 -13.86
N PHE XA 31 -11.19 -1.35 -13.12
CA PHE XA 31 -10.94 -1.22 -11.68
C PHE XA 31 -11.16 -2.54 -10.94
N SER XA 32 -12.25 -3.24 -11.25
CA SER XA 32 -12.52 -4.52 -10.61
C SER XA 32 -11.57 -5.63 -11.07
N ALA XA 33 -11.10 -5.57 -12.32
CA ALA XA 33 -10.06 -6.51 -12.76
C ALA XA 33 -8.75 -6.30 -12.00
N VAL XA 34 -8.35 -5.05 -11.80
CA VAL XA 34 -7.16 -4.77 -10.99
C VAL XA 34 -7.35 -5.26 -9.56
N ALA XA 35 -8.54 -5.04 -9.00
CA ALA XA 35 -8.85 -5.55 -7.66
C ALA XA 35 -8.77 -7.06 -7.57
N ILE XA 36 -9.29 -7.77 -8.57
CA ILE XA 36 -9.19 -9.23 -8.57
C ILE XA 36 -7.73 -9.69 -8.58
N VAL XA 37 -6.88 -9.01 -9.34
CA VAL XA 37 -5.46 -9.35 -9.35
C VAL XA 37 -4.85 -9.15 -7.97
N ALA XA 38 -5.19 -8.04 -7.31
CA ALA XA 38 -4.74 -7.80 -5.94
C ALA XA 38 -5.28 -8.84 -4.95
N HIS XA 39 -6.55 -9.22 -5.09
CA HIS XA 39 -7.10 -10.29 -4.25
C HIS XA 39 -6.43 -11.63 -4.53
N LEU XA 40 -6.16 -11.94 -5.80
CA LEU XA 40 -5.49 -13.19 -6.14
C LEU XA 40 -4.07 -13.25 -5.58
N ALA XA 41 -3.35 -12.13 -5.65
CA ALA XA 41 -2.04 -12.03 -5.01
C ALA XA 41 -2.12 -12.26 -3.50
N VAL XA 42 -3.04 -11.57 -2.82
CA VAL XA 42 -3.21 -11.76 -1.38
C VAL XA 42 -3.63 -13.19 -1.05
N TYR XA 43 -4.49 -13.79 -1.88
CA TYR XA 43 -4.95 -15.15 -1.59
C TYR XA 43 -3.86 -16.19 -1.78
N ILE XA 44 -2.90 -15.94 -2.66
CA ILE XA 44 -1.73 -16.81 -2.77
C ILE XA 44 -0.81 -16.65 -1.55
N TRP XA 45 -0.52 -15.40 -1.17
CA TRP XA 45 0.36 -15.14 -0.03
C TRP XA 45 -0.27 -15.54 1.31
N ARG XA 46 -1.54 -15.21 1.53
CA ARG XA 46 -2.15 -15.33 2.86
C ARG XA 46 -3.66 -15.57 2.73
N PRO XA 47 -4.06 -16.75 2.27
CA PRO XA 47 -5.49 -17.01 2.02
C PRO XA 47 -6.35 -16.88 3.27
N TRP XA 48 -7.59 -16.43 3.05
CA TRP XA 48 -8.57 -16.17 4.09
C TRP XA 48 -9.72 -17.17 4.11
N PHE XA 49 -9.60 -18.27 3.38
CA PHE XA 49 -10.60 -19.33 3.34
C PHE XA 49 -9.91 -20.69 3.46
N LEU YA 7 -53.97 10.61 -11.06
CA LEU YA 7 -53.20 10.99 -9.88
C LEU YA 7 -51.70 10.84 -10.15
N GLY YA 8 -50.94 11.88 -9.80
CA GLY YA 8 -49.50 11.79 -9.79
C GLY YA 8 -48.87 12.90 -8.99
N TYR YA 9 -48.11 12.53 -7.95
CA TYR YA 9 -47.33 13.47 -7.17
C TYR YA 9 -45.96 13.77 -7.77
N THR YA 10 -45.47 12.94 -8.68
CA THR YA 10 -44.10 13.07 -9.17
C THR YA 10 -44.00 13.72 -10.54
N GLY YA 11 -45.09 13.78 -11.30
CA GLY YA 11 -45.07 14.28 -12.65
C GLY YA 11 -44.76 13.25 -13.71
N LEU YA 12 -44.40 12.03 -13.33
CA LEU YA 12 -44.22 10.95 -14.29
C LEU YA 12 -45.56 10.56 -14.90
N THR YA 13 -45.60 10.46 -16.22
CA THR YA 13 -46.73 9.83 -16.88
C THR YA 13 -46.71 8.32 -16.63
N ASP YA 14 -47.88 7.70 -16.85
CA ASP YA 14 -48.02 6.27 -16.57
C ASP YA 14 -47.01 5.43 -17.33
N GLU YA 15 -46.85 5.70 -18.62
CA GLU YA 15 -45.87 4.95 -19.42
C GLU YA 15 -44.44 5.22 -18.97
N GLN YA 16 -44.13 6.44 -18.53
CA GLN YA 16 -42.83 6.70 -17.93
C GLN YA 16 -42.63 5.94 -16.64
N ALA YA 17 -43.68 5.79 -15.82
CA ALA YA 17 -43.55 5.04 -14.57
C ALA YA 17 -43.36 3.55 -14.83
N GLN YA 18 -44.09 2.99 -15.80
CA GLN YA 18 -43.85 1.61 -16.21
C GLN YA 18 -42.44 1.41 -16.75
N GLU YA 19 -41.97 2.35 -17.55
CA GLU YA 19 -40.59 2.30 -18.06
C GLU YA 19 -39.58 2.25 -16.92
N LEU YA 20 -39.65 3.22 -16.01
CA LEU YA 20 -38.73 3.28 -14.88
C LEU YA 20 -38.82 2.04 -14.00
N HIS YA 21 -40.04 1.56 -13.73
CA HIS YA 21 -40.20 0.37 -12.89
C HIS YA 21 -39.60 -0.88 -13.51
N SER YA 22 -39.78 -1.07 -14.82
CA SER YA 22 -39.25 -2.29 -15.44
C SER YA 22 -37.73 -2.32 -15.44
N VAL YA 23 -37.08 -1.17 -15.57
CA VAL YA 23 -35.63 -1.12 -15.43
C VAL YA 23 -35.22 -1.28 -13.97
N TYR YA 24 -35.96 -0.65 -13.05
CA TYR YA 24 -35.73 -0.84 -11.62
C TYR YA 24 -35.81 -2.31 -11.21
N MET YA 25 -36.86 -3.02 -11.64
CA MET YA 25 -36.99 -4.43 -11.30
C MET YA 25 -35.88 -5.28 -11.91
N SER YA 26 -35.35 -4.89 -13.07
CA SER YA 26 -34.21 -5.61 -13.63
C SER YA 26 -32.99 -5.54 -12.71
N GLY YA 27 -32.72 -4.36 -12.15
CA GLY YA 27 -31.66 -4.24 -11.17
C GLY YA 27 -31.92 -5.02 -9.89
N LEU YA 28 -33.16 -5.00 -9.40
CA LEU YA 28 -33.50 -5.75 -8.20
C LEU YA 28 -33.28 -7.25 -8.39
N TRP YA 29 -33.78 -7.82 -9.49
CA TRP YA 29 -33.57 -9.25 -9.73
C TRP YA 29 -32.10 -9.57 -9.96
N LEU YA 30 -31.38 -8.69 -10.66
CA LEU YA 30 -29.95 -8.90 -10.87
C LEU YA 30 -29.19 -8.89 -9.55
N PHE YA 31 -29.36 -7.83 -8.76
CA PHE YA 31 -28.75 -7.74 -7.44
C PHE YA 31 -29.12 -8.93 -6.55
N SER YA 32 -30.38 -9.34 -6.55
CA SER YA 32 -30.79 -10.47 -5.73
C SER YA 32 -30.27 -11.81 -6.26
N ALA YA 33 -30.07 -11.93 -7.57
CA ALA YA 33 -29.41 -13.11 -8.12
C ALA YA 33 -27.96 -13.20 -7.67
N VAL YA 34 -27.21 -12.10 -7.77
CA VAL YA 34 -25.84 -12.07 -7.29
C VAL YA 34 -25.78 -12.46 -5.81
N ALA YA 35 -26.75 -11.98 -5.02
CA ALA YA 35 -26.78 -12.26 -3.59
C ALA YA 35 -27.06 -13.73 -3.30
N ILE YA 36 -27.95 -14.37 -4.07
CA ILE YA 36 -28.23 -15.79 -3.85
C ILE YA 36 -26.99 -16.64 -4.11
N VAL YA 37 -26.20 -16.28 -5.12
CA VAL YA 37 -24.96 -17.01 -5.37
C VAL YA 37 -23.96 -16.82 -4.22
N ALA YA 38 -23.91 -15.61 -3.65
CA ALA YA 38 -23.10 -15.41 -2.44
C ALA YA 38 -23.60 -16.23 -1.26
N HIS YA 39 -24.92 -16.28 -1.04
CA HIS YA 39 -25.46 -17.11 0.02
C HIS YA 39 -25.20 -18.60 -0.24
N LEU YA 40 -25.38 -19.04 -1.50
CA LEU YA 40 -25.07 -20.42 -1.87
C LEU YA 40 -23.62 -20.79 -1.59
N ALA YA 41 -22.67 -19.94 -2.00
CA ALA YA 41 -21.26 -20.20 -1.74
C ALA YA 41 -20.96 -20.27 -0.24
N VAL YA 42 -21.51 -19.33 0.53
CA VAL YA 42 -21.32 -19.33 1.98
C VAL YA 42 -21.99 -20.53 2.65
N TYR YA 43 -23.17 -20.93 2.18
CA TYR YA 43 -23.81 -22.11 2.75
C TYR YA 43 -23.03 -23.39 2.42
N ILE YA 44 -22.51 -23.49 1.20
CA ILE YA 44 -21.66 -24.61 0.83
C ILE YA 44 -20.42 -24.67 1.72
N TRP YA 45 -19.86 -23.50 2.03
CA TRP YA 45 -18.66 -23.39 2.85
C TRP YA 45 -18.95 -23.59 4.34
N ARG YA 46 -20.06 -23.06 4.84
CA ARG YA 46 -20.30 -23.05 6.29
C ARG YA 46 -21.78 -22.85 6.59
N PRO YA 47 -22.59 -23.89 6.49
CA PRO YA 47 -24.05 -23.72 6.59
C PRO YA 47 -24.50 -23.26 7.97
N TRP YA 48 -25.51 -22.39 7.98
CA TRP YA 48 -26.05 -21.82 9.22
C TRP YA 48 -27.32 -22.53 9.70
N PHE YA 49 -27.83 -23.50 8.95
CA PHE YA 49 -28.87 -24.39 9.45
C PHE YA 49 -28.35 -25.82 9.49
N GLY ZA 8 -62.43 15.50 2.63
CA GLY ZA 8 -61.10 14.95 2.81
C GLY ZA 8 -60.01 16.00 2.80
N TYR ZA 9 -58.90 15.68 3.47
CA TYR ZA 9 -57.79 16.63 3.59
C TYR ZA 9 -56.74 16.46 2.49
N THR ZA 10 -56.52 15.22 2.02
CA THR ZA 10 -55.47 14.97 1.04
C THR ZA 10 -55.81 15.53 -0.33
N GLY ZA 11 -57.08 15.81 -0.62
CA GLY ZA 11 -57.51 16.13 -1.96
C GLY ZA 11 -57.62 14.97 -2.91
N LEU ZA 12 -57.41 13.74 -2.44
CA LEU ZA 12 -57.72 12.58 -3.25
C LEU ZA 12 -59.22 12.51 -3.52
N THR ZA 13 -59.57 12.34 -4.79
CA THR ZA 13 -60.94 11.96 -5.11
C THR ZA 13 -61.22 10.56 -4.56
N ASP ZA 14 -62.52 10.26 -4.42
CA ASP ZA 14 -62.91 8.95 -3.91
C ASP ZA 14 -62.35 7.81 -4.77
N GLU ZA 15 -62.36 7.98 -6.09
CA GLU ZA 15 -61.85 6.94 -6.97
C GLU ZA 15 -60.32 6.84 -6.92
N GLN ZA 16 -59.63 7.96 -6.72
CA GLN ZA 16 -58.19 7.92 -6.51
C GLN ZA 16 -57.83 7.18 -5.22
N ALA ZA 17 -58.58 7.43 -4.15
CA ALA ZA 17 -58.35 6.71 -2.90
C ALA ZA 17 -58.68 5.23 -3.03
N GLN ZA 18 -59.78 4.89 -3.68
CA GLN ZA 18 -60.15 3.48 -3.83
C GLN ZA 18 -59.19 2.74 -4.76
N GLU ZA 19 -58.66 3.42 -5.77
CA GLU ZA 19 -57.62 2.84 -6.61
C GLU ZA 19 -56.35 2.57 -5.81
N LEU ZA 20 -55.85 3.58 -5.10
CA LEU ZA 20 -54.62 3.46 -4.33
C LEU ZA 20 -54.73 2.41 -3.22
N HIS ZA 21 -55.90 2.27 -2.60
CA HIS ZA 21 -56.09 1.22 -1.61
C HIS ZA 21 -55.98 -0.18 -2.21
N SER ZA 22 -56.48 -0.38 -3.43
CA SER ZA 22 -56.47 -1.70 -4.03
C SER ZA 22 -55.04 -2.19 -4.28
N VAL ZA 23 -54.17 -1.30 -4.73
CA VAL ZA 23 -52.76 -1.65 -4.91
C VAL ZA 23 -52.05 -1.80 -3.57
N TYR ZA 24 -52.39 -0.96 -2.60
CA TYR ZA 24 -51.84 -1.12 -1.24
C TYR ZA 24 -52.21 -2.46 -0.63
N MET ZA 25 -53.49 -2.86 -0.74
CA MET ZA 25 -53.88 -4.20 -0.27
C MET ZA 25 -53.08 -5.31 -0.94
N SER ZA 26 -52.73 -5.14 -2.22
CA SER ZA 26 -51.95 -6.16 -2.92
C SER ZA 26 -50.55 -6.31 -2.32
N GLY ZA 27 -49.91 -5.20 -1.98
CA GLY ZA 27 -48.63 -5.27 -1.30
C GLY ZA 27 -48.72 -5.81 0.12
N LEU ZA 28 -49.81 -5.47 0.83
CA LEU ZA 28 -50.03 -6.02 2.16
C LEU ZA 28 -50.18 -7.54 2.14
N TRP ZA 29 -51.02 -8.06 1.24
CA TRP ZA 29 -51.21 -9.51 1.17
C TRP ZA 29 -49.96 -10.22 0.68
N LEU ZA 30 -49.25 -9.63 -0.29
CA LEU ZA 30 -47.97 -10.19 -0.72
C LEU ZA 30 -46.97 -10.25 0.42
N PHE ZA 31 -46.75 -9.12 1.10
CA PHE ZA 31 -45.77 -9.07 2.19
C PHE ZA 31 -46.09 -10.06 3.30
N SER ZA 32 -47.36 -10.14 3.70
CA SER ZA 32 -47.75 -11.08 4.75
C SER ZA 32 -47.68 -12.53 4.29
N ALA ZA 33 -47.99 -12.81 3.02
CA ALA ZA 33 -47.86 -14.17 2.51
C ALA ZA 33 -46.43 -14.68 2.61
N VAL ZA 34 -45.46 -13.84 2.23
CA VAL ZA 34 -44.04 -14.19 2.41
C VAL ZA 34 -43.73 -14.44 3.88
N ALA ZA 35 -44.23 -13.57 4.76
CA ALA ZA 35 -44.00 -13.73 6.20
C ALA ZA 35 -44.59 -15.01 6.76
N ILE ZA 36 -45.75 -15.45 6.23
CA ILE ZA 36 -46.35 -16.67 6.75
C ILE ZA 36 -45.51 -17.89 6.37
N VAL ZA 37 -44.96 -17.91 5.15
CA VAL ZA 37 -44.03 -18.96 4.77
C VAL ZA 37 -42.82 -18.96 5.68
N ALA ZA 38 -42.27 -17.78 5.98
CA ALA ZA 38 -41.12 -17.67 6.88
C ALA ZA 38 -41.42 -18.18 8.28
N HIS ZA 39 -42.58 -17.81 8.84
CA HIS ZA 39 -42.98 -18.36 10.15
C HIS ZA 39 -43.18 -19.86 10.10
N LEU ZA 40 -43.89 -20.36 9.09
CA LEU ZA 40 -44.15 -21.79 8.98
C LEU ZA 40 -42.84 -22.59 8.88
N ALA ZA 41 -41.90 -22.13 8.07
CA ALA ZA 41 -40.59 -22.77 7.99
C ALA ZA 41 -39.88 -22.83 9.34
N VAL ZA 42 -39.87 -21.71 10.07
CA VAL ZA 42 -39.21 -21.70 11.39
C VAL ZA 42 -39.99 -22.50 12.43
N TYR ZA 43 -41.32 -22.58 12.30
CA TYR ZA 43 -42.09 -23.46 13.17
C TYR ZA 43 -41.82 -24.93 12.86
N ILE ZA 44 -41.60 -25.28 11.59
CA ILE ZA 44 -41.15 -26.62 11.26
C ILE ZA 44 -39.75 -26.87 11.81
N TRP ZA 45 -38.83 -25.94 11.56
CA TRP ZA 45 -37.45 -26.08 12.03
C TRP ZA 45 -37.34 -26.09 13.55
N ARG ZA 46 -38.11 -25.22 14.25
CA ARG ZA 46 -37.89 -25.03 15.68
C ARG ZA 46 -39.12 -24.42 16.36
N PRO ZA 47 -40.14 -25.22 16.64
CA PRO ZA 47 -41.39 -24.71 17.22
C PRO ZA 47 -41.20 -23.88 18.49
N TRP ZA 48 -41.89 -22.74 18.56
CA TRP ZA 48 -41.84 -21.88 19.74
C TRP ZA 48 -42.96 -22.13 20.75
N PHE ZA 49 -43.85 -23.08 20.48
CA PHE ZA 49 -44.93 -23.41 21.42
C PHE ZA 49 -44.79 -24.84 21.93
N LEU AB 7 -72.12 22.95 12.67
CA LEU AB 7 -71.67 23.03 14.06
C LEU AB 7 -70.35 22.28 14.24
N GLY AB 8 -69.73 22.46 15.42
CA GLY AB 8 -68.52 21.74 15.77
C GLY AB 8 -67.23 22.47 15.40
N TYR AB 9 -66.14 21.94 15.96
CA TYR AB 9 -64.81 22.54 15.87
C TYR AB 9 -64.03 22.11 14.64
N THR AB 10 -64.34 20.94 14.06
CA THR AB 10 -63.56 20.36 12.99
C THR AB 10 -64.06 20.72 11.60
N GLY AB 11 -65.19 21.39 11.49
CA GLY AB 11 -65.82 21.63 10.21
C GLY AB 11 -66.40 20.41 9.52
N LEU AB 12 -66.24 19.22 10.11
CA LEU AB 12 -66.96 18.05 9.64
C LEU AB 12 -68.45 18.24 9.91
N THR AB 13 -69.27 18.01 8.89
CA THR AB 13 -70.71 18.02 9.10
C THR AB 13 -71.15 16.75 9.83
N ASP AB 14 -72.41 16.77 10.27
CA ASP AB 14 -72.96 15.64 11.03
C ASP AB 14 -72.96 14.35 10.21
N GLU AB 15 -73.28 14.43 8.91
CA GLU AB 15 -73.24 13.23 8.09
C GLU AB 15 -71.81 12.74 7.87
N GLN AB 16 -70.87 13.67 7.69
CA GLN AB 16 -69.46 13.29 7.60
C GLN AB 16 -68.98 12.64 8.89
N ALA AB 17 -69.43 13.15 10.04
CA ALA AB 17 -69.04 12.55 11.31
C ALA AB 17 -69.66 11.18 11.51
N GLN AB 18 -70.91 10.99 11.10
CA GLN AB 18 -71.51 9.66 11.15
C GLN AB 18 -70.79 8.68 10.22
N GLU AB 19 -70.45 9.13 9.01
CA GLU AB 19 -69.70 8.29 8.08
C GLU AB 19 -68.37 7.85 8.66
N LEU AB 20 -67.54 8.80 9.08
CA LEU AB 20 -66.22 8.48 9.63
C LEU AB 20 -66.30 7.61 10.89
N HIS AB 21 -67.31 7.83 11.73
CA HIS AB 21 -67.50 6.96 12.89
C HIS AB 21 -67.81 5.52 12.49
N SER AB 22 -68.61 5.32 11.44
CA SER AB 22 -68.97 3.96 11.05
C SER AB 22 -67.76 3.17 10.58
N VAL AB 23 -66.81 3.83 9.90
CA VAL AB 23 -65.58 3.14 9.49
C VAL AB 23 -64.68 2.87 10.69
N TYR AB 24 -64.50 3.87 11.54
CA TYR AB 24 -63.74 3.70 12.78
C TYR AB 24 -64.27 2.56 13.64
N MET AB 25 -65.59 2.44 13.77
CA MET AB 25 -66.13 1.33 14.57
C MET AB 25 -65.98 -0.02 13.88
N SER AB 26 -66.09 -0.06 12.55
CA SER AB 26 -65.79 -1.28 11.81
C SER AB 26 -64.38 -1.79 12.10
N GLY AB 27 -63.40 -0.87 12.12
CA GLY AB 27 -62.04 -1.24 12.51
C GLY AB 27 -61.89 -1.66 13.95
N LEU AB 28 -62.49 -0.89 14.88
CA LEU AB 28 -62.45 -1.27 16.29
C LEU AB 28 -63.01 -2.68 16.52
N TRP AB 29 -64.22 -2.97 16.02
CA TRP AB 29 -64.79 -4.29 16.21
C TRP AB 29 -63.94 -5.38 15.55
N LEU AB 30 -63.37 -5.09 14.37
CA LEU AB 30 -62.46 -6.04 13.72
C LEU AB 30 -61.23 -6.30 14.58
N PHE AB 31 -60.54 -5.23 15.00
CA PHE AB 31 -59.35 -5.37 15.84
C PHE AB 31 -59.65 -6.09 17.14
N SER AB 32 -60.75 -5.74 17.81
CA SER AB 32 -61.12 -6.38 19.07
C SER AB 32 -61.40 -7.87 18.89
N ALA AB 33 -62.07 -8.26 17.80
CA ALA AB 33 -62.31 -9.67 17.54
C ALA AB 33 -61.02 -10.48 17.44
N VAL AB 34 -60.02 -9.94 16.73
CA VAL AB 34 -58.74 -10.61 16.64
C VAL AB 34 -58.05 -10.68 18.01
N ALA AB 35 -58.09 -9.58 18.76
CA ALA AB 35 -57.57 -9.59 20.14
C ALA AB 35 -58.30 -10.58 21.04
N ILE AB 36 -59.63 -10.71 20.88
CA ILE AB 36 -60.37 -11.69 21.68
C ILE AB 36 -59.90 -13.11 21.40
N VAL AB 37 -59.78 -13.45 20.12
CA VAL AB 37 -59.32 -14.79 19.74
C VAL AB 37 -57.91 -15.05 20.27
N ALA AB 38 -57.02 -14.06 20.17
CA ALA AB 38 -55.69 -14.18 20.75
C ALA AB 38 -55.73 -14.41 22.26
N HIS AB 39 -56.63 -13.74 22.99
CA HIS AB 39 -56.76 -13.99 24.42
C HIS AB 39 -57.28 -15.40 24.73
N LEU AB 40 -58.30 -15.86 24.03
CA LEU AB 40 -58.76 -17.25 24.20
C LEU AB 40 -57.62 -18.25 23.99
N ALA AB 41 -56.86 -18.09 22.92
CA ALA AB 41 -55.79 -19.04 22.61
C ALA AB 41 -54.75 -19.11 23.72
N VAL AB 42 -54.31 -17.97 24.22
CA VAL AB 42 -53.36 -17.94 25.34
C VAL AB 42 -54.00 -18.47 26.63
N TYR AB 43 -55.28 -18.18 26.85
CA TYR AB 43 -55.94 -18.71 28.04
C TYR AB 43 -56.11 -20.23 27.98
N ILE AB 44 -56.38 -20.78 26.79
CA ILE AB 44 -56.40 -22.23 26.62
C ILE AB 44 -55.00 -22.82 26.73
N TRP AB 45 -54.00 -22.13 26.17
CA TRP AB 45 -52.61 -22.58 26.29
C TRP AB 45 -52.08 -22.49 27.72
N ARG AB 46 -52.40 -21.40 28.44
CA ARG AB 46 -51.71 -21.13 29.69
C ARG AB 46 -52.53 -20.15 30.53
N PRO AB 47 -53.54 -20.64 31.26
CA PRO AB 47 -54.39 -19.76 32.06
C PRO AB 47 -53.61 -18.89 33.04
N TRP AB 48 -53.94 -17.60 33.07
CA TRP AB 48 -53.39 -16.70 34.08
C TRP AB 48 -54.28 -16.57 35.31
N PHE AB 49 -55.45 -17.20 35.31
CA PHE AB 49 -56.30 -17.26 36.51
C PHE AB 49 -56.42 -18.71 36.98
N LEU BB 7 -72.66 33.50 27.26
CA LEU BB 7 -72.44 32.07 27.11
C LEU BB 7 -71.10 31.67 27.74
N GLY BB 8 -70.77 32.32 28.85
CA GLY BB 8 -69.57 32.02 29.60
C GLY BB 8 -68.29 32.29 28.84
N TYR BB 9 -67.36 31.34 28.92
CA TYR BB 9 -65.99 31.52 28.44
C TYR BB 9 -65.65 30.59 27.28
N THR BB 10 -66.62 29.86 26.76
CA THR BB 10 -66.43 28.99 25.60
C THR BB 10 -67.44 29.24 24.49
N GLY BB 11 -68.58 29.85 24.79
CA GLY BB 11 -69.55 30.24 23.77
C GLY BB 11 -70.31 29.10 23.15
N LEU BB 12 -70.30 27.92 23.77
CA LEU BB 12 -71.33 26.93 23.50
C LEU BB 12 -72.69 27.51 23.90
N THR BB 13 -73.69 27.31 23.05
CA THR BB 13 -75.05 27.56 23.52
C THR BB 13 -75.45 26.56 24.60
N ASP BB 14 -76.45 26.95 25.39
CA ASP BB 14 -76.92 26.12 26.49
C ASP BB 14 -77.43 24.76 26.01
N GLU BB 15 -77.94 24.70 24.78
CA GLU BB 15 -78.37 23.41 24.23
C GLU BB 15 -77.19 22.55 23.78
N GLN BB 16 -76.09 23.17 23.34
CA GLN BB 16 -74.88 22.39 23.06
C GLN BB 16 -74.28 21.82 24.34
N ALA BB 17 -74.27 22.61 25.41
CA ALA BB 17 -73.82 22.12 26.71
C ALA BB 17 -74.68 20.97 27.21
N GLN BB 18 -76.01 21.11 27.12
CA GLN BB 18 -76.90 20.05 27.58
C GLN BB 18 -76.73 18.75 26.80
N GLU BB 19 -76.56 18.83 25.48
CA GLU BB 19 -76.32 17.60 24.72
C GLU BB 19 -74.91 17.05 24.95
N LEU BB 20 -73.89 17.91 24.94
CA LEU BB 20 -72.53 17.42 25.16
C LEU BB 20 -72.38 16.80 26.55
N HIS BB 21 -72.99 17.41 27.57
CA HIS BB 21 -73.05 16.78 28.88
C HIS BB 21 -73.78 15.45 28.82
N SER BB 22 -74.92 15.39 28.13
CA SER BB 22 -75.69 14.15 28.08
C SER BB 22 -74.88 13.00 27.48
N VAL BB 23 -74.13 13.26 26.40
CA VAL BB 23 -73.34 12.20 25.80
C VAL BB 23 -72.12 11.88 26.66
N TYR BB 24 -71.46 12.91 27.20
CA TYR BB 24 -70.37 12.70 28.15
C TYR BB 24 -70.81 11.83 29.34
N MET BB 25 -71.91 12.20 29.99
CA MET BB 25 -72.39 11.44 31.14
C MET BB 25 -72.76 10.00 30.79
N SER BB 26 -73.32 9.77 29.60
CA SER BB 26 -73.56 8.40 29.15
C SER BB 26 -72.25 7.64 28.98
N GLY BB 27 -71.20 8.30 28.51
CA GLY BB 27 -69.89 7.69 28.49
C GLY BB 27 -69.33 7.40 29.87
N LEU BB 28 -69.46 8.36 30.78
CA LEU BB 28 -69.03 8.18 32.16
C LEU BB 28 -69.73 7.01 32.84
N TRP BB 29 -71.06 6.94 32.75
CA TRP BB 29 -71.77 5.80 33.32
C TRP BB 29 -71.33 4.48 32.69
N LEU BB 30 -71.20 4.45 31.36
CA LEU BB 30 -70.81 3.21 30.69
C LEU BB 30 -69.43 2.74 31.12
N PHE BB 31 -68.45 3.65 31.15
CA PHE BB 31 -67.11 3.31 31.60
C PHE BB 31 -67.10 2.82 33.06
N SER BB 32 -67.77 3.55 33.94
CA SER BB 32 -67.78 3.19 35.36
C SER BB 32 -68.62 1.96 35.65
N ALA BB 33 -69.58 1.61 34.80
CA ALA BB 33 -70.29 0.34 34.94
C ALA BB 33 -69.37 -0.85 34.71
N VAL BB 34 -68.54 -0.79 33.67
CA VAL BB 34 -67.54 -1.83 33.44
C VAL BB 34 -66.55 -1.91 34.61
N ALA BB 35 -66.12 -0.75 35.11
CA ALA BB 35 -65.23 -0.72 36.28
C ALA BB 35 -65.84 -1.39 37.50
N ILE BB 36 -67.12 -1.12 37.78
CA ILE BB 36 -67.78 -1.75 38.92
C ILE BB 36 -67.79 -3.27 38.78
N VAL BB 37 -68.06 -3.78 37.58
CA VAL BB 37 -68.03 -5.22 37.35
C VAL BB 37 -66.63 -5.78 37.53
N ALA BB 38 -65.61 -5.08 37.03
CA ALA BB 38 -64.23 -5.53 37.20
C ALA BB 38 -63.81 -5.57 38.66
N HIS BB 39 -64.25 -4.60 39.47
CA HIS BB 39 -63.99 -4.64 40.90
C HIS BB 39 -64.73 -5.78 41.59
N LEU BB 40 -66.03 -5.92 41.30
CA LEU BB 40 -66.81 -7.00 41.90
C LEU BB 40 -66.25 -8.37 41.55
N ALA BB 41 -65.79 -8.55 40.31
CA ALA BB 41 -65.15 -9.79 39.91
C ALA BB 41 -63.87 -10.06 40.70
N VAL BB 42 -62.99 -9.06 40.80
CA VAL BB 42 -61.75 -9.20 41.55
C VAL BB 42 -61.98 -9.32 43.05
N TYR BB 43 -63.05 -8.72 43.58
CA TYR BB 43 -63.35 -8.93 45.00
C TYR BB 43 -63.82 -10.35 45.29
N ILE BB 44 -64.72 -10.88 44.46
CA ILE BB 44 -65.10 -12.29 44.60
C ILE BB 44 -63.88 -13.18 44.44
N TRP BB 45 -63.01 -12.86 43.49
CA TRP BB 45 -61.78 -13.64 43.28
C TRP BB 45 -60.83 -13.55 44.46
N ARG BB 46 -60.60 -12.33 44.98
CA ARG BB 46 -59.51 -12.14 45.94
C ARG BB 46 -59.72 -10.90 46.79
N PRO BB 47 -60.54 -10.99 47.85
CA PRO BB 47 -60.91 -9.81 48.63
C PRO BB 47 -59.71 -9.07 49.21
N TRP BB 48 -59.75 -7.73 49.14
CA TRP BB 48 -58.74 -6.88 49.75
C TRP BB 48 -59.16 -6.32 51.10
N PHE BB 49 -60.35 -6.67 51.58
CA PHE BB 49 -60.80 -6.28 52.92
C PHE BB 49 -61.09 -7.53 53.76
N LEU CB 7 -69.55 43.91 37.83
CA LEU CB 7 -69.03 44.18 39.17
C LEU CB 7 -67.94 43.19 39.55
N GLY CB 8 -67.28 43.47 40.68
CA GLY CB 8 -66.05 42.81 41.02
C GLY CB 8 -64.98 43.04 39.96
N TYR CB 9 -64.04 42.11 39.88
CA TYR CB 9 -62.95 42.19 38.91
C TYR CB 9 -63.14 41.28 37.70
N THR CB 10 -63.88 40.18 37.85
CA THR CB 10 -63.96 39.15 36.83
C THR CB 10 -64.97 39.48 35.72
N GLY CB 11 -65.80 40.49 35.91
CA GLY CB 11 -66.88 40.78 34.99
C GLY CB 11 -68.02 39.78 35.02
N LEU CB 12 -68.08 38.93 36.04
CA LEU CB 12 -69.23 38.07 36.27
C LEU CB 12 -70.33 38.87 36.97
N THR CB 13 -71.56 38.74 36.51
CA THR CB 13 -72.65 39.45 37.16
C THR CB 13 -72.96 38.86 38.53
N ASP CB 14 -73.59 39.68 39.37
CA ASP CB 14 -74.08 39.24 40.67
C ASP CB 14 -74.99 38.02 40.57
N GLU CB 15 -75.92 38.02 39.61
CA GLU CB 15 -76.80 36.87 39.42
C GLU CB 15 -76.06 35.65 38.86
N GLN CB 16 -75.05 35.87 38.02
CA GLN CB 16 -74.26 34.75 37.52
C GLN CB 16 -73.41 34.12 38.63
N ALA CB 17 -72.77 34.95 39.44
CA ALA CB 17 -72.05 34.46 40.61
C ALA CB 17 -72.95 33.65 41.54
N GLN CB 18 -74.15 34.17 41.82
CA GLN CB 18 -75.07 33.46 42.69
C GLN CB 18 -75.55 32.14 42.10
N GLU CB 19 -75.77 32.09 40.78
CA GLU CB 19 -76.07 30.82 40.14
C GLU CB 19 -74.90 29.85 40.26
N LEU CB 20 -73.74 30.25 39.75
CA LEU CB 20 -72.55 29.40 39.78
C LEU CB 20 -72.23 28.89 41.17
N HIS CB 21 -72.41 29.72 42.20
CA HIS CB 21 -72.15 29.30 43.58
C HIS CB 21 -73.02 28.12 43.98
N SER CB 22 -74.30 28.13 43.62
CA SER CB 22 -75.16 26.99 43.91
C SER CB 22 -74.71 25.72 43.20
N VAL CB 23 -74.15 25.84 42.00
CA VAL CB 23 -73.69 24.66 41.27
C VAL CB 23 -72.42 24.11 41.92
N TYR CB 24 -71.47 25.00 42.23
CA TYR CB 24 -70.29 24.62 42.99
C TYR CB 24 -70.62 24.01 44.35
N MET CB 25 -71.44 24.72 45.15
CA MET CB 25 -71.67 24.29 46.52
C MET CB 25 -72.39 22.94 46.60
N SER CB 26 -73.33 22.69 45.69
CA SER CB 26 -73.98 21.38 45.67
C SER CB 26 -73.00 20.28 45.27
N GLY CB 27 -72.05 20.58 44.40
CA GLY CB 27 -70.96 19.65 44.13
C GLY CB 27 -70.04 19.44 45.31
N LEU CB 28 -69.70 20.52 46.03
CA LEU CB 28 -68.94 20.41 47.27
C LEU CB 28 -69.66 19.56 48.31
N TRP CB 29 -70.95 19.80 48.53
CA TRP CB 29 -71.68 18.98 49.50
C TRP CB 29 -71.79 17.53 49.04
N LEU CB 30 -71.97 17.31 47.73
CA LEU CB 30 -72.01 15.94 47.21
C LEU CB 30 -70.71 15.20 47.44
N PHE CB 31 -69.59 15.84 47.07
CA PHE CB 31 -68.27 15.24 47.24
C PHE CB 31 -67.93 14.97 48.70
N SER CB 32 -68.14 15.98 49.56
CA SER CB 32 -67.88 15.82 50.99
C SER CB 32 -68.80 14.82 51.66
N ALA CB 33 -70.04 14.67 51.18
CA ALA CB 33 -70.91 13.60 51.69
C ALA CB 33 -70.33 12.22 51.44
N VAL CB 34 -69.83 11.97 50.23
CA VAL CB 34 -69.19 10.69 49.93
C VAL CB 34 -67.94 10.49 50.77
N ALA CB 35 -67.16 11.55 50.97
CA ALA CB 35 -65.99 11.48 51.85
C ALA CB 35 -66.36 11.13 53.28
N ILE CB 36 -67.48 11.63 53.78
CA ILE CB 36 -67.90 11.32 55.15
C ILE CB 36 -68.26 9.84 55.29
N VAL CB 37 -68.98 9.29 54.32
CA VAL CB 37 -69.24 7.85 54.32
C VAL CB 37 -67.95 7.06 54.25
N ALA CB 38 -67.01 7.50 53.41
CA ALA CB 38 -65.73 6.81 53.29
C ALA CB 38 -64.96 6.80 54.61
N HIS CB 39 -64.89 7.94 55.30
CA HIS CB 39 -64.25 7.96 56.61
C HIS CB 39 -64.98 7.09 57.63
N LEU CB 40 -66.32 7.11 57.61
CA LEU CB 40 -67.09 6.33 58.56
C LEU CB 40 -66.81 4.83 58.42
N ALA CB 41 -66.84 4.33 57.19
CA ALA CB 41 -66.52 2.92 56.94
C ALA CB 41 -65.09 2.58 57.35
N VAL CB 42 -64.12 3.42 57.02
CA VAL CB 42 -62.73 3.18 57.39
C VAL CB 42 -62.54 3.23 58.90
N TYR CB 43 -63.21 4.15 59.59
CA TYR CB 43 -63.12 4.19 61.04
C TYR CB 43 -63.71 2.93 61.67
N ILE CB 44 -64.91 2.53 61.25
CA ILE CB 44 -65.52 1.31 61.73
C ILE CB 44 -64.63 0.10 61.44
N TRP CB 45 -63.98 0.11 60.28
CA TRP CB 45 -63.02 -0.94 59.93
C TRP CB 45 -61.75 -0.89 60.79
N ARG CB 46 -61.19 0.30 61.04
CA ARG CB 46 -59.86 0.34 61.66
C ARG CB 46 -59.57 1.70 62.30
N PRO CB 47 -60.09 1.96 63.50
CA PRO CB 47 -60.02 3.31 64.08
C PRO CB 47 -58.60 3.84 64.20
N TRP CB 48 -58.42 5.13 63.89
CA TRP CB 48 -57.14 5.78 64.04
C TRP CB 48 -56.99 6.51 65.38
N PHE CB 49 -57.94 6.36 66.30
CA PHE CB 49 -57.84 6.92 67.64
C PHE CB 49 -58.08 5.84 68.70
N LEU DB 7 -61.87 57.90 49.28
CA LEU DB 7 -60.47 57.95 48.91
C LEU DB 7 -59.74 56.67 49.30
N GLY DB 8 -58.79 56.27 48.46
CA GLY DB 8 -57.97 55.11 48.76
C GLY DB 8 -57.08 54.76 47.60
N TYR DB 9 -56.42 53.61 47.72
CA TYR DB 9 -55.59 53.08 46.65
C TYR DB 9 -56.30 52.04 45.79
N THR DB 10 -57.27 51.32 46.34
CA THR DB 10 -57.95 50.25 45.63
C THR DB 10 -59.13 50.73 44.81
N GLY DB 11 -59.62 51.95 45.06
CA GLY DB 11 -60.81 52.45 44.42
C GLY DB 11 -62.11 52.09 45.11
N LEU DB 12 -62.09 51.14 46.04
CA LEU DB 12 -63.28 50.76 46.78
C LEU DB 12 -63.83 51.93 47.58
N THR DB 13 -65.15 52.09 47.55
CA THR DB 13 -65.83 53.00 48.47
C THR DB 13 -65.92 52.40 49.87
N ASP DB 14 -66.11 53.30 50.85
CA ASP DB 14 -66.26 52.89 52.24
C ASP DB 14 -67.42 51.91 52.41
N GLU DB 15 -68.53 52.15 51.71
CA GLU DB 15 -69.65 51.21 51.73
C GLU DB 15 -69.24 49.84 51.20
N GLN DB 16 -68.55 49.81 50.07
CA GLN DB 16 -68.15 48.54 49.46
C GLN DB 16 -67.06 47.85 50.26
N ALA DB 17 -66.15 48.61 50.88
CA ALA DB 17 -65.15 48.04 51.76
C ALA DB 17 -65.76 47.40 53.01
N GLN DB 18 -66.74 48.06 53.62
CA GLN DB 18 -67.40 47.48 54.79
C GLN DB 18 -68.10 46.17 54.45
N GLU DB 19 -68.78 46.12 53.31
CA GLU DB 19 -69.45 44.90 52.86
C GLU DB 19 -68.48 43.72 52.78
N LEU DB 20 -67.42 43.87 51.98
CA LEU DB 20 -66.41 42.83 51.85
C LEU DB 20 -65.75 42.48 53.18
N HIS DB 21 -65.51 43.46 54.04
CA HIS DB 21 -64.91 43.15 55.34
C HIS DB 21 -65.83 42.29 56.20
N SER DB 22 -67.13 42.58 56.19
CA SER DB 22 -68.07 41.85 57.03
C SER DB 22 -68.08 40.36 56.69
N VAL DB 23 -68.07 40.02 55.39
CA VAL DB 23 -68.06 38.63 54.99
C VAL DB 23 -66.69 37.99 55.19
N TYR DB 24 -65.61 38.73 54.93
CA TYR DB 24 -64.28 38.26 55.33
C TYR DB 24 -64.20 37.90 56.81
N MET DB 25 -64.75 38.76 57.68
CA MET DB 25 -64.80 38.45 59.10
C MET DB 25 -65.61 37.19 59.39
N SER DB 26 -66.71 36.98 58.67
CA SER DB 26 -67.51 35.78 58.88
C SER DB 26 -66.75 34.51 58.51
N GLY DB 27 -65.98 34.55 57.43
CA GLY DB 27 -65.11 33.44 57.10
C GLY DB 27 -64.02 33.19 58.12
N LEU DB 28 -63.39 34.26 58.60
CA LEU DB 28 -62.40 34.15 59.67
C LEU DB 28 -62.97 33.51 60.92
N TRP DB 29 -64.13 33.99 61.39
CA TRP DB 29 -64.74 33.39 62.59
C TRP DB 29 -65.12 31.94 62.36
N LEU DB 30 -65.67 31.61 61.19
CA LEU DB 30 -66.03 30.22 60.90
C LEU DB 30 -64.80 29.32 60.92
N PHE DB 31 -63.71 29.77 60.29
CA PHE DB 31 -62.47 28.99 60.25
C PHE DB 31 -61.88 28.83 61.64
N SER DB 32 -61.82 29.92 62.41
CA SER DB 32 -61.24 29.86 63.75
C SER DB 32 -62.11 29.07 64.73
N ALA DB 33 -63.43 29.11 64.57
CA ALA DB 33 -64.30 28.28 65.40
C ALA DB 33 -64.04 26.80 65.19
N VAL DB 34 -63.96 26.36 63.93
CA VAL DB 34 -63.65 24.97 63.62
C VAL DB 34 -62.26 24.61 64.15
N ALA DB 35 -61.30 25.54 64.07
CA ALA DB 35 -59.98 25.31 64.61
C ALA DB 35 -60.01 25.13 66.13
N ILE DB 36 -60.67 26.04 66.84
CA ILE DB 36 -60.69 25.98 68.31
C ILE DB 36 -61.25 24.66 68.81
N VAL DB 37 -62.28 24.13 68.13
CA VAL DB 37 -62.81 22.82 68.49
C VAL DB 37 -61.77 21.73 68.25
N ALA DB 38 -61.10 21.76 67.09
CA ALA DB 38 -60.07 20.77 66.81
C ALA DB 38 -58.91 20.83 67.81
N HIS DB 39 -58.48 22.02 68.20
CA HIS DB 39 -57.47 22.14 69.26
C HIS DB 39 -57.96 21.56 70.58
N LEU DB 40 -59.20 21.87 70.98
CA LEU DB 40 -59.73 21.33 72.23
C LEU DB 40 -59.85 19.82 72.19
N ALA DB 41 -60.38 19.27 71.09
CA ALA DB 41 -60.50 17.82 70.97
C ALA DB 41 -59.15 17.12 71.03
N VAL DB 42 -58.15 17.65 70.34
CA VAL DB 42 -56.80 17.08 70.39
C VAL DB 42 -56.15 17.25 71.75
N TYR DB 43 -56.33 18.41 72.39
CA TYR DB 43 -55.78 18.60 73.73
C TYR DB 43 -56.38 17.61 74.72
N ILE DB 44 -57.70 17.44 74.69
CA ILE DB 44 -58.36 16.49 75.60
C ILE DB 44 -57.90 15.06 75.31
N TRP DB 45 -57.63 14.73 74.05
CA TRP DB 45 -57.05 13.44 73.71
C TRP DB 45 -55.60 13.32 74.16
N ARG DB 46 -54.80 14.37 73.96
CA ARG DB 46 -53.36 14.23 74.17
C ARG DB 46 -52.74 15.59 74.47
N PRO DB 47 -52.73 16.02 75.74
CA PRO DB 47 -52.25 17.37 76.07
C PRO DB 47 -50.79 17.59 75.71
N TRP DB 48 -50.50 18.77 75.17
CA TRP DB 48 -49.13 19.20 74.91
C TRP DB 48 -48.57 20.12 75.99
N PHE DB 49 -49.16 20.14 77.17
CA PHE DB 49 -48.60 20.85 78.32
C PHE DB 49 -48.67 20.00 79.57
N LEU EB 7 -48.66 69.17 52.66
CA LEU EB 7 -47.21 69.09 52.86
C LEU EB 7 -46.79 67.66 53.17
N GLY EB 8 -46.07 67.02 52.24
CA GLY EB 8 -45.58 65.68 52.50
C GLY EB 8 -45.31 64.93 51.21
N TYR EB 9 -44.74 63.73 51.39
CA TYR EB 9 -44.31 62.86 50.30
C TYR EB 9 -45.42 61.96 49.79
N THR EB 10 -46.22 61.38 50.70
CA THR EB 10 -47.18 60.35 50.32
C THR EB 10 -48.44 60.92 49.68
N GLY EB 11 -48.75 62.19 49.91
CA GLY EB 11 -50.04 62.73 49.53
C GLY EB 11 -51.21 62.32 50.39
N LEU EB 12 -50.95 61.70 51.55
CA LEU EB 12 -51.94 61.71 52.63
C LEU EB 12 -52.10 63.13 53.15
N THR EB 13 -53.32 63.47 53.53
CA THR EB 13 -53.55 64.68 54.32
C THR EB 13 -53.15 64.45 55.77
N ASP EB 14 -53.02 65.56 56.51
CA ASP EB 14 -52.71 65.49 57.94
C ASP EB 14 -53.83 64.80 58.72
N GLU EB 15 -55.07 64.91 58.27
CA GLU EB 15 -56.18 64.26 58.95
C GLU EB 15 -56.28 62.79 58.59
N GLN EB 16 -55.98 62.43 57.35
CA GLN EB 16 -55.93 61.02 56.96
C GLN EB 16 -54.83 60.28 57.72
N ALA EB 17 -53.69 60.94 57.91
CA ALA EB 17 -52.63 60.39 58.75
C ALA EB 17 -53.11 60.11 60.17
N GLN EB 18 -53.83 61.05 60.77
CA GLN EB 18 -54.30 60.84 62.14
C GLN EB 18 -55.31 59.71 62.23
N GLU EB 19 -56.24 59.61 61.28
CA GLU EB 19 -57.18 58.49 61.26
C GLU EB 19 -56.45 57.16 61.17
N LEU EB 20 -55.59 57.01 60.16
CA LEU EB 20 -54.86 55.76 59.96
C LEU EB 20 -53.99 55.42 61.17
N HIS EB 21 -53.30 56.41 61.72
CA HIS EB 21 -52.48 56.17 62.91
C HIS EB 21 -53.30 55.70 64.11
N SER EB 22 -54.47 56.30 64.32
CA SER EB 22 -55.32 55.86 65.43
C SER EB 22 -55.74 54.41 65.26
N VAL EB 23 -55.98 53.97 64.03
CA VAL EB 23 -56.34 52.57 63.79
C VAL EB 23 -55.12 51.67 63.94
N TYR EB 24 -54.00 52.07 63.34
CA TYR EB 24 -52.75 51.32 63.44
C TYR EB 24 -52.35 51.07 64.89
N MET EB 25 -52.30 52.13 65.70
CA MET EB 25 -51.96 51.97 67.12
C MET EB 25 -52.90 51.02 67.85
N SER EB 26 -54.19 51.04 67.52
CA SER EB 26 -55.12 50.12 68.15
C SER EB 26 -54.87 48.67 67.73
N GLY EB 27 -54.48 48.44 66.49
CA GLY EB 27 -54.06 47.11 66.08
C GLY EB 27 -52.81 46.63 66.79
N LEU EB 28 -51.82 47.51 66.93
CA LEU EB 28 -50.63 47.22 67.72
C LEU EB 28 -50.97 46.89 69.17
N TRP EB 29 -51.83 47.69 69.82
CA TRP EB 29 -52.17 47.42 71.22
C TRP EB 29 -52.93 46.09 71.37
N LEU EB 30 -53.81 45.76 70.44
CA LEU EB 30 -54.46 44.45 70.50
C LEU EB 30 -53.47 43.31 70.32
N PHE EB 31 -52.53 43.47 69.40
CA PHE EB 31 -51.50 42.45 69.19
C PHE EB 31 -50.63 42.28 70.44
N SER EB 32 -50.07 43.39 70.94
CA SER EB 32 -49.18 43.33 72.09
C SER EB 32 -49.89 42.90 73.38
N ALA EB 33 -51.18 43.21 73.51
CA ALA EB 33 -51.94 42.72 74.66
C ALA EB 33 -51.95 41.19 74.71
N VAL EB 34 -52.18 40.54 73.57
CA VAL EB 34 -52.07 39.09 73.49
C VAL EB 34 -50.64 38.63 73.74
N ALA EB 35 -49.67 39.34 73.19
CA ALA EB 35 -48.26 39.01 73.41
C ALA EB 35 -47.89 39.00 74.88
N ILE EB 36 -48.37 39.97 75.66
CA ILE EB 36 -48.09 39.96 77.10
C ILE EB 36 -48.70 38.74 77.78
N VAL EB 37 -49.96 38.43 77.44
CA VAL EB 37 -50.62 37.27 78.03
C VAL EB 37 -49.87 35.97 77.72
N ALA EB 38 -49.41 35.82 76.48
CA ALA EB 38 -48.60 34.66 76.11
C ALA EB 38 -47.27 34.61 76.87
N HIS EB 39 -46.56 35.74 76.97
CA HIS EB 39 -45.32 35.76 77.73
C HIS EB 39 -45.54 35.44 79.21
N LEU EB 40 -46.53 36.07 79.83
CA LEU EB 40 -46.82 35.80 81.23
C LEU EB 40 -47.22 34.34 81.46
N ALA EB 41 -48.02 33.78 80.55
CA ALA EB 41 -48.40 32.37 80.64
C ALA EB 41 -47.20 31.43 80.56
N VAL EB 42 -46.32 31.65 79.58
CA VAL EB 42 -45.11 30.84 79.47
C VAL EB 42 -44.17 31.06 80.66
N TYR EB 43 -44.10 32.28 81.19
CA TYR EB 43 -43.29 32.49 82.39
C TYR EB 43 -43.85 31.72 83.59
N ILE EB 44 -45.17 31.78 83.78
CA ILE EB 44 -45.80 31.02 84.85
C ILE EB 44 -45.61 29.52 84.64
N TRP EB 45 -45.73 29.06 83.40
CA TRP EB 45 -45.50 27.65 83.08
C TRP EB 45 -44.03 27.25 83.25
N ARG EB 46 -43.09 28.09 82.82
CA ARG EB 46 -41.70 27.66 82.73
C ARG EB 46 -40.77 28.85 82.67
N PRO EB 47 -40.37 29.43 83.80
CA PRO EB 47 -39.57 30.66 83.79
C PRO EB 47 -38.24 30.50 83.07
N TRP EB 48 -37.85 31.53 82.33
CA TRP EB 48 -36.59 31.53 81.61
C TRP EB 48 -35.47 32.31 82.30
N PHE EB 49 -35.78 33.06 83.36
CA PHE EB 49 -34.74 33.72 84.15
C PHE EB 49 -34.40 32.92 85.40
N LEU FB 7 -34.57 75.37 50.65
CA LEU FB 7 -33.49 76.13 51.27
C LEU FB 7 -32.25 75.24 51.45
N GLY FB 8 -32.49 73.93 51.59
CA GLY FB 8 -31.45 72.93 51.50
C GLY FB 8 -31.65 71.99 50.33
N TYR FB 9 -30.77 70.99 50.25
CA TYR FB 9 -30.87 69.99 49.20
C TYR FB 9 -32.21 69.26 49.21
N THR FB 10 -32.80 69.07 50.39
CA THR FB 10 -33.96 68.19 50.51
C THR FB 10 -35.27 68.85 50.12
N GLY FB 11 -35.31 70.18 50.04
CA GLY FB 11 -36.55 70.89 49.82
C GLY FB 11 -37.39 71.09 51.06
N LEU FB 12 -37.06 70.44 52.17
CA LEU FB 12 -37.63 70.82 53.45
C LEU FB 12 -37.21 72.24 53.82
N THR FB 13 -38.12 72.97 54.44
CA THR FB 13 -37.80 74.28 54.99
C THR FB 13 -37.03 74.17 56.30
N ASP FB 14 -36.51 75.30 56.74
CA ASP FB 14 -35.92 75.41 58.08
C ASP FB 14 -36.91 75.08 59.19
N GLU FB 15 -38.21 75.28 58.95
CA GLU FB 15 -39.21 74.93 59.95
C GLU FB 15 -39.58 73.44 59.89
N GLN FB 16 -39.80 72.92 58.68
CA GLN FB 16 -40.06 71.49 58.54
C GLN FB 16 -38.90 70.66 59.11
N ALA FB 17 -37.67 71.12 58.93
CA ALA FB 17 -36.52 70.43 59.49
C ALA FB 17 -36.51 70.47 61.02
N GLN FB 18 -37.02 71.54 61.63
CA GLN FB 18 -37.17 71.56 63.08
C GLN FB 18 -38.35 70.74 63.56
N GLU FB 19 -39.45 70.75 62.81
CA GLU FB 19 -40.59 69.90 63.14
C GLU FB 19 -40.19 68.44 63.23
N LEU FB 20 -39.57 67.91 62.16
CA LEU FB 20 -39.17 66.51 62.12
C LEU FB 20 -38.09 66.18 63.15
N HIS FB 21 -37.13 67.08 63.35
CA HIS FB 21 -36.11 66.83 64.37
C HIS FB 21 -36.71 66.70 65.76
N SER FB 22 -37.71 67.52 66.09
CA SER FB 22 -38.34 67.43 67.40
C SER FB 22 -38.97 66.07 67.67
N VAL FB 23 -39.60 65.47 66.66
CA VAL FB 23 -40.19 64.14 66.82
C VAL FB 23 -39.14 63.04 66.76
N TYR FB 24 -38.08 63.21 65.95
CA TYR FB 24 -36.98 62.25 65.95
C TYR FB 24 -36.32 62.15 67.33
N MET FB 25 -36.00 63.28 67.94
CA MET FB 25 -35.43 63.26 69.28
C MET FB 25 -36.41 62.70 70.31
N SER FB 26 -37.71 62.98 70.14
CA SER FB 26 -38.72 62.36 70.98
C SER FB 26 -38.66 60.83 70.90
N GLY FB 27 -38.39 60.30 69.71
CA GLY FB 27 -38.27 58.87 69.51
C GLY FB 27 -36.96 58.28 70.00
N LEU FB 28 -35.86 58.97 69.69
CA LEU FB 28 -34.54 58.57 70.18
C LEU FB 28 -34.50 58.47 71.70
N TRP FB 29 -34.96 59.51 72.40
CA TRP FB 29 -34.89 59.50 73.86
C TRP FB 29 -35.74 58.38 74.46
N LEU FB 30 -36.87 58.07 73.85
CA LEU FB 30 -37.70 56.97 74.35
C LEU FB 30 -37.02 55.62 74.14
N PHE FB 31 -36.51 55.38 72.93
CA PHE FB 31 -35.81 54.13 72.63
C PHE FB 31 -34.61 53.93 73.54
N SER FB 32 -33.79 54.97 73.70
CA SER FB 32 -32.62 54.88 74.56
C SER FB 32 -32.98 54.76 76.04
N ALA FB 33 -34.08 55.39 76.47
CA ALA FB 33 -34.54 55.24 77.84
C ALA FB 33 -34.94 53.80 78.14
N VAL FB 34 -35.66 53.15 77.22
CA VAL FB 34 -36.01 51.74 77.39
C VAL FB 34 -34.76 50.87 77.37
N ALA FB 35 -33.83 51.15 76.44
CA ALA FB 35 -32.57 50.42 76.40
C ALA FB 35 -31.77 50.57 77.69
N ILE FB 36 -31.72 51.79 78.25
CA ILE FB 36 -31.03 52.02 79.52
C ILE FB 36 -31.65 51.18 80.63
N VAL FB 37 -32.98 51.16 80.70
CA VAL FB 37 -33.66 50.32 81.69
C VAL FB 37 -33.34 48.84 81.46
N ALA FB 38 -33.33 48.40 80.20
CA ALA FB 38 -32.98 47.01 79.90
C ALA FB 38 -31.55 46.66 80.32
N HIS FB 39 -30.59 47.54 80.06
CA HIS FB 39 -29.22 47.30 80.53
C HIS FB 39 -29.14 47.25 82.06
N LEU FB 40 -29.83 48.14 82.74
CA LEU FB 40 -29.75 48.17 84.21
C LEU FB 40 -30.37 46.92 84.83
N ALA FB 41 -31.48 46.46 84.27
CA ALA FB 41 -32.09 45.20 84.70
C ALA FB 41 -31.15 44.01 84.50
N VAL FB 42 -30.51 43.91 83.33
CA VAL FB 42 -29.56 42.83 83.06
C VAL FB 42 -28.31 42.96 83.93
N TYR FB 43 -27.85 44.18 84.18
CA TYR FB 43 -26.69 44.33 85.07
C TYR FB 43 -27.01 43.87 86.49
N ILE FB 44 -28.19 44.24 87.01
CA ILE FB 44 -28.62 43.76 88.32
C ILE FB 44 -28.77 42.24 88.31
N TRP FB 45 -29.31 41.68 87.23
CA TRP FB 45 -29.42 40.24 87.09
C TRP FB 45 -28.05 39.56 86.99
N ARG FB 46 -27.11 40.14 86.24
CA ARG FB 46 -25.88 39.39 85.92
C ARG FB 46 -24.77 40.31 85.45
N PRO FB 47 -24.06 40.96 86.37
CA PRO FB 47 -23.04 41.96 85.99
C PRO FB 47 -21.98 41.43 85.03
N TRP FB 48 -21.73 42.21 83.96
CA TRP FB 48 -20.67 41.87 83.02
C TRP FB 48 -19.34 42.54 83.35
N PHE FB 49 -19.27 43.33 84.41
CA PHE FB 49 -18.03 43.98 84.82
C PHE FB 49 -17.58 43.50 86.19
N LEU GB 7 -20.50 76.80 44.75
CA LEU GB 7 -19.13 77.19 44.40
C LEU GB 7 -18.17 76.01 44.56
N GLY GB 8 -16.90 76.23 44.22
CA GLY GB 8 -15.92 75.16 44.14
C GLY GB 8 -16.30 74.13 43.09
N TYR GB 9 -16.66 72.92 43.54
CA TYR GB 9 -17.19 71.89 42.67
C TYR GB 9 -18.58 71.41 43.05
N THR GB 10 -19.01 71.61 44.30
CA THR GB 10 -20.31 71.10 44.75
C THR GB 10 -21.45 72.03 44.32
N GLY GB 11 -21.35 73.30 44.71
CA GLY GB 11 -22.49 74.22 44.68
C GLY GB 11 -22.85 74.80 46.03
N LEU GB 12 -22.20 74.38 47.11
CA LEU GB 12 -22.31 75.09 48.38
C LEU GB 12 -21.59 76.43 48.28
N THR GB 13 -22.14 77.44 48.96
CA THR GB 13 -21.45 78.71 49.11
C THR GB 13 -20.51 78.70 50.31
N ASP GB 14 -19.73 79.77 50.43
CA ASP GB 14 -18.90 80.00 51.60
C ASP GB 14 -19.75 80.05 52.88
N GLU GB 15 -20.87 80.77 52.83
CA GLU GB 15 -21.75 80.89 54.00
C GLU GB 15 -22.35 79.55 54.38
N GLN GB 16 -22.84 78.80 53.39
CA GLN GB 16 -23.43 77.48 53.65
C GLN GB 16 -22.38 76.52 54.21
N ALA GB 17 -21.23 76.44 53.56
CA ALA GB 17 -20.18 75.49 53.98
C ALA GB 17 -19.65 75.80 55.36
N GLN GB 18 -19.44 77.08 55.68
CA GLN GB 18 -18.87 77.44 56.97
C GLN GB 18 -19.81 77.15 58.14
N GLU GB 19 -21.13 77.11 57.90
CA GLU GB 19 -22.06 76.73 58.96
C GLU GB 19 -22.18 75.21 59.10
N LEU GB 20 -22.30 74.51 57.97
CA LEU GB 20 -22.33 73.05 57.96
C LEU GB 20 -21.13 72.47 58.69
N HIS GB 21 -19.94 72.99 58.39
CA HIS GB 21 -18.72 72.56 59.06
C HIS GB 21 -18.78 72.71 60.58
N SER GB 22 -19.43 73.78 61.07
CA SER GB 22 -19.54 73.94 62.51
C SER GB 22 -20.43 72.87 63.14
N VAL GB 23 -21.50 72.48 62.45
CA VAL GB 23 -22.32 71.37 62.95
C VAL GB 23 -21.59 70.04 62.86
N TYR GB 24 -20.85 69.82 61.76
CA TYR GB 24 -19.99 68.65 61.65
C TYR GB 24 -18.99 68.57 62.80
N MET GB 25 -18.28 69.66 63.06
CA MET GB 25 -17.32 69.68 64.16
C MET GB 25 -17.98 69.55 65.53
N SER GB 26 -19.21 70.05 65.69
CA SER GB 26 -19.93 69.80 66.93
C SER GB 26 -20.22 68.31 67.11
N GLY GB 27 -20.48 67.61 66.02
CA GLY GB 27 -20.57 66.16 66.07
C GLY GB 27 -19.24 65.49 66.37
N LEU GB 28 -18.18 65.92 65.69
CA LEU GB 28 -16.84 65.37 65.92
C LEU GB 28 -16.43 65.44 67.39
N TRP GB 29 -16.50 66.63 68.01
CA TRP GB 29 -15.99 66.76 69.37
C TRP GB 29 -16.87 66.02 70.37
N LEU GB 30 -18.20 66.11 70.23
CA LEU GB 30 -19.08 65.35 71.11
C LEU GB 30 -18.81 63.85 71.02
N PHE GB 31 -18.66 63.34 69.79
CA PHE GB 31 -18.32 61.93 69.59
C PHE GB 31 -16.96 61.60 70.21
N SER GB 32 -15.96 62.44 69.93
CA SER GB 32 -14.62 62.22 70.48
C SER GB 32 -14.60 62.30 72.01
N ALA GB 33 -15.34 63.24 72.58
CA ALA GB 33 -15.38 63.37 74.04
C ALA GB 33 -15.89 62.09 74.71
N VAL GB 34 -16.95 61.50 74.17
CA VAL GB 34 -17.44 60.22 74.68
C VAL GB 34 -16.38 59.13 74.48
N ALA GB 35 -15.69 59.14 73.34
CA ALA GB 35 -14.62 58.19 73.10
C ALA GB 35 -13.48 58.32 74.10
N ILE GB 36 -13.15 59.56 74.49
CA ILE GB 36 -12.16 59.77 75.55
C ILE GB 36 -12.64 59.15 76.86
N VAL GB 37 -13.87 59.47 77.26
CA VAL GB 37 -14.43 58.90 78.49
C VAL GB 37 -14.41 57.38 78.43
N ALA GB 38 -14.80 56.80 77.30
CA ALA GB 38 -14.77 55.35 77.13
C ALA GB 38 -13.35 54.78 77.27
N HIS GB 39 -12.37 55.38 76.60
CA HIS GB 39 -10.99 54.93 76.73
C HIS GB 39 -10.49 55.04 78.17
N LEU GB 40 -10.73 56.18 78.83
CA LEU GB 40 -10.24 56.35 80.19
C LEU GB 40 -10.89 55.36 81.15
N ALA GB 41 -12.19 55.12 81.01
CA ALA GB 41 -12.88 54.14 81.85
C ALA GB 41 -12.31 52.73 81.65
N VAL GB 42 -12.11 52.33 80.39
CA VAL GB 42 -11.46 51.05 80.10
C VAL GB 42 -10.02 51.01 80.61
N TYR GB 43 -9.30 52.12 80.50
CA TYR GB 43 -7.92 52.13 80.98
C TYR GB 43 -7.86 52.00 82.50
N ILE GB 44 -8.67 52.76 83.22
CA ILE GB 44 -8.74 52.63 84.68
C ILE GB 44 -9.12 51.20 85.07
N TRP GB 45 -10.01 50.58 84.30
CA TRP GB 45 -10.39 49.20 84.56
C TRP GB 45 -9.30 48.20 84.17
N ARG GB 46 -8.61 48.42 83.04
CA ARG GB 46 -7.70 47.39 82.54
C ARG GB 46 -6.65 48.00 81.61
N PRO GB 47 -5.57 48.56 82.15
CA PRO GB 47 -4.57 49.22 81.30
C PRO GB 47 -3.97 48.30 80.25
N TRP GB 48 -3.81 48.83 79.03
CA TRP GB 48 -3.23 48.09 77.92
C TRP GB 48 -1.76 48.43 77.68
N PHE GB 49 -1.17 49.31 78.49
CA PHE GB 49 0.27 49.52 78.49
C PHE GB 49 0.86 49.09 79.83
N GLY HB 8 -4.22 75.25 33.10
CA GLY HB 8 -4.05 73.96 33.75
C GLY HB 8 -5.29 73.11 33.70
N TYR HB 9 -5.10 71.79 33.60
CA TYR HB 9 -6.17 70.87 33.25
C TYR HB 9 -7.11 70.54 34.41
N THR HB 10 -7.03 71.25 35.53
CA THR HB 10 -8.10 71.24 36.52
C THR HB 10 -9.04 72.43 36.38
N GLY HB 11 -8.76 73.34 35.46
CA GLY HB 11 -9.58 74.54 35.29
C GLY HB 11 -9.41 75.59 36.36
N LEU HB 12 -8.80 75.25 37.50
CA LEU HB 12 -8.57 76.23 38.55
C LEU HB 12 -7.74 77.41 38.06
N THR HB 13 -8.11 78.61 38.51
CA THR HB 13 -7.18 79.73 38.49
C THR HB 13 -6.01 79.48 39.44
N ASP HB 14 -4.93 80.23 39.22
CA ASP HB 14 -3.78 80.17 40.12
C ASP HB 14 -4.18 80.58 41.54
N GLU HB 15 -4.96 81.66 41.67
CA GLU HB 15 -5.46 82.09 42.97
C GLU HB 15 -6.13 80.95 43.74
N GLN HB 16 -6.96 80.18 43.05
CA GLN HB 16 -7.63 79.04 43.69
C GLN HB 16 -6.64 77.96 44.10
N ALA HB 17 -5.64 77.66 43.26
CA ALA HB 17 -4.64 76.66 43.61
C ALA HB 17 -3.79 77.09 44.80
N GLN HB 18 -3.43 78.37 44.90
CA GLN HB 18 -2.74 78.87 46.08
C GLN HB 18 -3.60 78.72 47.34
N GLU HB 19 -4.87 79.12 47.24
CA GLU HB 19 -5.79 78.98 48.36
C GLU HB 19 -5.88 77.53 48.85
N LEU HB 20 -6.17 76.62 47.92
CA LEU HB 20 -6.34 75.20 48.25
C LEU HB 20 -5.09 74.59 48.88
N HIS HB 21 -3.91 74.90 48.33
CA HIS HB 21 -2.65 74.38 48.87
C HIS HB 21 -2.40 74.82 50.31
N SER HB 22 -2.81 76.03 50.68
CA SER HB 22 -2.61 76.47 52.05
C SER HB 22 -3.40 75.60 53.04
N VAL HB 23 -4.62 75.25 52.67
CA VAL HB 23 -5.44 74.38 53.52
C VAL HB 23 -4.86 72.97 53.56
N TYR HB 24 -4.54 72.41 52.40
CA TYR HB 24 -3.96 71.07 52.32
C TYR HB 24 -2.70 70.92 53.18
N MET HB 25 -1.75 71.84 53.03
CA MET HB 25 -0.50 71.73 53.79
C MET HB 25 -0.72 71.93 55.28
N SER HB 26 -1.65 72.80 55.67
CA SER HB 26 -1.97 72.95 57.09
C SER HB 26 -2.55 71.67 57.67
N GLY HB 27 -3.37 70.96 56.88
CA GLY HB 27 -3.80 69.62 57.28
C GLY HB 27 -2.64 68.65 57.42
N LEU HB 28 -1.72 68.65 56.43
CA LEU HB 28 -0.55 67.78 56.48
C LEU HB 28 0.36 68.10 57.66
N TRP HB 29 0.58 69.38 57.96
CA TRP HB 29 1.37 69.72 59.15
C TRP HB 29 0.71 69.20 60.43
N LEU HB 30 -0.60 69.33 60.56
CA LEU HB 30 -1.28 68.78 61.73
C LEU HB 30 -1.16 67.27 61.80
N PHE HB 31 -1.36 66.60 60.67
CA PHE HB 31 -1.25 65.14 60.63
C PHE HB 31 0.17 64.68 60.96
N SER HB 32 1.17 65.33 60.37
CA SER HB 32 2.56 65.04 60.68
C SER HB 32 2.89 65.27 62.15
N ALA HB 33 2.36 66.34 62.74
CA ALA HB 33 2.62 66.61 64.16
C ALA HB 33 2.15 65.48 65.06
N VAL HB 34 0.93 64.98 64.83
CA VAL HB 34 0.41 63.88 65.64
C VAL HB 34 1.25 62.62 65.44
N ALA HB 35 1.64 62.35 64.19
CA ALA HB 35 2.50 61.20 63.90
C ALA HB 35 3.85 61.30 64.61
N ILE HB 36 4.47 62.48 64.58
CA ILE HB 36 5.76 62.67 65.24
C ILE HB 36 5.66 62.41 66.74
N VAL HB 37 4.61 62.92 67.37
CA VAL HB 37 4.39 62.64 68.80
C VAL HB 37 4.16 61.15 69.03
N ALA HB 38 3.35 60.53 68.17
CA ALA HB 38 3.05 59.11 68.30
C ALA HB 38 4.30 58.24 68.21
N HIS HB 39 5.21 58.54 67.27
CA HIS HB 39 6.48 57.82 67.21
C HIS HB 39 7.35 58.06 68.43
N LEU HB 40 7.39 59.30 68.95
CA LEU HB 40 8.12 59.55 70.18
C LEU HB 40 7.58 58.73 71.34
N ALA HB 41 6.26 58.76 71.54
CA ALA HB 41 5.63 58.01 72.63
C ALA HB 41 5.91 56.51 72.52
N VAL HB 42 5.80 55.95 71.32
CA VAL HB 42 6.11 54.53 71.11
C VAL HB 42 7.59 54.25 71.28
N TYR HB 43 8.46 55.17 70.84
CA TYR HB 43 9.89 54.95 71.04
C TYR HB 43 10.29 55.02 72.51
N ILE HB 44 9.70 55.96 73.27
CA ILE HB 44 9.89 55.98 74.71
C ILE HB 44 9.36 54.69 75.35
N TRP HB 45 8.15 54.28 74.94
CA TRP HB 45 7.57 53.04 75.46
C TRP HB 45 8.39 51.81 75.09
N ARG HB 46 8.91 51.74 73.86
CA ARG HB 46 9.53 50.50 73.40
C ARG HB 46 10.40 50.75 72.17
N PRO HB 47 11.65 51.15 72.35
CA PRO HB 47 12.51 51.50 71.20
C PRO HB 47 12.67 50.34 70.21
N TRP HB 48 12.68 50.68 68.92
CA TRP HB 48 12.99 49.73 67.85
C TRP HB 48 14.43 49.83 67.34
N PHE HB 49 15.26 50.65 67.97
CA PHE HB 49 16.69 50.77 67.60
C PHE HB 49 17.57 50.79 68.85
N GLY IB 8 4.13 70.14 19.61
CA GLY IB 8 4.29 69.69 20.98
C GLY IB 8 3.11 68.90 21.50
N TYR IB 9 3.33 67.60 21.73
CA TYR IB 9 2.24 66.66 21.99
C TYR IB 9 1.35 67.09 23.14
N THR IB 10 1.94 67.62 24.22
CA THR IB 10 1.16 68.00 25.40
C THR IB 10 0.59 69.40 25.32
N GLY IB 11 0.94 70.18 24.31
CA GLY IB 11 0.53 71.57 24.23
C GLY IB 11 1.23 72.52 25.18
N LEU IB 12 2.12 72.02 26.04
CA LEU IB 12 2.87 72.89 26.93
C LEU IB 12 3.77 73.80 26.11
N THR IB 13 3.59 75.11 26.27
CA THR IB 13 4.52 76.07 25.71
C THR IB 13 5.91 75.89 26.32
N ASP IB 14 6.91 76.42 25.60
CA ASP IB 14 8.29 76.34 26.08
C ASP IB 14 8.44 76.97 27.46
N GLU IB 15 7.74 78.08 27.71
CA GLU IB 15 7.78 78.71 29.02
C GLU IB 15 7.06 77.87 30.07
N GLN IB 16 5.93 77.24 29.70
CA GLN IB 16 5.26 76.32 30.61
C GLN IB 16 6.13 75.12 30.95
N ALA IB 17 6.85 74.58 29.98
CA ALA IB 17 7.73 73.44 30.25
C ALA IB 17 8.96 73.86 31.05
N GLN IB 18 9.50 75.05 30.78
CA GLN IB 18 10.63 75.53 31.58
C GLN IB 18 10.22 75.92 33.00
N GLU IB 19 8.98 76.36 33.20
CA GLU IB 19 8.45 76.54 34.55
C GLU IB 19 8.23 75.20 35.25
N LEU IB 20 7.38 74.34 34.67
CA LEU IB 20 6.95 73.11 35.33
C LEU IB 20 8.12 72.21 35.70
N HIS IB 21 9.12 72.11 34.83
CA HIS IB 21 10.34 71.38 35.15
C HIS IB 21 11.05 71.92 36.38
N SER IB 22 11.05 73.24 36.58
CA SER IB 22 11.77 73.80 37.73
C SER IB 22 11.14 73.38 39.05
N VAL IB 23 9.81 73.25 39.09
CA VAL IB 23 9.13 72.82 40.31
C VAL IB 23 9.31 71.32 40.52
N TYR IB 24 9.21 70.54 39.44
CA TYR IB 24 9.48 69.11 39.51
C TYR IB 24 10.87 68.81 40.04
N MET IB 25 11.89 69.47 39.49
CA MET IB 25 13.25 69.30 40.00
C MET IB 25 13.38 69.70 41.46
N SER IB 26 12.75 70.81 41.86
CA SER IB 26 12.78 71.21 43.27
C SER IB 26 12.27 70.11 44.18
N GLY IB 27 11.16 69.46 43.80
CA GLY IB 27 10.66 68.32 44.56
C GLY IB 27 11.60 67.13 44.55
N LEU IB 28 12.14 66.79 43.38
CA LEU IB 28 13.11 65.70 43.27
C LEU IB 28 14.32 65.91 44.18
N TRP IB 29 14.91 67.10 44.18
CA TRP IB 29 16.05 67.35 45.04
C TRP IB 29 15.68 67.25 46.51
N LEU IB 30 14.52 67.78 46.89
CA LEU IB 30 14.04 67.66 48.26
C LEU IB 30 13.86 66.19 48.67
N PHE IB 31 13.15 65.43 47.84
CA PHE IB 31 12.93 64.01 48.09
C PHE IB 31 14.24 63.24 48.17
N SER IB 32 15.11 63.40 47.17
CA SER IB 32 16.38 62.67 47.15
C SER IB 32 17.31 63.09 48.28
N ALA IB 33 17.27 64.36 48.70
CA ALA IB 33 18.01 64.77 49.89
C ALA IB 33 17.57 64.02 51.13
N VAL IB 34 16.25 63.98 51.39
CA VAL IB 34 15.72 63.26 52.54
C VAL IB 34 16.13 61.80 52.51
N ALA IB 35 16.13 61.19 51.32
CA ALA IB 35 16.59 59.81 51.17
C ALA IB 35 18.06 59.64 51.58
N ILE IB 36 18.91 60.61 51.23
CA ILE IB 36 20.31 60.51 51.62
C ILE IB 36 20.48 60.60 53.13
N VAL IB 37 19.75 61.50 53.77
CA VAL IB 37 19.78 61.58 55.24
C VAL IB 37 19.39 60.23 55.84
N ALA IB 38 18.33 59.62 55.30
CA ALA IB 38 17.91 58.29 55.75
C ALA IB 38 18.99 57.23 55.55
N HIS IB 39 19.64 57.23 54.38
CA HIS IB 39 20.74 56.30 54.13
C HIS IB 39 21.92 56.52 55.08
N LEU IB 40 22.30 57.77 55.34
CA LEU IB 40 23.38 58.03 56.28
C LEU IB 40 23.06 57.50 57.67
N ALA IB 41 21.85 57.77 58.16
CA ALA IB 41 21.46 57.30 59.49
C ALA IB 41 21.51 55.77 59.58
N VAL IB 42 20.94 55.08 58.59
CA VAL IB 42 20.94 53.62 58.61
C VAL IB 42 22.32 53.04 58.36
N TYR IB 43 23.19 53.75 57.63
CA TYR IB 43 24.59 53.33 57.57
C TYR IB 43 25.28 53.50 58.91
N ILE IB 44 25.02 54.61 59.60
CA ILE IB 44 25.56 54.79 60.95
C ILE IB 44 25.03 53.71 61.90
N TRP IB 45 23.77 53.32 61.73
CA TRP IB 45 23.23 52.19 62.49
C TRP IB 45 23.87 50.85 62.09
N ARG IB 46 24.06 50.61 60.78
CA ARG IB 46 24.40 49.24 60.38
C ARG IB 46 24.98 49.18 58.96
N PRO IB 47 26.26 49.52 58.81
CA PRO IB 47 26.89 49.59 57.47
C PRO IB 47 26.72 48.32 56.65
N TRP IB 48 26.20 48.45 55.43
CA TRP IB 48 26.18 47.29 54.53
C TRP IB 48 27.52 47.08 53.83
N PHE IB 49 28.19 48.13 53.39
CA PHE IB 49 29.48 47.94 52.71
C PHE IB 49 30.60 47.60 53.67
N GLY JB 8 7.29 61.74 7.26
CA GLY JB 8 7.49 60.52 8.02
C GLY JB 8 6.36 60.22 8.98
N TYR JB 9 6.32 58.98 9.48
CA TYR JB 9 5.23 58.52 10.34
C TYR JB 9 4.95 59.46 11.51
N THR JB 10 5.97 60.17 12.01
CA THR JB 10 5.77 61.05 13.15
C THR JB 10 5.56 62.52 12.76
N GLY JB 11 5.79 62.89 11.51
CA GLY JB 11 5.70 64.28 11.11
C GLY JB 11 6.77 65.20 11.65
N LEU JB 12 7.80 64.67 12.30
CA LEU JB 12 8.87 65.52 12.83
C LEU JB 12 9.69 66.13 11.71
N THR JB 13 9.95 67.44 11.82
CA THR JB 13 10.94 68.12 11.00
C THR JB 13 12.34 67.54 11.23
N ASP JB 14 13.24 67.85 10.30
CA ASP JB 14 14.66 67.55 10.49
C ASP JB 14 15.22 68.27 11.71
N GLU JB 15 14.73 69.48 12.00
CA GLU JB 15 15.10 70.16 13.24
C GLU JB 15 14.70 69.36 14.46
N GLN JB 16 13.42 68.98 14.55
CA GLN JB 16 12.92 68.29 15.72
C GLN JB 16 13.56 66.93 15.91
N ALA JB 17 13.77 66.19 14.81
CA ALA JB 17 14.42 64.89 14.90
C ALA JB 17 15.88 64.99 15.33
N GLN JB 18 16.62 65.97 14.81
CA GLN JB 18 17.99 66.16 15.27
C GLN JB 18 18.06 66.75 16.67
N GLU JB 19 17.16 67.66 17.01
CA GLU JB 19 17.13 68.22 18.36
C GLU JB 19 16.84 67.14 19.40
N LEU JB 20 15.71 66.45 19.23
CA LEU JB 20 15.33 65.38 20.15
C LEU JB 20 16.42 64.33 20.29
N HIS JB 21 17.09 63.98 19.19
CA HIS JB 21 18.19 63.02 19.25
C HIS JB 21 19.36 63.54 20.08
N SER JB 22 19.70 64.83 19.93
CA SER JB 22 20.80 65.38 20.70
C SER JB 22 20.52 65.38 22.20
N VAL JB 23 19.26 65.60 22.60
CA VAL JB 23 18.90 65.52 24.01
C VAL JB 23 18.98 64.08 24.50
N TYR JB 24 18.41 63.16 23.72
CA TYR JB 24 18.46 61.74 24.04
C TYR JB 24 19.89 61.24 24.21
N MET JB 25 20.78 61.62 23.28
CA MET JB 25 22.18 61.19 23.37
C MET JB 25 22.86 61.74 24.63
N SER JB 26 22.52 62.96 25.05
CA SER JB 26 23.02 63.46 26.33
C SER JB 26 22.47 62.65 27.51
N GLY JB 27 21.23 62.19 27.41
CA GLY JB 27 20.71 61.24 28.39
C GLY JB 27 21.47 59.93 28.43
N LEU JB 28 21.68 59.33 27.26
CA LEU JB 28 22.45 58.09 27.16
C LEU JB 28 23.87 58.25 27.71
N TRP JB 29 24.58 59.29 27.29
CA TRP JB 29 25.93 59.51 27.79
C TRP JB 29 25.96 59.70 29.30
N LEU JB 30 25.04 60.50 29.85
CA LEU JB 30 25.03 60.75 31.28
C LEU JB 30 24.71 59.47 32.05
N PHE JB 31 23.69 58.73 31.60
CA PHE JB 31 23.32 57.48 32.25
C PHE JB 31 24.47 56.47 32.18
N SER JB 32 25.05 56.31 30.99
CA SER JB 32 26.15 55.36 30.81
C SER JB 32 27.43 55.78 31.55
N ALA JB 33 27.69 57.09 31.64
CA ALA JB 33 28.85 57.55 32.40
C ALA JB 33 28.74 57.20 33.89
N VAL JB 34 27.56 57.39 34.48
CA VAL JB 34 27.37 57.04 35.88
C VAL JB 34 27.41 55.52 36.06
N ALA JB 35 26.84 54.78 35.10
CA ALA JB 35 26.94 53.32 35.13
C ALA JB 35 28.39 52.85 35.09
N ILE JB 36 29.20 53.46 34.22
CA ILE JB 36 30.63 53.13 34.15
C ILE JB 36 31.29 53.36 35.51
N VAL JB 37 31.00 54.50 36.13
CA VAL JB 37 31.55 54.79 37.46
C VAL JB 37 31.04 53.77 38.49
N ALA JB 38 29.76 53.42 38.42
CA ALA JB 38 29.22 52.42 39.36
C ALA JB 38 29.90 51.06 39.20
N HIS JB 39 30.21 50.65 37.97
CA HIS JB 39 30.98 49.43 37.76
C HIS JB 39 32.38 49.54 38.37
N LEU JB 40 33.08 50.64 38.08
CA LEU JB 40 34.40 50.86 38.66
C LEU JB 40 34.38 50.83 40.20
N ALA JB 41 33.39 51.49 40.79
CA ALA JB 41 33.26 51.49 42.25
C ALA JB 41 33.16 50.07 42.82
N VAL JB 42 32.39 49.21 42.16
CA VAL JB 42 32.30 47.80 42.57
C VAL JB 42 33.54 47.01 42.18
N TYR JB 43 34.18 47.35 41.05
CA TYR JB 43 35.37 46.61 40.62
C TYR JB 43 36.53 46.83 41.59
N ILE JB 44 36.64 48.04 42.14
CA ILE JB 44 37.60 48.31 43.21
C ILE JB 44 37.37 47.37 44.39
N TRP JB 45 36.10 47.12 44.72
CA TRP JB 45 35.72 46.28 45.85
C TRP JB 45 35.80 44.79 45.56
N ARG JB 46 35.42 44.34 44.35
CA ARG JB 46 35.27 42.91 44.12
C ARG JB 46 35.28 42.55 42.64
N PRO JB 47 36.44 42.51 41.99
CA PRO JB 47 36.51 42.17 40.57
C PRO JB 47 35.89 40.81 40.26
N TRP JB 48 35.09 40.77 39.20
CA TRP JB 48 34.35 39.57 38.82
C TRP JB 48 35.09 38.68 37.83
N PHE JB 49 36.34 39.01 37.49
CA PHE JB 49 37.17 38.12 36.69
C PHE JB 49 38.19 37.37 37.54
N THR KB 13 9.50 55.54 0.58
CA THR KB 13 9.68 55.60 -0.87
C THR KB 13 10.92 54.81 -1.29
N ASP KB 14 11.07 54.61 -2.59
CA ASP KB 14 12.23 53.88 -3.12
C ASP KB 14 13.54 54.55 -2.73
N GLU KB 15 13.60 55.88 -2.79
CA GLU KB 15 14.78 56.59 -2.34
C GLU KB 15 14.91 56.57 -0.81
N GLN KB 16 13.79 56.67 -0.10
CA GLN KB 16 13.83 56.57 1.37
C GLN KB 16 14.23 55.18 1.83
N ALA KB 17 13.90 54.13 1.07
CA ALA KB 17 14.36 52.80 1.42
C ALA KB 17 15.84 52.62 1.15
N GLN KB 18 16.39 53.30 0.15
CA GLN KB 18 17.84 53.35 -0.02
C GLN KB 18 18.50 53.99 1.19
N GLU KB 19 18.01 55.15 1.60
CA GLU KB 19 18.57 55.88 2.74
C GLU KB 19 18.51 55.06 4.02
N LEU KB 20 17.33 54.53 4.35
CA LEU KB 20 17.17 53.76 5.58
C LEU KB 20 18.03 52.50 5.57
N HIS KB 21 18.08 51.80 4.44
CA HIS KB 21 18.89 50.58 4.35
C HIS KB 21 20.37 50.87 4.60
N SER KB 22 20.87 52.00 4.08
CA SER KB 22 22.23 52.41 4.39
C SER KB 22 22.42 52.67 5.88
N VAL KB 23 21.49 53.42 6.49
CA VAL KB 23 21.60 53.73 7.91
C VAL KB 23 21.54 52.45 8.75
N TYR KB 24 20.50 51.64 8.52
CA TYR KB 24 20.37 50.37 9.23
C TYR KB 24 21.59 49.47 9.03
N MET KB 25 22.10 49.40 7.80
CA MET KB 25 23.31 48.61 7.54
C MET KB 25 24.53 49.16 8.29
N SER KB 26 24.70 50.48 8.31
CA SER KB 26 25.83 51.07 9.02
C SER KB 26 25.76 50.76 10.52
N GLY KB 27 24.58 50.85 11.12
CA GLY KB 27 24.42 50.40 12.49
C GLY KB 27 24.61 48.91 12.66
N LEU KB 28 23.99 48.12 11.76
CA LEU KB 28 24.14 46.67 11.82
C LEU KB 28 25.60 46.24 11.72
N TRP KB 29 26.40 46.97 10.95
CA TRP KB 29 27.85 46.76 10.94
C TRP KB 29 28.48 47.19 12.26
N LEU KB 30 28.11 48.36 12.77
CA LEU KB 30 28.67 48.86 14.02
C LEU KB 30 28.40 47.92 15.20
N PHE KB 31 27.23 47.29 15.24
CA PHE KB 31 26.98 46.27 16.26
C PHE KB 31 27.87 45.04 16.07
N SER KB 32 28.01 44.58 14.82
CA SER KB 32 28.87 43.43 14.54
C SER KB 32 30.29 43.63 15.04
N ALA KB 33 30.86 44.81 14.79
CA ALA KB 33 32.22 45.11 15.26
C ALA KB 33 32.41 44.85 16.75
N VAL KB 34 31.43 45.23 17.57
CA VAL KB 34 31.57 45.08 19.02
C VAL KB 34 31.59 43.60 19.41
N ALA KB 35 30.76 42.78 18.78
CA ALA KB 35 30.83 41.34 19.00
C ALA KB 35 32.13 40.74 18.49
N ILE KB 36 32.67 41.27 17.39
CA ILE KB 36 33.93 40.78 16.87
C ILE KB 36 35.08 41.09 17.82
N VAL KB 37 35.00 42.19 18.56
CA VAL KB 37 35.85 42.41 19.71
C VAL KB 37 35.53 41.41 20.83
N ALA KB 38 34.26 41.32 21.23
CA ALA KB 38 33.91 40.65 22.48
C ALA KB 38 34.21 39.16 22.48
N HIS KB 39 34.01 38.47 21.35
CA HIS KB 39 34.39 37.05 21.31
C HIS KB 39 35.91 36.86 21.41
N LEU KB 40 36.67 37.63 20.65
CA LEU KB 40 38.13 37.66 20.82
C LEU KB 40 38.53 37.90 22.28
N ALA KB 41 37.92 38.90 22.93
CA ALA KB 41 38.28 39.22 24.31
C ALA KB 41 37.96 38.06 25.26
N VAL KB 42 36.86 37.35 25.03
CA VAL KB 42 36.50 36.23 25.88
C VAL KB 42 37.26 34.96 25.50
N TYR KB 43 37.68 34.86 24.23
CA TYR KB 43 38.65 33.85 23.84
C TYR KB 43 40.00 34.07 24.52
N ILE KB 44 40.45 35.33 24.60
CA ILE KB 44 41.63 35.66 25.38
C ILE KB 44 41.42 35.30 26.86
N TRP KB 45 40.27 35.69 27.40
CA TRP KB 45 40.03 35.52 28.84
C TRP KB 45 39.94 34.05 29.25
N ARG KB 46 39.32 33.21 28.41
CA ARG KB 46 39.19 31.79 28.74
C ARG KB 46 38.83 31.00 27.49
N PRO KB 47 39.82 30.50 26.75
CA PRO KB 47 39.56 29.95 25.41
C PRO KB 47 38.58 28.78 25.45
N TRP KB 48 37.73 28.73 24.42
CA TRP KB 48 36.66 27.73 24.36
C TRP KB 48 36.78 26.76 23.19
N PHE KB 49 37.80 26.89 22.34
CA PHE KB 49 38.16 25.83 21.41
C PHE KB 49 39.38 25.06 21.91
N MET LB 1 -37.60 8.42 57.16
CA MET LB 1 -38.10 8.18 55.81
C MET LB 1 -37.16 7.31 54.98
N VAL LB 2 -35.93 7.14 55.45
CA VAL LB 2 -34.98 6.32 54.71
C VAL LB 2 -35.49 4.89 54.64
N GLY LB 3 -35.57 4.36 53.41
CA GLY LB 3 -35.98 2.99 53.16
C GLY LB 3 -37.48 2.75 53.13
N VAL LB 4 -38.29 3.78 53.38
CA VAL LB 4 -39.74 3.62 53.48
C VAL LB 4 -40.35 3.64 52.08
N THR LB 5 -40.98 2.53 51.68
CA THR LB 5 -41.62 2.43 50.38
C THR LB 5 -43.12 2.24 50.56
N ALA LB 6 -43.90 2.87 49.67
CA ALA LB 6 -45.33 2.61 49.61
C ALA LB 6 -45.61 1.23 49.02
N PHE LB 7 -44.84 0.83 48.01
CA PHE LB 7 -44.95 -0.47 47.37
C PHE LB 7 -43.65 -0.71 46.63
N GLY LB 8 -43.36 -1.98 46.37
CA GLY LB 8 -42.18 -2.33 45.59
C GLY LB 8 -40.93 -1.61 46.07
N ASN LB 9 -40.16 -1.08 45.12
CA ASN LB 9 -39.05 -0.18 45.41
C ASN LB 9 -39.47 1.29 45.44
N PHE LB 10 -40.77 1.58 45.41
CA PHE LB 10 -41.30 2.94 45.25
C PHE LB 10 -41.23 3.67 46.59
N ASP LB 11 -40.11 4.35 46.81
CA ASP LB 11 -39.96 5.23 47.97
C ASP LB 11 -40.27 6.67 47.56
N LEU LB 12 -40.01 7.61 48.46
CA LEU LB 12 -40.35 9.01 48.22
C LEU LB 12 -39.48 9.64 47.13
N ALA LB 13 -38.29 9.09 46.88
CA ALA LB 13 -37.47 9.52 45.75
C ALA LB 13 -37.98 8.99 44.42
N SER LB 14 -38.63 7.82 44.43
CA SER LB 14 -39.35 7.36 43.24
C SER LB 14 -40.54 8.25 42.93
N LEU LB 15 -41.33 8.61 43.94
CA LEU LB 15 -42.44 9.53 43.73
C LEU LB 15 -41.97 10.84 43.11
N ALA LB 16 -40.83 11.36 43.57
CA ALA LB 16 -40.29 12.60 43.01
C ALA LB 16 -39.94 12.46 41.53
N ILE LB 17 -39.16 11.44 41.18
CA ILE LB 17 -38.67 11.29 39.81
C ILE LB 17 -39.80 11.04 38.83
N TYR LB 18 -40.79 10.24 39.20
CA TYR LB 18 -41.96 10.04 38.34
C TYR LB 18 -42.81 11.30 38.20
N SER LB 19 -43.01 12.04 39.29
CA SER LB 19 -43.68 13.33 39.20
C SER LB 19 -42.96 14.29 38.25
N PHE LB 20 -41.63 14.29 38.28
CA PHE LB 20 -40.88 15.15 37.36
C PHE LB 20 -41.08 14.78 35.89
N TRP LB 21 -41.10 13.49 35.56
CA TRP LB 21 -41.35 13.10 34.17
C TRP LB 21 -42.72 13.57 33.68
N ILE LB 22 -43.72 13.59 34.55
CA ILE LB 22 -45.02 14.15 34.18
C ILE LB 22 -44.91 15.67 33.97
N PHE LB 23 -44.26 16.36 34.90
CA PHE LB 23 -44.02 17.80 34.74
C PHE LB 23 -43.22 18.13 33.49
N LEU LB 24 -42.18 17.36 33.21
CA LEU LB 24 -41.37 17.63 32.02
C LEU LB 24 -42.16 17.43 30.73
N ALA LB 25 -42.96 16.37 30.65
CA ALA LB 25 -43.81 16.18 29.47
C ALA LB 25 -44.82 17.30 29.31
N GLY LB 26 -45.39 17.77 30.42
CA GLY LB 26 -46.26 18.93 30.35
C GLY LB 26 -45.55 20.21 29.94
N LEU LB 27 -44.36 20.45 30.50
CA LEU LB 27 -43.59 21.65 30.14
C LEU LB 27 -43.16 21.64 28.68
N ILE LB 28 -42.71 20.49 28.17
CA ILE LB 28 -42.30 20.43 26.77
C ILE LB 28 -43.48 20.68 25.83
N TYR LB 29 -44.66 20.19 26.18
CA TYR LB 29 -45.86 20.50 25.40
C TYR LB 29 -46.18 21.99 25.46
N TYR LB 30 -46.08 22.60 26.62
CA TYR LB 30 -46.26 24.05 26.75
C TYR LB 30 -45.24 24.83 25.93
N LEU LB 31 -43.96 24.44 25.99
CA LEU LB 31 -42.93 25.17 25.27
C LEU LB 31 -43.10 25.08 23.76
N GLN LB 32 -43.40 23.90 23.23
CA GLN LB 32 -43.52 23.76 21.78
C GLN LB 32 -44.72 24.53 21.22
N THR LB 33 -45.88 24.44 21.88
CA THR LB 33 -47.05 25.17 21.41
C THR LB 33 -46.86 26.68 21.48
N GLU LB 34 -46.14 27.17 22.48
CA GLU LB 34 -45.76 28.60 22.49
C GLU LB 34 -44.95 28.97 21.27
N ASN LB 35 -44.10 28.07 20.80
CA ASN LB 35 -43.25 28.33 19.65
C ASN LB 35 -43.95 28.15 18.31
N MET LB 36 -45.26 27.92 18.30
CA MET LB 36 -46.04 27.83 17.08
C MET LB 36 -46.83 29.11 16.79
N ARG LB 37 -46.51 30.20 17.48
CA ARG LB 37 -47.20 31.47 17.27
C ARG LB 37 -46.75 32.22 16.03
N GLU LB 38 -45.62 31.86 15.42
CA GLU LB 38 -45.23 32.36 14.11
C GLU LB 38 -45.08 31.20 13.14
N GLY LB 39 -45.48 31.43 11.89
CA GLY LB 39 -45.18 30.51 10.81
C GLY LB 39 -46.16 29.37 10.62
N TYR LB 40 -47.21 29.29 11.44
CA TYR LB 40 -48.22 28.26 11.36
C TYR LB 40 -49.58 28.87 11.02
N PRO LB 41 -50.50 28.11 10.38
CA PRO LB 41 -50.45 26.70 9.95
C PRO LB 41 -49.41 26.39 8.87
N LEU LB 42 -49.03 25.13 8.75
CA LEU LB 42 -48.09 24.70 7.73
C LEU LB 42 -48.77 24.65 6.37
N GLU LB 43 -48.00 24.95 5.33
CA GLU LB 43 -48.53 25.10 3.97
C GLU LB 43 -47.89 24.09 3.03
N ASN LB 44 -48.62 23.76 1.97
CA ASN LB 44 -48.02 23.15 0.80
C ASN LB 44 -47.20 24.20 0.04
N GLU LB 45 -46.33 23.72 -0.86
CA GLU LB 45 -45.51 24.62 -1.65
C GLU LB 45 -46.35 25.52 -2.56
N ASP LB 46 -47.58 25.14 -2.89
CA ASP LB 46 -48.46 26.03 -3.63
C ASP LB 46 -49.09 27.10 -2.75
N GLY LB 47 -49.04 26.92 -1.42
CA GLY LB 47 -49.66 27.83 -0.49
C GLY LB 47 -50.95 27.37 0.16
N THR LB 48 -51.46 26.20 -0.22
CA THR LB 48 -52.65 25.66 0.42
C THR LB 48 -52.28 25.01 1.76
N PRO LB 49 -53.24 24.91 2.68
CA PRO LB 49 -52.95 24.28 3.98
C PRO LB 49 -52.55 22.82 3.82
N ALA LB 50 -51.40 22.47 4.39
CA ALA LB 50 -50.92 21.10 4.36
C ALA LB 50 -51.84 20.18 5.15
N ALA LB 51 -52.09 18.99 4.60
CA ALA LB 51 -52.94 18.01 5.28
C ALA LB 51 -52.33 17.56 6.60
N ASN LB 52 -51.01 17.54 6.71
CA ASN LB 52 -50.32 17.24 7.96
C ASN LB 52 -49.93 18.53 8.67
N GLN LB 53 -50.55 18.77 9.83
CA GLN LB 53 -50.24 19.93 10.66
C GLN LB 53 -49.39 19.58 11.87
N GLY LB 54 -48.94 18.33 11.99
CA GLY LB 54 -48.13 17.90 13.11
C GLY LB 54 -48.93 17.58 14.35
N PRO LB 55 -48.25 17.07 15.38
CA PRO LB 55 -48.95 16.56 16.57
C PRO LB 55 -49.45 17.63 17.53
N PHE LB 56 -48.76 18.76 17.59
CA PHE LB 56 -49.19 19.81 18.52
C PHE LB 56 -50.24 20.71 17.89
N PRO LB 57 -51.27 21.08 18.63
CA PRO LB 57 -52.21 22.11 18.16
C PRO LB 57 -51.65 23.52 18.30
N LEU LB 58 -52.24 24.43 17.52
CA LEU LB 58 -51.99 25.85 17.71
C LEU LB 58 -52.41 26.29 19.11
N PRO LB 59 -51.66 27.19 19.74
CA PRO LB 59 -52.10 27.79 21.00
C PRO LB 59 -53.25 28.76 20.76
N LYS LB 60 -53.97 29.06 21.84
CA LYS LB 60 -54.95 30.14 21.80
C LYS LB 60 -54.24 31.46 21.52
N PRO LB 61 -54.88 32.37 20.79
CA PRO LB 61 -54.26 33.67 20.49
C PRO LB 61 -53.89 34.46 21.74
N LYS LB 62 -52.70 35.07 21.71
CA LYS LB 62 -52.33 36.15 22.61
C LYS LB 62 -52.27 37.44 21.82
N THR LB 63 -52.48 38.56 22.50
CA THR LB 63 -52.37 39.88 21.90
C THR LB 63 -51.27 40.68 22.58
N PHE LB 64 -50.28 41.12 21.79
CA PHE LB 64 -49.32 42.12 22.24
C PHE LB 64 -49.85 43.51 21.97
N ILE LB 65 -49.67 44.42 22.93
CA ILE LB 65 -50.05 45.81 22.76
C ILE LB 65 -48.78 46.61 22.50
N LEU LB 66 -48.72 47.24 21.33
CA LEU LB 66 -47.47 47.89 20.90
C LEU LB 66 -47.41 49.32 21.43
N PRO LB 67 -46.22 49.78 21.81
CA PRO LB 67 -46.08 51.16 22.29
C PRO LB 67 -46.19 52.19 21.17
N HIS LB 68 -46.32 53.44 21.59
CA HIS LB 68 -46.37 54.61 20.69
C HIS LB 68 -47.55 54.54 19.73
N GLY LB 69 -48.67 54.00 20.20
CA GLY LB 69 -49.91 53.97 19.44
C GLY LB 69 -49.93 53.05 18.23
N ARG LB 70 -48.91 52.23 18.03
CA ARG LB 70 -48.80 51.43 16.81
C ARG LB 70 -49.72 50.21 16.80
N GLY LB 71 -50.70 50.15 17.70
CA GLY LB 71 -51.75 49.15 17.63
C GLY LB 71 -51.46 47.89 18.41
N THR LB 72 -52.11 46.80 18.01
CA THR LB 72 -51.95 45.51 18.66
C THR LB 72 -51.67 44.41 17.65
N LEU LB 73 -50.84 43.45 18.06
CA LEU LB 73 -50.52 42.26 17.29
C LEU LB 73 -51.13 41.04 17.98
N THR LB 74 -51.89 40.26 17.23
CA THR LB 74 -52.41 38.99 17.71
C THR LB 74 -51.67 37.85 17.02
N VAL LB 75 -51.20 36.89 17.81
CA VAL LB 75 -50.45 35.74 17.31
C VAL LB 75 -50.91 34.47 18.01
N PRO LB 76 -51.09 33.35 17.27
CA PRO LB 76 -51.09 33.22 15.80
C PRO LB 76 -52.21 34.03 15.14
N GLY LB 77 -52.11 34.23 13.82
CA GLY LB 77 -53.11 34.98 13.09
C GLY LB 77 -52.97 34.80 11.59
N PRO LB 78 -53.81 35.49 10.82
CA PRO LB 78 -53.67 35.48 9.37
C PRO LB 78 -52.32 36.05 8.94
N GLU LB 79 -51.62 35.31 8.10
CA GLU LB 79 -50.16 35.47 7.97
C GLU LB 79 -49.76 35.20 6.52
N SER LB 80 -50.34 35.97 5.60
CA SER LB 80 -49.95 35.96 4.20
C SER LB 80 -48.53 36.50 3.99
N GLU LB 81 -47.94 36.13 2.85
CA GLU LB 81 -46.67 36.71 2.41
C GLU LB 81 -46.78 38.21 2.18
N ASP LB 82 -47.93 38.68 1.72
CA ASP LB 82 -48.18 40.09 1.40
C ASP LB 82 -47.19 40.69 0.40
N ARG LB 83 -46.51 39.87 -0.41
CA ARG LB 83 -45.69 40.40 -1.49
C ARG LB 83 -45.53 39.33 -2.57
N PRO LB 84 -45.15 39.73 -3.79
CA PRO LB 84 -44.78 38.74 -4.81
C PRO LB 84 -43.47 38.02 -4.50
N ILE LB 85 -43.42 36.74 -4.86
CA ILE LB 85 -42.20 35.92 -4.76
C ILE LB 85 -41.89 35.36 -6.15
N ALA LB 86 -40.79 35.83 -6.74
CA ALA LB 86 -40.38 35.47 -8.10
C ALA LB 86 -39.71 34.11 -8.22
N LEU LB 87 -40.27 33.07 -7.64
CA LEU LB 87 -39.71 31.72 -7.72
C LEU LB 87 -40.58 30.80 -8.56
N ALA LB 88 -39.94 29.84 -9.21
CA ALA LB 88 -40.64 28.75 -9.91
C ALA LB 88 -40.13 27.40 -9.45
N ARG LB 89 -41.05 26.43 -9.39
CA ARG LB 89 -40.70 25.05 -9.08
C ARG LB 89 -39.63 24.51 -10.03
N THR LB 90 -38.72 23.71 -9.49
CA THR LB 90 -37.81 22.91 -10.31
C THR LB 90 -38.23 21.45 -10.38
N ALA LB 91 -39.27 21.05 -9.66
CA ALA LB 91 -39.80 19.69 -9.74
C ALA LB 91 -41.29 19.74 -9.45
N VAL LB 92 -42.00 18.72 -9.93
CA VAL LB 92 -43.41 18.57 -9.58
C VAL LB 92 -43.56 18.03 -8.15
N SER LB 93 -42.66 17.15 -7.71
CA SER LB 93 -42.66 16.69 -6.33
C SER LB 93 -42.38 17.83 -5.36
N GLU LB 94 -42.88 17.68 -4.14
CA GLU LB 94 -42.50 18.55 -3.04
C GLU LB 94 -41.09 18.23 -2.55
N GLY LB 95 -40.47 19.21 -1.91
CA GLY LB 95 -39.18 19.04 -1.28
C GLY LB 95 -37.97 19.40 -2.12
N PHE LB 96 -38.16 19.87 -3.34
CA PHE LB 96 -37.05 20.33 -4.16
C PHE LB 96 -36.94 21.85 -4.12
N PRO LB 97 -35.79 22.40 -4.50
CA PRO LB 97 -35.64 23.86 -4.56
C PRO LB 97 -36.51 24.51 -5.63
N HIS LB 98 -36.78 25.80 -5.42
CA HIS LB 98 -37.46 26.65 -6.38
C HIS LB 98 -36.47 27.65 -6.96
N ALA LB 99 -36.32 27.65 -8.28
CA ALA LB 99 -35.28 28.49 -8.87
C ALA LB 99 -35.81 29.90 -9.13
N PRO LB 100 -34.96 30.91 -8.92
CA PRO LB 100 -35.31 32.28 -9.29
C PRO LB 100 -35.66 32.42 -10.76
N THR LB 101 -36.80 33.07 -11.04
CA THR LB 101 -37.26 33.24 -12.41
C THR LB 101 -36.56 34.41 -13.10
N GLY LB 102 -36.06 35.37 -12.33
CA GLY LB 102 -35.30 36.49 -12.87
C GLY LB 102 -34.03 36.75 -12.10
N ASP LB 103 -33.80 38.01 -11.74
CA ASP LB 103 -32.59 38.40 -11.01
C ASP LB 103 -32.87 38.32 -9.51
N PRO LB 104 -32.32 37.34 -8.80
CA PRO LB 104 -32.76 37.11 -7.41
C PRO LB 104 -32.35 38.21 -6.45
N MET LB 105 -31.24 38.90 -6.72
CA MET LB 105 -30.85 40.06 -5.92
C MET LB 105 -31.94 41.12 -5.90
N LYS LB 106 -32.48 41.46 -7.07
CA LYS LB 106 -33.48 42.51 -7.17
C LYS LB 106 -34.89 42.02 -6.90
N ASP LB 107 -35.20 40.75 -7.20
CA ASP LB 107 -36.48 40.18 -6.85
C ASP LB 107 -36.60 39.85 -5.37
N GLY LB 108 -35.48 39.74 -4.66
CA GLY LB 108 -35.48 39.58 -3.22
C GLY LB 108 -35.93 38.21 -2.75
N VAL LB 109 -35.19 37.18 -3.19
CA VAL LB 109 -35.52 35.80 -2.90
C VAL LB 109 -34.24 35.09 -2.50
N GLY LB 110 -34.38 33.91 -1.89
CA GLY LB 110 -33.26 33.19 -1.35
C GLY LB 110 -32.58 33.98 -0.25
N PRO LB 111 -31.25 33.94 -0.20
CA PRO LB 111 -30.52 34.75 0.79
C PRO LB 111 -30.69 36.26 0.60
N ALA LB 112 -31.21 36.70 -0.55
CA ALA LB 112 -31.56 38.10 -0.77
C ALA LB 112 -32.96 38.44 -0.28
N SER LB 113 -33.66 37.51 0.35
CA SER LB 113 -35.03 37.75 0.79
C SER LB 113 -35.13 38.90 1.78
N TRP LB 114 -36.32 39.50 1.81
CA TRP LB 114 -36.67 40.54 2.76
C TRP LB 114 -38.15 40.40 3.10
N VAL LB 115 -38.55 40.96 4.24
CA VAL LB 115 -39.91 40.84 4.75
C VAL LB 115 -40.60 42.19 4.71
N ALA LB 116 -41.90 42.16 4.44
CA ALA LB 116 -42.76 43.34 4.48
C ALA LB 116 -42.96 43.86 5.90
N ARG LB 117 -41.86 44.26 6.55
CA ARG LB 117 -41.93 44.91 7.85
C ARG LB 117 -42.65 46.25 7.75
N ARG LB 118 -42.99 46.81 8.91
CA ARG LB 118 -43.67 48.10 9.00
C ARG LB 118 -42.83 49.18 8.34
N ASP LB 119 -43.45 49.98 7.48
CA ASP LB 119 -42.74 51.08 6.82
C ASP LB 119 -42.70 52.32 7.70
N LEU LB 120 -42.19 52.16 8.91
CA LEU LB 120 -41.96 53.25 9.84
C LEU LB 120 -40.62 53.00 10.52
N PRO LB 121 -40.00 54.04 11.09
CA PRO LB 121 -38.79 53.81 11.88
C PRO LB 121 -39.08 53.03 13.14
N GLU LB 122 -38.09 52.26 13.59
CA GLU LB 122 -38.09 51.78 14.96
C GLU LB 122 -37.86 52.94 15.92
N LEU LB 123 -38.58 52.94 17.04
CA LEU LB 123 -38.55 54.03 18.00
C LEU LB 123 -37.86 53.61 19.29
N ASP LB 124 -37.30 54.58 19.99
CA ASP LB 124 -36.76 54.36 21.32
C ASP LB 124 -37.88 54.47 22.37
N GLY LB 125 -37.49 54.39 23.65
CA GLY LB 125 -38.48 54.43 24.72
C GLY LB 125 -39.21 55.75 24.84
N HIS LB 126 -38.56 56.85 24.47
CA HIS LB 126 -39.23 58.14 24.45
C HIS LB 126 -40.09 58.35 23.22
N GLY LB 127 -39.83 57.60 22.15
CA GLY LB 127 -40.54 57.76 20.90
C GLY LB 127 -39.82 58.60 19.88
N HIS LB 128 -38.49 58.72 19.97
CA HIS LB 128 -37.66 59.31 18.93
C HIS LB 128 -37.23 58.24 17.94
N ASN LB 129 -36.79 58.68 16.77
CA ASN LB 129 -36.15 57.77 15.83
C ASN LB 129 -34.94 57.12 16.49
N LYS LB 130 -35.02 55.79 16.65
CA LYS LB 130 -33.94 55.06 17.33
C LYS LB 130 -32.61 55.19 16.61
N ILE LB 131 -32.61 55.05 15.28
CA ILE LB 131 -31.39 55.12 14.48
C ILE LB 131 -31.38 56.43 13.71
N LYS LB 132 -30.27 57.15 13.79
CA LYS LB 132 -30.10 58.45 13.15
C LYS LB 132 -28.71 58.54 12.55
N PRO LB 133 -28.54 59.33 11.49
CA PRO LB 133 -27.19 59.75 11.12
C PRO LB 133 -26.54 60.52 12.26
N MET LB 134 -25.25 60.26 12.48
CA MET LB 134 -24.57 60.81 13.65
C MET LB 134 -24.51 62.33 13.63
N LYS LB 135 -24.40 62.93 12.44
CA LYS LB 135 -24.49 64.38 12.32
C LYS LB 135 -25.79 64.93 12.89
N ALA LB 136 -26.85 64.13 12.89
CA ALA LB 136 -28.15 64.54 13.40
C ALA LB 136 -28.32 64.28 14.90
N ALA LB 137 -27.27 63.88 15.62
CA ALA LB 137 -27.33 63.70 17.07
C ALA LB 137 -26.06 64.28 17.69
N ALA LB 138 -26.17 65.52 18.18
CA ALA LB 138 -24.99 66.39 18.26
C ALA LB 138 -23.97 65.93 19.29
N GLY LB 139 -24.41 65.26 20.36
CA GLY LB 139 -23.46 64.79 21.36
C GLY LB 139 -22.58 63.64 20.91
N PHE LB 140 -23.00 62.89 19.90
CA PHE LB 140 -22.27 61.71 19.48
C PHE LB 140 -20.97 62.04 18.76
N HIS LB 141 -19.97 61.19 19.00
CA HIS LB 141 -18.70 61.22 18.30
C HIS LB 141 -18.08 59.83 18.39
N VAL LB 142 -17.19 59.53 17.45
CA VAL LB 142 -16.42 58.29 17.52
C VAL LB 142 -15.44 58.38 18.68
N SER LB 143 -15.66 57.59 19.72
CA SER LB 143 -14.87 57.67 20.95
C SER LB 143 -13.69 56.71 20.98
N ALA LB 144 -13.69 55.67 20.16
CA ALA LB 144 -12.52 54.81 20.00
C ALA LB 144 -12.69 53.97 18.75
N GLY LB 145 -11.58 53.38 18.32
CA GLY LB 145 -11.53 52.64 17.08
C GLY LB 145 -11.30 53.54 15.87
N LYS LB 146 -10.83 52.91 14.80
CA LYS LB 146 -10.58 53.61 13.54
C LYS LB 146 -11.86 54.28 13.05
N ASN LB 147 -11.89 55.60 13.04
CA ASN LB 147 -13.01 56.32 12.46
C ASN LB 147 -13.07 56.07 10.96
N PRO LB 148 -14.15 55.48 10.44
CA PRO LB 148 -14.20 55.15 9.01
C PRO LB 148 -14.53 56.33 8.11
N ILE LB 149 -15.11 57.41 8.65
CA ILE LB 149 -15.60 58.50 7.81
C ILE LB 149 -14.44 59.12 7.03
N GLY LB 150 -14.60 59.18 5.71
CA GLY LB 150 -13.54 59.56 4.80
C GLY LB 150 -12.73 58.44 4.20
N LEU LB 151 -12.98 57.18 4.58
CA LEU LB 151 -12.27 56.07 3.94
C LEU LB 151 -12.94 55.66 2.62
N PRO LB 152 -12.15 55.22 1.65
CA PRO LB 152 -12.72 54.58 0.46
C PRO LB 152 -13.28 53.20 0.76
N VAL LB 153 -14.37 52.86 0.07
CA VAL LB 153 -15.06 51.59 0.25
C VAL LB 153 -14.74 50.68 -0.92
N ARG LB 154 -14.13 49.53 -0.64
CA ARG LB 154 -13.68 48.59 -1.65
C ARG LB 154 -14.61 47.39 -1.71
N GLY LB 155 -14.92 46.94 -2.93
CA GLY LB 155 -15.67 45.70 -3.12
C GLY LB 155 -14.80 44.47 -3.12
N CYS LB 156 -15.46 43.31 -3.16
CA CYS LB 156 -14.74 42.04 -3.27
C CYS LB 156 -14.05 41.87 -4.61
N ASP LB 157 -14.46 42.63 -5.63
CA ASP LB 157 -13.69 42.72 -6.86
C ASP LB 157 -12.41 43.54 -6.70
N LEU LB 158 -12.20 44.11 -5.52
CA LEU LB 158 -11.03 44.93 -5.17
C LEU LB 158 -11.03 46.31 -5.83
N GLU LB 159 -12.18 46.80 -6.28
CA GLU LB 159 -12.27 48.14 -6.83
C GLU LB 159 -13.09 49.03 -5.88
N ILE LB 160 -12.76 50.32 -5.88
CA ILE LB 160 -13.38 51.29 -4.99
C ILE LB 160 -14.80 51.61 -5.47
N ALA LB 161 -15.77 51.45 -4.57
CA ALA LB 161 -17.17 51.72 -4.85
C ALA LB 161 -17.59 53.14 -4.47
N GLY LB 162 -16.89 53.76 -3.53
CA GLY LB 162 -17.35 55.00 -2.95
C GLY LB 162 -16.54 55.33 -1.72
N LYS LB 163 -17.03 56.32 -0.96
CA LYS LB 163 -16.40 56.69 0.30
C LYS LB 163 -17.43 56.81 1.42
N VAL LB 164 -16.97 56.59 2.64
CA VAL LB 164 -17.81 56.70 3.83
C VAL LB 164 -18.00 58.17 4.18
N VAL LB 165 -19.26 58.60 4.29
CA VAL LB 165 -19.56 60.00 4.57
C VAL LB 165 -20.23 60.19 5.92
N ASP LB 166 -20.84 59.16 6.50
CA ASP LB 166 -21.40 59.27 7.84
C ASP LB 166 -21.53 57.90 8.46
N ILE LB 167 -21.73 57.88 9.77
CA ILE LB 167 -22.13 56.70 10.53
C ILE LB 167 -23.56 56.94 11.00
N TRP LB 168 -24.41 55.92 10.85
CA TRP LB 168 -25.75 55.95 11.43
C TRP LB 168 -25.73 55.16 12.74
N VAL LB 169 -26.09 55.83 13.83
CA VAL LB 169 -25.93 55.30 15.18
C VAL LB 169 -27.28 54.89 15.73
N ASP LB 170 -27.28 53.80 16.48
CA ASP LB 170 -28.37 53.48 17.39
C ASP LB 170 -28.22 54.36 18.62
N ILE LB 171 -29.20 55.23 18.87
CA ILE LB 171 -29.10 56.21 19.95
C ILE LB 171 -29.18 55.56 21.33
N PRO LB 172 -30.27 54.87 21.70
CA PRO LB 172 -30.29 54.28 23.06
C PRO LB 172 -29.19 53.26 23.28
N GLU LB 173 -28.89 52.42 22.29
CA GLU LB 173 -27.86 51.41 22.43
C GLU LB 173 -26.45 51.97 22.26
N GLN LB 174 -26.33 53.21 21.79
CA GLN LB 174 -25.06 53.89 21.52
C GLN LB 174 -24.05 53.01 20.76
N MET LB 175 -24.45 52.57 19.57
CA MET LB 175 -23.58 51.74 18.76
C MET LB 175 -23.74 52.10 17.29
N ALA LB 176 -22.66 51.93 16.53
CA ALA LB 176 -22.67 52.15 15.09
C ALA LB 176 -23.45 51.06 14.37
N ARG LB 177 -24.47 51.46 13.60
CA ARG LB 177 -25.40 50.51 13.00
C ARG LB 177 -25.33 50.46 11.48
N PHE LB 178 -25.06 51.58 10.80
CA PHE LB 178 -24.76 51.56 9.37
C PHE LB 178 -23.64 52.54 9.04
N LEU LB 179 -22.92 52.24 7.96
CA LEU LB 179 -22.10 53.22 7.26
C LEU LB 179 -22.83 53.74 6.04
N GLU LB 180 -22.89 55.06 5.90
CA GLU LB 180 -23.37 55.71 4.68
C GLU LB 180 -22.23 55.84 3.68
N VAL LB 181 -22.44 55.31 2.47
CA VAL LB 181 -21.44 55.31 1.41
C VAL LB 181 -21.92 56.22 0.29
N GLU LB 182 -21.09 57.18 -0.11
CA GLU LB 182 -21.38 58.05 -1.24
C GLU LB 182 -20.77 57.47 -2.51
N LEU LB 183 -21.62 57.11 -3.46
CA LEU LB 183 -21.20 56.43 -4.68
C LEU LB 183 -20.62 57.43 -5.69
N LYS LB 184 -20.15 56.89 -6.81
CA LYS LB 184 -19.55 57.68 -7.89
C LYS LB 184 -20.57 58.50 -8.69
N ASP LB 185 -21.85 58.47 -8.34
CA ASP LB 185 -22.82 59.44 -8.82
C ASP LB 185 -23.29 60.39 -7.71
N GLY LB 186 -22.64 60.35 -6.55
CA GLY LB 186 -22.99 61.18 -5.42
C GLY LB 186 -24.26 60.83 -4.68
N SER LB 187 -25.06 59.88 -5.18
CA SER LB 187 -26.11 59.31 -4.36
C SER LB 187 -25.51 58.38 -3.31
N THR LB 188 -26.10 58.35 -2.13
CA THR LB 188 -25.59 57.53 -1.04
C THR LB 188 -26.38 56.23 -0.89
N ARG LB 189 -25.78 55.29 -0.15
CA ARG LB 189 -26.43 54.07 0.28
C ARG LB 189 -26.04 53.79 1.73
N LEU LB 190 -26.88 53.04 2.44
CA LEU LB 190 -26.51 52.48 3.73
C LEU LB 190 -25.96 51.07 3.56
N LEU LB 191 -24.82 50.81 4.23
CA LEU LB 191 -24.28 49.47 4.39
C LEU LB 191 -24.46 48.99 5.83
N PRO LB 192 -24.91 47.75 6.04
CA PRO LB 192 -24.96 47.21 7.42
C PRO LB 192 -23.57 47.12 8.02
N MET LB 193 -23.44 47.60 9.26
CA MET LB 193 -22.14 47.66 9.91
C MET LB 193 -21.52 46.28 10.11
N GLN LB 194 -22.34 45.23 10.24
CA GLN LB 194 -21.83 43.88 10.41
C GLN LB 194 -21.32 43.25 9.13
N MET LB 195 -21.52 43.89 7.98
CA MET LB 195 -21.11 43.33 6.70
C MET LB 195 -19.80 43.91 6.18
N VAL LB 196 -19.16 44.83 6.92
CA VAL LB 196 -18.00 45.56 6.45
C VAL LB 196 -16.84 45.33 7.40
N LYS LB 197 -15.63 45.40 6.85
CA LYS LB 197 -14.38 45.34 7.62
C LYS LB 197 -13.69 46.68 7.54
N VAL LB 198 -13.58 47.37 8.69
CA VAL LB 198 -12.91 48.66 8.76
C VAL LB 198 -11.41 48.45 8.88
N GLN LB 199 -10.74 48.22 7.75
CA GLN LB 199 -9.29 48.06 7.73
C GLN LB 199 -8.59 49.41 7.92
N SER LB 200 -7.26 49.35 8.02
CA SER LB 200 -6.49 50.53 8.39
C SER LB 200 -6.65 51.67 7.38
N ASN LB 201 -6.67 51.34 6.08
CA ASN LB 201 -6.76 52.35 5.05
C ASN LB 201 -8.04 52.26 4.20
N ARG LB 202 -8.94 51.34 4.50
CA ARG LB 202 -10.12 51.15 3.66
C ARG LB 202 -11.23 50.52 4.50
N VAL LB 203 -12.44 50.58 3.95
CA VAL LB 203 -13.55 49.72 4.35
C VAL LB 203 -13.75 48.67 3.26
N HIS LB 204 -13.64 47.40 3.63
CA HIS LB 204 -13.80 46.29 2.69
C HIS LB 204 -15.18 45.66 2.87
N VAL LB 205 -15.92 45.52 1.76
CA VAL LB 205 -17.26 44.95 1.78
C VAL LB 205 -17.26 43.64 1.01
N ASN LB 206 -16.94 42.54 1.71
CA ASN LB 206 -16.69 41.25 1.07
C ASN LB 206 -17.91 40.67 0.37
N ALA LB 207 -19.12 41.19 0.65
CA ALA LB 207 -20.32 40.68 0.01
C ALA LB 207 -20.57 41.23 -1.38
N LEU LB 208 -20.05 42.41 -1.70
CA LEU LB 208 -20.42 43.13 -2.92
C LEU LB 208 -19.20 43.36 -3.80
N SER LB 209 -19.35 43.11 -5.10
CA SER LB 209 -18.48 43.72 -6.08
C SER LB 209 -18.85 45.18 -6.29
N SER LB 210 -17.85 45.97 -6.68
CA SER LB 210 -17.99 47.43 -6.69
C SER LB 210 -19.13 47.92 -7.58
N ASP LB 211 -19.51 47.15 -8.61
CA ASP LB 211 -20.65 47.53 -9.43
C ASP LB 211 -21.99 47.32 -8.73
N LEU LB 212 -22.08 46.36 -7.82
CA LEU LB 212 -23.36 46.04 -7.18
C LEU LB 212 -23.81 47.07 -6.16
N PHE LB 213 -22.98 48.05 -5.82
CA PHE LB 213 -23.36 49.03 -4.80
C PHE LB 213 -24.50 49.94 -5.25
N ALA LB 214 -24.63 50.17 -6.57
CA ALA LB 214 -25.73 50.97 -7.07
C ALA LB 214 -27.08 50.27 -6.90
N GLY LB 215 -27.09 48.94 -6.88
CA GLY LB 215 -28.31 48.17 -6.68
C GLY LB 215 -28.84 48.16 -5.25
N ILE LB 216 -28.06 48.63 -4.29
CA ILE LB 216 -28.52 48.67 -2.89
C ILE LB 216 -29.78 49.51 -2.79
N PRO LB 217 -30.87 48.96 -2.24
CA PRO LB 217 -32.12 49.72 -2.13
C PRO LB 217 -31.93 51.01 -1.35
N THR LB 218 -32.35 52.12 -1.94
CA THR LB 218 -32.12 53.43 -1.35
C THR LB 218 -33.25 53.81 -0.40
N ILE LB 219 -32.90 54.57 0.64
CA ILE LB 219 -33.86 55.06 1.61
C ILE LB 219 -34.58 56.28 1.05
N LYS LB 220 -35.86 56.42 1.42
CA LYS LB 220 -36.68 57.50 0.88
C LYS LB 220 -36.45 58.83 1.60
N SER LB 221 -36.19 58.80 2.91
CA SER LB 221 -35.81 60.02 3.63
C SER LB 221 -34.33 60.00 3.95
N PRO LB 222 -33.61 61.10 3.72
CA PRO LB 222 -32.18 61.13 4.05
C PRO LB 222 -31.87 61.22 5.54
N THR LB 223 -32.88 61.23 6.42
CA THR LB 223 -32.64 61.43 7.84
C THR LB 223 -33.18 60.31 8.71
N GLU LB 224 -33.88 59.33 8.14
CA GLU LB 224 -34.38 58.20 8.89
C GLU LB 224 -34.46 56.99 7.97
N VAL LB 225 -34.48 55.81 8.57
CA VAL LB 225 -34.63 54.56 7.83
C VAL LB 225 -35.74 53.74 8.49
N THR LB 226 -36.68 53.27 7.66
CA THR LB 226 -37.78 52.46 8.17
C THR LB 226 -37.36 51.00 8.28
N LEU LB 227 -38.12 50.25 9.09
CA LEU LB 227 -37.86 48.84 9.28
C LEU LB 227 -38.00 48.05 7.97
N LEU LB 228 -38.91 48.46 7.10
CA LEU LB 228 -38.99 47.89 5.76
C LEU LB 228 -37.72 48.16 4.95
N GLU LB 229 -37.24 49.41 4.98
CA GLU LB 229 -36.00 49.76 4.29
C GLU LB 229 -34.80 49.01 4.83
N GLU LB 230 -34.70 48.88 6.16
CA GLU LB 230 -33.61 48.11 6.76
C GLU LB 230 -33.57 46.67 6.22
N ASP LB 231 -34.73 46.02 6.17
CA ASP LB 231 -34.78 44.63 5.73
C ASP LB 231 -34.37 44.49 4.27
N LYS LB 232 -34.85 45.41 3.42
CA LYS LB 232 -34.46 45.40 2.00
C LYS LB 232 -32.96 45.59 1.83
N ILE LB 233 -32.37 46.54 2.56
CA ILE LB 233 -30.93 46.76 2.47
C ILE LB 233 -30.16 45.56 3.00
N CYS LB 234 -30.47 45.12 4.23
CA CYS LB 234 -29.72 44.03 4.83
C CYS LB 234 -29.86 42.73 4.04
N GLY LB 235 -31.08 42.45 3.55
CA GLY LB 235 -31.28 41.29 2.69
C GLY LB 235 -30.47 41.34 1.41
N TYR LB 236 -30.54 42.48 0.71
CA TYR LB 236 -29.82 42.64 -0.55
C TYR LB 236 -28.32 42.40 -0.39
N VAL LB 237 -27.71 42.99 0.64
CA VAL LB 237 -26.26 42.84 0.83
C VAL LB 237 -25.90 41.38 1.13
N ALA LB 238 -26.65 40.74 2.03
CA ALA LB 238 -26.35 39.35 2.35
C ALA LB 238 -26.60 38.42 1.18
N GLY LB 239 -27.55 38.76 0.30
CA GLY LB 239 -27.75 37.98 -0.91
C GLY LB 239 -26.54 37.96 -1.83
N GLY LB 240 -25.72 39.00 -1.78
CA GLY LB 240 -24.51 39.04 -2.59
C GLY LB 240 -23.53 37.92 -2.33
N LEU LB 241 -23.50 37.40 -1.10
CA LEU LB 241 -22.57 36.31 -0.80
C LEU LB 241 -22.82 35.09 -1.67
N MET LB 242 -24.08 34.79 -1.97
CA MET LB 242 -24.39 33.73 -2.93
C MET LB 242 -24.32 34.20 -4.37
N TYR LB 243 -24.83 35.41 -4.65
CA TYR LB 243 -25.18 35.81 -6.01
C TYR LB 243 -24.22 36.77 -6.68
N ALA LB 244 -23.27 37.36 -5.95
CA ALA LB 244 -22.21 38.14 -6.60
C ALA LB 244 -21.23 37.20 -7.28
N ALA LB 245 -21.28 37.14 -8.61
CA ALA LB 245 -20.38 36.33 -9.41
C ALA LB 245 -19.07 37.08 -9.68
N PRO LB 246 -17.96 36.35 -9.87
CA PRO LB 246 -16.72 36.93 -10.41
C PRO LB 246 -16.77 37.13 -11.93
N ALA MB 1 -44.06 19.83 4.43
CA ALA MB 1 -44.85 21.04 4.64
C ALA MB 1 -43.96 22.21 5.04
N LEU MB 2 -44.41 23.42 4.73
CA LEU MB 2 -43.61 24.62 4.87
C LEU MB 2 -44.18 25.49 5.98
N LEU MB 3 -43.30 26.21 6.67
CA LEU MB 3 -43.75 27.42 7.36
C LEU MB 3 -44.34 28.38 6.34
N SER MB 4 -45.26 29.22 6.79
CA SER MB 4 -45.95 30.11 5.87
C SER MB 4 -45.02 31.11 5.18
N PHE MB 5 -43.87 31.41 5.77
CA PHE MB 5 -42.88 32.29 5.17
C PHE MB 5 -41.72 31.56 4.49
N GLU MB 6 -41.70 30.23 4.54
CA GLU MB 6 -40.48 29.48 4.21
C GLU MB 6 -40.16 29.46 2.71
N ARG MB 7 -41.19 29.45 1.85
CA ARG MB 7 -41.00 29.14 0.43
C ARG MB 7 -39.95 30.02 -0.25
N LYS MB 8 -39.99 31.33 -0.01
CA LYS MB 8 -39.03 32.25 -0.63
C LYS MB 8 -37.56 31.93 -0.32
N TYR MB 9 -37.26 31.10 0.68
CA TYR MB 9 -35.88 30.76 0.99
C TYR MB 9 -35.39 29.43 0.40
N ARG MB 10 -36.28 28.55 -0.04
CA ARG MB 10 -35.88 27.23 -0.56
C ARG MB 10 -35.32 27.30 -1.98
N VAL MB 11 -34.26 28.09 -2.15
CA VAL MB 11 -33.59 28.23 -3.46
C VAL MB 11 -32.52 27.15 -3.62
N PRO MB 12 -32.07 26.89 -4.84
CA PRO MB 12 -30.88 26.03 -5.04
C PRO MB 12 -29.60 26.68 -4.56
N GLY MB 13 -28.60 25.83 -4.33
CA GLY MB 13 -27.23 26.28 -4.14
C GLY MB 13 -26.82 26.48 -2.69
N GLY MB 14 -25.55 26.83 -2.51
CA GLY MB 14 -24.90 26.83 -1.22
C GLY MB 14 -24.25 25.52 -0.81
N THR MB 15 -24.56 24.42 -1.51
CA THR MB 15 -23.94 23.13 -1.20
C THR MB 15 -22.43 23.19 -1.40
N LEU MB 16 -21.70 22.56 -0.46
CA LEU MB 16 -20.25 22.48 -0.53
C LEU MB 16 -19.79 21.31 -1.41
N VAL MB 17 -20.51 20.18 -1.35
CA VAL MB 17 -20.20 19.01 -2.15
C VAL MB 17 -21.51 18.47 -2.72
N GLY MB 18 -21.44 17.97 -3.95
CA GLY MB 18 -22.56 17.26 -4.55
C GLY MB 18 -23.49 18.10 -5.40
N GLY MB 19 -23.29 19.41 -5.45
CA GLY MB 19 -24.10 20.28 -6.30
C GLY MB 19 -25.58 20.15 -5.99
N ASN MB 20 -26.36 19.74 -6.99
CA ASN MB 20 -27.78 19.47 -6.85
C ASN MB 20 -28.12 18.00 -6.67
N LEU MB 21 -27.12 17.12 -6.56
CA LEU MB 21 -27.39 15.69 -6.43
C LEU MB 21 -28.16 15.38 -5.15
N PHE MB 22 -27.87 16.11 -4.07
CA PHE MB 22 -28.57 15.94 -2.79
C PHE MB 22 -29.23 17.23 -2.31
N ASP MB 23 -29.25 18.27 -3.14
CA ASP MB 23 -29.86 19.56 -2.77
C ASP MB 23 -31.38 19.47 -2.81
N PHE MB 24 -31.93 18.77 -1.81
CA PHE MB 24 -33.37 18.65 -1.64
C PHE MB 24 -33.67 18.52 -0.15
N TRP MB 25 -34.96 18.59 0.18
CA TRP MB 25 -35.44 18.41 1.54
C TRP MB 25 -36.23 17.12 1.69
N VAL MB 26 -36.31 16.66 2.94
CA VAL MB 26 -37.11 15.50 3.32
C VAL MB 26 -37.93 15.95 4.52
N GLY MB 27 -39.19 16.31 4.27
CA GLY MB 27 -39.99 16.99 5.26
C GLY MB 27 -39.42 18.35 5.60
N PRO MB 28 -39.17 18.60 6.89
CA PRO MB 28 -38.45 19.83 7.27
C PRO MB 28 -36.95 19.74 7.05
N PHE MB 29 -36.40 18.52 7.08
CA PHE MB 29 -34.96 18.34 7.15
C PHE MB 29 -34.31 18.60 5.80
N TYR MB 30 -33.31 19.47 5.78
CA TYR MB 30 -32.44 19.57 4.62
C TYR MB 30 -31.52 18.35 4.57
N VAL MB 31 -31.31 17.83 3.36
CA VAL MB 31 -30.42 16.68 3.19
C VAL MB 31 -29.02 17.15 2.84
N GLY MB 32 -28.73 17.31 1.54
CA GLY MB 32 -27.38 17.56 1.09
C GLY MB 32 -26.43 16.39 1.25
N PHE MB 33 -25.22 16.54 0.72
CA PHE MB 33 -24.21 15.49 0.77
C PHE MB 33 -23.96 14.99 2.19
N PHE MB 34 -23.75 15.92 3.12
CA PHE MB 34 -23.42 15.55 4.48
C PHE MB 34 -24.62 15.11 5.31
N GLY MB 35 -25.84 15.38 4.86
CA GLY MB 35 -27.00 14.75 5.48
C GLY MB 35 -27.08 13.27 5.21
N VAL MB 36 -26.74 12.85 3.98
CA VAL MB 36 -26.58 11.44 3.68
C VAL MB 36 -25.49 10.81 4.54
N ALA MB 37 -24.31 11.43 4.57
CA ALA MB 37 -23.23 10.98 5.44
C ALA MB 37 -23.66 10.93 6.91
N THR MB 38 -24.32 11.98 7.40
CA THR MB 38 -24.78 12.02 8.78
C THR MB 38 -25.68 10.83 9.12
N PHE MB 39 -26.73 10.62 8.32
CA PHE MB 39 -27.70 9.57 8.63
C PHE MB 39 -27.06 8.19 8.61
N PHE MB 40 -26.16 7.93 7.67
CA PHE MB 40 -25.46 6.64 7.62
C PHE MB 40 -24.70 6.37 8.91
N PHE MB 41 -23.84 7.31 9.33
CA PHE MB 41 -23.05 7.12 10.55
C PHE MB 41 -23.95 7.06 11.79
N ALA MB 42 -24.94 7.93 11.87
CA ALA MB 42 -25.88 7.90 13.00
C ALA MB 42 -26.60 6.56 13.10
N ALA MB 43 -27.16 6.07 11.98
CA ALA MB 43 -27.85 4.78 12.00
C ALA MB 43 -26.92 3.62 12.30
N LEU MB 44 -25.72 3.61 11.71
CA LEU MB 44 -24.77 2.54 11.98
C LEU MB 44 -24.32 2.54 13.44
N GLY MB 45 -23.96 3.71 13.97
CA GLY MB 45 -23.57 3.79 15.37
C GLY MB 45 -24.66 3.37 16.34
N ILE MB 46 -25.90 3.77 16.07
CA ILE MB 46 -27.03 3.34 16.90
C ILE MB 46 -27.24 1.83 16.81
N ILE MB 47 -27.18 1.27 15.60
CA ILE MB 47 -27.45 -0.15 15.42
C ILE MB 47 -26.35 -1.01 16.04
N LEU MB 48 -25.10 -0.59 15.93
CA LEU MB 48 -24.02 -1.29 16.63
C LEU MB 48 -24.12 -1.20 18.14
N ILE MB 49 -24.77 -0.16 18.67
CA ILE MB 49 -25.04 -0.11 20.10
C ILE MB 49 -26.08 -1.15 20.49
N ALA MB 50 -27.16 -1.26 19.72
CA ALA MB 50 -28.17 -2.28 19.98
C ALA MB 50 -27.61 -3.69 19.86
N TRP MB 51 -26.71 -3.91 18.90
CA TRP MB 51 -26.05 -5.21 18.79
C TRP MB 51 -25.12 -5.49 19.98
N SER MB 52 -24.40 -4.47 20.44
CA SER MB 52 -23.61 -4.61 21.66
C SER MB 52 -24.46 -4.98 22.86
N ALA MB 53 -25.69 -4.45 22.92
CA ALA MB 53 -26.63 -4.88 23.95
C ALA MB 53 -26.96 -6.38 23.86
N VAL MB 54 -27.07 -6.91 22.65
CA VAL MB 54 -27.27 -8.34 22.49
C VAL MB 54 -26.07 -9.14 23.01
N LEU MB 55 -24.85 -8.71 22.65
CA LEU MB 55 -23.66 -9.37 23.15
C LEU MB 55 -23.53 -9.24 24.66
N GLN MB 56 -23.89 -8.08 25.21
CA GLN MB 56 -23.82 -7.89 26.65
C GLN MB 56 -24.88 -8.69 27.39
N GLY MB 57 -26.02 -8.94 26.75
CA GLY MB 57 -27.07 -9.73 27.36
C GLY MB 57 -27.95 -8.95 28.32
N THR MB 58 -28.28 -7.71 27.98
CA THR MB 58 -29.29 -6.94 28.68
C THR MB 58 -30.10 -6.14 27.67
N TRP MB 59 -31.37 -5.92 28.00
CA TRP MB 59 -32.21 -5.01 27.24
C TRP MB 59 -32.66 -3.80 28.04
N ASN MB 60 -32.26 -3.69 29.29
CA ASN MB 60 -32.51 -2.48 30.05
C ASN MB 60 -31.62 -1.38 29.47
N PRO MB 61 -32.20 -0.31 28.92
CA PRO MB 61 -31.36 0.71 28.25
C PRO MB 61 -30.40 1.41 29.19
N GLN MB 62 -30.68 1.42 30.49
CA GLN MB 62 -29.80 2.06 31.46
C GLN MB 62 -28.60 1.18 31.84
N LEU MB 63 -28.66 -0.12 31.58
CA LEU MB 63 -27.52 -1.00 31.81
C LEU MB 63 -26.67 -1.24 30.56
N ILE MB 64 -27.19 -0.98 29.37
CA ILE MB 64 -26.41 -1.15 28.15
C ILE MB 64 -25.14 -0.32 28.22
N SER MB 65 -23.99 -0.95 27.94
CA SER MB 65 -22.71 -0.27 28.06
C SER MB 65 -21.68 -0.87 27.11
N VAL MB 66 -21.14 -0.03 26.22
CA VAL MB 66 -20.13 -0.43 25.25
C VAL MB 66 -18.79 0.05 25.79
N TYR MB 67 -17.93 -0.92 26.31
CA TYR MB 67 -16.63 -0.56 26.88
C TYR MB 67 -15.55 -0.50 25.81
N PRO MB 68 -14.60 0.43 25.95
CA PRO MB 68 -13.41 0.43 25.09
C PRO MB 68 -12.53 -0.78 25.32
N PRO MB 69 -11.58 -1.05 24.42
CA PRO MB 69 -10.53 -2.05 24.68
C PRO MB 69 -9.86 -1.88 26.03
N ALA MB 70 -9.55 -3.01 26.67
CA ALA MB 70 -8.70 -3.01 27.85
C ALA MB 70 -7.32 -2.41 27.54
N LEU MB 71 -6.62 -2.01 28.61
CA LEU MB 71 -5.32 -1.37 28.45
C LEU MB 71 -4.28 -2.29 27.80
N GLU MB 72 -4.45 -3.61 27.92
CA GLU MB 72 -3.56 -4.54 27.24
C GLU MB 72 -3.58 -4.42 25.72
N TYR MB 73 -4.66 -3.89 25.14
CA TYR MB 73 -4.73 -3.73 23.70
C TYR MB 73 -4.02 -2.48 23.19
N GLY MB 74 -3.52 -1.64 24.10
CA GLY MB 74 -2.84 -0.41 23.70
C GLY MB 74 -3.70 0.48 22.83
N LEU MB 75 -3.09 1.03 21.78
CA LEU MB 75 -3.80 1.72 20.71
C LEU MB 75 -4.09 0.82 19.50
N GLY MB 76 -3.84 -0.48 19.61
CA GLY MB 76 -4.20 -1.39 18.54
C GLY MB 76 -5.67 -1.80 18.56
N GLY MB 77 -6.07 -2.48 17.48
CA GLY MB 77 -7.42 -3.02 17.43
C GLY MB 77 -7.68 -4.05 18.51
N ALA MB 78 -8.95 -4.14 18.92
CA ALA MB 78 -9.41 -5.19 19.82
C ALA MB 78 -10.45 -6.07 19.14
N PRO MB 79 -10.78 -7.23 19.71
CA PRO MB 79 -11.95 -7.98 19.20
C PRO MB 79 -13.22 -7.17 19.33
N LEU MB 80 -14.15 -7.41 18.39
CA LEU MB 80 -15.40 -6.66 18.36
C LEU MB 80 -16.17 -6.78 19.67
N ALA MB 81 -16.29 -8.00 20.21
CA ALA MB 81 -17.00 -8.16 21.47
C ALA MB 81 -16.27 -7.56 22.65
N LYS MB 82 -15.00 -7.20 22.51
CA LYS MB 82 -14.13 -6.90 23.64
C LYS MB 82 -13.42 -5.56 23.42
N GLY MB 83 -14.11 -4.62 22.80
CA GLY MB 83 -13.57 -3.29 22.59
C GLY MB 83 -13.62 -2.82 21.15
N GLY MB 84 -13.76 -3.76 20.22
CA GLY MB 84 -13.75 -3.40 18.81
C GLY MB 84 -15.03 -2.73 18.34
N LEU MB 85 -16.16 -3.06 18.95
CA LEU MB 85 -17.40 -2.34 18.67
C LEU MB 85 -17.32 -0.90 19.14
N TRP MB 86 -16.80 -0.66 20.34
CA TRP MB 86 -16.58 0.70 20.81
C TRP MB 86 -15.77 1.52 19.82
N GLN MB 87 -14.73 0.93 19.24
CA GLN MB 87 -13.88 1.64 18.30
C GLN MB 87 -14.63 2.03 17.03
N ILE MB 88 -15.47 1.14 16.51
CA ILE MB 88 -16.24 1.47 15.32
C ILE MB 88 -17.31 2.51 15.63
N ILE MB 89 -17.99 2.37 16.78
CA ILE MB 89 -18.99 3.36 17.18
C ILE MB 89 -18.36 4.73 17.41
N THR MB 90 -17.12 4.77 17.89
CA THR MB 90 -16.40 6.04 18.02
C THR MB 90 -16.12 6.67 16.66
N ILE MB 91 -15.76 5.85 15.68
CA ILE MB 91 -15.62 6.33 14.30
C ILE MB 91 -16.95 6.86 13.77
N CYS MB 92 -18.04 6.11 14.00
CA CYS MB 92 -19.37 6.56 13.59
C CYS MB 92 -19.79 7.84 14.29
N ALA MB 93 -19.54 7.95 15.59
CA ALA MB 93 -19.83 9.20 16.30
C ALA MB 93 -19.06 10.38 15.70
N THR MB 94 -17.76 10.20 15.47
CA THR MB 94 -16.95 11.25 14.87
C THR MB 94 -17.45 11.61 13.47
N GLY MB 95 -17.72 10.60 12.66
CA GLY MB 95 -18.28 10.83 11.33
C GLY MB 95 -19.62 11.55 11.36
N ALA MB 96 -20.50 11.15 12.27
CA ALA MB 96 -21.81 11.81 12.41
C ALA MB 96 -21.67 13.26 12.89
N PHE MB 97 -20.90 13.50 13.95
CA PHE MB 97 -20.77 14.85 14.47
C PHE MB 97 -20.13 15.81 13.47
N VAL MB 98 -19.09 15.37 12.77
CA VAL MB 98 -18.44 16.23 11.79
C VAL MB 98 -19.32 16.47 10.57
N SER MB 99 -19.97 15.41 10.05
CA SER MB 99 -20.94 15.59 8.97
C SER MB 99 -22.07 16.54 9.37
N TRP MB 100 -22.50 16.48 10.62
CA TRP MB 100 -23.56 17.38 11.09
C TRP MB 100 -23.11 18.85 11.11
N ALA MB 101 -21.88 19.10 11.56
CA ALA MB 101 -21.33 20.45 11.46
C ALA MB 101 -21.23 20.94 10.01
N LEU MB 102 -20.73 20.09 9.12
CA LEU MB 102 -20.60 20.46 7.71
C LEU MB 102 -21.95 20.67 7.03
N ARG MB 103 -22.96 19.87 7.41
CA ARG MB 103 -24.32 20.13 6.95
C ARG MB 103 -24.86 21.47 7.45
N GLU MB 104 -24.48 21.88 8.66
CA GLU MB 104 -24.85 23.20 9.15
C GLU MB 104 -24.17 24.32 8.36
N VAL MB 105 -22.92 24.12 7.94
CA VAL MB 105 -22.24 25.10 7.08
C VAL MB 105 -22.99 25.30 5.76
N GLU MB 106 -23.49 24.21 5.17
CA GLU MB 106 -24.27 24.33 3.95
C GLU MB 106 -25.58 25.08 4.15
N ILE MB 107 -26.28 24.80 5.24
CA ILE MB 107 -27.52 25.54 5.55
C ILE MB 107 -27.23 27.02 5.81
N CYS MB 108 -26.10 27.33 6.45
CA CYS MB 108 -25.72 28.74 6.61
C CYS MB 108 -25.52 29.43 5.26
N ARG MB 109 -24.87 28.75 4.32
CA ARG MB 109 -24.64 29.32 2.99
C ARG MB 109 -25.95 29.57 2.25
N LYS MB 110 -26.86 28.58 2.25
CA LYS MB 110 -28.15 28.75 1.60
C LYS MB 110 -29.00 29.87 2.20
N LEU MB 111 -28.89 30.10 3.52
CA LEU MB 111 -29.61 31.21 4.13
C LEU MB 111 -28.81 32.50 4.22
N GLY MB 112 -27.52 32.48 3.90
CA GLY MB 112 -26.74 33.70 3.91
C GLY MB 112 -26.43 34.25 5.27
N ILE MB 113 -26.47 33.42 6.30
CA ILE MB 113 -26.18 33.83 7.66
C ILE MB 113 -24.72 33.54 7.99
N GLY MB 114 -24.24 34.12 9.09
CA GLY MB 114 -22.90 33.82 9.55
C GLY MB 114 -22.73 32.37 9.97
N TYR MB 115 -21.47 31.97 10.08
CA TYR MB 115 -21.06 30.60 10.37
C TYR MB 115 -20.88 30.33 11.87
N HIS MB 116 -21.42 31.20 12.73
CA HIS MB 116 -21.18 31.09 14.17
C HIS MB 116 -21.67 29.76 14.74
N ILE MB 117 -22.81 29.25 14.27
CA ILE MB 117 -23.38 28.03 14.82
C ILE MB 117 -22.52 26.79 14.56
N PRO MB 118 -22.12 26.48 13.31
CA PRO MB 118 -21.22 25.33 13.13
C PRO MB 118 -19.86 25.50 13.80
N PHE MB 119 -19.37 26.74 13.89
CA PHE MB 119 -18.11 27.01 14.59
C PHE MB 119 -18.23 26.73 16.08
N ALA MB 120 -19.32 27.18 16.71
CA ALA MB 120 -19.56 26.86 18.11
C ALA MB 120 -19.71 25.36 18.35
N PHE MB 121 -20.40 24.66 17.45
CA PHE MB 121 -20.55 23.21 17.59
C PHE MB 121 -19.21 22.49 17.48
N ALA MB 122 -18.29 23.00 16.68
CA ALA MB 122 -16.96 22.40 16.56
C ALA MB 122 -16.20 22.37 17.89
N PHE MB 123 -16.52 23.27 18.83
CA PHE MB 123 -15.93 23.19 20.16
C PHE MB 123 -16.38 21.94 20.92
N ALA MB 124 -17.68 21.61 20.85
CA ALA MB 124 -18.16 20.38 21.46
C ALA MB 124 -17.50 19.15 20.87
N ILE MB 125 -17.31 19.12 19.55
CA ILE MB 125 -16.62 18.02 18.89
C ILE MB 125 -15.19 17.87 19.40
N LEU MB 126 -14.48 18.98 19.56
CA LEU MB 126 -13.12 18.91 20.08
C LEU MB 126 -13.05 18.46 21.54
N ALA MB 127 -14.05 18.79 22.34
CA ALA MB 127 -14.11 18.24 23.70
C ALA MB 127 -14.36 16.74 23.70
N TYR MB 128 -15.27 16.28 22.85
CA TYR MB 128 -15.46 14.84 22.64
C TYR MB 128 -14.18 14.16 22.20
N LEU MB 129 -13.53 14.68 21.15
CA LEU MB 129 -12.32 14.06 20.63
C LEU MB 129 -11.17 14.13 21.62
N THR MB 130 -11.13 15.15 22.48
CA THR MB 130 -10.17 15.15 23.59
C THR MB 130 -10.34 13.92 24.47
N LEU MB 131 -11.57 13.58 24.84
CA LEU MB 131 -11.82 12.50 25.78
C LEU MB 131 -11.71 11.11 25.16
N VAL MB 132 -12.09 10.95 23.89
CA VAL MB 132 -12.05 9.63 23.26
C VAL MB 132 -10.81 9.41 22.40
N LEU MB 133 -10.14 10.47 21.96
CA LEU MB 133 -9.08 10.29 20.97
C LEU MB 133 -7.75 10.89 21.42
N PHE MB 134 -7.69 12.21 21.59
CA PHE MB 134 -6.39 12.87 21.79
C PHE MB 134 -5.75 12.44 23.10
N ARG MB 135 -6.49 12.45 24.20
CA ARG MB 135 -5.92 12.07 25.48
C ARG MB 135 -5.62 10.57 25.59
N PRO MB 136 -6.52 9.67 25.15
CA PRO MB 136 -6.13 8.25 25.08
C PRO MB 136 -4.91 7.98 24.21
N VAL MB 137 -4.76 8.68 23.08
CA VAL MB 137 -3.59 8.52 22.24
C VAL MB 137 -2.34 9.04 22.94
N MET MB 138 -2.45 10.15 23.66
CA MET MB 138 -1.32 10.62 24.47
C MET MB 138 -0.97 9.62 25.57
N MET MB 139 -1.97 9.09 26.27
CA MET MB 139 -1.72 8.15 27.34
C MET MB 139 -1.43 6.74 26.85
N GLY MB 140 -1.65 6.46 25.57
CA GLY MB 140 -1.22 5.22 24.96
C GLY MB 140 -2.18 4.06 25.00
N ALA MB 141 -3.46 4.28 25.30
CA ALA MB 141 -4.41 3.16 25.34
C ALA MB 141 -5.83 3.68 25.15
N TRP MB 142 -6.59 3.00 24.29
CA TRP MB 142 -8.03 3.28 24.14
C TRP MB 142 -8.81 3.07 25.42
N GLY MB 143 -8.30 2.27 26.37
CA GLY MB 143 -9.00 2.03 27.62
C GLY MB 143 -9.10 3.22 28.55
N TYR MB 144 -8.30 4.26 28.33
CA TYR MB 144 -8.51 5.52 29.04
C TYR MB 144 -9.67 6.35 28.51
N ALA MB 145 -10.29 5.95 27.41
CA ALA MB 145 -11.53 6.61 26.99
C ALA MB 145 -12.70 6.13 27.83
N PHE MB 146 -13.83 6.89 27.76
CA PHE MB 146 -15.02 6.54 28.53
C PHE MB 146 -15.92 5.56 27.77
N PRO MB 147 -16.65 4.73 28.50
CA PRO MB 147 -17.58 3.79 27.87
C PRO MB 147 -18.89 4.45 27.49
N TYR MB 148 -19.46 3.99 26.38
CA TYR MB 148 -20.77 4.44 25.94
C TYR MB 148 -21.83 3.68 26.73
N GLY MB 149 -22.28 4.31 27.82
CA GLY MB 149 -23.35 3.80 28.64
C GLY MB 149 -23.87 4.88 29.57
N ILE MB 150 -25.20 4.95 29.73
CA ILE MB 150 -25.83 6.07 30.42
C ILE MB 150 -25.25 6.29 31.81
N TRP MB 151 -25.14 5.22 32.59
CA TRP MB 151 -24.56 5.34 33.92
C TRP MB 151 -23.09 4.93 33.98
N THR MB 152 -22.67 4.00 33.14
CA THR MB 152 -21.27 3.55 33.17
C THR MB 152 -20.30 4.65 32.76
N HIS MB 153 -20.71 5.62 31.94
CA HIS MB 153 -19.79 6.71 31.66
C HIS MB 153 -19.62 7.63 32.88
N LEU MB 154 -20.57 7.60 33.82
CA LEU MB 154 -20.38 8.31 35.08
C LEU MB 154 -19.40 7.58 36.01
N ASP MB 155 -19.33 6.24 35.93
CA ASP MB 155 -18.28 5.51 36.61
C ASP MB 155 -16.90 5.90 36.10
N TRP MB 156 -16.77 6.12 34.79
CA TRP MB 156 -15.51 6.59 34.24
C TRP MB 156 -15.16 7.97 34.77
N VAL MB 157 -16.13 8.88 34.84
CA VAL MB 157 -15.88 10.20 35.41
C VAL MB 157 -15.43 10.09 36.86
N SER MB 158 -16.13 9.27 37.65
CA SER MB 158 -15.76 9.07 39.05
C SER MB 158 -14.36 8.47 39.18
N ASN MB 159 -14.12 7.35 38.51
CA ASN MB 159 -12.84 6.65 38.64
C ASN MB 159 -11.67 7.47 38.11
N THR MB 160 -11.88 8.18 37.00
CA THR MB 160 -10.84 9.09 36.50
C THR MB 160 -10.58 10.22 37.48
N GLY MB 161 -11.63 10.85 38.01
CA GLY MB 161 -11.45 11.93 38.96
C GLY MB 161 -10.69 11.52 40.21
N TYR MB 162 -11.17 10.47 40.89
CA TYR MB 162 -10.55 10.03 42.14
C TYR MB 162 -9.18 9.40 41.96
N THR MB 163 -8.74 9.14 40.73
CA THR MB 163 -7.35 8.78 40.51
C THR MB 163 -6.39 9.89 40.94
N TYR MB 164 -6.87 11.14 40.94
CA TYR MB 164 -6.07 12.30 41.26
C TYR MB 164 -6.57 13.00 42.52
N GLY MB 165 -7.18 12.24 43.43
CA GLY MB 165 -7.78 12.79 44.62
C GLY MB 165 -9.13 13.44 44.35
N ASN MB 166 -9.43 14.48 45.11
CA ASN MB 166 -10.54 15.36 44.77
C ASN MB 166 -10.19 16.13 43.50
N PHE MB 167 -11.00 15.94 42.46
CA PHE MB 167 -10.75 16.61 41.18
C PHE MB 167 -11.14 18.07 41.18
N HIS MB 168 -11.82 18.56 42.23
CA HIS MB 168 -12.09 19.99 42.36
C HIS MB 168 -10.82 20.83 42.37
N TYR MB 169 -9.67 20.26 42.73
CA TYR MB 169 -8.44 21.02 42.84
C TYR MB 169 -7.71 21.21 41.51
N ASN MB 170 -8.17 20.59 40.43
CA ASN MB 170 -7.59 20.87 39.13
C ASN MB 170 -7.89 22.34 38.79
N PRO MB 171 -6.88 23.19 38.62
CA PRO MB 171 -7.16 24.63 38.48
C PRO MB 171 -7.89 25.01 37.20
N ALA MB 172 -7.67 24.28 36.11
CA ALA MB 172 -8.44 24.52 34.89
C ALA MB 172 -9.87 24.01 35.01
N HIS MB 173 -10.06 22.93 35.78
CA HIS MB 173 -11.41 22.45 36.07
C HIS MB 173 -12.19 23.49 36.87
N MET MB 174 -11.53 24.19 37.80
CA MET MB 174 -12.18 25.30 38.52
C MET MB 174 -12.62 26.42 37.59
N ILE MB 175 -11.78 26.78 36.62
CA ILE MB 175 -12.12 27.83 35.66
C ILE MB 175 -13.28 27.41 34.77
N ALA MB 176 -13.26 26.17 34.27
CA ALA MB 176 -14.37 25.65 33.49
C ALA MB 176 -15.69 25.69 34.26
N ILE MB 177 -15.68 25.26 35.52
CA ILE MB 177 -16.88 25.31 36.35
C ILE MB 177 -17.38 26.75 36.48
N SER MB 178 -16.46 27.70 36.65
CA SER MB 178 -16.87 29.09 36.81
C SER MB 178 -17.58 29.62 35.56
N PHE MB 179 -17.11 29.24 34.38
CA PHE MB 179 -17.84 29.59 33.15
C PHE MB 179 -19.17 28.85 33.04
N PHE MB 180 -19.20 27.56 33.40
CA PHE MB 180 -20.46 26.81 33.36
C PHE MB 180 -21.52 27.43 34.28
N PHE MB 181 -21.15 27.79 35.50
CA PHE MB 181 -22.13 28.39 36.40
C PHE MB 181 -22.52 29.79 35.94
N THR MB 182 -21.56 30.57 35.47
CA THR MB 182 -21.84 31.92 35.00
C THR MB 182 -22.69 31.93 33.73
N ASN MB 183 -22.45 30.97 32.83
CA ASN MB 183 -23.30 30.83 31.66
C ASN MB 183 -24.75 30.55 32.04
N ALA MB 184 -24.97 29.65 33.00
CA ALA MB 184 -26.33 29.31 33.41
C ALA MB 184 -27.02 30.48 34.10
N LEU MB 185 -26.26 31.26 34.88
CA LEU MB 185 -26.78 32.52 35.42
C LEU MB 185 -27.21 33.47 34.31
N ALA MB 186 -26.34 33.71 33.33
CA ALA MB 186 -26.65 34.64 32.24
C ALA MB 186 -27.82 34.17 31.39
N LEU MB 187 -27.98 32.86 31.18
CA LEU MB 187 -29.11 32.37 30.42
C LEU MB 187 -30.44 32.55 31.16
N ALA MB 188 -30.43 32.35 32.48
CA ALA MB 188 -31.61 32.66 33.28
C ALA MB 188 -31.98 34.13 33.18
N LEU MB 189 -30.99 35.02 33.36
CA LEU MB 189 -31.24 36.45 33.30
C LEU MB 189 -31.70 36.91 31.92
N HIS MB 190 -31.03 36.44 30.87
CA HIS MB 190 -31.37 36.89 29.51
C HIS MB 190 -32.77 36.44 29.10
N GLY MB 191 -33.08 35.16 29.33
CA GLY MB 191 -34.43 34.69 29.10
C GLY MB 191 -35.48 35.48 29.85
N ALA MB 192 -35.23 35.73 31.14
CA ALA MB 192 -36.20 36.44 31.97
C ALA MB 192 -36.37 37.90 31.53
N LEU MB 193 -35.27 38.58 31.19
CA LEU MB 193 -35.36 39.99 30.83
C LEU MB 193 -36.12 40.22 29.54
N VAL MB 194 -35.83 39.41 28.51
CA VAL MB 194 -36.58 39.52 27.26
C VAL MB 194 -38.06 39.18 27.47
N LEU MB 195 -38.35 38.13 28.23
CA LEU MB 195 -39.75 37.79 28.50
C LEU MB 195 -40.46 38.86 29.33
N SER MB 196 -39.75 39.46 30.29
CA SER MB 196 -40.39 40.48 31.11
C SER MB 196 -40.73 41.74 30.33
N ALA MB 197 -40.03 42.00 29.22
CA ALA MB 197 -40.36 43.13 28.37
C ALA MB 197 -41.51 42.80 27.41
N ALA MB 198 -41.43 41.64 26.76
CA ALA MB 198 -42.49 41.22 25.85
C ALA MB 198 -43.79 40.87 26.57
N ASN MB 199 -43.71 40.48 27.84
CA ASN MB 199 -44.88 40.09 28.63
C ASN MB 199 -44.94 40.94 29.89
N PRO MB 200 -45.31 42.22 29.75
CA PRO MB 200 -45.39 43.10 30.91
C PRO MB 200 -46.57 42.80 31.81
N GLU MB 201 -46.81 43.68 32.79
CA GLU MB 201 -48.03 43.61 33.59
C GLU MB 201 -49.26 43.74 32.71
N LYS MB 202 -50.34 43.06 33.12
CA LYS MB 202 -51.55 42.97 32.32
C LYS MB 202 -52.10 44.35 31.96
N GLY MB 203 -52.30 44.57 30.66
CA GLY MB 203 -52.79 45.83 30.14
C GLY MB 203 -51.73 46.82 29.69
N LYS MB 204 -50.49 46.67 30.15
CA LYS MB 204 -49.42 47.57 29.73
C LYS MB 204 -48.93 47.23 28.33
N GLU MB 205 -48.40 48.25 27.65
CA GLU MB 205 -47.71 48.05 26.38
C GLU MB 205 -46.44 47.24 26.55
N MET MB 206 -46.04 46.56 25.48
CA MET MB 206 -44.71 45.97 25.39
C MET MB 206 -43.64 46.99 25.77
N ARG MB 207 -42.69 46.55 26.58
CA ARG MB 207 -41.57 47.39 26.96
C ARG MB 207 -40.53 47.42 25.83
N THR MB 208 -39.70 48.45 25.85
CA THR MB 208 -38.64 48.63 24.87
C THR MB 208 -37.31 48.12 25.41
N PRO MB 209 -36.31 47.94 24.55
CA PRO MB 209 -34.95 47.69 25.04
C PRO MB 209 -34.40 48.80 25.93
N ASP MB 210 -35.00 49.99 25.91
CA ASP MB 210 -34.65 51.01 26.88
C ASP MB 210 -35.05 50.61 28.29
N HIS MB 211 -36.22 50.01 28.45
CA HIS MB 211 -36.60 49.47 29.75
C HIS MB 211 -35.68 48.32 30.17
N GLU MB 212 -35.24 47.50 29.22
CA GLU MB 212 -34.31 46.42 29.54
C GLU MB 212 -32.98 46.97 30.05
N ASP MB 213 -32.41 47.94 29.34
CA ASP MB 213 -31.23 48.65 29.84
C ASP MB 213 -31.48 49.25 31.22
N THR MB 214 -32.65 49.86 31.41
CA THR MB 214 -32.95 50.56 32.65
C THR MB 214 -33.07 49.61 33.84
N PHE MB 215 -33.78 48.50 33.67
CA PHE MB 215 -33.93 47.53 34.75
C PHE MB 215 -32.59 47.03 35.28
N PHE MB 216 -31.68 46.64 34.39
CA PHE MB 216 -30.40 46.10 34.87
C PHE MB 216 -29.49 47.18 35.45
N ARG MB 217 -29.53 48.39 34.89
CA ARG MB 217 -28.77 49.48 35.50
C ARG MB 217 -29.32 49.80 36.89
N ASP MB 218 -30.65 49.89 37.02
CA ASP MB 218 -31.26 50.04 38.34
C ASP MB 218 -30.87 48.89 39.27
N LEU MB 219 -30.82 47.67 38.75
CA LEU MB 219 -30.54 46.50 39.60
C LEU MB 219 -29.07 46.43 40.01
N VAL MB 220 -28.14 46.61 39.06
CA VAL MB 220 -26.73 46.34 39.32
C VAL MB 220 -25.80 47.43 38.83
N GLY MB 221 -26.33 48.52 38.28
CA GLY MB 221 -25.49 49.62 37.84
C GLY MB 221 -24.75 49.37 36.55
N TYR MB 222 -25.13 48.36 35.78
CA TYR MB 222 -24.53 48.12 34.48
C TYR MB 222 -25.50 47.34 33.61
N SER MB 223 -25.31 47.43 32.30
CA SER MB 223 -26.16 46.76 31.33
C SER MB 223 -25.31 46.49 30.10
N ILE MB 224 -25.14 45.21 29.77
CA ILE MB 224 -24.23 44.85 28.68
C ILE MB 224 -24.83 45.14 27.31
N GLY MB 225 -26.15 45.26 27.20
CA GLY MB 225 -26.80 45.56 25.95
C GLY MB 225 -27.23 44.34 25.16
N THR MB 226 -28.11 44.58 24.19
CA THR MB 226 -28.68 43.51 23.37
C THR MB 226 -27.60 42.72 22.64
N LEU MB 227 -26.63 43.41 22.06
CA LEU MB 227 -25.56 42.72 21.34
C LEU MB 227 -24.54 42.10 22.29
N GLY MB 228 -24.19 42.80 23.37
CA GLY MB 228 -23.23 42.27 24.33
C GLY MB 228 -23.65 40.97 24.97
N ILE MB 229 -24.95 40.84 25.30
CA ILE MB 229 -25.40 39.63 26.00
C ILE MB 229 -25.29 38.38 25.12
N HIS MB 230 -25.50 38.51 23.81
CA HIS MB 230 -25.38 37.35 22.94
C HIS MB 230 -23.93 37.01 22.64
N ARG MB 231 -23.05 38.01 22.59
CA ARG MB 231 -21.62 37.75 22.58
C ARG MB 231 -21.19 37.02 23.87
N LEU MB 232 -21.69 37.49 25.01
CA LEU MB 232 -21.30 36.91 26.29
C LEU MB 232 -21.76 35.46 26.42
N GLY MB 233 -23.02 35.19 26.11
CA GLY MB 233 -23.53 33.84 26.20
C GLY MB 233 -22.79 32.86 25.31
N LEU MB 234 -22.39 33.30 24.13
CA LEU MB 234 -21.56 32.47 23.25
C LEU MB 234 -20.18 32.23 23.86
N LEU MB 235 -19.47 33.30 24.24
CA LEU MB 235 -18.11 33.15 24.73
C LEU MB 235 -18.04 32.45 26.09
N LEU MB 236 -19.04 32.64 26.97
CA LEU MB 236 -19.06 31.88 28.22
C LEU MB 236 -19.22 30.39 27.96
N SER MB 237 -20.10 30.02 27.04
CA SER MB 237 -20.27 28.60 26.69
C SER MB 237 -19.00 28.02 26.08
N LEU MB 238 -18.38 28.74 25.14
CA LEU MB 238 -17.18 28.23 24.50
C LEU MB 238 -15.98 28.19 25.44
N SER MB 239 -15.83 29.21 26.29
CA SER MB 239 -14.75 29.20 27.29
C SER MB 239 -14.89 28.03 28.26
N ALA MB 240 -16.12 27.75 28.71
CA ALA MB 240 -16.36 26.59 29.57
C ALA MB 240 -15.84 25.30 28.97
N VAL MB 241 -16.10 25.10 27.67
CA VAL MB 241 -15.69 23.86 27.01
C VAL MB 241 -14.20 23.87 26.67
N PHE MB 242 -13.62 25.02 26.35
CA PHE MB 242 -12.18 25.11 26.15
C PHE MB 242 -11.41 24.73 27.42
N PHE MB 243 -11.75 25.34 28.55
CA PHE MB 243 -11.06 25.02 29.80
C PHE MB 243 -11.40 23.63 30.31
N SER MB 244 -12.56 23.07 29.94
CA SER MB 244 -12.84 21.67 30.24
C SER MB 244 -11.88 20.74 29.50
N ALA MB 245 -11.74 20.93 28.19
CA ALA MB 245 -10.78 20.15 27.42
C ALA MB 245 -9.36 20.31 27.92
N LEU MB 246 -8.97 21.56 28.24
CA LEU MB 246 -7.63 21.80 28.78
C LEU MB 246 -7.39 21.07 30.09
N CYS MB 247 -8.38 21.07 30.99
CA CYS MB 247 -8.20 20.43 32.30
C CYS MB 247 -7.95 18.93 32.16
N MET MB 248 -8.49 18.31 31.12
CA MET MB 248 -8.31 16.87 30.93
C MET MB 248 -7.05 16.51 30.14
N ILE MB 249 -6.70 17.32 29.13
CA ILE MB 249 -5.51 17.01 28.34
C ILE MB 249 -4.24 17.09 29.18
N ILE MB 250 -4.25 17.89 30.26
CA ILE MB 250 -3.13 17.93 31.18
C ILE MB 250 -3.18 16.82 32.22
N THR MB 251 -4.36 16.27 32.49
CA THR MB 251 -4.55 15.31 33.57
C THR MB 251 -4.11 13.93 33.12
N GLY MB 252 -3.05 13.41 33.74
CA GLY MB 252 -2.48 12.13 33.37
C GLY MB 252 -1.46 12.17 32.26
N THR MB 253 -1.03 13.36 31.85
CA THR MB 253 -0.04 13.55 30.80
C THR MB 253 1.10 14.44 31.24
N ILE MB 254 0.81 15.55 31.91
CA ILE MB 254 1.83 16.35 32.57
C ILE MB 254 1.64 16.43 34.07
N TRP MB 255 0.43 16.19 34.59
CA TRP MB 255 0.18 16.06 36.02
C TRP MB 255 -0.27 14.65 36.34
N PHE MB 256 0.34 14.06 37.37
CA PHE MB 256 0.09 12.67 37.73
C PHE MB 256 -0.35 12.47 39.16
N ASP MB 257 -0.07 13.41 40.05
CA ASP MB 257 -0.28 13.24 41.49
C ASP MB 257 -1.66 13.72 41.90
N GLN MB 258 -1.90 13.83 43.20
CA GLN MB 258 -3.11 14.44 43.71
C GLN MB 258 -3.13 15.93 43.38
N TRP MB 259 -4.21 16.37 42.72
CA TRP MB 259 -4.31 17.76 42.30
C TRP MB 259 -4.25 18.73 43.48
N VAL MB 260 -4.71 18.32 44.66
CA VAL MB 260 -4.60 19.17 45.84
C VAL MB 260 -3.15 19.53 46.16
N ASP MB 261 -2.21 18.65 45.83
CA ASP MB 261 -0.80 18.93 46.10
C ASP MB 261 -0.22 19.99 45.19
N TRP MB 262 -0.89 20.32 44.09
CA TRP MB 262 -0.42 21.37 43.20
C TRP MB 262 -0.39 22.73 43.90
N TRP MB 263 -1.42 23.02 44.69
CA TRP MB 263 -1.61 24.32 45.32
C TRP MB 263 -0.54 24.64 46.37
N GLN MB 264 0.29 23.68 46.76
CA GLN MB 264 1.42 23.97 47.64
C GLN MB 264 2.47 24.89 47.02
N TRP MB 265 2.53 25.01 45.70
CA TRP MB 265 3.50 25.94 45.11
C TRP MB 265 3.29 27.36 45.61
N TRP MB 266 2.04 27.75 45.86
CA TRP MB 266 1.75 29.06 46.41
C TRP MB 266 2.12 29.13 47.89
N VAL MB 267 1.71 28.12 48.66
CA VAL MB 267 2.01 28.06 50.09
C VAL MB 267 3.52 28.10 50.33
N LYS MB 268 4.30 27.42 49.50
CA LYS MB 268 5.74 27.30 49.69
C LYS MB 268 6.56 28.35 48.95
N LEU MB 269 5.95 29.41 48.44
CA LEU MB 269 6.72 30.55 47.98
C LEU MB 269 7.62 31.05 49.12
N PRO MB 270 8.91 31.28 48.86
CA PRO MB 270 9.87 31.38 49.98
C PRO MB 270 9.75 32.63 50.82
N TRP MB 271 9.11 33.70 50.34
CA TRP MB 271 8.91 34.87 51.19
C TRP MB 271 7.91 34.66 52.31
N TRP MB 272 7.07 33.62 52.26
CA TRP MB 272 6.14 33.39 53.35
C TRP MB 272 5.97 31.93 53.77
N ALA MB 273 6.66 31.00 53.12
CA ALA MB 273 6.52 29.57 53.42
C ALA MB 273 6.70 29.27 54.90
N ASN MB 274 7.67 29.92 55.55
CA ASN MB 274 8.03 29.58 56.92
C ASN MB 274 7.36 30.44 58.00
N ILE MB 275 6.59 31.47 57.61
CA ILE MB 275 6.01 32.38 58.60
C ILE MB 275 5.00 31.61 59.45
N PRO MB 276 5.17 31.60 60.77
CA PRO MB 276 4.30 30.79 61.63
C PRO MB 276 2.86 31.29 61.63
N GLY MB 277 1.96 30.36 61.95
CA GLY MB 277 0.54 30.66 62.05
C GLY MB 277 -0.21 30.46 60.76
N GLY MB 278 -1.52 30.72 60.84
CA GLY MB 278 -2.42 30.38 59.76
C GLY MB 278 -2.83 28.92 59.76
N ILE MB 279 -3.21 28.46 58.57
CA ILE MB 279 -3.57 27.05 58.37
C ILE MB 279 -2.35 26.21 58.02
N ASN MB 280 -1.44 26.75 57.21
CA ASN MB 280 -0.27 26.03 56.74
C ASN MB 280 0.96 26.28 57.59
N GLY MB 281 0.87 27.12 58.62
CA GLY MB 281 1.97 27.33 59.53
C GLY MB 281 1.74 26.73 60.91
N ALA NB 1 -10.12 37.08 6.28
CA ALA NB 1 -11.35 36.57 6.89
C ALA NB 1 -12.31 37.73 7.21
N GLU NB 2 -13.61 37.44 7.15
CA GLU NB 2 -14.63 38.46 7.29
C GLU NB 2 -14.78 38.91 8.74
N TYR NB 3 -15.67 39.86 8.96
CA TYR NB 3 -16.05 40.33 10.29
C TYR NB 3 -17.07 39.40 10.93
N GLN NB 4 -16.81 39.01 12.18
CA GLN NB 4 -17.67 38.07 12.90
C GLN NB 4 -18.57 38.74 13.94
N ASN NB 5 -18.50 40.06 14.10
CA ASN NB 5 -19.31 40.81 15.07
C ASN NB 5 -19.08 40.34 16.52
N ILE NB 6 -17.89 39.85 16.85
CA ILE NB 6 -17.62 39.46 18.23
C ILE NB 6 -17.07 40.62 19.05
N PHE NB 7 -16.24 41.47 18.45
CA PHE NB 7 -15.86 42.75 19.03
C PHE NB 7 -16.24 43.86 18.07
N SER NB 8 -16.64 45.00 18.64
CA SER NB 8 -16.99 46.15 17.83
C SER NB 8 -15.77 46.74 17.13
N GLN NB 9 -16.00 47.29 15.93
CA GLN NB 9 -14.96 47.93 15.15
C GLN NB 9 -14.82 49.41 15.51
N VAL NB 10 -15.94 50.09 15.70
CA VAL NB 10 -15.99 51.52 16.00
C VAL NB 10 -16.85 51.69 17.24
N GLN NB 11 -16.37 52.48 18.20
CA GLN NB 11 -17.21 52.93 19.30
C GLN NB 11 -17.68 54.36 19.05
N VAL NB 12 -18.94 54.61 19.33
CA VAL NB 12 -19.50 55.96 19.39
C VAL NB 12 -19.95 56.21 20.82
N ARG NB 13 -19.74 57.43 21.30
CA ARG NB 13 -20.22 57.83 22.62
C ARG NB 13 -21.08 59.08 22.48
N GLY NB 14 -22.35 58.97 22.85
CA GLY NB 14 -23.23 60.11 22.94
C GLY NB 14 -23.17 60.76 24.30
N PRO NB 15 -24.23 61.48 24.66
CA PRO NB 15 -24.44 61.86 26.07
C PRO NB 15 -24.64 60.63 26.95
N ALA NB 16 -24.55 60.86 28.26
CA ALA NB 16 -24.98 59.87 29.22
C ALA NB 16 -26.47 59.58 29.06
N ASP NB 17 -26.84 58.33 29.28
CA ASP NB 17 -28.21 57.86 29.11
C ASP NB 17 -28.82 57.52 30.46
N LEU NB 18 -29.85 58.26 30.87
CA LEU NB 18 -30.40 58.16 32.22
C LEU NB 18 -31.45 57.07 32.36
N GLY NB 19 -31.99 56.57 31.24
CA GLY NB 19 -32.93 55.46 31.27
C GLY NB 19 -34.36 55.84 31.58
N MET NB 20 -35.24 54.86 31.40
CA MET NB 20 -36.68 55.04 31.53
C MET NB 20 -37.08 55.45 32.94
N THR NB 21 -38.17 56.20 33.04
CA THR NB 21 -38.71 56.65 34.32
C THR NB 21 -39.84 55.78 34.82
N GLU NB 22 -40.91 55.62 34.03
CA GLU NB 22 -42.10 54.89 34.46
C GLU NB 22 -42.55 55.31 35.85
N ASP NB 23 -42.63 54.37 36.78
CA ASP NB 23 -42.92 54.68 38.18
C ASP NB 23 -41.68 54.57 39.08
N VAL NB 24 -40.48 54.62 38.52
CA VAL NB 24 -39.27 54.66 39.33
C VAL NB 24 -39.23 55.94 40.15
N ASN NB 25 -39.01 55.79 41.46
CA ASN NB 25 -38.85 56.92 42.37
C ASN NB 25 -37.49 57.56 42.13
N LEU NB 26 -37.43 58.57 41.25
CA LEU NB 26 -36.18 59.03 40.67
C LEU NB 26 -35.22 59.65 41.68
N ALA NB 27 -35.71 60.03 42.87
CA ALA NB 27 -34.81 60.49 43.92
C ALA NB 27 -33.85 59.38 44.37
N ASN NB 28 -34.27 58.12 44.27
CA ASN NB 28 -33.46 56.99 44.69
C ASN NB 28 -32.45 56.53 43.64
N ARG NB 29 -32.42 57.14 42.46
CA ARG NB 29 -31.47 56.75 41.42
C ARG NB 29 -30.26 57.69 41.43
N SER NB 30 -29.06 57.10 41.42
CA SER NB 30 -27.82 57.84 41.47
C SER NB 30 -27.57 58.59 40.16
N GLY NB 31 -26.48 59.36 40.15
CA GLY NB 31 -25.90 59.82 38.90
C GLY NB 31 -25.31 58.70 38.07
N VAL NB 32 -25.07 59.01 36.79
CA VAL NB 32 -24.44 58.06 35.89
C VAL NB 32 -22.95 57.95 36.21
N GLY NB 33 -22.42 56.72 36.13
CA GLY NB 33 -21.01 56.48 36.32
C GLY NB 33 -20.20 56.84 35.10
N PRO NB 34 -18.89 56.58 35.19
CA PRO NB 34 -18.00 56.84 34.06
C PRO NB 34 -18.22 55.83 32.94
N PHE NB 35 -17.81 56.23 31.73
CA PHE NB 35 -17.74 55.30 30.62
C PHE NB 35 -16.44 54.49 30.65
N SER NB 36 -16.54 53.22 30.28
CA SER NB 36 -15.38 52.35 30.13
C SER NB 36 -15.18 52.01 28.66
N THR NB 37 -14.06 52.48 28.09
CA THR NB 37 -13.73 52.12 26.71
C THR NB 37 -13.43 50.63 26.56
N LEU NB 38 -12.91 50.00 27.61
CA LEU NB 38 -12.66 48.56 27.57
C LEU NB 38 -13.96 47.76 27.42
N LEU NB 39 -14.95 48.05 28.26
CA LEU NB 39 -16.25 47.38 28.14
C LEU NB 39 -16.92 47.68 26.82
N GLY NB 40 -16.68 48.87 26.24
CA GLY NB 40 -17.28 49.24 24.99
C GLY NB 40 -16.91 48.38 23.81
N TRP NB 41 -15.78 47.67 23.88
CA TRP NB 41 -15.42 46.77 22.79
C TRP NB 41 -16.34 45.55 22.73
N PHE NB 42 -16.87 45.14 23.87
CA PHE NB 42 -17.66 43.91 23.97
C PHE NB 42 -19.14 44.18 24.17
N GLY NB 43 -19.48 45.21 24.95
CA GLY NB 43 -20.87 45.58 25.19
C GLY NB 43 -21.01 47.07 25.32
N ASN NB 44 -21.93 47.51 26.18
CA ASN NB 44 -22.07 48.93 26.48
C ASN NB 44 -20.87 49.45 27.27
N ALA NB 45 -20.53 50.72 27.04
CA ALA NB 45 -19.47 51.39 27.77
C ALA NB 45 -19.93 52.05 29.07
N GLN NB 46 -21.19 52.48 29.14
CA GLN NB 46 -21.67 53.24 30.28
C GLN NB 46 -21.79 52.38 31.53
N LEU NB 47 -21.14 52.81 32.61
CA LEU NB 47 -21.49 52.39 33.96
C LEU NB 47 -22.54 53.31 34.57
N GLY NB 48 -23.33 52.76 35.48
CA GLY NB 48 -24.39 53.48 36.15
C GLY NB 48 -25.49 53.97 35.23
N PRO NB 49 -26.45 54.72 35.79
CA PRO NB 49 -26.71 54.91 37.23
C PRO NB 49 -27.23 53.66 37.92
N ILE NB 50 -27.35 53.67 39.24
CA ILE NB 50 -27.91 52.54 39.98
C ILE NB 50 -29.00 53.05 40.91
N TYR NB 51 -30.03 52.22 41.11
CA TYR NB 51 -31.12 52.52 42.02
C TYR NB 51 -30.84 51.87 43.37
N LEU NB 52 -30.97 52.66 44.45
CA LEU NB 52 -30.78 52.15 45.79
C LEU NB 52 -32.11 51.87 46.50
N GLY NB 53 -32.61 52.83 47.26
CA GLY NB 53 -33.82 52.64 48.02
C GLY NB 53 -33.69 51.63 49.17
N SER NB 54 -34.85 51.24 49.70
CA SER NB 54 -34.90 50.64 51.02
C SER NB 54 -34.39 49.20 51.02
N LEU NB 55 -34.91 48.35 50.13
CA LEU NB 55 -34.38 46.99 50.04
C LEU NB 55 -32.96 46.95 49.51
N GLY NB 56 -32.55 47.95 48.75
CA GLY NB 56 -31.16 48.11 48.37
C GLY NB 56 -30.23 48.28 49.56
N VAL NB 57 -30.52 49.28 50.40
CA VAL NB 57 -29.70 49.55 51.58
C VAL NB 57 -29.68 48.35 52.52
N LEU NB 58 -30.86 47.78 52.80
CA LEU NB 58 -30.92 46.58 53.63
C LEU NB 58 -30.04 45.47 53.07
N SER NB 59 -30.14 45.21 51.77
CA SER NB 59 -29.38 44.12 51.16
C SER NB 59 -27.88 44.41 51.14
N LEU NB 60 -27.49 45.63 50.74
CA LEU NB 60 -26.08 45.97 50.69
C LEU NB 60 -25.44 46.02 52.08
N PHE NB 61 -26.16 46.49 53.10
CA PHE NB 61 -25.58 46.53 54.43
C PHE NB 61 -25.46 45.13 55.03
N SER NB 62 -26.51 44.31 54.91
CA SER NB 62 -26.42 42.93 55.38
C SER NB 62 -25.38 42.13 54.61
N GLY NB 63 -25.27 42.38 53.31
CA GLY NB 63 -24.27 41.70 52.51
C GLY NB 63 -22.85 42.12 52.86
N LEU NB 64 -22.66 43.41 53.14
CA LEU NB 64 -21.39 43.88 53.68
C LEU NB 64 -21.06 43.23 55.02
N MET NB 65 -22.04 43.15 55.93
CA MET NB 65 -21.79 42.52 57.23
C MET NB 65 -21.51 41.03 57.11
N TRP NB 66 -22.14 40.34 56.16
CA TRP NB 66 -21.79 38.95 55.90
C TRP NB 66 -20.33 38.82 55.48
N PHE NB 67 -19.94 39.62 54.49
CA PHE NB 67 -18.58 39.60 53.96
C PHE NB 67 -17.55 40.00 55.01
N PHE NB 68 -17.86 41.05 55.78
CA PHE NB 68 -16.98 41.53 56.85
C PHE NB 68 -16.82 40.51 57.98
N THR NB 69 -17.91 39.83 58.36
CA THR NB 69 -17.81 38.79 59.39
C THR NB 69 -16.91 37.64 58.97
N ILE NB 70 -16.99 37.20 57.71
CA ILE NB 70 -16.07 36.18 57.21
C ILE NB 70 -14.64 36.71 57.18
N GLY NB 71 -14.46 37.93 56.67
CA GLY NB 71 -13.12 38.51 56.58
C GLY NB 71 -12.40 38.62 57.91
N ILE NB 72 -13.10 39.10 58.94
CA ILE NB 72 -12.51 39.16 60.29
C ILE NB 72 -12.11 37.78 60.78
N TRP NB 73 -12.95 36.76 60.55
CA TRP NB 73 -12.57 35.41 60.94
C TRP NB 73 -11.33 34.94 60.19
N PHE NB 74 -11.18 35.33 58.91
CA PHE NB 74 -9.98 34.94 58.17
C PHE NB 74 -8.75 35.69 58.66
N TRP NB 75 -8.91 36.98 58.98
CA TRP NB 75 -7.83 37.75 59.61
C TRP NB 75 -7.43 37.18 60.97
N TYR NB 76 -8.40 36.71 61.76
CA TYR NB 76 -8.08 36.02 63.01
C TYR NB 76 -7.37 34.70 62.76
N GLN NB 77 -7.88 33.88 61.84
CA GLN NB 77 -7.21 32.63 61.52
C GLN NB 77 -5.80 32.84 60.98
N ALA NB 78 -5.57 33.95 60.27
CA ALA NB 78 -4.23 34.37 59.88
C ALA NB 78 -3.38 34.84 61.04
N GLY NB 79 -3.95 35.00 62.23
CA GLY NB 79 -3.23 35.60 63.33
C GLY NB 79 -2.88 37.05 63.11
N TRP NB 80 -3.74 37.79 62.39
CA TRP NB 80 -3.54 39.19 62.02
C TRP NB 80 -2.34 39.45 61.12
N ASN NB 81 -1.62 38.41 60.71
CA ASN NB 81 -0.41 38.60 59.92
C ASN NB 81 -0.78 38.82 58.46
N PRO NB 82 -0.46 39.98 57.88
CA PRO NB 82 -0.86 40.24 56.48
C PRO NB 82 -0.24 39.31 55.46
N ALA NB 83 0.93 38.72 55.76
CA ALA NB 83 1.53 37.76 54.84
C ALA NB 83 0.82 36.41 54.90
N VAL NB 84 0.56 35.90 56.11
CA VAL NB 84 -0.16 34.64 56.26
C VAL NB 84 -1.56 34.74 55.68
N PHE NB 85 -2.20 35.91 55.81
CA PHE NB 85 -3.53 36.11 55.25
C PHE NB 85 -3.54 35.86 53.75
N LEU NB 86 -2.50 36.29 53.03
CA LEU NB 86 -2.46 36.08 51.59
C LEU NB 86 -1.94 34.70 51.21
N ARG NB 87 -1.08 34.10 52.03
CA ARG NB 87 -0.66 32.73 51.80
C ARG NB 87 -1.83 31.75 51.90
N ASP NB 88 -2.61 31.85 52.99
CA ASP NB 88 -3.62 30.85 53.32
C ASP NB 88 -5.03 31.27 52.94
N LEU NB 89 -5.19 32.34 52.14
CA LEU NB 89 -6.50 32.89 51.84
C LEU NB 89 -7.52 31.84 51.40
N PHE NB 90 -7.11 30.90 50.55
CA PHE NB 90 -8.04 29.85 50.11
C PHE NB 90 -8.19 28.72 51.12
N PHE NB 91 -7.38 28.70 52.17
CA PHE NB 91 -7.44 27.65 53.18
C PHE NB 91 -8.23 28.01 54.42
N PHE NB 92 -8.42 29.31 54.69
CA PHE NB 92 -9.30 29.73 55.77
C PHE NB 92 -10.73 29.25 55.55
N SER NB 93 -11.44 29.05 56.66
CA SER NB 93 -12.81 28.52 56.61
C SER NB 93 -13.54 28.86 57.90
N LEU NB 94 -14.71 29.48 57.76
CA LEU NB 94 -15.66 29.65 58.86
C LEU NB 94 -16.62 28.46 58.86
N GLU NB 95 -16.36 27.48 59.74
CA GLU NB 95 -17.10 26.22 59.80
C GLU NB 95 -18.39 26.37 60.62
N PRO NB 96 -19.44 25.65 60.22
CA PRO NB 96 -20.68 25.61 61.03
C PRO NB 96 -20.45 24.95 62.38
N PRO NB 97 -21.42 25.07 63.30
CA PRO NB 97 -21.37 24.33 64.57
C PRO NB 97 -21.04 22.85 64.40
N ALA NB 98 -20.39 22.29 65.43
CA ALA NB 98 -20.13 20.86 65.50
C ALA NB 98 -21.43 20.08 65.69
N PRO NB 99 -21.43 18.79 65.33
CA PRO NB 99 -22.69 18.01 65.38
C PRO NB 99 -23.33 17.91 66.76
N GLU NB 100 -22.54 17.85 67.83
CA GLU NB 100 -23.12 17.71 69.18
C GLU NB 100 -24.04 18.87 69.54
N TYR NB 101 -23.84 20.05 68.94
CA TYR NB 101 -24.71 21.18 69.22
C TYR NB 101 -26.05 21.11 68.48
N GLY NB 102 -26.22 20.19 67.53
CA GLY NB 102 -27.49 20.06 66.85
C GLY NB 102 -27.90 21.33 66.14
N LEU NB 103 -29.15 21.75 66.36
CA LEU NB 103 -29.62 23.03 65.86
C LEU NB 103 -29.57 24.14 66.91
N SER NB 104 -29.11 23.84 68.12
CA SER NB 104 -29.10 24.85 69.17
C SER NB 104 -28.15 25.98 68.82
N PHE NB 105 -28.51 27.20 69.22
CA PHE NB 105 -27.71 28.40 69.02
C PHE NB 105 -26.64 28.59 70.11
N ALA NB 106 -26.35 27.54 70.87
CA ALA NB 106 -25.46 27.60 72.04
C ALA NB 106 -23.99 27.38 71.71
N ALA NB 107 -23.64 27.07 70.46
CA ALA NB 107 -22.25 26.86 70.10
C ALA NB 107 -21.41 28.11 70.36
N PRO NB 108 -20.20 27.95 70.92
CA PRO NB 108 -19.29 29.10 71.09
C PRO NB 108 -18.96 29.81 69.78
N LEU NB 109 -18.62 31.10 69.91
CA LEU NB 109 -18.29 31.93 68.76
C LEU NB 109 -17.18 31.34 67.90
N LYS NB 110 -16.17 30.71 68.52
CA LYS NB 110 -15.15 30.05 67.73
C LYS NB 110 -15.54 28.65 67.27
N GLU NB 111 -16.54 28.03 67.88
CA GLU NB 111 -16.98 26.70 67.50
C GLU NB 111 -18.26 26.71 66.66
N GLY NB 112 -18.61 27.84 66.08
CA GLY NB 112 -19.78 27.88 65.22
C GLY NB 112 -20.74 29.04 65.44
N GLY NB 113 -20.52 29.83 66.49
CA GLY NB 113 -21.35 30.99 66.71
C GLY NB 113 -21.20 32.06 65.64
N LEU NB 114 -19.97 32.34 65.22
CA LEU NB 114 -19.75 33.27 64.11
C LEU NB 114 -20.31 32.77 62.78
N TRP NB 115 -20.40 31.45 62.59
CA TRP NB 115 -21.04 30.95 61.39
C TRP NB 115 -22.53 31.22 61.37
N LEU NB 116 -23.20 31.12 62.52
CA LEU NB 116 -24.60 31.49 62.61
C LEU NB 116 -24.82 32.98 62.38
N ILE NB 117 -23.95 33.82 62.95
CA ILE NB 117 -24.04 35.26 62.75
C ILE NB 117 -23.80 35.62 61.29
N ALA NB 118 -22.75 35.06 60.69
CA ALA NB 118 -22.52 35.22 59.25
C ALA NB 118 -23.70 34.75 58.42
N SER NB 119 -24.26 33.59 58.76
CA SER NB 119 -25.37 33.03 57.98
C SER NB 119 -26.63 33.89 58.10
N PHE NB 120 -26.88 34.48 59.26
CA PHE NB 120 -28.00 35.41 59.40
C PHE NB 120 -27.88 36.62 58.47
N PHE NB 121 -26.70 37.22 58.40
CA PHE NB 121 -26.52 38.33 57.46
C PHE NB 121 -26.64 37.91 56.01
N MET NB 122 -26.23 36.69 55.68
CA MET NB 122 -26.42 36.19 54.31
C MET NB 122 -27.90 36.00 54.00
N PHE NB 123 -28.64 35.41 54.94
CA PHE NB 123 -30.09 35.22 54.78
C PHE NB 123 -30.80 36.53 54.45
N VAL NB 124 -30.56 37.57 55.24
CA VAL NB 124 -31.23 38.86 55.02
C VAL NB 124 -30.76 39.50 53.71
N ALA NB 125 -29.47 39.42 53.41
CA ALA NB 125 -28.94 40.01 52.18
C ALA NB 125 -29.57 39.39 50.93
N VAL NB 126 -29.63 38.06 50.88
CA VAL NB 126 -30.13 37.39 49.68
C VAL NB 126 -31.63 37.59 49.50
N TRP NB 127 -32.41 37.42 50.57
CA TRP NB 127 -33.85 37.60 50.48
C TRP NB 127 -34.26 39.04 50.20
N SER NB 128 -33.54 40.02 50.76
CA SER NB 128 -33.85 41.40 50.42
C SER NB 128 -33.43 41.74 49.00
N TRP NB 129 -32.37 41.11 48.48
CA TRP NB 129 -32.07 41.23 47.06
C TRP NB 129 -33.15 40.63 46.17
N TRP NB 130 -33.83 39.57 46.62
CA TRP NB 130 -34.93 39.02 45.85
C TRP NB 130 -36.08 40.01 45.74
N GLY NB 131 -36.48 40.61 46.87
CA GLY NB 131 -37.55 41.60 46.83
C GLY NB 131 -37.17 42.82 46.01
N ARG NB 132 -35.92 43.23 46.09
CA ARG NB 132 -35.39 44.28 45.22
C ARG NB 132 -35.52 43.90 43.74
N THR NB 133 -35.25 42.64 43.40
CA THR NB 133 -35.37 42.21 42.00
C THR NB 133 -36.83 42.19 41.55
N TYR NB 134 -37.75 41.90 42.47
CA TYR NB 134 -39.17 42.00 42.15
C TYR NB 134 -39.62 43.45 41.98
N LEU NB 135 -39.25 44.32 42.93
CA LEU NB 135 -39.75 45.69 42.90
C LEU NB 135 -39.14 46.55 41.80
N ARG NB 136 -37.87 46.31 41.41
CA ARG NB 136 -37.34 47.05 40.27
C ARG NB 136 -38.10 46.73 38.99
N ALA NB 137 -38.58 45.50 38.82
CA ALA NB 137 -39.42 45.17 37.68
C ALA NB 137 -40.79 45.84 37.77
N GLN NB 138 -41.39 45.81 38.97
CA GLN NB 138 -42.68 46.46 39.19
C GLN NB 138 -42.65 47.95 38.87
N ALA NB 139 -41.58 48.66 39.30
CA ALA NB 139 -41.50 50.08 39.04
C ALA NB 139 -41.46 50.41 37.55
N LEU NB 140 -40.97 49.49 36.73
CA LEU NB 140 -40.93 49.68 35.28
C LEU NB 140 -42.09 49.03 34.55
N GLY NB 141 -43.05 48.44 35.27
CA GLY NB 141 -44.17 47.78 34.65
C GLY NB 141 -43.81 46.50 33.92
N MET NB 142 -42.68 45.91 34.23
CA MET NB 142 -42.20 44.70 33.58
C MET NB 142 -42.77 43.45 34.24
N GLY NB 143 -42.70 42.33 33.53
CA GLY NB 143 -43.00 41.05 34.13
C GLY NB 143 -41.99 40.67 35.19
N LYS NB 144 -42.44 39.80 36.11
CA LYS NB 144 -41.64 39.38 37.25
C LYS NB 144 -40.80 38.13 36.96
N HIS NB 145 -40.55 37.83 35.68
CA HIS NB 145 -39.79 36.64 35.31
C HIS NB 145 -38.42 36.58 35.97
N THR NB 146 -37.74 37.72 36.12
CA THR NB 146 -36.42 37.72 36.73
C THR NB 146 -36.46 37.39 38.21
N ALA NB 147 -37.46 37.89 38.93
CA ALA NB 147 -37.62 37.54 40.35
C ALA NB 147 -38.01 36.08 40.54
N TRP NB 148 -38.89 35.55 39.67
CA TRP NB 148 -39.24 34.13 39.77
C TRP NB 148 -38.12 33.21 39.30
N ALA NB 149 -37.27 33.67 38.37
CA ALA NB 149 -36.08 32.92 38.03
C ALA NB 149 -35.07 32.88 39.17
N PHE NB 150 -34.87 34.02 39.85
CA PHE NB 150 -33.96 34.08 40.98
C PHE NB 150 -34.44 33.22 42.13
N LEU NB 151 -35.75 33.08 42.31
CA LEU NB 151 -36.30 32.21 43.34
C LEU NB 151 -35.87 30.75 43.17
N SER NB 152 -35.64 30.31 41.93
CA SER NB 152 -35.16 28.94 41.72
C SER NB 152 -33.74 28.72 42.23
N ALA NB 153 -32.88 29.74 42.13
CA ALA NB 153 -31.53 29.61 42.67
C ALA NB 153 -31.54 29.68 44.19
N ILE NB 154 -32.37 30.56 44.76
CA ILE NB 154 -32.57 30.65 46.20
C ILE NB 154 -33.03 29.32 46.77
N TRP NB 155 -33.86 28.58 46.03
CA TRP NB 155 -34.32 27.26 46.48
C TRP NB 155 -33.17 26.31 46.75
N LEU NB 156 -32.23 26.18 45.82
CA LEU NB 156 -31.05 25.35 46.08
C LEU NB 156 -30.23 25.88 47.26
N TRP NB 157 -29.99 27.19 47.28
CA TRP NB 157 -29.20 27.81 48.35
C TRP NB 157 -29.86 27.63 49.71
N MET NB 158 -31.19 27.81 49.78
CA MET NB 158 -31.93 27.54 51.01
C MET NB 158 -31.85 26.07 51.44
N VAL NB 159 -31.92 25.14 50.48
CA VAL NB 159 -31.80 23.72 50.82
C VAL NB 159 -30.42 23.42 51.39
N LEU NB 160 -29.37 23.95 50.76
CA LEU NB 160 -28.00 23.68 51.20
C LEU NB 160 -27.72 24.20 52.61
N GLY NB 161 -28.15 25.42 52.89
CA GLY NB 161 -27.77 26.10 54.12
C GLY NB 161 -28.78 26.12 55.24
N PHE NB 162 -30.06 25.86 54.95
CA PHE NB 162 -31.12 26.07 55.92
C PHE NB 162 -32.05 24.87 56.05
N ILE NB 163 -32.76 24.51 54.99
CA ILE NB 163 -33.84 23.52 55.10
C ILE NB 163 -33.28 22.14 55.41
N ARG NB 164 -32.32 21.65 54.63
CA ARG NB 164 -31.77 20.33 54.89
C ARG NB 164 -31.04 20.23 56.24
N PRO NB 165 -30.25 21.22 56.68
CA PRO NB 165 -29.75 21.17 58.07
C PRO NB 165 -30.85 21.04 59.12
N ILE NB 166 -31.97 21.74 58.95
CA ILE NB 166 -33.09 21.60 59.89
C ILE NB 166 -33.68 20.19 59.83
N LEU NB 167 -33.91 19.68 58.60
CA LEU NB 167 -34.48 18.34 58.48
C LEU NB 167 -33.51 17.25 58.91
N MET NB 168 -32.21 17.49 58.77
CA MET NB 168 -31.22 16.54 59.29
C MET NB 168 -30.98 16.71 60.78
N GLY NB 169 -31.30 17.87 61.34
CA GLY NB 169 -31.22 18.09 62.77
C GLY NB 169 -29.91 18.65 63.29
N SER NB 170 -29.04 19.18 62.44
CA SER NB 170 -27.87 19.87 62.93
C SER NB 170 -27.37 20.88 61.89
N TRP NB 171 -26.82 21.98 62.39
CA TRP NB 171 -26.14 22.96 61.54
C TRP NB 171 -24.83 22.45 60.97
N SER NB 172 -24.27 21.39 61.56
CA SER NB 172 -23.07 20.75 61.01
C SER NB 172 -23.27 20.23 59.58
N GLU NB 173 -24.52 20.08 59.14
CA GLU NB 173 -24.77 19.68 57.76
C GLU NB 173 -24.59 20.82 56.76
N ALA NB 174 -24.61 22.08 57.21
CA ALA NB 174 -24.53 23.22 56.33
C ALA NB 174 -23.11 23.41 55.76
N VAL NB 175 -23.03 24.25 54.73
CA VAL NB 175 -21.79 24.51 53.98
C VAL NB 175 -20.92 25.51 54.76
N PRO NB 176 -19.62 25.24 54.90
CA PRO NB 176 -18.70 26.24 55.45
C PRO NB 176 -18.38 27.36 54.47
N TYR NB 177 -18.16 28.56 55.01
CA TYR NB 177 -17.72 29.71 54.20
C TYR NB 177 -16.20 29.68 54.04
N GLY NB 178 -15.75 29.26 52.85
CA GLY NB 178 -14.34 29.21 52.51
C GLY NB 178 -14.12 28.59 51.15
N ILE NB 179 -13.05 29.00 50.46
CA ILE NB 179 -12.86 28.64 49.06
C ILE NB 179 -12.70 27.14 48.89
N PHE NB 180 -11.66 26.56 49.51
CA PHE NB 180 -11.44 25.13 49.41
C PHE NB 180 -12.37 24.33 50.30
N SER NB 181 -12.80 24.90 51.42
CA SER NB 181 -13.67 24.16 52.33
C SER NB 181 -15.07 23.89 51.77
N HIS NB 182 -15.65 24.80 50.98
CA HIS NB 182 -16.92 24.40 50.37
C HIS NB 182 -16.71 23.36 49.28
N LEU NB 183 -15.50 23.31 48.68
CA LEU NB 183 -15.18 22.22 47.78
C LEU NB 183 -14.98 20.90 48.52
N ASP NB 184 -14.28 20.92 49.65
CA ASP NB 184 -14.17 19.73 50.49
C ASP NB 184 -15.53 19.26 50.98
N TRP NB 185 -16.41 20.21 51.34
CA TRP NB 185 -17.77 19.84 51.71
C TRP NB 185 -18.50 19.16 50.56
N THR NB 186 -18.37 19.69 49.35
CA THR NB 186 -19.05 19.12 48.19
C THR NB 186 -18.57 17.70 47.90
N ASN NB 187 -17.26 17.47 47.98
CA ASN NB 187 -16.71 16.13 47.81
C ASN NB 187 -17.16 15.19 48.92
N ASN NB 188 -17.07 15.65 50.18
CA ASN NB 188 -17.45 14.80 51.31
C ASN NB 188 -18.92 14.44 51.29
N PHE NB 189 -19.78 15.39 50.90
CA PHE NB 189 -21.21 15.11 50.76
C PHE NB 189 -21.47 13.92 49.84
N SER NB 190 -20.79 13.87 48.70
CA SER NB 190 -21.00 12.78 47.75
C SER NB 190 -20.52 11.44 48.30
N LEU NB 191 -19.41 11.45 49.03
CA LEU NB 191 -18.88 10.22 49.61
C LEU NB 191 -19.77 9.68 50.73
N VAL NB 192 -20.25 10.56 51.60
CA VAL NB 192 -21.13 10.15 52.70
C VAL NB 192 -22.45 9.56 52.17
N HIS NB 193 -22.98 10.11 51.08
CA HIS NB 193 -24.24 9.64 50.52
C HIS NB 193 -24.06 8.61 49.41
N GLY NB 194 -22.88 8.01 49.28
CA GLY NB 194 -22.70 6.89 48.39
C GLY NB 194 -22.72 7.18 46.90
N ASN NB 195 -21.86 8.10 46.46
CA ASN NB 195 -21.75 8.53 45.08
C ASN NB 195 -23.00 9.26 44.59
N LEU NB 196 -22.93 10.59 44.54
CA LEU NB 196 -24.05 11.43 44.12
C LEU NB 196 -24.36 11.33 42.63
N PHE NB 197 -23.45 10.76 41.81
CA PHE NB 197 -23.79 10.50 40.41
C PHE NB 197 -25.05 9.66 40.25
N TYR NB 198 -25.32 8.76 41.20
CA TYR NB 198 -26.49 7.89 41.11
C TYR NB 198 -27.73 8.49 41.73
N ASN NB 199 -27.66 9.74 42.17
CA ASN NB 199 -28.86 10.52 42.46
C ASN NB 199 -29.49 10.94 41.14
N PRO NB 200 -30.74 10.58 40.86
CA PRO NB 200 -31.32 10.93 39.57
C PRO NB 200 -31.57 12.42 39.38
N PHE NB 201 -31.81 13.16 40.46
CA PHE NB 201 -31.98 14.61 40.36
C PHE NB 201 -30.66 15.37 40.23
N HIS NB 202 -29.54 14.79 40.68
CA HIS NB 202 -28.24 15.33 40.31
C HIS NB 202 -27.95 15.06 38.84
N GLY NB 203 -28.37 13.90 38.33
CA GLY NB 203 -28.31 13.64 36.90
C GLY NB 203 -29.13 14.63 36.07
N LEU NB 204 -30.38 14.87 36.48
CA LEU NB 204 -31.21 15.87 35.83
C LEU NB 204 -30.58 17.26 35.89
N SER NB 205 -30.16 17.68 37.09
CA SER NB 205 -29.56 18.99 37.26
C SER NB 205 -28.36 19.20 36.34
N ILE NB 206 -27.56 18.15 36.12
CA ILE NB 206 -26.45 18.24 35.18
C ILE NB 206 -26.95 18.32 33.74
N ALA NB 207 -27.98 17.55 33.39
CA ALA NB 207 -28.58 17.65 32.07
C ALA NB 207 -29.01 19.07 31.73
N PHE NB 208 -29.67 19.75 32.67
CA PHE NB 208 -30.05 21.13 32.45
C PHE NB 208 -28.87 22.09 32.52
N LEU NB 209 -27.82 21.75 33.27
CA LEU NB 209 -26.63 22.60 33.28
C LEU NB 209 -25.85 22.48 31.99
N TYR NB 210 -25.72 21.26 31.45
CA TYR NB 210 -25.14 21.12 30.12
C TYR NB 210 -26.04 21.73 29.06
N GLY NB 211 -27.34 21.46 29.14
CA GLY NB 211 -28.29 22.08 28.24
C GLY NB 211 -28.27 23.60 28.23
N SER NB 212 -27.95 24.22 29.36
CA SER NB 212 -27.82 25.68 29.39
C SER NB 212 -26.59 26.16 28.62
N ALA NB 213 -25.50 25.40 28.66
CA ALA NB 213 -24.35 25.75 27.81
C ALA NB 213 -24.63 25.43 26.35
N LEU NB 214 -25.26 24.29 26.09
CA LEU NB 214 -25.74 23.98 24.75
C LEU NB 214 -26.65 25.06 24.19
N LEU NB 215 -27.69 25.43 24.94
CA LEU NB 215 -28.71 26.35 24.43
C LEU NB 215 -28.21 27.78 24.29
N PHE NB 216 -27.39 28.26 25.22
CA PHE NB 216 -26.85 29.62 25.06
C PHE NB 216 -25.80 29.69 23.97
N ALA NB 217 -25.03 28.62 23.75
CA ALA NB 217 -24.16 28.56 22.58
C ALA NB 217 -24.97 28.63 21.30
N MET NB 218 -26.01 27.81 21.20
CA MET NB 218 -26.90 27.84 20.04
C MET NB 218 -27.54 29.21 19.85
N HIS NB 219 -28.09 29.79 20.92
CA HIS NB 219 -28.80 31.06 20.79
C HIS NB 219 -27.84 32.22 20.53
N GLY NB 220 -26.73 32.29 21.27
CA GLY NB 220 -25.75 33.33 21.01
C GLY NB 220 -25.16 33.28 19.62
N ALA NB 221 -24.81 32.08 19.15
CA ALA NB 221 -24.33 31.93 17.78
C ALA NB 221 -25.41 32.26 16.74
N THR NB 222 -26.65 31.86 16.99
CA THR NB 222 -27.75 32.18 16.09
C THR NB 222 -27.94 33.69 15.93
N ILE NB 223 -28.00 34.41 17.04
CA ILE NB 223 -28.27 35.85 16.96
C ILE NB 223 -27.12 36.61 16.34
N LEU NB 224 -25.88 36.20 16.63
CA LEU NB 224 -24.75 36.80 15.93
C LEU NB 224 -24.75 36.46 14.44
N ALA NB 225 -25.12 35.23 14.09
CA ALA NB 225 -25.21 34.85 12.68
C ALA NB 225 -26.25 35.67 11.91
N VAL NB 226 -27.36 36.03 12.55
CA VAL NB 226 -28.36 36.88 11.93
C VAL NB 226 -28.24 38.35 12.33
N SER NB 227 -27.22 38.73 13.10
CA SER NB 227 -27.09 40.13 13.53
C SER NB 227 -26.92 41.08 12.34
N ARG NB 228 -26.36 40.59 11.22
CA ARG NB 228 -26.32 41.34 9.98
C ARG NB 228 -27.71 41.74 9.45
N PHE NB 229 -28.78 41.22 10.05
CA PHE NB 229 -30.14 41.61 9.70
C PHE NB 229 -30.83 42.33 10.87
N GLY NB 230 -30.07 42.75 11.87
CA GLY NB 230 -30.64 43.36 13.05
C GLY NB 230 -31.38 42.40 13.95
N GLY NB 231 -30.95 41.15 14.00
CA GLY NB 231 -31.61 40.14 14.80
C GLY NB 231 -31.36 40.24 16.29
N GLU NB 232 -30.32 40.96 16.70
CA GLU NB 232 -30.11 41.22 18.12
C GLU NB 232 -31.17 42.13 18.72
N ARG NB 233 -31.91 42.88 17.88
CA ARG NB 233 -33.01 43.72 18.35
C ARG NB 233 -34.27 42.86 18.45
N GLU NB 234 -34.25 41.97 19.45
CA GLU NB 234 -35.19 40.85 19.51
C GLU NB 234 -36.63 41.31 19.79
N LEU NB 235 -36.81 42.40 20.53
CA LEU NB 235 -38.17 42.86 20.82
C LEU NB 235 -38.87 43.41 19.58
N GLU NB 236 -38.15 44.12 18.72
CA GLU NB 236 -38.73 44.54 17.45
C GLU NB 236 -38.92 43.37 16.49
N GLN NB 237 -38.13 42.31 16.61
CA GLN NB 237 -38.41 41.10 15.85
C GLN NB 237 -39.61 40.33 16.39
N ILE NB 238 -39.91 40.49 17.69
CA ILE NB 238 -41.14 39.93 18.23
C ILE NB 238 -42.35 40.74 17.77
N ALA NB 239 -42.25 42.06 17.82
CA ALA NB 239 -43.36 42.93 17.42
C ALA NB 239 -43.57 42.94 15.91
N ASP NB 240 -42.49 42.84 15.13
CA ASP NB 240 -42.56 43.04 13.69
C ASP NB 240 -41.49 42.16 13.03
N ARG NB 241 -41.83 40.88 12.89
CA ARG NB 241 -40.91 39.84 12.42
C ARG NB 241 -40.22 40.22 11.12
N GLY NB 242 -38.89 40.31 11.17
CA GLY NB 242 -38.08 40.58 9.99
C GLY NB 242 -37.45 39.33 9.42
N THR NB 243 -36.62 39.53 8.40
CA THR NB 243 -35.90 38.42 7.79
C THR NB 243 -34.92 37.76 8.75
N ALA NB 244 -34.43 38.49 9.75
CA ALA NB 244 -33.55 37.91 10.76
C ALA NB 244 -34.23 36.74 11.48
N ALA NB 245 -35.46 36.97 11.96
CA ALA NB 245 -36.18 35.94 12.70
C ALA NB 245 -36.55 34.74 11.82
N GLU NB 246 -36.85 34.99 10.55
CA GLU NB 246 -37.21 33.88 9.65
C GLU NB 246 -36.00 33.04 9.28
N ARG NB 247 -34.86 33.67 8.98
CA ARG NB 247 -33.64 32.92 8.71
C ARG NB 247 -33.18 32.12 9.92
N ALA NB 248 -33.31 32.70 11.11
CA ALA NB 248 -33.00 31.95 12.34
C ALA NB 248 -33.90 30.73 12.49
N ALA NB 249 -35.20 30.90 12.28
CA ALA NB 249 -36.13 29.78 12.39
C ALA NB 249 -35.87 28.70 11.35
N LEU NB 250 -35.58 29.09 10.11
CA LEU NB 250 -35.35 28.11 9.06
C LEU NB 250 -34.01 27.40 9.19
N PHE NB 251 -33.00 28.04 9.78
CA PHE NB 251 -31.76 27.31 10.04
C PHE NB 251 -32.01 26.09 10.91
N TRP NB 252 -32.72 26.27 12.02
CA TRP NB 252 -32.91 25.18 12.96
C TRP NB 252 -33.95 24.18 12.46
N ARG NB 253 -35.01 24.66 11.81
CA ARG NB 253 -35.96 23.75 11.17
C ARG NB 253 -35.29 22.87 10.13
N TRP NB 254 -34.45 23.45 9.27
CA TRP NB 254 -33.76 22.62 8.28
C TRP NB 254 -32.69 21.74 8.92
N THR NB 255 -32.07 22.20 10.00
CA THR NB 255 -31.07 21.39 10.70
C THR NB 255 -31.72 20.22 11.45
N MET NB 256 -32.58 20.53 12.41
CA MET NB 256 -33.06 19.53 13.36
C MET NB 256 -34.57 19.27 13.29
N GLY NB 257 -35.28 19.88 12.35
CA GLY NB 257 -36.66 19.53 12.08
C GLY NB 257 -37.71 20.26 12.88
N PHE NB 258 -37.30 21.18 13.75
CA PHE NB 258 -38.24 22.02 14.49
C PHE NB 258 -37.48 23.27 14.91
N ASN NB 259 -38.23 24.28 15.35
CA ASN NB 259 -37.63 25.58 15.60
C ASN NB 259 -38.42 26.33 16.66
N ALA NB 260 -37.81 27.38 17.19
CA ALA NB 260 -38.43 28.32 18.11
C ALA NB 260 -38.88 29.59 17.38
N THR NB 261 -39.44 30.51 18.15
CA THR NB 261 -39.67 31.89 17.73
C THR NB 261 -38.75 32.80 18.52
N MET NB 262 -38.77 34.09 18.18
CA MET NB 262 -37.96 35.07 18.91
C MET NB 262 -38.43 35.23 20.35
N GLU NB 263 -39.74 35.19 20.59
CA GLU NB 263 -40.21 35.19 21.98
C GLU NB 263 -40.05 33.83 22.65
N GLY NB 264 -40.31 32.75 21.92
CA GLY NB 264 -40.36 31.43 22.51
C GLY NB 264 -39.02 30.79 22.82
N ILE NB 265 -37.95 31.22 22.15
CA ILE NB 265 -36.62 30.74 22.50
C ILE NB 265 -36.21 31.22 23.89
N HIS NB 266 -36.69 32.38 24.31
CA HIS NB 266 -36.38 32.86 25.66
C HIS NB 266 -37.19 32.16 26.74
N ARG NB 267 -38.25 31.43 26.38
CA ARG NB 267 -38.90 30.54 27.33
C ARG NB 267 -38.12 29.25 27.51
N TRP NB 268 -37.64 28.66 26.42
CA TRP NB 268 -36.68 27.57 26.51
C TRP NB 268 -35.48 27.96 27.35
N ALA NB 269 -34.95 29.16 27.12
CA ALA NB 269 -33.79 29.65 27.86
C ALA NB 269 -34.04 29.74 29.37
N ILE NB 270 -35.14 30.38 29.77
CA ILE NB 270 -35.41 30.56 31.19
C ILE NB 270 -35.65 29.22 31.89
N TRP NB 271 -36.40 28.31 31.26
CA TRP NB 271 -36.67 27.03 31.88
C TRP NB 271 -35.46 26.12 31.94
N MET NB 272 -34.67 26.08 30.86
CA MET NB 272 -33.42 25.30 30.89
C MET NB 272 -32.51 25.73 32.04
N ALA NB 273 -32.42 27.02 32.31
CA ALA NB 273 -31.60 27.50 33.43
C ALA NB 273 -32.29 27.31 34.78
N VAL NB 274 -33.59 27.59 34.86
CA VAL NB 274 -34.32 27.43 36.12
C VAL NB 274 -34.30 25.99 36.60
N LEU NB 275 -34.41 25.04 35.68
CA LEU NB 275 -34.47 23.62 36.08
C LEU NB 275 -33.16 23.10 36.64
N VAL NB 276 -32.04 23.80 36.43
CA VAL NB 276 -30.78 23.39 37.03
C VAL NB 276 -30.89 23.31 38.54
N THR NB 277 -31.33 24.41 39.17
CA THR NB 277 -31.36 24.52 40.63
C THR NB 277 -32.66 24.04 41.24
N LEU NB 278 -33.75 23.98 40.46
CA LEU NB 278 -34.98 23.36 40.94
C LEU NB 278 -34.79 21.85 41.17
N THR NB 279 -34.37 21.12 40.13
CA THR NB 279 -34.09 19.70 40.29
C THR NB 279 -32.91 19.46 41.22
N GLY NB 280 -31.91 20.33 41.15
CA GLY NB 280 -30.79 20.25 42.08
C GLY NB 280 -31.22 20.30 43.54
N GLY NB 281 -32.00 21.33 43.90
CA GLY NB 281 -32.48 21.44 45.27
C GLY NB 281 -33.27 20.23 45.75
N ILE NB 282 -34.08 19.63 44.89
CA ILE NB 282 -34.77 18.39 45.25
C ILE NB 282 -33.78 17.26 45.49
N GLY NB 283 -32.79 17.12 44.60
CA GLY NB 283 -31.83 16.04 44.74
C GLY NB 283 -31.01 16.11 46.03
N ILE NB 284 -30.68 17.31 46.49
CA ILE NB 284 -30.01 17.45 47.77
C ILE NB 284 -30.97 17.23 48.93
N LEU NB 285 -32.20 17.74 48.82
CA LEU NB 285 -33.18 17.54 49.90
C LEU NB 285 -33.48 16.08 50.15
N LEU NB 286 -33.40 15.24 49.11
CA LEU NB 286 -33.57 13.80 49.28
C LEU NB 286 -32.35 13.09 49.85
N SER NB 287 -31.19 13.73 49.87
CA SER NB 287 -29.94 13.05 50.22
C SER NB 287 -29.75 13.03 51.73
N GLY NB 288 -29.75 11.83 52.30
CA GLY NB 288 -29.69 11.63 53.74
C GLY NB 288 -31.05 11.57 54.42
N THR NB 289 -32.01 12.37 53.93
CA THR NB 289 -33.35 12.35 54.48
C THR NB 289 -34.16 11.15 53.98
N VAL NB 290 -33.98 10.78 52.71
CA VAL NB 290 -34.73 9.68 52.11
C VAL NB 290 -33.80 8.58 51.61
N VAL NB 291 -32.65 8.95 51.05
CA VAL NB 291 -31.67 7.98 50.56
C VAL NB 291 -30.32 8.31 51.20
N ASP NB 292 -29.72 7.33 51.86
CA ASP NB 292 -28.38 7.49 52.42
C ASP NB 292 -27.29 6.83 51.59
N ASN NB 293 -27.64 6.03 50.57
CA ASN NB 293 -26.67 5.44 49.66
C ASN NB 293 -27.29 5.41 48.28
N TRP NB 294 -26.93 6.38 47.43
CA TRP NB 294 -27.53 6.50 46.10
C TRP NB 294 -27.09 5.38 45.15
N TYR NB 295 -25.87 4.87 45.29
CA TYR NB 295 -25.45 3.75 44.46
C TYR NB 295 -26.29 2.51 44.70
N VAL NB 296 -26.58 2.19 45.96
CA VAL NB 296 -27.43 1.05 46.27
C VAL NB 296 -28.87 1.31 45.85
N TRP NB 297 -29.35 2.54 46.04
CA TRP NB 297 -30.64 2.93 45.47
C TRP NB 297 -30.66 2.75 43.96
N GLY NB 298 -29.56 3.10 43.29
CA GLY NB 298 -29.45 2.84 41.87
C GLY NB 298 -29.53 1.37 41.49
N GLN NB 299 -28.91 0.51 42.29
CA GLN NB 299 -29.01 -0.93 42.06
C GLN NB 299 -30.43 -1.45 42.19
N ASN NB 300 -31.19 -0.97 43.17
CA ASN NB 300 -32.57 -1.41 43.32
C ASN NB 300 -33.51 -0.83 42.27
N HIS NB 301 -33.11 0.24 41.57
CA HIS NB 301 -33.95 0.88 40.57
C HIS NB 301 -33.44 0.70 39.14
N GLY NB 302 -32.66 -0.35 38.90
CA GLY NB 302 -32.36 -0.78 37.53
C GLY NB 302 -31.43 0.11 36.74
N MET NB 303 -30.53 0.82 37.42
CA MET NB 303 -29.61 1.73 36.76
C MET NB 303 -28.15 1.41 37.07
N ALA NB 304 -27.88 0.58 38.08
CA ALA NB 304 -26.58 -0.04 38.30
C ALA NB 304 -26.76 -1.56 38.35
N PRO NB 305 -25.74 -2.32 37.96
CA PRO NB 305 -25.83 -3.77 38.08
C PRO NB 305 -25.84 -4.23 39.52
N LEU NB 306 -26.60 -5.29 39.79
CA LEU NB 306 -26.64 -5.91 41.11
C LEU NB 306 -25.30 -6.58 41.42
N ASN NB 307 -25.08 -6.82 42.71
CA ASN NB 307 -23.84 -7.43 43.18
C ASN NB 307 -23.74 -8.89 42.77
N MET OB 1 -29.04 -33.11 6.73
CA MET OB 1 -29.45 -33.22 5.33
C MET OB 1 -29.89 -31.85 4.80
N ALA OB 2 -29.98 -30.87 5.70
CA ALA OB 2 -30.22 -29.49 5.29
C ALA OB 2 -29.10 -28.92 4.42
N TYR OB 3 -27.96 -29.61 4.34
CA TYR OB 3 -26.95 -29.24 3.35
C TYR OB 3 -27.48 -29.42 1.92
N MET OB 4 -27.82 -30.66 1.55
CA MET OB 4 -28.34 -30.93 0.21
C MET OB 4 -29.60 -30.12 -0.08
N PHE OB 5 -30.60 -30.22 0.82
CA PHE OB 5 -31.84 -29.48 0.64
C PHE OB 5 -31.58 -27.97 0.60
N GLY OB 6 -30.58 -27.49 1.35
CA GLY OB 6 -30.20 -26.10 1.25
C GLY OB 6 -29.73 -25.69 -0.13
N ILE OB 7 -28.82 -26.48 -0.72
CA ILE OB 7 -28.39 -26.24 -2.09
C ILE OB 7 -29.59 -26.12 -3.02
N ILE OB 8 -30.52 -27.05 -2.91
CA ILE OB 8 -31.69 -27.08 -3.78
C ILE OB 8 -32.51 -25.81 -3.64
N VAL OB 9 -32.78 -25.39 -2.40
CA VAL OB 9 -33.53 -24.16 -2.16
C VAL OB 9 -32.87 -22.95 -2.80
N PHE OB 10 -31.56 -22.80 -2.63
CA PHE OB 10 -30.86 -21.67 -3.27
C PHE OB 10 -30.96 -21.73 -4.79
N LEU OB 11 -30.85 -22.92 -5.36
CA LEU OB 11 -31.03 -23.05 -6.81
C LEU OB 11 -32.47 -22.81 -7.23
N ALA OB 12 -33.43 -23.11 -6.36
CA ALA OB 12 -34.83 -22.75 -6.65
C ALA OB 12 -35.04 -21.24 -6.61
N MET OB 13 -34.45 -20.57 -5.62
CA MET OB 13 -34.57 -19.11 -5.52
C MET OB 13 -34.07 -18.43 -6.79
N LEU OB 14 -32.93 -18.87 -7.30
CA LEU OB 14 -32.35 -18.28 -8.50
C LEU OB 14 -33.25 -18.41 -9.72
N ALA OB 15 -34.01 -19.50 -9.82
CA ALA OB 15 -34.96 -19.66 -10.91
C ALA OB 15 -36.09 -18.62 -10.86
N VAL OB 16 -36.47 -18.16 -9.67
CA VAL OB 16 -37.44 -17.08 -9.57
C VAL OB 16 -36.82 -15.74 -9.98
N CYS OB 17 -35.55 -15.52 -9.64
CA CYS OB 17 -34.86 -14.34 -10.13
C CYS OB 17 -34.68 -14.36 -11.65
N TRP OB 18 -34.45 -15.54 -12.22
CA TRP OB 18 -34.44 -15.65 -13.69
C TRP OB 18 -35.80 -15.31 -14.29
N PHE OB 19 -36.88 -15.90 -13.75
CA PHE OB 19 -38.22 -15.54 -14.21
C PHE OB 19 -38.46 -14.04 -14.12
N GLY OB 20 -38.25 -13.46 -12.94
CA GLY OB 20 -38.53 -12.04 -12.75
C GLY OB 20 -37.71 -11.14 -13.64
N PHE OB 21 -36.41 -11.46 -13.81
CA PHE OB 21 -35.55 -10.63 -14.66
C PHE OB 21 -36.00 -10.66 -16.11
N MET OB 22 -36.21 -11.86 -16.66
CA MET OB 22 -36.73 -11.96 -18.02
C MET OB 22 -38.11 -11.31 -18.15
N ALA OB 23 -38.95 -11.44 -17.12
CA ALA OB 23 -40.23 -10.74 -17.13
C ALA OB 23 -40.04 -9.22 -17.16
N ALA OB 24 -39.09 -8.70 -16.40
CA ALA OB 24 -38.79 -7.27 -16.45
C ALA OB 24 -38.31 -6.84 -17.83
N GLU OB 25 -37.44 -7.65 -18.45
CA GLU OB 25 -36.97 -7.35 -19.80
C GLU OB 25 -38.09 -7.51 -20.83
N ARG OB 26 -39.01 -8.44 -20.58
CA ARG OB 26 -40.21 -8.58 -21.40
C ARG OB 26 -41.18 -7.41 -21.24
N GLN OB 27 -41.18 -6.76 -20.07
CA GLN OB 27 -41.87 -5.48 -19.94
C GLN OB 27 -41.10 -4.33 -20.61
N ALA OB 28 -39.78 -4.27 -20.40
CA ALA OB 28 -39.02 -3.04 -20.63
C ALA OB 28 -38.91 -2.63 -22.09
N GLY OB 29 -39.27 -3.48 -23.04
CA GLY OB 29 -39.33 -3.06 -24.43
C GLY OB 29 -40.54 -2.22 -24.82
N ARG OB 30 -41.01 -1.38 -23.89
CA ARG OB 30 -42.24 -0.61 -24.07
C ARG OB 30 -43.44 -1.51 -24.39
N LEU OB 31 -43.51 -2.66 -23.74
CA LEU OB 31 -44.64 -3.57 -23.88
C LEU OB 31 -45.97 -2.88 -23.60
N MET PB 1 -4.97 -28.51 -4.77
CA MET PB 1 -6.11 -29.41 -4.82
C MET PB 1 -7.40 -28.59 -4.71
N ALA PB 2 -8.26 -28.92 -3.74
CA ALA PB 2 -9.47 -28.14 -3.52
C ALA PB 2 -9.20 -26.74 -2.97
N TYR PB 3 -7.96 -26.42 -2.61
CA TYR PB 3 -7.55 -25.03 -2.44
C TYR PB 3 -7.42 -24.32 -3.79
N MET PB 4 -6.71 -24.93 -4.73
CA MET PB 4 -6.46 -24.29 -6.02
C MET PB 4 -7.73 -24.10 -6.84
N PHE PB 5 -8.82 -24.81 -6.50
CA PHE PB 5 -10.14 -24.43 -7.00
C PHE PB 5 -10.41 -22.94 -6.83
N GLY PB 6 -9.96 -22.35 -5.72
CA GLY PB 6 -10.13 -20.93 -5.52
C GLY PB 6 -9.33 -20.08 -6.49
N ILE PB 7 -8.11 -20.51 -6.82
CA ILE PB 7 -7.31 -19.82 -7.83
C ILE PB 7 -8.05 -19.78 -9.17
N ILE PB 8 -8.76 -20.87 -9.50
CA ILE PB 8 -9.57 -20.90 -10.72
C ILE PB 8 -10.79 -19.98 -10.61
N VAL PB 9 -11.41 -19.89 -9.43
CA VAL PB 9 -12.51 -18.95 -9.23
C VAL PB 9 -12.10 -17.51 -9.56
N PHE PB 10 -10.91 -17.09 -9.10
CA PHE PB 10 -10.44 -15.76 -9.45
C PHE PB 10 -10.22 -15.59 -10.95
N LEU PB 11 -9.78 -16.65 -11.64
CA LEU PB 11 -9.61 -16.56 -13.08
C LEU PB 11 -10.96 -16.51 -13.80
N ALA PB 12 -11.95 -17.23 -13.30
CA ALA PB 12 -13.32 -17.07 -13.81
C ALA PB 12 -13.82 -15.64 -13.62
N MET PB 13 -13.58 -15.06 -12.44
CA MET PB 13 -13.92 -13.65 -12.21
C MET PB 13 -13.21 -12.73 -13.20
N LEU PB 14 -11.94 -13.01 -13.49
CA LEU PB 14 -11.19 -12.16 -14.39
C LEU PB 14 -11.60 -12.33 -15.85
N ALA PB 15 -12.16 -13.49 -16.21
CA ALA PB 15 -12.77 -13.64 -17.54
C ALA PB 15 -14.07 -12.86 -17.66
N VAL PB 16 -14.87 -12.82 -16.60
CA VAL PB 16 -16.07 -11.96 -16.62
C VAL PB 16 -15.70 -10.49 -16.82
N CYS PB 17 -14.62 -10.03 -16.17
CA CYS PB 17 -14.16 -8.67 -16.39
C CYS PB 17 -13.75 -8.41 -17.84
N TRP PB 18 -13.08 -9.38 -18.47
CA TRP PB 18 -12.72 -9.23 -19.88
C TRP PB 18 -13.96 -9.16 -20.76
N PHE PB 19 -14.90 -10.08 -20.56
CA PHE PB 19 -16.14 -10.07 -21.34
C PHE PB 19 -16.93 -8.79 -21.13
N GLY PB 20 -17.02 -8.31 -19.88
CA GLY PB 20 -17.65 -7.03 -19.62
C GLY PB 20 -16.93 -5.85 -20.23
N PHE PB 21 -15.60 -5.82 -20.15
CA PHE PB 21 -14.85 -4.69 -20.68
C PHE PB 21 -14.98 -4.58 -22.19
N MET PB 22 -14.85 -5.70 -22.91
CA MET PB 22 -15.02 -5.67 -24.36
C MET PB 22 -16.45 -5.33 -24.75
N ALA PB 23 -17.43 -5.88 -24.03
CA ALA PB 23 -18.83 -5.52 -24.28
C ALA PB 23 -19.05 -4.02 -24.09
N ALA PB 24 -18.44 -3.43 -23.06
CA ALA PB 24 -18.57 -1.98 -22.86
C ALA PB 24 -17.98 -1.19 -24.02
N GLU PB 25 -16.95 -1.72 -24.68
CA GLU PB 25 -16.43 -1.12 -25.90
C GLU PB 25 -17.28 -1.45 -27.13
N ARG PB 26 -18.19 -2.41 -27.04
CA ARG PB 26 -19.11 -2.73 -28.12
C ARG PB 26 -20.44 -1.98 -28.03
N GLN PB 27 -21.15 -2.15 -26.92
CA GLN PB 27 -22.50 -1.61 -26.78
C GLN PB 27 -22.58 -0.09 -26.86
N ALA PB 28 -21.45 0.64 -26.81
CA ALA PB 28 -21.36 1.96 -27.43
C ALA PB 28 -19.99 2.14 -28.08
N GLY PB 29 -19.72 1.37 -29.13
CA GLY PB 29 -18.79 1.79 -30.16
C GLY PB 29 -19.47 2.77 -31.09
N ARG PB 30 -20.20 3.74 -30.52
CA ARG PB 30 -21.22 4.51 -31.23
C ARG PB 30 -22.20 3.60 -31.97
N LEU PB 31 -22.33 2.37 -31.48
CA LEU PB 31 -22.84 1.24 -32.26
C LEU PB 31 -24.29 0.92 -31.87
N GLU QB 1 -4.07 40.14 5.52
CA GLU QB 1 -2.95 40.95 5.97
C GLU QB 1 -2.99 41.12 7.49
N VAL QB 2 -1.83 40.96 8.13
CA VAL QB 2 -1.75 41.00 9.58
C VAL QB 2 -2.03 42.42 10.08
N SER QB 3 -3.05 42.56 10.92
CA SER QB 3 -3.40 43.84 11.52
C SER QB 3 -2.35 44.28 12.53
N GLU QB 4 -2.39 45.57 12.86
CA GLU QB 4 -1.51 46.11 13.89
C GLU QB 4 -1.76 45.44 15.24
N PHE QB 5 -3.03 45.24 15.59
CA PHE QB 5 -3.37 44.51 16.81
C PHE QB 5 -2.94 43.05 16.73
N ALA QB 6 -3.11 42.41 15.57
CA ALA QB 6 -2.64 41.04 15.39
C ALA QB 6 -1.12 40.95 15.58
N PHE QB 7 -0.37 41.78 14.87
CA PHE QB 7 1.08 41.84 15.06
C PHE QB 7 1.44 42.10 16.52
N ARG QB 8 0.72 43.00 17.18
CA ARG QB 8 0.94 43.24 18.61
C ARG QB 8 0.78 41.96 19.42
N LEU QB 9 -0.36 41.27 19.26
CA LEU QB 9 -0.59 40.04 20.01
C LEU QB 9 0.46 38.98 19.67
N MET QB 10 0.76 38.82 18.38
CA MET QB 10 1.80 37.88 17.96
C MET QB 10 3.12 38.17 18.67
N MET QB 11 3.50 39.44 18.77
CA MET QB 11 4.77 39.82 19.38
C MET QB 11 4.69 39.83 20.91
N ALA QB 12 3.53 40.15 21.48
CA ALA QB 12 3.37 40.12 22.92
C ALA QB 12 3.58 38.72 23.48
N ALA QB 13 3.05 37.70 22.79
CA ALA QB 13 3.27 36.32 23.20
C ALA QB 13 4.74 35.91 23.20
N VAL QB 14 5.59 36.62 22.46
CA VAL QB 14 7.03 36.38 22.55
C VAL QB 14 7.60 36.97 23.83
N ILE QB 15 7.33 38.27 24.07
CA ILE QB 15 7.83 38.95 25.26
C ILE QB 15 7.45 38.18 26.52
N PHE QB 16 6.20 37.71 26.58
CA PHE QB 16 5.73 36.86 27.67
C PHE QB 16 6.70 35.72 27.97
N VAL QB 17 7.04 34.92 26.97
CA VAL QB 17 7.98 33.82 27.15
C VAL QB 17 9.36 34.35 27.56
N GLY QB 18 9.84 35.38 26.87
CA GLY QB 18 11.18 35.88 27.11
C GLY QB 18 11.41 36.52 28.47
N VAL QB 19 10.61 37.52 28.81
CA VAL QB 19 10.65 38.12 30.15
C VAL QB 19 10.38 37.07 31.22
N GLY QB 20 9.50 36.12 30.92
CA GLY QB 20 9.23 35.06 31.88
C GLY QB 20 10.45 34.22 32.22
N ILE QB 21 11.17 33.75 31.20
CA ILE QB 21 12.40 32.99 31.43
C ILE QB 21 13.45 33.85 32.12
N MET QB 22 13.57 35.12 31.71
CA MET QB 22 14.50 36.04 32.36
C MET QB 22 14.28 36.11 33.87
N PHE QB 23 13.04 36.37 34.29
CA PHE QB 23 12.76 36.59 35.70
C PHE QB 23 12.55 35.30 36.48
N ALA QB 24 12.08 34.24 35.84
CA ALA QB 24 12.10 32.93 36.51
C ALA QB 24 13.51 32.52 36.88
N PHE QB 25 14.47 32.77 35.99
CA PHE QB 25 15.87 32.54 36.31
C PHE QB 25 16.37 33.49 37.38
N ALA QB 26 16.08 34.79 37.22
CA ALA QB 26 16.60 35.80 38.14
C ALA QB 26 15.92 35.72 39.50
N GLY QB 27 14.59 35.64 39.52
CA GLY QB 27 13.88 35.54 40.78
C GLY QB 27 13.89 34.18 41.43
N GLY QB 28 14.39 33.17 40.74
CA GLY QB 28 14.56 31.85 41.33
C GLY QB 28 13.30 31.03 41.44
N HIS QB 29 12.17 31.51 40.89
CA HIS QB 29 10.94 30.76 40.92
C HIS QB 29 10.15 31.11 39.67
N TRP QB 30 9.54 30.08 39.05
CA TRP QB 30 8.78 30.28 37.82
C TRP QB 30 7.61 31.24 37.98
N PHE QB 31 7.11 31.42 39.21
CA PHE QB 31 6.02 32.37 39.42
C PHE QB 31 6.45 33.82 39.23
N VAL QB 32 7.72 34.14 39.53
CA VAL QB 32 8.21 35.49 39.26
C VAL QB 32 8.26 35.76 37.76
N GLY QB 33 8.70 34.78 36.98
CA GLY QB 33 8.57 34.88 35.53
C GLY QB 33 7.15 35.12 35.08
N LEU QB 34 6.22 34.27 35.55
CA LEU QB 34 4.83 34.35 35.12
C LEU QB 34 4.20 35.70 35.49
N VAL QB 35 4.55 36.25 36.65
CA VAL QB 35 4.01 37.56 37.04
C VAL QB 35 4.62 38.68 36.22
N VAL QB 36 5.95 38.75 36.16
CA VAL QB 36 6.61 39.83 35.44
C VAL QB 36 6.39 39.70 33.93
N GLY QB 37 6.57 38.49 33.40
CA GLY QB 37 6.26 38.26 32.00
C GLY QB 37 4.80 38.54 31.66
N GLY QB 38 3.89 38.28 32.59
CA GLY QB 38 2.50 38.65 32.36
C GLY QB 38 2.26 40.14 32.32
N LEU QB 39 2.77 40.86 33.32
CA LEU QB 39 2.57 42.30 33.39
C LEU QB 39 3.22 43.04 32.22
N VAL QB 40 4.47 42.74 31.93
CA VAL QB 40 5.19 43.43 30.85
C VAL QB 40 4.55 43.13 29.50
N ALA QB 41 4.25 41.85 29.23
CA ALA QB 41 3.67 41.50 27.93
C ALA QB 41 2.24 42.04 27.77
N ALA QB 42 1.43 41.98 28.82
CA ALA QB 42 0.07 42.52 28.73
C ALA QB 42 0.09 44.02 28.52
N PHE QB 43 1.03 44.72 29.16
CA PHE QB 43 1.22 46.15 28.89
C PHE QB 43 1.59 46.40 27.43
N PHE QB 44 2.52 45.62 26.90
CA PHE QB 44 2.85 45.72 25.47
C PHE QB 44 1.65 45.40 24.58
N ALA QB 45 0.93 44.31 24.88
CA ALA QB 45 -0.22 43.92 24.06
C ALA QB 45 -1.30 45.00 24.02
N ALA QB 46 -1.52 45.68 25.14
CA ALA QB 46 -2.67 46.58 25.26
C ALA QB 46 -2.53 47.87 24.46
N THR QB 47 -1.37 48.14 23.86
CA THR QB 47 -1.03 49.49 23.40
C THR QB 47 -0.64 49.55 21.92
N PRO QB 48 -1.41 48.92 21.02
CA PRO QB 48 -1.00 48.87 19.62
C PRO QB 48 -1.02 50.24 18.96
N ASN QB 49 -0.30 50.34 17.86
CA ASN QB 49 -0.28 51.56 17.04
C ASN QB 49 -1.63 51.85 16.38
N PRO RB 1 -13.23 13.73 -28.62
CA PRO RB 1 -12.75 12.34 -28.58
C PRO RB 1 -13.13 11.62 -27.30
N LYS RB 2 -13.39 10.30 -27.42
CA LYS RB 2 -13.81 9.50 -26.28
C LYS RB 2 -12.77 9.48 -25.16
N THR RB 3 -11.49 9.61 -25.49
CA THR RB 3 -10.45 9.61 -24.46
C THR RB 3 -10.59 10.80 -23.52
N ASN RB 4 -10.90 11.98 -24.05
CA ASN RB 4 -11.15 13.13 -23.17
C ASN RB 4 -12.30 12.88 -22.21
N LEU RB 5 -13.29 12.08 -22.61
CA LEU RB 5 -14.37 11.70 -21.70
C LEU RB 5 -13.92 10.67 -20.66
N ARG RB 6 -13.08 9.72 -21.05
CA ARG RB 6 -12.46 8.81 -20.08
C ARG RB 6 -11.71 9.57 -19.00
N LEU RB 7 -10.88 10.54 -19.40
CA LEU RB 7 -10.08 11.30 -18.44
C LEU RB 7 -10.91 12.23 -17.58
N TRP RB 8 -12.01 12.77 -18.12
CA TRP RB 8 -12.91 13.61 -17.32
C TRP RB 8 -13.58 12.82 -16.18
N VAL RB 9 -14.00 11.59 -16.44
CA VAL RB 9 -14.58 10.77 -15.36
C VAL RB 9 -13.52 10.42 -14.31
N ALA RB 10 -12.32 10.06 -14.74
CA ALA RB 10 -11.20 9.85 -13.83
C ALA RB 10 -10.91 11.08 -12.98
N PHE RB 11 -10.87 12.26 -13.61
CA PHE RB 11 -10.65 13.51 -12.88
C PHE RB 11 -11.73 13.79 -11.83
N GLN RB 12 -13.01 13.59 -12.16
CA GLN RB 12 -14.06 13.77 -11.16
C GLN RB 12 -13.90 12.83 -9.98
N MET RB 13 -13.59 11.55 -10.24
CA MET RB 13 -13.36 10.61 -9.14
C MET RB 13 -12.12 10.95 -8.32
N MET RB 14 -11.03 11.35 -8.97
CA MET RB 14 -9.83 11.76 -8.22
C MET RB 14 -10.03 13.04 -7.43
N LYS RB 15 -10.92 13.95 -7.87
CA LYS RB 15 -11.34 15.03 -7.00
C LYS RB 15 -11.94 14.50 -5.70
N GLY RB 16 -12.89 13.58 -5.80
CA GLY RB 16 -13.51 12.99 -4.63
C GLY RB 16 -12.56 12.24 -3.72
N ALA RB 17 -11.84 11.27 -4.29
CA ALA RB 17 -10.90 10.46 -3.52
C ALA RB 17 -9.73 11.27 -2.99
N GLY RB 18 -9.34 12.32 -3.70
CA GLY RB 18 -8.27 13.19 -3.21
C GLY RB 18 -8.65 13.97 -1.97
N TRP RB 19 -9.84 14.56 -1.96
CA TRP RB 19 -10.35 15.21 -0.74
C TRP RB 19 -10.54 14.22 0.40
N ALA RB 20 -11.17 13.07 0.12
CA ALA RB 20 -11.32 12.04 1.14
C ALA RB 20 -9.98 11.54 1.65
N GLY RB 21 -8.99 11.42 0.77
CA GLY RB 21 -7.64 11.10 1.21
C GLY RB 21 -7.01 12.18 2.07
N GLY RB 22 -7.18 13.45 1.71
CA GLY RB 22 -6.63 14.53 2.51
C GLY RB 22 -7.15 14.61 3.93
N VAL RB 23 -8.45 14.34 4.15
CA VAL RB 23 -8.97 14.31 5.51
C VAL RB 23 -8.52 13.06 6.27
N PHE RB 24 -8.44 11.90 5.59
CA PHE RB 24 -7.93 10.71 6.27
C PHE RB 24 -6.49 10.88 6.74
N PHE RB 25 -5.58 11.19 5.82
CA PHE RB 25 -4.18 11.36 6.20
C PHE RB 25 -3.94 12.59 7.07
N GLY RB 26 -4.75 13.65 6.90
CA GLY RB 26 -4.63 14.78 7.80
C GLY RB 26 -5.04 14.45 9.23
N THR RB 27 -6.04 13.58 9.39
CA THR RB 27 -6.41 13.11 10.71
C THR RB 27 -5.31 12.23 11.31
N LEU RB 28 -4.79 11.31 10.50
CA LEU RB 28 -3.70 10.43 10.91
C LEU RB 28 -2.45 11.19 11.36
N LEU RB 29 -2.13 12.31 10.70
CA LEU RB 29 -1.05 13.16 11.19
C LEU RB 29 -1.39 13.91 12.48
N LEU RB 30 -2.66 14.32 12.66
CA LEU RB 30 -3.06 14.89 13.95
C LEU RB 30 -2.94 13.87 15.08
N ILE RB 31 -3.36 12.63 14.84
CA ILE RB 31 -3.14 11.55 15.80
C ILE RB 31 -1.65 11.33 16.03
N GLY RB 32 -0.85 11.38 14.97
CA GLY RB 32 0.59 11.30 15.10
C GLY RB 32 1.22 12.36 16.00
N PHE RB 33 0.75 13.61 15.88
CA PHE RB 33 1.22 14.67 16.77
C PHE RB 33 0.96 14.36 18.24
N PHE RB 34 -0.24 13.89 18.58
CA PHE RB 34 -0.50 13.50 19.97
C PHE RB 34 0.31 12.29 20.41
N ARG RB 35 0.59 11.35 19.51
CA ARG RB 35 1.47 10.24 19.83
C ARG RB 35 2.91 10.70 20.08
N VAL RB 36 3.41 11.62 19.26
CA VAL RB 36 4.74 12.19 19.47
C VAL RB 36 4.85 12.91 20.81
N VAL RB 37 3.85 13.71 21.15
CA VAL RB 37 3.88 14.38 22.46
C VAL RB 37 3.74 13.38 23.60
N GLY RB 38 2.97 12.32 23.41
CA GLY RB 38 2.93 11.26 24.42
C GLY RB 38 4.27 10.59 24.66
N ARG RB 39 5.08 10.44 23.61
CA ARG RB 39 6.42 9.88 23.75
C ARG RB 39 7.37 10.80 24.51
N MET RB 40 7.22 12.11 24.35
CA MET RB 40 8.09 13.05 25.04
C MET RB 40 7.79 13.14 26.54
N LEU RB 41 6.56 12.83 26.95
CA LEU RB 41 6.19 13.05 28.34
C LEU RB 41 6.44 11.82 29.21
N PRO RB 42 6.59 12.01 30.54
CA PRO RB 42 6.99 10.93 31.44
C PRO RB 42 5.91 9.88 31.71
N ILE RB 43 5.07 9.58 30.72
CA ILE RB 43 3.82 8.89 30.98
C ILE RB 43 4.04 7.42 31.33
N GLN RB 44 5.04 6.78 30.69
CA GLN RB 44 5.27 5.36 30.94
C GLN RB 44 5.76 5.10 32.36
N GLU RB 45 6.49 6.05 32.94
CA GLU RB 45 6.78 5.98 34.38
C GLU RB 45 5.50 6.02 35.19
N ASN RB 46 4.77 7.13 35.07
CA ASN RB 46 3.61 7.47 35.91
C ASN RB 46 2.29 6.94 35.35
N GLN RB 47 2.29 5.77 34.73
CA GLN RB 47 1.12 5.31 33.97
C GLN RB 47 -0.08 5.07 34.88
N ALA RB 48 -1.21 5.69 34.54
CA ALA RB 48 -2.40 5.70 35.37
C ALA RB 48 -3.10 4.33 35.40
N PRO RB 49 -3.78 4.02 36.51
CA PRO RB 49 -4.66 2.84 36.55
C PRO RB 49 -5.84 2.96 35.60
N ALA RB 50 -6.30 1.79 35.13
CA ALA RB 50 -7.44 1.71 34.21
C ALA RB 50 -8.73 2.19 34.87
N PRO RB 51 -9.48 3.08 34.23
CA PRO RB 51 -10.70 3.64 34.84
C PRO RB 51 -11.97 2.81 34.64
N ASN RB 52 -11.92 1.72 33.87
CA ASN RB 52 -13.11 0.94 33.54
C ASN RB 52 -12.94 -0.47 34.09
N ILE RB 53 -14.05 -1.06 34.54
CA ILE RB 53 -13.99 -2.39 35.14
C ILE RB 53 -13.67 -3.48 34.13
N THR RB 54 -13.90 -3.23 32.84
CA THR RB 54 -13.43 -4.16 31.83
C THR RB 54 -11.91 -4.17 31.72
N GLY RB 55 -11.24 -3.19 32.32
CA GLY RB 55 -9.79 -3.16 32.38
C GLY RB 55 -9.17 -2.23 31.37
MG BCL SB . 4.08 2.19 -0.19
CHA BCL SB . 4.39 5.38 -1.48
CHB BCL SB . 1.58 1.63 -2.45
CHC BCL SB . 3.23 -0.63 1.47
CHD BCL SB . 5.75 3.28 2.71
NA BCL SB . 3.13 3.38 -1.75
C1A BCL SB . 3.45 4.66 -2.17
C2A BCL SB . 2.76 5.01 -3.46
C3A BCL SB . 1.70 3.91 -3.60
C4A BCL SB . 2.13 2.89 -2.58
CMA BCL SB . 0.29 4.43 -3.33
CAA BCL SB . 3.73 5.03 -4.66
CBA BCL SB . 3.16 5.73 -5.91
CGA BCL SB . 3.89 5.47 -7.17
O1A BCL SB . 4.47 4.48 -7.44
O2A BCL SB . 3.77 6.44 -8.07
NB BCL SB . 2.61 0.75 -0.41
C1B BCL SB . 1.75 0.63 -1.49
C2B BCL SB . 1.09 -0.60 -1.47
C3B BCL SB . 1.56 -1.33 -0.36
C4B BCL SB . 2.49 -0.41 0.30
CMB BCL SB . 0.06 -0.98 -2.53
CAB BCL SB . 1.28 -2.68 0.13
OBB BCL SB . 1.86 -3.18 1.12
CBB BCL SB . 0.27 -3.60 -0.51
NC BCL SB . 4.46 1.43 1.80
C1C BCL SB . 3.98 0.25 2.28
C2C BCL SB . 4.60 -0.16 3.57
C3C BCL SB . 5.41 1.10 3.95
C4C BCL SB . 5.13 2.06 2.82
CMC BCL SB . 3.59 -0.58 4.62
CAC BCL SB . 6.92 0.84 4.17
CBC BCL SB . 7.25 0.15 5.46
ND BCL SB . 4.85 3.94 0.53
C1D BCL SB . 5.60 4.25 1.67
C2D BCL SB . 6.15 5.55 1.59
C3D BCL SB . 5.70 6.06 0.37
C4D BCL SB . 4.93 5.07 -0.23
CMD BCL SB . 7.02 6.20 2.62
CAD BCL SB . 5.82 7.11 -0.55
OBD BCL SB . 6.44 8.19 -0.48
CBD BCL SB . 5.00 6.75 -1.82
CGD BCL SB . 4.09 7.85 -2.18
O1D BCL SB . 2.94 7.99 -1.80
O2D BCL SB . 4.66 8.75 -2.97
CED BCL SB . 3.82 9.79 -3.53
C1 BCL SB . 4.43 6.20 -9.35
C2 BCL SB . 4.01 7.30 -10.30
C3 BCL SB . 2.90 7.38 -11.00
C4 BCL SB . 1.76 6.38 -10.93
C5 BCL SB . 2.68 8.48 -12.05
C6 BCL SB . 1.30 9.13 -12.10
C7 BCL SB . 1.03 10.12 -10.97
C8 BCL SB . -0.33 10.79 -11.17
C9 BCL SB . -0.37 11.55 -12.52
C10 BCL SB . -0.70 11.76 -10.01
C11 BCL SB . 0.35 12.82 -9.68
C12 BCL SB . -0.14 14.01 -8.83
C13 BCL SB . -0.73 13.77 -7.42
C14 BCL SB . -0.11 12.58 -6.67
C15 BCL SB . -2.29 13.63 -7.46
C16 BCL SB . -2.96 13.40 -6.11
C17 BCL SB . -4.49 13.60 -6.09
C18 BCL SB . -4.93 15.04 -5.93
C19 BCL SB . -4.70 15.40 -4.45
C20 BCL SB . -6.39 15.29 -6.32
CMA SP2 TB . 32.85 2.44 -5.71
O1 SP2 TB . 33.23 3.52 -6.57
C1 SP2 TB . 32.76 4.83 -6.27
CM1 SP2 TB . 33.25 5.21 -4.89
CM2 SP2 TB . 31.26 4.93 -6.37
C2 SP2 TB . 33.47 5.64 -7.37
C3 SP2 TB . 33.42 7.15 -7.22
C4 SP2 TB . 34.35 7.82 -8.22
C5 SP2 TB . 33.69 8.33 -9.47
CM3 SP2 TB . 34.18 7.71 -10.75
C6 SP2 TB . 32.76 9.30 -9.48
C7 SP2 TB . 32.31 9.99 -10.65
C8 SP2 TB . 31.53 11.07 -10.60
C9 SP2 TB . 31.13 11.94 -11.71
CM4 SP2 TB . 31.85 11.78 -13.02
C10 SP2 TB . 30.13 12.84 -11.52
C11 SP2 TB . 29.64 13.81 -12.46
C12 SP2 TB . 28.46 14.42 -12.37
C13 SP2 TB . 27.89 15.39 -13.29
CM5 SP2 TB . 28.59 15.59 -14.61
C14 SP2 TB . 26.72 16.00 -12.98
C15 SP2 TB . 25.98 16.92 -13.80
C16 SP2 TB . 24.73 17.35 -13.55
C17 SP2 TB . 24.02 18.22 -14.44
C18 SP2 TB . 22.72 18.57 -14.40
CM6 SP2 TB . 21.76 18.05 -13.36
C19 SP2 TB . 22.16 19.38 -15.47
C20 SP2 TB . 20.91 19.81 -15.62
C21 SP2 TB . 20.49 20.59 -16.74
C22 SP2 TB . 19.27 21.14 -16.89
CM7 SP2 TB . 18.16 21.01 -15.89
C23 SP2 TB . 18.93 21.92 -18.14
C24 SP2 TB . 18.50 20.98 -19.29
C25 SP2 TB . 18.43 21.68 -20.63
C26 SP2 TB . 17.56 22.60 -21.02
CM8 SP2 TB . 16.42 23.11 -20.17
C27 SP2 TB . 17.65 23.22 -22.39
C28 SP2 TB . 18.46 24.53 -22.37
C29 SP2 TB . 18.35 25.45 -23.57
C30 SP2 TB . 17.97 25.31 -24.84
CMB SP2 TB . 17.98 26.49 -25.77
CM9 SP2 TB . 17.52 24.03 -25.48
MG BCL UB . 20.14 8.94 -0.79
CHA BCL UB . 21.31 11.51 -2.79
CHB BCL UB . 17.25 9.00 -2.60
CHC BCL UB . 18.63 7.07 1.59
CHD BCL UB . 22.62 9.74 1.56
NA BCL UB . 19.40 10.13 -2.48
C1A BCL UB . 20.07 11.11 -3.19
C2A BCL UB . 19.32 11.49 -4.44
C3A BCL UB . 18.01 10.69 -4.33
C4A BCL UB . 18.17 9.92 -3.06
CMA BCL UB . 16.77 11.57 -4.30
CAA BCL UB . 20.08 11.14 -5.74
CBA BCL UB . 19.49 11.71 -7.05
CGA BCL UB . 19.73 10.87 -8.26
O1A BCL UB . 19.87 9.71 -8.26
O2A BCL UB . 19.63 11.47 -9.43
NB BCL UB . 18.22 8.20 -0.50
C1B BCL UB . 17.22 8.19 -1.46
C2B BCL UB . 16.23 7.26 -1.13
C3B BCL UB . 16.58 6.66 0.09
C4B BCL UB . 17.84 7.31 0.46
CMB BCL UB . 15.01 7.03 -2.03
CAB BCL UB . 15.96 5.61 0.89
OBB BCL UB . 16.41 5.25 2.00
CBB BCL UB . 14.73 4.86 0.45
NC BCL UB . 20.59 8.46 1.26
C1C BCL UB . 19.79 7.70 2.06
C2C BCL UB . 20.39 7.39 3.38
C3C BCL UB . 21.70 8.18 3.36
C4C BCL UB . 21.63 8.92 2.04
CMC BCL UB . 19.49 7.74 4.55
CAC BCL UB . 22.92 7.24 3.55
CBC BCL UB . 24.21 7.93 3.93
ND BCL UB . 21.63 10.33 -0.60
C1D BCL UB . 22.61 10.54 0.38
C2D BCL UB . 23.51 11.55 -0.01
C3D BCL UB . 23.05 11.99 -1.25
C4D BCL UB . 21.93 11.24 -1.56
CMD BCL UB . 24.70 12.03 0.78
CAD BCL UB . 23.36 12.77 -2.39
OBD BCL UB . 24.32 13.53 -2.62
CBD BCL UB . 22.23 12.56 -3.43
CGD BCL UB . 21.58 13.82 -3.73
O1D BCL UB . 21.27 14.23 -4.83
O2D BCL UB . 21.34 14.51 -2.64
CED BCL UB . 20.67 15.76 -2.81
C1 BCL UB . 19.64 10.59 -10.59
C2 BCL UB . 19.57 11.47 -11.82
C3 BCL UB . 18.82 11.36 -12.91
C4 BCL UB . 18.94 12.36 -14.04
C5 BCL UB . 17.76 10.26 -13.06
C6 BCL UB . 16.26 10.71 -13.14
C7 BCL UB . 15.80 11.35 -14.47
C8 BCL UB . 14.30 11.39 -14.79
C9 BCL UB . 13.52 12.06 -13.64
C10 BCL UB . 13.73 10.00 -15.10
C11 BCL UB . 12.40 10.00 -15.82
C12 BCL UB . 12.46 10.41 -17.30
C13 BCL UB . 13.37 9.54 -18.19
C14 BCL UB . 13.27 9.95 -19.66
C15 BCL UB . 12.96 8.06 -18.07
C16 BCL UB . 13.77 7.04 -18.86
C17 BCL UB . 13.39 5.57 -18.59
C18 BCL UB . 14.29 4.54 -19.27
C19 BCL UB . 14.14 4.74 -20.79
C20 BCL UB . 13.98 3.09 -18.88
CMA SP2 VB . 11.79 17.24 -16.89
O1 SP2 VB . 12.56 16.33 -17.69
C1 SP2 VB . 12.97 15.11 -17.10
CM1 SP2 VB . 13.86 15.42 -15.90
CM2 SP2 VB . 11.76 14.29 -16.67
C2 SP2 VB . 13.75 14.42 -18.21
C3 SP2 VB . 15.01 15.14 -18.69
C4 SP2 VB . 15.50 14.66 -20.05
C5 SP2 VB . 15.81 13.19 -20.13
CM3 SP2 VB . 15.41 12.51 -21.41
C6 SP2 VB . 16.41 12.48 -19.14
C7 SP2 VB . 16.68 11.09 -19.30
C8 SP2 VB . 17.09 10.27 -18.31
C9 SP2 VB . 17.27 8.84 -18.37
CM4 SP2 VB . 17.45 8.21 -19.72
C10 SP2 VB . 17.24 8.11 -17.23
C11 SP2 VB . 17.25 6.69 -17.11
C12 SP2 VB . 17.10 5.99 -15.97
C13 SP2 VB . 16.96 4.55 -15.83
CM5 SP2 VB . 17.43 3.69 -16.96
C14 SP2 VB . 16.43 4.04 -14.69
C15 SP2 VB . 16.12 2.66 -14.41
C16 SP2 VB . 15.51 2.23 -13.29
C17 SP2 VB . 15.16 0.86 -13.03
C18 SP2 VB . 14.53 0.35 -11.94
CM6 SP2 VB . 14.14 1.19 -10.76
C19 SP2 VB . 14.19 -1.06 -11.92
C20 SP2 VB . 13.38 -1.69 -11.05
C21 SP2 VB . 13.07 -3.09 -11.13
C22 SP2 VB . 12.50 -3.78 -10.13
CM7 SP2 VB . 12.14 -3.12 -8.83
C23 SP2 VB . 12.21 -5.26 -10.19
C24 SP2 VB . 10.71 -5.60 -10.28
C25 SP2 VB . 10.09 -5.06 -11.54
C26 SP2 VB . 9.53 -5.74 -12.53
CM8 SP2 VB . 9.30 -7.22 -12.49
C27 SP2 VB . 9.02 -5.04 -13.77
C28 SP2 VB . 10.14 -4.78 -14.79
C29 SP2 VB . 10.61 -6.05 -15.44
C30 SP2 VB . 11.69 -6.76 -15.15
CMB SP2 VB . 12.05 -8.02 -15.88
CM9 SP2 VB . 12.66 -6.37 -14.07
CMA SP2 WB . 46.65 -1.19 -12.15
O1 SP2 WB . 46.96 -0.65 -10.86
C1 SP2 WB . 46.51 0.64 -10.45
CM1 SP2 WB . 46.49 0.63 -8.94
CM2 SP2 WB . 45.12 0.88 -11.00
C2 SP2 WB . 47.52 1.69 -10.95
C3 SP2 WB . 47.89 1.90 -12.44
C4 SP2 WB . 46.77 2.36 -13.37
C5 SP2 WB . 47.22 3.13 -14.59
CM3 SP2 WB . 48.16 2.39 -15.50
C6 SP2 WB . 46.75 4.37 -14.82
C7 SP2 WB . 46.93 5.17 -16.01
C8 SP2 WB . 46.33 6.35 -16.15
C9 SP2 WB . 46.32 7.23 -17.32
CM4 SP2 WB . 46.98 6.74 -18.57
C10 SP2 WB . 45.64 8.40 -17.24
C11 SP2 WB . 45.44 9.39 -18.27
C12 SP2 WB . 44.69 10.49 -18.09
C13 SP2 WB . 44.37 11.53 -19.05
CM5 SP2 WB . 45.21 11.65 -20.29
C14 SP2 WB . 43.33 12.38 -18.78
C15 SP2 WB . 42.79 13.41 -19.62
C16 SP2 WB . 41.76 14.22 -19.28
C17 SP2 WB . 41.21 15.24 -20.14
C18 SP2 WB . 40.09 15.99 -19.94
CM6 SP2 WB . 39.26 15.88 -18.69
C19 SP2 WB . 39.70 16.96 -20.95
C20 SP2 WB . 38.55 17.64 -21.01
C21 SP2 WB . 38.24 18.58 -22.06
C22 SP2 WB . 37.19 19.42 -22.07
CM7 SP2 WB . 36.21 19.51 -20.93
C23 SP2 WB . 36.94 20.37 -23.22
C24 SP2 WB . 36.64 19.66 -24.55
C25 SP2 WB . 36.76 20.58 -25.73
C26 SP2 WB . 35.83 21.38 -26.25
CM8 SP2 WB . 34.44 21.51 -25.70
C27 SP2 WB . 36.14 22.25 -27.45
C28 SP2 WB . 35.36 21.92 -28.74
C29 SP2 WB . 35.85 22.76 -29.87
C30 SP2 WB . 35.18 23.23 -30.91
CMB SP2 WB . 35.81 24.09 -31.96
CM9 SP2 WB . 33.72 22.95 -31.15
CMA SP2 XB . 19.72 17.07 -18.55
O1 SP2 XB . 20.40 16.34 -17.53
C1 SP2 XB . 19.66 15.53 -16.63
CM1 SP2 XB . 20.62 15.08 -15.53
CM2 SP2 XB . 19.05 14.35 -17.34
C2 SP2 XB . 18.59 16.47 -16.07
C3 SP2 XB . 17.69 15.94 -14.95
C4 SP2 XB . 18.04 16.55 -13.59
C5 SP2 XB . 17.08 16.17 -12.47
CM3 SP2 XB . 15.66 16.57 -12.70
C6 SP2 XB . 17.48 15.56 -11.34
C7 SP2 XB . 16.63 15.31 -10.20
C8 SP2 XB . 17.10 15.13 -8.96
C9 SP2 XB . 16.36 15.00 -7.72
CM4 SP2 XB . 14.89 14.70 -7.80
C10 SP2 XB . 17.02 15.14 -6.53
C11 SP2 XB . 16.47 15.12 -5.20
C12 SP2 XB . 17.23 14.98 -4.10
C13 SP2 XB . 16.79 14.96 -2.70
CM5 SP2 XB . 15.39 15.40 -2.39
C14 SP2 XB . 17.67 14.57 -1.74
C15 SP2 XB . 17.47 14.51 -0.32
C16 SP2 XB . 18.44 14.14 0.55
C17 SP2 XB . 18.28 14.09 1.99
C18 SP2 XB . 19.16 13.61 2.91
CM6 SP2 XB . 20.48 12.98 2.53
C19 SP2 XB . 18.81 13.63 4.32
C20 SP2 XB . 19.61 13.32 5.36
C21 SP2 XB . 19.20 13.36 6.74
C22 SP2 XB . 19.96 12.87 7.74
CM7 SP2 XB . 21.28 12.19 7.47
C23 SP2 XB . 19.54 12.89 9.19
C24 SP2 XB . 18.91 14.19 9.72
C25 SP2 XB . 19.81 15.38 9.58
C26 SP2 XB . 20.72 15.80 10.44
CM8 SP2 XB . 21.10 15.04 11.69
C27 SP2 XB . 21.47 17.10 10.25
C28 SP2 XB . 20.67 18.21 9.55
C29 SP2 XB . 21.25 19.56 9.84
C30 SP2 XB . 21.80 20.43 9.01
CMB SP2 XB . 22.31 21.77 9.46
CM9 SP2 XB . 21.99 20.15 7.55
MG BCL YB . 37.18 9.72 -4.82
CHA BCL YB . 38.64 11.58 -7.35
CHB BCL YB . 34.14 10.57 -6.10
CHC BCL YB . 35.71 8.64 -1.97
CHD BCL YB . 40.24 9.80 -3.11
NA BCL YB . 36.51 10.94 -6.49
C1A BCL YB . 37.28 11.55 -7.48
C2A BCL YB . 36.47 11.76 -8.72
C3A BCL YB . 35.03 11.70 -8.21
C4A BCL YB . 35.17 11.06 -6.85
CMA BCL YB . 34.37 13.07 -8.11
CAA BCL YB . 36.77 10.68 -9.77
CBA BCL YB . 37.21 11.17 -11.16
CGA BCL YB . 36.10 11.33 -12.16
O1A BCL YB . 35.47 12.31 -12.30
O2A BCL YB . 35.96 10.27 -12.93
NB BCL YB . 35.23 9.68 -4.10
C1B BCL YB . 34.10 9.90 -4.87
C2B BCL YB . 32.96 9.33 -4.27
C3B BCL YB . 33.37 8.76 -3.05
C4B BCL YB . 34.81 9.02 -2.98
CMB BCL YB . 31.58 9.42 -4.91
CAB BCL YB . 32.64 8.01 -2.01
OBB BCL YB . 33.19 7.55 -1.00
CBB BCL YB . 31.15 7.74 -2.09
NC BCL YB . 37.88 9.25 -2.85
C1C BCL YB . 37.08 8.91 -1.80
C2C BCL YB . 37.84 8.52 -0.58
C3C BCL YB . 39.28 8.89 -0.94
C4C BCL YB . 39.16 9.44 -2.34
CMC BCL YB . 37.32 9.18 0.69
CAC BCL YB . 40.27 7.71 -0.81
CBC BCL YB . 40.63 7.39 0.62
ND BCL YB . 39.03 10.53 -5.09
C1D BCL YB . 40.23 10.43 -4.39
C2D BCL YB . 41.31 11.00 -5.11
C3D BCL YB . 40.75 11.48 -6.28
C4D BCL YB . 39.39 11.19 -6.25
CMD BCL YB . 42.75 11.05 -4.64
CAD BCL YB . 41.01 12.03 -7.56
OBD BCL YB . 42.09 12.38 -8.09
CBD BCL YB . 39.67 12.15 -8.33
CGD BCL YB . 39.46 13.53 -8.79
O1D BCL YB . 39.15 14.47 -8.09
O2D BCL YB . 39.66 13.69 -10.09
CED BCL YB . 39.39 14.99 -10.66
C1 BCL YB . 34.99 10.29 -14.03
C2 BCL YB . 35.58 11.16 -15.12
C3 BCL YB . 35.00 11.50 -16.26
C4 BCL YB . 35.64 12.38 -17.33
C5 BCL YB . 33.57 11.07 -16.62
C6 BCL YB . 32.59 12.22 -16.84
C7 BCL YB . 31.14 11.80 -17.08
C8 BCL YB . 30.16 12.98 -17.28
C9 BCL YB . 28.72 12.56 -16.92
C10 BCL YB . 30.21 13.55 -18.72
C11 BCL YB . 29.76 15.02 -18.72
C12 BCL YB . 29.39 15.57 -20.11
C13 BCL YB . 29.05 17.08 -20.07
C14 BCL YB . 28.11 17.50 -21.20
C15 BCL YB . 30.34 17.94 -20.16
C16 BCL YB . 30.15 19.44 -19.93
C17 BCL YB . 31.45 20.27 -19.82
C18 BCL YB . 31.94 20.49 -18.40
C19 BCL YB . 31.14 21.65 -17.81
C20 BCL YB . 33.45 20.79 -18.31
P 3PE ZB . 29.00 9.82 -34.12
N 3PE ZB . 32.75 10.09 -37.07
O11 3PE ZB . 29.19 9.08 -32.66
O12 3PE ZB . 28.80 8.73 -35.11
O13 3PE ZB . 30.51 10.48 -34.27
O14 3PE ZB . 28.08 10.99 -33.97
C11 3PE ZB . 31.56 9.81 -34.92
C12 3PE ZB . 31.42 10.01 -36.41
C1 3PE ZB . 29.32 9.91 -31.53
C2 3PE ZB . 29.54 9.12 -30.25
C3 3PE ZB . 28.28 9.05 -29.39
O31 3PE ZB . 28.33 10.22 -28.58
O32 3PE ZB . 26.11 10.31 -28.38
C31 3PE ZB . 27.21 10.67 -28.04
C32 3PE ZB . 27.49 11.73 -27.00
C33 3PE ZB . 27.66 11.26 -25.56
C34 3PE ZB . 28.74 12.06 -24.84
C35 3PE ZB . 28.83 11.77 -23.35
C36 3PE ZB . 30.22 12.05 -22.76
C37 3PE ZB . 31.02 10.78 -22.49
C38 3PE ZB . 30.75 10.21 -21.10
C39 3PE ZB . 31.21 8.76 -20.94
C3A 3PE ZB . 31.44 8.37 -19.49
C3B 3PE ZB . 30.17 8.07 -18.71
C3C 3PE ZB . 29.77 6.60 -18.78
C3D 3PE ZB . 30.45 5.73 -17.73
C3E 3PE ZB . 30.12 4.24 -17.89
C3F 3PE ZB . 30.81 3.58 -19.08
C3G 3PE ZB . 31.31 2.15 -18.86
C3H 3PE ZB . 30.27 1.03 -18.85
C3I 3PE ZB . 29.40 0.94 -17.59
O21 3PE ZB . 30.01 7.77 -30.41
O22 3PE ZB . 31.93 8.33 -31.42
C21 3PE ZB . 31.16 7.50 -31.00
C22 3PE ZB . 31.48 6.03 -30.95
C23 3PE ZB . 32.37 5.74 -29.75
C24 3PE ZB . 33.82 5.53 -30.17
C25 3PE ZB . 34.79 5.45 -29.00
C26 3PE ZB . 34.82 4.13 -28.24
C27 3PE ZB . 33.99 4.15 -26.96
C28 3PE ZB . 34.38 3.05 -25.98
C29 3PE ZB . 35.58 3.46 -25.15
C2A 3PE ZB . 36.31 2.32 -24.43
C2B 3PE ZB . 37.67 2.77 -23.94
C2C 3PE ZB . 38.50 1.69 -23.24
C2D 3PE ZB . 38.05 1.37 -21.83
C2E 3PE ZB . 39.05 0.49 -21.09
C2F 3PE ZB . 38.84 0.43 -19.58
C2G 3PE ZB . 40.03 -0.17 -18.83
C2H 3PE ZB . 39.93 -0.04 -17.32
C2I 3PE ZB . 40.24 1.37 -16.83
CMA SP2 AC . 55.45 -9.81 -17.21
O1 SP2 AC . 56.50 -9.18 -17.96
C1 SP2 AC . 57.08 -8.01 -17.42
CM1 SP2 AC . 57.72 -8.35 -16.08
CM2 SP2 AC . 56.04 -6.92 -17.26
C2 SP2 AC . 58.13 -7.64 -18.46
C3 SP2 AC . 57.62 -7.15 -19.81
C4 SP2 AC . 58.74 -7.04 -20.84
C5 SP2 AC . 58.34 -6.35 -22.12
CM3 SP2 AC . 57.96 -7.27 -23.25
C6 SP2 AC . 58.31 -5.01 -22.24
C7 SP2 AC . 58.00 -4.32 -23.45
C8 SP2 AC . 58.23 -3.01 -23.64
C9 SP2 AC . 57.96 -2.20 -24.82
CM4 SP2 AC . 57.79 -2.91 -26.14
C10 SP2 AC . 57.88 -0.85 -24.71
C11 SP2 AC . 57.53 0.10 -25.73
C12 SP2 AC . 57.39 1.42 -25.54
C13 SP2 AC . 56.98 2.41 -26.53
CM5 SP2 AC . 57.03 2.01 -27.98
C14 SP2 AC . 56.59 3.65 -26.14
C15 SP2 AC . 56.07 4.72 -26.98
C16 SP2 AC . 55.44 5.84 -26.56
C17 SP2 AC . 54.89 6.81 -27.47
C18 SP2 AC . 54.14 7.90 -27.19
CM6 SP2 AC . 53.74 8.27 -25.79
C19 SP2 AC . 53.57 8.67 -28.28
C20 SP2 AC . 52.88 9.83 -28.21
C21 SP2 AC . 52.25 10.45 -29.35
C22 SP2 AC . 51.58 11.62 -29.35
CM7 SP2 AC . 51.48 12.48 -28.12
C23 SP2 AC . 50.83 12.13 -30.55
C24 SP2 AC . 51.68 12.29 -31.83
C25 SP2 AC . 50.83 12.43 -33.07
C26 SP2 AC . 50.30 13.53 -33.59
CM8 SP2 AC . 50.42 14.89 -32.97
C27 SP2 AC . 49.48 13.47 -34.86
C28 SP2 AC . 50.20 14.15 -36.04
C29 SP2 AC . 49.31 14.32 -37.24
C30 SP2 AC . 49.67 14.71 -38.46
CMB SP2 AC . 48.69 14.82 -39.60
CM9 SP2 AC . 51.08 15.10 -38.80
CMA SP2 BC . 35.88 15.87 -22.97
O1 SP2 BC . 35.60 14.61 -22.34
C1 SP2 BC . 34.52 14.54 -21.42
CM1 SP2 BC . 34.40 13.10 -20.96
CM2 SP2 BC . 33.23 15.01 -22.06
C2 SP2 BC . 34.96 15.46 -20.28
C3 SP2 BC . 34.07 15.52 -19.03
C4 SP2 BC . 34.70 16.38 -17.93
C5 SP2 BC . 34.02 16.30 -16.59
CM3 SP2 BC . 32.63 16.90 -16.54
C6 SP2 BC . 34.60 15.79 -15.49
C7 SP2 BC . 34.05 15.83 -14.16
C8 SP2 BC . 34.79 15.71 -13.05
C9 SP2 BC . 34.39 15.86 -11.67
CM4 SP2 BC . 32.92 15.82 -11.35
C10 SP2 BC . 35.34 16.05 -10.71
C11 SP2 BC . 35.15 16.31 -9.31
C12 SP2 BC . 36.09 16.09 -8.38
C13 SP2 BC . 36.05 16.33 -6.94
CM5 SP2 BC . 35.17 17.42 -6.42
C14 SP2 BC . 36.85 15.59 -6.14
C15 SP2 BC . 37.00 15.70 -4.70
C16 SP2 BC . 37.86 14.95 -3.96
C17 SP2 BC . 38.05 15.10 -2.54
C18 SP2 BC . 38.75 14.29 -1.70
CM6 SP2 BC . 39.40 13.01 -2.15
C19 SP2 BC . 38.86 14.66 -0.29
C20 SP2 BC . 39.56 14.00 0.67
C21 SP2 BC . 39.64 14.43 2.04
C22 SP2 BC . 40.23 13.72 3.03
CM7 SP2 BC . 40.80 12.35 2.80
C23 SP2 BC . 40.34 14.24 4.44
C24 SP2 BC . 41.24 15.49 4.48
C25 SP2 BC . 41.83 15.79 5.84
C26 SP2 BC . 42.74 16.70 6.12
CM8 SP2 BC . 43.28 17.67 5.10
C27 SP2 BC . 43.30 16.88 7.51
C28 SP2 BC . 43.22 15.68 8.46
C29 SP2 BC . 43.92 15.98 9.77
C30 SP2 BC . 45.20 15.88 10.06
CMB SP2 BC . 45.76 16.29 11.39
CM9 SP2 BC . 46.22 15.33 9.10
MG BCL CC . 52.55 3.91 -11.37
CHA BCL CC . 54.04 4.96 -14.32
CHB BCL CC . 49.72 5.55 -12.36
CHC BCL CC . 51.36 3.76 -8.20
CHD BCL CC . 55.71 3.09 -10.13
NA BCL CC . 51.99 5.09 -13.12
C1A BCL CC . 52.74 5.38 -14.25
C2A BCL CC . 51.88 5.94 -15.36
C3A BCL CC . 50.54 6.20 -14.66
C4A BCL CC . 50.74 5.66 -13.29
CMA BCL CC . 50.18 7.69 -14.60
CAA BCL CC . 51.72 5.00 -16.58
CBA BCL CC . 50.72 5.51 -17.65
CGA BCL CC . 50.69 4.69 -18.90
O1A BCL CC . 51.50 3.91 -19.22
O2A BCL CC . 49.69 5.01 -19.70
NB BCL CC . 50.85 4.59 -10.40
C1B BCL CC . 49.72 5.11 -11.03
C2B BCL CC . 48.62 5.12 -10.16
C3B BCL CC . 49.04 4.59 -8.94
C4B BCL CC . 50.47 4.30 -9.12
CMB BCL CC . 47.26 5.66 -10.61
CAB BCL CC . 48.32 4.30 -7.68
OBB BCL CC . 48.90 3.91 -6.66
CBB BCL CC . 46.82 4.46 -7.55
NC BCL CC . 53.42 3.47 -9.46
C1C BCL CC . 52.75 3.52 -8.27
C2C BCL CC . 53.54 3.01 -7.12
C3C BCL CC . 54.92 2.74 -7.75
C4C BCL CC . 54.74 3.21 -9.17
CMC BCL CC . 53.60 3.98 -5.95
CAC BCL CC . 55.37 1.25 -7.63
CBC BCL CC . 55.84 0.89 -6.24
ND BCL CC . 54.47 4.02 -12.03
C1D BCL CC . 55.69 3.60 -11.47
C2D BCL CC . 56.75 3.73 -12.39
C3D BCL CC . 56.18 4.27 -13.54
C4D BCL CC . 54.81 4.42 -13.28
CMD BCL CC . 58.19 3.34 -12.13
CAD BCL CC . 56.37 4.57 -14.91
OBD BCL CC . 57.40 4.46 -15.62
CBD BCL CC . 55.04 5.10 -15.49
CGD BCL CC . 55.21 6.44 -16.06
O1D BCL CC . 55.53 7.43 -15.44
O2D BCL CC . 55.00 6.48 -17.36
CED BCL CC . 55.15 7.77 -18.02
C1 BCL CC . 49.66 4.45 -21.04
C2 BCL CC . 48.48 5.11 -21.75
C3 BCL CC . 48.58 5.76 -22.89
C4 BCL CC . 49.88 5.94 -23.67
C5 BCL CC . 47.37 6.44 -23.57
C6 BCL CC . 46.01 5.75 -23.42
C7 BCL CC . 45.00 6.58 -22.61
C8 BCL CC . 44.57 7.95 -23.14
C9 BCL CC . 43.60 8.63 -22.16
C10 BCL CC . 43.91 7.83 -24.53
C11 BCL CC . 43.43 9.15 -25.18
C12 BCL CC . 44.54 10.18 -25.43
C13 BCL CC . 44.11 11.35 -26.35
C14 BCL CC . 43.67 10.86 -27.74
C15 BCL CC . 45.27 12.34 -26.55
C16 BCL CC . 45.90 12.98 -25.31
C17 BCL CC . 47.00 14.01 -25.66
C18 BCL CC . 47.95 14.39 -24.54
C19 BCL CC . 47.11 14.91 -23.35
C20 BCL CC . 48.97 15.45 -24.97
CMA SP2 DC . 60.26 -19.71 -23.92
O1 SP2 DC . 61.59 -19.85 -24.42
C1 SP2 DC . 62.30 -21.05 -24.14
CM1 SP2 DC . 61.52 -22.25 -24.65
CM2 SP2 DC . 62.49 -21.13 -22.63
C2 SP2 DC . 63.63 -20.88 -24.86
C3 SP2 DC . 63.67 -20.88 -26.40
C4 SP2 DC . 62.92 -19.73 -27.06
C5 SP2 DC . 63.24 -19.53 -28.52
CM3 SP2 DC . 63.13 -20.75 -29.38
C6 SP2 DC . 63.54 -18.30 -29.00
C7 SP2 DC . 63.71 -17.90 -30.36
C8 SP2 DC . 63.91 -16.61 -30.70
C9 SP2 DC . 63.99 -16.04 -32.04
CM4 SP2 DC . 63.75 -16.94 -33.21
C10 SP2 DC . 64.17 -14.69 -32.16
C11 SP2 DC . 64.18 -13.90 -33.37
C12 SP2 DC . 64.27 -12.55 -33.33
C13 SP2 DC . 64.23 -11.62 -34.45
CM5 SP2 DC . 64.30 -12.18 -35.85
C14 SP2 DC . 64.18 -10.29 -34.19
C15 SP2 DC . 64.09 -9.19 -35.14
C16 SP2 DC . 63.99 -7.89 -34.78
C17 SP2 DC . 63.86 -6.79 -35.71
C18 SP2 DC . 63.56 -5.49 -35.44
CM6 SP2 DC . 63.38 -4.98 -34.04
C19 SP2 DC . 63.46 -4.54 -36.54
C20 SP2 DC . 62.91 -3.32 -36.54
C21 SP2 DC . 62.88 -2.47 -37.72
C22 SP2 DC . 62.35 -1.23 -37.82
CM7 SP2 DC . 61.65 -0.54 -36.68
C23 SP2 DC . 62.43 -0.45 -39.10
C24 SP2 DC . 61.44 -0.95 -40.19
C25 SP2 DC . 61.70 -0.36 -41.55
C26 SP2 DC . 61.23 0.76 -42.07
CM8 SP2 DC . 60.42 1.76 -41.29
C27 SP2 DC . 61.53 1.15 -43.50
C28 SP2 DC . 60.28 1.28 -44.40
C29 SP2 DC . 60.65 1.45 -45.84
C30 SP2 DC . 59.98 2.05 -46.81
CMB SP2 DC . 60.47 2.10 -48.23
CM9 SP2 DC . 58.66 2.74 -46.58
MG BCL EC . 63.58 -7.36 -18.95
CHA BCL EC . 64.72 -7.18 -22.22
CHB BCL EC . 61.38 -4.86 -19.70
CHC BCL EC . 63.01 -6.90 -15.65
CHD BCL EC . 66.49 -9.13 -18.12
NA BCL EC . 63.13 -6.19 -20.75
C1A BCL EC . 63.68 -6.31 -22.01
C2A BCL EC . 62.88 -5.56 -23.04
C3A BCL EC . 61.89 -4.75 -22.18
C4A BCL EC . 62.14 -5.23 -20.80
CMA BCL EC . 62.08 -3.24 -22.30
CAA BCL EC . 62.16 -6.47 -24.05
CBA BCL EC . 61.31 -5.69 -25.06
CGA BCL EC . 60.85 -6.49 -26.23
O1A BCL EC . 61.39 -7.43 -26.69
O2A BCL EC . 59.75 -6.00 -26.74
NB BCL EC . 62.44 -6.03 -17.83
C1B BCL EC . 61.45 -5.21 -18.35
C2B BCL EC . 60.57 -4.79 -17.35
C3B BCL EC . 60.98 -5.38 -16.15
C4B BCL EC . 62.20 -6.13 -16.49
CMB BCL EC . 59.38 -3.88 -17.65
CAB BCL EC . 60.41 -5.35 -14.79
OBB BCL EC . 60.98 -5.88 -13.82
CBB BCL EC . 59.09 -4.70 -14.46
NC BCL EC . 64.59 -7.94 -17.15
C1C BCL EC . 64.20 -7.61 -15.89
C2C BCL EC . 64.92 -8.36 -14.84
C3C BCL EC . 65.98 -9.13 -15.63
C4C BCL EC . 65.78 -8.63 -17.05
CMC BCL EC . 65.50 -7.46 -13.76
CAC BCL EC . 65.84 -10.68 -15.51
CBC BCL EC . 66.39 -11.23 -14.22
ND BCL EC . 65.27 -7.99 -19.91
C1D BCL EC . 66.35 -8.77 -19.48
C2D BCL EC . 67.19 -9.10 -20.58
C3D BCL EC . 66.61 -8.50 -21.69
C4D BCL EC . 65.46 -7.85 -21.26
CMD BCL EC . 68.45 -9.94 -20.50
CAD BCL EC . 66.60 -8.44 -23.11
OBD BCL EC . 67.31 -9.01 -23.96
CBD BCL EC . 65.46 -7.47 -23.54
CGD BCL EC . 66.03 -6.33 -24.27
O1D BCL EC . 66.92 -5.62 -23.86
O2D BCL EC . 65.48 -6.15 -25.46
CED BCL EC . 66.09 -5.17 -26.34
C1 BCL EC . 59.17 -6.59 -27.95
C2 BCL EC . 57.78 -5.96 -28.06
C3 BCL EC . 57.28 -5.52 -29.19
C4 BCL EC . 57.98 -5.58 -30.53
C5 BCL EC . 55.88 -4.90 -29.24
C6 BCL EC . 55.85 -3.41 -29.58
C7 BCL EC . 54.43 -2.85 -29.62
C8 BCL EC . 54.25 -1.42 -30.14
C9 BCL EC . 52.77 -1.00 -30.02
C10 BCL EC . 54.73 -1.26 -31.59
C11 BCL EC . 56.02 -0.46 -31.79
C12 BCL EC . 55.81 1.06 -31.72
C13 BCL EC . 55.93 1.86 -33.04
C14 BCL EC . 55.09 1.27 -34.18
C15 BCL EC . 57.41 1.91 -33.50
C16 BCL EC . 57.74 3.06 -34.46
C17 BCL EC . 59.16 3.16 -35.04
C18 BCL EC . 60.30 3.27 -34.03
C19 BCL EC . 59.97 4.44 -33.09
C20 BCL EC . 61.66 3.53 -34.69
CMA SP2 FC . 63.05 -34.64 -28.25
O1 SP2 FC . 63.27 -35.10 -29.59
C1 SP2 FC . 62.33 -34.71 -30.58
CM1 SP2 FC . 62.25 -33.20 -30.63
CM2 SP2 FC . 60.97 -35.33 -30.30
C2 SP2 FC . 62.96 -35.28 -31.85
C3 SP2 FC . 62.53 -34.65 -33.17
C4 SP2 FC . 62.94 -35.48 -34.38
C5 SP2 FC . 62.74 -34.78 -35.71
CM3 SP2 FC . 61.72 -35.39 -36.61
C6 SP2 FC . 63.44 -33.68 -36.07
C7 SP2 FC . 63.29 -33.09 -37.36
C8 SP2 FC . 64.11 -32.16 -37.87
C9 SP2 FC . 64.05 -31.52 -39.17
CM4 SP2 FC . 63.24 -32.19 -40.24
C10 SP2 FC . 64.73 -30.37 -39.38
C11 SP2 FC . 64.75 -29.57 -40.57
C12 SP2 FC . 65.43 -28.40 -40.70
C13 SP2 FC . 65.44 -27.52 -41.85
CM5 SP2 FC . 64.92 -28.03 -43.16
C14 SP2 FC . 65.92 -26.25 -41.71
C15 SP2 FC . 65.93 -25.19 -42.69
C16 SP2 FC . 66.39 -23.94 -42.47
C17 SP2 FC . 66.36 -22.88 -43.46
C18 SP2 FC . 66.68 -21.57 -43.28
CM6 SP2 FC . 67.21 -21.04 -41.99
C19 SP2 FC . 66.46 -20.63 -44.37
C20 SP2 FC . 66.61 -19.30 -44.34
C21 SP2 FC . 66.19 -18.42 -45.39
C22 SP2 FC . 66.14 -17.08 -45.33
CM7 SP2 FC . 66.67 -16.31 -44.15
C23 SP2 FC . 65.52 -16.24 -46.42
C24 SP2 FC . 66.42 -15.95 -47.63
C25 SP2 FC . 65.69 -15.18 -48.69
C26 SP2 FC . 65.02 -15.68 -49.71
CM8 SP2 FC . 64.88 -17.15 -49.98
C27 SP2 FC . 64.29 -14.78 -50.70
C28 SP2 FC . 64.89 -14.85 -52.11
C29 SP2 FC . 64.00 -14.18 -53.12
C30 SP2 FC . 64.18 -14.06 -54.42
CMB SP2 FC . 63.19 -13.39 -55.33
CM9 SP2 FC . 65.39 -14.59 -55.13
MG BCL GC . 68.51 -22.25 -26.81
CHA BCL GC . 69.25 -22.63 -30.18
CHB BCL GC . 67.13 -19.23 -27.57
CHC BCL GC . 68.70 -21.35 -23.54
CHD BCL GC . 70.68 -24.90 -26.10
NA BCL GC . 68.25 -21.10 -28.65
C1A BCL GC . 68.58 -21.46 -29.96
C2A BCL GC . 67.89 -20.56 -30.96
C3A BCL GC . 67.25 -19.48 -30.08
C4A BCL GC . 67.61 -19.87 -28.68
CMA BCL GC . 67.74 -18.07 -30.40
CAA BCL GC . 66.85 -21.26 -31.85
CBA BCL GC . 66.08 -20.31 -32.77
CGA BCL GC . 64.88 -20.95 -33.38
O1A BCL GC . 63.85 -21.09 -32.83
O2A BCL GC . 65.11 -21.40 -34.61
NB BCL GC . 68.06 -20.53 -25.72
C1B BCL GC . 67.32 -19.46 -26.21
C2B BCL GC . 66.80 -18.69 -25.16
C3B BCL GC . 67.21 -19.28 -23.94
C4B BCL GC . 68.04 -20.42 -24.36
CMB BCL GC . 65.95 -17.46 -25.42
CAB BCL GC . 66.94 -18.94 -22.54
OBB BCL GC . 67.46 -19.55 -21.60
CBB BCL GC . 66.00 -17.83 -22.13
NC BCL GC . 69.52 -23.03 -25.08
C1C BCL GC . 69.50 -22.46 -23.83
C2C BCL GC . 70.11 -23.32 -22.79
C3C BCL GC . 70.73 -24.46 -23.61
C4C BCL GC . 70.41 -24.09 -25.02
CMC BCL GC . 71.11 -22.58 -21.91
CAC BCL GC . 70.21 -25.86 -23.21
CBC BCL GC . 70.89 -26.44 -21.99
ND BCL GC . 69.75 -23.47 -27.86
C1D BCL GC . 70.51 -24.59 -27.49
C2D BCL GC . 71.00 -25.29 -28.61
C3D BCL GC . 70.55 -24.56 -29.71
C4D BCL GC . 69.81 -23.49 -29.23
CMD BCL GC . 71.82 -26.54 -28.58
CAD BCL GC . 70.42 -24.56 -31.12
OBD BCL GC . 70.81 -25.37 -31.97
CBD BCL GC . 69.63 -23.28 -31.53
CGD BCL GC . 70.44 -22.49 -32.47
O1D BCL GC . 71.54 -22.01 -32.23
O2D BCL GC . 69.86 -22.31 -33.63
CED BCL GC . 70.64 -21.67 -34.68
C1 BCL GC . 64.03 -22.10 -35.31
C2 BCL GC . 62.96 -21.07 -35.65
C3 BCL GC . 62.93 -20.36 -36.75
C4 BCL GC . 63.94 -20.44 -37.88
C5 BCL GC . 61.81 -19.34 -36.97
C6 BCL GC . 61.93 -18.11 -36.07
C7 BCL GC . 60.68 -17.20 -36.04
C8 BCL GC . 60.75 -15.90 -36.85
C9 BCL GC . 59.64 -14.92 -36.40
C10 BCL GC . 60.66 -16.18 -38.36
C11 BCL GC . 60.51 -14.94 -39.22
C12 BCL GC . 60.47 -15.25 -40.71
C13 BCL GC . 60.35 -14.02 -41.63
C14 BCL GC . 59.76 -14.36 -43.00
C15 BCL GC . 61.75 -13.38 -41.83
C16 BCL GC . 61.78 -11.92 -42.31
C17 BCL GC . 63.08 -11.39 -42.96
C18 BCL GC . 64.07 -10.69 -42.04
C19 BCL GC . 65.22 -10.22 -42.97
C20 BCL GC . 64.64 -11.53 -40.89
CMA SP2 HC . 62.82 -18.78 -44.94
O1 SP2 HC . 62.78 -19.69 -43.84
C1 SP2 HC . 62.59 -19.19 -42.52
CM1 SP2 HC . 62.54 -20.38 -41.57
CM2 SP2 HC . 61.29 -18.41 -42.46
C2 SP2 HC . 63.80 -18.31 -42.25
C3 SP2 HC . 64.01 -17.88 -40.78
C4 SP2 HC . 65.02 -16.76 -40.62
C5 SP2 HC . 65.29 -16.36 -39.19
CM3 SP2 HC . 64.51 -15.18 -38.68
C6 SP2 HC . 66.15 -17.03 -38.40
C7 SP2 HC . 66.50 -16.63 -37.06
C8 SP2 HC . 67.38 -17.30 -36.29
C9 SP2 HC . 67.90 -16.92 -34.98
CM4 SP2 HC . 67.29 -15.73 -34.30
C10 SP2 HC . 68.93 -17.63 -34.44
C11 SP2 HC . 69.66 -17.35 -33.24
C12 SP2 HC . 70.43 -18.24 -32.60
C13 SP2 HC . 71.20 -18.08 -31.38
CM5 SP2 HC . 71.66 -16.71 -31.01
C14 SP2 HC . 71.55 -19.18 -30.66
C15 SP2 HC . 72.41 -19.24 -29.50
C16 SP2 HC . 72.76 -20.36 -28.82
C17 SP2 HC . 73.71 -20.36 -27.74
C18 SP2 HC . 74.03 -21.38 -26.90
CM6 SP2 HC . 73.35 -22.72 -26.95
C19 SP2 HC . 75.10 -21.19 -25.94
C20 SP2 HC . 75.57 -22.09 -25.05
C21 SP2 HC . 76.69 -21.82 -24.18
C22 SP2 HC . 77.32 -22.75 -23.44
CM7 SP2 HC . 76.86 -24.18 -23.39
C23 SP2 HC . 78.53 -22.43 -22.59
C24 SP2 HC . 78.43 -22.84 -21.11
C25 SP2 HC . 79.54 -22.24 -20.29
C26 SP2 HC . 80.78 -22.69 -20.15
CM8 SP2 HC . 81.31 -23.90 -20.86
C27 SP2 HC . 81.76 -22.00 -19.24
C28 SP2 HC . 81.38 -22.09 -17.76
C29 SP2 HC . 81.20 -23.51 -17.31
C30 SP2 HC . 82.15 -24.38 -16.99
CMB SP2 HC . 81.83 -25.81 -16.63
CM9 SP2 HC . 83.61 -24.05 -16.97
CMA SP2 IC . 58.33 -48.16 -33.00
O1 SP2 IC . 58.31 -48.75 -34.30
C1 SP2 IC . 57.09 -48.70 -35.03
CM1 SP2 IC . 56.71 -47.24 -35.26
CM2 SP2 IC . 56.00 -49.43 -34.27
C2 SP2 IC . 57.46 -49.43 -36.32
C3 SP2 IC . 56.44 -49.57 -37.47
C4 SP2 IC . 56.21 -48.32 -38.32
C5 SP2 IC . 56.30 -48.55 -39.82
CM3 SP2 IC . 55.38 -49.59 -40.36
C6 SP2 IC . 57.15 -47.82 -40.56
C7 SP2 IC . 57.30 -47.80 -41.99
C8 SP2 IC . 58.13 -46.94 -42.59
C9 SP2 IC . 58.33 -46.70 -44.02
CM4 SP2 IC . 57.37 -47.35 -44.98
C10 SP2 IC . 59.29 -45.83 -44.40
C11 SP2 IC . 59.62 -45.39 -45.74
C12 SP2 IC . 60.54 -44.45 -45.98
C13 SP2 IC . 60.92 -43.85 -47.25
CM5 SP2 IC . 60.57 -44.58 -48.51
C14 SP2 IC . 61.59 -42.67 -47.26
C15 SP2 IC . 61.96 -41.86 -48.39
C16 SP2 IC . 62.48 -40.61 -48.30
C17 SP2 IC . 62.77 -39.78 -49.45
C18 SP2 IC . 63.26 -38.52 -49.47
CM6 SP2 IC . 63.68 -37.79 -48.22
C19 SP2 IC . 63.37 -37.82 -50.75
C20 SP2 IC . 63.63 -36.51 -50.95
C21 SP2 IC . 63.65 -35.92 -52.26
C22 SP2 IC . 64.10 -34.68 -52.56
CM7 SP2 IC . 64.73 -33.75 -51.55
C23 SP2 IC . 64.02 -34.15 -53.98
C24 SP2 IC . 62.66 -33.48 -54.25
C25 SP2 IC . 62.36 -33.32 -55.71
C26 SP2 IC . 62.80 -32.40 -56.56
CM8 SP2 IC . 63.79 -31.32 -56.20
C27 SP2 IC . 62.32 -32.38 -58.00
C28 SP2 IC . 62.94 -31.32 -58.91
C29 SP2 IC . 62.70 -31.63 -60.36
C30 SP2 IC . 61.86 -31.06 -61.21
CMB SP2 IC . 61.74 -31.48 -62.64
CM9 SP2 IC . 60.94 -29.94 -60.81
MG BCL JC . 67.06 -38.60 -33.69
CHA BCL JC . 67.12 -39.36 -37.08
CHB BCL JC . 66.54 -35.34 -34.53
CHC BCL JC . 68.12 -37.66 -30.59
CHD BCL JC . 68.22 -41.81 -33.01
NA BCL JC . 66.89 -37.52 -35.58
C1A BCL JC . 66.83 -38.04 -36.87
C2A BCL JC . 66.36 -37.01 -37.85
C3A BCL JC . 66.40 -35.71 -37.05
C4A BCL JC . 66.58 -36.17 -35.64
CMA BCL JC . 67.53 -34.78 -37.48
CAA BCL JC . 64.94 -37.32 -38.41
CBA BCL JC . 64.42 -36.29 -39.44
CGA BCL JC . 63.22 -36.73 -40.21
O1A BCL JC . 62.81 -37.84 -40.30
O2A BCL JC . 62.62 -35.74 -40.85
NB BCL JC . 67.35 -36.79 -32.71
C1B BCL JC . 66.92 -35.55 -33.20
C2B BCL JC . 66.93 -34.59 -32.18
C3B BCL JC . 67.37 -35.22 -30.99
C4B BCL JC . 67.65 -36.60 -31.39
CMB BCL JC . 66.51 -33.15 -32.43
CAB BCL JC . 67.52 -34.73 -29.62
OBB BCL JC . 68.11 -35.38 -28.74
CBB BCL JC . 66.96 -33.42 -29.15
NC BCL JC . 68.01 -39.59 -32.04
C1C BCL JC . 68.36 -39.01 -30.86
C2C BCL JC . 68.83 -39.98 -29.83
C3C BCL JC . 68.73 -41.32 -30.57
C4C BCL JC . 68.41 -40.92 -31.98
CMC BCL JC . 70.22 -39.67 -29.31
CAC BCL JC . 67.70 -42.30 -29.94
CBC BCL JC . 68.23 -43.01 -28.71
ND BCL JC . 67.60 -40.24 -34.77
C1D BCL JC . 68.00 -41.52 -34.39
C2D BCL JC . 68.10 -42.38 -35.51
C3D BCL JC . 67.77 -41.59 -36.60
C4D BCL JC . 67.48 -40.32 -36.12
CMD BCL JC . 68.50 -43.83 -35.47
CAD BCL JC . 67.39 -41.60 -37.97
OBD BCL JC . 67.36 -42.55 -38.79
CBD BCL JC . 66.99 -40.17 -38.37
CGD BCL JC . 67.81 -39.75 -39.51
O1D BCL JC . 68.99 -39.46 -39.46
O2D BCL JC . 67.16 -39.71 -40.66
CED BCL JC . 67.92 -39.36 -41.85
C1 BCL JC . 61.46 -36.03 -41.70
C2 BCL JC . 60.78 -34.69 -41.92
C3 BCL JC . 60.59 -34.11 -43.08
C4 BCL JC . 61.02 -34.68 -44.43
C5 BCL JC . 59.87 -32.77 -43.17
C6 BCL JC . 60.76 -31.59 -43.60
C7 BCL JC . 60.05 -30.23 -43.50
C8 BCL JC . 60.78 -29.07 -44.20
C9 BCL JC . 60.29 -27.72 -43.65
C10 BCL JC . 60.60 -29.14 -45.72
C11 BCL JC . 61.35 -28.07 -46.52
C12 BCL JC . 61.25 -28.30 -48.04
C13 BCL JC . 61.85 -27.14 -48.88
C14 BCL JC . 61.37 -27.19 -50.33
C15 BCL JC . 63.40 -27.15 -48.87
C16 BCL JC . 64.09 -28.16 -49.80
C17 BCL JC . 65.63 -28.20 -49.68
C18 BCL JC . 66.35 -28.95 -50.79
C19 BCL JC . 65.80 -30.39 -50.81
C20 BCL JC . 67.89 -28.98 -50.62
MG BCL KC . 59.53 -53.77 -38.47
CHA BCL KC . 58.97 -54.78 -41.75
CHB BCL KC . 59.96 -50.61 -39.66
CHC BCL KC . 61.09 -52.92 -35.57
CHD BCL KC . 59.97 -57.13 -37.61
NA BCL KC . 59.44 -52.84 -40.46
C1A BCL KC . 59.22 -53.44 -41.69
C2A BCL KC . 59.01 -52.41 -42.76
C3A BCL KC . 59.52 -51.12 -42.11
C4A BCL KC . 59.71 -51.50 -40.66
CMA BCL KC . 60.83 -50.63 -42.73
CAA BCL KC . 57.54 -52.28 -43.18
CBA BCL KC . 57.30 -51.28 -44.32
CGA BCL KC . 55.86 -51.02 -44.54
O1A BCL KC . 55.14 -50.52 -43.74
O2A BCL KC . 55.45 -51.45 -45.72
NB BCL KC . 60.44 -52.05 -37.73
C1B BCL KC . 60.39 -50.79 -38.34
C2B BCL KC . 60.79 -49.79 -37.45
C3B BCL KC . 61.14 -50.42 -36.22
C4B BCL KC . 60.91 -51.85 -36.46
CMB BCL KC . 60.81 -48.33 -37.85
CAB BCL KC . 61.59 -49.87 -34.94
OBB BCL KC . 61.83 -50.58 -33.95
CBB BCL KC . 61.79 -48.39 -34.70
NC BCL KC . 60.37 -54.86 -36.82
C1C BCL KC . 61.03 -54.31 -35.77
C2C BCL KC . 61.32 -55.29 -34.68
C3C BCL KC . 60.97 -56.63 -35.33
C4C BCL KC . 60.50 -56.24 -36.71
CMC BCL KC . 62.75 -55.22 -34.17
CAC BCL KC . 59.92 -57.46 -34.54
CBC BCL KC . 60.50 -58.15 -33.32
ND BCL KC . 59.53 -55.58 -39.43
C1D BCL KC . 59.63 -56.89 -38.96
C2D BCL KC . 59.35 -57.84 -39.99
C3D BCL KC . 59.09 -57.07 -41.12
C4D BCL KC . 59.20 -55.73 -40.75
CMD BCL KC . 59.36 -59.33 -39.83
CAD BCL KC . 58.55 -57.09 -42.43
OBD BCL KC . 58.13 -58.03 -43.12
CBD BCL KC . 58.55 -55.63 -42.97
CGD BCL KC . 59.39 -55.57 -44.18
O1D BCL KC . 60.51 -56.03 -44.29
O2D BCL KC . 58.80 -54.95 -45.20
CED BCL KC . 59.43 -55.09 -46.51
C1 BCL KC . 54.04 -51.29 -46.09
C2 BCL KC . 53.81 -49.79 -46.27
C3 BCL KC . 53.81 -49.16 -47.42
C4 BCL KC . 54.01 -49.83 -48.78
C5 BCL KC . 53.60 -47.65 -47.48
C6 BCL KC . 54.75 -46.87 -48.09
C7 BCL KC . 54.70 -45.38 -47.77
C8 BCL KC . 55.75 -44.55 -48.50
C9 BCL KC . 55.73 -43.09 -48.00
C10 BCL KC . 55.53 -44.59 -50.02
C11 BCL KC . 56.40 -43.68 -50.86
C12 BCL KC . 56.34 -44.01 -52.36
C13 BCL KC . 57.18 -43.04 -53.20
C14 BCL KC . 56.40 -41.79 -53.57
C15 BCL KC . 57.67 -43.67 -54.52
C16 BCL KC . 58.70 -44.77 -54.42
C17 BCL KC . 59.40 -45.05 -55.76
C18 BCL KC . 60.44 -46.16 -55.69
C19 BCL KC . 59.69 -47.46 -55.28
C20 BCL KC . 61.58 -45.86 -54.71
CMA SP2 LC . 45.33 -59.25 -36.37
O1 SP2 LC . 45.53 -60.06 -37.54
C1 SP2 LC . 46.86 -60.43 -37.86
CM1 SP2 LC . 47.43 -61.27 -36.73
CM2 SP2 LC . 47.72 -59.20 -38.10
C2 SP2 LC . 46.67 -61.25 -39.13
C3 SP2 LC . 46.25 -60.49 -40.40
C4 SP2 LC . 45.71 -61.44 -41.45
C5 SP2 LC . 45.58 -60.84 -42.84
CM3 SP2 LC . 44.18 -60.50 -43.26
C6 SP2 LC . 46.65 -60.60 -43.62
C7 SP2 LC . 46.55 -60.17 -44.98
C8 SP2 LC . 47.62 -59.91 -45.76
C9 SP2 LC . 47.65 -59.57 -47.17
CM4 SP2 LC . 46.47 -59.96 -48.02
C10 SP2 LC . 48.74 -58.95 -47.68
C11 SP2 LC . 48.95 -58.56 -49.04
C12 SP2 LC . 50.03 -57.88 -49.50
C13 SP2 LC . 50.28 -57.46 -50.86
CM5 SP2 LC . 49.37 -57.98 -51.94
C14 SP2 LC . 51.33 -56.64 -51.13
C15 SP2 LC . 51.75 -56.11 -52.40
C16 SP2 LC . 52.68 -55.15 -52.57
C17 SP2 LC . 53.01 -54.55 -53.84
C18 SP2 LC . 53.92 -53.56 -54.08
CM6 SP2 LC . 54.84 -53.03 -53.02
C19 SP2 LC . 54.04 -53.03 -55.43
C20 SP2 LC . 54.68 -51.91 -55.81
C21 SP2 LC . 54.75 -51.45 -57.17
C22 SP2 LC . 55.52 -50.43 -57.61
CM7 SP2 LC . 56.39 -49.62 -56.69
C23 SP2 LC . 55.57 -50.03 -59.06
C24 SP2 LC . 54.27 -49.36 -59.57
C25 SP2 LC . 54.29 -49.20 -61.07
C26 SP2 LC . 54.75 -48.19 -61.79
CM8 SP2 LC . 55.36 -46.97 -61.19
C27 SP2 LC . 54.68 -48.21 -63.29
C28 SP2 LC . 53.58 -47.30 -63.90
C29 SP2 LC . 53.44 -47.54 -65.38
C30 SP2 LC . 53.02 -46.70 -66.31
CMB SP2 LC . 52.90 -47.09 -67.76
CM9 SP2 LC . 52.62 -45.29 -66.01
CMA SP2 MC . 32.53 -66.57 -36.10
O1 SP2 MC . 32.46 -67.40 -37.27
C1 SP2 MC . 33.67 -67.90 -37.80
CM1 SP2 MC . 34.34 -68.75 -36.73
CM2 SP2 MC . 34.58 -66.77 -38.24
C2 SP2 MC . 33.20 -68.76 -38.98
C3 SP2 MC . 32.55 -68.05 -40.16
C4 SP2 MC . 32.32 -69.03 -41.31
C5 SP2 MC . 31.88 -68.42 -42.62
CM3 SP2 MC . 30.46 -67.94 -42.66
C6 SP2 MC . 32.73 -68.37 -43.66
C7 SP2 MC . 32.44 -67.99 -45.02
C8 SP2 MC . 33.34 -68.15 -46.01
C9 SP2 MC . 33.19 -67.89 -47.44
CM4 SP2 MC . 31.80 -67.66 -47.97
C10 SP2 MC . 34.30 -67.83 -48.22
C11 SP2 MC . 34.41 -67.59 -49.64
C12 SP2 MC . 35.59 -67.50 -50.26
C13 SP2 MC . 35.87 -67.23 -51.67
CM5 SP2 MC . 34.74 -67.31 -52.66
C14 SP2 MC . 37.14 -66.86 -52.01
C15 SP2 MC . 37.65 -66.43 -53.29
C16 SP2 MC . 38.87 -65.85 -53.38
C17 SP2 MC . 39.54 -65.36 -54.56
C18 SP2 MC . 40.73 -64.69 -54.58
CM6 SP2 MC . 41.46 -64.34 -53.32
C19 SP2 MC . 41.34 -64.27 -55.83
C20 SP2 MC . 40.97 -63.81 -56.99
C21 SP2 MC . 41.93 -63.39 -57.98
C22 SP2 MC . 41.60 -62.82 -59.16
CM7 SP2 MC . 40.17 -62.59 -59.56
C23 SP2 MC . 42.63 -62.41 -60.19
C24 SP2 MC . 42.83 -60.89 -60.27
C25 SP2 MC . 43.61 -60.35 -59.10
C26 SP2 MC . 44.86 -59.90 -59.09
CM8 SP2 MC . 45.73 -59.85 -60.31
C27 SP2 MC . 45.50 -59.40 -57.81
C28 SP2 MC . 45.88 -57.92 -57.85
C29 SP2 MC . 46.50 -57.47 -56.56
C30 SP2 MC . 45.89 -57.00 -55.48
CMB SP2 MC . 46.63 -56.62 -54.23
CM9 SP2 MC . 44.40 -56.79 -55.42
MG BCL NC . 47.30 -66.36 -40.97
CHA BCL NC . 45.87 -67.28 -44.01
CHB BCL NC . 48.62 -63.65 -42.56
CHC BCL NC . 49.48 -65.97 -38.40
CHD BCL NC . 46.55 -69.54 -39.73
NA BCL NC . 47.26 -65.63 -43.03
C1A BCL NC . 46.50 -66.07 -44.10
C2A BCL NC . 46.24 -64.97 -45.09
C3A BCL NC . 47.35 -63.96 -44.75
C4A BCL NC . 47.82 -64.40 -43.40
CMA BCL NC . 48.48 -63.98 -45.78
CAA BCL NC . 44.84 -64.33 -44.94
CBA BCL NC . 43.90 -64.40 -46.15
CGA BCL NC . 43.90 -63.27 -47.12
O1A BCL NC . 44.84 -62.87 -47.70
O2A BCL NC . 42.67 -62.76 -47.33
NB BCL NC . 48.87 -65.07 -40.57
C1B BCL NC . 49.12 -63.89 -41.27
C2B BCL NC . 49.90 -63.01 -40.51
C3B BCL NC . 50.18 -63.64 -39.28
C4B BCL NC . 49.52 -64.95 -39.37
CMB BCL NC . 50.30 -61.64 -41.03
CAB BCL NC . 50.93 -63.20 -38.08
OBB BCL NC . 51.09 -63.93 -37.10
CBB BCL NC . 51.54 -61.83 -37.97
NC BCL NC . 47.90 -67.58 -39.30
C1C BCL NC . 48.88 -67.24 -38.41
C2C BCL NC . 49.01 -68.20 -37.29
C3C BCL NC . 48.04 -69.33 -37.69
C4C BCL NC . 47.51 -68.87 -39.02
CMC BCL NC . 50.44 -68.68 -37.08
CAC BCL NC . 46.92 -69.57 -36.64
CBC BCL NC . 47.38 -70.38 -35.45
ND BCL NC . 46.44 -68.07 -41.69
C1D BCL NC . 46.15 -69.30 -41.08
C2D BCL NC . 45.43 -70.15 -41.97
C3D BCL NC . 45.29 -69.42 -43.15
C4D BCL NC . 45.91 -68.19 -42.94
CMD BCL NC . 44.96 -71.54 -41.65
CAD BCL NC . 44.57 -69.31 -44.36
OBD BCL NC . 43.74 -70.07 -44.88
CBD BCL NC . 44.99 -67.98 -45.05
CGD BCL NC . 45.60 -68.29 -46.35
O1D BCL NC . 46.48 -69.10 -46.54
O2D BCL NC . 45.09 -67.59 -47.35
CED BCL NC . 45.59 -67.88 -48.68
C1 BCL NC . 42.44 -61.69 -48.30
C2 BCL NC . 42.90 -60.41 -47.63
C3 BCL NC . 43.03 -59.20 -48.14
C4 BCL NC . 43.51 -58.03 -47.32
C5 BCL NC . 42.66 -58.85 -49.61
C6 BCL NC . 41.72 -57.65 -49.85
C7 BCL NC . 42.41 -56.29 -49.99
C8 BCL NC . 41.49 -55.06 -49.97
C9 BCL NC . 40.93 -54.79 -51.39
C10 BCL NC . 42.22 -53.80 -49.44
C11 BCL NC . 41.30 -52.61 -49.24
C12 BCL NC . 41.68 -51.70 -48.06
C13 BCL NC . 41.59 -52.36 -46.67
C14 BCL NC . 40.15 -52.72 -46.30
C15 BCL NC . 42.14 -51.40 -45.59
C16 BCL NC . 42.22 -51.99 -44.18
C17 BCL NC . 42.96 -51.20 -43.08
C18 BCL NC . 43.12 -52.00 -41.79
C19 BCL NC . 43.18 -51.01 -40.62
C20 BCL NC . 44.38 -52.89 -41.79
CMA SP2 OC . 38.53 -61.38 -55.28
O1 SP2 OC . 39.06 -60.12 -54.87
C1 SP2 OC . 40.46 -59.87 -55.01
CM1 SP2 OC . 40.74 -58.48 -54.45
CM2 SP2 OC . 40.85 -59.94 -56.47
C2 SP2 OC . 41.12 -60.96 -54.18
C3 SP2 OC . 42.66 -60.98 -54.16
C4 SP2 OC . 43.22 -61.07 -52.73
C5 SP2 OC . 44.63 -61.64 -52.63
CM3 SP2 OC . 45.67 -60.91 -53.42
C6 SP2 OC . 44.93 -62.69 -51.84
C7 SP2 OC . 46.27 -63.24 -51.64
C8 SP2 OC . 46.57 -64.07 -50.62
C9 SP2 OC . 47.88 -64.63 -50.27
CM4 SP2 OC . 49.06 -64.22 -51.09
C10 SP2 OC . 47.96 -65.44 -49.18
C11 SP2 OC . 49.15 -66.08 -48.62
C12 SP2 OC . 49.10 -66.84 -47.51
C13 SP2 OC . 50.18 -67.52 -46.81
CM5 SP2 OC . 51.60 -67.21 -47.22
C14 SP2 OC . 49.88 -68.32 -45.75
C15 SP2 OC . 50.77 -69.08 -44.91
C16 SP2 OC . 50.31 -69.80 -43.86
C17 SP2 OC . 51.02 -70.65 -42.91
C18 SP2 OC . 50.52 -71.14 -41.76
CM6 SP2 OC . 49.15 -70.76 -41.31
C19 SP2 OC . 51.31 -71.95 -40.85
C20 SP2 OC . 52.52 -72.52 -40.99
C21 SP2 OC . 53.11 -73.24 -39.88
C22 SP2 OC . 54.34 -73.80 -39.78
CM7 SP2 OC . 55.29 -73.84 -40.93
C23 SP2 OC . 54.83 -74.42 -38.49
C24 SP2 OC . 55.09 -75.95 -38.51
C25 SP2 OC . 55.55 -76.46 -37.18
C26 SP2 OC . 56.73 -76.25 -36.59
CM8 SP2 OC . 57.85 -75.47 -37.23
C27 SP2 OC . 57.03 -76.80 -35.22
C28 SP2 OC . 57.66 -78.21 -35.26
C29 SP2 OC . 58.28 -78.60 -33.96
C30 SP2 OC . 59.43 -78.21 -33.44
CMB SP2 OC . 59.98 -78.76 -32.15
CM9 SP2 OC . 60.31 -77.18 -34.09
MG BCL PC . 31.67 -73.78 -40.24
CHA BCL PC . 29.49 -74.21 -42.92
CHB BCL PC . 33.64 -71.89 -42.30
CHC BCL PC . 34.21 -74.02 -38.02
CHD BCL PC . 30.20 -76.59 -38.73
NA BCL PC . 31.55 -73.16 -42.34
C1A BCL PC . 30.52 -73.38 -43.25
C2A BCL PC . 30.64 -72.46 -44.44
C3A BCL PC . 32.08 -71.92 -44.31
C4A BCL PC . 32.48 -72.33 -42.93
CMA BCL PC . 33.01 -72.50 -45.38
CAA BCL PC . 29.59 -71.33 -44.48
CBA BCL PC . 29.61 -70.49 -45.78
CGA BCL PC . 28.60 -69.38 -45.85
O1A BCL PC . 27.86 -69.09 -44.98
O2A BCL PC . 28.60 -68.68 -46.99
NB BCL PC . 33.64 -73.12 -40.19
C1B BCL PC . 34.19 -72.19 -41.06
C2B BCL PC . 35.33 -71.59 -40.51
C3B BCL PC . 35.54 -72.18 -39.24
C4B BCL PC . 34.47 -73.16 -39.09
CMB BCL PC . 36.11 -70.51 -41.24
CAB BCL PC . 36.56 -71.95 -38.20
OBB BCL PC . 36.54 -72.53 -37.10
CBB BCL PC . 37.72 -70.99 -38.37
NC BCL PC . 32.11 -75.09 -38.58
C1C BCL PC . 33.28 -75.07 -37.88
C2C BCL PC . 33.33 -76.06 -36.79
C3C BCL PC . 32.12 -76.95 -37.08
C4C BCL PC . 31.44 -76.23 -38.22
CMC BCL PC . 34.64 -76.83 -36.72
CAC BCL PC . 31.23 -77.18 -35.83
CBC BCL PC . 30.50 -75.93 -35.40
ND BCL PC . 30.22 -75.16 -40.69
C1D BCL PC . 29.64 -76.21 -39.96
C2D BCL PC . 28.50 -76.73 -40.62
C3D BCL PC . 28.39 -76.00 -41.81
C4D BCL PC . 29.43 -75.07 -41.81
CMD BCL PC . 27.62 -77.84 -40.12
CAD BCL PC . 27.57 -75.71 -42.92
OBD BCL PC . 26.47 -76.18 -43.26
CBD BCL PC . 28.26 -74.60 -43.76
CGD BCL PC . 28.49 -75.11 -45.12
O1D BCL PC . 29.09 -76.13 -45.41
O2D BCL PC . 27.97 -74.34 -46.07
CED BCL PC . 28.00 -74.82 -47.44
C1 BCL PC . 27.65 -67.56 -47.04
C2 BCL PC . 27.68 -66.99 -48.46
C3 BCL PC . 28.30 -65.93 -48.95
C4 BCL PC . 29.25 -65.04 -48.16
C5 BCL PC . 28.07 -65.49 -50.41
C6 BCL PC . 29.05 -64.49 -51.05
C7 BCL PC . 30.34 -65.14 -51.56
C8 BCL PC . 31.51 -64.20 -51.87
C9 BCL PC . 32.07 -63.61 -50.57
C10 BCL PC . 31.16 -63.04 -52.83
C11 BCL PC . 31.39 -63.19 -54.34
C12 BCL PC . 30.47 -64.19 -55.05
C13 BCL PC . 30.50 -63.99 -56.58
C14 BCL PC . 29.61 -62.84 -57.04
C15 BCL PC . 30.07 -65.29 -57.29
C16 BCL PC . 31.06 -66.45 -57.36
C17 BCL PC . 30.58 -67.66 -58.18
C18 BCL PC . 31.47 -68.88 -58.05
C19 BCL PC . 31.08 -69.81 -59.22
C20 BCL PC . 31.31 -69.62 -56.72
CMA SP2 QC . 6.36 -66.83 -31.24
O1 SP2 QC . 5.06 -67.38 -31.44
C1 SP2 QC . 4.20 -67.54 -30.31
CM1 SP2 QC . 3.91 -66.20 -29.67
CM2 SP2 QC . 4.88 -68.47 -29.33
C2 SP2 QC . 2.93 -68.18 -30.88
C3 SP2 QC . 2.05 -67.38 -31.86
C4 SP2 QC . 2.74 -66.96 -33.14
C5 SP2 QC . 1.81 -66.68 -34.29
CM3 SP2 QC . 0.67 -65.74 -33.99
C6 SP2 QC . 2.06 -67.21 -35.51
C7 SP2 QC . 1.35 -66.95 -36.72
C8 SP2 QC . 1.79 -67.39 -37.91
C9 SP2 QC . 1.27 -67.11 -39.23
CM4 SP2 QC . 0.16 -66.09 -39.35
C10 SP2 QC . 1.88 -67.67 -40.30
C11 SP2 QC . 1.62 -67.44 -41.70
C12 SP2 QC . 2.43 -67.88 -42.67
C13 SP2 QC . 2.32 -67.67 -44.10
CM5 SP2 QC . 1.36 -66.62 -44.59
C14 SP2 QC . 3.15 -68.35 -44.94
C15 SP2 QC . 3.23 -68.27 -46.38
C16 SP2 QC . 4.23 -68.82 -47.11
C17 SP2 QC . 4.30 -68.73 -48.54
C18 SP2 QC . 5.30 -69.18 -49.35
CM6 SP2 QC . 6.51 -69.91 -48.83
C19 SP2 QC . 5.20 -68.95 -50.79
C20 SP2 QC . 6.15 -69.09 -51.71
C21 SP2 QC . 5.96 -68.79 -53.10
C22 SP2 QC . 6.83 -69.07 -54.09
CM7 SP2 QC . 8.14 -69.78 -53.85
C23 SP2 QC . 6.52 -68.72 -55.53
C24 SP2 QC . 6.24 -67.22 -55.71
C25 SP2 QC . 5.56 -66.90 -57.01
C26 SP2 QC . 6.11 -66.58 -58.18
CM8 SP2 QC . 7.59 -66.65 -58.45
C27 SP2 QC . 5.27 -66.08 -59.33
C28 SP2 QC . 5.73 -66.44 -60.75
C29 SP2 QC . 4.67 -66.10 -61.77
C30 SP2 QC . 4.61 -65.03 -62.55
CMB SP2 QC . 3.45 -64.77 -63.46
CM9 SP2 QC . 5.67 -63.98 -62.59
CMA SP2 RC . 26.21 -63.75 -53.40
O1 SP2 RC . 25.17 -64.20 -54.26
C1 SP2 RC . 25.30 -65.42 -55.01
CM1 SP2 RC . 26.51 -65.33 -55.94
CM2 SP2 RC . 24.02 -65.57 -55.82
C2 SP2 RC . 25.44 -66.55 -53.99
C3 SP2 RC . 26.84 -67.12 -53.68
C4 SP2 RC . 26.74 -68.35 -52.78
C5 SP2 RC . 27.99 -69.20 -52.71
CM3 SP2 RC . 28.46 -69.75 -54.03
C6 SP2 RC . 28.61 -69.52 -51.56
C7 SP2 RC . 29.73 -70.43 -51.47
C8 SP2 RC . 30.11 -71.05 -50.34
C9 SP2 RC . 31.12 -72.07 -50.14
CM4 SP2 RC . 32.28 -72.13 -51.10
C10 SP2 RC . 30.99 -72.93 -49.09
C11 SP2 RC . 31.86 -74.03 -48.74
C12 SP2 RC . 31.71 -74.74 -47.60
C13 SP2 RC . 32.54 -75.82 -47.09
CM5 SP2 RC . 33.54 -76.45 -48.01
C14 SP2 RC . 32.33 -76.26 -45.82
C15 SP2 RC . 32.99 -77.34 -45.13
C16 SP2 RC . 32.68 -77.69 -43.85
C17 SP2 RC . 33.24 -78.82 -43.13
C18 SP2 RC . 32.90 -79.25 -41.90
CM6 SP2 RC . 31.82 -78.58 -41.07
C19 SP2 RC . 33.51 -80.44 -41.33
C20 SP2 RC . 33.47 -80.86 -40.06
C21 SP2 RC . 34.06 -82.07 -39.57
C22 SP2 RC . 34.03 -82.41 -38.27
CM7 SP2 RC . 33.44 -81.51 -37.22
C23 SP2 RC . 34.56 -83.73 -37.75
C24 SP2 RC . 35.95 -84.10 -38.28
C25 SP2 RC . 36.51 -85.31 -37.59
C26 SP2 RC . 37.78 -85.67 -37.49
CM8 SP2 RC . 38.91 -84.90 -38.12
C27 SP2 RC . 38.20 -86.88 -36.67
C28 SP2 RC . 38.60 -88.15 -37.46
C29 SP2 RC . 39.84 -88.00 -38.30
C30 SP2 RC . 41.09 -87.76 -37.92
CMB SP2 RC . 42.20 -87.54 -38.91
CM9 SP2 RC . 41.52 -87.72 -36.49
MG BCL SC . 14.43 -75.15 -36.96
CHA BCL SC . 11.91 -74.86 -39.35
CHB BCL SC . 16.61 -73.94 -39.28
CHC BCL SC . 17.02 -76.30 -35.10
CHD BCL SC . 12.28 -77.15 -35.06
NA BCL SC . 14.25 -74.50 -39.04
C1A BCL SC . 13.11 -74.39 -39.83
C2A BCL SC . 13.37 -73.60 -41.09
C3A BCL SC . 14.90 -73.47 -41.10
C4A BCL SC . 15.32 -74.00 -39.76
CMA BCL SC . 15.56 -74.25 -42.24
CAA BCL SC . 12.69 -72.22 -41.15
CBA BCL SC . 12.88 -71.49 -42.50
CGA BCL SC . 12.56 -70.03 -42.52
O1A BCL SC . 12.59 -69.31 -41.59
O2A BCL SC . 12.24 -69.56 -43.72
NB BCL SC . 16.49 -75.19 -37.17
C1B BCL SC . 17.21 -74.48 -38.14
C2B BCL SC . 18.55 -74.35 -37.78
C3B BCL SC . 18.73 -75.03 -36.55
C4B BCL SC . 17.40 -75.56 -36.22
CMB BCL SC . 19.54 -73.60 -38.65
CAB BCL SC . 19.91 -75.21 -35.69
OBB BCL SC . 19.85 -75.80 -34.60
CBB BCL SC . 21.28 -74.69 -36.05
NC BCL SC . 14.61 -76.51 -35.31
C1C BCL SC . 15.79 -76.87 -34.72
C2C BCL SC . 15.60 -77.64 -33.47
C3C BCL SC . 14.08 -77.87 -33.43
C4C BCL SC . 13.61 -77.25 -34.71
CMC BCL SC . 16.42 -78.92 -33.41
CAC BCL SC . 13.40 -77.29 -32.17
CBC BCL SC . 13.60 -78.13 -30.93
ND BCL SC . 12.54 -75.90 -37.14
C1D BCL SC . 11.73 -76.64 -36.27
C2D BCL SC . 10.41 -76.76 -36.76
C3D BCL SC . 10.42 -76.08 -37.99
C4D BCL SC . 11.70 -75.59 -38.17
CMD BCL SC . 9.28 -77.48 -36.08
CAD BCL SC . 9.60 -75.52 -38.99
OBD BCL SC . 8.37 -75.53 -39.14
CBD BCL SC . 10.52 -74.80 -40.01
CGD BCL SC . 10.38 -75.42 -41.34
O1D BCL SC . 10.27 -76.61 -41.55
O2D BCL SC . 10.37 -74.54 -42.33
CED BCL SC . 10.00 -75.02 -43.65
C1 BCL SC . 11.93 -68.13 -43.82
C2 BCL SC . 11.43 -67.90 -45.24
C3 BCL SC . 11.89 -67.10 -46.19
C4 BCL SC . 11.24 -66.98 -47.57
C5 BCL SC . 13.14 -66.22 -45.98
C6 BCL SC . 13.86 -65.64 -47.22
C7 BCL SC . 14.67 -66.68 -48.03
C8 BCL SC . 15.73 -66.15 -49.00
C9 BCL SC . 16.87 -65.44 -48.23
C10 BCL SC . 15.16 -65.20 -50.08
C11 BCL SC . 14.56 -65.83 -51.33
C12 BCL SC . 15.58 -65.95 -52.46
C13 BCL SC . 15.02 -66.16 -53.88
C14 BCL SC . 14.03 -65.05 -54.28
C15 BCL SC . 14.31 -67.52 -54.00
C16 BCL SC . 14.14 -68.02 -55.44
C17 BCL SC . 13.59 -69.46 -55.63
C18 BCL SC . 12.10 -69.60 -55.42
C19 BCL SC . 11.80 -71.11 -55.50
C20 BCL SC . 11.25 -68.82 -56.45
CMA SP2 TC . 11.63 -63.77 -51.11
O1 SP2 TC . 11.15 -65.10 -50.89
C1 SP2 TC . 9.96 -65.48 -51.56
CM1 SP2 TC . 10.22 -65.51 -53.06
CM2 SP2 TC . 8.84 -64.52 -51.23
C2 SP2 TC . 9.66 -66.88 -51.02
C3 SP2 TC . 10.80 -67.92 -51.09
C4 SP2 TC . 10.37 -69.25 -50.49
C5 SP2 TC . 11.51 -70.19 -50.21
CM3 SP2 TC . 12.01 -70.97 -51.38
C6 SP2 TC . 12.03 -70.35 -48.97
C7 SP2 TC . 13.02 -71.33 -48.68
C8 SP2 TC . 13.26 -71.79 -47.45
C9 SP2 TC . 14.07 -72.91 -47.01
CM4 SP2 TC . 15.37 -73.18 -47.70
C10 SP2 TC . 13.59 -73.70 -46.01
C11 SP2 TC . 14.16 -74.92 -45.52
C12 SP2 TC . 13.60 -75.68 -44.56
C13 SP2 TC . 14.12 -76.90 -43.96
CM5 SP2 TC . 15.14 -77.68 -44.74
C14 SP2 TC . 13.67 -77.29 -42.74
C15 SP2 TC . 14.08 -78.45 -41.99
C16 SP2 TC . 13.68 -78.73 -40.72
C17 SP2 TC . 14.09 -79.92 -40.01
C18 SP2 TC . 13.78 -80.28 -38.74
CM6 SP2 TC . 12.92 -79.42 -37.84
C19 SP2 TC . 14.23 -81.56 -38.23
C20 SP2 TC . 14.09 -82.02 -36.97
C21 SP2 TC . 14.55 -83.31 -36.55
C22 SP2 TC . 14.34 -83.79 -35.31
CM7 SP2 TC . 13.65 -83.00 -34.23
C23 SP2 TC . 14.81 -85.16 -34.91
C24 SP2 TC . 14.07 -86.32 -35.58
C25 SP2 TC . 14.81 -87.59 -35.31
C26 SP2 TC . 14.60 -88.51 -34.38
CM8 SP2 TC . 13.34 -88.61 -33.56
C27 SP2 TC . 15.67 -89.51 -34.04
C28 SP2 TC . 16.84 -88.75 -33.40
C29 SP2 TC . 17.91 -89.64 -32.85
C30 SP2 TC . 17.92 -90.27 -31.69
CMB SP2 TC . 19.07 -91.12 -31.24
CM9 SP2 TC . 16.79 -90.18 -30.70
MG BCL UC . -1.70 -70.90 -31.62
CHA BCL UC . -4.31 -70.08 -33.74
CHB BCL UC . 0.43 -70.39 -34.25
CHC BCL UC . 0.76 -72.46 -29.91
CHD BCL UC . -4.02 -72.43 -29.49
NA BCL UC . -1.95 -70.29 -33.71
C1A BCL UC . -3.12 -69.99 -34.40
C2A BCL UC . -2.82 -69.34 -35.71
C3A BCL UC . -1.35 -69.73 -35.96
C4A BCL UC . -0.88 -70.18 -34.60
CMA BCL UC . -1.21 -70.83 -37.00
CAA BCL UC . -3.03 -67.82 -35.72
CBA BCL UC . -3.02 -67.18 -37.13
CGA BCL UC . -2.96 -65.69 -37.16
O1A BCL UC . -2.37 -65.02 -36.39
O2A BCL UC . -3.65 -65.18 -38.18
NB BCL UC . 0.27 -71.40 -32.02
C1B BCL UC . 1.00 -70.99 -33.14
C2B BCL UC . 2.37 -71.24 -32.95
C3B BCL UC . 2.53 -71.86 -31.69
C4B BCL UC . 1.18 -71.94 -31.15
CMB BCL UC . 3.40 -70.85 -34.00
CAB BCL UC . 3.72 -72.34 -30.97
OBB BCL UC . 3.68 -72.76 -29.81
CBB BCL UC . 5.11 -72.35 -31.59
NC BCL UC . -1.64 -72.23 -29.93
C1C BCL UC . -0.51 -72.79 -29.41
C2C BCL UC . -0.72 -73.40 -28.08
C3C BCL UC . -2.25 -73.44 -27.96
C4C BCL UC . -2.72 -72.77 -29.24
CMC BCL UC . -0.07 -74.76 -27.96
CAC BCL UC . -2.80 -72.75 -26.69
CBC BCL UC . -2.63 -73.59 -25.44
ND BCL UC . -3.71 -71.24 -31.59
C1D BCL UC . -4.57 -71.81 -30.64
C2D BCL UC . -5.93 -71.65 -31.01
C3D BCL UC . -5.90 -70.98 -32.23
C4D BCL UC . -4.57 -70.75 -32.55
CMD BCL UC . -7.12 -72.14 -30.22
CAD BCL UC . -6.67 -70.25 -33.17
OBD BCL UC . -7.89 -69.98 -33.19
CBD BCL UC . -5.72 -69.76 -34.29
CGD BCL UC . -6.08 -70.37 -35.57
O1D BCL UC . -6.15 -71.58 -35.77
O2D BCL UC . -6.36 -69.50 -36.52
CED BCL UC . -6.70 -70.02 -37.84
C1 BCL UC . -3.67 -63.73 -38.40
C2 BCL UC . -2.32 -63.34 -38.98
C3 BCL UC . -2.12 -63.25 -40.29
C4 BCL UC . -3.19 -63.51 -41.34
C5 BCL UC . -0.76 -62.86 -40.88
C6 BCL UC . -0.70 -61.45 -41.49
C7 BCL UC . 0.64 -61.13 -42.14
C8 BCL UC . 0.90 -61.81 -43.48
C9 BCL UC . 2.27 -62.53 -43.49
C10 BCL UC . 0.83 -60.79 -44.63
C11 BCL UC . -0.50 -60.13 -44.91
C12 BCL UC . -1.55 -61.05 -45.57
C13 BCL UC . -1.32 -61.29 -47.07
C14 BCL UC . -1.92 -60.18 -47.93
C15 BCL UC . -1.98 -62.63 -47.46
C16 BCL UC . -1.75 -63.15 -48.90
C17 BCL UC . -2.27 -64.55 -49.26
C18 BCL UC . -3.56 -64.63 -50.08
C19 BCL UC . -4.73 -64.08 -49.23
C20 BCL UC . -3.91 -66.05 -50.55
CMA SP2 VC . -16.56 -50.24 -15.79
O1 SP2 VC . -16.31 -50.53 -17.17
C1 SP2 VC . -16.48 -49.51 -18.13
CM1 SP2 VC . -16.14 -50.09 -19.49
CM2 SP2 VC . -15.59 -48.33 -17.80
C2 SP2 VC . -17.97 -49.17 -18.02
C3 SP2 VC . -18.68 -48.64 -19.28
C4 SP2 VC . -18.19 -47.28 -19.78
C5 SP2 VC . -19.02 -46.71 -20.90
CM3 SP2 VC . -19.37 -45.26 -20.76
C6 SP2 VC . -19.38 -47.44 -21.97
C7 SP2 VC . -20.05 -46.92 -23.12
C8 SP2 VC . -20.37 -47.68 -24.18
C9 SP2 VC . -20.93 -47.23 -25.45
CM4 SP2 VC . -21.04 -45.75 -25.69
C10 SP2 VC . -21.18 -48.15 -26.42
C11 SP2 VC . -21.60 -47.90 -27.77
C12 SP2 VC . -21.60 -48.81 -28.76
C13 SP2 VC . -21.91 -48.59 -30.16
CM5 SP2 VC . -21.85 -47.19 -30.69
C14 SP2 VC . -22.11 -49.65 -30.98
C15 SP2 VC . -22.35 -49.63 -32.39
C16 SP2 VC . -22.19 -50.66 -33.24
C17 SP2 VC . -22.39 -50.55 -34.67
C18 SP2 VC . -22.04 -51.43 -35.63
CM6 SP2 VC . -21.37 -52.74 -35.34
C19 SP2 VC . -22.27 -51.07 -37.03
C20 SP2 VC . -21.95 -51.78 -38.13
C21 SP2 VC . -22.26 -51.35 -39.47
C22 SP2 VC . -22.09 -52.08 -40.58
CM7 SP2 VC . -21.48 -53.45 -40.54
C23 SP2 VC . -22.49 -51.59 -41.95
C24 SP2 VC . -21.94 -50.21 -42.35
C25 SP2 VC . -22.62 -49.67 -43.58
C26 SP2 VC . -22.32 -49.93 -44.85
CM8 SP2 VC . -21.22 -50.83 -45.30
C27 SP2 VC . -23.17 -49.34 -45.97
C28 SP2 VC . -22.43 -48.38 -46.91
C29 SP2 VC . -23.38 -47.71 -47.87
C30 SP2 VC . -23.11 -47.15 -49.04
CMB SP2 VC . -24.15 -46.43 -49.86
CM9 SP2 VC . -21.76 -47.21 -49.67
MG BCL WC . -15.25 -61.88 -24.68
CHA BCL WC . -17.78 -60.27 -26.45
CHB BCL WC . -13.55 -62.18 -27.62
CHC BCL WC . -13.28 -64.27 -23.28
CHD BCL WC . -17.48 -62.29 -22.02
NA BCL WC . -15.64 -61.28 -26.76
C1A BCL WC . -16.73 -60.61 -27.28
C2A BCL WC . -16.47 -60.13 -28.69
C3A BCL WC . -15.18 -60.88 -29.07
C4A BCL WC . -14.75 -61.54 -27.79
CMA BCL WC . -15.39 -61.90 -30.18
CAA BCL WC . -16.30 -58.61 -28.82
CBA BCL WC . -15.93 -58.12 -30.23
CGA BCL WC . -15.79 -56.64 -30.33
O1A BCL WC . -16.26 -55.86 -29.56
O2A BCL WC . -15.01 -56.23 -31.32
NB BCL WC . -13.69 -63.09 -25.35
C1B BCL WC . -13.02 -62.93 -26.56
C2B BCL WC . -11.78 -63.57 -26.53
C3B BCL WC . -11.64 -64.20 -25.28
C4B BCL WC . -12.90 -63.89 -24.57
CMB BCL WC . -10.84 -63.53 -27.74
CAB BCL WC . -10.55 -64.97 -24.68
OBB BCL WC . -10.62 -65.49 -23.56
CBB BCL WC . -9.22 -65.21 -25.39
NC BCL WC . -15.36 -63.08 -22.89
C1C BCL WC . -14.47 -64.05 -22.55
C2C BCL WC . -14.71 -64.62 -21.19
C3C BCL WC . -16.03 -63.95 -20.77
C4C BCL WC . -16.40 -63.13 -21.99
CMC BCL WC . -14.76 -66.13 -21.16
CAC BCL WC . -15.93 -63.10 -19.49
CBC BCL WC . -15.87 -63.93 -18.22
ND BCL WC . -17.21 -61.45 -24.30
C1D BCL WC . -17.99 -61.57 -23.14
C2D BCL WC . -19.23 -60.91 -23.28
C3D BCL WC . -19.22 -60.38 -24.56
C4D BCL WC . -18.00 -60.71 -25.14
CMD BCL WC . -20.32 -60.84 -22.23
CAD BCL WC . -19.86 -59.49 -25.45
OBD BCL WC . -20.95 -58.87 -25.35
CBD BCL WC . -18.99 -59.35 -26.73
CGD BCL WC . -19.81 -59.60 -27.92
O1D BCL WC . -20.19 -60.69 -28.30
O2D BCL WC . -20.12 -58.50 -28.57
CED BCL WC . -20.77 -58.63 -29.86
C1 BCL WC . -14.69 -54.81 -31.40
C2 BCL WC . -13.94 -54.60 -32.72
C3 BCL WC . -14.52 -54.25 -33.85
C4 BCL WC . -16.02 -53.98 -34.00
C5 BCL WC . -13.74 -54.10 -35.16
C6 BCL WC . -12.23 -54.40 -35.12
C7 BCL WC . -11.58 -54.24 -36.49
C8 BCL WC . -12.19 -55.07 -37.63
C9 BCL WC . -12.07 -56.58 -37.33
C10 BCL WC . -11.51 -54.77 -38.97
C11 BCL WC . -12.30 -55.03 -40.26
C12 BCL WC . -13.41 -53.98 -40.48
C13 BCL WC . -13.76 -53.76 -41.97
C14 BCL WC . -14.61 -52.50 -42.19
C15 BCL WC . -14.50 -54.98 -42.58
C16 BCL WC . -15.95 -55.22 -42.13
C17 BCL WC . -16.70 -56.40 -42.80
C18 BCL WC . -18.15 -56.57 -42.34
C19 BCL WC . -18.69 -57.82 -43.06
C20 BCL WC . -19.04 -55.37 -42.64
MG BCL XC . -22.92 -48.37 -16.34
CHA BCL XC . -24.74 -45.76 -17.67
CHB BCL XC . -22.24 -49.38 -19.53
CHC BCL XC . -21.90 -51.39 -15.16
CHD BCL XC . -24.55 -47.85 -13.27
NA BCL XC . -23.43 -47.62 -18.33
C1A BCL XC . -24.24 -46.55 -18.67
C2A BCL XC . -24.17 -46.24 -20.14
C3A BCL XC . -23.57 -47.54 -20.72
C4A BCL XC . -23.08 -48.28 -19.50
CMA BCL XC . -24.60 -48.34 -21.52
CAA BCL XC . -23.27 -45.03 -20.47
CBA BCL XC . -23.16 -44.72 -21.97
CGA BCL XC . -22.44 -43.45 -22.28
O1A BCL XC . -22.35 -42.52 -21.55
O2A BCL XC . -21.87 -43.47 -23.47
NB BCL XC . -22.24 -50.13 -17.20
C1B BCL XC . -21.85 -50.27 -18.53
C2B BCL XC . -20.99 -51.37 -18.69
C3B BCL XC . -20.85 -51.99 -17.43
C4B BCL XC . -21.69 -51.20 -16.53
CMB BCL XC . -20.41 -51.76 -20.05
CAB BCL XC . -20.04 -53.13 -16.98
OBB BCL XC . -20.22 -53.67 -15.87
CBB BCL XC . -18.92 -53.71 -17.80
NC BCL XC . -23.16 -49.44 -14.48
C1C BCL XC . -22.73 -50.71 -14.25
C2C BCL XC . -22.99 -51.18 -12.85
C3C BCL XC . -23.59 -49.93 -12.20
C4C BCL XC . -23.93 -49.07 -13.38
CMC BCL XC . -23.88 -52.40 -12.78
CAC BCL XC . -22.66 -49.22 -11.19
CBC BCL XC . -22.74 -49.80 -9.78
ND BCL XC . -24.37 -47.14 -15.60
C1D BCL XC . -24.88 -46.94 -14.31
C2D BCL XC . -25.66 -45.76 -14.24
C3D BCL XC . -25.66 -45.24 -15.53
C4D BCL XC . -24.88 -46.10 -16.32
CMD BCL XC . -26.33 -45.22 -13.01
CAD BCL XC . -25.92 -44.10 -16.33
OBD BCL XC . -26.46 -43.02 -16.03
CBD BCL XC . -25.44 -44.40 -17.78
CGD BCL XC . -26.57 -44.29 -18.72
O1D BCL XC . -27.60 -44.93 -18.66
O2D BCL XC . -26.37 -43.40 -19.67
CED BCL XC . -27.41 -43.23 -20.67
C1 BCL XC . -21.10 -42.31 -23.92
C2 BCL XC . -22.10 -41.24 -24.34
C3 BCL XC . -22.12 -40.59 -25.49
C4 BCL XC . -23.16 -39.53 -25.85
C5 BCL XC . -21.08 -40.82 -26.58
C6 BCL XC . -21.42 -41.92 -27.58
C7 BCL XC . -20.24 -42.56 -28.29
C8 BCL XC . -19.20 -41.65 -28.96
C9 BCL XC . -19.85 -40.65 -29.95
C10 BCL XC . -18.08 -42.49 -29.62
C11 BCL XC . -18.15 -42.85 -31.12
C12 BCL XC . -19.37 -43.69 -31.54
C13 BCL XC . -19.37 -44.21 -32.99
C14 BCL XC . -18.53 -43.35 -33.95
C15 BCL XC . -20.83 -44.24 -33.49
C16 BCL XC . -21.44 -42.92 -34.00
C17 BCL XC . -22.98 -42.84 -34.14
C18 BCL XC . -23.41 -41.91 -35.27
C19 BCL XC . -24.87 -41.51 -34.98
C20 BCL XC . -23.31 -42.54 -36.65
CMA SP2 YC . 19.77 1.78 -4.28
O1 SP2 YC . 19.05 2.96 -3.93
C1 SP2 YC . 17.90 2.82 -3.09
CM1 SP2 YC . 18.33 2.30 -1.73
CM2 SP2 YC . 16.88 1.90 -3.72
C2 SP2 YC . 17.39 4.25 -2.99
C3 SP2 YC . 17.12 5.01 -4.31
C4 SP2 YC . 18.19 6.05 -4.58
C5 SP2 YC . 17.92 6.94 -5.78
CM3 SP2 YC . 19.05 7.06 -6.75
C6 SP2 YC . 16.74 7.58 -5.96
C7 SP2 YC . 16.47 8.52 -7.01
C8 SP2 YC . 15.30 9.17 -7.12
C9 SP2 YC . 14.91 10.17 -8.11
CM4 SP2 YC . 16.00 10.83 -8.91
C10 SP2 YC . 13.60 10.54 -8.20
C11 SP2 YC . 13.02 11.54 -9.06
C12 SP2 YC . 11.69 11.79 -9.13
C13 SP2 YC . 11.01 12.80 -9.92
CM5 SP2 YC . 11.86 13.71 -10.79
C14 SP2 YC . 9.67 12.89 -9.87
C15 SP2 YC . 8.79 13.79 -10.59
C16 SP2 YC . 7.45 13.62 -10.68
C17 SP2 YC . 6.55 14.49 -11.40
C18 SP2 YC . 5.22 14.33 -11.55
CM6 SP2 YC . 4.45 13.21 -10.91
C19 SP2 YC . 4.46 15.32 -12.31
C20 SP2 YC . 3.20 15.22 -12.74
C21 SP2 YC . 2.50 16.25 -13.45
C22 SP2 YC . 1.22 16.17 -13.82
CM7 SP2 YC . 0.41 14.92 -13.65
C23 SP2 YC . 0.51 17.32 -14.51
C24 SP2 YC . -0.29 18.21 -13.54
C25 SP2 YC . -1.56 17.56 -13.06
C26 SP2 YC . -2.05 17.53 -11.84
CM8 SP2 YC . -1.43 18.22 -10.66
C27 SP2 YC . -3.32 16.77 -11.54
C28 SP2 YC . -3.16 15.26 -11.82
C29 SP2 YC . -4.47 14.63 -12.21
C30 SP2 YC . -5.33 14.01 -11.42
CMB SP2 YC . -6.59 13.38 -11.95
CM9 SP2 YC . -5.15 13.89 -9.94
MG BCL ZC . 11.61 7.64 0.72
CHA BCL ZC . 9.76 7.13 -2.16
CHB BCL ZC . 13.36 10.05 -0.95
CHC BCL ZC . 13.96 7.61 3.17
CHD BCL ZC . 10.43 4.59 1.94
NA BCL ZC . 11.56 8.44 -1.31
C1A BCL ZC . 10.62 8.20 -2.29
C2A BCL ZC . 10.65 9.23 -3.38
C3A BCL ZC . 11.83 10.14 -2.97
C4A BCL ZC . 12.31 9.55 -1.69
CMA BCL ZC . 12.95 10.14 -4.01
CAA BCL ZC . 9.29 9.96 -3.56
CBA BCL ZC . 9.20 11.43 -4.04
CGA BCL ZC . 10.07 11.75 -5.19
O1A BCL ZC . 10.20 11.12 -6.17
O2A BCL ZC . 10.71 12.85 -4.94
NB BCL ZC . 13.40 8.65 1.05
C1B BCL ZC . 13.93 9.65 0.26
C2B BCL ZC . 15.09 10.19 0.85
C3B BCL ZC . 15.30 9.52 2.07
C4B BCL ZC . 14.21 8.54 2.14
CMB BCL ZC . 15.90 11.30 0.18
CAB BCL ZC . 16.30 9.68 3.13
OBB BCL ZC . 16.23 9.08 4.21
CBB BCL ZC . 17.50 10.59 2.99
NC BCL ZC . 12.11 6.29 2.32
C1C BCL ZC . 13.13 6.48 3.20
C2C BCL ZC . 13.09 5.53 4.35
C3C BCL ZC . 12.00 4.54 3.93
C4C BCL ZC . 11.50 5.09 2.62
CMC BCL ZC . 14.43 4.87 4.62
CAC BCL ZC . 10.89 4.35 5.00
CBC BCL ZC . 11.35 3.60 6.22
ND BCL ZC . 10.39 6.15 0.07
C1D BCL ZC . 9.95 4.97 0.65
C2D BCL ZC . 9.03 4.28 -0.18
C3D BCL ZC . 8.91 5.08 -1.31
C4D BCL ZC . 9.73 6.19 -1.13
CMD BCL ZC . 8.37 2.97 0.13
CAD BCL ZC . 8.22 5.28 -2.53
OBD BCL ZC . 7.40 4.55 -3.13
CBD BCL ZC . 8.65 6.66 -3.11
CGD BCL ZC . 8.98 6.55 -4.53
O1D BCL ZC . 10.04 6.15 -4.98
O2D BCL ZC . 8.01 6.94 -5.35
CED BCL ZC . 8.32 7.11 -6.75
C1 BCL ZC . 11.79 13.36 -5.78
C2 BCL ZC . 11.97 14.78 -5.31
C3 BCL ZC . 11.34 15.82 -5.81
C4 BCL ZC . 10.35 15.75 -6.97
C5 BCL ZC . 11.48 17.20 -5.18
C6 BCL ZC . 11.90 17.22 -3.72
C7 BCL ZC . 11.64 18.58 -3.06
C8 BCL ZC . 12.06 18.71 -1.59
C9 BCL ZC . 11.44 19.99 -0.99
C10 BCL ZC . 13.60 18.72 -1.43
C11 BCL ZC . 14.06 19.03 0.01
C12 BCL ZC . 15.46 18.49 0.35
C13 BCL ZC . 16.67 19.06 -0.41
C14 BCL ZC . 17.96 18.30 -0.06
C15 BCL ZC . 16.90 20.55 -0.09
C16 BCL ZC . 18.03 21.27 -0.86
C17 BCL ZC . 18.33 22.73 -0.50
C18 BCL ZC . 19.59 23.30 -1.16
C19 BCL ZC . 19.83 24.69 -0.52
C20 BCL ZC . 19.49 23.44 -2.67
MG BCL AD . 29.02 11.50 -2.00
CHA BCL AD . 26.62 11.37 -4.48
CHB BCL AD . 31.13 12.91 -4.28
CHC BCL AD . 31.61 10.94 0.10
CHD BCL AD . 27.14 9.19 -0.15
NA BCL AD . 28.86 12.03 -4.11
C1A BCL AD . 27.75 11.98 -4.92
C2A BCL AD . 27.90 12.89 -6.10
C3A BCL AD . 29.42 13.09 -6.16
C4A BCL AD . 29.87 12.69 -4.80
CMA BCL AD . 30.08 12.23 -7.25
CAA BCL AD . 27.13 14.20 -5.93
CBA BCL AD . 26.55 14.77 -7.23
CGA BCL AD . 27.34 15.76 -8.00
O1A BCL AD . 26.97 16.85 -8.27
O2A BCL AD . 28.46 15.26 -8.47
NB BCL AD . 31.06 11.83 -2.08
C1B BCL AD . 31.74 12.50 -3.09
C2B BCL AD . 33.08 12.71 -2.74
C3B BCL AD . 33.27 12.15 -1.46
C4B BCL AD . 31.97 11.60 -1.09
CMB BCL AD . 34.06 13.41 -3.67
CAB BCL AD . 34.45 12.08 -0.59
OBB BCL AD . 34.36 11.77 0.61
CBB BCL AD . 35.85 12.36 -1.07
NC BCL AD . 29.32 10.26 -0.27
C1C BCL AD . 30.49 10.18 0.43
C2C BCL AD . 30.35 9.44 1.71
C3C BCL AD . 28.96 8.82 1.60
C4C BCL AD . 28.43 9.38 0.30
CMC BCL AD . 31.46 8.41 1.94
CAC BCL AD . 28.05 9.10 2.82
CBC BCL AD . 28.42 8.27 4.03
ND BCL AD . 27.28 10.47 -2.22
C1D BCL AD . 26.59 9.57 -1.40
C2D BCL AD . 25.36 9.17 -2.00
C3D BCL AD . 25.31 9.84 -3.22
C4D BCL AD . 26.46 10.61 -3.32
CMD BCL AD . 24.37 8.22 -1.39
CAD BCL AD . 24.52 10.14 -4.36
OBD BCL AD . 23.40 9.71 -4.69
CBD BCL AD . 25.28 11.17 -5.22
CGD BCL AD . 25.37 10.73 -6.63
O1D BCL AD . 25.94 9.73 -7.01
O2D BCL AD . 24.74 11.54 -7.47
CED BCL AD . 24.88 11.26 -8.88
C1 BCL AD . 29.30 15.98 -9.44
C2 BCL AD . 29.91 17.20 -8.74
C3 BCL AD . 30.05 18.33 -9.42
C4 BCL AD . 29.67 18.53 -10.88
C5 BCL AD . 30.65 19.61 -8.79
C6 BCL AD . 31.30 19.46 -7.42
C7 BCL AD . 31.93 20.78 -6.95
C8 BCL AD . 32.76 20.68 -5.65
C9 BCL AD . 31.87 20.15 -4.50
C10 BCL AD . 33.37 22.03 -5.26
C11 BCL AD . 34.48 22.54 -6.17
C12 BCL AD . 35.27 23.71 -5.57
C13 BCL AD . 36.29 24.34 -6.53
C14 BCL AD . 37.46 23.42 -6.84
C15 BCL AD . 36.82 25.65 -5.91
C16 BCL AD . 37.76 26.52 -6.75
C17 BCL AD . 38.06 27.90 -6.13
C18 BCL AD . 39.04 28.77 -6.91
C19 BCL AD . 40.44 28.11 -6.76
C20 BCL AD . 39.10 30.23 -6.42
MG BCL BD . 46.03 8.62 -7.56
CHA BCL BD . 43.22 9.09 -9.54
CHB BCL BD . 47.94 9.16 -10.33
CHC BCL BD . 48.71 7.39 -5.91
CHD BCL BD . 43.97 7.21 -5.11
NA BCL BD . 45.60 9.04 -9.66
C1A BCL BD . 44.38 9.31 -10.25
C2A BCL BD . 44.54 10.00 -11.57
C3A BCL BD . 46.02 9.76 -11.89
C4A BCL BD . 46.59 9.32 -10.59
CMA BCL BD . 46.21 8.70 -12.98
CAA BCL BD . 44.17 11.49 -11.51
CBA BCL BD . 43.77 12.08 -12.87
CGA BCL BD . 44.71 12.98 -13.60
O1A BCL BD . 44.53 14.12 -13.76
O2A BCL BD . 45.69 12.35 -14.20
NB BCL BD . 48.01 8.29 -8.05
C1B BCL BD . 48.64 8.65 -9.23
C2B BCL BD . 50.02 8.44 -9.15
C3B BCL BD . 50.30 7.91 -7.87
C4B BCL BD . 49.00 7.85 -7.20
CMB BCL BD . 50.96 8.79 -10.30
CAB BCL BD . 51.54 7.44 -7.24
OBB BCL BD . 51.62 7.16 -6.04
CBB BCL BD . 52.84 7.28 -8.01
NC BCL BD . 46.29 7.47 -5.78
C1C BCL BD . 47.50 7.09 -5.27
C2C BCL BD . 47.41 6.54 -3.89
C3C BCL BD . 45.90 6.33 -3.71
C4C BCL BD . 45.31 7.02 -4.90
CMC BCL BD . 48.22 5.26 -3.70
CAC BCL BD . 45.38 6.83 -2.34
CBC BCL BD . 45.31 8.34 -2.25
ND BCL BD . 44.04 8.18 -7.35
C1D BCL BD . 43.30 7.69 -6.27
C2D BCL BD . 41.92 7.75 -6.53
C3D BCL BD . 41.81 8.31 -7.80
C4D BCL BD . 43.10 8.55 -8.26
CMD BCL BD . 40.82 7.30 -5.60
CAD BCL BD . 40.93 8.72 -8.83
OBD BCL BD . 39.68 8.66 -8.90
CBD BCL BD . 41.78 9.32 -9.98
CGD BCL BD . 41.38 8.73 -11.27
O1D BCL BD . 41.50 7.56 -11.58
O2D BCL BD . 40.85 9.60 -12.11
CED BCL BD . 40.54 9.16 -13.45
C1 BCL BD . 46.55 12.98 -15.20
C2 BCL BD . 47.49 13.96 -14.49
C3 BCL BD . 48.32 14.69 -15.22
C4 BCL BD . 48.38 14.63 -16.75
C5 BCL BD . 49.31 15.70 -14.63
C6 BCL BD . 49.11 16.17 -13.19
C7 BCL BD . 49.87 15.33 -12.15
C8 BCL BD . 51.17 15.97 -11.63
C9 BCL BD . 52.29 15.97 -12.68
C10 BCL BD . 51.67 15.25 -10.35
C11 BCL BD . 52.97 15.69 -9.68
C12 BCL BD . 53.08 17.19 -9.34
C13 BCL BD . 51.97 17.82 -8.46
C14 BCL BD . 51.98 19.35 -8.57
C15 BCL BD . 52.09 17.46 -6.96
C16 BCL BD . 51.73 16.06 -6.44
C17 BCL BD . 51.28 15.94 -4.98
C18 BCL BD . 51.13 14.50 -4.49
C19 BCL BD . 50.27 13.75 -5.53
C20 BCL BD . 50.49 14.40 -3.09
CMA SP2 CD . 47.49 9.71 -29.61
O1 SP2 CD . 48.41 8.66 -29.27
C1 SP2 CD . 48.38 8.11 -27.96
CM1 SP2 CD . 49.40 6.98 -27.91
CM2 SP2 CD . 46.99 7.61 -27.64
C2 SP2 CD . 48.78 9.27 -27.05
C3 SP2 CD . 48.84 8.98 -25.55
C4 SP2 CD . 49.39 10.15 -24.73
C5 SP2 CD . 49.09 10.07 -23.24
CM3 SP2 CD . 47.68 10.39 -22.85
C6 SP2 CD . 50.02 9.77 -22.31
C7 SP2 CD . 49.77 9.81 -20.89
C8 SP2 CD . 50.75 9.79 -19.95
C9 SP2 CD . 50.61 9.95 -18.51
CM4 SP2 CD . 49.21 10.12 -17.96
C10 SP2 CD . 51.71 9.96 -17.73
C11 SP2 CD . 51.79 10.22 -16.30
C12 SP2 CD . 52.80 9.82 -15.51
C13 SP2 CD . 52.98 10.07 -14.08
CM5 SP2 CD . 52.30 11.26 -13.48
C14 SP2 CD . 53.80 9.26 -13.36
C15 SP2 CD . 54.18 9.39 -11.97
C16 SP2 CD . 55.02 8.56 -11.31
C17 SP2 CD . 55.44 8.76 -9.94
C18 SP2 CD . 56.13 7.92 -9.13
CM6 SP2 CD . 56.51 6.52 -9.56
C19 SP2 CD . 56.46 8.32 -7.78
C20 SP2 CD . 57.21 7.66 -6.88
C21 SP2 CD . 57.43 8.10 -5.52
C22 SP2 CD . 57.94 7.33 -4.55
CM7 SP2 CD . 58.39 5.92 -4.83
C23 SP2 CD . 58.03 7.75 -3.11
C24 SP2 CD . 59.22 8.66 -2.71
C25 SP2 CD . 59.44 8.63 -1.23
C26 SP2 CD . 58.71 9.23 -0.29
CM8 SP2 CD . 57.58 10.18 -0.59
C27 SP2 CD . 58.98 8.99 1.19
C28 SP2 CD . 59.50 10.19 2.02
C29 SP2 CD . 58.43 11.16 2.41
C30 SP2 CD . 57.48 11.05 3.34
CMB SP2 CD . 56.55 12.18 3.66
CM9 SP2 CD . 57.26 9.80 4.14
MG BCL DD . 59.91 -0.27 -15.22
CHA BCL DD . 57.16 1.00 -16.89
CHB BCL DD . 61.32 -0.92 -18.26
CHC BCL DD . 62.24 -2.18 -13.69
CHD BCL DD . 57.92 -0.54 -12.34
NA BCL DD . 59.29 0.00 -17.29
C1A BCL DD . 58.14 0.64 -17.77
C2A BCL DD . 58.25 0.89 -19.24
C3A BCL DD . 59.38 -0.04 -19.66
C4A BCL DD . 60.09 -0.29 -18.37
CMA BCL DD . 58.85 -1.33 -20.30
CAA BCL DD . 58.52 2.36 -19.62
CBA BCL DD . 58.55 2.59 -21.15
CGA BCL DD . 59.58 3.53 -21.69
O1A BCL DD . 59.93 4.53 -21.18
O2A BCL DD . 60.05 3.11 -22.88
NB BCL DD . 61.51 -1.41 -15.86
C1B BCL DD . 62.00 -1.47 -17.16
C2B BCL DD . 63.23 -2.15 -17.20
C3B BCL DD . 63.54 -2.54 -15.89
C4B BCL DD . 62.43 -2.05 -15.07
CMB BCL DD . 64.00 -2.34 -18.50
CAB BCL DD . 64.69 -3.28 -15.32
OBB BCL DD . 64.86 -3.40 -14.10
CBB BCL DD . 65.73 -3.96 -16.18
NC BCL DD . 60.06 -1.20 -13.28
C1C BCL DD . 61.11 -1.97 -12.88
C2C BCL DD . 61.06 -2.32 -11.43
C3C BCL DD . 59.66 -1.85 -11.02
C4C BCL DD . 59.13 -1.20 -12.27
CMC BCL DD . 61.31 -3.79 -11.18
CAC BCL DD . 59.64 -0.91 -9.79
CBC BCL DD . 59.92 -1.63 -8.48
ND BCL DD . 57.97 0.12 -14.69
C1D BCL DD . 57.27 -0.03 -13.49
C2D BCL DD . 55.94 0.41 -13.62
C3D BCL DD . 55.81 0.83 -14.94
C4D BCL DD . 57.05 0.64 -15.55
CMD BCL DD . 54.90 0.40 -12.53
CAD BCL DD . 54.99 1.47 -15.90
OBD BCL DD . 53.81 1.86 -15.81
CBD BCL DD . 55.80 1.65 -17.21
CGD BCL DD . 55.04 1.10 -18.34
O1D BCL DD . 54.71 -0.05 -18.47
O2D BCL DD . 54.74 2.02 -19.26
CED BCL DD . 53.98 1.58 -20.41
C1 BCL DD . 61.03 3.89 -23.65
C2 BCL DD . 62.37 3.75 -22.94
C3 BCL DD . 63.46 4.34 -23.39
C4 BCL DD . 63.53 5.23 -24.63
C5 BCL DD . 64.82 4.18 -22.68
C6 BCL DD . 65.17 5.28 -21.67
C7 BCL DD . 66.34 4.87 -20.77
C8 BCL DD . 67.71 4.74 -21.43
C9 BCL DD . 68.72 4.13 -20.44
C10 BCL DD . 68.22 6.10 -21.93
C11 BCL DD . 68.32 7.23 -20.89
C12 BCL DD . 69.30 8.34 -21.32
C13 BCL DD . 69.43 9.51 -20.32
C14 BCL DD . 69.65 9.05 -18.88
C15 BCL DD . 68.20 10.45 -20.35
C16 BCL DD . 68.45 11.88 -19.83
C17 BCL DD . 67.25 12.84 -19.77
C18 BCL DD . 67.62 14.32 -19.65
C19 BCL DD . 68.19 14.77 -21.01
C20 BCL DD . 68.61 14.64 -18.53
MG BCL ED . 68.13 -14.22 -23.28
CHA BCL ED . 65.70 -12.17 -24.67
CHB BCL ED . 68.75 -15.43 -26.40
CHC BCL ED . 69.93 -16.72 -21.90
CHD BCL ED . 66.78 -13.56 -20.12
NA BCL ED . 67.29 -13.85 -25.26
C1A BCL ED . 66.39 -12.87 -25.63
C2A BCL ED . 66.42 -12.60 -27.11
C3A BCL ED . 67.41 -13.66 -27.63
C4A BCL ED . 67.83 -14.41 -26.41
CMA BCL ED . 66.76 -14.59 -28.65
CAA BCL ED . 66.83 -11.14 -27.44
CBA BCL ED . 67.54 -10.76 -28.74
CGA BCL ED . 66.90 -11.28 -29.98
O1A BCL ED . 65.75 -11.47 -30.13
O2A BCL ED . 67.81 -11.52 -30.89
NB BCL ED . 69.16 -15.85 -24.02
C1B BCL ED . 69.34 -16.16 -25.36
C2B BCL ED . 70.19 -17.27 -25.50
C3B BCL ED . 70.58 -17.68 -24.21
C4B BCL ED . 69.89 -16.75 -23.30
CMB BCL ED . 70.55 -17.84 -26.86
CAB BCL ED . 71.46 -18.76 -23.73
OBB BCL ED . 71.83 -18.85 -22.54
CBB BCL ED . 71.99 -19.84 -24.63
NC BCL ED . 68.32 -15.02 -21.29
C1C BCL ED . 69.14 -16.06 -20.95
C2C BCL ED . 69.27 -16.25 -19.49
C3C BCL ED . 68.20 -15.32 -18.93
C4C BCL ED . 67.68 -14.60 -20.15
CMC BCL ED . 69.10 -17.70 -19.07
CAC BCL ED . 68.72 -14.37 -17.81
CBC BCL ED . 68.98 -15.08 -16.50
ND BCL ED . 66.57 -13.16 -22.52
C1D BCL ED . 66.15 -12.90 -21.21
C2D BCL ED . 65.08 -11.98 -21.19
C3D BCL ED . 64.85 -11.65 -22.52
C4D BCL ED . 65.76 -12.36 -23.28
CMD BCL ED . 64.37 -11.50 -19.95
CAD BCL ED . 64.09 -10.85 -23.40
OBD BCL ED . 63.16 -10.05 -23.19
CBD BCL ED . 64.61 -11.10 -24.84
CGD BCL ED . 63.50 -11.43 -25.77
O1D BCL ED . 62.81 -12.42 -25.71
O2D BCL ED . 63.33 -10.53 -26.72
CED BCL ED . 62.37 -10.81 -27.76
C1 BCL ED . 67.37 -12.09 -32.16
C2 BCL ED . 68.65 -12.44 -32.88
C3 BCL ED . 68.99 -12.04 -34.08
C4 BCL ED . 68.11 -11.20 -35.00
C5 BCL ED . 70.36 -12.38 -34.68
C6 BCL ED . 71.45 -12.85 -33.70
C7 BCL ED . 71.89 -11.77 -32.70
C8 BCL ED . 72.78 -12.27 -31.56
C9 BCL ED . 73.88 -13.20 -32.09
C10 BCL ED . 71.94 -12.96 -30.45
C11 BCL ED . 72.83 -13.44 -29.31
C12 BCL ED . 72.08 -13.84 -28.03
C13 BCL ED . 73.01 -13.81 -26.81
C14 BCL ED . 72.50 -14.69 -25.66
C15 BCL ED . 73.16 -12.37 -26.29
C16 BCL ED . 74.26 -12.14 -25.26
C17 BCL ED . 75.71 -12.44 -25.68
C18 BCL ED . 76.73 -11.85 -24.71
C19 BCL ED . 78.12 -12.22 -25.27
C20 BCL ED . 76.58 -12.35 -23.26
CMA SP2 FD . 58.22 -4.73 -36.26
O1 SP2 FD . 58.79 -3.59 -35.61
C1 SP2 FD . 58.69 -3.54 -34.19
CM1 SP2 FD . 59.52 -4.67 -33.61
CM2 SP2 FD . 57.25 -3.62 -33.75
C2 SP2 FD . 59.30 -2.18 -33.87
C3 SP2 FD . 59.41 -1.79 -32.39
C4 SP2 FD . 60.85 -1.67 -31.92
C5 SP2 FD . 61.00 -1.17 -30.50
CM3 SP2 FD . 60.64 0.26 -30.29
C6 SP2 FD . 61.41 -1.96 -29.48
C7 SP2 FD . 61.64 -1.45 -28.15
C8 SP2 FD . 62.39 -2.06 -27.23
C9 SP2 FD . 62.79 -1.57 -25.93
CM4 SP2 FD . 61.97 -0.49 -25.28
C10 SP2 FD . 63.90 -2.11 -25.33
C11 SP2 FD . 64.52 -1.71 -24.10
C12 SP2 FD . 65.40 -2.46 -23.42
C13 SP2 FD . 66.07 -2.16 -22.18
CM5 SP2 FD . 66.20 -0.72 -21.76
C14 SP2 FD . 66.59 -3.17 -21.43
C15 SP2 FD . 67.35 -3.06 -20.22
C16 SP2 FD . 67.75 -4.11 -19.46
C17 SP2 FD . 68.62 -3.96 -18.32
C18 SP2 FD . 68.99 -4.92 -17.42
CM6 SP2 FD . 68.42 -6.30 -17.44
C19 SP2 FD . 69.98 -4.59 -16.40
C20 SP2 FD . 70.45 -5.40 -15.43
C21 SP2 FD . 71.46 -4.98 -14.48
C22 SP2 FD . 71.70 -5.59 -13.31
CM7 SP2 FD . 70.90 -6.79 -12.87
C23 SP2 FD . 72.78 -5.14 -12.34
C24 SP2 FD . 72.28 -4.19 -11.24
C25 SP2 FD . 73.40 -3.71 -10.37
C26 SP2 FD . 73.83 -4.23 -9.23
CM8 SP2 FD . 73.25 -5.46 -8.60
C27 SP2 FD . 74.97 -3.60 -8.45
C28 SP2 FD . 74.75 -2.11 -8.15
C29 SP2 FD . 73.51 -1.88 -7.35
C30 SP2 FD . 73.39 -1.82 -6.03
CMB SP2 FD . 72.07 -1.57 -5.35
CM9 SP2 FD . 74.54 -2.01 -5.09
MG BCL GD . 69.99 -30.60 -31.03
CHA BCL GD . 68.21 -27.94 -32.34
CHB BCL GD . 69.60 -32.18 -34.04
CHC BCL GD . 70.97 -33.50 -29.60
CHD BCL GD . 69.41 -29.32 -27.83
NA BCL GD . 69.00 -30.10 -32.92
C1A BCL GD . 68.42 -28.89 -33.29
C2A BCL GD . 68.36 -28.75 -34.77
C3A BCL GD . 68.50 -30.21 -35.24
C4A BCL GD . 69.07 -30.90 -34.04
CMA BCL GD . 67.14 -30.80 -35.64
CAA BCL GD . 69.48 -27.84 -35.31
CBA BCL GD . 69.09 -26.99 -36.54
CGA BCL GD . 68.51 -27.73 -37.71
O1A BCL GD . 67.36 -27.79 -37.96
O2A BCL GD . 69.42 -28.28 -38.50
NB BCL GD . 70.21 -32.55 -31.69
C1B BCL GD . 70.08 -32.99 -33.01
C2B BCL GD . 70.52 -34.32 -33.12
C3B BCL GD . 70.92 -34.75 -31.85
C4B BCL GD . 70.71 -33.60 -30.98
CMB BCL GD . 70.53 -35.05 -34.47
CAB BCL GD . 71.43 -36.04 -31.34
OBB BCL GD . 71.93 -36.17 -30.22
CBB BCL GD . 71.38 -37.30 -32.16
NC BCL GD . 70.18 -31.29 -29.01
C1C BCL GD . 70.58 -32.54 -28.65
C2C BCL GD . 70.85 -32.69 -27.20
C3C BCL GD . 70.29 -31.38 -26.62
C4C BCL GD . 69.86 -30.62 -27.85
CMC BCL GD . 70.22 -33.94 -26.60
CAC BCL GD . 71.31 -30.61 -25.73
CBC BCL GD . 71.49 -31.24 -24.37
ND BCL GD . 69.03 -29.00 -30.21
C1D BCL GD . 68.86 -28.57 -28.89
C2D BCL GD . 68.11 -27.37 -28.84
C3D BCL GD . 67.82 -27.06 -30.17
C4D BCL GD . 68.38 -28.06 -30.95
CMD BCL GD . 67.75 -26.62 -27.58
CAD BCL GD . 67.29 -26.08 -31.04
OBD BCL GD . 66.73 -24.99 -30.81
CBD BCL GD . 67.52 -26.57 -32.50
CGD BCL GD . 66.24 -26.57 -33.25
O1D BCL GD . 65.24 -27.15 -32.91
O2D BCL GD . 66.29 -25.83 -34.35
CED BCL GD . 65.10 -25.84 -35.20
C1 BCL GD . 68.90 -28.97 -39.69
C2 BCL GD . 70.12 -29.34 -40.54
C3 BCL GD . 71.00 -30.29 -40.27
C4 BCL GD . 70.97 -31.20 -39.05
C5 BCL GD . 72.16 -30.58 -41.23
C6 BCL GD . 73.50 -29.90 -40.91
C7 BCL GD . 74.64 -30.37 -41.83
C8 BCL GD . 76.03 -29.84 -41.46
C9 BCL GD . 76.12 -28.33 -41.75
C10 BCL GD . 77.13 -30.58 -42.24
C11 BCL GD . 78.59 -30.32 -41.89
C12 BCL GD . 78.90 -30.54 -40.40
C13 BCL GD . 80.39 -30.70 -40.03
C14 BCL GD . 80.58 -30.94 -38.53
C15 BCL GD . 81.26 -29.49 -40.44
C16 BCL GD . 82.22 -29.75 -41.61
C17 BCL GD . 83.39 -30.70 -41.29
C18 BCL GD . 84.27 -31.04 -42.49
C19 BCL GD . 85.17 -32.21 -42.06
C20 BCL GD . 85.14 -29.87 -43.00
CMA SP2 HD . 59.80 -36.15 -49.03
O1 SP2 HD . 60.83 -35.19 -48.80
C1 SP2 HD . 60.63 -33.88 -49.32
CM1 SP2 HD . 59.47 -33.23 -48.61
CM2 SP2 HD . 60.38 -33.93 -50.82
C2 SP2 HD . 61.96 -33.18 -49.00
C3 SP2 HD . 62.40 -33.12 -47.53
C4 SP2 HD . 63.80 -32.55 -47.41
C5 SP2 HD . 64.30 -32.38 -45.99
CM3 SP2 HD . 64.18 -31.00 -45.43
C6 SP2 HD . 64.85 -33.38 -45.27
C7 SP2 HD . 65.48 -33.17 -44.00
C8 SP2 HD . 66.18 -34.13 -43.35
C9 SP2 HD . 67.02 -33.96 -42.17
CM4 SP2 HD . 67.02 -32.62 -41.49
C10 SP2 HD . 67.82 -34.99 -41.78
C11 SP2 HD . 68.87 -34.95 -40.78
C12 SP2 HD . 69.36 -36.03 -40.16
C13 SP2 HD . 70.45 -36.13 -39.21
CM5 SP2 HD . 71.63 -35.21 -39.38
C14 SP2 HD . 70.41 -37.07 -38.24
C15 SP2 HD . 71.44 -37.40 -37.28
C16 SP2 HD . 71.36 -38.40 -36.36
C17 SP2 HD . 72.44 -38.78 -35.50
C18 SP2 HD . 72.42 -39.68 -34.48
CM6 SP2 HD . 71.16 -40.33 -34.00
C19 SP2 HD . 73.67 -40.03 -33.81
C20 SP2 HD . 73.82 -40.85 -32.75
C21 SP2 HD . 75.11 -41.19 -32.20
C22 SP2 HD . 75.32 -41.92 -31.10
CM7 SP2 HD . 74.22 -42.41 -30.21
C23 SP2 HD . 76.72 -42.26 -30.63
C24 SP2 HD . 77.35 -41.21 -29.69
C25 SP2 HD . 78.75 -41.58 -29.30
C26 SP2 HD . 79.13 -42.43 -28.36
CM8 SP2 HD . 78.17 -43.18 -27.48
C27 SP2 HD . 80.59 -42.73 -28.11
C28 SP2 HD . 81.00 -42.78 -26.62
C29 SP2 HD . 80.72 -41.48 -25.91
C30 SP2 HD . 81.41 -40.95 -24.91
CMB SP2 HD . 81.06 -39.63 -24.30
CM9 SP2 HD . 82.60 -41.62 -24.29
MG BCL ID . 65.12 -47.12 -37.00
CHA BCL ID . 64.09 -44.09 -38.34
CHB BCL ID . 63.91 -48.65 -39.79
CHC BCL ID . 65.16 -50.10 -35.36
CHD BCL ID . 65.43 -45.54 -33.89
NA BCL ID . 64.13 -46.42 -38.81
C1A BCL ID . 63.84 -45.12 -39.21
C2A BCL ID . 63.51 -45.05 -40.66
C3A BCL ID . 63.18 -46.51 -41.00
C4A BCL ID . 63.76 -47.27 -39.83
CMA BCL ID . 61.68 -46.74 -41.13
CAA BCL ID . 64.66 -44.46 -41.50
CBA BCL ID . 64.23 -43.74 -42.79
CGA BCL ID . 64.17 -44.56 -44.03
O1A BCL ID . 64.86 -44.39 -44.98
O2A BCL ID . 63.26 -45.53 -43.96
NB BCL ID . 64.58 -49.07 -37.47
C1B BCL ID . 64.18 -49.52 -38.74
C2B BCL ID . 64.13 -50.92 -38.77
C3B BCL ID . 64.48 -51.40 -37.49
C4B BCL ID . 64.75 -50.19 -36.71
CMB BCL ID . 63.76 -51.67 -40.04
CAB BCL ID . 64.58 -52.76 -36.93
OBB BCL ID . 65.08 -52.99 -35.82
CBB BCL ID . 64.07 -53.98 -37.67
NC BCL ID . 65.30 -47.72 -34.94
C1C BCL ID . 65.24 -49.02 -34.48
C2C BCL ID . 65.60 -49.16 -33.05
C3C BCL ID . 65.66 -47.70 -32.57
C4C BCL ID . 65.37 -46.92 -33.82
CMC BCL ID . 64.63 -50.02 -32.27
CAC BCL ID . 67.00 -47.32 -31.90
CBC BCL ID . 67.15 -47.89 -30.51
ND BCL ID . 64.85 -45.24 -36.24
C1D BCL ID . 64.99 -44.71 -34.95
C2D BCL ID . 64.65 -43.34 -34.92
C3D BCL ID . 64.28 -43.02 -36.22
C4D BCL ID . 64.41 -44.19 -36.98
CMD BCL ID . 64.70 -42.45 -33.71
CAD BCL ID . 63.94 -41.98 -37.13
OBD BCL ID . 63.72 -40.77 -36.92
CBD BCL ID . 63.87 -42.58 -38.56
CGD BCL ID . 62.62 -42.17 -39.22
O1D BCL ID . 61.50 -42.44 -38.85
O2D BCL ID . 62.82 -41.48 -40.33
CED BCL ID . 61.66 -41.09 -41.11
C1 BCL ID . 63.15 -46.59 -44.96
C2 BCL ID . 64.45 -47.36 -44.89
C3 BCL ID . 65.43 -47.37 -45.76
C4 BCL ID . 65.41 -46.66 -47.11
C5 BCL ID . 66.74 -48.09 -45.46
C6 BCL ID . 67.20 -49.11 -46.50
C7 BCL ID . 68.43 -49.90 -46.05
C8 BCL ID . 69.23 -50.47 -47.23
C9 BCL ID . 68.44 -51.60 -47.92
C10 BCL ID . 70.60 -51.00 -46.76
C11 BCL ID . 71.60 -51.17 -47.89
C12 BCL ID . 72.98 -51.68 -47.45
C13 BCL ID . 73.77 -50.66 -46.60
C14 BCL ID . 74.25 -49.46 -47.42
C15 BCL ID . 74.99 -51.33 -45.93
C16 BCL ID . 76.09 -51.91 -46.84
C17 BCL ID . 77.32 -52.47 -46.09
C18 BCL ID . 78.43 -53.01 -46.98
C19 BCL ID . 77.94 -54.35 -47.56
C20 BCL ID . 79.76 -53.22 -46.24
CMA SP2 JD . 51.78 -50.51 -52.99
O1 SP2 JD . 53.08 -49.91 -52.96
C1 SP2 JD . 53.19 -48.56 -53.40
CM1 SP2 JD . 52.42 -47.67 -52.44
CM2 SP2 JD . 52.66 -48.42 -54.81
C2 SP2 JD . 54.69 -48.29 -53.33
C3 SP2 JD . 55.39 -48.43 -51.98
C4 SP2 JD . 56.90 -48.35 -52.13
C5 SP2 JD . 57.67 -48.29 -50.82
CM3 SP2 JD . 58.42 -47.01 -50.59
C6 SP2 JD . 57.75 -49.28 -49.93
C7 SP2 JD . 58.65 -49.23 -48.81
C8 SP2 JD . 59.14 -50.31 -48.17
C9 SP2 JD . 60.20 -50.34 -47.17
CM4 SP2 JD . 60.71 -49.03 -46.65
C10 SP2 JD . 60.70 -51.54 -46.77
C11 SP2 JD . 61.81 -51.77 -45.87
C12 SP2 JD . 61.99 -52.88 -45.14
C13 SP2 JD . 63.06 -53.18 -44.21
CM5 SP2 JD . 64.36 -52.45 -44.37
C14 SP2 JD . 62.88 -54.13 -43.26
C15 SP2 JD . 63.84 -54.61 -42.29
C16 SP2 JD . 63.63 -55.59 -41.38
C17 SP2 JD . 64.66 -56.07 -40.49
C18 SP2 JD . 64.56 -57.01 -39.51
CM6 SP2 JD . 63.26 -57.64 -39.13
C19 SP2 JD . 65.75 -57.38 -38.75
C20 SP2 JD . 65.91 -58.39 -37.90
C21 SP2 JD . 67.11 -58.59 -37.13
C22 SP2 JD . 67.17 -59.32 -35.99
CM7 SP2 JD . 65.96 -60.07 -35.52
C23 SP2 JD . 68.37 -59.37 -35.07
C24 SP2 JD . 69.41 -60.48 -35.31
C25 SP2 JD . 70.42 -60.53 -34.19
C26 SP2 JD . 70.90 -61.60 -33.57
CM8 SP2 JD . 70.52 -63.01 -33.94
C27 SP2 JD . 71.86 -61.48 -32.41
C28 SP2 JD . 72.45 -60.07 -32.16
C29 SP2 JD . 73.33 -60.05 -30.95
C30 SP2 JD . 74.59 -60.46 -30.83
CMB SP2 JD . 75.34 -60.38 -29.53
CM9 SP2 JD . 75.38 -61.02 -31.97
MG BCL KD . 54.66 -61.65 -40.88
CHA BCL KD . 54.42 -58.58 -42.50
CHB BCL KD . 52.76 -62.99 -43.37
CHC BCL KD . 54.18 -64.41 -38.97
CHD BCL KD . 55.84 -59.99 -38.03
NA BCL KD . 53.70 -60.85 -42.67
C1A BCL KD . 53.83 -59.58 -43.23
C2A BCL KD . 53.18 -59.49 -44.59
C3A BCL KD . 52.48 -60.86 -44.73
C4A BCL KD . 53.04 -61.66 -43.59
CMA BCL KD . 50.97 -60.74 -44.66
CAA BCL KD . 54.15 -59.22 -45.76
CBA BCL KD . 53.41 -58.91 -47.08
CGA BCL KD . 54.12 -59.12 -48.38
O1A BCL KD . 55.25 -59.44 -48.52
O2A BCL KD . 53.29 -58.87 -49.39
NB BCL KD . 53.60 -63.41 -41.11
C1B BCL KD . 52.93 -63.82 -42.25
C2B BCL KD . 52.47 -65.13 -42.11
C3B BCL KD . 52.87 -65.60 -40.83
C4B BCL KD . 53.58 -64.47 -40.24
CMB BCL KD . 51.71 -65.85 -43.22
CAB BCL KD . 52.66 -66.88 -40.13
OBB BCL KD . 53.14 -67.11 -39.01
CBB BCL KD . 51.84 -68.01 -40.71
NC BCL KD . 54.96 -62.11 -38.81
C1C BCL KD . 54.73 -63.34 -38.24
C2C BCL KD . 55.32 -63.49 -36.89
C3C BCL KD . 55.73 -62.06 -36.54
C4C BCL KD . 55.48 -61.30 -37.82
CMC BCL KD . 54.36 -64.13 -35.89
CAC BCL KD . 57.19 -61.94 -36.02
CBC BCL KD . 57.37 -62.46 -34.61
ND BCL KD . 55.02 -59.72 -40.32
C1D BCL KD . 55.56 -59.15 -39.16
C2D BCL KD . 55.76 -57.77 -39.30
C3D BCL KD . 55.32 -57.47 -40.60
C4D BCL KD . 54.89 -58.67 -41.18
CMD BCL KD . 56.30 -56.85 -38.25
CAD BCL KD . 55.18 -56.46 -41.57
OBD BCL KD . 55.42 -55.24 -41.52
CBD BCL KD . 54.64 -57.11 -42.88
CGD BCL KD . 53.48 -56.34 -43.36
O1D BCL KD . 52.41 -56.25 -42.81
O2D BCL KD . 53.71 -55.74 -44.52
CED BCL KD . 52.60 -55.03 -45.15
C1 BCL KD . 53.65 -59.07 -50.79
C2 BCL KD . 53.61 -60.56 -51.13
C3 BCL KD . 52.71 -61.48 -50.83
C4 BCL KD . 51.43 -61.25 -50.01
C5 BCL KD . 52.84 -62.95 -51.28
C6 BCL KD . 54.11 -63.41 -52.03
C7 BCL KD . 55.39 -63.33 -51.19
C8 BCL KD . 55.76 -64.59 -50.40
C9 BCL KD . 56.58 -64.22 -49.15
C10 BCL KD . 56.51 -65.58 -51.31
C11 BCL KD . 57.17 -66.77 -50.61
C12 BCL KD . 57.57 -67.90 -51.58
C13 BCL KD . 58.21 -67.49 -52.92
C14 BCL KD . 58.35 -68.68 -53.87
C15 BCL KD . 59.59 -66.82 -52.73
C16 BCL KD . 59.91 -65.68 -53.71
C17 BCL KD . 61.29 -65.00 -53.59
C18 BCL KD . 61.48 -63.85 -54.56
C19 BCL KD . 62.98 -63.47 -54.48
C20 BCL KD . 60.61 -62.62 -54.29
MG BCL LD . 40.07 -72.08 -41.67
CHA BCL LD . 40.58 -69.13 -43.40
CHB BCL LD . 37.47 -72.73 -43.77
CHC BCL LD . 39.00 -74.49 -39.54
CHD BCL LD . 42.14 -70.86 -39.12
NA BCL LD . 39.15 -71.03 -43.34
C1A BCL LD . 39.58 -69.87 -43.97
C2A BCL LD . 39.04 -69.78 -45.36
C3A BCL LD . 37.85 -70.74 -45.32
C4A BCL LD . 38.14 -71.58 -44.11
CMA BCL LD . 36.52 -69.99 -45.16
CAA BCL LD . 40.10 -70.17 -46.41
CBA BCL LD . 39.94 -69.50 -47.78
CGA BCL LD . 39.38 -70.32 -48.88
O1A BCL LD . 39.96 -71.19 -49.42
O2A BCL LD . 38.17 -69.89 -49.27
NB BCL LD . 38.47 -73.40 -41.64
C1B BCL LD . 37.52 -73.55 -42.63
C2B BCL LD . 36.65 -74.61 -42.33
C3B BCL LD . 37.05 -75.15 -41.09
C4B BCL LD . 38.21 -74.36 -40.69
CMB BCL LD . 35.52 -75.02 -43.27
CAB BCL LD . 36.50 -76.24 -40.26
OBB BCL LD . 37.10 -76.70 -39.28
CBB BCL LD . 35.15 -76.87 -40.54
NC BCL LD . 40.51 -72.59 -39.63
C1C BCL LD . 39.97 -73.65 -38.97
C2C BCL LD . 40.63 -73.93 -37.66
C3C BCL LD . 41.59 -72.75 -37.50
C4C BCL LD . 41.42 -71.98 -38.79
CMC BCL LD . 39.64 -74.08 -36.51
CAC BCL LD . 43.06 -73.15 -37.20
CBC BCL LD . 43.26 -73.63 -35.79
ND BCL LD . 41.12 -70.38 -41.30
C1D BCL LD . 41.95 -69.99 -40.24
C2D BCL LD . 42.52 -68.71 -40.47
C3D BCL LD . 42.02 -68.31 -41.71
C4D BCL LD . 41.19 -69.33 -42.16
CMD BCL LD . 43.45 -67.98 -39.54
CAD BCL LD . 42.15 -67.38 -42.78
OBD BCL LD . 42.85 -66.37 -42.88
CBD BCL LD . 41.21 -67.83 -43.93
CGD BCL LD . 40.27 -66.77 -44.29
O1D BCL LD . 39.29 -66.45 -43.65
O2D BCL LD . 40.59 -66.13 -45.41
CED BCL LD . 39.61 -65.20 -45.95
C1 BCL LD . 37.48 -70.54 -50.38
C2 BCL LD . 37.21 -71.98 -49.95
C3 BCL LD . 36.27 -72.34 -49.12
C4 BCL LD . 35.27 -71.38 -48.46
C5 BCL LD . 36.09 -73.81 -48.66
C6 BCL LD . 37.00 -74.86 -49.31
C7 BCL LD . 36.62 -75.22 -50.74
C8 BCL LD . 37.63 -76.10 -51.49
C9 BCL LD . 37.07 -76.51 -52.88
C10 BCL LD . 38.00 -77.35 -50.67
C11 BCL LD . 38.75 -78.42 -51.45
C12 BCL LD . 39.48 -79.45 -50.56
C13 BCL LD . 40.12 -80.59 -51.36
C14 BCL LD . 39.10 -81.68 -51.75
C15 BCL LD . 41.26 -81.26 -50.55
C16 BCL LD . 41.97 -82.47 -51.17
C17 BCL LD . 42.66 -82.23 -52.52
C18 BCL LD . 43.29 -83.45 -53.21
C19 BCL LD . 42.14 -84.45 -53.49
C20 BCL LD . 44.40 -84.13 -52.40
CMA SP2 MD . 20.97 -71.45 -34.19
O1 SP2 MD . 19.76 -71.26 -34.91
C1 SP2 MD . 19.02 -70.07 -34.68
CM1 SP2 MD . 19.79 -68.89 -35.22
CM2 SP2 MD . 18.73 -69.91 -33.21
C2 SP2 MD . 17.74 -70.32 -35.48
C3 SP2 MD . 17.82 -70.21 -37.00
C4 SP2 MD . 16.58 -70.80 -37.67
C5 SP2 MD . 16.24 -70.20 -39.00
CM3 SP2 MD . 15.02 -69.31 -39.02
C6 SP2 MD . 16.95 -70.44 -40.12
C7 SP2 MD . 16.56 -70.00 -41.43
C8 SP2 MD . 17.25 -70.30 -42.54
C9 SP2 MD . 16.92 -69.97 -43.92
CM4 SP2 MD . 15.60 -69.29 -44.19
C10 SP2 MD . 17.81 -70.27 -44.91
C11 SP2 MD . 17.64 -70.09 -46.33
C12 SP2 MD . 18.63 -70.27 -47.21
C13 SP2 MD . 18.59 -70.11 -48.65
CM5 SP2 MD . 17.38 -69.44 -49.25
C14 SP2 MD . 19.66 -70.49 -49.39
C15 SP2 MD . 19.86 -70.33 -50.80
C16 SP2 MD . 21.05 -70.52 -51.42
C17 SP2 MD . 21.29 -70.30 -52.82
C18 SP2 MD . 22.49 -70.32 -53.46
CM6 SP2 MD . 23.77 -70.70 -52.78
C19 SP2 MD . 22.55 -69.98 -54.88
C20 SP2 MD . 23.62 -69.67 -55.60
C21 SP2 MD . 23.55 -69.29 -56.99
C22 SP2 MD . 24.61 -69.06 -57.79
CM7 SP2 MD . 26.04 -69.14 -57.33
C23 SP2 MD . 24.43 -68.70 -59.25
C24 SP2 MD . 23.57 -67.45 -59.43
C25 SP2 MD . 23.03 -67.29 -60.82
C26 SP2 MD . 23.60 -66.71 -61.88
CM8 SP2 MD . 25.03 -66.24 -61.89
C27 SP2 MD . 22.83 -66.47 -63.15
C28 SP2 MD . 23.64 -66.71 -64.43
C29 SP2 MD . 22.77 -66.68 -65.66
C30 SP2 MD . 22.40 -65.62 -66.37
CMB SP2 MD . 21.55 -65.74 -67.60
CM9 SP2 MD . 22.80 -64.22 -66.01
MG BCL ND . 22.76 -76.55 -39.52
CHA BCL ND . 24.00 -74.10 -41.63
CHB BCL ND . 19.73 -76.21 -41.07
CHC BCL ND . 21.32 -78.30 -37.01
CHD BCL ND . 25.57 -76.11 -37.49
NA BCL ND . 21.99 -75.28 -41.12
C1A BCL ND . 22.70 -74.42 -41.94
C2A BCL ND . 21.96 -74.12 -43.21
C3A BCL ND . 20.53 -74.58 -42.87
C4A BCL ND . 20.71 -75.42 -41.64
CMA BCL ND . 19.59 -73.40 -42.60
CAA BCL ND . 22.57 -74.85 -44.42
CBA BCL ND . 22.56 -74.05 -45.73
CGA BCL ND . 21.29 -74.07 -46.51
O1A BCL ND . 21.19 -74.52 -47.60
O2A BCL ND . 20.29 -73.50 -45.86
NB BCL ND . 20.82 -77.13 -39.07
C1B BCL ND . 19.71 -76.95 -39.88
C2B BCL ND . 18.60 -77.64 -39.36
C3B BCL ND . 19.01 -78.27 -38.15
C4B BCL ND . 20.42 -77.93 -38.03
CMB BCL ND . 17.24 -77.64 -40.06
CAB BCL ND . 18.28 -79.07 -37.17
OBB BCL ND . 18.86 -79.67 -36.24
CBB BCL ND . 16.78 -79.26 -37.20
NC BCL ND . 23.37 -77.11 -37.55
C1C BCL ND . 22.60 -77.85 -36.69
C2C BCL ND . 23.34 -78.31 -35.48
C3C BCL ND . 24.66 -77.52 -35.58
C4C BCL ND . 24.56 -76.84 -36.92
CMC BCL ND . 22.59 -78.07 -34.19
CAC BCL ND . 25.93 -78.40 -35.43
CBC BCL ND . 26.16 -78.89 -34.02
ND BCL ND . 24.43 -75.39 -39.52
C1D BCL ND . 25.51 -75.28 -38.65
C2D BCL ND . 26.42 -74.29 -39.06
C3D BCL ND . 25.89 -73.78 -40.25
C4D BCL ND . 24.70 -74.46 -40.49
CMD BCL ND . 27.69 -73.92 -38.35
CAD BCL ND . 26.11 -72.95 -41.37
OBD BCL ND . 27.09 -72.21 -41.66
CBD BCL ND . 24.90 -73.08 -42.32
CGD BCL ND . 24.29 -71.77 -42.59
O1D BCL ND . 23.56 -71.17 -41.82
O2D BCL ND . 24.59 -71.26 -43.77
CED BCL ND . 23.87 -70.07 -44.20
C1 BCL ND . 18.92 -73.50 -46.38
C2 BCL ND . 18.49 -74.95 -46.35
C3 BCL ND . 18.25 -75.66 -47.42
C4 BCL ND . 18.34 -75.15 -48.86
C5 BCL ND . 17.87 -77.12 -47.30
C6 BCL ND . 19.04 -78.09 -47.50
C7 BCL ND . 18.62 -79.54 -47.73
C8 BCL ND . 18.54 -80.00 -49.20
C9 BCL ND . 17.50 -79.21 -50.03
C10 BCL ND . 18.20 -81.50 -49.27
C11 BCL ND . 18.43 -82.05 -50.67
C12 BCL ND . 18.67 -83.56 -50.72
C13 BCL ND . 18.90 -84.08 -52.15
C14 BCL ND . 17.61 -84.10 -52.98
C15 BCL ND . 19.48 -85.51 -52.09
C16 BCL ND . 20.95 -85.59 -52.52
C17 BCL ND . 21.97 -84.94 -51.57
C18 BCL ND . 23.40 -85.04 -52.06
C19 BCL ND . 24.30 -84.65 -50.87
C20 BCL ND . 23.69 -84.14 -53.28
MG BCL OD . 5.39 -74.85 -34.84
CHA BCL OD . 6.98 -72.90 -37.22
CHB BCL OD . 2.42 -73.72 -36.07
CHC BCL OD . 3.85 -75.94 -32.02
CHD BCL OD . 8.46 -75.23 -33.20
NA BCL OD . 4.82 -73.46 -36.43
C1A BCL OD . 5.62 -72.85 -37.37
C2A BCL OD . 4.86 -72.44 -38.58
C3A BCL OD . 3.41 -72.45 -38.06
C4A BCL OD . 3.50 -73.25 -36.79
CMA BCL OD . 2.90 -71.03 -37.78
CAA BCL OD . 5.10 -73.40 -39.75
CBA BCL OD . 5.50 -72.63 -41.03
CGA BCL OD . 4.50 -71.66 -41.54
O1A BCL OD . 4.62 -70.48 -41.52
O2A BCL OD . 3.44 -72.27 -42.01
NB BCL OD . 3.44 -74.82 -34.12
C1B BCL OD . 2.33 -74.36 -34.83
C2B BCL OD . 1.15 -74.64 -34.11
C3B BCL OD . 1.52 -75.31 -32.92
C4B BCL OD . 2.98 -75.38 -32.98
CMB BCL OD . -0.23 -74.24 -34.63
CAB BCL OD . 0.73 -75.86 -31.81
OBB BCL OD . 1.22 -76.55 -30.91
CBB BCL OD . -0.76 -75.62 -31.65
NC BCL OD . 6.07 -75.51 -32.91
C1C BCL OD . 5.25 -75.88 -31.88
C2C BCL OD . 5.98 -76.44 -30.72
C3C BCL OD . 7.44 -76.18 -31.08
C4C BCL OD . 7.36 -75.56 -32.44
CMC BCL OD . 5.55 -75.80 -29.40
CAC BCL OD . 8.32 -77.46 -31.03
CBC BCL OD . 8.55 -77.98 -29.64
ND BCL OD . 7.31 -74.22 -35.11
C1D BCL OD . 8.49 -74.44 -34.40
C2D BCL OD . 9.59 -73.81 -35.01
C3D BCL OD . 9.07 -73.18 -36.14
C4D BCL OD . 7.71 -73.44 -36.16
CMD BCL OD . 11.01 -73.84 -34.50
CAD BCL OD . 9.38 -72.50 -37.34
OBD BCL OD . 10.47 -72.09 -37.79
CBD BCL OD . 8.06 -72.29 -38.13
CGD BCL OD . 7.87 -70.87 -38.49
O1D BCL OD . 7.32 -70.04 -37.81
O2D BCL OD . 8.35 -70.56 -39.68
CED BCL OD . 8.01 -69.25 -40.20
C1 BCL OD . 2.35 -71.45 -42.54
C2 BCL OD . 1.26 -72.45 -42.89
C3 BCL OD . 0.18 -72.14 -43.56
C4 BCL OD . -0.17 -70.76 -44.09
C5 BCL OD . -0.88 -73.22 -43.87
C6 BCL OD . -0.57 -74.64 -43.39
C7 BCL OD . -1.72 -75.64 -43.61
C8 BCL OD . -2.17 -75.84 -45.07
C9 BCL OD . -3.45 -75.02 -45.37
C10 BCL OD . -2.46 -77.31 -45.38
C11 BCL OD . -1.25 -78.13 -45.82
C12 BCL OD . -1.57 -79.63 -46.03
C13 BCL OD . -0.50 -80.37 -46.85
C14 BCL OD . -0.71 -80.21 -48.36
C15 BCL OD . -0.53 -81.87 -46.50
C16 BCL OD . -1.85 -82.62 -46.64
C17 BCL OD . -1.91 -84.04 -46.03
C18 BCL OD . -3.33 -84.51 -45.78
C19 BCL OD . -3.19 -85.87 -45.05
C20 BCL OD . -4.19 -84.67 -47.05
CMA SP2 PD . -8.46 -60.25 -45.26
O1 SP2 PD . -7.32 -60.03 -44.43
C1 SP2 PD . -6.10 -60.70 -44.72
CM1 SP2 PD . -5.12 -60.41 -43.60
CM2 SP2 PD . -5.54 -60.23 -46.05
C2 SP2 PD . -6.48 -62.18 -44.76
C3 SP2 PD . -5.32 -63.17 -44.54
C4 SP2 PD . -5.64 -64.61 -44.90
C5 SP2 PD . -4.60 -65.58 -44.41
CM3 SP2 PD . -3.30 -65.57 -45.17
C6 SP2 PD . -4.82 -66.39 -43.35
C7 SP2 PD . -3.85 -67.29 -42.81
C8 SP2 PD . -4.15 -68.29 -41.96
C9 SP2 PD . -3.27 -69.26 -41.34
CM4 SP2 PD . -1.81 -68.91 -41.22
C10 SP2 PD . -3.79 -70.41 -40.83
C11 SP2 PD . -3.09 -71.50 -40.20
C12 SP2 PD . -3.69 -72.32 -39.33
C13 SP2 PD . -3.16 -73.47 -38.62
CM5 SP2 PD . -2.08 -74.28 -39.28
C14 SP2 PD . -3.70 -73.80 -37.42
C15 SP2 PD . -3.40 -74.95 -36.60
C16 SP2 PD . -3.84 -75.11 -35.33
C17 SP2 PD . -3.65 -76.30 -34.54
C18 SP2 PD . -3.89 -76.48 -33.22
CM6 SP2 PD . -4.33 -75.36 -32.31
C19 SP2 PD . -3.77 -77.82 -32.64
C20 SP2 PD . -3.99 -78.17 -31.36
C21 SP2 PD . -3.95 -79.54 -30.89
C22 SP2 PD . -4.29 -79.91 -29.64
CM7 SP2 PD . -4.68 -78.89 -28.61
C23 SP2 PD . -4.31 -81.35 -29.17
C24 SP2 PD . -3.35 -81.65 -27.99
C25 SP2 PD . -3.04 -83.11 -27.83
C26 SP2 PD . -3.71 -84.01 -27.12
CM8 SP2 PD . -4.99 -83.71 -26.39
C27 SP2 PD . -3.22 -85.43 -26.97
C28 SP2 PD . -1.75 -85.66 -27.36
C29 SP2 PD . -1.25 -87.02 -26.92
C30 SP2 PD . -1.15 -88.13 -27.62
CMB SP2 PD . -0.56 -89.39 -27.05
CM9 SP2 PD . -1.63 -88.25 -29.04
CMA SP2 QD . -7.78 -62.13 -23.07
O1 SP2 QD . -8.86 -61.62 -23.85
C1 SP2 QD . -8.59 -60.60 -24.80
CM1 SP2 QD . -7.62 -61.13 -25.85
CM2 SP2 QD . -8.02 -59.37 -24.11
C2 SP2 QD . -9.97 -60.33 -25.39
C3 SP2 QD . -10.03 -59.67 -26.76
C4 SP2 QD . -11.45 -59.27 -27.15
C5 SP2 QD . -11.60 -58.73 -28.55
CM3 SP2 QD . -11.88 -57.26 -28.63
C6 SP2 QD . -11.50 -59.49 -29.66
C7 SP2 QD . -11.78 -59.00 -30.98
C8 SP2 QD . -11.83 -59.77 -32.07
C9 SP2 QD . -12.19 -59.40 -33.43
CM4 SP2 QD . -12.91 -58.09 -33.63
C10 SP2 QD . -11.95 -60.26 -34.44
C11 SP2 QD . -12.27 -60.11 -35.84
C12 SP2 QD . -11.88 -60.98 -36.78
C13 SP2 QD . -12.13 -60.91 -38.22
CM5 SP2 QD . -13.15 -59.93 -38.72
C14 SP2 QD . -11.46 -61.75 -39.06
C15 SP2 QD . -11.56 -61.82 -40.50
C16 SP2 QD . -10.80 -62.63 -41.29
C17 SP2 QD . -10.90 -62.63 -42.74
C18 SP2 QD . -10.19 -63.37 -43.62
CM6 SP2 QD . -9.22 -64.43 -43.19
C19 SP2 QD . -10.40 -63.17 -45.05
C20 SP2 QD . -9.65 -63.63 -46.07
C21 SP2 QD . -9.92 -63.33 -47.44
C22 SP2 QD . -9.36 -63.95 -48.50
CM7 SP2 QD . -8.34 -65.04 -48.35
C23 SP2 QD . -9.74 -63.61 -49.92
C24 SP2 QD . -8.86 -62.51 -50.57
C25 SP2 QD . -9.20 -62.30 -52.02
C26 SP2 QD . -10.12 -61.48 -52.52
CM8 SP2 QD . -11.02 -60.63 -51.68
C27 SP2 QD . -10.35 -61.39 -54.01
C28 SP2 QD . -10.23 -59.95 -54.56
C29 SP2 QD . -11.31 -59.63 -55.55
C30 SP2 QD . -11.24 -58.88 -56.64
CMB SP2 QD . -12.43 -58.61 -57.50
CM9 SP2 QD . -9.97 -58.25 -57.12
MG BCL RD . -9.99 -68.06 -28.73
CHA BCL RD . -8.19 -66.94 -31.47
CHB BCL RD . -12.52 -65.97 -29.68
CHC BCL RD . -11.44 -68.48 -25.70
CHD BCL RD . -7.00 -69.29 -27.36
NA BCL RD . -10.27 -66.64 -30.36
C1A BCL RD . -9.45 -66.41 -31.45
C2A BCL RD . -10.19 -65.75 -32.57
C3A BCL RD . -11.44 -65.21 -31.87
C4A BCL RD . -11.47 -65.97 -30.58
CMA BCL RD . -11.36 -63.70 -31.63
CAA BCL RD . -10.50 -66.75 -33.70
CBA BCL RD . -10.46 -66.13 -35.10
CGA BCL RD . -11.73 -65.66 -35.72
O1A BCL RD . -12.22 -66.13 -36.68
O2A BCL RD . -12.17 -64.56 -35.13
NB BCL RD . -11.69 -67.31 -27.80
C1B BCL RD . -12.67 -66.53 -28.41
C2B BCL RD . -13.80 -66.42 -27.59
C3B BCL RD . -13.53 -67.14 -26.40
C4B BCL RD . -12.19 -67.68 -26.58
CMB BCL RD . -15.04 -65.65 -28.02
CAB BCL RD . -14.33 -67.36 -25.18
OBB BCL RD . -14.03 -68.21 -24.33
CBB BCL RD . -15.58 -66.57 -24.87
NC BCL RD . -9.32 -68.80 -26.83
C1C BCL RD . -10.09 -68.85 -25.69
C2C BCL RD . -9.45 -69.63 -24.59
C3C BCL RD . -8.02 -69.81 -25.09
C4C BCL RD . -8.06 -69.22 -26.48
CMC BCL RD . -9.55 -68.92 -23.24
CAC BCL RD . -7.53 -71.28 -25.08
CBC BCL RD . -7.17 -71.78 -23.69
ND BCL RD . -8.02 -68.13 -29.26
C1D BCL RD . -6.88 -68.63 -28.62
C2D BCL RD . -5.72 -68.40 -29.38
C3D BCL RD . -6.16 -67.73 -30.53
C4D BCL RD . -7.54 -67.59 -30.42
CMD BCL RD . -4.32 -68.81 -29.00
CAD BCL RD . -5.80 -67.24 -31.80
OBD BCL RD . -4.69 -67.21 -32.38
CBD BCL RD . -7.06 -66.65 -32.47
CGD BCL RD . -6.88 -65.23 -32.84
O1D BCL RD . -6.85 -64.30 -32.06
O2D BCL RD . -6.73 -65.04 -34.14
CED BCL RD . -6.78 -63.67 -34.61
C1 BCL RD . -13.30 -63.80 -35.66
C2 BCL RD . -14.57 -64.63 -35.58
C3 BCL RD . -15.27 -64.87 -34.49
C4 BCL RD . -14.91 -64.36 -33.09
C5 BCL RD . -16.56 -65.69 -34.56
C6 BCL RD . -16.55 -66.91 -35.49
C7 BCL RD . -17.91 -67.60 -35.65
C8 BCL RD . -19.03 -66.83 -36.40
C9 BCL RD . -18.47 -65.88 -37.49
C10 BCL RD . -19.98 -66.08 -35.43
C11 BCL RD . -21.10 -66.96 -34.86
C12 BCL RD . -21.99 -66.25 -33.84
C13 BCL RD . -23.23 -67.08 -33.44
C14 BCL RD . -24.32 -67.03 -34.52
C15 BCL RD . -23.86 -66.61 -32.11
C16 BCL RD . -23.03 -66.85 -30.85
C17 BCL RD . -23.87 -66.86 -29.55
C18 BCL RD . -23.06 -66.88 -28.27
C19 BCL RD . -22.50 -65.46 -28.06
C20 BCL RD . -21.93 -67.92 -28.26
CMA SP2 SD . -18.99 -50.28 -39.81
O1 SP2 SD . -18.52 -50.22 -38.46
C1 SP2 SD . -17.46 -51.08 -38.05
CM1 SP2 SD . -17.15 -50.79 -36.59
CM2 SP2 SD . -16.24 -50.86 -38.93
C2 SP2 SD . -18.02 -52.50 -38.23
C3 SP2 SD . -17.26 -53.64 -37.53
C4 SP2 SD . -17.86 -55.01 -37.81
C5 SP2 SD . -17.21 -56.15 -37.07
CM3 SP2 SD . -15.95 -56.69 -37.69
C6 SP2 SD . -17.72 -56.69 -35.94
C7 SP2 SD . -17.19 -57.87 -35.29
C8 SP2 SD . -17.80 -58.51 -34.27
C9 SP2 SD . -17.44 -59.78 -33.67
CM4 SP2 SD . -16.17 -60.45 -34.14
C10 SP2 SD . -18.28 -60.38 -32.78
C11 SP2 SD . -18.19 -61.71 -32.22
C12 SP2 SD . -18.81 -62.14 -31.10
C13 SP2 SD . -18.80 -63.46 -30.50
CM5 SP2 SD . -18.71 -64.66 -31.39
C14 SP2 SD . -18.90 -63.58 -29.15
C15 SP2 SD . -18.92 -64.81 -28.36
C16 SP2 SD . -19.10 -64.87 -27.01
C17 SP2 SD . -19.16 -66.11 -26.25
C18 SP2 SD . -19.29 -66.25 -24.90
CM6 SP2 SD . -19.32 -65.08 -23.96
C19 SP2 SD . -19.34 -67.59 -24.32
C20 SP2 SD . -19.65 -67.93 -23.04
C21 SP2 SD . -19.68 -69.29 -22.54
C22 SP2 SD . -19.92 -69.62 -21.25
CM7 SP2 SD . -20.25 -68.57 -20.24
C23 SP2 SD . -19.83 -71.03 -20.71
C24 SP2 SD . -21.13 -71.87 -20.69
C25 SP2 SD . -20.97 -73.18 -19.96
C26 SP2 SD . -20.31 -74.27 -20.36
CM8 SP2 SD . -19.59 -74.37 -21.67
C27 SP2 SD . -20.23 -75.51 -19.50
C28 SP2 SD . -20.87 -75.47 -18.10
C29 SP2 SD . -20.78 -76.81 -17.43
C30 SP2 SD . -21.74 -77.70 -17.20
CMB SP2 SD . -21.48 -79.00 -16.49
CM9 SP2 SD . -23.16 -77.48 -17.62
MG BCL TD . -21.35 -55.81 -20.94
CHA BCL TD . -19.78 -55.40 -24.00
CHB BCL TD . -23.28 -53.09 -21.67
CHC BCL TD . -22.30 -55.66 -17.69
CHD BCL TD . -18.74 -57.95 -19.98
NA BCL TD . -21.47 -54.43 -22.62
C1A BCL TD . -20.82 -54.52 -23.85
C2A BCL TD . -21.51 -53.71 -24.90
C3A BCL TD . -22.45 -52.80 -24.08
C4A BCL TD . -22.44 -53.45 -22.71
CMA BCL TD . -21.95 -51.37 -24.02
CAA BCL TD . -22.26 -54.57 -25.94
CBA BCL TD . -22.48 -53.92 -27.31
CGA BCL TD . -23.70 -53.09 -27.52
O1A BCL TD . -24.80 -53.53 -27.66
O2A BCL TD . -23.42 -51.80 -27.61
NB BCL TD . -22.57 -54.56 -19.82
C1B BCL TD . -23.34 -53.52 -20.34
C2B BCL TD . -24.16 -52.97 -19.33
C3B BCL TD . -23.94 -53.72 -18.14
C4B BCL TD . -22.90 -54.68 -18.51
CMB BCL TD . -25.09 -51.80 -19.58
CAB BCL TD . -24.54 -53.65 -16.80
OBB BCL TD . -24.39 -54.55 -15.95
CBB BCL TD . -25.38 -52.48 -16.34
NC BCL TD . -20.62 -56.67 -19.10
C1C BCL TD . -21.21 -56.52 -17.88
C2C BCL TD . -20.79 -57.55 -16.90
C3C BCL TD . -19.59 -58.20 -17.58
C4C BCL TD . -19.57 -57.56 -18.95
CMC BCL TD . -20.47 -56.97 -15.53
CAC BCL TD . -19.64 -59.75 -17.62
CBC BCL TD . -19.28 -60.39 -16.29
ND BCL TD . -19.62 -56.51 -21.75
C1D BCL TD . -18.66 -57.42 -21.29
C2D BCL TD . -17.69 -57.68 -22.28
C3D BCL TD . -18.06 -56.91 -23.38
C4D BCL TD . -19.22 -56.23 -23.03
CMD BCL TD . -16.53 -58.62 -22.12
CAD BCL TD . -17.82 -56.64 -24.74
OBD BCL TD . -16.96 -57.08 -25.52
CBD BCL TD . -18.87 -55.61 -25.23
CGD BCL TD . -18.21 -54.41 -25.76
O1D BCL TD . -17.69 -53.54 -25.10
O2D BCL TD . -18.22 -54.35 -27.09
CED BCL TD . -17.63 -53.19 -27.72
C1 BCL TD . -24.51 -50.85 -27.82
C2 BCL TD . -25.23 -50.72 -26.47
C3 BCL TD . -26.36 -50.06 -26.31
C4 BCL TD . -27.12 -49.35 -27.42
C5 BCL TD . -27.01 -49.96 -24.94
C6 BCL TD . -26.56 -50.97 -23.88
C7 BCL TD . -27.45 -50.96 -22.64
C8 BCL TD . -28.58 -52.01 -22.52
C9 BCL TD . -28.01 -53.44 -22.68
C10 BCL TD . -29.73 -51.75 -23.52
C11 BCL TD . -29.66 -52.41 -24.90
C12 BCL TD . -30.52 -51.65 -25.94
C13 BCL TD . -30.62 -52.36 -27.30
C14 BCL TD . -29.28 -52.93 -27.77
C15 BCL TD . -31.13 -51.37 -28.36
C16 BCL TD . -32.37 -50.57 -28.01
C17 BCL TD . -32.87 -49.63 -29.13
C18 BCL TD . -33.77 -48.49 -28.68
C19 BCL TD . -34.96 -49.12 -27.93
C20 BCL TD . -34.25 -47.61 -29.84
MG BCL UD . -25.22 -40.47 -11.70
CHA BCL UD . -24.14 -40.56 -14.99
CHB BCL UD . -25.70 -37.11 -12.08
CHC BCL UD . -25.35 -40.13 -8.32
CHD BCL UD . -23.76 -43.61 -11.21
NA BCL UD . -24.94 -39.05 -13.34
C1A BCL UD . -24.58 -39.32 -14.65
C2A BCL UD . -25.03 -38.22 -15.57
C3A BCL UD . -25.40 -37.08 -14.60
C4A BCL UD . -25.30 -37.71 -13.24
CMA BCL UD . -24.44 -35.90 -14.73
CAA BCL UD . -26.20 -38.66 -16.47
CBA BCL UD . -26.60 -37.65 -17.52
CGA BCL UD . -27.52 -38.18 -18.56
O1A BCL UD . -28.69 -37.95 -18.62
O2A BCL UD . -26.92 -38.86 -19.54
NB BCL UD . -25.46 -38.88 -10.38
C1B BCL UD . -25.72 -37.56 -10.75
C2B BCL UD . -26.04 -36.77 -9.62
C3B BCL UD . -25.95 -37.62 -8.48
C4B BCL UD . -25.56 -38.93 -9.02
CMB BCL UD . -26.41 -35.31 -9.72
CAB BCL UD . -26.17 -37.36 -7.04
OBB BCL UD . -26.22 -38.28 -6.21
CBB BCL UD . -26.36 -35.98 -6.47
NC BCL UD . -24.67 -41.71 -10.02
C1C BCL UD . -24.77 -41.34 -8.70
C2C BCL UD . -24.53 -42.47 -7.76
C3C BCL UD . -24.02 -43.58 -8.69
C4C BCL UD . -24.04 -42.94 -10.05
CMC BCL UD . -23.55 -42.12 -6.64
CAC BCL UD . -24.87 -44.88 -8.61
CBC BCL UD . -24.70 -45.60 -7.28
ND BCL UD . -24.19 -41.82 -12.82
C1D BCL UD . -23.62 -43.07 -12.52
C2D BCL UD . -22.95 -43.61 -13.65
C3D BCL UD . -23.12 -42.68 -14.67
C4D BCL UD . -23.86 -41.62 -14.13
CMD BCL UD . -22.23 -44.93 -13.67
CAD BCL UD . -22.98 -42.42 -16.05
OBD BCL UD . -22.41 -43.07 -16.95
CBD BCL UD . -23.73 -41.09 -16.38
CGD BCL UD . -22.93 -40.19 -17.23
O1D BCL UD . -22.04 -39.46 -16.86
O2D BCL UD . -23.28 -40.25 -18.51
CED BCL UD . -22.74 -39.23 -19.40
C1 BCL UD . -27.56 -39.14 -20.81
C2 BCL UD . -27.68 -37.78 -21.47
C3 BCL UD . -26.67 -37.00 -21.79
C4 BCL UD . -25.19 -37.35 -21.61
C5 BCL UD . -26.88 -35.60 -22.35
C6 BCL UD . -26.33 -34.49 -21.44
C7 BCL UD . -27.04 -33.15 -21.57
C8 BCL UD . -28.38 -33.13 -20.82
C9 BCL UD . -29.30 -32.03 -21.37
C10 BCL UD . -28.14 -32.93 -19.31
C11 BCL UD . -29.25 -33.49 -18.44
C12 BCL UD . -28.87 -33.62 -16.96
C13 BCL UD . -29.89 -34.45 -16.16
C14 BCL UD . -31.03 -33.60 -15.59
C15 BCL UD . -29.19 -35.18 -14.99
C16 BCL UD . -30.02 -36.29 -14.33
C17 BCL UD . -29.20 -37.35 -13.56
C18 BCL UD . -29.98 -38.53 -13.00
C19 BCL UD . -30.77 -39.15 -14.18
C20 BCL UD . -30.92 -38.18 -11.84
P 3PE VD . 48.37 -20.23 -14.73
N 3PE VD . 47.07 -16.49 -13.45
O11 3PE VD . 47.37 -21.46 -15.15
O12 3PE VD . 48.80 -20.54 -13.34
O13 3PE VD . 47.35 -18.94 -14.71
O14 3PE VD . 49.32 -19.94 -15.85
C11 3PE VD . 46.35 -18.84 -13.72
C12 3PE VD . 45.91 -17.40 -13.64
C1 3PE VD . 46.95 -21.62 -16.49
C2 3PE VD . 45.74 -20.76 -16.78
C3 3PE VD . 45.89 -20.00 -18.08
O31 3PE VD . 44.65 -19.38 -18.42
O32 3PE VD . 45.29 -17.42 -17.56
C31 3PE VD . 44.45 -18.12 -18.05
C32 3PE VD . 43.03 -17.68 -18.34
C33 3PE VD . 42.57 -16.45 -17.57
C34 3PE VD . 41.10 -16.14 -17.79
C35 3PE VD . 40.61 -14.93 -16.98
C36 3PE VD . 39.08 -14.81 -16.94
C37 3PE VD . 38.47 -14.32 -18.25
C38 3PE VD . 38.68 -12.82 -18.49
C39 3PE VD . 38.15 -11.93 -17.37
C3A 3PE VD . 36.70 -12.22 -16.99
C3B 3PE VD . 36.16 -11.39 -15.84
C3C 3PE VD . 34.99 -12.06 -15.14
C3D 3PE VD . 34.62 -11.45 -13.79
C3E 3PE VD . 33.29 -11.97 -13.26
C3F 3PE VD . 33.34 -13.43 -12.83
C3G 3PE VD . 32.01 -14.15 -12.96
C3H 3PE VD . 30.85 -13.51 -12.21
C3I 3PE VD . 31.16 -13.23 -10.75
O21 3PE VD . 44.55 -21.55 -16.92
O22 3PE VD . 43.32 -20.30 -15.55
C21 3PE VD . 43.42 -21.21 -16.35
C22 3PE VD . 42.28 -22.09 -16.81
C23 3PE VD . 41.86 -21.81 -18.24
C24 3PE VD . 40.49 -21.17 -18.35
C25 3PE VD . 39.54 -21.96 -19.25
C26 3PE VD . 38.21 -21.26 -19.46
C27 3PE VD . 37.36 -21.89 -20.56
C28 3PE VD . 36.11 -21.10 -20.91
C29 3PE VD . 36.40 -19.75 -21.54
C2A 3PE VD . 35.20 -19.13 -22.24
C2B 3PE VD . 35.07 -19.53 -23.71
C2C 3PE VD . 36.15 -18.93 -24.60
C2D 3PE VD . 35.60 -18.13 -25.78
C2E 3PE VD . 34.88 -18.95 -26.85
C2F 3PE VD . 34.83 -18.24 -28.20
C2G 3PE VD . 33.75 -18.75 -29.13
C2H 3PE VD . 33.86 -18.20 -30.56
C2I 3PE VD . 34.93 -18.89 -31.40
C1 CD4 WD . 37.05 -10.57 -26.69
C2 CD4 WD . 37.43 -9.58 -27.79
C3 CD4 WD . 36.25 -9.27 -28.73
C4 CD4 WD . 35.51 -7.99 -28.35
C5 CD4 WD . 34.69 -8.09 -27.05
C6 CD4 WD . 33.69 -9.25 -27.12
C7 CD4 WD . 32.72 -9.21 -28.33
C8 CD4 WD . 31.74 -8.03 -28.27
C9 CD4 WD . 32.22 -6.82 -29.09
C10 CD4 WD . 31.05 -5.86 -29.26
C11 CD4 WD . 31.53 -4.56 -29.92
C12 CD4 WD . 32.38 -4.90 -31.14
C13 CD4 WD . 32.73 -3.62 -31.91
C14 CD4 WD . 33.66 -4.00 -33.02
O1 CD4 WD . 34.74 -3.47 -33.11
O2 CD4 WD . 33.24 -4.93 -33.90
C15 CD4 WD . 34.11 -5.60 -34.85
C16 CD4 WD . 35.32 -6.25 -34.18
O3 CD4 WD . 34.93 -7.04 -33.03
C17 CD4 WD . 34.60 -8.32 -33.22
O4 CD4 WD . 34.77 -8.85 -34.29
C18 CD4 WD . 34.03 -9.12 -32.06
C19 CD4 WD . 34.67 -10.51 -32.01
C20 CD4 WD . 33.68 -11.50 -31.40
C21 CD4 WD . 34.44 -12.64 -30.70
C22 CD4 WD . 33.43 -13.65 -30.12
C23 CD4 WD . 34.14 -14.60 -29.14
C24 CD4 WD . 34.52 -13.93 -27.81
C25 CD4 WD . 33.25 -13.60 -27.00
C26 CD4 WD . 33.64 -13.06 -25.62
C27 CD4 WD . 34.48 -14.08 -24.86
C28 CD4 WD . 34.55 -4.63 -35.95
O5 CD4 WD . 33.55 -3.62 -36.10
P1 CD4 WD . 33.66 -2.44 -37.18
O6 CD4 WD . 34.11 -3.06 -38.59
O7 CD4 WD . 32.35 -1.78 -37.32
O8 CD4 WD . 34.77 -1.38 -36.69
C29 CD4 WD . 34.72 -0.70 -35.43
C30 CD4 WD . 34.10 0.68 -35.59
O9 CD4 WD . 34.29 1.16 -36.93
C31 CD4 WD . 32.60 0.65 -35.27
O10 CD4 WD . 32.00 1.94 -35.35
P2 CD4 WD . 32.35 3.19 -34.39
O11 CD4 WD . 31.61 4.51 -34.95
O12 CD4 WD . 33.81 3.47 -34.39
O13 CD4 WD . 31.89 2.83 -32.89
C32 CD4 WD . 32.64 1.97 -32.03
C33 CD4 WD . 31.69 0.91 -31.46
C34 CD4 WD . 32.43 -0.13 -30.59
O14 CD4 WD . 33.85 -0.02 -30.84
C35 CD4 WD . 34.67 -0.20 -29.78
O15 CD4 WD . 34.23 -0.42 -28.69
C36 CD4 WD . 36.16 -0.11 -30.02
C37 CD4 WD . 36.65 -1.31 -30.83
C38 CD4 WD . 36.45 -2.62 -30.04
C39 CD4 WD . 37.29 -3.71 -30.69
C40 CD4 WD . 37.25 -4.98 -29.83
C41 CD4 WD . 38.35 -5.96 -30.26
C42 CD4 WD . 39.77 -5.37 -30.28
C43 CD4 WD . 40.19 -4.64 -29.00
C44 CD4 WD . 40.07 -5.55 -27.77
C45 CD4 WD . 40.82 -4.95 -26.58
O16 CD4 WD . 30.61 1.55 -30.72
C46 CD4 WD . 30.81 2.29 -29.62
O17 CD4 WD . 31.89 2.44 -29.11
C47 CD4 WD . 29.62 3.00 -29.05
C48 CD4 WD . 29.62 2.94 -27.51
C49 CD4 WD . 29.17 1.56 -27.00
C50 CD4 WD . 30.36 0.67 -26.65
C51 CD4 WD . 30.86 1.06 -25.26
C52 CD4 WD . 31.99 0.14 -24.81
C53 CD4 WD . 32.49 0.60 -23.44
C54 CD4 WD . 33.85 -0.03 -23.10
C55 CD4 WD . 33.65 -1.48 -22.67
C56 CD4 WD . 34.91 -2.30 -22.94
C57 CD4 WD . 34.98 -2.70 -24.42
C58 CD4 WD . 36.25 -3.53 -24.66
C59 CD4 WD . 36.32 -3.95 -26.13
C60 CD4 WD . 34.48 -13.75 -23.37
C61 CD4 WD . 35.38 -14.73 -22.61
C62 CD4 WD . 35.16 -14.59 -21.10
C63 CD4 WD . 40.33 -3.54 -26.23
C64 CD4 WD . 40.96 -3.13 -24.90
C65 CD4 WD . 40.60 -1.68 -24.57
MG BCL XD . 28.02 -21.67 -17.12
CHA BCL XD . 30.83 -22.80 -18.79
CHB BCL XD . 28.76 -18.54 -18.24
CHC BCL XD . 24.84 -20.70 -16.46
CHD BCL XD . 26.99 -24.98 -16.75
NA BCL XD . 29.59 -20.82 -18.36
C1A BCL XD . 30.67 -21.46 -18.94
C2A BCL XD . 31.55 -20.49 -19.68
C3A BCL XD . 31.07 -19.14 -19.11
C4A BCL XD . 29.70 -19.47 -18.64
CMA BCL XD . 31.95 -18.66 -17.96
CAA BCL XD . 31.43 -20.53 -21.22
CBA BCL XD . 29.99 -20.44 -21.78
CGA BCL XD . 29.89 -20.29 -23.26
O1A BCL XD . 30.79 -20.08 -23.97
O2A BCL XD . 28.65 -20.43 -23.70
NB BCL XD . 26.95 -19.89 -17.29
C1B BCL XD . 27.43 -18.71 -17.84
C2B BCL XD . 26.40 -17.75 -17.92
C3B BCL XD . 25.23 -18.34 -17.39
C4B BCL XD . 25.62 -19.70 -17.03
CMB BCL XD . 26.64 -16.36 -18.49
CAB BCL XD . 23.88 -17.82 -17.17
OBB BCL XD . 22.90 -18.56 -17.06
CBB BCL XD . 23.59 -16.34 -17.06
NC BCL XD . 26.19 -22.69 -16.66
C1C BCL XD . 24.99 -22.09 -16.42
C2C BCL XD . 24.02 -23.01 -15.79
C3C BCL XD . 24.55 -24.37 -16.27
C4C BCL XD . 25.98 -24.05 -16.59
CMC BCL XD . 23.99 -22.89 -14.29
CAC BCL XD . 23.74 -25.00 -17.44
CBC BCL XD . 23.76 -24.16 -18.71
ND BCL XD . 28.67 -23.51 -17.71
C1D BCL XD . 28.27 -24.79 -17.35
C2D BCL XD . 29.26 -25.76 -17.64
C3D BCL XD . 30.30 -25.05 -18.21
C4D BCL XD . 29.91 -23.71 -18.24
CMD BCL XD . 29.16 -27.24 -17.36
CAD BCL XD . 31.68 -25.07 -18.55
OBD BCL XD . 32.51 -25.99 -18.50
CBD BCL XD . 32.07 -23.66 -19.07
CGD BCL XD . 33.31 -23.19 -18.45
O1D BCL XD . 34.38 -23.05 -19.02
O2D BCL XD . 33.20 -22.93 -17.16
CED BCL XD . 34.39 -22.45 -16.49
C1 BCL XD . 28.28 -20.29 -25.11
C2 BCL XD . 28.41 -18.81 -25.39
C3 BCL XD . 29.33 -18.24 -26.13
C4 BCL XD . 30.42 -18.97 -26.92
C5 BCL XD . 29.39 -16.72 -26.25
C6 BCL XD . 30.36 -16.08 -25.26
C7 BCL XD . 29.92 -16.24 -23.81
C8 BCL XD . 30.89 -15.75 -22.75
C9 BCL XD . 32.14 -16.65 -22.72
C10 BCL XD . 30.21 -15.73 -21.37
C11 BCL XD . 30.98 -15.04 -20.26
C12 BCL XD . 30.10 -14.70 -19.06
C13 BCL XD . 30.80 -13.78 -18.04
C14 BCL XD . 31.82 -14.53 -17.18
C15 BCL XD . 29.74 -13.16 -17.10
C16 BCL XD . 30.28 -12.08 -16.17
C17 BCL XD . 30.61 -10.75 -16.85
C18 BCL XD . 31.50 -9.82 -16.03
C19 BCL XD . 30.70 -9.47 -14.76
C20 BCL XD . 31.89 -8.52 -16.76
C1 UQ1 YD . 13.96 -49.90 -23.28
O1 UQ1 YD . 14.74 -50.81 -23.60
C2 UQ1 YD . 14.03 -49.29 -21.93
O2 UQ1 YD . 15.04 -49.89 -21.16
CM2 UQ1 YD . 15.42 -49.41 -19.87
C3 UQ1 YD . 13.19 -48.28 -21.54
O3 UQ1 YD . 13.21 -47.69 -20.29
CM3 UQ1 YD . 12.29 -46.79 -19.68
C4 UQ1 YD . 12.15 -47.76 -22.52
O4 UQ1 YD . 11.33 -46.86 -22.32
C5 UQ1 YD . 12.12 -48.39 -23.86
CM5 UQ1 YD . 11.08 -47.82 -24.74
C6 UQ1 YD . 12.96 -49.37 -24.23
C7 UQ1 YD . 12.93 -50.03 -25.57
C8 UQ1 YD . 14.06 -49.80 -26.51
C9 UQ1 YD . 14.43 -48.65 -27.11
C10 UQ1 YD . 13.73 -47.35 -26.95
C11 UQ1 YD . 15.59 -48.62 -28.02
C1 U10 ZD . 22.68 -29.58 -45.21
C2 U10 ZD . 22.75 -28.31 -45.75
C3 U10 ZD . 21.96 -27.97 -46.87
C4 U10 ZD . 21.10 -28.94 -47.37
C5 U10 ZD . 21.04 -30.21 -46.83
C6 U10 ZD . 21.83 -30.54 -45.74
C1M U10 ZD . 23.56 -29.91 -44.03
C3M U10 ZD . 22.57 -25.75 -47.34
C4M U10 ZD . 21.21 -28.52 -49.62
C7 U10 ZD . 21.94 -31.99 -45.31
C8 U10 ZD . 21.06 -32.23 -44.12
C9 U10 ZD . 20.37 -33.51 -43.91
C10 U10 ZD . 20.38 -34.58 -44.96
C11 U10 ZD . 19.65 -33.75 -42.61
C12 U10 ZD . 20.67 -33.77 -41.48
C13 U10 ZD . 19.98 -34.13 -40.19
C14 U10 ZD . 20.77 -34.28 -38.96
C15 U10 ZD . 22.25 -34.03 -39.00
C16 U10 ZD . 20.12 -34.66 -37.66
C17 U10 ZD . 18.75 -35.29 -37.83
C18 U10 ZD . 18.35 -35.97 -36.53
C19 U10 ZD . 17.00 -35.86 -35.99
C20 U10 ZD . 15.96 -35.07 -36.72
C21 U10 ZD . 16.62 -36.56 -34.70
C22 U10 ZD . 16.13 -35.54 -33.68
C23 U10 ZD . 15.78 -36.21 -32.36
C24 U10 ZD . 16.71 -36.33 -31.22
C25 U10 ZD . 18.13 -35.93 -31.36
C26 U10 ZD . 16.17 -36.84 -29.90
C27 U10 ZD . 15.68 -38.29 -29.99
C28 U10 ZD . 16.44 -39.15 -29.00
C29 U10 ZD . 17.71 -39.82 -29.31
C30 U10 ZD . 18.26 -39.80 -30.71
C31 U10 ZD . 18.45 -40.54 -28.20
C32 U10 ZD . 18.62 -42.03 -28.47
C33 U10 ZD . 18.83 -42.74 -27.14
C34 U10 ZD . 18.42 -44.13 -26.93
C35 U10 ZD . 18.02 -44.98 -28.10
C36 U10 ZD . 18.41 -44.73 -25.54
C37 U10 ZD . 17.96 -43.80 -24.42
C38 U10 ZD . 16.45 -43.65 -24.36
C39 U10 ZD . 15.73 -42.38 -24.52
C40 U10 ZD . 16.47 -41.11 -24.82
C41 U10 ZD . 14.22 -42.37 -24.40
C42 U10 ZD . 13.81 -41.61 -23.13
C43 U10 ZD . 12.30 -41.57 -23.01
C44 U10 ZD . 11.53 -42.56 -22.26
C45 U10 ZD . 12.25 -43.65 -21.52
C46 U10 ZD . 10.02 -42.50 -22.22
C47 U10 ZD . 9.40 -43.83 -22.64
C48 U10 ZD . 7.93 -43.63 -22.95
C49 U10 ZD . 7.23 -44.45 -23.95
C50 U10 ZD . 7.91 -45.65 -24.53
C51 U10 ZD . 5.83 -44.09 -24.41
C52 U10 ZD . 5.72 -42.60 -24.64
C53 U10 ZD . 4.58 -42.32 -25.60
C54 U10 ZD . 3.80 -41.08 -25.52
C55 U10 ZD . 2.79 -40.76 -26.59
C56 U10 ZD . 4.01 -40.11 -24.40
O2 U10 ZD . 23.33 -27.45 -45.08
O3 U10 ZD . 21.64 -26.80 -47.12
O4 U10 ZD . 20.50 -28.72 -48.43
O5 U10 ZD . 20.52 -31.12 -47.48
MG BCL AE . 23.99 -32.36 -17.52
CHA BCL AE . 22.19 -29.38 -17.33
CHB BCL AE . 24.36 -31.78 -20.85
CHC BCL AE . 26.55 -34.59 -17.59
CHD BCL AE . 24.16 -32.39 -14.04
NA BCL AE . 23.36 -30.77 -18.87
C1A BCL AE . 22.58 -29.66 -18.61
C2A BCL AE . 22.29 -28.89 -19.87
C3A BCL AE . 22.65 -29.92 -20.95
C4A BCL AE . 23.60 -30.81 -20.24
CMA BCL AE . 21.43 -30.71 -21.40
CAA BCL AE . 23.12 -27.61 -20.00
CBA BCL AE . 22.67 -26.65 -21.12
CGA BCL AE . 21.46 -25.84 -20.80
O1A BCL AE . 20.59 -26.15 -20.08
O2A BCL AE . 21.48 -24.65 -21.36
NB BCL AE . 25.29 -33.06 -18.97
C1B BCL AE . 25.25 -32.73 -20.33
C2B BCL AE . 26.18 -33.48 -21.04
C3B BCL AE . 26.84 -34.34 -20.12
C4B BCL AE . 26.25 -34.02 -18.83
CMB BCL AE . 26.35 -33.32 -22.55
CAB BCL AE . 27.89 -35.34 -20.30
OBB BCL AE . 28.19 -36.15 -19.40
CBB BCL AE . 28.71 -35.48 -21.56
NC BCL AE . 25.15 -33.36 -16.02
C1C BCL AE . 26.20 -34.20 -16.28
C2C BCL AE . 26.68 -34.91 -15.07
C3C BCL AE . 26.08 -34.06 -13.94
C4C BCL AE . 25.09 -33.18 -14.66
CMC BCL AE . 26.23 -36.35 -15.01
CAC BCL AE . 27.15 -33.26 -13.14
CBC BCL AE . 27.84 -34.11 -12.11
ND BCL AE . 23.35 -31.18 -15.98
C1D BCL AE . 23.45 -31.29 -14.60
C2D BCL AE . 22.80 -30.22 -13.94
C3D BCL AE . 22.28 -29.43 -14.95
C4D BCL AE . 22.62 -30.03 -16.16
CMD BCL AE . 22.72 -30.03 -12.44
CAD BCL AE . 21.57 -28.25 -15.27
OBD BCL AE . 21.04 -27.39 -14.52
CBD BCL AE . 21.53 -28.10 -16.81
CGD BCL AE . 20.16 -27.83 -17.26
O1D BCL AE . 19.44 -28.65 -17.80
O2D BCL AE . 19.75 -26.60 -17.02
CED BCL AE . 18.42 -26.24 -17.43
C1 BCL AE . 20.41 -23.70 -21.05
C2 BCL AE . 21.02 -22.32 -21.27
C3 BCL AE . 21.23 -21.41 -20.35
C4 BCL AE . 20.89 -21.55 -18.88
C5 BCL AE . 21.92 -20.09 -20.71
C6 BCL AE . 21.15 -18.81 -20.48
C7 BCL AE . 21.87 -17.59 -21.08
C8 BCL AE . 21.32 -16.22 -20.70
C9 BCL AE . 19.84 -16.09 -21.09
C10 BCL AE . 22.13 -15.10 -21.37
C11 BCL AE . 23.51 -14.84 -20.78
C12 BCL AE . 24.12 -13.54 -21.31
C13 BCL AE . 25.49 -13.21 -20.74
C14 BCL AE . 25.43 -12.76 -19.28
C15 BCL AE . 26.10 -12.08 -21.58
C16 BCL AE . 27.51 -11.66 -21.20
C17 BCL AE . 28.25 -10.65 -22.11
C18 BCL AE . 28.58 -11.15 -23.51
C19 BCL AE . 29.36 -12.46 -23.31
C20 BCL AE . 29.43 -10.16 -24.33
O1D BPH BE . 22.29 -11.15 -29.00
CGD BPH BE . 22.24 -12.34 -28.86
O2D BPH BE . 23.17 -13.13 -29.39
CED BPH BE . 24.36 -12.48 -29.91
CBD BPH BE . 21.19 -13.08 -28.14
CHA BPH BE . 21.69 -14.21 -27.22
C4D BPH BE . 21.05 -15.35 -27.74
C3D BPH BE . 20.27 -15.18 -28.87
CAD BPH BE . 20.21 -13.79 -29.11
OBD BPH BE . 19.54 -13.13 -29.93
C2D BPH BE . 19.74 -16.43 -29.19
CMD BPH BE . 18.81 -16.80 -30.33
C1D BPH BE . 20.25 -17.31 -28.22
ND BPH BE . 21.06 -16.64 -27.30
CHD BPH BE . 20.03 -18.71 -28.08
C4C BPH BE . 20.65 -19.59 -27.19
C3C BPH BE . 20.56 -21.09 -27.27
CAC BPH BE . 19.15 -21.67 -27.60
CBC BPH BE . 18.02 -21.09 -26.76
C2C BPH BE . 21.10 -21.49 -25.90
CMC BPH BE . 21.84 -22.81 -25.85
C1C BPH BE . 21.95 -20.32 -25.57
NC BPH BE . 21.58 -19.21 -26.26
CHC BPH BE . 22.90 -20.31 -24.54
C4B BPH BE . 23.76 -19.30 -24.07
C3B BPH BE . 24.78 -19.39 -23.02
CAB BPH BE . 25.04 -20.64 -22.28
CBB BPH BE . 25.88 -20.68 -21.02
OBB BPH BE . 24.57 -21.73 -22.62
C2B BPH BE . 25.35 -18.10 -22.96
CMB BPH BE . 26.47 -17.56 -22.07
C1B BPH BE . 24.70 -17.30 -23.91
NB BPH BE . 23.74 -18.04 -24.58
CHB BPH BE . 24.95 -15.94 -24.18
C4A BPH BE . 24.25 -15.01 -24.92
C3A BPH BE . 24.70 -13.61 -25.17
CMA BPH BE . 25.91 -13.56 -26.09
C2A BPH BE . 23.46 -12.98 -25.82
C1A BPH BE . 22.73 -14.18 -26.33
NA BPH BE . 23.20 -15.34 -25.76
CAA BPH BE . 22.62 -12.16 -24.84
CBA BPH BE . 23.28 -10.85 -24.47
CGA BPH BE . 22.55 -10.02 -23.46
O1A BPH BE . 21.65 -10.38 -22.79
O2A BPH BE . 23.03 -8.83 -23.39
C1 BPH BE . 22.49 -7.91 -22.40
C2 BPH BE . 23.26 -8.19 -21.12
C3 BPH BE . 24.54 -7.94 -21.02
C4 BPH BE . 25.42 -7.35 -22.12
C5 BPH BE . 25.28 -8.23 -19.73
C6 BPH BE . 24.41 -8.55 -18.54
C7 BPH BE . 25.21 -8.54 -17.25
C8 BPH BE . 24.42 -8.99 -16.02
C9 BPH BE . 23.42 -7.91 -15.59
C10 BPH BE . 25.41 -9.31 -14.88
C11 BPH BE . 25.89 -10.74 -15.00
C12 BPH BE . 24.90 -11.71 -14.37
C13 BPH BE . 25.11 -13.18 -14.75
C14 BPH BE . 24.00 -14.07 -14.23
C15 BPH BE . 26.46 -13.68 -14.19
C16 BPH BE . 26.81 -15.11 -14.57
C17 BPH BE . 28.22 -15.59 -14.21
C18 BPH BE . 28.60 -16.91 -14.85
C19 BPH BE . 27.64 -17.95 -14.26
C20 BPH BE . 30.04 -17.33 -14.60
O6 SQD CE . 7.73 -17.81 1.39
C44 SQD CE . 7.60 -16.41 1.11
C45 SQD CE . 7.27 -16.32 -0.39
C46 SQD CE . 5.85 -15.77 -0.58
O47 SQD CE . 8.22 -15.43 -1.02
C7 SQD CE . 8.47 -15.53 -2.37
O49 SQD CE . 7.99 -16.47 -2.99
C8 SQD CE . 9.49 -14.54 -2.86
C9 SQD CE . 9.02 -13.45 -3.80
C10 SQD CE . 10.24 -12.95 -4.55
C11 SQD CE . 10.01 -11.72 -5.41
C12 SQD CE . 11.28 -10.92 -5.60
C13 SQD CE . 12.43 -11.76 -6.13
C14 SQD CE . 13.80 -11.21 -5.73
C15 SQD CE . 14.88 -12.28 -5.59
C16 SQD CE . 15.67 -12.63 -6.83
C17 SQD CE . 14.90 -13.16 -8.02
C18 SQD CE . 14.65 -12.06 -9.03
C19 SQD CE . 13.68 -12.47 -10.13
C20 SQD CE . 13.36 -11.29 -11.02
C21 SQD CE . 12.21 -11.59 -11.96
C22 SQD CE . 11.81 -10.37 -12.76
O48 SQD CE . 5.52 -15.88 -1.96
C23 SQD CE . 4.22 -15.94 -2.38
O10 SQD CE . 3.32 -16.04 -1.54
C24 SQD CE . 4.10 -15.86 -3.87
C25 SQD CE . 4.61 -14.55 -4.42
C26 SQD CE . 3.91 -13.33 -3.87
C27 SQD CE . 2.54 -13.20 -4.47
C28 SQD CE . 1.55 -12.39 -3.65
C29 SQD CE . 2.01 -11.01 -3.21
C30 SQD CE . 1.47 -10.70 -1.83
C31 SQD CE . 1.36 -9.24 -1.47
C32 SQD CE . 0.12 -8.57 -2.04
C33 SQD CE . -0.19 -7.29 -1.29
C34 SQD CE . -1.40 -6.53 -1.81
C35 SQD CE . -1.16 -5.87 -3.15
C36 SQD CE . -2.14 -4.74 -3.39
C37 SQD CE . -1.91 -4.04 -4.71
C38 SQD CE . -2.83 -2.86 -4.90
C1 SQD CE . 7.94 -18.15 2.74
C2 SQD CE . 9.40 -18.62 2.95
O2 SQD CE . 10.26 -17.53 2.69
C3 SQD CE . 9.70 -19.82 2.02
O3 SQD CE . 10.97 -20.30 2.41
C4 SQD CE . 8.64 -20.93 2.13
O4 SQD CE . 8.84 -21.94 1.17
C5 SQD CE . 7.23 -20.32 2.05
C6 SQD CE . 6.11 -21.32 2.39
O5 SQD CE . 7.04 -19.23 2.93
S SQD CE . 4.65 -20.79 1.95
O7 SQD CE . 4.52 -20.63 0.67
O8 SQD CE . 3.86 -22.26 2.25
O9 SQD CE . 4.11 -19.98 2.82
C1B LMT DE . 51.31 -46.14 -17.79
C2B LMT DE . 50.16 -46.01 -16.74
C3B LMT DE . 50.70 -46.19 -15.31
C4B LMT DE . 51.53 -47.49 -15.19
C5B LMT DE . 52.61 -47.44 -16.30
C6B LMT DE . 53.49 -48.68 -16.22
O1B LMT DE . 52.17 -45.03 -17.79
O2B LMT DE . 49.55 -44.79 -16.88
O3B LMT DE . 49.67 -46.17 -14.39
O4' LMT DE . 52.14 -47.57 -13.97
O5B LMT DE . 52.04 -47.32 -17.59
O6B LMT DE . 52.72 -49.81 -16.20
C1' LMT DE . 52.54 -41.49 -20.06
C2' LMT DE . 51.78 -41.40 -18.71
C3' LMT DE . 52.07 -42.64 -17.81
C4' LMT DE . 51.84 -43.93 -18.61
C5' LMT DE . 52.83 -43.78 -19.80
C6' LMT DE . 53.07 -45.03 -20.61
O1' LMT DE . 52.02 -40.58 -20.94
O2' LMT DE . 52.20 -40.28 -18.06
O3' LMT DE . 51.27 -42.63 -16.71
O5' LMT DE . 52.36 -42.78 -20.65
O6' LMT DE . 53.83 -45.86 -19.82
C1 LMT DE . 52.85 -40.28 -22.04
C2 LMT DE . 52.64 -38.81 -22.33
C3 LMT DE . 51.41 -38.43 -23.09
C4 LMT DE . 51.28 -36.92 -22.98
C5 LMT DE . 50.22 -36.39 -23.89
C6 LMT DE . 50.29 -34.90 -24.01
C7 LMT DE . 49.29 -34.38 -25.00
C8 LMT DE . 49.56 -32.93 -25.26
C9 LMT DE . 48.72 -32.33 -26.35
C10 LMT DE . 48.91 -30.84 -26.33
C11 LMT DE . 50.34 -30.44 -26.55
C12 LMT DE . 50.51 -28.96 -26.45
MG BCL EE . 27.10 -41.48 -25.88
CHA BCL EE . 23.92 -40.17 -25.40
CHB BCL EE . 25.94 -42.96 -28.69
CHC BCL EE . 30.28 -41.57 -27.12
CHD BCL EE . 28.26 -39.52 -23.27
NA BCL EE . 25.17 -41.54 -26.88
C1A BCL EE . 23.98 -40.91 -26.54
C2A BCL EE . 22.88 -41.23 -27.52
C3A BCL EE . 23.48 -42.43 -28.26
C4A BCL EE . 24.94 -42.25 -28.04
CMA BCL EE . 22.99 -43.76 -27.69
CAA BCL EE . 22.49 -40.08 -28.48
CBA BCL EE . 23.63 -39.50 -29.35
CGA BCL EE . 23.27 -38.40 -30.29
O1A BCL EE . 22.26 -37.80 -30.29
O2A BCL EE . 24.25 -38.18 -31.15
NB BCL EE . 27.99 -42.15 -27.62
C1B BCL EE . 27.31 -42.75 -28.69
C2B BCL EE . 28.20 -43.09 -29.71
C3B BCL EE . 29.50 -42.70 -29.29
C4B BCL EE . 29.30 -42.11 -27.98
CMB BCL EE . 27.74 -43.76 -31.00
CAB BCL EE . 30.82 -42.80 -29.93
OBB BCL EE . 31.82 -42.22 -29.50
CBB BCL EE . 31.05 -43.62 -31.18
NC BCL EE . 28.99 -40.67 -25.28
C1C BCL EE . 30.18 -40.84 -25.92
C2C BCL EE . 31.35 -40.58 -25.04
C3C BCL EE . 30.71 -39.85 -23.84
C4C BCL EE . 29.24 -39.90 -24.16
CMC BCL EE . 32.09 -41.85 -24.66
CAC BCL EE . 31.28 -38.42 -23.61
CBC BCL EE . 30.92 -37.44 -24.70
ND BCL EE . 26.33 -40.07 -24.64
C1D BCL EE . 26.86 -39.46 -23.50
C2D BCL EE . 25.84 -38.87 -22.71
C3D BCL EE . 24.65 -39.11 -23.40
C4D BCL EE . 24.98 -39.82 -24.54
CMD BCL EE . 26.06 -38.17 -21.40
CAD BCL EE . 23.25 -39.13 -23.30
OBD BCL EE . 22.49 -38.78 -22.38
CBD BCL EE . 22.68 -39.70 -24.63
CGD BCL EE . 21.68 -40.75 -24.39
O1D BCL EE . 20.52 -40.72 -24.76
O2D BCL EE . 22.16 -41.78 -23.71
CED BCL EE . 21.28 -42.91 -23.50
C1 BCL EE . 24.13 -37.22 -32.26
C2 BCL EE . 24.03 -38.09 -33.49
C3 BCL EE . 22.94 -38.48 -34.10
C4 BCL EE . 21.51 -38.07 -33.72
C5 BCL EE . 22.98 -39.48 -35.26
C6 BCL EE . 23.30 -40.92 -34.85
C7 BCL EE . 22.43 -41.36 -33.65
C8 BCL EE . 22.44 -42.80 -33.17
C9 BCL EE . 21.33 -42.92 -32.11
C10 BCL EE . 23.83 -43.20 -32.64
C11 BCL EE . 24.19 -44.69 -32.55
C12 BCL EE . 23.46 -45.50 -31.48
C13 BCL EE . 24.25 -46.69 -30.92
C14 BCL EE . 24.70 -47.67 -32.00
C15 BCL EE . 23.29 -47.39 -29.94
C16 BCL EE . 22.22 -48.30 -30.55
C17 BCL EE . 21.05 -48.61 -29.59
C18 BCL EE . 19.98 -49.49 -30.20
C19 BCL EE . 18.94 -49.68 -29.09
C20 BCL EE . 20.48 -50.86 -30.65
O1D BPH FE . 28.38 -38.58 -42.81
CGD BPH FE . 28.48 -37.85 -41.85
O2D BPH FE . 27.45 -37.14 -41.42
CED BPH FE . 26.20 -37.28 -42.14
CBD BPH FE . 29.70 -37.67 -41.04
CHA BPH FE . 29.54 -37.79 -39.51
C4D BPH FE . 29.96 -36.54 -39.04
C3D BPH FE . 30.33 -35.59 -39.99
CAD BPH FE . 30.28 -36.25 -41.26
OBD BPH FE . 30.62 -35.85 -42.39
C2D BPH FE . 30.71 -34.44 -39.31
CMD BPH FE . 31.20 -33.12 -39.86
C1D BPH FE . 30.55 -34.76 -37.94
ND BPH FE . 30.09 -36.05 -37.77
CHD BPH FE . 30.79 -33.93 -36.80
C4C BPH FE . 30.48 -34.15 -35.47
C3C BPH FE . 30.53 -33.09 -34.38
CAC BPH FE . 31.90 -32.41 -34.06
CBC BPH FE . 32.64 -31.74 -35.20
C2C BPH FE . 30.02 -33.86 -33.14
CMC BPH FE . 28.91 -33.16 -32.38
C1C BPH FE . 29.62 -35.17 -33.70
NC BPH FE . 29.76 -35.24 -35.05
CHC BPH FE . 28.93 -36.14 -32.96
C4B BPH FE . 28.36 -37.39 -33.31
C3B BPH FE . 27.74 -38.36 -32.41
CAB BPH FE . 27.62 -38.16 -30.97
CBB BPH FE . 27.47 -39.31 -30.00
OBB BPH FE . 27.65 -37.04 -30.47
C2B BPH FE . 27.35 -39.42 -33.27
CMB BPH FE . 26.66 -40.74 -32.93
C1B BPH FE . 27.71 -39.07 -34.57
NB BPH FE . 28.33 -37.83 -34.59
CHB BPH FE . 27.49 -39.84 -35.72
C4A BPH FE . 27.88 -39.67 -37.03
C3A BPH FE . 27.38 -40.48 -38.19
CMA BPH FE . 25.93 -40.13 -38.52
C2A BPH FE . 28.34 -40.08 -39.31
C1A BPH FE . 28.85 -38.75 -38.82
NA BPH FE . 28.61 -38.58 -37.47
CAA BPH FE . 29.45 -41.13 -39.50
CBA BPH FE . 28.92 -42.45 -40.09
CGA BPH FE . 29.86 -43.61 -40.01
O1A BPH FE . 31.01 -43.54 -39.82
O2A BPH FE . 29.22 -44.76 -40.12
C1 BPH FE . 29.93 -46.02 -39.94
C2 BPH FE . 28.87 -47.10 -39.97
C3 BPH FE . 28.24 -47.44 -41.08
C4 BPH FE . 28.51 -46.85 -42.44
C5 BPH FE . 27.12 -48.48 -41.11
C6 BPH FE . 26.59 -48.98 -39.77
C7 BPH FE . 25.54 -50.09 -39.91
C8 BPH FE . 24.20 -49.73 -40.59
C9 BPH FE . 23.03 -50.43 -39.86
C10 BPH FE . 24.18 -50.09 -42.09
C11 BPH FE . 23.87 -51.54 -42.44
C12 BPH FE . 23.83 -51.79 -43.96
C13 BPH FE . 23.72 -53.27 -44.39
C14 BPH FE . 23.89 -53.45 -45.90
C15 BPH FE . 22.35 -53.86 -43.97
C16 BPH FE . 22.11 -55.35 -44.27
C17 BPH FE . 21.02 -56.06 -43.44
C18 BPH FE . 20.86 -57.55 -43.74
C19 BPH FE . 19.99 -57.64 -45.02
C20 BPH FE . 20.20 -58.36 -42.61
C1 CD4 GE . 51.19 -32.50 -38.75
C2 CD4 GE . 50.10 -31.95 -39.66
C3 CD4 GE . 49.25 -33.09 -40.24
C4 CD4 GE . 48.53 -33.86 -39.13
C5 CD4 GE . 47.65 -32.96 -38.25
C6 CD4 GE . 46.69 -32.09 -39.07
C7 CD4 GE . 45.65 -32.99 -39.75
C8 CD4 GE . 44.87 -32.23 -40.83
C9 CD4 GE . 44.35 -30.90 -40.27
C10 CD4 GE . 43.27 -30.33 -41.19
C11 CD4 GE . 43.81 -29.96 -42.57
C12 CD4 GE . 42.82 -28.97 -43.21
C13 CD4 GE . 43.21 -28.68 -44.66
C14 CD4 GE . 42.32 -27.59 -45.20
O1 CD4 GE . 42.81 -26.53 -45.53
O2 CD4 GE . 41.00 -27.82 -45.34
C15 CD4 GE . 40.11 -26.70 -45.62
C16 CD4 GE . 38.66 -27.07 -45.32
O3 CD4 GE . 38.30 -26.90 -43.91
C17 CD4 GE . 38.16 -25.66 -43.43
O4 CD4 GE . 38.18 -24.70 -44.16
C18 CD4 GE . 37.88 -25.44 -41.96
C19 CD4 GE . 37.71 -26.75 -41.19
C20 CD4 GE . 39.06 -27.43 -40.91
C21 CD4 GE . 38.94 -28.25 -39.63
C22 CD4 GE . 40.23 -29.06 -39.41
C23 CD4 GE . 40.09 -29.94 -38.17
C24 CD4 GE . 41.35 -30.82 -38.05
C25 CD4 GE . 41.29 -31.72 -36.83
C26 CD4 GE . 42.49 -32.68 -36.85
C27 CD4 GE . 42.60 -33.41 -35.51
C28 CD4 GE . 40.19 -26.30 -47.09
O5 CD4 GE . 39.52 -27.26 -47.91
P1 CD4 GE . 40.05 -27.59 -49.39
O6 CD4 GE . 41.46 -28.34 -49.31
O7 CD4 GE . 39.07 -28.43 -50.11
O8 CD4 GE . 40.23 -26.19 -50.15
C29 CD4 GE . 39.14 -25.48 -50.73
C30 CD4 GE . 39.63 -24.15 -51.27
O9 CD4 GE . 38.57 -23.50 -51.99
C31 CD4 GE . 40.08 -23.26 -50.10
O10 CD4 GE . 39.04 -23.18 -49.13
P2 CD4 GE . 39.13 -22.25 -47.82
O11 CD4 GE . 37.71 -22.26 -47.04
O12 CD4 GE . 39.44 -20.87 -48.23
O13 CD4 GE . 40.31 -22.80 -46.87
C32 CD4 GE . 41.10 -21.97 -46.02
C33 CD4 GE . 40.86 -22.28 -44.53
C34 CD4 GE . 41.44 -23.67 -44.26
O14 CD4 GE . 42.40 -23.67 -43.17
C35 CD4 GE . 42.52 -24.76 -42.40
O15 CD4 GE . 41.79 -25.70 -42.57
C36 CD4 GE . 43.55 -24.78 -41.30
C37 CD4 GE . 43.28 -25.92 -40.31
C38 CD4 GE . 44.14 -25.71 -39.06
C39 CD4 GE . 43.71 -26.69 -37.96
C40 CD4 GE . 44.54 -26.47 -36.70
C41 CD4 GE . 43.92 -27.26 -35.54
C42 CD4 GE . 44.95 -27.52 -34.42
C43 CD4 GE . 45.28 -26.22 -33.69
C44 CD4 GE . 44.35 -26.07 -32.47
C45 CD4 GE . 44.95 -26.69 -31.21
O16 CD4 GE . 41.54 -21.26 -43.75
C46 CD4 GE . 41.39 -21.17 -42.42
O17 CD4 GE . 40.48 -21.73 -41.85
C47 CD4 GE . 42.42 -20.38 -41.65
C48 CD4 GE . 42.34 -20.61 -40.14
C49 CD4 GE . 43.46 -19.76 -39.54
C50 CD4 GE . 43.81 -20.13 -38.09
C51 CD4 GE . 45.01 -19.26 -37.71
C52 CD4 GE . 45.61 -19.65 -36.35
C53 CD4 GE . 46.91 -18.86 -36.16
C54 CD4 GE . 47.52 -19.12 -34.79
C55 CD4 GE . 48.92 -18.50 -34.70
C56 CD4 GE . 48.85 -16.98 -34.57
C57 CD4 GE . 50.27 -16.42 -34.54
C58 CD4 GE . 50.26 -14.91 -34.79
C59 CD4 GE . 51.69 -14.41 -34.98
C60 CD4 GE . 43.56 -34.59 -35.63
C61 CD4 GE . 42.99 -35.66 -36.58
C62 CD4 GE . 43.60 -37.02 -36.26
C63 CD4 GE . 46.07 -25.78 -30.67
C64 CD4 GE . 46.42 -26.18 -29.23
C65 CD4 GE . 47.04 -27.58 -29.19
CMA SP2 HE . 17.86 -57.50 -33.25
O1 SP2 HE . 19.07 -58.22 -33.00
C1 SP2 HE . 20.17 -58.07 -33.89
CM1 SP2 HE . 21.31 -59.00 -33.48
CM2 SP2 HE . 19.69 -58.40 -35.28
C2 SP2 HE . 20.60 -56.61 -33.78
C3 SP2 HE . 20.86 -56.01 -32.39
C4 SP2 HE . 21.51 -54.63 -32.51
C5 SP2 HE . 21.99 -54.02 -31.22
CM3 SP2 HE . 21.15 -54.32 -30.01
C6 SP2 HE . 23.10 -53.23 -31.19
C7 SP2 HE . 23.56 -52.50 -30.05
C8 SP2 HE . 24.48 -51.52 -30.13
C9 SP2 HE . 24.96 -50.64 -29.07
CM4 SP2 HE . 24.11 -50.48 -27.85
C10 SP2 HE . 26.07 -49.89 -29.30
C11 SP2 HE . 26.62 -48.86 -28.44
C12 SP2 HE . 27.70 -48.12 -28.73
C13 SP2 HE . 28.29 -47.05 -27.94
CM5 SP2 HE . 27.40 -46.33 -26.97
C14 SP2 HE . 29.57 -46.67 -28.18
C15 SP2 HE . 30.29 -45.62 -27.51
C16 SP2 HE . 31.60 -45.29 -27.67
C17 SP2 HE . 32.54 -45.98 -28.51
C18 SP2 HE . 33.82 -45.62 -28.79
CM6 SP2 HE . 34.45 -44.38 -28.23
C19 SP2 HE . 34.65 -46.50 -29.58
C20 SP2 HE . 35.85 -46.24 -30.13
C21 SP2 HE . 36.57 -47.20 -30.92
C22 SP2 HE . 37.72 -46.99 -31.60
CM7 SP2 HE . 38.45 -45.69 -31.66
C23 SP2 HE . 38.33 -48.12 -32.39
C24 SP2 HE . 39.71 -48.54 -31.85
C25 SP2 HE . 40.09 -49.91 -32.34
C26 SP2 HE . 40.50 -50.93 -31.60
CM8 SP2 HE . 40.73 -50.85 -30.11
C27 SP2 HE . 40.75 -52.29 -32.21
C28 SP2 HE . 42.23 -52.61 -32.46
C29 SP2 HE . 42.38 -53.92 -33.18
C30 SP2 HE . 43.28 -54.27 -34.09
CMB SP2 HE . 44.42 -53.38 -34.49
CM9 SP2 HE . 43.24 -55.59 -34.79
FE FE IE . 23.02 -21.06 -43.79
C1 U10 JE . 24.13 -14.38 -38.06
C2 U10 JE . 23.62 -14.58 -39.33
C3 U10 JE . 23.98 -13.76 -40.42
C4 U10 JE . 24.90 -12.71 -40.15
C5 U10 JE . 25.40 -12.54 -38.87
C6 U10 JE . 25.04 -13.35 -37.82
C1M U10 JE . 23.69 -15.30 -36.96
C3M U10 JE . 23.24 -15.23 -42.17
C4M U10 JE . 24.69 -11.52 -42.23
C7 U10 JE . 25.55 -13.01 -36.43
C8 U10 JE . 26.56 -14.01 -35.94
C9 U10 JE . 28.02 -13.76 -35.92
C10 U10 JE . 28.58 -12.48 -36.44
C11 U10 JE . 28.93 -14.84 -35.39
C12 U10 JE . 29.62 -14.42 -34.09
C13 U10 JE . 28.62 -14.31 -32.96
C14 U10 JE . 28.46 -15.41 -32.00
C15 U10 JE . 29.22 -16.69 -32.17
C16 U10 JE . 27.49 -15.27 -30.85
C17 U10 JE . 28.20 -14.63 -29.65
C18 U10 JE . 28.18 -13.12 -29.77
C19 U10 JE . 28.80 -12.30 -28.73
C20 U10 JE . 29.55 -12.93 -27.60
C21 U10 JE . 28.68 -10.80 -28.80
C22 U10 JE . 27.60 -10.33 -27.84
C23 U10 JE . 27.62 -8.83 -27.74
C24 U10 JE . 26.87 -8.15 -26.67
C25 U10 JE . 26.16 -8.95 -25.62
C26 U10 JE . 26.82 -6.64 -26.65
C27 U10 JE . 28.05 -6.00 -26.03
C28 U10 JE . 27.84 -4.51 -26.13
C29 U10 JE . 27.16 -3.71 -25.10
C30 U10 JE . 26.99 -4.23 -23.69
C31 U10 JE . 26.64 -2.35 -25.49
C32 U10 JE . 25.28 -2.52 -26.16
C33 U10 JE . 24.74 -1.18 -26.56
C34 U10 JE . 23.38 -0.73 -26.23
C35 U10 JE . 22.39 -1.68 -25.62
C36 U10 JE . 22.99 0.71 -26.52
C37 U10 JE . 24.11 1.63 -26.04
C38 U10 JE . 23.64 3.07 -25.92
C39 U10 JE . 22.70 3.56 -24.90
C40 U10 JE . 22.18 2.68 -23.81
C41 U10 JE . 22.24 5.00 -24.93
C42 U10 JE . 23.08 5.86 -23.99
C43 U10 JE . 24.29 6.42 -24.69
C44 U10 JE . 24.20 7.69 -25.41
C45 U10 JE . 22.86 8.36 -25.50
C46 U10 JE . 25.38 8.37 -26.08
C47 U10 JE . 26.72 7.63 -26.03
C48 U10 JE . 27.27 7.50 -24.63
C49 U10 JE . 28.19 6.38 -24.33
C50 U10 JE . 28.67 5.53 -25.46
C51 U10 JE . 28.67 6.07 -22.93
C52 U10 JE . 27.78 6.67 -21.85
C53 U10 JE . 26.40 6.07 -21.89
C54 U10 JE . 25.61 5.94 -20.65
C55 U10 JE . 26.14 6.48 -19.37
C56 U10 JE . 24.27 5.28 -20.70
O2 U10 JE . 22.67 -15.36 -39.38
O3 U10 JE . 24.02 -14.22 -41.58
O4 U10 JE . 25.01 -11.70 -40.86
O5 U10 JE . 25.97 -11.47 -38.62
MG BCL KE . 31.46 -33.46 -20.06
CHA BCL KE . 32.94 -34.77 -22.87
CHB BCL KE . 29.61 -31.43 -22.11
CHC BCL KE . 29.57 -32.56 -17.42
CHD BCL KE . 32.44 -36.33 -18.29
NA BCL KE . 31.33 -33.16 -22.23
C1A BCL KE . 32.07 -33.77 -23.21
C2A BCL KE . 31.95 -33.05 -24.53
C3A BCL KE . 30.85 -32.00 -24.26
C4A BCL KE . 30.52 -32.20 -22.81
CMA BCL KE . 31.32 -30.58 -24.54
CAA BCL KE . 31.55 -33.97 -25.69
CBA BCL KE . 31.59 -33.29 -27.07
CGA BCL KE . 30.95 -34.12 -28.13
O1A BCL KE . 30.57 -33.69 -29.16
O2A BCL KE . 30.77 -35.37 -27.77
NB BCL KE . 29.83 -32.20 -19.80
C1B BCL KE . 29.23 -31.42 -20.77
C2B BCL KE . 28.23 -30.62 -20.21
C3B BCL KE . 28.17 -30.90 -18.82
C4B BCL KE . 29.20 -31.92 -18.62
CMB BCL KE . 27.40 -29.66 -21.06
CAB BCL KE . 27.33 -30.37 -17.74
OBB BCL KE . 27.48 -30.71 -16.55
CBB BCL KE . 26.22 -29.37 -17.96
NC BCL KE . 31.05 -34.33 -18.15
C1C BCL KE . 30.31 -33.73 -17.18
C2C BCL KE . 30.66 -34.24 -15.83
C3C BCL KE . 31.17 -35.64 -16.16
C4C BCL KE . 31.60 -35.47 -17.61
CMC BCL KE . 31.68 -33.39 -15.12
CAC BCL KE . 30.12 -36.76 -15.96
CBC BCL KE . 29.93 -37.13 -14.51
ND BCL KE . 32.41 -35.21 -20.46
C1D BCL KE . 32.87 -36.25 -19.64
C2D BCL KE . 33.75 -37.12 -20.34
C3D BCL KE . 33.82 -36.59 -21.63
C4D BCL KE . 33.01 -35.46 -21.66
CMD BCL KE . 34.43 -38.33 -19.78
CAD BCL KE . 34.41 -36.68 -22.91
OBD BCL KE . 35.13 -37.57 -23.41
CBD BCL KE . 34.04 -35.41 -23.71
CGD BCL KE . 35.18 -34.53 -23.93
O1D BCL KE . 35.58 -34.18 -25.02
O2D BCL KE . 35.75 -34.15 -22.80
CED BCL KE . 36.75 -33.10 -22.85
C1 BCL KE . 30.02 -36.27 -28.63
C2 BCL KE . 30.83 -36.64 -29.87
C3 BCL KE . 31.59 -37.70 -30.00
C4 BCL KE . 31.80 -38.77 -28.93
C5 BCL KE . 32.32 -37.99 -31.31
C6 BCL KE . 31.77 -39.19 -32.08
C7 BCL KE . 32.38 -39.36 -33.47
C8 BCL KE . 32.34 -40.78 -34.03
C9 BCL KE . 33.26 -40.91 -35.26
C10 BCL KE . 30.91 -41.19 -34.41
C11 BCL KE . 30.77 -42.64 -34.86
C12 BCL KE . 29.31 -43.08 -35.05
C13 BCL KE . 29.07 -44.60 -34.98
C14 BCL KE . 29.86 -45.38 -36.03
C15 BCL KE . 27.57 -44.89 -35.15
C16 BCL KE . 26.98 -44.65 -36.54
C17 BCL KE . 25.44 -44.73 -36.66
C18 BCL KE . 24.91 -44.13 -37.96
C19 BCL KE . 23.38 -44.29 -37.91
C20 BCL KE . 25.48 -44.79 -39.23
MG BCL LE . -4.12 -2.11 0.09
CHA BCL LE . -6.16 -2.25 -2.70
CHB BCL LE . -3.04 0.95 -0.99
CHC BCL LE . -1.61 -2.22 2.34
CHD BCL LE . -4.42 -5.60 0.39
NA BCL LE . -4.57 -0.85 -1.64
C1A BCL LE . -5.49 -1.06 -2.64
C2A BCL LE . -5.72 0.17 -3.47
C3A BCL LE . -4.53 1.07 -3.07
C4A BCL LE . -4.00 0.40 -1.83
CMA BCL LE . -3.47 1.16 -4.17
CAA BCL LE . -7.07 0.85 -3.19
CBA BCL LE . -7.48 1.88 -4.26
CGA BCL LE . -8.59 2.79 -3.87
O1A BCL LE . -8.82 3.15 -2.77
O2A BCL LE . -9.29 3.26 -4.89
NB BCL LE . -2.54 -0.87 0.57
C1B BCL LE . -2.34 0.43 0.09
C2B BCL LE . -1.36 1.09 0.84
C3B BCL LE . -0.92 0.21 1.85
C4B BCL LE . -1.67 -1.02 1.62
CMB BCL LE . -0.93 2.51 0.50
CAB BCL LE . 0.04 0.37 2.95
OBB BCL LE . 0.23 -0.50 3.80
CBB BCL LE . 0.86 1.62 3.14
NC BCL LE . -3.17 -3.69 1.21
C1C BCL LE . -2.13 -3.50 2.07
C2C BCL LE . -1.84 -4.69 2.90
C3C BCL LE . -2.75 -5.77 2.29
C4C BCL LE . -3.43 -5.04 1.16
CMC BCL LE . -0.37 -5.07 2.94
CAC BCL LE . -3.75 -6.41 3.29
CBC BCL LE . -3.11 -7.39 4.23
ND BCL LE . -5.02 -3.64 -0.93
C1D BCL LE . -5.17 -5.00 -0.66
C2D BCL LE . -6.12 -5.59 -1.53
C3D BCL LE . -6.54 -4.57 -2.36
C4D BCL LE . -5.87 -3.41 -1.98
CMD BCL LE . -6.54 -7.04 -1.51
CAD BCL LE . -7.48 -4.19 -3.36
OBD BCL LE . -8.33 -4.86 -3.96
CBD BCL LE . -7.32 -2.68 -3.63
CGD BCL LE . -7.17 -2.43 -5.08
O1D BCL LE . -6.13 -2.38 -5.68
O2D BCL LE . -8.34 -2.28 -5.69
CED BCL LE . -8.32 -1.86 -7.08
C1 BCL LE . -10.34 4.21 -4.55
C2 BCL LE . -10.88 4.79 -5.84
C3 BCL LE . -10.38 5.76 -6.56
C4 BCL LE . -9.07 6.47 -6.25
C5 BCL LE . -11.11 6.35 -7.77
C6 BCL LE . -10.29 6.67 -9.02
C7 BCL LE . -9.88 5.44 -9.84
C8 BCL LE . -9.15 5.87 -11.11
C9 BCL LE . -10.05 6.77 -11.98
C10 BCL LE . -8.64 4.67 -11.94
C11 BCL LE . -9.70 3.62 -12.28
C12 BCL LE . -9.33 2.64 -13.43
C13 BCL LE . -8.08 1.73 -13.31
C14 BCL LE . -7.77 1.29 -11.86
C15 BCL LE . -6.82 2.38 -13.94
C16 BCL LE . -5.54 1.56 -13.87
C17 BCL LE . -4.39 2.02 -14.78
C18 BCL LE . -4.50 1.52 -16.22
C19 BCL LE . -4.10 0.04 -16.19
C20 BCL LE . -3.62 2.30 -17.21
CMA SP2 ME . -31.24 -7.09 12.56
O1 SP2 ME . -30.51 -8.30 12.36
C1 SP2 ME . -30.29 -8.88 11.06
CM1 SP2 ME . -29.65 -10.22 11.38
CM2 SP2 ME . -29.36 -8.02 10.22
C2 SP2 ME . -31.65 -9.06 10.40
C3 SP2 ME . -32.16 -7.96 9.45
C4 SP2 ME . -33.59 -8.23 9.00
C5 SP2 ME . -34.14 -7.20 8.04
CM3 SP2 ME . -35.08 -6.21 8.65
C6 SP2 ME . -33.80 -7.17 6.73
C7 SP2 ME . -34.41 -6.32 5.76
C8 SP2 ME . -34.11 -6.38 4.45
C9 SP2 ME . -34.72 -5.64 3.37
CM4 SP2 ME . -35.89 -4.75 3.69
C10 SP2 ME . -34.19 -5.73 2.12
C11 SP2 ME . -34.66 -5.11 0.91
C12 SP2 ME . -33.92 -5.00 -0.21
C13 SP2 ME . -34.32 -4.40 -1.48
CM5 SP2 ME . -35.69 -3.80 -1.57
C14 SP2 ME . -33.43 -4.38 -2.50
C15 SP2 ME . -33.61 -3.80 -3.80
C16 SP2 ME . -32.62 -3.60 -4.70
C17 SP2 ME . -32.83 -2.93 -5.96
C18 SP2 ME . -31.90 -2.66 -6.91
CM6 SP2 ME . -30.48 -3.12 -6.84
C19 SP2 ME . -32.30 -1.86 -8.06
C20 SP2 ME . -31.50 -1.38 -9.03
C21 SP2 ME . -32.01 -0.56 -10.10
C22 SP2 ME . -31.28 -0.14 -11.16
CM7 SP2 ME . -29.84 -0.51 -11.39
C23 SP2 ME . -31.90 0.78 -12.19
C24 SP2 ME . -31.82 2.25 -11.76
C25 SP2 ME . -32.65 3.17 -12.62
C26 SP2 ME . -32.46 3.53 -13.88
CM8 SP2 ME . -31.30 3.05 -14.72
C27 SP2 ME . -33.42 4.46 -14.57
C28 SP2 ME . -34.52 3.70 -15.34
C29 SP2 ME . -35.34 4.44 -16.35
C30 SP2 ME . -35.60 5.73 -16.60
CMB SP2 ME . -36.50 6.12 -17.73
CM9 SP2 ME . -35.08 6.89 -15.81
MG BCL NE . -19.60 -9.89 2.03
CHA BCL NE . -22.45 -9.51 0.11
CHB BCL NE . -18.22 -7.28 0.32
CHC BCL NE . -16.56 -10.71 3.27
CHD BCL NE . -20.71 -13.10 2.92
NA BCL NE . -20.28 -8.59 0.42
C1A BCL NE . -21.50 -8.56 -0.21
C2A BCL NE . -21.67 -7.35 -1.10
C3A BCL NE . -20.28 -6.68 -1.03
C4A BCL NE . -19.50 -7.55 -0.10
CMA BCL NE . -19.60 -6.59 -2.40
CAA BCL NE . -22.77 -6.38 -0.63
CBA BCL NE . -23.11 -5.23 -1.57
CGA BCL NE . -23.62 -3.99 -0.92
O1A BCL NE . -23.29 -3.61 0.15
O2A BCL NE . -24.39 -3.22 -1.65
NB BCL NE . -17.67 -9.17 1.78
C1B BCL NE . -17.35 -7.96 1.16
C2B BCL NE . -16.06 -7.55 1.52
C3B BCL NE . -15.53 -8.51 2.40
C4B BCL NE . -16.57 -9.53 2.51
CMB BCL NE . -15.45 -6.26 0.99
CAB BCL NE . -14.26 -8.60 3.13
OBB BCL NE . -13.92 -9.59 3.78
CBB BCL NE . -13.25 -7.48 3.16
NC BCL NE . -18.78 -11.64 2.97
C1C BCL NE . -17.47 -11.76 3.37
C2C BCL NE . -17.19 -13.01 4.12
C3C BCL NE . -18.54 -13.75 4.08
C4C BCL NE . -19.39 -12.85 3.21
CMC BCL NE . -16.03 -13.81 3.56
CAC BCL NE . -19.05 -14.02 5.52
CBC BCL NE . -20.14 -15.06 5.61
ND BCL NE . -21.19 -11.09 1.62
C1D BCL NE . -21.57 -12.35 2.06
C2D BCL NE . -22.85 -12.71 1.57
C3D BCL NE . -23.25 -11.64 0.79
C4D BCL NE . -22.24 -10.69 0.83
CMD BCL NE . -23.58 -14.00 1.85
CAD BCL NE . -24.33 -11.05 0.09
OBD BCL NE . -25.49 -11.46 -0.12
CBD BCL NE . -23.88 -9.66 -0.42
CGD BCL NE . -23.96 -9.62 -1.88
O1D BCL NE . -24.41 -8.71 -2.55
O2D BCL NE . -23.50 -10.73 -2.42
CED BCL NE . -23.53 -10.77 -3.85
C1 BCL NE . -24.72 -1.92 -1.07
C2 BCL NE . -25.58 -1.20 -2.10
C3 BCL NE . -25.51 0.02 -2.57
C4 BCL NE . -26.49 0.56 -3.59
C5 BCL NE . -24.38 1.00 -2.13
C6 BCL NE . -23.33 1.41 -3.19
C7 BCL NE . -23.79 2.45 -4.24
C8 BCL NE . -22.71 3.22 -5.02
C9 BCL NE . -21.71 2.23 -5.65
C10 BCL NE . -21.97 4.25 -4.14
C11 BCL NE . -21.23 5.34 -4.92
C12 BCL NE . -22.13 6.43 -5.51
C13 BCL NE . -22.96 7.25 -4.50
C14 BCL NE . -23.71 8.40 -5.17
C15 BCL NE . -22.03 7.83 -3.40
C16 BCL NE . -22.70 8.59 -2.27
C17 BCL NE . -21.75 9.01 -1.12
C18 BCL NE . -22.44 9.60 0.11
C19 BCL NE . -23.19 10.87 -0.35
C20 BCL NE . -21.48 9.92 1.26
CMA SP2 OE . -23.93 2.57 -10.45
O1 SP2 OE . -24.59 3.44 -9.52
C1 SP2 OE . -24.21 4.81 -9.51
CM1 SP2 OE . -22.73 4.91 -9.18
CM2 SP2 OE . -24.51 5.42 -10.86
C2 SP2 OE . -25.07 5.41 -8.41
C3 SP2 OE . -26.57 5.13 -8.50
C4 SP2 OE . -27.45 6.30 -8.03
C5 SP2 OE . -27.17 6.77 -6.62
CM3 SP2 OE . -27.27 8.25 -6.41
C6 SP2 OE . -26.87 5.96 -5.59
C7 SP2 OE . -26.66 6.50 -4.27
C8 SP2 OE . -26.23 5.80 -3.23
C9 SP2 OE . -25.89 6.31 -1.91
CM4 SP2 OE . -26.46 7.62 -1.48
C10 SP2 OE . -25.05 5.60 -1.11
C11 SP2 OE . -24.48 6.00 0.14
C12 SP2 OE . -23.55 5.33 0.83
C13 SP2 OE . -22.86 5.77 2.02
CM5 SP2 OE . -23.47 6.87 2.83
C14 SP2 OE . -21.69 5.17 2.36
C15 SP2 OE . -20.81 5.53 3.45
C16 SP2 OE . -19.62 4.93 3.68
C17 SP2 OE . -18.72 5.30 4.74
C18 SP2 OE . -17.51 4.77 5.03
CM6 SP2 OE . -16.94 3.60 4.27
C19 SP2 OE . -16.72 5.35 6.09
C20 SP2 OE . -15.42 5.13 6.35
C21 SP2 OE . -14.68 5.81 7.38
C22 SP2 OE . -13.42 5.51 7.72
CM7 SP2 OE . -12.67 4.38 7.06
C23 SP2 OE . -12.65 6.27 8.77
C24 SP2 OE . -11.75 7.36 8.15
C25 SP2 OE . -12.57 8.48 7.60
C26 SP2 OE . -12.41 9.78 7.78
CM8 SP2 OE . -11.22 10.40 8.44
C27 SP2 OE . -13.46 10.75 7.31
C28 SP2 OE . -14.86 10.36 7.83
C29 SP2 OE . -15.89 11.43 7.63
C30 SP2 OE . -16.07 12.53 8.35
CMB SP2 OE . -17.16 13.51 8.04
CM9 SP2 OE . -15.24 12.88 9.54
CMA SP2 PE . -41.13 -6.80 22.43
O1 SP2 PE . -42.31 -7.10 21.67
C1 SP2 PE . -42.17 -7.97 20.57
CM1 SP2 PE . -41.66 -9.32 21.05
CM2 SP2 PE . -41.25 -7.38 19.52
C2 SP2 PE . -43.61 -8.08 20.05
C3 SP2 PE . -44.21 -6.81 19.43
C4 SP2 PE . -45.70 -6.98 19.17
C5 SP2 PE . -46.29 -5.92 18.26
CM3 SP2 PE . -46.92 -4.76 18.97
C6 SP2 PE . -46.25 -6.03 16.93
C7 SP2 PE . -46.91 -5.11 16.03
C8 SP2 PE . -47.05 -5.35 14.73
C9 SP2 PE . -47.74 -4.53 13.73
CM4 SP2 PE . -48.63 -3.43 14.22
C10 SP2 PE . -47.61 -4.84 12.42
C11 SP2 PE . -48.21 -4.17 11.30
C12 SP2 PE . -48.06 -4.56 10.02
C13 SP2 PE . -48.58 -3.94 8.81
CM5 SP2 PE . -49.82 -3.10 8.93
C14 SP2 PE . -47.96 -4.16 7.62
C15 SP2 PE . -48.30 -3.57 6.35
C16 SP2 PE . -47.62 -3.81 5.19
C17 SP2 PE . -47.97 -3.20 3.94
C18 SP2 PE . -47.28 -3.24 2.77
CM6 SP2 PE . -45.99 -3.99 2.61
C19 SP2 PE . -47.82 -2.55 1.61
C20 SP2 PE . -47.22 -2.34 0.42
C21 SP2 PE . -47.84 -1.63 -0.67
C22 SP2 PE . -47.35 -1.54 -1.91
CM7 SP2 PE . -46.07 -2.21 -2.34
C23 SP2 PE . -48.07 -0.78 -2.99
C24 SP2 PE . -48.23 0.72 -2.70
C25 SP2 PE . -49.25 1.37 -3.60
C26 SP2 PE . -49.07 1.87 -4.83
CM8 SP2 PE . -47.75 1.84 -5.55
C27 SP2 PE . -50.22 2.47 -5.59
C28 SP2 PE . -50.11 3.98 -5.86
C29 SP2 PE . -51.36 4.50 -6.51
C30 SP2 PE . -51.50 5.47 -7.40
CMB SP2 PE . -52.83 5.84 -7.99
CM9 SP2 PE . -50.34 6.28 -7.93
P 3PE QE . -43.25 15.22 0.66
N 3PE QE . -47.76 16.26 1.84
O11 3PE QE . -42.43 14.16 1.61
O12 3PE QE . -43.19 16.53 1.34
O13 3PE QE . -44.76 14.55 0.80
O14 3PE QE . -42.88 15.00 -0.77
C11 3PE QE . -45.66 14.95 1.80
C12 3PE QE . -46.36 16.22 1.36
C1 3PE QE . -42.28 12.84 1.13
C2 3PE QE . -41.52 11.95 2.11
C3 3PE QE . -40.09 11.70 1.68
O31 3PE QE . -40.14 10.58 0.80
O32 3PE QE . -38.31 11.20 -0.29
C31 3PE QE . -39.15 10.37 -0.05
C32 3PE QE . -39.24 9.00 -0.69
C33 3PE QE . -38.53 7.86 0.03
C34 3PE QE . -39.35 6.58 -0.03
C35 3PE QE . -38.62 5.36 0.52
C36 3PE QE . -39.57 4.29 1.07
C37 3PE QE . -39.57 4.22 2.60
C38 3PE QE . -38.50 3.29 3.16
C39 3PE QE . -38.18 3.54 4.62
C3A 3PE QE . -37.53 2.35 5.31
C3B 3PE QE . -36.04 2.20 5.02
C3C 3PE QE . -35.17 2.88 6.07
C3D 3PE QE . -34.89 2.02 7.30
C3E 3PE QE . -34.16 2.79 8.39
C3F 3PE QE . -35.04 3.80 9.14
C3G 3PE QE . -34.81 3.93 10.64
C3H 3PE QE . -33.57 4.71 11.09
C3I 3PE QE . -32.22 4.00 10.91
O21 3PE QE . -41.48 12.39 3.48
O22 3PE QE . -43.69 12.35 3.79
C21 3PE QE . -42.57 12.57 4.19
C22 3PE QE . -42.26 12.93 5.62
C23 3PE QE . -42.28 11.67 6.47
C24 3PE QE . -43.55 11.57 7.30
C25 3PE QE . -43.72 10.24 8.02
C26 3PE QE . -42.89 10.04 9.28
C27 3PE QE . -41.62 9.24 9.05
C28 3PE QE . -41.04 8.64 10.34
C29 3PE QE . -41.75 7.34 10.71
C2A 3PE QE . -41.54 6.86 12.13
C2B 3PE QE . -42.54 5.76 12.50
C2C 3PE QE . -42.43 5.26 13.93
C2D 3PE QE . -41.27 4.32 14.19
C2E 3PE QE . -41.39 3.62 15.55
C2F 3PE QE . -40.46 2.43 15.72
C2G 3PE QE . -40.82 1.56 16.93
C2H 3PE QE . -40.06 0.24 17.00
C2I 3PE QE . -40.56 -0.79 16.01
MG BCL RE . -35.35 -12.91 9.10
CHA BCL RE . -38.42 -11.95 7.82
CHB BCL RE . -33.88 -10.97 6.71
CHC BCL RE . -32.39 -14.44 9.70
CHD BCL RE . -36.95 -15.52 10.80
NA BCL RE . -36.09 -11.66 7.47
C1A BCL RE . -37.40 -11.31 7.17
C2A BCL RE . -37.45 -10.02 6.43
C3A BCL RE . -36.03 -9.89 5.87
C4A BCL RE . -35.26 -10.89 6.68
CMA BCL RE . -35.96 -10.20 4.38
CAA BCL RE . -37.84 -8.86 7.36
CBA BCL RE . -39.03 -8.00 6.94
CGA BCL RE . -38.70 -6.80 6.13
O1A BCL RE . -38.56 -6.80 4.96
O2A BCL RE . -38.65 -5.69 6.86
NB BCL RE . -33.44 -12.79 8.29
C1B BCL RE . -33.00 -11.78 7.44
C2B BCL RE . -31.60 -11.68 7.45
C3B BCL RE . -31.12 -12.68 8.33
C4B BCL RE . -32.31 -13.37 8.81
CMB BCL RE . -30.86 -10.65 6.61
CAB BCL RE . -29.74 -13.04 8.75
OBB BCL RE . -29.52 -13.91 9.59
CBB BCL RE . -28.51 -12.37 8.19
NC BCL RE . -34.76 -14.71 10.13
C1C BCL RE . -33.49 -15.18 10.19
C2C BCL RE . -33.34 -16.37 11.07
C3C BCL RE . -34.79 -16.73 11.41
C4C BCL RE . -35.59 -15.66 10.68
CMC BCL RE . -32.57 -17.51 10.43
CAC BCL RE . -35.09 -16.78 12.93
CBC BCL RE . -34.56 -18.04 13.59
ND BCL RE . -37.24 -13.65 9.25
C1D BCL RE . -37.81 -14.66 10.05
C2D BCL RE . -39.22 -14.64 9.98
C3D BCL RE . -39.53 -13.60 9.11
C4D BCL RE . -38.33 -13.03 8.70
CMD BCL RE . -40.15 -15.58 10.72
CAD BCL RE . -40.57 -12.80 8.58
OBD BCL RE . -41.81 -12.87 8.73
CBD BCL RE . -39.93 -11.69 7.70
CGD BCL RE . -40.51 -11.73 6.35
O1D BCL RE . -40.29 -12.58 5.51
O2D BCL RE . -41.31 -10.70 6.08
CED BCL RE . -41.89 -10.62 4.76
C1 BCL RE . -38.44 -4.39 6.21
C2 BCL RE . -39.73 -4.03 5.48
C3 BCL RE . -39.92 -2.98 4.72
C4 BCL RE . -41.21 -2.66 4.00
C5 BCL RE . -38.82 -1.94 4.46
C6 BCL RE . -38.39 -1.77 2.99
C7 BCL RE . -37.34 -0.69 2.77
C8 BCL RE . -36.92 -0.45 1.31
C9 BCL RE . -35.61 0.39 1.26
C10 BCL RE . -38.02 0.25 0.48
C11 BCL RE . -37.78 0.21 -1.03
C12 BCL RE . -38.87 0.91 -1.86
C13 BCL RE . -38.95 0.39 -3.31
C14 BCL RE . -38.64 1.47 -4.35
C15 BCL RE . -40.37 -0.16 -3.59
C16 BCL RE . -40.61 -0.81 -4.97
C17 BCL RE . -41.91 -1.63 -5.09
C18 BCL RE . -41.75 -3.10 -4.71
C19 BCL RE . -41.17 -3.81 -5.94
C20 BCL RE . -43.06 -3.78 -4.28
CMA SP2 SE . -48.63 -2.03 33.03
O1 SP2 SE . -50.06 -2.04 32.89
C1 SP2 SE . -50.66 -3.14 32.26
CM1 SP2 SE . -50.37 -4.41 33.05
CM2 SP2 SE . -50.17 -3.27 30.83
C2 SP2 SE . -52.15 -2.77 32.31
C3 SP2 SE . -52.59 -1.59 31.47
C4 SP2 SE . -54.00 -1.13 31.83
C5 SP2 SE . -54.57 -0.11 30.87
CM3 SP2 SE . -54.52 1.31 31.35
C6 SP2 SE . -55.08 -0.47 29.67
C7 SP2 SE . -55.69 0.46 28.78
C8 SP2 SE . -56.47 0.09 27.75
C9 SP2 SE . -57.14 0.95 26.78
CM4 SP2 SE . -57.39 2.38 27.15
C10 SP2 SE . -57.53 0.40 25.60
C11 SP2 SE . -58.14 1.09 24.49
C12 SP2 SE . -58.40 0.51 23.30
C13 SP2 SE . -58.94 1.14 22.11
CM5 SP2 SE . -59.58 2.49 22.26
C14 SP2 SE . -58.86 0.50 20.92
C15 SP2 SE . -59.30 0.96 19.63
C16 SP2 SE . -58.94 0.42 18.46
C17 SP2 SE . -59.37 0.95 17.19
C18 SP2 SE . -58.95 0.59 15.95
CM6 SP2 SE . -57.93 -0.50 15.72
C19 SP2 SE . -59.55 1.22 14.79
C20 SP2 SE . -59.26 0.99 13.49
C21 SP2 SE . -59.95 1.64 12.41
C22 SP2 SE . -59.91 1.30 11.12
CM7 SP2 SE . -59.02 0.22 10.55
C23 SP2 SE . -60.77 2.01 10.11
C24 SP2 SE . -59.97 2.81 9.06
C25 SP2 SE . -60.69 4.06 8.61
C26 SP2 SE . -60.83 5.19 9.28
CM8 SP2 SE . -60.35 5.37 10.70
C27 SP2 SE . -61.48 6.41 8.67
C28 SP2 SE . -61.86 6.38 7.19
C29 SP2 SE . -62.04 7.76 6.65
C30 SP2 SE . -63.14 8.41 6.32
CMB SP2 SE . -63.12 9.78 5.72
CM9 SP2 SE . -64.51 7.83 6.50
CMA SP2 TE . -45.45 0.92 0.46
O1 SP2 TE . -44.48 0.95 1.50
C1 SP2 TE . -43.11 0.67 1.18
CM1 SP2 TE . -42.28 0.81 2.43
CM2 SP2 TE . -42.63 1.62 0.09
C2 SP2 TE . -43.16 -0.77 0.68
C3 SP2 TE . -41.81 -1.47 0.45
C4 SP2 TE . -42.00 -2.92 0.00
C5 SP2 TE . -40.76 -3.79 0.11
CM3 SP2 TE . -39.59 -3.35 -0.71
C6 SP2 TE . -40.73 -4.91 0.87
C7 SP2 TE . -39.64 -5.84 0.92
C8 SP2 TE . -39.73 -7.06 1.48
C9 SP2 TE . -38.75 -8.15 1.46
CM4 SP2 TE . -37.39 -7.84 0.92
C10 SP2 TE . -39.13 -9.38 1.88
C11 SP2 TE . -38.38 -10.61 1.81
C12 SP2 TE . -38.59 -11.67 2.59
C13 SP2 TE . -37.95 -12.98 2.60
CM5 SP2 TE . -37.40 -13.49 1.29
C14 SP2 TE . -37.91 -13.71 3.74
C15 SP2 TE . -37.36 -15.04 3.92
C16 SP2 TE . -37.41 -15.72 5.09
C17 SP2 TE . -36.92 -17.07 5.26
C18 SP2 TE . -36.75 -17.77 6.41
CM6 SP2 TE . -37.01 -17.16 7.76
C19 SP2 TE . -36.29 -19.15 6.37
C20 SP2 TE . -36.15 -20.00 7.40
C21 SP2 TE . -35.69 -21.37 7.26
C22 SP2 TE . -35.42 -22.18 8.30
CM7 SP2 TE . -35.49 -21.70 9.73
C23 SP2 TE . -35.01 -23.63 8.13
C24 SP2 TE . -36.17 -24.45 7.55
C25 SP2 TE . -36.06 -25.92 7.78
C26 SP2 TE . -36.95 -26.85 7.44
CM8 SP2 TE . -38.21 -26.53 6.67
C27 SP2 TE . -36.77 -28.32 7.77
C28 SP2 TE . -35.81 -28.66 8.92
C29 SP2 TE . -35.82 -30.15 9.18
C30 SP2 TE . -36.66 -30.85 9.93
CMB SP2 TE . -36.60 -32.35 10.04
CM9 SP2 TE . -37.73 -30.21 10.76
MG BCL UE . -48.60 -10.85 20.65
CHA BCL UE . -51.60 -9.23 20.05
CHB BCL UE . -47.47 -9.61 17.69
CHC BCL UE . -46.05 -13.09 20.70
CHD BCL UE . -50.21 -12.78 23.09
NA BCL UE . -49.45 -9.59 19.10
C1A BCL UE . -50.69 -8.96 19.06
C2A BCL UE . -50.75 -7.89 18.00
C3A BCL UE . -49.43 -8.08 17.25
C4A BCL UE . -48.75 -9.19 17.97
CMA BCL UE . -49.62 -8.43 15.77
CAA BCL UE . -50.89 -6.45 18.57
CBA BCL UE . -50.72 -5.35 17.52
CGA BCL UE . -51.09 -3.98 17.97
O1A BCL UE . -51.69 -3.73 18.96
O2A BCL UE . -50.79 -3.04 17.11
NB BCL UE . -47.04 -11.33 19.37
C1B BCL UE . -46.65 -10.57 18.27
C2B BCL UE . -45.35 -10.91 17.86
C3B BCL UE . -44.88 -11.92 18.73
C4B BCL UE . -46.00 -12.17 19.64
CMB BCL UE . -44.69 -10.23 16.68
CAB BCL UE . -43.59 -12.61 18.81
OBB BCL UE . -43.41 -13.58 19.58
CBB BCL UE . -42.39 -12.24 17.97
NC BCL UE . -48.19 -12.65 21.75
C1C BCL UE . -47.10 -13.45 21.56
C2C BCL UE . -46.99 -14.55 22.55
C3C BCL UE . -48.28 -14.42 23.36
C4C BCL UE . -49.01 -13.29 22.65
CMC BCL UE . -46.82 -15.92 21.92
CAC BCL UE . -48.04 -14.15 24.87
CBC BCL UE . -47.61 -15.38 25.64
ND BCL UE . -50.48 -11.03 21.41
C1D BCL UE . -51.02 -11.80 22.45
C2D BCL UE . -52.37 -11.45 22.70
C3D BCL UE . -52.67 -10.43 21.80
C4D BCL UE . -51.52 -10.21 21.04
CMD BCL UE . -53.25 -12.06 23.77
CAD BCL UE . -53.60 -9.44 21.43
OBD BCL UE . -54.72 -9.17 21.90
CBD BCL UE . -53.02 -8.65 20.23
CGD BCL UE . -53.92 -8.71 19.08
O1D BCL UE . -54.22 -9.72 18.48
O2D BCL UE . -54.40 -7.53 18.71
CED BCL UE . -55.32 -7.50 17.59
C1 BCL UE . -51.30 -1.69 17.27
C2 BCL UE . -50.85 -0.94 16.02
C3 BCL UE . -51.63 -0.14 15.32
C4 BCL UE . -53.08 0.18 15.68
C5 BCL UE . -51.17 0.54 14.02
C6 BCL UE . -49.71 1.00 13.96
C7 BCL UE . -48.95 0.41 12.77
C8 BCL UE . -49.46 0.65 11.34
C9 BCL UE . -48.46 0.07 10.31
C10 BCL UE . -49.68 2.15 11.07
C11 BCL UE . -50.08 2.54 9.65
C12 BCL UE . -51.45 2.00 9.19
C13 BCL UE . -51.87 2.53 7.80
C14 BCL UE . -52.09 4.05 7.82
C15 BCL UE . -53.17 1.88 7.32
C16 BCL UE . -53.34 0.37 7.35
C17 BCL UE . -54.70 -0.06 6.76
C18 BCL UE . -55.24 -1.42 7.22
C19 BCL UE . -54.23 -2.49 6.80
C20 BCL UE . -56.62 -1.73 6.64
CMA SP2 VE . -55.26 3.82 10.79
O1 SP2 VE . -55.64 4.10 12.14
C1 SP2 VE . -55.09 3.36 13.25
CM1 SP2 VE . -55.71 3.99 14.48
CM2 SP2 VE . -53.58 3.47 13.27
C2 SP2 VE . -55.56 1.91 13.08
C3 SP2 VE . -54.62 0.90 12.42
C4 SP2 VE . -55.21 -0.51 12.45
C5 SP2 VE . -54.21 -1.62 12.22
CM3 SP2 VE . -53.54 -1.61 10.87
C6 SP2 VE . -53.95 -2.58 13.14
C7 SP2 VE . -53.12 -3.74 12.94
C8 SP2 VE . -53.23 -4.85 13.68
C9 SP2 VE . -52.57 -6.13 13.50
CM4 SP2 VE . -51.36 -6.20 12.60
C10 SP2 VE . -53.05 -7.21 14.18
C11 SP2 VE . -52.58 -8.57 14.13
C12 SP2 VE . -52.86 -9.49 15.06
C13 SP2 VE . -52.45 -10.89 15.13
CM5 SP2 VE . -52.07 -11.58 13.86
C14 SP2 VE . -52.46 -11.53 16.34
C15 SP2 VE . -52.17 -12.91 16.60
C16 SP2 VE . -52.21 -13.49 17.84
C17 SP2 VE . -51.98 -14.89 18.07
C18 SP2 VE . -51.81 -15.52 19.26
CM6 SP2 VE . -51.79 -14.79 20.58
C19 SP2 VE . -51.58 -16.96 19.29
C20 SP2 VE . -51.47 -17.76 20.37
C21 SP2 VE . -51.15 -19.15 20.30
C22 SP2 VE . -50.79 -19.90 21.37
CM7 SP2 VE . -50.76 -19.33 22.75
C23 SP2 VE . -50.31 -21.34 21.25
C24 SP2 VE . -51.38 -22.43 21.12
C25 SP2 VE . -50.83 -23.78 21.47
C26 SP2 VE . -50.01 -24.53 20.74
CM8 SP2 VE . -49.61 -24.19 19.32
C27 SP2 VE . -49.41 -25.80 21.29
C28 SP2 VE . -49.86 -27.13 20.64
C29 SP2 VE . -49.17 -27.43 19.33
C30 SP2 VE . -47.93 -27.84 19.11
CMB SP2 VE . -47.43 -28.17 17.73
CM9 SP2 VE . -46.90 -28.01 20.20
MG BCL WE . -56.91 -4.34 34.59
CHA BCL WE . -59.49 -2.02 34.50
CHB BCL WE . -56.44 -3.77 31.26
CHC BCL WE . -55.03 -7.14 34.41
CHD BCL WE . -58.16 -5.49 37.65
NA BCL WE . -57.86 -3.05 33.10
C1A BCL WE . -58.88 -2.13 33.28
C2A BCL WE . -59.02 -1.21 32.10
C3A BCL WE . -58.11 -1.87 31.05
C4A BCL WE . -57.45 -2.99 31.79
CMA BCL WE . -58.87 -2.38 29.83
CAA BCL WE . -58.59 0.24 32.38
CBA BCL WE . -58.72 1.15 31.16
CGA BCL WE . -58.66 2.61 31.47
O1A BCL WE . -58.94 3.12 32.49
O2A BCL WE . -58.23 3.30 30.44
NB BCL WE . -55.95 -5.36 33.06
C1B BCL WE . -55.72 -4.84 31.79
C2B BCL WE . -54.68 -5.53 31.15
C3B BCL WE . -54.21 -6.52 32.04
C4B BCL WE . -55.07 -6.40 33.22
CMB BCL WE . -54.23 -5.17 29.74
CAB BCL WE . -53.10 -7.48 31.94
OBB BCL WE . -52.90 -8.35 32.81
CBB BCL WE . -52.13 -7.51 30.78
NC BCL WE . -56.63 -6.05 35.85
C1C BCL WE . -55.82 -7.11 35.56
C2C BCL WE . -55.60 -8.02 36.72
C3C BCL WE . -56.55 -7.44 37.79
C4C BCL WE . -57.26 -6.34 37.04
CMC BCL WE . -55.87 -9.48 36.38
CAC BCL WE . -55.81 -6.95 39.06
CBC BCL WE . -55.41 -8.06 39.99
ND BCL WE . -58.48 -3.91 35.82
C1D BCL WE . -58.86 -4.40 37.08
C2D BCL WE . -59.94 -3.64 37.61
C3D BCL WE . -60.24 -2.69 36.65
C4D BCL WE . -59.35 -2.88 35.58
CMD BCL WE . -60.59 -3.88 38.95
CAD BCL WE . -60.95 -1.49 36.38
OBD BCL WE . -61.71 -0.82 37.09
CBD BCL WE . -60.61 -1.05 34.93
CGD BCL WE . -61.84 -1.03 34.12
O1D BCL WE . -62.61 -1.97 34.00
O2D BCL WE . -62.05 0.12 33.51
CED BCL WE . -63.32 0.31 32.84
C1 BCL WE . -58.15 4.76 30.53
C2 BCL WE . -57.34 5.17 29.31
C3 BCL WE . -57.69 6.13 28.49
C4 BCL WE . -58.95 6.97 28.64
C5 BCL WE . -56.84 6.48 27.27
C6 BCL WE . -57.48 6.20 25.92
C7 BCL WE . -56.57 6.56 24.74
C8 BCL WE . -57.19 6.53 23.35
C9 BCL WE . -56.10 6.80 22.28
C10 BCL WE . -58.34 7.55 23.19
C11 BCL WE . -59.74 6.97 23.07
C12 BCL WE . -60.08 6.46 21.65
C13 BCL WE . -61.10 7.28 20.84
C14 BCL WE . -60.78 8.78 20.78
C15 BCL WE . -62.52 7.11 21.43
C16 BCL WE . -63.67 7.41 20.46
C17 BCL WE . -65.11 7.34 20.97
C18 BCL WE . -65.57 6.01 21.57
C19 BCL WE . -65.27 4.92 20.53
C20 BCL WE . -67.06 5.99 21.91
CMA SP2 XE . -52.08 5.13 42.72
O1 SP2 XE . -53.23 5.60 43.42
C1 SP2 XE . -53.22 5.54 44.83
CM1 SP2 XE . -52.20 6.52 45.37
CM2 SP2 XE . -52.93 4.14 45.33
C2 SP2 XE . -54.65 5.97 45.17
C3 SP2 XE . -55.17 7.24 44.47
C4 SP2 XE . -56.67 7.40 44.68
C5 SP2 XE . -57.29 8.52 43.87
CM3 SP2 XE . -57.01 9.90 44.39
C6 SP2 XE . -58.03 8.30 42.77
C7 SP2 XE . -58.76 9.30 42.04
C8 SP2 XE . -59.58 9.01 41.02
C9 SP2 XE . -60.40 9.92 40.24
CM4 SP2 XE . -60.38 11.38 40.62
C10 SP2 XE . -61.13 9.45 39.20
C11 SP2 XE . -62.00 10.18 38.30
C12 SP2 XE . -62.59 9.62 37.23
C13 SP2 XE . -63.44 10.25 36.23
CM5 SP2 XE . -63.93 11.64 36.50
C14 SP2 XE . -63.78 9.56 35.11
C15 SP2 XE . -64.56 10.01 33.98
C16 SP2 XE . -64.79 9.27 32.87
C17 SP2 XE . -65.54 9.74 31.72
C18 SP2 XE . -65.66 9.14 30.51
CM6 SP2 XE . -65.03 7.81 30.18
C19 SP2 XE . -66.45 9.79 29.47
C20 SP2 XE . -66.47 9.56 28.14
C21 SP2 XE . -67.33 10.30 27.24
C22 SP2 XE . -67.42 10.13 25.90
CM7 SP2 XE . -66.59 9.15 25.13
C23 SP2 XE . -68.39 10.94 25.07
C24 SP2 XE . -67.96 12.40 24.87
C25 SP2 XE . -69.04 13.28 24.30
C26 SP2 XE . -69.34 13.49 23.02
CM8 SP2 XE . -68.69 12.76 21.88
C27 SP2 XE . -70.42 14.48 22.62
C28 SP2 XE . -69.92 15.66 21.76
C29 SP2 XE . -70.97 16.70 21.59
C30 SP2 XE . -71.14 17.57 20.59
CMB SP2 XE . -72.23 18.60 20.59
CM9 SP2 XE . -70.24 17.60 19.39
CMA SP2 YE . -62.15 11.58 27.08
O1 SP2 YE . -62.68 10.41 26.48
C1 SP2 YE . -61.94 9.20 26.63
CM1 SP2 YE . -61.92 8.82 28.09
CM2 SP2 YE . -60.53 9.37 26.08
C2 SP2 YE . -62.74 8.20 25.79
C3 SP2 YE . -62.24 6.75 25.77
C4 SP2 YE . -63.19 5.79 26.49
C5 SP2 YE . -62.82 4.34 26.34
CM3 SP2 YE . -63.02 3.76 24.96
C6 SP2 YE . -62.33 3.58 27.35
C7 SP2 YE . -62.07 2.19 27.21
C8 SP2 YE . -61.96 1.33 28.24
C9 SP2 YE . -61.83 -0.11 28.21
CM4 SP2 YE . -61.29 -0.75 26.96
C10 SP2 YE . -62.20 -0.83 29.29
C11 SP2 YE . -62.24 -2.27 29.44
C12 SP2 YE . -62.34 -2.90 30.62
C13 SP2 YE . -62.38 -4.33 30.86
CM5 SP2 YE . -62.81 -5.24 29.75
C14 SP2 YE . -62.05 -4.81 32.10
C15 SP2 YE . -62.10 -6.16 32.56
C16 SP2 YE . -61.66 -6.59 33.76
C17 SP2 YE . -61.85 -7.94 34.23
C18 SP2 YE . -61.35 -8.51 35.37
CM6 SP2 YE . -60.40 -7.80 36.28
C19 SP2 YE . -61.75 -9.87 35.72
C20 SP2 YE . -61.36 -10.58 36.79
C21 SP2 YE . -61.84 -11.91 37.06
C22 SP2 YE . -61.24 -12.79 37.88
CM7 SP2 YE . -59.96 -12.46 38.58
C23 SP2 YE . -61.79 -14.18 38.16
C24 SP2 YE . -61.20 -15.28 37.27
C25 SP2 YE . -61.83 -16.62 37.52
C26 SP2 YE . -61.43 -17.57 38.37
CM8 SP2 YE . -60.21 -17.45 39.23
C27 SP2 YE . -62.18 -18.88 38.49
C28 SP2 YE . -62.40 -19.59 37.15
C29 SP2 YE . -61.11 -19.90 36.46
C30 SP2 YE . -60.38 -21.01 36.55
CMB SP2 YE . -59.11 -21.20 35.79
CM9 SP2 YE . -60.78 -22.18 37.42
MG BCL ZE . -59.23 5.93 48.63
CHA BCL ZE . -61.30 8.72 48.83
CHB BCL ZE . -59.70 5.97 45.26
CHC BCL ZE . -58.08 2.75 48.44
CHD BCL ZE . -59.63 5.48 52.07
NA BCL ZE . -60.37 7.19 47.25
C1A BCL ZE . -61.10 8.34 47.52
C2A BCL ZE . -61.40 9.13 46.26
C3A BCL ZE . -60.84 8.22 45.15
C4A BCL ZE . -60.35 7.01 45.88
CMA BCL ZE . -61.90 7.85 44.11
CAA BCL ZE . -60.77 10.53 46.21
CBA BCL ZE . -60.90 11.25 44.85
CGA BCL ZE . -60.06 12.47 44.76
O1A BCL ZE . -58.93 12.45 44.44
O2A BCL ZE . -60.69 13.59 45.11
NB BCL ZE . -58.99 4.54 47.11
C1B BCL ZE . -59.07 4.83 45.75
C2B BCL ZE . -58.41 3.86 44.99
C3B BCL ZE . -57.90 2.89 45.87
C4B BCL ZE . -58.33 3.35 47.20
CMB BCL ZE . -58.32 3.96 43.47
CAB BCL ZE . -57.11 1.67 45.66
OBB BCL ZE . -56.82 0.89 46.58
CBB BCL ZE . -56.57 1.27 44.30
NC BCL ZE . -58.88 4.37 50.06
C1C BCL ZE . -58.47 3.09 49.74
C2C BCL ZE . -58.13 2.28 50.94
C3C BCL ZE . -58.62 3.16 52.10
C4C BCL ZE . -59.18 4.37 51.40
CMC BCL ZE . -58.76 0.90 50.92
CAC BCL ZE . -57.49 3.51 53.11
CBC BCL ZE . -57.23 2.42 54.12
ND BCL ZE . -60.26 6.84 50.14
C1D BCL ZE . -60.28 6.63 51.52
C2D BCL ZE . -60.97 7.66 52.20
C3D BCL ZE . -61.40 8.52 51.19
C4D BCL ZE . -60.97 8.00 49.98
CMD BCL ZE . -61.16 7.78 53.69
CAD BCL ZE . -62.00 9.77 50.92
OBD BCL ZE . -62.43 10.65 51.68
CBD BCL ZE . -62.03 9.96 49.38
CGD BCL ZE . -63.42 10.19 48.94
O1D BCL ZE . -64.33 9.39 49.06
O2D BCL ZE . -63.61 11.37 48.39
CED BCL ZE . -64.97 11.72 48.02
C1 BCL ZE . -59.94 14.85 45.10
C2 BCL ZE . -59.64 15.20 43.65
C3 BCL ZE . -60.40 15.88 42.84
C4 BCL ZE . -61.76 16.47 43.22
C5 BCL ZE . -59.98 16.13 41.39
C6 BCL ZE . -60.04 14.87 40.53
C7 BCL ZE . -59.36 14.98 39.16
C8 BCL ZE . -60.28 15.15 37.95
C9 BCL ZE . -59.52 14.81 36.64
C10 BCL ZE . -60.86 16.58 37.89
C11 BCL ZE . -61.61 16.90 36.61
C12 BCL ZE . -62.21 18.32 36.62
C13 BCL ZE . -63.01 18.69 35.36
C14 BCL ZE . -63.08 20.21 35.14
C15 BCL ZE . -64.44 18.12 35.47
C16 BCL ZE . -65.24 18.00 34.16
C17 BCL ZE . -66.78 17.90 34.24
C18 BCL ZE . -67.38 16.51 34.26
C19 BCL ZE . -68.91 16.71 34.28
C20 BCL ZE . -66.97 15.60 35.44
CMA SP2 AF . -50.92 14.85 57.67
O1 SP2 AF . -51.27 14.73 56.30
C1 SP2 AF . -51.30 15.91 55.49
CM1 SP2 AF . -51.71 15.50 54.09
CM2 SP2 AF . -49.95 16.60 55.49
C2 SP2 AF . -52.37 16.78 56.16
C3 SP2 AF . -52.95 17.90 55.31
C4 SP2 AF . -53.65 18.98 56.12
C5 SP2 AF . -54.39 19.99 55.28
CM3 SP2 AF . -53.78 21.37 55.26
C6 SP2 AF . -55.52 19.71 54.60
C7 SP2 AF . -56.25 20.71 53.87
C8 SP2 AF . -57.48 20.50 53.37
C9 SP2 AF . -58.30 21.44 52.61
CM4 SP2 AF . -57.94 22.90 52.66
C10 SP2 AF . -59.37 20.97 51.92
C11 SP2 AF . -60.27 21.72 51.07
C12 SP2 AF . -61.28 21.18 50.38
C13 SP2 AF . -62.18 21.85 49.45
CM5 SP2 AF . -62.22 23.35 49.46
C14 SP2 AF . -62.96 21.10 48.61
C15 SP2 AF . -63.85 21.58 47.58
C16 SP2 AF . -64.55 20.77 46.75
C17 SP2 AF . -65.40 21.25 45.69
C18 SP2 AF . -66.05 20.52 44.74
CM6 SP2 AF . -66.03 19.01 44.73
C19 SP2 AF . -66.75 21.20 43.66
C20 SP2 AF . -67.35 20.64 42.60
C21 SP2 AF . -67.86 21.38 41.48
C22 SP2 AF . -68.29 20.87 40.32
CM7 SP2 AF . -68.41 19.38 40.09
C23 SP2 AF . -68.63 21.73 39.13
C24 SP2 AF . -70.05 22.33 39.14
C25 SP2 AF . -70.27 23.22 37.95
C26 SP2 AF . -70.06 24.53 37.88
CM8 SP2 AF . -69.54 25.34 39.03
C27 SP2 AF . -70.29 25.31 36.61
C28 SP2 AF . -71.44 26.34 36.74
C29 SP2 AF . -71.45 27.30 35.58
C30 SP2 AF . -72.27 28.31 35.37
CMB SP2 AF . -72.16 29.21 34.17
CM9 SP2 AF . -73.39 28.67 36.31
CMA SP2 BF . -44.61 24.21 64.80
O1 SP2 BF . -44.91 25.52 65.25
C1 SP2 BF . -44.68 26.61 64.36
CM1 SP2 BF . -45.59 26.47 63.16
CM2 SP2 BF . -43.23 26.64 63.93
C2 SP2 BF . -45.04 27.81 65.23
C3 SP2 BF . -45.95 28.90 64.65
C4 SP2 BF . -45.29 29.89 63.71
C5 SP2 BF . -46.12 31.12 63.44
CM3 SP2 BF . -45.41 32.43 63.63
C6 SP2 BF . -47.41 31.04 63.08
C7 SP2 BF . -48.26 32.18 62.78
C8 SP2 BF . -49.57 32.05 62.49
C9 SP2 BF . -50.51 33.09 62.09
CM4 SP2 BF . -50.01 34.51 62.04
C10 SP2 BF . -51.78 32.74 61.77
C11 SP2 BF . -52.84 33.60 61.30
C12 SP2 BF . -54.07 33.15 60.97
C13 SP2 BF . -55.19 33.91 60.43
CM5 SP2 BF . -55.20 35.40 60.60
C14 SP2 BF . -56.18 33.25 59.78
C15 SP2 BF . -57.31 33.81 59.08
C16 SP2 BF . -58.18 33.11 58.31
C17 SP2 BF . -59.25 33.71 57.55
C18 SP2 BF . -60.13 33.10 56.71
CM6 SP2 BF . -60.16 31.61 56.50
C19 SP2 BF . -61.09 33.92 55.97
C20 SP2 BF . -61.89 33.53 54.96
C21 SP2 BF . -62.76 34.44 54.25
C22 SP2 BF . -63.74 34.09 53.39
CM7 SP2 BF . -64.09 32.67 53.08
C23 SP2 BF . -64.55 35.14 52.66
C24 SP2 BF . -63.88 35.61 51.36
C25 SP2 BF . -64.40 36.92 50.85
C26 SP2 BF . -65.52 37.17 50.16
CM8 SP2 BF . -66.53 36.12 49.79
C27 SP2 BF . -65.83 38.56 49.69
C28 SP2 BF . -67.17 38.75 48.95
C29 SP2 BF . -67.56 40.20 48.88
C30 SP2 BF . -67.53 41.03 47.85
CMB SP2 BF . -67.97 42.46 47.95
CM9 SP2 BF . -67.04 40.62 46.49
CMA SP2 CF . -64.85 22.33 40.17
O1 SP2 CF . -63.95 21.75 41.09
C1 SP2 CF . -63.33 20.50 40.77
CM1 SP2 CF . -62.40 20.13 41.91
CM2 SP2 CF . -62.57 20.63 39.47
C2 SP2 CF . -64.48 19.50 40.64
C3 SP2 CF . -64.09 18.02 40.60
C4 SP2 CF . -65.22 17.10 40.16
C5 SP2 CF . -64.87 15.63 40.16
CM3 SP2 CF . -64.43 15.07 38.84
C6 SP2 CF . -64.93 14.87 41.28
C7 SP2 CF . -64.69 13.45 41.30
C8 SP2 CF . -64.78 12.72 42.43
C9 SP2 CF . -64.68 11.26 42.55
CM4 SP2 CF . -64.26 10.48 41.34
C10 SP2 CF . -64.99 10.67 43.73
C11 SP2 CF . -65.07 9.27 44.02
C12 SP2 CF . -65.05 8.76 45.27
C13 SP2 CF . -65.13 7.37 45.68
CM5 SP2 CF . -65.81 6.39 44.78
C14 SP2 CF . -64.64 7.01 46.90
C15 SP2 CF . -64.74 5.72 47.54
C16 SP2 CF . -64.27 5.41 48.78
C17 SP2 CF . -64.50 4.14 49.43
C18 SP2 CF . -63.96 3.68 50.58
CM6 SP2 CF . -62.94 4.44 51.38
C19 SP2 CF . -64.42 2.40 51.11
C20 SP2 CF . -64.01 1.79 52.24
C21 SP2 CF . -64.58 0.54 52.71
C22 SP2 CF . -64.32 0.01 53.91
CM7 SP2 CF . -63.34 0.62 54.88
C23 SP2 CF . -64.99 -1.26 54.40
C24 SP2 CF . -64.04 -2.39 54.82
C25 SP2 CF . -64.73 -3.73 54.86
C26 SP2 CF . -65.47 -4.25 55.84
CM8 SP2 CF . -65.77 -3.53 57.11
C27 SP2 CF . -66.07 -5.62 55.71
C28 SP2 CF . -65.06 -6.76 55.86
C29 SP2 CF . -64.62 -6.94 57.29
C30 SP2 CF . -65.06 -7.83 58.17
CMB SP2 CF . -64.58 -7.87 59.58
CM9 SP2 CF . -66.07 -8.89 57.82
MG BCL DF . -55.46 18.19 60.96
CHA BCL DF . -56.88 21.36 61.14
CHB BCL DF . -56.65 17.94 57.79
CHC BCL DF . -55.11 14.80 61.12
CHD BCL DF . -54.86 18.33 64.39
NA BCL DF . -56.64 19.50 59.67
C1A BCL DF . -57.04 20.80 59.89
C2A BCL DF . -57.51 21.48 58.63
C3A BCL DF . -57.63 20.30 57.64
C4A BCL DF . -56.93 19.18 58.35
CMA BCL DF . -59.07 19.93 57.32
CAA BCL DF . -56.56 22.59 58.13
CBA BCL DF . -57.00 23.28 56.82
CGA BCL DF . -56.27 24.55 56.50
O1A BCL DF . -55.60 25.16 57.25
O2A BCL DF . -56.47 24.96 55.27
NB BCL DF . -55.88 16.60 59.69
C1B BCL DF . -56.22 16.73 58.35
C2B BCL DF . -56.08 15.52 57.67
C3B BCL DF . -55.62 14.56 58.60
C4B BCL DF . -55.53 15.29 59.86
CMB BCL DF . -56.40 15.37 56.19
CAB BCL DF . -55.24 13.14 58.46
OBB BCL DF . -55.03 12.41 59.43
CBB BCL DF . -55.08 12.47 57.12
NC BCL DF . -55.04 16.78 62.53
C1C BCL DF . -54.95 15.43 62.36
C2C BCL DF . -54.47 14.72 63.58
C3C BCL DF . -54.25 15.87 64.58
C4C BCL DF . -54.83 17.06 63.86
CMC BCL DF . -55.42 13.65 64.08
CAC BCL DF . -52.77 16.06 65.00
CBC BCL DF . -52.32 15.06 66.04
ND BCL DF . -55.82 19.50 62.48
C1D BCL DF . -55.46 19.49 63.82
C2D BCL DF . -55.78 20.72 64.45
C3D BCL DF . -56.34 21.50 63.45
C4D BCL DF . -56.35 20.74 62.28
CMD BCL DF . -55.54 21.07 65.89
CAD BCL DF . -56.71 22.82 63.07
OBD BCL DF . -56.74 23.88 63.74
CBD BCL DF . -57.11 22.80 61.58
CGD BCL DF . -58.47 23.34 61.45
O1D BCL DF . -59.49 22.75 61.79
O2D BCL DF . -58.53 24.55 60.93
CED BCL DF . -59.84 25.16 60.81
C1 BCL DF . -55.88 26.22 54.83
C2 BCL DF . -55.94 26.17 53.31
C3 BCL DF . -56.58 27.04 52.55
C4 BCL DF . -57.39 28.22 53.05
C5 BCL DF . -56.55 26.90 51.02
C6 BCL DF . -57.88 26.51 50.38
C7 BCL DF . -57.76 26.20 48.88
C8 BCL DF . -59.10 26.12 48.14
C9 BCL DF . -58.94 25.35 46.82
C10 BCL DF . -59.68 27.53 47.88
C11 BCL DF . -61.05 27.56 47.21
C12 BCL DF . -61.63 28.99 47.12
C13 BCL DF . -62.94 29.07 46.31
C14 BCL DF . -63.24 30.51 45.89
C15 BCL DF . -64.17 28.51 47.07
C16 BCL DF . -64.79 29.42 48.15
C17 BCL DF . -65.94 28.78 48.95
C18 BCL DF . -66.78 29.74 49.79
C19 BCL DF . -65.80 30.46 50.74
C20 BCL DF . -67.89 29.05 50.59
MG BCL EF . -46.27 30.50 69.61
CHA BCL EF . -47.04 33.89 69.72
CHB BCL EF . -48.38 30.22 66.95
CHC BCL EF . -46.40 27.13 70.08
CHD BCL EF . -44.96 30.79 72.85
NA BCL EF . -47.52 31.90 68.49
C1A BCL EF . -47.71 33.27 68.69
C2A BCL EF . -48.42 33.90 67.54
C3A BCL EF . -48.96 32.68 66.76
C4A BCL EF . -48.32 31.51 67.42
CMA BCL EF . -50.48 32.58 66.80
CAA BCL EF . -47.52 34.79 66.66
CBA BCL EF . -48.26 35.54 65.56
CGA BCL EF . -47.35 36.14 64.55
O1A BCL EF . -46.56 35.53 63.91
O2A BCL EF . -47.50 37.45 64.47
NB BCL EF . -47.26 28.91 68.70
C1B BCL EF . -47.99 29.00 67.52
C2B BCL EF . -48.28 27.73 67.01
C3B BCL EF . -47.69 26.78 67.88
C4B BCL EF . -47.10 27.58 68.95
CMB BCL EF . -49.07 27.54 65.72
CAB BCL EF . -47.61 25.31 67.82
OBB BCL EF . -47.07 24.64 68.71
CBB BCL EF . -48.17 24.50 66.67
NC BCL EF . -45.72 29.16 71.22
C1C BCL EF . -45.94 27.81 71.22
C2C BCL EF . -45.27 27.13 72.37
C3C BCL EF . -44.81 28.30 73.24
C4C BCL EF . -45.27 29.50 72.48
CMC BCL EF . -46.18 26.14 73.08
CAC BCL EF . -43.30 28.29 73.54
CBC BCL EF . -42.89 27.28 74.60
ND BCL EF . -46.06 31.98 71.03
C1D BCL EF . -45.44 32.00 72.27
C2D BCL EF . -45.39 33.32 72.80
C3D BCL EF . -46.00 34.12 71.84
C4D BCL EF . -46.40 33.28 70.79
CMD BCL EF . -44.77 33.72 74.11
CAD BCL EF . -46.22 35.44 71.40
OBD BCL EF . -45.88 36.53 71.92
CBD BCL EF . -47.00 35.40 70.07
CGD BCL EF . -48.29 36.09 70.24
O1D BCL EF . -49.07 35.93 71.16
O2D BCL EF . -48.55 36.97 69.28
CED BCL EF . -49.66 37.89 69.49
C1 BCL EF . -46.67 38.19 63.52
C2 BCL EF . -47.17 37.84 62.13
C3 BCL EF . -47.89 38.66 61.38
C4 BCL EF . -48.32 40.07 61.78
C5 BCL EF . -48.38 38.22 60.00
C6 BCL EF . -49.86 37.90 59.91
C7 BCL EF . -50.22 37.12 58.65
C8 BCL EF . -51.72 37.12 58.35
C9 BCL EF . -52.07 36.00 57.34
C10 BCL EF . -52.18 38.49 57.81
C11 BCL EF . -53.67 38.60 57.53
C12 BCL EF . -54.18 40.05 57.57
C13 BCL EF . -55.60 40.19 57.00
C14 BCL EF . -55.60 40.38 55.51
C15 BCL EF . -56.37 41.37 57.61
C16 BCL EF . -56.73 41.30 59.07
C17 BCL EF . -57.84 42.30 59.47
C18 BCL EF . -58.21 42.25 60.93
C19 BCL EF . -56.95 42.64 61.73
C20 BCL EF . -58.73 40.88 61.39
CMA SP2 FF . -32.02 35.84 67.70
O1 SP2 FF . -32.46 37.06 68.30
C1 SP2 FF . -33.52 36.98 69.23
CM1 SP2 FF . -33.10 36.12 70.40
CM2 SP2 FF . -34.78 36.44 68.57
C2 SP2 FF . -33.70 38.45 69.65
C3 SP2 FF . -34.27 39.40 68.61
C4 SP2 FF . -34.01 40.86 68.99
C5 SP2 FF . -34.80 41.87 68.20
CM3 SP2 FF . -34.02 42.62 67.16
C6 SP2 FF . -36.12 42.08 68.40
C7 SP2 FF . -36.86 43.13 67.77
C8 SP2 FF . -38.17 43.33 67.97
C9 SP2 FF . -39.01 44.40 67.46
CM4 SP2 FF . -38.34 45.70 67.08
C10 SP2 FF . -40.35 44.24 67.40
C11 SP2 FF . -41.33 45.20 66.95
C12 SP2 FF . -42.64 44.96 66.82
C13 SP2 FF . -43.67 45.88 66.37
CM5 SP2 FF . -43.28 47.32 66.20
C14 SP2 FF . -44.92 45.43 66.13
C15 SP2 FF . -46.06 46.18 65.67
C16 SP2 FF . -47.25 45.62 65.31
C17 SP2 FF . -48.35 46.37 64.77
C18 SP2 FF . -49.55 45.88 64.35
CM6 SP2 FF . -49.95 44.43 64.52
C19 SP2 FF . -50.52 46.79 63.75
C20 SP2 FF . -51.62 46.48 63.05
C21 SP2 FF . -52.51 47.46 62.50
C22 SP2 FF . -53.70 47.18 61.93
CM7 SP2 FF . -54.26 45.80 61.79
C23 SP2 FF . -54.60 48.28 61.40
C24 SP2 FF . -54.07 48.96 60.11
C25 SP2 FF . -54.86 50.18 59.76
C26 SP2 FF . -55.94 50.27 58.99
CM8 SP2 FF . -56.59 49.09 58.33
C27 SP2 FF . -56.63 51.60 58.75
C28 SP2 FF . -56.38 52.20 57.35
C29 SP2 FF . -56.89 53.61 57.26
C30 SP2 FF . -57.32 54.27 56.20
CMB SP2 FF . -57.80 55.68 56.26
CM9 SP2 FF . -57.38 53.65 54.83
CMA SP2 GF . -19.55 43.73 66.98
O1 SP2 GF . -19.67 43.57 68.39
C1 SP2 GF . -20.38 44.52 69.18
CM1 SP2 GF . -20.36 43.96 70.59
CM2 SP2 GF . -21.80 44.69 68.68
C2 SP2 GF . -19.58 45.82 69.09
C3 SP2 GF . -20.03 46.95 68.15
C4 SP2 GF . -20.85 48.01 68.90
C5 SP2 GF . -21.19 49.23 68.09
CM3 SP2 GF . -20.12 49.70 67.14
C6 SP2 GF . -22.38 49.85 68.26
C7 SP2 GF . -22.86 51.08 67.67
C8 SP2 GF . -24.04 51.62 68.02
C9 SP2 GF . -24.65 52.85 67.54
CM4 SP2 GF . -23.85 53.75 66.63
C10 SP2 GF . -25.94 53.12 67.90
C11 SP2 GF . -26.76 54.25 67.52
C12 SP2 GF . -28.05 54.33 67.91
C13 SP2 GF . -29.03 55.37 67.60
CM5 SP2 GF . -28.56 56.66 67.00
C14 SP2 GF . -30.35 55.09 67.83
C15 SP2 GF . -31.53 55.89 67.52
C16 SP2 GF . -32.76 55.35 67.58
C17 SP2 GF . -34.04 55.95 67.28
C18 SP2 GF . -35.24 55.31 67.31
CM6 SP2 GF . -35.35 53.86 67.64
C19 SP2 GF . -36.49 56.02 67.05
C20 SP2 GF . -36.88 57.04 66.32
C21 SP2 GF . -38.28 57.40 66.24
C22 SP2 GF . -38.88 58.15 65.31
CM7 SP2 GF . -38.15 58.74 64.15
C23 SP2 GF . -40.36 58.47 65.37
C24 SP2 GF . -41.21 57.65 64.38
C25 SP2 GF . -41.07 56.17 64.59
C26 SP2 GF . -42.03 55.25 64.61
CM8 SP2 GF . -43.48 55.54 64.40
C27 SP2 GF . -41.69 53.79 64.85
C28 SP2 GF . -41.32 53.00 63.58
C29 SP2 GF . -42.51 52.66 62.74
C30 SP2 GF . -43.34 51.64 62.88
CMB SP2 GF . -44.50 51.41 61.96
CM9 SP2 GF . -43.21 50.62 63.98
MG BCL HF . -33.21 41.60 74.07
CHA BCL HF . -33.23 45.06 73.72
CHB BCL HF . -36.03 41.51 72.16
CHC BCL HF . -33.84 38.46 75.19
CHD BCL HF . -30.85 41.95 76.63
NA BCL HF . -34.46 43.12 73.11
C1A BCL HF . -34.21 44.48 72.96
C2A BCL HF . -34.89 45.02 71.74
C3A BCL HF . -35.97 43.97 71.47
C4A BCL HF . -35.52 42.79 72.28
CMA BCL HF . -37.36 44.44 71.87
CAA BCL HF . -33.95 45.18 70.53
CBA BCL HF . -33.79 46.60 69.94
CGA BCL HF . -34.66 47.02 68.81
O1A BCL HF . -35.83 47.05 68.84
O2A BCL HF . -33.97 47.43 67.74
NB BCL HF . -34.73 40.22 73.79
C1B BCL HF . -35.70 40.31 72.80
C2B BCL HF . -36.26 39.05 72.53
C3B BCL HF . -35.65 38.12 73.39
C4B BCL HF . -34.71 38.90 74.18
CMB BCL HF . -37.35 38.87 71.47
CAB BCL HF . -35.83 36.66 73.55
OBB BCL HF . -35.21 36.02 74.42
CBB BCL HF . -36.77 35.84 72.70
NC BCL HF . -32.44 40.38 75.66
C1C BCL HF . -32.89 39.13 75.98
C2C BCL HF . -32.10 38.47 77.05
C3C BCL HF . -31.11 39.56 77.47
C4C BCL HF . -31.51 40.74 76.63
CMC BCL HF . -32.95 37.93 78.18
CAC BCL HF . -29.62 39.17 77.30
CBC BCL HF . -29.11 38.25 78.39
ND BCL HF . -32.25 43.13 75.01
C1D BCL HF . -31.28 43.16 76.02
C2D BCL HF . -30.83 44.49 76.26
C3D BCL HF . -31.56 45.29 75.39
C4D BCL HF . -32.40 44.45 74.66
CMD BCL HF . -29.79 44.89 77.27
CAD BCL HF . -31.63 46.56 74.76
OBD BCL HF . -30.94 47.58 74.93
CBD BCL HF . -32.78 46.53 73.73
CGD BCL HF . -33.78 47.54 74.09
O1D BCL HF . -34.28 47.66 75.20
O2D BCL HF . -34.11 48.34 73.09
CED BCL HF . -35.04 49.42 73.41
C1 BCL HF . -34.64 47.97 66.55
C2 BCL HF . -35.17 46.77 65.78
C3 BCL HF . -35.93 46.73 64.70
C4 BCL HF . -36.37 45.44 64.06
C5 BCL HF . -36.43 48.02 63.99
C6 BCL HF . -36.27 48.10 62.45
C7 BCL HF . -37.41 47.46 61.62
C8 BCL HF . -37.14 47.36 60.11
C9 BCL HF . -37.48 48.69 59.40
C10 BCL HF . -37.95 46.20 59.48
C11 BCL HF . -37.57 45.92 58.03
C12 BCL HF . -37.61 44.44 57.62
C13 BCL HF . -36.61 43.54 58.37
C14 BCL HF . -35.16 43.88 58.05
C15 BCL HF . -36.86 42.05 57.98
C16 BCL HF . -36.00 41.04 58.76
C17 BCL HF . -36.34 39.54 58.61
C18 BCL HF . -35.55 38.67 59.59
C19 BCL HF . -35.38 37.28 58.95
C20 BCL HF . -36.22 38.53 60.95
CMA SP2 IF . -34.87 55.39 63.39
O1 SP2 IF . -35.64 54.52 62.56
C1 SP2 IF . -36.89 54.01 63.03
CM1 SP2 IF . -37.47 53.11 61.95
CM2 SP2 IF . -37.83 55.16 63.34
C2 SP2 IF . -36.52 53.22 64.29
C3 SP2 IF . -37.67 52.62 65.11
C4 SP2 IF . -37.27 51.34 65.83
C5 SP2 IF . -38.19 50.88 66.94
CM3 SP2 IF . -39.63 50.74 66.55
C6 SP2 IF . -37.76 50.56 68.17
C7 SP2 IF . -38.58 50.05 69.26
C8 SP2 IF . -38.05 49.37 70.31
C9 SP2 IF . -38.76 48.77 71.44
CM4 SP2 IF . -40.25 48.83 71.47
C10 SP2 IF . -38.02 48.08 72.35
C11 SP2 IF . -38.49 47.38 73.55
C12 SP2 IF . -37.64 46.74 74.38
C13 SP2 IF . -37.92 45.97 75.59
CM5 SP2 IF . -39.36 45.67 75.91
C14 SP2 IF . -36.88 45.46 76.30
C15 SP2 IF . -36.91 44.67 77.51
C16 SP2 IF . -35.76 44.20 78.06
C17 SP2 IF . -35.56 43.43 79.27
C18 SP2 IF . -34.41 42.80 79.63
CM6 SP2 IF . -33.23 42.80 78.72
C19 SP2 IF . -34.29 42.01 80.85
C20 SP2 IF . -35.11 41.90 81.91
C21 SP2 IF . -34.77 40.99 82.98
C22 SP2 IF . -35.48 40.65 84.07
CM7 SP2 IF . -36.79 41.30 84.42
C23 SP2 IF . -35.02 39.59 85.04
C24 SP2 IF . -34.67 40.06 86.47
C25 SP2 IF . -34.20 38.93 87.35
C26 SP2 IF . -34.92 37.91 87.83
CM8 SP2 IF . -36.40 37.77 87.61
C27 SP2 IF . -34.29 36.82 88.65
C28 SP2 IF . -34.30 37.14 90.17
C29 SP2 IF . -34.00 35.92 91.00
C30 SP2 IF . -34.80 34.91 91.31
CMB SP2 IF . -34.40 33.80 92.24
CM9 SP2 IF . -36.19 34.79 90.75
MG BCL JF . -17.76 49.36 72.92
CHA BCL JF . -17.20 52.62 71.85
CHB BCL JF . -20.99 49.70 71.84
CHC BCL JF . -18.63 46.62 74.71
CHD BCL JF . -14.84 49.58 74.83
NA BCL JF . -18.91 50.97 71.98
C1A BCL JF . -18.48 52.22 71.55
C2A BCL JF . -19.47 52.88 70.65
C3A BCL JF . -20.74 52.04 70.88
C4A BCL JF . -20.24 50.83 71.60
CMA BCL JF . -21.79 52.79 71.69
CAA BCL JF . -19.06 52.91 69.15
CBA BCL JF . -20.02 53.72 68.24
CGA BCL JF . -19.68 53.74 66.79
O1A BCL JF . -18.79 53.14 66.31
O2A BCL JF . -20.49 54.48 66.02
NB BCL JF . -19.54 48.34 73.29
C1B BCL JF . -20.72 48.54 72.60
C2B BCL JF . -21.58 47.43 72.72
C3B BCL JF . -20.93 46.50 73.56
C4B BCL JF . -19.66 47.13 73.91
CMB BCL JF . -22.94 47.38 72.03
CAB BCL JF . -21.32 45.16 74.04
OBB BCL JF . -20.55 44.43 74.69
CBB BCL JF . -22.70 44.56 73.78
NC BCL JF . -16.84 48.24 74.50
C1C BCL JF . -17.44 47.20 75.17
C2C BCL JF . -16.57 46.58 76.21
C3C BCL JF . -15.42 47.59 76.33
C4C BCL JF . -15.70 48.57 75.21
CMC BCL JF . -17.28 46.31 77.52
CAC BCL JF . -14.02 46.93 76.28
CBC BCL JF . -13.68 46.38 74.91
ND BCL JF . -16.34 50.76 73.33
C1D BCL JF . -15.14 50.72 74.05
C2D BCL JF . -14.36 51.88 73.83
C3D BCL JF . -15.11 52.68 72.98
C4D BCL JF . -16.28 51.99 72.70
CMD BCL JF . -13.00 52.16 74.43
CAD BCL JF . -15.12 53.84 72.17
OBD BCL JF . -14.24 54.71 71.99
CBD BCL JF . -16.49 53.93 71.45
CGD BCL JF . -17.15 55.19 71.79
O1D BCL JF . -17.39 55.60 72.92
O2D BCL JF . -17.49 55.91 70.73
CED BCL JF . -18.00 57.26 70.95
C1 BCL JF . -20.20 54.47 64.59
C2 BCL JF . -21.12 55.49 63.92
C3 BCL JF . -22.25 55.30 63.25
C4 BCL JF . -22.93 53.95 63.06
C5 BCL JF . -22.95 56.50 62.57
C6 BCL JF . -24.39 56.32 62.03
C7 BCL JF . -25.46 56.44 63.12
C8 BCL JF . -26.87 55.93 62.74
C9 BCL JF . -26.84 54.40 62.57
C10 BCL JF . -27.45 56.56 61.46
C11 BCL JF . -28.30 57.82 61.55
C12 BCL JF . -27.54 59.10 61.87
C13 BCL JF . -28.37 60.36 61.52
C14 BCL JF . -28.32 60.70 60.03
C15 BCL JF . -27.85 61.57 62.34
C16 BCL JF . -28.30 61.69 63.80
C17 BCL JF . -27.85 62.99 64.48
C18 BCL JF . -28.18 63.05 65.97
C19 BCL JF . -28.01 64.52 66.38
C20 BCL JF . -27.27 62.16 66.85
CMA SP2 KF . 5.80 46.37 54.36
O1 SP2 KF . 6.40 47.67 54.37
C1 SP2 KF . 6.33 48.42 55.56
CM1 SP2 KF . 7.05 47.65 56.66
CM2 SP2 KF . 4.88 48.69 55.95
C2 SP2 KF . 7.07 49.70 55.21
C3 SP2 KF . 6.41 50.63 54.19
C4 SP2 KF . 7.29 51.84 53.89
C5 SP2 KF . 6.65 52.87 52.98
CM3 SP2 KF . 6.85 52.62 51.51
C6 SP2 KF . 5.97 53.92 53.46
C7 SP2 KF . 5.43 54.97 52.65
C8 SP2 KF . 4.82 56.05 53.16
C9 SP2 KF . 4.28 57.19 52.43
CM4 SP2 KF . 4.62 57.33 50.98
C10 SP2 KF . 3.50 58.08 53.09
C11 SP2 KF . 2.83 59.24 52.55
C12 SP2 KF . 1.98 60.02 53.26
C13 SP2 KF . 1.24 61.17 52.79
CM5 SP2 KF . 1.28 61.48 51.31
C14 SP2 KF . 0.48 61.87 53.66
C15 SP2 KF . -0.34 63.03 53.40
C16 SP2 KF . -1.27 63.52 54.25
C17 SP2 KF . -2.08 64.68 53.98
C18 SP2 KF . -3.08 65.20 54.72
CM6 SP2 KF . -3.49 64.61 56.04
C19 SP2 KF . -3.79 66.37 54.24
C20 SP2 KF . -4.94 66.90 54.70
C21 SP2 KF . -5.57 68.05 54.10
C22 SP2 KF . -6.64 68.70 54.58
CM7 SP2 KF . -7.33 68.32 55.87
C23 SP2 KF . -7.21 69.91 53.88
C24 SP2 KF . -7.58 69.62 52.41
C25 SP2 KF . -7.78 70.87 51.59
C26 SP2 KF . -8.90 71.56 51.40
CM8 SP2 KF . -10.18 71.30 52.12
C27 SP2 KF . -8.94 72.69 50.39
C28 SP2 KF . -9.95 73.82 50.69
C29 SP2 KF . -9.76 74.98 49.76
C30 SP2 KF . -10.50 75.34 48.73
CMB SP2 KF . -10.13 76.49 47.83
CM9 SP2 KF . -11.78 74.65 48.35
CMA SP2 LF . -23.59 59.12 59.54
O1 SP2 LF . -22.96 60.39 59.33
C1 SP2 LF . -23.02 61.44 60.31
CM1 SP2 LF . -24.46 61.85 60.55
CM2 SP2 LF . -22.22 62.59 59.74
C2 SP2 LF . -22.37 60.90 61.59
C3 SP2 LF . -23.25 60.33 62.71
C4 SP2 LF . -22.43 60.11 63.98
C5 SP2 LF . -23.21 59.61 65.18
CM3 SP2 LF . -24.57 60.22 65.36
C6 SP2 LF . -22.69 58.71 66.04
C7 SP2 LF . -23.28 58.26 67.26
C8 SP2 LF . -22.56 57.70 68.25
C9 SP2 LF . -22.99 57.34 69.60
CM4 SP2 LF . -24.46 57.44 69.94
C10 SP2 LF . -22.04 57.01 70.50
C11 SP2 LF . -22.21 56.70 71.91
C12 SP2 LF . -21.24 56.10 72.63
C13 SP2 LF . -21.23 55.71 74.03
CM5 SP2 LF . -22.24 56.35 74.94
C14 SP2 LF . -20.27 54.86 74.46
C15 SP2 LF . -20.02 54.42 75.82
C16 SP2 LF . -19.02 53.55 76.13
C17 SP2 LF . -18.67 53.13 77.46
C18 SP2 LF . -17.63 52.34 77.83
CM6 SP2 LF . -16.64 51.80 76.82
C19 SP2 LF . -17.37 52.07 79.23
C20 SP2 LF . -16.58 51.12 79.74
C21 SP2 LF . -16.31 50.95 81.14
C22 SP2 LF . -15.52 49.97 81.61
CM7 SP2 LF . -14.92 48.93 80.70
C23 SP2 LF . -15.14 49.85 83.06
C24 SP2 LF . -16.29 49.41 83.97
C25 SP2 LF . -15.84 48.41 85.00
C26 SP2 LF . -16.25 48.29 86.24
CM8 SP2 LF . -17.29 49.19 86.86
C27 SP2 LF . -15.75 47.17 87.13
C28 SP2 LF . -15.23 47.49 88.55
C29 SP2 LF . -16.31 47.75 89.56
C30 SP2 LF . -17.26 46.93 90.00
CMB SP2 LF . -18.32 47.37 90.95
CM9 SP2 LF . -17.35 45.48 89.61
MG BCL MF . -2.00 53.31 66.16
CHA BCL MF . -1.29 56.18 64.34
CHB BCL MF . -5.30 54.06 65.85
CHC BCL MF . -2.71 51.16 68.70
CHD BCL MF . 1.36 53.16 67.11
NA BCL MF . -3.11 54.92 65.22
C1A BCL MF . -2.65 55.98 64.45
C2A BCL MF . -3.75 56.70 63.72
C3A BCL MF . -5.02 56.09 64.36
C4A BCL MF . -4.51 54.97 65.19
CMA BCL MF . -5.80 57.09 65.20
CAA BCL MF . -3.75 56.50 62.18
CBA BCL MF . -4.83 57.32 61.45
CGA BCL MF . -5.11 56.93 60.04
O1A BCL MF . -4.95 55.86 59.57
O2A BCL MF . -5.59 57.92 59.29
NB BCL MF . -3.72 52.74 67.18
C1B BCL MF . -5.02 53.05 66.76
C2B BCL MF . -5.95 52.20 67.38
C3B BCL MF . -5.24 51.33 68.22
C4B BCL MF . -3.84 51.72 68.08
CMB BCL MF . -7.44 52.32 67.10
CAB BCL MF . -5.69 50.21 69.08
OBB BCL MF . -4.90 49.55 69.78
CBB BCL MF . -7.14 49.78 69.19
NC BCL MF . -0.84 52.29 67.66
C1C BCL MF . -1.35 51.49 68.64
C2C BCL MF . -0.30 50.75 69.39
C3C BCL MF . 1.00 51.36 68.86
C4C BCL MF . 0.52 52.41 67.90
CMC BCL MF . -0.45 50.87 70.90
CAC BCL MF . 1.94 50.32 68.20
CBC BCL MF . 2.70 49.48 69.20
ND BCL MF . -0.32 54.41 65.86
C1D BCL MF . 1.02 54.22 66.23
C2D BCL MF . 1.87 55.18 65.61
C3D BCL MF . 1.02 55.98 64.86
C4D BCL MF . -0.28 55.50 65.03
CMD BCL MF . 3.36 55.26 65.77
CAD BCL MF . 0.95 56.95 63.82
OBD BCL MF . 1.88 57.53 63.21
CBD BCL MF . -0.54 57.22 63.51
CGD BCL MF . -0.83 58.64 63.77
O1D BCL MF . -0.41 59.29 64.71
O2D BCL MF . -1.64 59.19 62.86
CED BCL MF . -1.80 60.63 62.89
C1 BCL MF . -5.92 57.60 57.89
C2 BCL MF . -6.33 58.91 57.23
C3 BCL MF . -7.45 59.24 56.64
C4 BCL MF . -7.70 60.61 56.02
C5 BCL MF . -8.63 58.26 56.52
C6 BCL MF . -10.04 58.80 56.17
C7 BCL MF . -10.74 59.55 57.32
C8 BCL MF . -12.24 59.87 57.14
C9 BCL MF . -13.04 58.57 56.92
C10 BCL MF . -12.50 60.85 55.98
C11 BCL MF . -12.46 62.34 56.30
C12 BCL MF . -13.87 62.91 56.55
C13 BCL MF . -14.07 64.41 56.24
C14 BCL MF . -13.84 64.74 54.76
C15 BCL MF . -13.13 65.28 57.09
C16 BCL MF . -13.55 66.75 57.23
C17 BCL MF . -12.71 67.63 58.18
C18 BCL MF . -11.37 68.06 57.60
C19 BCL MF . -10.63 68.78 58.75
C20 BCL MF . -11.50 69.00 56.39
CMA SP2 NF . -11.18 62.66 52.94
O1 SP2 NF . -10.11 62.98 53.84
C1 SP2 NF . -9.24 64.04 53.45
CM1 SP2 NF . -10.04 65.33 53.35
CM2 SP2 NF . -8.58 63.70 52.14
C2 SP2 NF . -8.22 64.11 54.59
C3 SP2 NF . -8.77 64.15 56.02
C4 SP2 NF . -7.65 64.32 57.04
C5 SP2 NF . -8.05 63.98 58.45
CM3 SP2 NF . -8.77 65.07 59.19
C6 SP2 NF . -7.76 62.80 59.02
C7 SP2 NF . -8.02 62.54 60.40
C8 SP2 NF . -7.44 61.56 61.10
C9 SP2 NF . -7.45 61.27 62.52
CM4 SP2 NF . -8.71 61.48 63.28
C10 SP2 NF . -6.29 60.88 63.11
C11 SP2 NF . -6.05 60.67 64.52
C12 SP2 NF . -4.86 60.33 65.03
C13 SP2 NF . -4.54 60.07 66.43
CM5 SP2 NF . -5.43 60.65 67.48
C14 SP2 NF . -3.44 59.34 66.73
C15 SP2 NF . -2.98 58.95 68.04
C16 SP2 NF . -1.94 58.11 68.28
C17 SP2 NF . -1.48 57.78 69.61
C18 SP2 NF . -0.49 56.92 69.95
CM6 SP2 NF . 0.31 56.15 68.94
C19 SP2 NF . -0.13 56.76 71.36
C20 SP2 NF . 0.75 55.91 71.87
C21 SP2 NF . 1.06 55.83 73.28
C22 SP2 NF . 2.01 55.02 73.77
CM7 SP2 NF . 2.79 54.06 72.92
C23 SP2 NF . 2.33 54.98 75.24
C24 SP2 NF . 3.03 56.24 75.78
C25 SP2 NF . 3.05 56.19 77.28
C26 SP2 NF . 4.02 55.80 78.09
CM8 SP2 NF . 5.45 55.61 77.67
C27 SP2 NF . 3.72 55.47 79.53
C28 SP2 NF . 2.82 54.21 79.54
C29 SP2 NF . 2.61 53.66 80.91
C30 SP2 NF . 3.43 52.87 81.61
CMB SP2 NF . 3.07 52.35 82.97
CM9 SP2 NF . 4.75 52.43 81.10
MG BCL OF . 11.81 53.12 55.39
CHA BCL OF . 12.53 55.59 53.07
CHB BCL OF . 8.68 54.48 55.67
CHC BCL OF . 11.29 51.29 58.17
CHD BCL OF . 15.26 52.68 55.88
NA BCL OF . 10.77 54.82 54.46
C1A BCL OF . 11.24 55.70 53.51
C2A BCL OF . 10.10 56.48 52.89
C3A BCL OF . 8.99 56.30 53.92
C4A BCL OF . 9.46 55.16 54.76
CMA BCL OF . 8.76 57.57 54.74
CAA BCL OF . 9.70 55.98 51.49
CBA BCL OF . 8.75 56.94 50.73
CGA BCL OF . 8.10 56.36 49.51
O1A BCL OF . 7.88 55.20 49.34
O2A BCL OF . 7.76 57.28 48.61
NB BCL OF . 10.25 52.94 56.75
C1B BCL OF . 8.99 53.51 56.62
C2B BCL OF . 8.08 52.92 57.53
C3B BCL OF . 8.79 51.97 58.30
C4B BCL OF . 10.17 52.04 57.77
CMB BCL OF . 6.62 53.33 57.56
CAB BCL OF . 8.38 51.07 59.38
OBB BCL OF . 9.15 50.24 59.88
CBB BCL OF . 6.99 51.09 59.98
NC BCL OF . 13.09 52.11 56.79
C1C BCL OF . 12.65 51.44 57.91
C2C BCL OF . 13.70 50.61 58.52
C3C BCL OF . 14.99 51.10 57.84
C4C BCL OF . 14.47 52.10 56.84
CMC BCL OF . 13.74 50.74 60.05
CAC BCL OF . 15.81 49.96 57.18
CBC BCL OF . 16.59 49.12 58.18
ND BCL OF . 13.54 53.94 54.68
C1D BCL OF . 14.89 53.65 54.90
C2D BCL OF . 15.73 54.42 54.05
C3D BCL OF . 14.87 55.21 53.31
C4D BCL OF . 13.57 54.90 53.71
CMD BCL OF . 17.23 54.36 54.00
CAD BCL OF . 14.74 56.04 52.16
OBD BCL OF . 15.59 56.40 51.33
CBD BCL OF . 13.25 56.46 52.02
CGD BCL OF . 13.15 57.92 52.17
O1D BCL OF . 13.39 58.55 53.18
O2D BCL OF . 12.74 58.52 51.07
CED BCL OF . 12.55 59.97 51.12
C1 BCL OF . 7.09 56.85 47.38
C2 BCL OF . 5.62 56.65 47.71
C3 BCL OF . 4.71 57.52 47.31
C4 BCL OF . 5.02 58.76 46.51
C5 BCL OF . 3.21 57.37 47.60
C6 BCL OF . 2.31 57.39 46.36
C7 BCL OF . 0.83 57.59 46.68
C8 BCL OF . 0.44 59.01 47.13
C9 BCL OF . -0.32 58.96 48.47
C10 BCL OF . -0.41 59.71 46.06
C11 BCL OF . 0.30 60.13 44.77
C12 BCL OF . 1.20 61.36 44.92
C13 BCL OF . 0.45 62.71 45.01
C14 BCL OF . 0.11 63.27 43.64
C15 BCL OF . 1.33 63.74 45.76
C16 BCL OF . 0.69 65.10 46.10
C17 BCL OF . 1.52 66.07 46.98
C18 BCL OF . 2.20 67.25 46.26
C19 BCL OF . 3.25 66.70 45.29
C20 BCL OF . 2.87 68.25 47.23
CMA SP2 PF . 15.63 44.59 42.52
O1 SP2 PF . 16.55 44.64 43.62
C1 SP2 PF . 16.86 45.85 44.31
CM1 SP2 PF . 17.85 45.44 45.38
CM2 SP2 PF . 15.62 46.48 44.92
C2 SP2 PF . 17.52 46.79 43.29
C3 SP2 PF . 16.65 47.82 42.55
C4 SP2 PF . 17.47 48.58 41.51
C5 SP2 PF . 16.71 49.62 40.73
CM3 SP2 PF . 16.37 49.24 39.32
C6 SP2 PF . 16.35 50.82 41.22
C7 SP2 PF . 15.75 51.88 40.43
C8 SP2 PF . 15.56 53.13 40.90
C9 SP2 PF . 15.04 54.29 40.18
CM4 SP2 PF . 15.01 54.22 38.68
C10 SP2 PF . 14.69 55.40 40.88
C11 SP2 PF . 14.19 56.65 40.37
C12 SP2 PF . 13.75 57.65 41.16
C13 SP2 PF . 13.21 58.95 40.75
CM5 SP2 PF . 13.38 59.35 39.32
C14 SP2 PF . 12.61 59.73 41.67
C15 SP2 PF . 11.98 61.02 41.45
C16 SP2 PF . 11.32 61.75 42.40
C17 SP2 PF . 10.66 63.01 42.11
C18 SP2 PF . 9.94 63.79 42.94
CM6 SP2 PF . 9.76 63.47 44.40
C19 SP2 PF . 9.30 65.00 42.43
C20 SP2 PF . 8.47 65.83 43.08
C21 SP2 PF . 7.87 66.99 42.47
C22 SP2 PF . 7.15 67.92 43.12
CM7 SP2 PF . 6.83 67.83 44.58
C23 SP2 PF . 6.61 69.15 42.42
C24 SP2 PF . 5.20 68.98 41.81
C25 SP2 PF . 4.66 70.27 41.27
C26 SP2 PF . 4.83 70.77 40.05
CM8 SP2 PF . 5.66 70.10 38.98
C27 SP2 PF . 4.24 72.11 39.65
C28 SP2 PF . 3.34 72.03 38.40
C29 SP2 PF . 3.60 73.16 37.45
C30 SP2 PF . 2.75 73.81 36.68
CMB SP2 PF . 3.18 74.88 35.73
CM9 SP2 PF . 1.28 73.54 36.69
CMA SP2 QF . 22.85 37.77 33.81
O1 SP2 QF . 23.21 38.31 32.54
C1 SP2 QF . 22.23 38.99 31.81
CM1 SP2 QF . 21.72 40.16 32.64
CM2 SP2 QF . 21.09 38.08 31.40
C2 SP2 QF . 23.02 39.47 30.60
C3 SP2 QF . 22.24 40.18 29.51
C4 SP2 QF . 23.17 40.91 28.54
C5 SP2 QF . 22.46 41.86 27.60
CM3 SP2 QF . 21.79 41.20 26.42
C6 SP2 QF . 22.42 43.17 27.88
C7 SP2 QF . 21.83 44.17 27.03
C8 SP2 QF . 21.86 45.47 27.33
C9 SP2 QF . 21.33 46.58 26.53
CM4 SP2 QF . 20.63 46.24 25.25
C10 SP2 QF . 21.41 47.84 27.02
C11 SP2 QF . 20.91 49.04 26.43
C12 SP2 QF . 20.83 50.22 27.06
C13 SP2 QF . 20.26 51.46 26.54
CM5 SP2 QF . 19.38 51.36 25.32
C14 SP2 QF . 20.44 52.61 27.22
C15 SP2 QF . 19.91 53.91 26.89
C16 SP2 QF . 19.74 54.93 27.74
C17 SP2 QF . 19.16 56.18 27.33
C18 SP2 QF . 18.77 57.22 28.12
CM6 SP2 QF . 18.94 57.23 29.62
C19 SP2 QF . 18.15 58.39 27.50
C20 SP2 QF . 17.60 59.45 28.11
C21 SP2 QF . 17.04 60.55 27.38
C22 SP2 QF . 16.60 61.71 27.90
CM7 SP2 QF . 16.58 61.98 29.38
C23 SP2 QF . 16.09 62.84 27.04
C24 SP2 QF . 14.94 62.47 26.06
C25 SP2 QF . 14.68 63.58 25.08
C26 SP2 QF . 13.96 64.68 25.24
CM8 SP2 QF . 13.21 65.00 26.51
C27 SP2 QF . 13.87 65.74 24.17
C28 SP2 QF . 12.47 65.89 23.54
C29 SP2 QF . 12.51 66.80 22.34
C30 SP2 QF . 11.53 67.53 21.84
CMB SP2 QF . 11.68 68.32 20.58
CM9 SP2 QF . 10.18 67.65 22.49
MG BCL RF . 22.64 48.88 42.09
CHA BCL RF . 23.20 50.75 39.20
CHB BCL RF . 19.96 50.88 42.72
CHC BCL RF . 22.64 47.82 45.33
CHD BCL RF . 25.86 47.56 41.75
NA BCL RF . 21.72 50.58 41.07
C1A BCL RF . 22.09 51.20 39.88
C2A BCL RF . 21.01 52.13 39.37
C3A BCL RF . 20.07 52.25 40.59
C4A BCL RF . 20.60 51.24 41.56
CMA BCL RF . 20.04 53.64 41.20
CAA BCL RF . 20.27 51.62 38.13
CBA BCL RF . 19.10 52.50 37.68
CGA BCL RF . 18.44 52.03 36.42
O1A BCL RF . 18.93 51.29 35.63
O2A BCL RF . 17.20 52.47 36.27
NB BCL RF . 21.52 49.32 43.78
C1B BCL RF . 20.34 50.05 43.78
C2B BCL RF . 19.59 49.79 44.93
C3B BCL RF . 20.32 48.90 45.75
C4B BCL RF . 21.56 48.64 44.98
CMB BCL RF . 18.21 50.43 45.15
CAB BCL RF . 20.04 48.29 47.05
OBB BCL RF . 20.78 47.45 47.58
CBB BCL RF . 18.80 48.63 47.87
NC BCL RF . 24.03 47.82 43.33
C1C BCL RF . 23.86 47.55 44.67
C2C BCL RF . 24.91 46.66 45.23
C3C BCL RF . 25.92 46.54 44.07
C4C BCL RF . 25.33 47.42 43.01
CMC BCL RF . 25.52 47.20 46.52
CAC BCL RF . 26.15 45.09 43.59
CBC BCL RF . 27.04 44.28 44.51
ND BCL RF . 24.23 49.11 40.82
C1D BCL RF . 25.46 48.44 40.73
C2D BCL RF . 26.14 48.78 39.53
C3D BCL RF . 25.30 49.68 38.88
C4D BCL RF . 24.18 49.86 39.68
CMD BCL RF . 27.48 48.26 39.09
CAD BCL RF . 25.06 50.37 37.66
OBD BCL RF . 25.74 50.44 36.63
CBD BCL RF . 23.70 51.09 37.79
CGD BCL RF . 23.86 52.51 37.42
O1D BCL RF . 24.37 53.37 38.11
O2D BCL RF . 23.38 52.79 36.21
CED BCL RF . 23.31 54.19 35.82
C1 BCL RF . 16.44 51.98 35.12
C2 BCL RF . 15.13 52.77 35.11
C3 BCL RF . 14.90 53.82 34.35
C4 BCL RF . 15.89 54.40 33.34
C5 BCL RF . 13.59 54.62 34.43
C6 BCL RF . 12.51 54.09 35.39
C7 BCL RF . 11.26 54.95 35.38
C8 BCL RF . 11.46 56.44 35.70
C9 BCL RF . 12.05 56.63 37.11
C10 BCL RF . 10.15 57.23 35.58
C11 BCL RF . 10.23 58.72 35.26
C12 BCL RF . 10.59 58.98 33.79
C13 BCL RF . 10.04 60.33 33.25
C14 BCL RF . 10.11 60.42 31.72
C15 BCL RF . 10.77 61.55 33.87
C16 BCL RF . 12.22 61.81 33.40
C17 BCL RF . 12.92 63.05 33.99
C18 BCL RF . 14.34 63.25 33.50
C19 BCL RF . 14.89 64.50 34.22
C20 BCL RF . 14.46 63.45 31.98
MG BCL SF . 27.87 39.69 27.92
CHA BCL SF . 27.69 40.57 24.60
CHB BCL SF . 26.18 42.57 28.65
CHC BCL SF . 28.75 39.36 31.19
CHD BCL SF . 30.46 37.45 27.12
NA BCL SF . 27.02 41.32 26.73
C1A BCL SF . 27.11 41.54 25.37
C2A BCL SF . 26.21 42.66 24.93
C3A BCL SF . 25.97 43.41 26.25
C4A BCL SF . 26.45 42.45 27.31
CMA BCL SF . 26.70 44.76 26.31
CAA BCL SF . 24.89 42.20 24.30
CBA BCL SF . 23.96 43.36 23.89
CGA BCL SF . 22.74 42.93 23.14
O1A BCL SF . 22.63 41.93 22.53
O2A BCL SF . 21.76 43.80 23.26
NB BCL SF . 27.58 40.82 29.65
C1B BCL SF . 26.67 41.86 29.76
C2B BCL SF . 26.30 42.07 31.10
C3B BCL SF . 27.02 41.14 31.88
C4B BCL SF . 27.84 40.40 30.92
CMB BCL SF . 25.29 43.13 31.50
CAB BCL SF . 27.02 40.87 33.32
OBB BCL SF . 27.92 40.20 33.87
CBB BCL SF . 25.93 41.35 34.25
NC BCL SF . 29.36 38.55 28.99
C1C BCL SF . 29.59 38.64 30.33
C2C BCL SF . 30.65 37.71 30.80
C3C BCL SF . 31.00 36.93 29.53
C4C BCL SF . 30.36 37.76 28.46
CMC BCL SF . 31.85 38.40 31.44
CAC BCL SF . 30.50 35.46 29.53
CBC BCL SF . 31.45 34.49 30.21
ND BCL SF . 28.92 39.15 26.26
C1D BCL SF . 29.87 38.14 26.02
C2D BCL SF . 30.08 37.96 24.63
C3D BCL SF . 29.25 38.88 24.00
C4D BCL SF . 28.58 39.58 25.00
CMD BCL SF . 31.02 36.95 24.02
CAD BCL SF . 28.67 39.26 22.78
OBD BCL SF . 28.83 38.82 21.63
CBD BCL SF . 27.68 40.43 23.06
CGD BCL SF . 28.07 41.62 22.28
O1D BCL SF . 29.16 42.17 22.33
O2D BCL SF . 27.11 42.06 21.48
CED BCL SF . 27.40 43.24 20.68
C1 BCL SF . 20.47 43.54 22.61
C2 BCL SF . 20.67 43.80 21.11
C3 BCL SF . 19.88 44.50 20.33
C4 BCL SF . 20.13 44.73 18.84
C5 BCL SF . 18.59 45.15 20.84
C6 BCL SF . 18.77 46.54 21.43
C7 BCL SF . 17.72 46.96 22.47
C8 BCL SF . 16.24 46.81 22.11
C9 BCL SF . 15.89 47.53 20.78
C10 BCL SF . 15.34 47.27 23.28
C11 BCL SF . 14.80 48.72 23.34
C12 BCL SF . 15.87 49.82 23.38
C13 BCL SF . 15.36 51.26 23.60
C14 BCL SF . 13.91 51.47 23.14
C15 BCL SF . 16.30 52.22 22.84
C16 BCL SF . 16.06 52.39 21.33
C17 BCL SF . 17.17 53.05 20.49
C18 BCL SF . 16.62 53.84 19.32
C19 BCL SF . 17.77 54.00 18.30
C20 BCL SF . 16.09 55.22 19.70
CMA SP2 TF . -18.38 -4.17 7.51
O1 SP2 TF . -18.21 -4.86 6.27
C1 SP2 TF . -16.88 -5.10 5.83
CM1 SP2 TF . -16.16 -6.02 6.81
CM2 SP2 TF . -16.12 -3.79 5.67
C2 SP2 TF . -17.08 -5.81 4.48
C3 SP2 TF . -18.31 -5.44 3.62
C4 SP2 TF . -18.36 -4.00 3.13
C5 SP2 TF . -19.29 -3.78 1.96
CM3 SP2 TF . -20.76 -3.88 2.28
C6 SP2 TF . -18.81 -3.45 0.75
C7 SP2 TF . -19.54 -3.06 -0.42
C8 SP2 TF . -18.91 -2.63 -1.52
C9 SP2 TF . -19.49 -2.13 -2.76
CM4 SP2 TF . -21.00 -2.11 -2.89
C10 SP2 TF . -18.67 -1.67 -3.73
C11 SP2 TF . -19.02 -1.14 -5.03
C12 SP2 TF . -18.08 -0.70 -5.89
C13 SP2 TF . -18.28 -0.17 -7.24
CM5 SP2 TF . -19.65 -0.26 -7.84
C14 SP2 TF . -17.21 0.34 -7.92
C15 SP2 TF . -17.19 0.95 -9.21
C16 SP2 TF . -16.10 1.59 -9.71
C17 SP2 TF . -16.05 2.25 -10.99
C18 SP2 TF . -15.02 2.94 -11.52
CM6 SP2 TF . -13.69 3.08 -10.82
C19 SP2 TF . -15.14 3.51 -12.85
C20 SP2 TF . -14.31 4.39 -13.44
C21 SP2 TF . -14.48 4.87 -14.78
C22 SP2 TF . -13.62 5.70 -15.39
CM7 SP2 TF . -12.45 6.30 -14.69
C23 SP2 TF . -13.81 6.10 -16.83
C24 SP2 TF . -13.03 5.24 -17.84
C25 SP2 TF . -11.56 5.52 -17.81
C26 SP2 TF . -10.55 4.66 -17.84
CM8 SP2 TF . -10.73 3.16 -17.94
C27 SP2 TF . -9.12 5.13 -17.76
C28 SP2 TF . -8.85 5.87 -16.44
C29 SP2 TF . -7.78 6.90 -16.59
C30 SP2 TF . -6.47 6.77 -16.36
CMB SP2 TF . -5.50 7.90 -16.52
CM9 SP2 TF . -5.86 5.48 -15.92
MG BCL UF . -11.64 -7.59 -0.79
CHA BCL UF . -11.39 -4.26 -1.68
CHB BCL UF . -14.72 -7.66 -2.25
CHC BCL UF . -12.29 -10.54 0.76
CHD BCL UF . -8.99 -7.12 1.44
NA BCL UF . -12.88 -6.11 -1.80
C1A BCL UF . -12.53 -4.84 -2.20
C2A BCL UF . -13.47 -4.29 -3.23
C3A BCL UF . -14.52 -5.39 -3.37
C4A BCL UF . -14.07 -6.46 -2.44
CMA BCL UF . -15.92 -4.91 -2.99
CAA BCL UF . -12.76 -3.89 -4.56
CBA BCL UF . -13.45 -3.97 -5.92
CGA BCL UF . -14.82 -3.42 -5.95
O1A BCL UF . -15.17 -2.39 -5.49
O2A BCL UF . -15.61 -4.27 -6.54
NB BCL UF . -13.26 -8.89 -0.72
C1B BCL UF . -14.44 -8.76 -1.45
C2B BCL UF . -15.27 -9.88 -1.25
C3B BCL UF . -14.58 -10.78 -0.40
C4B BCL UF . -13.33 -10.09 -0.07
CMB BCL UF . -16.64 -9.99 -1.90
CAB BCL UF . -14.92 -12.11 0.12
OBB BCL UF . -14.11 -12.80 0.75
CBB BCL UF . -16.27 -12.75 -0.08
NC BCL UF . -10.75 -8.66 0.85
C1C BCL UF . -11.20 -9.86 1.33
C2C BCL UF . -10.27 -10.49 2.30
C3C BCL UF . -9.24 -9.39 2.55
C4C BCL UF . -9.69 -8.28 1.63
CMC BCL UF . -10.95 -10.99 3.56
CAC BCL UF . -7.77 -9.82 2.33
CBC BCL UF . -7.26 -10.79 3.38
ND BCL UF . -10.44 -6.05 -0.21
C1D BCL UF . -9.37 -5.97 0.69
C2D BCL UF . -8.82 -4.67 0.70
C3D BCL UF . -9.56 -3.94 -0.22
C4D BCL UF . -10.53 -4.79 -0.73
CMD BCL UF . -7.66 -4.23 1.55
CAD BCL UF . -9.68 -2.71 -0.91
OBD BCL UF . -9.06 -1.64 -0.77
CBD BCL UF . -10.80 -2.86 -1.97
CGD BCL UF . -11.72 -1.73 -1.93
O1D BCL UF . -12.65 -1.59 -1.15
O2D BCL UF . -11.48 -0.80 -2.84
CED BCL UF . -12.47 0.23 -3.06
C1 BCL UF . -17.06 -4.12 -6.58
C2 BCL UF . -17.49 -5.09 -7.64
C3 BCL UF . -17.60 -4.81 -8.91
C4 BCL UF . -17.37 -3.43 -9.51
C5 BCL UF . -17.91 -5.89 -9.94
C6 BCL UF . -17.54 -7.31 -9.53
C7 BCL UF . -17.51 -8.27 -10.72
C8 BCL UF . -17.18 -9.72 -10.41
C9 BCL UF . -16.85 -10.48 -11.71
C10 BCL UF . -18.31 -10.44 -9.64
C11 BCL UF . -18.08 -11.93 -9.46
C12 BCL UF . -18.82 -12.55 -8.26
C13 BCL UF . -20.37 -12.54 -8.27
C14 BCL UF . -20.95 -13.06 -6.94
C15 BCL UF . -20.94 -13.43 -9.40
C16 BCL UF . -22.47 -13.45 -9.57
C17 BCL UF . -23.06 -14.39 -10.64
C18 BCL UF . -24.58 -14.49 -10.62
C19 BCL UF . -24.97 -15.62 -11.61
C20 BCL UF . -25.30 -13.20 -11.01
MG BCL VF . -28.17 -13.01 4.00
CHA BCL VF . -27.44 -9.95 2.57
CHB BCL VF . -31.47 -12.31 3.49
CHC BCL VF . -28.99 -15.56 6.06
CHD BCL VF . -24.92 -13.08 5.33
NA BCL VF . -29.27 -11.33 3.16
C1A BCL VF . -28.77 -10.20 2.52
C2A BCL VF . -29.80 -9.57 1.65
C3A BCL VF . -31.12 -10.14 2.22
C4A BCL VF . -30.64 -11.34 2.99
CMA BCL VF . -31.84 -9.14 3.10
CAA BCL VF . -29.59 -9.91 0.17
CBA BCL VF . -29.96 -8.77 -0.80
CGA BCL VF . -31.32 -8.75 -1.38
O1A BCL VF . -31.54 -8.78 -2.54
O2A BCL VF . -32.26 -8.57 -0.47
NB BCL VF . -29.95 -13.81 4.71
C1B BCL VF . -31.22 -13.42 4.32
C2B BCL VF . -32.18 -14.28 4.86
C3B BCL VF . -31.50 -15.26 5.61
C4B BCL VF . -30.09 -14.91 5.50
CMB BCL VF . -33.67 -14.10 4.59
CAB BCL VF . -31.98 -16.42 6.39
OBB BCL VF . -31.21 -17.30 6.80
CBB BCL VF . -33.44 -16.63 6.75
NC BCL VF . -27.10 -14.15 5.47
C1C BCL VF . -27.65 -15.16 6.22
C2C BCL VF . -26.64 -15.94 6.98
C3C BCL VF . -25.36 -15.11 6.80
C4C BCL VF . -25.78 -14.01 5.87
CMC BCL VF . -27.03 -16.16 8.43
CAC BCL VF . -24.15 -15.94 6.31
CBC BCL VF . -23.55 -16.81 7.38
ND BCL VF . -26.52 -11.81 3.99
C1D BCL VF . -25.25 -11.94 4.55
C2D BCL VF . -24.42 -10.84 4.21
C3D BCL VF . -25.22 -10.00 3.43
C4D BCL VF . -26.47 -10.61 3.32
CMD BCL VF . -22.99 -10.65 4.63
CAD BCL VF . -25.27 -8.84 2.62
OBD BCL VF . -24.39 -7.97 2.40
CBD BCL VF . -26.67 -8.76 1.97
CGD BCL VF . -27.28 -7.42 2.17
O1D BCL VF . -27.64 -6.97 3.24
O2D BCL VF . -27.40 -6.72 1.06
CED BCL VF . -28.11 -5.45 1.14
C1 BCL VF . -33.66 -8.32 -0.84
C2 BCL VF . -34.25 -9.56 -1.49
C3 BCL VF . -35.11 -9.43 -2.47
C4 BCL VF . -35.60 -8.10 -3.04
C5 BCL VF . -35.75 -10.64 -3.17
C6 BCL VF . -35.53 -12.01 -2.54
C7 BCL VF . -36.28 -13.12 -3.29
C8 BCL VF . -36.25 -14.49 -2.59
C9 BCL VF . -34.80 -14.96 -2.39
C10 BCL VF . -37.03 -15.54 -3.39
C11 BCL VF . -38.55 -15.35 -3.41
C12 BCL VF . -39.30 -16.57 -3.95
C13 BCL VF . -40.82 -16.36 -4.13
C14 BCL VF . -41.56 -16.22 -2.79
C15 BCL VF . -41.40 -17.55 -4.91
C16 BCL VF . -42.89 -17.49 -5.30
C17 BCL VF . -43.33 -18.60 -6.27
C18 BCL VF . -44.81 -18.61 -6.64
C19 BCL VF . -45.59 -19.03 -5.38
C20 BCL VF . -45.16 -19.54 -7.81
CMA SP2 WF . -31.64 1.72 -7.43
O1 SP2 WF . -30.69 2.45 -6.65
C1 SP2 WF . -29.51 1.81 -6.19
CM1 SP2 WF . -29.90 0.62 -5.33
CM2 SP2 WF . -28.70 2.80 -5.38
C2 SP2 WF . -28.78 1.38 -7.45
C3 SP2 WF . -27.30 0.93 -7.33
C4 SP2 WF . -27.12 -0.56 -7.07
C5 SP2 WF . -25.68 -1.01 -7.01
CM3 SP2 WF . -24.70 -0.15 -7.77
C6 SP2 WF . -25.29 -2.14 -6.37
C7 SP2 WF . -23.96 -2.69 -6.33
C8 SP2 WF . -23.70 -3.99 -6.10
C9 SP2 WF . -22.43 -4.69 -6.11
CM4 SP2 WF . -21.24 -3.98 -6.69
C10 SP2 WF . -22.38 -5.98 -5.70
C11 SP2 WF . -21.25 -6.88 -5.72
C12 SP2 WF . -21.23 -8.06 -5.06
C13 SP2 WF . -20.17 -9.07 -5.04
CM5 SP2 WF . -19.08 -8.98 -6.07
C14 SP2 WF . -20.24 -10.07 -4.12
C15 SP2 WF . -19.34 -11.20 -3.97
C16 SP2 WF . -19.54 -12.19 -3.05
C17 SP2 WF . -18.68 -13.35 -2.88
C18 SP2 WF . -18.76 -14.29 -1.91
CM6 SP2 WF . -19.75 -14.23 -0.79
C19 SP2 WF . -17.80 -15.39 -1.90
C20 SP2 WF . -17.81 -16.47 -1.08
C21 SP2 WF . -16.82 -17.52 -1.11
C22 SP2 WF . -16.78 -18.49 -0.17
CM7 SP2 WF . -17.70 -18.48 1.02
C23 SP2 WF . -15.74 -19.59 -0.16
C24 SP2 WF . -15.44 -20.28 -1.51
C25 SP2 WF . -16.65 -20.93 -2.11
C26 SP2 WF . -17.09 -22.17 -1.89
CM8 SP2 WF . -16.48 -23.09 -0.87
C27 SP2 WF . -18.24 -22.75 -2.66
C28 SP2 WF . -18.36 -22.27 -4.13
C29 SP2 WF . -19.16 -23.22 -4.96
C30 SP2 WF . -20.32 -23.03 -5.55
CMB SP2 WF . -20.99 -24.09 -6.39
CM9 SP2 WF . -21.09 -21.74 -5.45
MG BCL XF . -43.30 -13.41 13.97
CHA BCL XF . -42.23 -10.86 11.90
CHB BCL XF . -46.38 -11.94 14.02
CHC BCL XF . -44.17 -15.38 16.59
CHD BCL XF . -39.95 -14.27 14.54
NA BCL XF . -44.15 -11.61 13.08
C1A BCL XF . -43.57 -10.75 12.17
C2A BCL XF . -44.59 -9.92 11.46
C3A BCL XF . -45.84 -10.11 12.32
C4A BCL XF . -45.49 -11.29 13.19
CMA BCL XF . -46.16 -8.87 13.16
CAA BCL XF . -44.80 -10.36 10.01
CBA BCL XF . -45.38 -9.25 9.10
CGA BCL XF . -46.80 -9.30 8.68
O1A BCL XF . -47.16 -9.50 7.59
O2A BCL XF . -47.65 -8.91 9.62
NB BCL XF . -44.99 -13.62 15.15
C1B BCL XF . -46.20 -12.95 14.97
C2B BCL XF . -47.18 -13.46 15.84
C3B BCL XF . -46.57 -14.46 16.63
C4B BCL XF . -45.20 -14.54 16.14
CMB BCL XF . -48.61 -12.94 15.83
CAB BCL XF . -47.08 -15.30 17.73
OBB BCL XF . -46.44 -16.25 18.20
CBB BCL XF . -48.42 -15.04 18.39
NC BCL XF . -42.21 -14.64 15.36
C1C BCL XF . -42.79 -15.38 16.35
C2C BCL XF . -41.83 -16.33 17.00
C3C BCL XF . -40.48 -15.87 16.46
C4C BCL XF . -40.85 -14.86 15.39
CMC BCL XF . -41.92 -16.34 18.51
CAC BCL XF . -39.58 -17.03 15.97
CBC BCL XF . -40.04 -17.61 14.65
ND BCL XF . -41.47 -12.72 13.42
C1D BCL XF . -40.18 -13.20 13.63
C2D BCL XF . -39.23 -12.49 12.86
C3D BCL XF . -39.96 -11.56 12.14
C4D BCL XF . -41.31 -11.72 12.50
CMD BCL XF . -37.74 -12.72 12.86
CAD BCL XF . -39.92 -10.50 11.20
OBD BCL XF . -38.95 -9.96 10.65
CBD BCL XF . -41.37 -10.03 10.93
CGD BCL XF . -41.47 -8.57 11.05
O1D BCL XF . -41.29 -7.93 12.07
O2D BCL XF . -41.80 -7.97 9.91
CED BCL XF . -42.05 -6.54 9.95
C1 BCL XF . -49.04 -8.60 9.35
C2 BCL XF . -49.79 -9.90 9.07
C3 BCL XF . -51.07 -9.83 8.73
C4 BCL XF . -51.86 -8.53 8.59
C5 BCL XF . -51.94 -11.07 8.45
C6 BCL XF . -51.25 -12.41 8.16
C7 BCL XF . -51.04 -13.28 9.41
C8 BCL XF . -52.05 -14.43 9.57
C9 BCL XF . -53.45 -13.92 9.96
C10 BCL XF . -51.56 -15.45 10.62
C11 BCL XF . -52.42 -16.66 10.98
C12 BCL XF . -52.89 -17.52 9.79
C13 BCL XF . -51.81 -18.10 8.84
C14 BCL XF . -52.43 -18.55 7.52
C15 BCL XF . -51.04 -19.30 9.43
C16 BCL XF . -49.99 -19.12 10.53
C17 BCL XF . -48.87 -20.16 10.63
C18 BCL XF . -47.98 -20.03 11.86
C19 BCL XF . -47.53 -18.55 11.93
C20 BCL XF . -46.76 -20.96 11.86
MG BCL YF . -54.79 -8.74 27.26
CHA BCL YF . -53.90 -6.74 24.57
CHB BCL YF . -57.16 -6.41 28.07
CHC BCL YF . -55.19 -10.23 30.27
CHD BCL YF . -51.71 -10.38 26.95
NA BCL YF . -55.40 -6.83 26.41
C1A BCL YF . -54.98 -6.22 25.25
C2A BCL YF . -55.87 -5.08 24.85
C3A BCL YF . -56.62 -4.79 26.16
C4A BCL YF . -56.46 -6.09 26.91
CMA BCL YF . -56.04 -3.61 26.91
CAA BCL YF . -56.82 -5.38 23.68
CBA BCL YF . -57.65 -4.14 23.27
CGA BCL YF . -59.08 -4.37 22.87
O1A BCL YF . -59.47 -5.26 22.21
O2A BCL YF . -59.87 -3.39 23.33
NB BCL YF . -55.95 -8.37 28.93
C1B BCL YF . -56.95 -7.40 29.03
C2B BCL YF . -57.70 -7.58 30.20
C3B BCL YF . -57.16 -8.69 30.90
C4B BCL YF . -56.06 -9.15 30.04
CMB BCL YF . -58.87 -6.67 30.56
CAB BCL YF . -57.52 -9.32 32.17
OBB BCL YF . -57.01 -10.40 32.54
CBB BCL YF . -58.51 -8.73 33.14
NC BCL YF . -53.62 -10.13 28.42
C1C BCL YF . -53.98 -10.59 29.65
C2C BCL YF . -53.09 -11.68 30.15
C3C BCL YF . -51.96 -11.68 29.12
C4C BCL YF . -52.38 -10.65 28.12
CMC BCL YF . -52.64 -11.47 31.58
CAC BCL YF . -51.68 -13.08 28.49
CBC BCL YF . -51.00 -14.05 29.44
ND BCL YF . -53.14 -8.63 26.06
C1D BCL YF . -51.94 -9.35 26.02
C2D BCL YF . -51.11 -8.89 24.98
C3D BCL YF . -51.82 -7.87 24.36
C4D BCL YF . -53.03 -7.74 25.04
CMD BCL YF . -49.76 -9.45 24.63
CAD BCL YF . -51.87 -6.97 23.26
OBD BCL YF . -51.03 -6.76 22.36
CBD BCL YF . -53.21 -6.20 23.31
CGD BCL YF . -52.96 -4.75 23.24
O1D BCL YF . -52.35 -4.12 24.06
O2D BCL YF . -53.49 -4.19 22.18
CED BCL YF . -53.31 -2.75 22.03
C1 BCL YF . -61.31 -3.37 23.04
C2 BCL YF . -61.98 -4.44 23.89
C3 BCL YF . -63.27 -4.67 23.86
C4 BCL YF . -64.27 -3.93 22.97
C5 BCL YF . -63.93 -5.74 24.75
C6 BCL YF . -64.13 -7.12 24.12
C7 BCL YF . -64.45 -8.18 25.16
C8 BCL YF . -65.81 -8.09 25.85
C9 BCL YF . -65.91 -9.09 27.01
C10 BCL YF . -66.98 -8.31 24.86
C11 BCL YF . -66.96 -9.63 24.09
C12 BCL YF . -68.35 -10.01 23.55
C13 BCL YF . -68.41 -11.32 22.74
C14 BCL YF . -67.71 -12.48 23.46
C15 BCL YF . -67.78 -11.19 21.33
C16 BCL YF . -68.24 -12.24 20.31
C17 BCL YF . -67.62 -12.19 18.90
C18 BCL YF . -68.40 -12.95 17.82
C19 BCL YF . -69.68 -12.15 17.51
C20 BCL YF . -68.75 -14.40 18.19
MG BCL ZF . -60.13 0.16 42.07
CHA BCL ZF . -59.63 1.52 38.93
CHB BCL ZF . -61.72 3.05 42.95
CHC BCL ZF . -59.97 -0.79 45.32
CHD BCL ZF . -57.75 -2.30 41.32
NA BCL ZF . -60.58 2.04 41.05
C1A BCL ZF . -60.40 2.34 39.71
C2A BCL ZF . -61.25 3.50 39.28
C3A BCL ZF . -61.89 3.98 40.59
C4A BCL ZF . -61.37 3.03 41.63
CMA BCL ZF . -61.51 5.41 40.92
CAA BCL ZF . -62.27 3.11 38.18
CBA BCL ZF . -63.60 3.84 38.01
CGA BCL ZF . -63.51 5.32 37.96
O1A BCL ZF . -62.60 5.94 37.53
O2A BCL ZF . -64.58 5.87 38.47
NB BCL ZF . -60.72 1.00 43.87
C1B BCL ZF . -61.41 2.19 44.03
C2B BCL ZF . -61.74 2.40 45.38
C3B BCL ZF . -61.26 1.29 46.11
C4B BCL ZF . -60.62 0.44 45.11
CMB BCL ZF . -62.49 3.64 45.84
CAB BCL ZF . -61.33 0.94 47.54
OBB BCL ZF . -61.00 -0.18 47.98
CBB BCL ZF . -61.80 1.91 48.60
NC BCL ZF . -59.02 -1.33 43.15
C1C BCL ZF . -59.13 -1.55 44.50
C2C BCL ZF . -58.44 -2.79 44.95
C3C BCL ZF . -57.65 -3.21 43.70
C4C BCL ZF . -58.11 -2.24 42.65
CMC BCL ZF . -57.56 -2.57 46.16
CAC BCL ZF . -57.87 -4.69 43.31
CBC BCL ZF . -57.18 -5.66 44.24
ND BCL ZF . -58.91 -0.30 40.51
C1D BCL ZF . -58.03 -1.36 40.29
C2D BCL ZF . -57.51 -1.32 38.97
C3D BCL ZF . -58.10 -0.22 38.37
C4D BCL ZF . -58.93 0.37 39.33
CMD BCL ZF . -56.53 -2.30 38.40
CAD BCL ZF . -58.24 0.55 37.18
OBD BCL ZF . -57.69 0.41 36.07
CBD BCL ZF . -59.25 1.68 37.45
CGD BCL ZF . -58.71 2.99 37.06
O1D BCL ZF . -57.75 3.55 37.55
O2D BCL ZF . -59.38 3.56 36.06
CED BCL ZF . -59.02 4.90 35.67
C1 BCL ZF . -64.64 7.32 38.55
C2 BCL ZF . -65.88 7.60 39.38
C3 BCL ZF . -66.87 8.38 39.03
C4 BCL ZF . -66.94 9.20 37.75
C5 BCL ZF . -68.12 8.50 39.91
C6 BCL ZF . -68.34 7.43 40.98
C7 BCL ZF . -68.60 6.04 40.39
C8 BCL ZF . -68.58 4.89 41.40
C9 BCL ZF . -69.36 5.26 42.68
C10 BCL ZF . -67.12 4.49 41.77
C11 BCL ZF . -67.09 3.34 42.77
C12 BCL ZF . -65.73 2.66 42.94
C13 BCL ZF . -65.88 1.26 43.57
C14 BCL ZF . -64.59 0.78 44.25
C15 BCL ZF . -66.27 0.25 42.48
C16 BCL ZF . -66.71 -1.12 42.99
C17 BCL ZF . -67.96 -1.19 43.89
C18 BCL ZF . -68.51 -2.60 44.03
C19 BCL ZF . -69.75 -2.49 44.95
C20 BCL ZF . -67.50 -3.61 44.60
MG BCL AG . -59.40 11.99 55.90
CHA BCL AG . -59.60 12.81 52.55
CHB BCL AG . -59.99 15.28 56.62
CHC BCL AG . -58.42 11.44 59.09
CHD BCL AG . -57.84 8.98 55.01
NA BCL AG . -59.72 13.78 54.71
C1A BCL AG . -59.88 13.89 53.34
C2A BCL AG . -60.61 15.13 52.97
C3A BCL AG . -60.42 16.01 54.21
C4A BCL AG . -60.04 15.02 55.27
CMA BCL AG . -59.33 17.06 54.00
CAA BCL AG . -62.09 14.86 52.64
CBA BCL AG . -62.69 15.76 51.55
CGA BCL AG . -62.55 17.24 51.72
O1A BCL AG . -61.74 17.91 51.18
O2A BCL AG . -63.45 17.79 52.52
NB BCL AG . -59.18 13.17 57.59
C1B BCL AG . -59.56 14.51 57.71
C2B BCL AG . -59.48 14.92 59.05
C3B BCL AG . -59.01 13.83 59.82
C4B BCL AG . -58.85 12.75 58.85
CMB BCL AG . -59.88 16.33 59.49
CAB BCL AG . -58.70 13.67 61.24
OBB BCL AG . -58.49 12.57 61.77
CBB BCL AG . -58.60 14.84 62.18
NC BCL AG . -58.31 10.43 56.90
C1C BCL AG . -57.99 10.42 58.22
C2C BCL AG . -57.44 9.13 58.69
C3C BCL AG . -57.19 8.37 57.38
C4C BCL AG . -57.73 9.31 56.34
CMC BCL AG . -56.20 9.29 59.55
CAC BCL AG . -57.84 6.96 57.35
CBC BCL AG . -57.10 5.94 58.19
ND BCL AG . -58.82 11.06 54.18
C1D BCL AG . -58.20 9.84 53.92
C2D BCL AG . -58.02 9.64 52.54
C3D BCL AG . -58.55 10.77 51.93
C4D BCL AG . -59.02 11.60 52.94
CMD BCL AG . -57.39 8.42 51.91
CAD BCL AG . -58.92 11.37 50.71
OBD BCL AG . -58.76 10.99 49.53
CBD BCL AG . -59.64 12.72 51.02
CGD BCL AG . -58.99 13.82 50.27
O1D BCL AG . -57.82 14.10 50.33
O2D BCL AG . -59.84 14.50 49.52
CED BCL AG . -59.32 15.67 48.83
C1 BCL AG . -63.37 19.25 52.69
C2 BCL AG . -64.61 19.66 53.48
C3 BCL AG . -64.83 19.44 54.75
C4 BCL AG . -63.88 18.73 55.70
C5 BCL AG . -66.12 19.95 55.43
C6 BCL AG . -67.27 18.94 55.54
C7 BCL AG . -68.44 19.48 56.37
C8 BCL AG . -69.55 18.47 56.66
C9 BCL AG . -70.33 18.15 55.36
C10 BCL AG . -70.54 19.01 57.71
C11 BCL AG . -71.62 18.07 58.25
C12 BCL AG . -71.06 16.76 58.81
C13 BCL AG . -71.99 15.95 59.74
C14 BCL AG . -71.33 14.68 60.26
C15 BCL AG . -73.34 15.56 59.07
C16 BCL AG . -74.57 16.30 59.58
C17 BCL AG . -74.99 15.94 61.02
C18 BCL AG . -76.15 16.77 61.57
C19 BCL AG . -76.21 16.49 63.08
C20 BCL AG . -77.51 16.47 60.91
CMA SP2 BG . -58.10 33.16 53.02
O1 SP2 BG . -59.16 32.25 52.73
C1 SP2 BG . -59.74 32.29 51.43
CM1 SP2 BG . -58.70 31.87 50.41
CM2 SP2 BG . -60.25 33.68 51.13
C2 SP2 BG . -60.88 31.29 51.52
C3 SP2 BG . -60.53 29.84 51.90
C4 SP2 BG . -61.80 29.02 52.13
C5 SP2 BG . -61.57 27.55 52.44
CM3 SP2 BG . -61.69 26.63 51.27
C6 SP2 BG . -61.28 27.09 53.67
C7 SP2 BG . -61.24 25.69 53.99
C8 SP2 BG . -61.13 25.22 55.25
C9 SP2 BG . -61.27 23.84 55.69
CM4 SP2 BG . -61.42 22.77 54.64
C10 SP2 BG . -61.34 23.58 57.02
C11 SP2 BG . -61.69 22.33 57.66
C12 SP2 BG . -61.38 21.99 58.91
C13 SP2 BG . -61.75 20.81 59.67
CM5 SP2 BG . -63.09 20.20 59.43
C14 SP2 BG . -60.89 20.33 60.61
C15 SP2 BG . -61.11 19.24 61.53
C16 SP2 BG . -60.24 18.85 62.49
C17 SP2 BG . -60.53 17.85 63.48
C18 SP2 BG . -59.69 17.30 64.39
CM6 SP2 BG . -58.22 17.58 64.41
C19 SP2 BG . -60.22 16.39 65.40
C20 SP2 BG . -59.53 15.72 66.33
C21 SP2 BG . -60.15 14.90 67.34
C22 SP2 BG . -59.51 14.13 68.24
CM7 SP2 BG . -58.03 13.95 68.25
C23 SP2 BG . -60.27 13.34 69.28
C24 SP2 BG . -60.70 11.93 68.82
C25 SP2 BG . -61.48 11.21 69.90
C26 SP2 BG . -61.00 10.56 70.95
CM8 SP2 BG . -59.54 10.42 71.25
C27 SP2 BG . -61.92 9.92 71.96
C28 SP2 BG . -61.51 8.51 72.42
C29 SP2 BG . -61.41 7.54 71.28
C30 SP2 BG . -61.67 6.24 71.30
CMB SP2 BG . -61.57 5.37 70.08
CM9 SP2 BG . -62.05 5.51 72.55
MG BCL CG . -52.42 24.79 66.84
CHA BCL CG . -53.37 25.25 63.54
CHB BCL CG . -52.29 28.18 67.16
CHC BCL CG . -50.55 24.44 69.67
CHD BCL CG . -51.72 21.45 66.09
NA BCL CG . -52.78 26.47 65.49
C1A BCL CG . -53.22 26.45 64.17
C2A BCL CG . -53.71 27.80 63.76
C3A BCL CG . -53.09 28.73 64.80
C4A BCL CG . -52.69 27.79 65.90
CMA BCL CG . -51.89 29.49 64.24
CAA BCL CG . -55.25 27.89 63.70
CBA BCL CG . -55.82 28.90 62.68
CGA BCL CG . -56.09 30.28 63.18
O1A BCL CG . -57.17 30.77 63.21
O2A BCL CG . -55.00 30.90 63.58
NB BCL CG . -51.52 26.10 68.19
C1B BCL CG . -51.66 27.48 68.20
C2B BCL CG . -51.12 28.03 69.37
C3B BCL CG . -50.59 26.97 70.13
C4B BCL CG . -50.86 25.77 69.34
CMB BCL CG . -51.17 29.52 69.65
CAB BCL CG . -49.89 26.94 71.44
OBB BCL CG . -49.65 25.89 72.04
CBB BCL CG . -49.40 28.20 72.13
NC BCL CG . -51.33 23.17 67.75
C1C BCL CG . -50.59 23.26 68.90
C2C BCL CG . -50.13 21.95 69.41
C3C BCL CG . -50.47 21.00 68.25
C4C BCL CG . -51.14 21.91 67.25
CMC BCL CG . -48.66 21.94 69.79
CAC BCL CG . -51.35 19.80 68.68
CBC BCL CG . -50.59 18.75 69.45
ND BCL CG . -52.51 23.58 65.20
C1D BCL CG . -52.20 22.23 65.00
C2D BCL CG . -52.42 21.85 63.67
C3D BCL CG . -52.88 22.99 63.02
C4D BCL CG . -52.93 24.00 63.97
CMD BCL CG . -52.20 20.46 63.10
CAD BCL CG . -53.44 23.51 61.83
OBD BCL CG . -53.60 22.99 60.72
CBD BCL CG . -53.86 24.99 62.09
CGD BCL CG . -53.35 25.88 61.04
O1D BCL CG . -52.18 26.06 60.77
O2D BCL CG . -54.30 26.50 60.37
CED BCL CG . -53.90 27.45 59.35
C1 BCL CG . -55.02 32.20 64.26
C2 BCL CG . -55.78 31.99 65.56
C3 BCL CG . -56.98 32.43 65.87
C4 BCL CG . -57.83 33.34 64.98
C5 BCL CG . -57.65 32.03 67.18
C6 BCL CG . -58.52 33.09 67.86
C7 BCL CG . -58.90 32.72 69.30
C8 BCL CG . -60.16 33.42 69.83
C9 BCL CG . -59.93 34.94 69.94
C10 BCL CG . -60.57 32.84 71.20
C11 BCL CG . -61.95 33.31 71.64
C12 BCL CG . -62.50 32.58 72.88
C13 BCL CG . -62.88 31.12 72.61
C14 BCL CG . -64.11 30.98 71.71
C15 BCL CG . -63.17 30.37 73.94
C16 BCL CG . -64.30 30.89 74.83
C17 BCL CG . -64.62 30.02 76.06
C18 BCL CG . -65.75 30.52 76.96
C19 BCL CG . -65.19 31.72 77.75
C20 BCL CG . -66.29 29.46 77.92
CMA SP2 DG . -48.70 44.66 60.97
O1 SP2 DG . -49.90 43.89 60.83
C1 SP2 DG . -50.60 44.00 59.60
CM1 SP2 DG . -49.72 43.48 58.48
CM2 SP2 DG . -51.00 45.45 59.36
C2 SP2 DG . -51.83 43.11 59.80
C3 SP2 DG . -51.62 41.69 60.33
C4 SP2 DG . -51.97 41.55 61.81
C5 SP2 DG . -52.31 40.15 62.25
CM3 SP2 DG . -53.48 39.52 61.54
C6 SP2 DG . -51.65 39.49 63.23
C7 SP2 DG . -52.06 38.20 63.74
C8 SP2 DG . -51.76 37.78 64.98
C9 SP2 DG . -52.22 36.56 65.65
CM4 SP2 DG . -52.96 35.54 64.82
C10 SP2 DG . -51.98 36.40 66.97
C11 SP2 DG . -52.39 35.30 67.82
C12 SP2 DG . -51.79 34.99 68.99
C13 SP2 DG . -52.08 33.90 69.91
CM5 SP2 DG . -53.46 33.29 69.85
C14 SP2 DG . -51.16 33.50 70.80
C15 SP2 DG . -51.28 32.48 71.82
C16 SP2 DG . -50.31 32.13 72.70
C17 SP2 DG . -50.52 31.17 73.76
C18 SP2 DG . -49.61 30.70 74.65
CM6 SP2 DG . -48.15 31.05 74.59
C19 SP2 DG . -50.04 29.74 75.66
C20 SP2 DG . -49.37 29.32 76.75
C21 SP2 DG . -49.87 28.29 77.62
C22 SP2 DG . -49.10 27.55 78.45
CM7 SP2 DG . -47.64 27.86 78.59
C23 SP2 DG . -49.59 26.34 79.22
C24 SP2 DG . -50.09 26.56 80.66
C25 SP2 DG . -50.34 25.25 81.37
C26 SP2 DG . -50.03 24.92 82.61
CM8 SP2 DG . -49.40 25.88 83.58
C27 SP2 DG . -50.27 23.53 83.15
C28 SP2 DG . -51.12 22.60 82.26
C29 SP2 DG . -51.25 21.22 82.85
C30 SP2 DG . -52.03 20.80 83.83
CMB SP2 DG . -52.01 19.39 84.34
CM9 SP2 DG . -53.01 21.70 84.54
MG BCL EG . -40.74 37.15 73.63
CHA BCL EG . -42.44 37.53 70.64
CHB BCL EG . -39.94 40.46 73.48
CHC BCL EG . -38.40 36.65 76.05
CHD BCL EG . -40.88 33.67 73.20
NA BCL EG . -41.13 38.75 72.21
C1A BCL EG . -41.97 38.73 71.10
C2A BCL EG . -42.15 40.10 70.50
C3A BCL EG . -41.16 40.96 71.31
C4A BCL EG . -40.76 40.07 72.45
CMA BCL EG . -39.96 41.42 70.48
CAA BCL EG . -43.58 40.66 70.56
CBA BCL EG . -43.75 41.95 69.73
CGA BCL EG . -44.87 42.89 70.07
O1A BCL EG . -45.71 42.71 70.88
O2A BCL EG . -44.81 43.96 69.29
NB BCL EG . -39.36 38.35 74.60
C1B BCL EG . -39.23 39.72 74.45
C2B BCL EG . -38.31 40.25 75.38
C3B BCL EG . -37.83 39.16 76.15
C4B BCL EG . -38.52 37.99 75.63
CMB BCL EG . -37.99 41.72 75.45
CAB BCL EG . -36.85 39.09 77.26
OBB BCL EG . -36.61 38.03 77.86
CBB BCL EG . -36.08 40.29 77.76
NC BCL EG . -39.79 35.41 74.49
C1C BCL EG . -38.87 35.46 75.50
C2C BCL EG . -38.63 34.13 76.13
C3C BCL EG . -39.30 33.16 75.14
C4C BCL EG . -40.01 34.09 74.19
CMC BCL EG . -37.15 33.84 76.35
CAC BCL EG . -40.25 32.14 75.84
CBC BCL EG . -39.51 31.05 76.58
ND BCL EG . -41.45 35.85 72.24
C1D BCL EG . -41.51 34.45 72.19
C2D BCL EG . -42.24 34.01 71.06
C3D BCL EG . -42.63 35.17 70.40
C4D BCL EG . -42.15 36.25 71.13
CMD BCL EG . -42.49 32.57 70.69
CAD BCL EG . -43.37 35.70 69.32
OBD BCL EG . -43.98 35.13 68.40
CBD BCL EG . -43.34 37.25 69.41
CGD BCL EG . -42.94 37.83 68.12
O1D BCL EG . -41.84 37.70 67.60
O2D BCL EG . -43.89 38.52 67.53
CED BCL EG . -43.56 39.23 66.30
C1 BCL EG . -45.71 45.12 69.41
C2 BCL EG . -45.29 45.95 70.62
C3 BCL EG . -44.09 46.35 71.03
C4 BCL EG . -42.76 46.01 70.33
C5 BCL EG . -43.88 47.22 72.29
C6 BCL EG . -45.08 47.57 73.18
C7 BCL EG . -45.72 46.35 73.86
C8 BCL EG . -45.18 45.98 75.25
C9 BCL EG . -45.37 44.47 75.52
C10 BCL EG . -45.85 46.85 76.34
C11 BCL EG . -45.60 46.43 77.78
C12 BCL EG . -45.96 47.51 78.81
C13 BCL EG . -47.27 48.29 78.56
C14 BCL EG . -47.43 49.48 79.52
C15 BCL EG . -48.53 47.38 78.70
C16 BCL EG . -49.69 47.70 77.75
C17 BCL EG . -50.96 46.84 77.86
C18 BCL EG . -52.03 47.20 76.82
C19 BCL EG . -53.30 46.43 77.24
C20 BCL EG . -51.66 46.86 75.37
MG BCL FG . -25.74 46.88 75.34
CHA BCL FG . -28.07 47.14 72.80
CHB BCL FG . -24.45 49.87 74.31
CHC BCL FG . -22.98 46.30 77.22
CHD BCL FG . -26.57 43.49 75.69
NA BCL FG . -26.20 48.28 73.74
C1A BCL FG . -27.28 48.25 72.87
C2A BCL FG . -27.57 49.61 72.31
C3A BCL FG . -26.23 50.34 72.54
C4A BCL FG . -25.57 49.50 73.59
CMA BCL FG . -25.39 50.41 71.28
CAA BCL FG . -28.76 50.26 73.00
CBA BCL FG . -29.56 51.24 72.13
CGA BCL FG . -29.37 52.70 72.39
O1A BCL FG . -29.82 53.26 73.35
O2A BCL FG . -28.75 53.31 71.39
NB BCL FG . -23.96 47.90 75.70
C1B BCL FG . -23.64 49.16 75.21
C2B BCL FG . -22.42 49.60 75.74
C3B BCL FG . -21.93 48.58 76.59
C4B BCL FG . -22.96 47.53 76.54
CMB BCL FG . -21.83 50.95 75.40
CAB BCL FG . -20.70 48.46 77.40
OBB BCL FG . -20.53 47.57 78.23
CBB BCL FG . -19.53 49.41 77.24
NC BCL FG . -24.91 45.15 76.31
C1C BCL FG . -23.76 45.16 77.06
C2C BCL FG . -23.55 43.89 77.81
C3C BCL FG . -24.65 42.98 77.28
C4C BCL FG . -25.43 43.88 76.35
CMC BCL FG . -22.15 43.32 77.62
CAC BCL FG . -25.53 42.33 78.39
CBC BCL FG . -24.83 41.20 79.12
ND BCL FG . -27.01 45.57 74.46
C1D BCL FG . -27.29 44.21 74.68
C2D BCL FG . -28.32 43.75 73.83
C3D BCL FG . -28.68 44.86 73.05
C4D BCL FG . -27.87 45.91 73.46
CMD BCL FG . -28.87 42.35 73.79
CAD BCL FG . -29.64 45.39 72.16
OBD BCL FG . -30.62 44.86 71.61
CBD BCL FG . -29.30 46.89 71.92
CGD BCL FG . -29.12 47.17 70.48
O1D BCL FG . -28.14 46.88 69.83
O2D BCL FG . -30.16 47.76 69.93
CED BCL FG . -29.99 48.26 68.57
C1 BCL FG . -28.51 54.76 71.46
C2 BCL FG . -27.58 55.00 72.65
C3 BCL FG . -26.30 54.72 72.65
C4 BCL FG . -25.53 54.17 71.46
C5 BCL FG . -25.44 54.90 73.91
C6 BCL FG . -26.09 55.53 75.14
C7 BCL FG . -26.32 57.03 75.04
C8 BCL FG . -27.16 57.64 76.18
C9 BCL FG . -27.21 59.18 76.03
C10 BCL FG . -26.59 57.25 77.56
C11 BCL FG . -27.17 58.04 78.73
C12 BCL FG . -26.94 57.37 80.10
C13 BCL FG . -27.41 58.24 81.29
C14 BCL FG . -26.38 59.32 81.66
C15 BCL FG . -27.68 57.37 82.53
C16 BCL FG . -28.09 58.08 83.83
C17 BCL FG . -29.38 58.92 83.76
C18 BCL FG . -29.76 59.72 85.00
C19 BCL FG . -28.62 60.72 85.28
C20 BCL FG . -30.02 58.86 86.25
CMA SP2 GG . -5.91 47.31 66.53
O1 SP2 GG . -6.99 47.34 65.59
C1 SP2 GG . -6.73 47.77 64.26
CM1 SP2 GG . -8.05 47.76 63.50
CM2 SP2 GG . -5.72 46.85 63.59
C2 SP2 GG . -6.19 49.19 64.42
C3 SP2 GG . -6.40 50.15 63.24
C4 SP2 GG . -5.82 51.53 63.52
C5 SP2 GG . -6.28 52.60 62.56
CM3 SP2 GG . -5.50 52.69 61.27
C6 SP2 GG . -7.31 53.41 62.85
C7 SP2 GG . -7.75 54.54 62.07
C8 SP2 GG . -8.75 55.34 62.48
C9 SP2 GG . -9.26 56.54 61.84
CM4 SP2 GG . -8.57 57.01 60.58
C10 SP2 GG . -10.33 57.18 62.37
C11 SP2 GG . -10.95 58.40 61.94
C12 SP2 GG . -12.10 58.85 62.45
C13 SP2 GG . -12.83 60.06 62.10
CM5 SP2 GG . -12.42 60.80 60.86
C14 SP2 GG . -13.92 60.40 62.82
C15 SP2 GG . -14.84 61.49 62.60
C16 SP2 GG . -16.01 61.63 63.26
C17 SP2 GG . -16.97 62.68 63.00
C18 SP2 GG . -18.24 62.78 63.48
CM6 SP2 GG . -18.81 61.79 64.46
C19 SP2 GG . -19.09 63.86 63.01
C20 SP2 GG . -20.41 64.00 63.19
C21 SP2 GG . -21.17 65.07 62.63
C22 SP2 GG . -22.50 65.28 62.81
CM7 SP2 GG . -23.37 64.37 63.62
C23 SP2 GG . -23.19 66.48 62.21
C24 SP2 GG . -23.07 66.50 60.68
C25 SP2 GG . -23.36 67.83 60.06
C26 SP2 GG . -24.54 68.33 59.70
CM8 SP2 GG . -25.85 67.67 59.99
C27 SP2 GG . -24.63 69.62 58.91
C28 SP2 GG . -25.82 70.52 59.32
C29 SP2 GG . -25.73 71.87 58.68
C30 SP2 GG . -26.18 72.25 57.49
CMB SP2 GG . -26.06 73.65 56.97
CM9 SP2 GG . -26.83 71.29 56.54
MG BCL HG . -9.35 52.96 71.03
CHA BCL HG . -12.26 53.45 69.24
CHB BCL HG . -7.84 55.27 69.02
CHC BCL HG . -6.33 51.96 72.21
CHD BCL HG . -10.73 50.03 72.34
NA BCL HG . -9.99 54.17 69.34
C1A BCL HG . -11.27 54.30 68.82
C2A BCL HG . -11.40 55.55 68.01
C3A BCL HG . -9.94 55.95 67.75
C4A BCL HG . -9.19 55.13 68.75
CMA BCL HG . -9.51 55.62 66.32
CAA BCL HG . -12.22 56.63 68.75
CBA BCL HG . -13.13 57.49 67.85
CGA BCL HG . -12.50 58.62 67.12
O1A BCL HG . -12.78 59.76 67.30
O2A BCL HG . -11.59 58.21 66.25
NB BCL HG . -7.39 53.49 70.65
C1B BCL HG . -6.97 54.54 69.83
C2B BCL HG . -5.58 54.74 69.96
C3B BCL HG . -5.09 53.78 70.88
C4B BCL HG . -6.27 53.03 71.29
CMB BCL HG . -4.85 55.84 69.19
CAB BCL HG . -3.73 53.50 71.37
OBB BCL HG . -3.52 52.70 72.30
CBB BCL HG . -2.49 54.13 70.78
NC BCL HG . -8.65 51.25 72.12
C1C BCL HG . -7.35 51.05 72.50
C2C BCL HG . -7.19 49.91 73.44
C3C BCL HG . -8.56 49.23 73.39
C4C BCL HG . -9.38 50.17 72.55
CMC BCL HG . -6.04 48.99 73.06
CAC BCL HG . -9.18 48.96 74.79
CBC BCL HG . -8.49 47.83 75.53
ND BCL HG . -11.10 51.93 70.86
C1D BCL HG . -11.55 50.74 71.42
C2D BCL HG . -12.85 50.42 70.96
C3D BCL HG . -13.19 51.45 70.09
C4D BCL HG . -12.12 52.33 70.06
CMD BCL HG . -13.63 49.20 71.36
CAD BCL HG . -14.23 52.03 69.33
OBD BCL HG . -15.40 51.66 69.13
CBD BCL HG . -13.69 53.34 68.69
CGD BCL HG . -13.82 53.31 67.22
O1D BCL HG . -13.10 52.67 66.47
O2D BCL HG . -14.79 54.07 66.75
CED BCL HG . -14.86 54.27 65.32
C1 BCL HG . -10.76 59.14 65.51
C2 BCL HG . -9.87 59.82 66.54
C3 BCL HG . -9.95 61.09 66.85
C4 BCL HG . -10.90 62.10 66.24
C5 BCL HG . -9.07 61.65 67.95
C6 BCL HG . -9.74 61.73 69.32
C7 BCL HG . -8.99 62.60 70.34
C8 BCL HG . -9.47 64.06 70.47
C9 BCL HG . -9.34 64.87 69.17
C10 BCL HG . -8.69 64.77 71.60
C11 BCL HG . -9.36 66.09 71.97
C12 BCL HG . -9.01 66.57 73.38
C13 BCL HG . -9.70 67.91 73.74
C14 BCL HG . -9.09 69.09 73.01
C15 BCL HG . -9.62 68.14 75.26
C16 BCL HG . -10.96 68.02 75.98
C17 BCL HG . -11.54 66.59 76.07
C18 BCL HG . -12.88 66.54 76.77
C19 BCL HG . -13.16 65.05 77.07
C20 BCL HG . -14.02 67.16 75.97
MG BCL IG . 6.06 54.70 61.79
CHA BCL IG . 2.92 55.46 60.55
CHB BCL IG . 7.40 56.47 59.21
CHC BCL IG . 9.06 53.23 62.39
CHD BCL IG . 4.58 52.29 63.86
NA BCL IG . 5.23 55.78 60.10
C1A BCL IG . 3.90 56.07 59.83
C2A BCL IG . 3.77 57.26 58.93
C3A BCL IG . 5.17 57.38 58.33
C4A BCL IG . 6.01 56.52 59.23
CMA BCL IG . 5.20 56.87 56.89
CAA BCL IG . 3.32 58.51 59.71
CBA BCL IG . 2.12 59.20 59.07
CGA BCL IG . 2.32 59.66 57.66
O1A BCL IG . 1.79 59.19 56.70
O2A BCL IG . 3.16 60.65 57.60
NB BCL IG . 7.93 54.80 60.92
C1B BCL IG . 8.31 55.65 59.89
C2B BCL IG . 9.69 55.57 59.66
C3B BCL IG . 10.23 54.64 60.58
C4B BCL IG . 9.08 54.17 61.34
CMB BCL IG . 10.38 56.39 58.56
CAB BCL IG . 11.60 54.16 60.81
OBB BCL IG . 11.90 53.45 61.79
CBB BCL IG . 12.77 54.48 59.90
NC BCL IG . 6.71 53.02 62.98
C1C BCL IG . 8.00 52.57 63.04
C2C BCL IG . 8.21 51.50 64.05
C3C BCL IG . 6.78 51.17 64.50
C4C BCL IG . 5.94 52.16 63.71
CMC BCL IG . 8.96 50.30 63.50
CAC BCL IG . 6.57 51.28 66.03
CBC BCL IG . 7.26 50.18 66.79
ND BCL IG . 4.18 53.98 62.15
C1D BCL IG . 3.68 53.02 63.02
C2D BCL IG . 2.27 52.92 62.93
C3D BCL IG . 1.90 53.86 61.97
C4D BCL IG . 3.06 54.47 61.52
CMD BCL IG . 1.41 51.98 63.73
CAD BCL IG . 0.82 54.54 61.36
OBD BCL IG . -0.42 54.37 61.46
CBD BCL IG . 1.40 55.62 60.41
CGD BCL IG . 0.87 55.50 59.05
O1D BCL IG . 1.34 54.80 58.17
O2D BCL IG . -0.21 56.23 58.82
CED BCL IG . -0.67 56.34 57.45
C1 BCL IG . 3.47 61.21 56.29
C2 BCL IG . 4.54 62.26 56.55
C3 BCL IG . 4.96 63.12 55.67
C4 BCL IG . 4.45 63.23 54.24
C5 BCL IG . 6.04 64.15 56.02
C6 BCL IG . 6.55 64.13 57.46
C7 BCL IG . 7.71 65.11 57.73
C8 BCL IG . 7.43 66.59 57.45
C9 BCL IG . 8.00 67.02 56.08
C10 BCL IG . 8.05 67.52 58.53
C11 BCL IG . 7.16 67.75 59.75
C12 BCL IG . 7.85 68.57 60.85
C13 BCL IG . 6.87 69.16 61.88
C14 BCL IG . 6.25 70.48 61.42
C15 BCL IG . 7.61 69.40 63.21
C16 BCL IG . 8.88 70.26 63.18
C17 BCL IG . 9.72 70.27 64.48
C18 BCL IG . 11.15 70.74 64.25
C19 BCL IG . 11.88 70.56 65.59
C20 BCL IG . 11.27 72.19 63.75
CMA SP2 JG . 6.50 63.38 40.64
O1 SP2 JG . 5.91 62.24 41.25
C1 SP2 JG . 5.17 62.38 42.46
CM1 SP2 JG . 4.76 60.99 42.90
CM2 SP2 JG . 3.96 63.26 42.26
C2 SP2 JG . 6.17 63.02 43.43
C3 SP2 JG . 5.81 63.12 44.92
C4 SP2 JG . 6.31 61.92 45.73
C5 SP2 JG . 5.96 61.94 47.19
CM3 SP2 JG . 4.54 62.33 47.51
C6 SP2 JG . 6.86 61.56 48.12
C7 SP2 JG . 6.65 61.46 49.54
C8 SP2 JG . 7.65 61.31 50.41
C9 SP2 JG . 7.61 61.15 51.86
CM4 SP2 JG . 6.32 60.66 52.47
C10 SP2 JG . 8.73 61.35 52.57
C11 SP2 JG . 8.93 61.17 53.99
C12 SP2 JG . 10.13 60.86 54.50
C13 SP2 JG . 10.52 60.57 55.87
CM5 SP2 JG . 9.69 61.15 56.99
C14 SP2 JG . 11.63 59.84 56.10
C15 SP2 JG . 12.24 59.49 57.36
C16 SP2 JG . 13.26 58.60 57.48
C17 SP2 JG . 13.94 58.29 58.71
C18 SP2 JG . 14.84 57.31 58.94
CM6 SP2 JG . 15.20 56.28 57.90
C19 SP2 JG . 15.52 57.24 60.22
C20 SP2 JG . 16.45 56.34 60.62
C21 SP2 JG . 17.16 56.41 61.87
C22 SP2 JG . 18.17 55.58 62.21
CM7 SP2 JG . 18.59 54.46 61.29
C23 SP2 JG . 18.95 55.69 63.50
C24 SP2 JG . 18.86 54.45 64.40
C25 SP2 JG . 19.23 54.73 65.83
C26 SP2 JG . 20.44 54.67 66.39
CM8 SP2 JG . 21.69 54.38 65.61
C27 SP2 JG . 20.64 54.89 67.87
C28 SP2 JG . 19.37 54.79 68.73
C29 SP2 JG . 19.69 54.74 70.19
C30 SP2 JG . 19.66 55.71 71.09
CMB SP2 JG . 19.92 55.48 72.55
CM9 SP2 JG . 19.39 57.14 70.73
MG BCL KG . 18.77 52.64 49.34
CHA BCL KG . 15.59 53.92 48.84
CHB BCL KG . 19.53 53.65 46.16
CHC BCL KG . 21.56 50.72 49.45
CHD BCL KG . 17.52 50.81 52.05
NA BCL KG . 17.67 53.63 47.74
C1A BCL KG . 16.40 54.18 47.78
C2A BCL KG . 16.19 55.18 46.69
C3A BCL KG . 17.33 54.85 45.72
C4A BCL KG . 18.26 54.01 46.54
CMA BCL KG . 16.83 54.07 44.49
CAA BCL KG . 16.26 56.62 47.24
CBA BCL KG . 15.31 57.59 46.51
CGA BCL KG . 15.84 58.42 45.40
O1A BCL KG . 15.93 59.60 45.42
O2A BCL KG . 16.07 57.70 44.32
NB BCL KG . 20.29 52.21 48.01
C1B BCL KG . 20.48 52.80 46.76
C2B BCL KG . 21.74 52.47 46.24
C3B BCL KG . 22.38 51.61 47.16
C4B BCL KG . 21.42 51.47 48.26
CMB BCL KG . 22.22 53.01 44.90
CAB BCL KG . 23.69 50.93 47.14
OBB BCL KG . 24.17 50.39 48.15
CBB BCL KG . 24.54 50.84 45.89
NC BCL KG . 19.44 51.02 50.59
C1C BCL KG . 20.63 50.36 50.43
C2C BCL KG . 20.94 49.47 51.57
C3C BCL KG . 19.63 49.42 52.35
C4C BCL KG . 18.76 50.41 51.62
CMC BCL KG . 21.43 48.09 51.12
CAC BCL KG . 19.77 49.76 53.87
CBC BCL KG . 20.35 48.62 54.67
ND BCL KG . 16.98 52.39 50.28
C1D BCL KG . 16.57 51.61 51.36
C2D BCL KG . 15.19 51.74 51.62
C3D BCL KG . 14.73 52.65 50.65
C4D BCL KG . 15.82 53.01 49.88
CMD BCL KG . 14.43 51.05 52.71
CAD BCL KG . 13.63 53.43 50.22
OBD BCL KG . 12.47 53.52 50.66
CBD BCL KG . 14.10 54.26 48.99
CGD BCL KG . 13.24 54.01 47.82
O1D BCL KG . 13.25 52.98 47.16
O2D BCL KG . 12.45 55.01 47.50
CED BCL KG . 11.76 54.95 46.22
C1 BCL KG . 16.43 58.30 43.03
C2 BCL KG . 17.78 58.98 43.16
C3 BCL KG . 18.95 58.39 43.18
C4 BCL KG . 19.17 56.88 43.11
C5 BCL KG . 20.25 59.22 43.23
C6 BCL KG . 20.23 60.45 44.15
C7 BCL KG . 21.49 61.33 44.04
C8 BCL KG . 21.73 62.10 42.73
C9 BCL KG . 20.41 62.50 42.01
C10 BCL KG . 22.68 61.34 41.77
C11 BCL KG . 24.16 61.58 42.05
C12 BCL KG . 25.11 60.77 41.16
C13 BCL KG . 26.59 61.18 41.33
C14 BCL KG . 26.90 62.49 40.59
C15 BCL KG . 27.57 60.10 40.82
C16 BCL KG . 27.63 58.80 41.62
C17 BCL KG . 28.92 57.99 41.41
C18 BCL KG . 28.91 56.59 42.01
C19 BCL KG . 28.04 55.71 41.10
C20 BCL KG . 28.40 56.54 43.46
CMA SP2 LG . 13.94 59.11 27.99
O1 SP2 LG . 14.20 57.77 28.40
C1 SP2 LG . 13.87 57.37 29.72
CM1 SP2 LG . 14.19 55.89 29.85
CM2 SP2 LG . 12.39 57.61 29.98
C2 SP2 LG . 14.75 58.22 30.63
C3 SP2 LG . 14.82 57.83 32.11
C4 SP2 LG . 15.75 58.72 32.92
C5 SP2 LG . 16.00 58.27 34.33
CM3 SP2 LG . 14.93 58.64 35.33
C6 SP2 LG . 17.11 57.62 34.73
C7 SP2 LG . 17.45 57.31 36.10
C8 SP2 LG . 18.63 56.80 36.49
C9 SP2 LG . 19.11 56.63 37.86
CM4 SP2 LG . 18.15 56.86 38.98
C10 SP2 LG . 20.43 56.36 38.08
C11 SP2 LG . 21.15 56.35 39.33
C12 SP2 LG . 22.35 55.78 39.56
C13 SP2 LG . 23.13 55.74 40.78
CM5 SP2 LG . 23.07 56.93 41.70
C14 SP2 LG . 23.92 54.66 41.05
C15 SP2 LG . 24.78 54.45 42.20
C16 SP2 LG . 25.61 53.38 42.38
C17 SP2 LG . 26.48 53.19 43.53
C18 SP2 LG . 27.31 52.14 43.79
CM6 SP2 LG . 27.37 50.92 42.91
C19 SP2 LG . 28.12 52.14 45.00
C20 SP2 LG . 29.11 51.27 45.33
C21 SP2 LG . 29.87 51.34 46.55
C22 SP2 LG . 30.82 50.44 46.92
CM7 SP2 LG . 31.19 49.30 46.00
C23 SP2 LG . 31.52 50.44 48.25
C24 SP2 LG . 32.87 51.18 48.34
C25 SP2 LG . 33.59 50.96 49.65
C26 SP2 LG . 33.27 51.45 50.85
CM8 SP2 LG . 32.10 52.35 51.10
C27 SP2 LG . 34.10 51.12 52.08
C28 SP2 LG . 35.27 50.14 51.94
C29 SP2 LG . 36.01 49.99 53.24
C30 SP2 LG . 37.21 50.46 53.57
CMB SP2 LG . 37.83 50.22 54.92
CM9 SP2 LG . 38.05 51.28 52.63
MG BCL MG . 27.07 45.73 34.42
CHA BCL MG . 24.18 47.65 34.38
CHB BCL MG . 27.23 46.09 31.03
CHC BCL MG . 29.36 43.23 34.31
CHD BCL MG . 26.28 44.73 37.68
NA BCL MG . 25.83 46.72 32.92
C1A BCL MG . 24.76 47.58 33.13
C2A BCL MG . 24.48 48.45 31.95
C3A BCL MG . 25.29 47.76 30.84
C4A BCL MG . 26.20 46.82 31.60
CMA BCL MG . 24.40 47.01 29.86
CAA BCL MG . 24.89 49.92 32.16
CBA BCL MG . 24.15 50.96 31.30
CGA BCL MG . 24.72 51.29 29.96
O1A BCL MG . 25.67 51.98 29.77
O2A BCL MG . 24.00 50.79 28.97
NB BCL MG . 28.11 44.76 32.91
C1B BCL MG . 28.09 45.12 31.56
C2B BCL MG . 29.04 44.37 30.85
C3B BCL MG . 29.71 43.53 31.77
C4B BCL MG . 29.07 43.80 33.05
CMB BCL MG . 29.22 44.52 29.34
CAB BCL MG . 30.83 42.58 31.62
OBB BCL MG . 31.46 42.13 32.59
CBB BCL MG . 31.30 42.08 30.27
NC BCL MG . 27.71 44.21 35.79
C1C BCL MG . 28.71 43.30 35.55
C2C BCL MG . 29.25 42.69 36.79
C3C BCL MG . 28.19 43.07 37.84
C4C BCL MG . 27.28 44.00 37.09
CMC BCL MG . 29.46 41.19 36.66
CAC BCL MG . 28.80 43.68 39.14
CBC BCL MG . 29.39 42.63 40.06
ND BCL MG . 25.57 46.06 35.75
C1D BCL MG . 25.37 45.64 37.07
C2D BCL MG . 24.22 46.23 37.64
C3D BCL MG . 23.69 47.04 36.63
C4D BCL MG . 24.52 46.91 35.52
CMD BCL MG . 23.71 46.01 39.03
CAD BCL MG . 22.72 48.02 36.30
OBD BCL MG . 21.82 48.53 36.98
CBD BCL MG . 22.94 48.45 34.82
CGD BCL MG . 21.71 48.23 34.03
O1D BCL MG . 21.28 47.14 33.69
O2D BCL MG . 21.09 49.35 33.71
CED BCL MG . 19.88 49.25 32.92
C1 BCL MG . 24.41 51.04 27.59
C2 BCL MG . 25.58 50.10 27.32
C3 BCL MG . 26.32 50.14 26.23
C4 BCL MG . 26.11 51.12 25.09
C5 BCL MG . 27.48 49.17 26.03
C6 BCL MG . 28.01 48.46 27.28
C7 BCL MG . 29.31 47.71 27.02
C8 BCL MG . 30.64 48.40 27.39
C9 BCL MG . 30.64 48.84 28.87
C10 BCL MG . 30.98 49.58 26.46
C11 BCL MG . 30.47 50.98 26.84
C12 BCL MG . 30.38 51.91 25.63
C13 BCL MG . 30.05 53.37 25.98
C14 BCL MG . 28.95 53.48 27.06
C15 BCL MG . 29.56 54.11 24.73
C16 BCL MG . 30.43 53.98 23.48
C17 BCL MG . 29.92 54.78 22.26
C18 BCL MG . 30.46 54.32 20.91
C19 BCL MG . 31.99 54.35 20.97
C20 BCL MG . 29.94 55.18 19.74
MG BCL NG . 29.10 33.68 20.69
CHA BCL NG . 26.65 36.14 20.82
CHB BCL NG . 28.05 33.00 17.51
CHC BCL NG . 30.71 30.69 20.82
CHD BCL NG . 29.34 33.84 24.18
NA BCL NG . 27.54 34.47 19.37
C1A BCL NG . 26.72 35.57 19.58
C2A BCL NG . 26.21 36.13 18.29
C3A BCL NG . 26.57 35.04 17.27
C4A BCL NG . 27.39 34.06 18.06
CMA BCL NG . 25.32 34.38 16.67
CAA BCL NG . 26.85 37.50 17.98
CBA BCL NG . 26.27 38.19 16.75
CGA BCL NG . 26.69 39.63 16.61
O1A BCL NG . 27.49 40.02 15.84
O2A BCL NG . 25.98 40.48 17.35
NB BCL NG . 29.33 32.06 19.39
C1B BCL NG . 28.88 32.00 18.08
C2B BCL NG . 29.39 30.88 17.42
C3B BCL NG . 30.18 30.16 18.36
C4B BCL NG . 30.09 30.95 19.59
CMB BCL NG . 29.09 30.58 15.96
CAB BCL NG . 30.96 28.92 18.23
OBB BCL NG . 31.76 28.54 19.12
CBB BCL NG . 30.87 27.99 17.04
NC BCL NG . 29.93 32.47 22.27
C1C BCL NG . 30.51 31.24 22.09
C2C BCL NG . 31.17 30.72 23.32
C3C BCL NG . 30.75 31.74 24.39
C4C BCL NG . 29.87 32.70 23.62
CMC BCL NG . 30.79 29.29 23.66
CAC BCL NG . 31.95 32.44 25.09
CBC BCL NG . 32.72 31.50 26.00
ND BCL NG . 28.22 34.74 22.20
C1D BCL NG . 28.38 34.71 23.59
C2D BCL NG . 27.51 35.63 24.22
C3D BCL NG . 26.79 36.22 23.19
C4D BCL NG . 27.24 35.67 22.00
CMD BCL NG . 27.42 35.85 25.71
CAD BCL NG . 25.91 37.29 22.83
OBD BCL NG . 25.26 38.08 23.55
CBD BCL NG . 25.86 37.37 21.28
CGD BCL NG . 24.48 37.52 20.78
O1D BCL NG . 23.68 36.61 20.60
O2D BCL NG . 24.14 38.77 20.53
CED BCL NG . 22.90 39.00 19.79
C1 BCL NG . 25.98 41.90 17.10
C2 BCL NG . 25.25 42.04 15.77
C3 BCL NG . 24.00 41.68 15.54
C4 BCL NG . 23.04 41.11 16.58
C5 BCL NG . 23.38 41.74 14.15
C6 BCL NG . 22.98 40.37 13.60
C7 BCL NG . 23.01 40.27 12.08
C8 BCL NG . 24.42 40.10 11.52
C9 BCL NG . 24.48 40.53 10.03
C10 BCL NG . 24.89 38.65 11.67
C11 BCL NG . 26.40 38.51 11.74
C12 BCL NG . 26.87 37.14 12.26
C13 BCL NG . 28.37 37.12 12.59
C14 BCL NG . 29.24 36.75 11.38
C15 BCL NG . 28.66 36.13 13.73
C16 BCL NG . 30.05 36.25 14.38
C17 BCL NG . 30.17 35.67 15.80
C18 BCL NG . 31.49 35.91 16.52
C19 BCL NG . 31.76 37.43 16.49
C20 BCL NG . 32.69 35.14 15.93
P 3PE OG . -38.11 2.18 38.85
N 3PE OG . -37.88 0.19 35.21
O11 3PE OG . -37.06 3.35 39.34
O12 3PE OG . -37.66 0.95 39.55
O13 3PE OG . -37.77 2.06 37.23
O14 3PE OG . -39.51 2.69 38.90
C11 3PE OG . -36.54 1.52 36.81
C12 3PE OG . -36.71 1.09 35.37
C1 3PE OG . -37.32 4.71 39.09
C2 3PE OG . -36.82 5.09 37.70
C3 3PE OG . -37.86 5.89 36.94
O31 3PE OG . -37.28 6.42 35.75
O32 3PE OG . -38.08 4.73 34.51
C31 3PE OG . -37.39 5.72 34.61
C32 3PE OG . -36.57 6.33 33.51
C33 3PE OG . -36.28 5.39 32.35
C34 3PE OG . -35.33 6.01 31.32
C35 3PE OG . -35.00 5.06 30.17
C36 3PE OG . -33.82 5.55 29.32
C37 3PE OG . -34.15 6.72 28.40
C38 3PE OG . -34.97 6.30 27.18
C39 3PE OG . -34.34 5.23 26.32
C3A 3PE OG . -32.90 5.54 25.92
C3B 3PE OG . -32.21 4.45 25.11
C3C 3PE OG . -30.69 4.51 25.23
C3D 3PE OG . -29.97 3.27 24.72
C3E 3PE OG . -28.47 3.48 24.60
C3F 3PE OG . -27.76 3.62 25.94
C3G 3PE OG . -26.50 4.47 25.89
C3H 3PE OG . -25.45 4.02 24.87
C3I 3PE OG . -25.09 2.55 25.01
O21 3PE OG . -35.67 5.93 37.78
O22 3PE OG . -34.48 4.77 36.31
C21 3PE OG . -34.61 5.73 37.03
C22 3PE OG . -33.62 6.86 37.16
C23 3PE OG . -34.09 8.15 36.50
C24 3PE OG . -33.29 8.51 35.26
C25 3PE OG . -32.69 9.92 35.34
C26 3PE OG . -32.00 10.34 34.06
C27 3PE OG . -31.63 11.82 34.03
C28 3PE OG . -31.10 12.29 32.68
C29 3PE OG . -32.13 12.24 31.57
C2A 3PE OG . -31.75 13.07 30.35
C2B 3PE OG . -32.21 14.52 30.41
C2C 3PE OG . -33.73 14.68 30.28
C2D 3PE OG . -34.17 15.60 29.16
C2E 3PE OG . -33.81 17.07 29.35
C2F 3PE OG . -34.70 18.00 28.52
C2G 3PE OG . -34.11 19.39 28.29
C2H 3PE OG . -35.10 20.37 27.66
C2I 3PE OG . -36.10 20.95 28.64
C1 CD4 PG . -38.52 13.15 23.23
C2 CD4 PG . -39.73 13.61 22.41
C3 CD4 PG . -39.36 14.73 21.42
C4 CD4 PG . -39.06 14.23 20.01
C5 CD4 PG . -37.73 13.45 19.89
C6 CD4 PG . -36.55 14.29 20.39
C7 CD4 PG . -36.40 15.66 19.71
C8 CD4 PG . -36.02 15.56 18.22
C9 CD4 PG . -37.24 15.64 17.29
C10 CD4 PG . -36.74 15.87 15.86
C11 CD4 PG . -37.93 15.81 14.88
C12 CD4 PG . -39.08 16.67 15.41
C13 CD4 PG . -40.19 16.74 14.38
C14 CD4 PG . -41.34 17.50 14.98
O1 CD4 PG . -42.43 16.97 15.04
O2 CD4 PG . -41.09 18.73 15.45
C15 CD4 PG . -42.00 19.48 16.31
C16 CD4 PG . -42.40 18.68 17.56
O3 CD4 PG . -41.23 18.12 18.21
C17 CD4 PG . -40.59 18.87 19.13
O4 CD4 PG . -41.07 19.90 19.50
C18 CD4 PG . -39.29 18.36 19.71
C19 CD4 PG . -39.26 18.56 21.22
C20 CD4 PG . -37.81 18.76 21.68
C21 CD4 PG . -37.66 18.30 23.13
C22 CD4 PG . -36.22 18.52 23.60
C23 CD4 PG . -35.94 17.77 24.90
C24 CD4 PG . -35.83 16.25 24.71
C25 CD4 PG . -34.57 15.89 23.93
C26 CD4 PG . -34.39 14.38 23.86
C27 CD4 PG . -34.32 13.78 25.27
C28 CD4 PG . -43.25 19.91 15.53
O5 CD4 PG . -42.89 20.04 14.15
P1 CD4 PG . -43.95 20.51 13.02
O6 CD4 PG . -44.77 21.78 13.57
O7 CD4 PG . -43.22 20.88 11.79
O8 CD4 PG . -44.97 19.30 12.74
C29 CD4 PG . -44.56 18.00 12.31
C30 CD4 PG . -44.65 17.87 10.78
O9 CD4 PG . -45.64 18.78 10.28
C31 CD4 PG . -43.30 18.16 10.15
O10 CD4 PG . -43.33 17.98 8.72
P2 CD4 PG . -43.61 16.58 7.96
O11 CD4 PG . -43.76 16.85 6.39
O12 CD4 PG . -44.85 15.94 8.44
O13 CD4 PG . -42.37 15.59 8.26
C32 CD4 PG . -42.23 14.89 9.51
C33 CD4 PG . -40.80 15.11 10.04
C34 CD4 PG . -40.59 14.48 11.41
O14 CD4 PG . -41.87 14.12 11.98
C35 CD4 PG . -41.95 12.99 12.70
O15 CD4 PG . -40.98 12.28 12.82
C36 CD4 PG . -43.27 12.61 13.32
C37 CD4 PG . -43.61 13.55 14.47
C38 CD4 PG . -42.59 13.42 15.60
C39 CD4 PG . -43.17 14.06 16.86
C40 CD4 PG . -42.26 13.79 18.06
C41 CD4 PG . -42.99 14.11 19.37
C42 CD4 PG . -44.33 13.39 19.56
C43 CD4 PG . -44.31 11.87 19.32
C44 CD4 PG . -43.28 11.18 20.23
C45 CD4 PG . -43.51 9.67 20.26
O16 CD4 PG . -39.82 14.65 9.07
C46 CD4 PG . -39.72 13.37 8.68
O17 CD4 PG . -40.37 12.48 9.16
C47 CD4 PG . -38.75 13.05 7.58
C48 CD4 PG . -37.98 11.76 7.86
C49 CD4 PG . -36.87 11.98 8.89
C50 CD4 PG . -37.31 11.56 10.30
C51 CD4 PG . -37.18 10.04 10.42
C52 CD4 PG . -37.51 9.56 11.83
C53 CD4 PG . -37.40 8.04 11.89
C54 CD4 PG . -38.09 7.49 13.14
C55 CD4 PG . -37.19 7.70 14.36
C56 CD4 PG . -38.02 7.76 15.64
C57 CD4 PG . -38.65 9.15 15.80
C58 CD4 PG . -39.46 9.19 17.10
C59 CD4 PG . -40.08 10.57 17.28
C60 CD4 PG . -33.70 12.37 25.20
C61 CD4 PG . -33.69 11.74 26.59
C62 CD4 PG . -32.83 10.48 26.59
C63 CD4 PG . -43.46 9.05 18.87
C64 CD4 PG . -43.47 7.53 19.01
C65 CD4 PG . -43.54 6.86 17.64
MG BCL QG . -15.72 17.83 36.93
CHA BCL QG . -15.29 17.26 33.52
CHB BCL QG . -17.86 20.35 36.12
CHC BCL QG . -16.97 17.75 40.09
CHD BCL QG . -14.15 14.79 37.56
NA BCL QG . -16.47 18.65 35.07
C1A BCL QG . -16.13 18.32 33.77
C2A BCL QG . -16.79 19.23 32.77
C3A BCL QG . -17.23 20.40 33.68
C4A BCL QG . -17.31 19.76 35.01
CMA BCL QG . -16.20 21.51 33.69
CAA BCL QG . -17.99 18.59 32.07
CBA BCL QG . -18.53 19.37 30.85
CGA BCL QG . -17.71 19.25 29.61
O1A BCL QG . -16.56 19.06 29.55
O2A BCL QG . -18.44 19.29 28.51
NB BCL QG . -17.21 18.85 37.96
C1B BCL QG . -17.96 19.92 37.45
C2B BCL QG . -18.77 20.46 38.45
C3B BCL QG . -18.53 19.74 39.65
C4B BCL QG . -17.55 18.73 39.28
CMB BCL QG . -19.70 21.63 38.17
CAB BCL QG . -19.09 19.85 41.00
OBB BCL QG . -18.58 19.27 41.97
CBB BCL QG . -20.30 20.69 41.33
NC BCL QG . -15.55 16.47 38.59
C1C BCL QG . -16.20 16.61 39.78
C2C BCL QG . -15.72 15.65 40.81
C3C BCL QG . -15.01 14.60 39.95
C4C BCL QG . -14.90 15.26 38.61
CMC BCL QG . -14.81 16.28 41.84
CAC BCL QG . -15.75 13.23 39.91
CBC BCL QG . -15.49 12.40 41.13
ND BCL QG . -14.89 16.32 35.83
C1D BCL QG . -14.26 15.14 36.19
C2D BCL QG . -13.81 14.43 35.05
C3D BCL QG . -14.18 15.20 33.97
C4D BCL QG . -14.82 16.34 34.47
CMD BCL QG . -13.08 13.10 35.07
CAD BCL QG . -14.21 15.31 32.56
OBD BCL QG . -13.74 14.56 31.67
CBD BCL QG . -14.99 16.60 32.18
CGD BCL QG . -14.22 17.39 31.21
O1D BCL QG . -13.62 18.42 31.47
O2D BCL QG . -14.23 16.90 29.99
CED BCL QG . -13.51 17.60 28.96
C1 BCL QG . -17.79 19.09 27.22
C2 BCL QG . -18.88 18.56 26.30
C3 BCL QG . -18.94 17.36 25.76
C4 BCL QG . -17.89 16.28 25.92
C5 BCL QG . -20.14 16.95 24.91
C6 BCL QG . -19.89 16.57 23.46
C7 BCL QG . -21.19 16.40 22.68
C8 BCL QG . -21.07 15.77 21.29
C9 BCL QG . -20.13 16.61 20.38
C10 BCL QG . -22.45 15.65 20.63
C11 BCL QG . -23.34 14.55 21.15
C12 BCL QG . -24.56 14.33 20.26
C13 BCL QG . -25.49 13.21 20.73
C14 BCL QG . -24.90 11.82 20.53
C15 BCL QG . -26.80 13.31 19.93
C16 BCL QG . -27.89 12.31 20.32
C17 BCL QG . -29.28 12.47 19.68
C18 BCL QG . -30.05 13.73 20.06
C19 BCL QG . -30.09 13.74 21.60
C20 BCL QG . -31.48 13.77 19.50
O1D BPH RG . -27.75 20.74 16.16
CGD BPH RG . -27.21 21.08 17.19
O2D BPH RG . -27.91 21.47 18.24
CED BPH RG . -29.35 21.25 18.19
CBD BPH RG . -25.75 21.10 17.42
CHA BPH RG . -25.29 20.53 18.77
C4D BPH RG . -24.62 21.61 19.36
C3D BPH RG . -24.61 22.81 18.66
CAD BPH RG . -25.20 22.54 17.40
OBD BPH RG . -25.30 23.27 16.39
C2D BPH RG . -23.89 23.74 19.43
CMD BPH RG . -23.58 25.17 19.13
C1D BPH RG . -23.50 23.02 20.59
ND BPH RG . -23.94 21.70 20.54
CHD BPH RG . -22.74 23.48 21.70
C4C BPH RG . -22.48 22.81 22.89
C3C BPH RG . -21.89 23.45 24.13
CAC BPH RG . -20.73 24.45 23.88
CBC BPH RG . -19.64 23.93 22.96
C2C BPH RG . -21.50 22.21 24.93
CMC BPH RG . -21.59 22.37 26.44
C1C BPH RG . -22.45 21.20 24.40
NC BPH RG . -22.90 21.52 23.15
CHC BPH RG . -22.70 19.96 25.00
C4B BPH RG . -23.53 18.88 24.62
C3B BPH RG . -23.79 17.64 25.36
CAB BPH RG . -23.17 17.35 26.67
CBB BPH RG . -23.21 15.98 27.30
OBB BPH RG . -22.56 18.21 27.33
C2B BPH RG . -24.68 16.92 24.54
CMB BPH RG . -25.33 15.56 24.75
C1B BPH RG . -24.92 17.69 23.39
NB BPH RG . -24.22 18.88 23.45
CHB BPH RG . -25.75 17.34 22.31
C4A BPH RG . -25.90 17.91 21.05
C3A BPH RG . -26.88 17.45 20.02
CMA BPH RG . -28.31 17.78 20.44
C2A BPH RG . -26.45 18.25 18.78
C1A BPH RG . -25.69 19.37 19.38
NA BPH RG . -25.35 19.13 20.70
CAA BPH RG . -25.60 17.41 17.81
CBA BPH RG . -26.42 16.38 17.06
CGA BPH RG . -25.66 15.50 16.15
O1A BPH RG . -24.48 15.37 16.11
O2A BPH RG . -26.45 14.84 15.37
C1 BPH RG . -25.87 13.85 14.46
C2 BPH RG . -25.75 12.57 15.27
C3 BPH RG . -26.81 11.93 15.70
C4 BPH RG . -28.26 12.32 15.47
C5 BPH RG . -26.65 10.64 16.51
C6 BPH RG . -25.26 10.05 16.53
C7 BPH RG . -25.27 8.65 17.10
C8 BPH RG . -23.89 8.04 17.29
C9 BPH RG . -23.27 7.65 15.93
C10 BPH RG . -23.99 6.81 18.22
C11 BPH RG . -23.90 7.26 19.66
C12 BPH RG . -22.46 7.43 20.10
C13 BPH RG . -22.27 8.19 21.41
C14 BPH RG . -20.81 8.47 21.72
C15 BPH RG . -22.89 7.40 22.58
C16 BPH RG . -22.83 8.11 23.93
C17 BPH RG . -23.59 7.45 25.09
C18 BPH RG . -23.72 8.34 26.31
C19 BPH RG . -22.29 8.55 26.82
C20 BPH RG . -24.59 7.74 27.41
C1 U10 SG . -29.25 41.12 29.79
C2 U10 SG . -30.04 41.11 28.64
C3 U10 SG . -30.07 42.23 27.80
C4 U10 SG . -29.29 43.33 28.14
C5 U10 SG . -28.50 43.34 29.29
C6 U10 SG . -28.48 42.22 30.12
C1M U10 SG . -29.24 39.90 30.67
C3M U10 SG . -31.60 41.62 26.13
C4M U10 SG . -30.64 45.07 27.50
C7 U10 SG . -27.83 42.34 31.48
C8 U10 SG . -26.46 41.72 31.43
C9 U10 SG . -25.34 42.25 32.23
C10 U10 SG . -25.47 43.52 32.99
C11 U10 SG . -24.05 41.47 32.28
C12 U10 SG . -24.29 40.14 32.95
C13 U10 SG . -22.99 39.42 33.13
C14 U10 SG . -22.96 38.13 33.82
C15 U10 SG . -24.24 37.53 34.33
C16 U10 SG . -21.67 37.37 34.03
C17 U10 SG . -20.43 38.25 33.87
C18 U10 SG . -19.25 37.52 34.45
C19 U10 SG . -17.93 37.51 33.78
C20 U10 SG . -17.76 38.24 32.47
C21 U10 SG . -16.75 36.79 34.39
C22 U10 SG . -16.24 35.73 33.43
C23 U10 SG . -15.07 34.97 34.02
C24 U10 SG . -15.21 33.70 34.74
C25 U10 SG . -16.56 33.14 35.09
C26 U10 SG . -13.95 32.93 35.13
C27 U10 SG . -13.07 33.70 36.12
C28 U10 SG . -12.88 32.88 37.37
C29 U10 SG . -13.79 32.93 38.52
C30 U10 SG . -14.92 33.92 38.57
C31 U10 SG . -13.57 31.96 39.67
C32 U10 SG . -13.29 32.66 41.00
C33 U10 SG . -12.55 31.69 41.90
C34 U10 SG . -11.61 32.16 42.93
C35 U10 SG . -11.56 33.61 43.29
C36 U10 SG . -10.70 31.18 43.65
C37 U10 SG . -10.14 30.05 42.79
C38 U10 SG . -8.97 30.50 41.94
C39 U10 SG . -8.94 30.45 40.47
C40 U10 SG . -10.14 29.98 39.70
C41 U10 SG . -7.69 30.89 39.75
C42 U10 SG . -7.02 29.68 39.08
C43 U10 SG . -5.79 30.12 38.31
C44 U10 SG . -4.44 30.10 38.91
C45 U10 SG . -4.26 29.60 40.31
C46 U10 SG . -3.26 30.61 38.13
C47 U10 SG . -2.48 31.68 38.90
C48 U10 SG . -1.54 32.40 37.96
C49 U10 SG . -1.18 33.81 38.17
C50 U10 SG . -1.56 34.49 39.46
C51 U10 SG . -0.42 34.59 37.11
C52 U10 SG . -0.99 34.29 35.74
C53 U10 SG . -0.67 35.43 34.80
C54 U10 SG . -0.46 35.21 33.36
C55 U10 SG . -0.30 36.38 32.44
C56 U10 SG . -0.43 33.82 32.81
O2 U10 SG . -30.47 40.01 28.30
O3 U10 SG . -30.38 42.14 26.61
O4 U10 SG . -29.41 44.37 27.51
O5 U10 SG . -28.08 44.40 29.72
C1 UQ1 TG . -4.18 32.71 46.25
O1 UQ1 TG . -4.62 33.03 47.36
C2 UQ1 TG . -3.80 31.32 45.96
O2 UQ1 TG . -4.01 30.50 47.08
CM2 UQ1 TG . -3.86 29.07 47.06
C3 UQ1 TG . -3.32 30.92 44.74
O3 UQ1 TG . -2.93 29.62 44.43
CM3 UQ1 TG . -2.24 29.12 43.30
C4 UQ1 TG . -3.15 31.96 43.64
O4 UQ1 TG . -2.74 31.76 42.50
C5 UQ1 TG . -3.56 33.35 43.97
CM5 UQ1 TG . -3.37 34.29 42.84
C6 UQ1 TG . -4.05 33.71 45.16
C7 UQ1 TG . -4.43 35.11 45.52
C8 UQ1 TG . -5.87 35.41 45.72
C9 UQ1 TG . -6.87 35.39 44.82
C10 UQ1 TG . -6.71 35.04 43.40
C11 UQ1 TG . -8.25 35.74 45.23
MG BCL UG . -22.63 12.20 29.78
CHA BCL UG . -25.25 13.01 31.88
CHB BCL UG . -24.91 11.78 27.29
CHC BCL UG . -20.14 12.45 27.49
CHD BCL UG . -20.42 13.44 32.18
NA BCL UG . -24.79 12.39 29.63
C1A BCL UG . -25.70 12.72 30.63
C2A BCL UG . -27.11 12.69 30.10
C3A BCL UG . -26.94 11.89 28.80
C4A BCL UG . -25.51 12.10 28.48
CMA BCL UG . -27.26 10.41 28.99
CAA BCL UG . -27.75 14.07 29.86
CBA BCL UG . -26.93 15.04 28.99
CGA BCL UG . -27.62 16.30 28.61
O1A BCL UG . -28.76 16.50 28.75
O2A BCL UG . -26.80 17.17 28.05
NB BCL UG . -22.52 12.10 27.71
C1B BCL UG . -23.60 11.97 26.84
C2B BCL UG . -23.17 12.08 25.50
C3B BCL UG . -21.78 12.26 25.51
C4B BCL UG . -21.41 12.30 26.93
CMB BCL UG . -24.15 11.99 24.33
CAB BCL UG . -20.79 12.38 24.44
OBB BCL UG . -19.69 12.91 24.61
CBB BCL UG . -21.04 11.86 23.05
NC BCL UG . -20.59 12.84 29.83
C1C BCL UG . -19.74 12.86 28.76
C2C BCL UG . -18.32 13.00 29.17
C3C BCL UG . -18.48 13.70 30.53
C4C BCL UG . -19.89 13.33 30.91
CMC BCL UG . -17.61 11.67 29.27
CAC BCL UG . -18.18 15.23 30.50
CBC BCL UG . -19.12 16.01 29.60
ND BCL UG . -22.77 13.12 31.59
C1D BCL UG . -21.79 13.41 32.56
C2D BCL UG . -22.37 13.65 33.82
C3D BCL UG . -23.74 13.51 33.64
C4D BCL UG . -23.93 13.20 32.29
CMD BCL UG . -21.61 13.97 35.09
CAD BCL UG . -24.99 13.30 34.28
OBD BCL UG . -25.28 13.27 35.49
CBD BCL UG . -26.06 13.10 33.18
CGD BCL UG . -26.91 11.95 33.48
O1D BCL UG . -28.09 12.00 33.79
O2D BCL UG . -26.29 10.79 33.39
CED BCL UG . -27.08 9.60 33.66
C1 BCL UG . -27.25 18.47 27.53
C2 BCL UG . -28.03 18.14 26.28
C3 BCL UG . -29.33 18.24 26.13
C4 BCL UG . -30.31 18.77 27.16
C5 BCL UG . -29.99 17.78 24.84
C6 BCL UG . -30.51 16.34 24.91
C7 BCL UG . -29.39 15.32 25.05
C8 BCL UG . -29.82 13.87 25.26
C9 BCL UG . -30.46 13.71 26.65
C10 BCL UG . -28.61 12.93 25.11
C11 BCL UG . -28.93 11.45 25.07
C12 BCL UG . -27.78 10.62 24.52
C13 BCL UG . -28.17 9.16 24.22
C14 BCL UG . -28.28 8.31 25.49
C15 BCL UG . -27.09 8.52 23.31
C16 BCL UG . -27.46 7.13 22.79
C17 BCL UG . -28.54 7.11 21.70
C18 BCL UG . -29.19 5.75 21.45
C19 BCL UG . -28.05 4.83 20.96
C20 BCL UG . -30.33 5.78 20.43
C1B LMT VG . -32.44 12.99 62.10
C2B LMT VG . -31.08 12.46 61.59
C3B LMT VG . -30.73 11.10 62.22
C4B LMT VG . -30.87 11.16 63.76
C5B LMT VG . -32.27 11.70 64.07
C6B LMT VG . -32.48 11.74 65.58
O1B LMT VG . -33.54 12.27 61.57
O2B LMT VG . -31.11 12.37 60.21
O3B LMT VG . -29.48 10.67 61.83
O4' LMT VG . -30.72 9.91 64.30
O5B LMT VG . -32.50 12.97 63.50
O6B LMT VG . -31.44 12.41 66.18
C1' LMT VG . -36.23 12.83 58.37
C2' LMT VG . -35.01 11.92 58.12
C3' LMT VG . -34.33 11.48 59.46
C4' LMT VG . -34.08 12.71 60.34
C5' LMT VG . -35.50 13.32 60.53
C6' LMT VG . -35.63 14.37 61.59
O1' LMT VG . -36.59 13.45 57.20
O2' LMT VG . -35.43 10.80 57.46
O3' LMT VG . -33.17 10.83 59.23
O5' LMT VG . -35.91 13.86 59.30
O6' LMT VG . -35.54 13.72 62.80
C1 LMT VG . -37.89 13.98 57.19
C2 LMT VG . -38.40 13.78 55.78
C3 LMT VG . -37.94 14.76 54.74
C4 LMT VG . -38.33 14.17 53.39
C5 LMT VG . -38.14 15.15 52.28
C6 LMT VG . -38.80 14.69 51.02
C7 LMT VG . -38.68 15.72 49.93
C8 LMT VG . -39.54 15.33 48.78
C9 LMT VG . -39.64 16.37 47.69
C10 LMT VG . -40.32 15.75 46.50
C11 LMT VG . -41.70 15.26 46.82
C12 LMT VG . -42.34 14.59 45.65
O1D BPH WG . -29.29 40.18 40.65
CGD BPH WG . -29.16 39.05 40.23
O2D BPH WG . -28.40 38.80 39.18
CED BPH WG . -27.71 39.94 38.59
CBD BPH WG . -29.81 37.85 40.79
CHA BPH WG . -28.89 36.65 41.03
C4D BPH WG . -29.45 35.63 40.24
C3D BPH WG . -30.56 35.98 39.47
CAD BPH WG . -30.89 37.31 39.82
OBD BPH WG . -31.86 38.03 39.48
C2D BPH WG . -30.94 34.83 38.77
CMD BPH WG . -32.08 34.66 37.79
C1D BPH WG . -30.03 33.84 39.16
ND BPH WG . -29.10 34.32 40.08
CHD BPH WG . -29.97 32.47 38.74
C4C BPH WG . -28.99 31.52 38.98
C3C BPH WG . -28.88 30.19 38.25
CAC BPH WG . -30.06 29.17 38.39
CBC BPH WG . -31.44 29.65 38.00
C2C BPH WG . -27.60 29.58 38.85
CMC BPH WG . -26.59 29.09 37.82
C1C BPH WG . -27.06 30.68 39.70
NC BPH WG . -27.81 31.82 39.62
CHC BPH WG . -25.80 30.64 40.30
C4B BPH WG . -25.06 31.59 41.04
C3B BPH WG . -23.78 31.41 41.71
CAB BPH WG . -23.05 30.14 41.70
CBB BPH WG . -22.03 29.77 42.76
OBB BPH WG . -23.24 29.29 40.82
C2B BPH WG . -23.49 32.65 42.30
CMB BPH WG . -22.31 33.09 43.15
C1B BPH WG . -24.55 33.52 41.99
NB BPH WG . -25.51 32.87 41.23
CHB BPH WG . -24.66 34.87 42.37
C4A BPH WG . -25.67 35.79 42.23
C3A BPH WG . -25.55 37.26 42.49
CMA BPH WG . -24.69 37.94 41.44
C2A BPH WG . -27.01 37.72 42.46
C1A BPH WG . -27.65 36.64 41.64
NA BPH WG . -26.86 35.51 41.58
CAA BPH WG . -27.59 37.86 43.87
CBA BPH WG . -26.98 39.03 44.67
CGA BPH WG . -27.25 39.03 46.13
O1A BPH WG . -28.10 38.42 46.67
O2A BPH WG . -26.38 39.77 46.80
C1 BPH WG . -26.40 39.80 48.25
C2 BPH WG . -25.17 40.61 48.65
C3 BPH WG . -25.09 41.91 48.47
C4 BPH WG . -26.20 42.77 47.89
C5 BPH WG . -23.84 42.72 48.81
C6 BPH WG . -22.58 41.94 49.18
C7 BPH WG . -21.41 42.84 49.60
C8 BPH WG . -20.82 43.78 48.54
C9 BPH WG . -19.28 43.84 48.67
C10 BPH WG . -21.40 45.21 48.60
C11 BPH WG . -20.80 46.14 49.66
C12 BPH WG . -21.42 47.55 49.63
C13 BPH WG . -21.00 48.49 50.77
C14 BPH WG . -21.81 49.79 50.78
C15 BPH WG . -19.50 48.84 50.67
C16 BPH WG . -18.91 49.72 51.79
C17 BPH WG . -17.38 49.66 51.99
C18 BPH WG . -16.85 50.51 53.15
C19 BPH WG . -16.76 51.96 52.61
C20 BPH WG . -15.49 50.06 53.69
C1 U10 XG . -32.47 29.01 18.50
C2 U10 XG . -32.60 30.37 18.23
C3 U10 XG . -33.72 30.88 17.54
C4 U10 XG . -34.70 29.94 17.13
C5 U10 XG . -34.54 28.58 17.41
C6 U10 XG . -33.44 28.11 18.09
C1M U10 XG . -31.24 28.57 19.24
C3M U10 XG . -33.46 33.18 18.18
C4M U10 XG . -35.99 31.37 15.70
C7 U10 XG . -33.29 26.60 18.25
C8 U10 XG . -33.48 26.16 19.68
C9 U10 XG . -34.71 25.54 20.18
C10 U10 XG . -35.88 25.31 19.28
C11 U10 XG . -34.78 25.13 21.63
C12 U10 XG . -34.85 23.61 21.81
C13 U10 XG . -33.55 22.96 21.39
C14 U10 XG . -32.54 22.60 22.40
C15 U10 XG . -32.77 22.92 23.85
C16 U10 XG . -31.27 21.90 21.97
C17 U10 XG . -31.48 20.39 21.95
C18 U10 XG . -32.07 19.96 20.64
C19 U10 XG . -32.36 18.54 20.37
C20 U10 XG . -32.16 17.52 21.46
C21 U10 XG . -32.84 18.11 19.01
C22 U10 XG . -31.69 17.51 18.24
C23 U10 XG . -32.20 16.88 16.96
C24 U10 XG . -31.34 15.99 16.17
C25 U10 XG . -29.97 15.64 16.67
C26 U10 XG . -31.84 15.47 14.86
C27 U10 XG . -32.75 14.25 15.00
C28 U10 XG . -33.18 13.87 13.61
C29 U10 XG . -32.42 12.95 12.75
C30 U10 XG . -31.41 12.00 13.31
C31 U10 XG . -32.70 12.99 11.26
C32 U10 XG . -31.88 14.13 10.64
C33 U10 XG . -32.14 14.20 9.16
C34 U10 XG . -31.07 14.25 8.15
C35 U10 XG . -29.64 14.42 8.57
C36 U10 XG . -31.43 14.12 6.69
C37 U10 XG . -32.42 12.98 6.51
C38 U10 XG . -32.52 12.53 5.07
C39 U10 XG . -31.45 11.83 4.34
C40 U10 XG . -30.19 11.39 4.99
C41 U10 XG . -31.63 11.50 2.88
C42 U10 XG . -32.14 10.08 2.69
C43 U10 XG . -33.65 10.04 2.70
C44 U10 XG . -34.40 10.24 1.45
C45 U10 XG . -33.63 10.56 0.19
C46 U10 XG . -35.90 10.14 1.34
C47 U10 XG . -36.68 9.87 2.63
C48 U10 XG . -36.38 8.51 3.23
C49 U10 XG . -36.56 8.32 4.68
C50 U10 XG . -37.16 9.41 5.48
C51 U10 XG . -36.14 7.04 5.40
C52 U10 XG . -35.12 6.23 4.60
C53 U10 XG . -33.83 6.99 4.45
C54 U10 XG . -32.55 6.26 4.35
C55 U10 XG . -32.54 4.76 4.33
C56 U10 XG . -31.27 7.02 4.26
O2 U10 XG . -31.59 31.03 18.42
O3 U10 XG . -34.15 32.01 17.78
O4 U10 XG . -35.50 30.14 16.20
O5 U10 XG . -35.24 27.78 16.82
MG BCL YG . -22.48 17.68 41.16
CHA BCL YG . -24.56 20.01 42.59
CHB BCL YG . -22.76 19.39 38.20
CHC BCL YG . -20.02 15.78 39.85
CHD BCL YG . -21.34 16.81 44.37
NA BCL YG . -23.54 19.47 40.51
C1A BCL YG . -24.40 20.27 41.25
C2A BCL YG . -25.20 21.19 40.38
C3A BCL YG . -24.58 20.98 38.99
C4A BCL YG . -23.54 19.93 39.20
CMA BCL YG . -25.62 20.55 37.94
CAA BCL YG . -25.12 22.66 40.80
CBA BCL YG . -26.06 23.60 40.04
CGA BCL YG . -25.76 25.04 40.26
O1A BCL YG . -26.10 25.91 39.56
O2A BCL YG . -25.01 25.23 41.33
NB BCL YG . -21.52 17.60 39.32
C1B BCL YG . -21.81 18.38 38.21
C2B BCL YG . -21.03 17.98 37.11
C3B BCL YG . -20.21 16.91 37.53
C4B BCL YG . -20.55 16.71 38.94
CMB BCL YG . -21.15 18.66 35.76
CAB BCL YG . -19.21 16.09 36.82
OBB BCL YG . -18.62 15.14 37.37
CBB BCL YG . -18.81 16.33 35.39
NC BCL YG . -20.90 16.50 41.99
C1C BCL YG . -20.06 15.72 41.25
C2C BCL YG . -19.49 14.62 42.07
C3C BCL YG . -19.55 15.22 43.46
C4C BCL YG . -20.66 16.22 43.32
CMC BCL YG . -20.27 13.32 41.95
CAC BCL YG . -18.20 15.82 43.95
CBC BCL YG . -17.21 14.77 44.39
ND BCL YG . -22.79 18.29 43.07
C1D BCL YG . -22.36 17.79 44.31
C2D BCL YG . -23.10 18.39 45.37
C3D BCL YG . -23.98 19.28 44.76
C4D BCL YG . -23.76 19.20 43.39
CMD BCL YG . -22.92 18.08 46.84
CAD BCL YG . -25.04 20.19 44.95
OBD BCL YG . -25.53 20.67 45.99
CBD BCL YG . -25.59 20.57 43.55
CGD BCL YG . -26.92 20.02 43.32
O1D BCL YG . -27.90 20.67 43.04
O2D BCL YG . -26.97 18.70 43.43
CED BCL YG . -28.18 18.01 43.02
C1 BCL YG . -24.49 26.57 41.61
C2 BCL YG . -25.60 27.46 42.13
C3 BCL YG . -25.89 27.68 43.39
C4 BCL YG . -25.17 27.05 44.58
C5 BCL YG . -27.01 28.65 43.79
C6 BCL YG . -26.51 29.94 44.45
C7 BCL YG . -27.61 30.97 44.69
C8 BCL YG . -27.32 31.97 45.80
C9 BCL YG . -28.60 32.74 46.18
C10 BCL YG . -26.22 32.98 45.40
C11 BCL YG . -25.79 33.93 46.51
C12 BCL YG . -24.57 34.77 46.13
C13 BCL YG . -23.80 35.35 47.34
C14 BCL YG . -24.65 36.24 48.24
C15 BCL YG . -22.59 36.15 46.82
C16 BCL YG . -22.91 37.49 46.15
C17 BCL YG . -21.75 38.18 45.40
C18 BCL YG . -22.20 39.28 44.47
C19 BCL YG . -20.93 39.86 43.82
C20 BCL YG . -23.01 40.40 45.15
C1 CD4 ZG . -47.60 26.18 47.20
C2 CD4 ZG . -47.38 27.16 46.05
C3 CD4 ZG . -46.58 28.38 46.54
C4 CD4 ZG . -45.17 27.97 47.01
C5 CD4 ZG . -44.38 27.21 45.94
C6 CD4 ZG . -44.33 27.96 44.60
C7 CD4 ZG . -43.52 29.24 44.76
C8 CD4 ZG . -43.70 30.18 43.57
C9 CD4 ZG . -43.52 29.41 42.26
C10 CD4 ZG . -43.31 30.40 41.11
C11 CD4 ZG . -44.54 31.25 40.84
C12 CD4 ZG . -44.43 31.81 39.41
C13 CD4 ZG . -45.55 32.81 39.13
C14 CD4 ZG . -45.52 33.22 37.68
O1 CD4 ZG . -46.46 32.94 36.96
O2 CD4 ZG . -44.46 33.90 37.21
C15 CD4 ZG . -44.30 34.05 35.77
C16 CD4 ZG . -42.86 34.46 35.42
O3 CD4 ZG . -41.97 33.33 35.32
C17 CD4 ZG . -42.06 32.52 34.25
O4 CD4 ZG . -42.80 32.80 33.34
C18 CD4 ZG . -41.20 31.28 34.14
C19 CD4 ZG . -40.22 31.15 35.30
C20 CD4 ZG . -40.90 30.66 36.59
C21 CD4 ZG . -39.88 29.89 37.42
C22 CD4 ZG . -40.49 29.53 38.78
C23 CD4 ZG . -39.46 28.83 39.66
C24 CD4 ZG . -40.08 28.57 41.04
C25 CD4 ZG . -39.09 27.87 41.97
C26 CD4 ZG . -39.70 27.79 43.38
C27 CD4 ZG . -38.87 26.86 44.26
C28 CD4 ZG . -45.23 35.16 35.25
O5 CD4 ZG . -44.76 36.45 35.63
P1 CD4 ZG . -45.77 37.65 35.95
O6 CD4 ZG . -46.58 37.32 37.30
O7 CD4 ZG . -45.04 38.92 36.09
O8 CD4 ZG . -46.81 37.73 34.72
C29 CD4 ZG . -46.48 38.38 33.49
C30 CD4 ZG . -47.62 38.19 32.49
O9 CD4 ZG . -47.36 38.95 31.31
C31 CD4 ZG . -47.73 36.71 32.14
O10 CD4 ZG . -46.45 36.22 31.70
P2 CD4 ZG . -46.23 34.72 31.14
O11 CD4 ZG . -44.72 34.58 30.58
O12 CD4 ZG . -47.17 34.47 30.04
O13 CD4 ZG . -46.50 33.67 32.33
C32 CD4 ZG . -47.01 32.35 32.12
C33 CD4 ZG . -45.98 31.27 32.50
C34 CD4 ZG . -45.79 31.33 34.02
O14 CD4 ZG . -46.03 30.04 34.64
C35 CD4 ZG . -45.35 29.72 35.77
O15 CD4 ZG . -44.51 30.47 36.19
C36 CD4 ZG . -45.62 28.41 36.45
C37 CD4 ZG . -44.51 28.06 37.44
C38 CD4 ZG . -44.65 26.60 37.87
C39 CD4 ZG . -43.41 26.16 38.67
C40 CD4 ZG . -43.54 24.69 39.07
C41 CD4 ZG . -42.19 24.21 39.62
C42 CD4 ZG . -42.35 22.96 40.51
C43 CD4 ZG . -42.73 21.75 39.67
C44 CD4 ZG . -41.46 20.99 39.26
C45 CD4 ZG . -41.09 19.90 40.27
O16 CD4 ZG . -46.51 29.99 32.07
C46 CD4 ZG . -45.77 28.87 32.13
O17 CD4 ZG . -44.57 28.91 32.25
C47 CD4 ZG . -46.49 27.55 32.07
C48 CD4 ZG . -45.61 26.36 32.44
C49 CD4 ZG . -46.52 25.12 32.34
C50 CD4 ZG . -45.95 23.90 33.05
C51 CD4 ZG . -47.03 22.81 32.95
C52 CD4 ZG . -46.70 21.57 33.78
C53 CD4 ZG . -47.93 20.65 33.76
C54 CD4 ZG . -47.65 19.34 34.50
C55 CD4 ZG . -48.93 18.53 34.66
C56 CD4 ZG . -49.37 17.90 33.33
C57 CD4 ZG . -50.69 17.15 33.55
C58 CD4 ZG . -51.35 16.83 32.21
C59 CD4 ZG . -52.77 16.29 32.45
C60 CD4 ZG . -39.26 27.03 45.73
C61 CD4 ZG . -38.88 28.44 46.22
C62 CD4 ZG . -38.71 28.43 47.74
C63 CD4 ZG . -42.04 18.70 40.13
C64 CD4 ZG . -41.47 17.49 40.85
C65 CD4 ZG . -41.43 17.73 42.36
MG BCL AH . -18.94 27.14 45.04
CHA BCL AH . -16.66 27.40 42.44
CHB BCL AH . -18.84 30.50 45.33
CHC BCL AH . -22.03 27.07 46.49
CHD BCL AH . -19.30 23.77 44.32
NA BCL AH . -17.87 28.72 44.00
C1A BCL AH . -17.00 28.63 42.93
C2A BCL AH . -16.48 29.98 42.52
C3A BCL AH . -16.87 30.84 43.74
C4A BCL AH . -17.99 30.05 44.34
CMA BCL AH . -15.72 31.00 44.73
CAA BCL AH . -17.06 30.55 41.20
CBA BCL AH . -18.60 30.66 41.13
CGA BCL AH . -19.19 31.22 39.88
O1A BCL AH . -18.61 31.39 38.87
O2A BCL AH . -20.45 31.53 40.04
NB BCL AH . -20.24 28.56 45.80
C1B BCL AH . -20.02 29.93 45.82
C2B BCL AH . -21.09 30.61 46.40
C3B BCL AH . -22.06 29.64 46.76
C4B BCL AH . -21.48 28.36 46.35
CMB BCL AH . -21.09 32.12 46.56
CAB BCL AH . -23.38 29.75 47.41
OBB BCL AH . -24.14 28.78 47.54
CBB BCL AH . -23.92 31.05 47.94
NC BCL AH . -20.43 25.63 45.36
C1C BCL AH . -21.63 25.82 46.00
C2C BCL AH . -22.23 24.54 46.48
C3C BCL AH . -21.40 23.49 45.72
C4C BCL AH . -20.37 24.31 45.00
CMC BCL AH . -22.16 24.39 47.99
CAC BCL AH . -22.26 22.56 44.80
CBC BCL AH . -22.88 23.29 43.62
ND BCL AH . -18.24 25.84 43.64
C1D BCL AH . -18.32 24.45 43.54
C2D BCL AH . -17.34 23.94 42.67
C3D BCL AH . -16.65 25.05 42.19
C4D BCL AH . -17.22 26.17 42.79
CMD BCL AH . -17.12 22.48 42.36
CAD BCL AH . -15.49 25.48 41.53
OBD BCL AH . -14.56 24.85 41.00
CBD BCL AH . -15.48 27.04 41.54
CGD BCL AH . -14.18 27.57 42.00
O1D BCL AH . -13.46 28.30 41.34
O2D BCL AH . -13.86 27.19 43.22
CED BCL AH . -12.65 27.73 43.78
C1 BCL AH . -21.24 32.21 39.01
C2 BCL AH . -21.42 33.61 39.54
C3 BCL AH . -20.68 34.66 39.27
C4 BCL AH . -19.53 34.68 38.27
C5 BCL AH . -20.89 35.98 39.99
C6 BCL AH . -20.40 36.01 41.44
C7 BCL AH . -18.98 35.44 41.58
C8 BCL AH . -18.24 35.57 42.91
C9 BCL AH . -16.77 35.13 42.65
C10 BCL AH . -18.93 34.73 44.00
C11 BCL AH . -18.66 35.08 45.48
C12 BCL AH . -17.26 34.73 46.01
C13 BCL AH . -17.20 34.40 47.51
C14 BCL AH . -17.74 35.53 48.38
C15 BCL AH . -15.71 34.16 47.78
C16 BCL AH . -14.83 35.40 47.90
C17 BCL AH . -13.33 35.08 47.72
C18 BCL AH . -12.42 36.24 48.00
C19 BCL AH . -11.03 35.82 47.52
C20 BCL AH . -12.28 36.57 49.46
CMA SP2 BH . -9.34 42.61 53.17
O1 SP2 BH . -9.89 42.15 54.40
C1 SP2 BH . -11.26 42.44 54.70
CM1 SP2 BH . -11.64 41.87 56.06
CM2 SP2 BH . -11.44 43.94 54.69
C2 SP2 BH . -12.05 41.77 53.57
C3 SP2 BH . -11.83 40.29 53.35
C4 SP2 BH . -13.13 39.59 52.96
C5 SP2 BH . -13.00 38.11 52.69
CM3 SP2 BH . -11.58 37.59 52.63
C6 SP2 BH . -14.11 37.38 52.50
C7 SP2 BH . -14.16 35.98 52.18
C8 SP2 BH . -15.28 35.37 51.78
C9 SP2 BH . -15.47 33.99 51.39
CM4 SP2 BH . -14.23 33.18 51.09
C10 SP2 BH . -16.72 33.50 51.23
C11 SP2 BH . -17.09 32.19 50.78
C12 SP2 BH . -18.36 31.79 50.60
C13 SP2 BH . -18.82 30.50 50.11
CM5 SP2 BH . -17.88 29.70 49.26
C14 SP2 BH . -20.08 30.09 50.39
C15 SP2 BH . -20.70 28.85 49.96
C16 SP2 BH . -21.93 28.41 50.31
C17 SP2 BH . -22.83 29.05 51.22
C18 SP2 BH . -24.11 28.70 51.50
CM6 SP2 BH . -24.80 27.55 50.81
C19 SP2 BH . -24.84 29.42 52.51
C20 SP2 BH . -26.15 29.31 52.81
C21 SP2 BH . -26.76 30.07 53.86
C22 SP2 BH . -28.07 30.14 54.13
CM7 SP2 BH . -29.16 29.45 53.36
C23 SP2 BH . -28.54 30.98 55.29
C24 SP2 BH . -29.21 30.18 56.41
C25 SP2 BH . -29.24 30.96 57.69
C26 SP2 BH . -28.89 30.54 58.89
CM8 SP2 BH . -28.42 29.13 59.19
C27 SP2 BH . -28.93 31.46 60.09
C28 SP2 BH . -30.12 31.24 61.05
C29 SP2 BH . -30.11 32.28 62.13
C30 SP2 BH . -31.13 32.79 62.79
CMB SP2 BH . -32.55 32.36 62.57
CM9 SP2 BH . -30.95 33.82 63.87
FE FE CH . -31.93 36.73 22.83
O6 SQD DH . 0.79 1.96 19.38
C44 SQD DH . 1.25 2.24 18.05
C45 SQD DH . 0.58 3.56 17.62
C46 SQD DH . 1.40 4.23 16.51
O47 SQD DH . -0.71 3.25 17.06
C7 SQD DH . -1.71 4.18 17.06
O49 SQD DH . -1.57 5.25 17.68
C8 SQD DH . -2.89 3.71 16.27
C9 SQD DH . -3.92 4.80 16.02
C10 SQD DH . -5.03 4.28 15.13
C11 SQD DH . -6.03 5.36 14.76
C12 SQD DH . -7.37 4.77 14.37
C13 SQD DH . -8.18 4.32 15.58
C14 SQD DH . -9.58 3.86 15.20
C15 SQD DH . -10.45 3.58 16.41
C16 SQD DH . -10.51 4.66 17.49
C17 SQD DH . -11.36 5.89 17.23
C18 SQD DH . -11.03 6.72 16.00
C19 SQD DH . -11.70 8.08 16.02
C20 SQD DH . -11.97 8.59 14.62
C21 SQD DH . -10.72 8.65 13.78
C22 SQD DH . -11.02 9.04 12.35
O48 SQD DH . 0.79 5.48 16.19
C23 SQD DH . 1.45 6.38 15.39
O10 SQD DH . 2.63 6.16 15.12
C24 SQD DH . 0.60 7.54 15.00
C25 SQD DH . -0.54 7.21 14.07
C26 SQD DH . -0.11 6.53 12.78
C27 SQD DH . 0.59 7.54 11.89
C28 SQD DH . 1.50 6.94 10.83
C29 SQD DH . 0.88 5.89 9.93
C30 SQD DH . 1.89 4.81 9.61
C31 SQD DH . 1.64 4.02 8.35
C32 SQD DH . 2.07 4.74 7.08
C33 SQD DH . 2.22 3.77 5.93
C34 SQD DH . 2.62 4.40 4.62
C35 SQD DH . 1.52 5.24 3.98
C36 SQD DH . 1.76 5.39 2.49
C37 SQD DH . 0.67 6.20 1.82
C38 SQD DH . 0.87 6.28 0.32
C1 SQD DH . 1.56 0.99 20.05
C2 SQD DH . 0.76 0.50 21.28
O2 SQD DH . -0.44 -0.06 20.80
C3 SQD DH . 0.49 1.68 22.25
O3 SQD DH . -0.08 1.10 23.41
C4 SQD DH . 1.77 2.46 22.59
O4 SQD DH . 1.48 3.60 23.35
C5 SQD DH . 2.56 2.80 21.32
C6 SQD DH . 3.98 3.29 21.63
O5 SQD DH . 2.74 1.69 20.44
S SQD DH . 4.71 3.97 20.35
O7 SQD DH . 4.10 5.05 19.92
O8 SQD DH . 6.03 4.57 21.22
O9 SQD DH . 5.26 3.10 19.54
#